data_7UUS
#
_entry.id   7UUS
#
loop_
_entity.id
_entity.type
_entity.pdbx_description
1 polymer 'Hydrogenase-2, large subunit'
2 polymer 'Hydrogenase-2, small subunit'
3 polymer '[NiFe]-Hydrogenase Huc Membrane Associated Subunit'
4 non-polymer 'NICKEL (III) ION'
5 non-polymer 'CARBONMONOXIDE-(DICYANO) IRON'
6 non-polymer 'MAGNESIUM ION'
7 non-polymer MENAQUINONE-9
8 non-polymer 'FE3-S4 CLUSTER'
#
loop_
_entity_poly.entity_id
_entity_poly.type
_entity_poly.pdbx_seq_one_letter_code
_entity_poly.pdbx_strand_id
1 'polypeptide(L)'
;TELDLFVSPLGRVEGDLDVRVTINDGVVTSAWTEAAMFRGFEIILRGKDPQAGLIVCPRICGICGGSHLYKSAYALDTAW
RTHMPPNATLIRNICQACETLQSIPRYFYALFAIDLTNKNYAKSKLYDEAVRRFAPYVGTSYQPGVVLSAKPVEVYAIFG
GQWP(DHI)SSFMVPGGVMSAPTLSDVTRAIAILEHWNDNWLEKQWLGCSVDRWLENKTWNDVLAWVDENESQYNSDCGF
FIRYCLDVGLDKYGQGVGNYLATGTYFEPSLYENPTIEGRNAALIGRSGVFADGRYFEFDQANVTEDVTHSFYEGNRPLH
PFEGETIPVNPEDGRRQGKYSWAKSPRYAVPGLGNVPLETGPLARRMAASAPDAETHQDDDPLFADIYNAIGPSVMVRQL
ARMHEGPKYYKWVRQWLDDLELKESFYTKPVEYAEGKGFGSTEAARGALSDWIVIEDSKIKNYQVVTPTAWNIGPRDASE
VLGPIEQALVGSPIVDAEDPVELGHVARSFDSCLVCTVH
;
A,C,E,G,I,K,M,O
2 'polypeptide(L)'
;MSAWSHPQFEKGGGSGGGSGGSAWSHPQFEKSGGGGGENLYFQGSGGASVLWFQGGACSGNTMSFLNADEPNVVDLIVDF
GLDLLWHPSLGLELGNNAQKVFWDCAKGERPLDIFVFEGTVIEAPNGTGQMDMFAGRPMKDWVTDLAGAAQIVVAIGDCA
CFGGIPAMEPNPSGSTGLQFHKREKGGFLGPDFRSKMGLPVINVPGCPAHPDWITQILVALATGRAGDITLDDLHRPETF
FKTFTQTGCTRVQFFEYKQSTLSFGEGTRTGCLFYEFGCRGPMTHSPCNRILWNRQSSKTRAGMPCLGCTEPEFPHFDLA
PGTVFKTQKVSGMIPKEVPEGTDHLTYMGLAAAARIAAPQWSKEDMFVV
;
B,D,F,H,J,L,N,P
3 'polypeptide(L)'
;ASNGHSAGQNAIDELPDISPVDGIRRRLDDPQVAEALNSLLDHADLLAVLVKGLDGFVRRGDDIANNLTSAIGELKALNA
ADTPIPALAALKDVDLAGLANSLATLSGGLVKATPALNAVLDSLTDQRGAEVLSALGDALVAARTSAPPAPRGVRGMWKT
LRAAAKDPDVGRGVSYLIEVARVFGSKV
;
Q,R,S,T
#
loop_
_chem_comp.id
_chem_comp.type
_chem_comp.name
_chem_comp.formula
3NI non-polymer 'NICKEL (III) ION' 'Ni 3'
F3S non-polymer 'FE3-S4 CLUSTER' 'Fe3 S4'
FCO non-polymer 'CARBONMONOXIDE-(DICYANO) IRON' 'C3 Fe N2 O'
MG non-polymer 'MAGNESIUM ION' 'Mg 2'
MQ9 non-polymer MENAQUINONE-9 'C56 H80 O2'
#
# COMPACT_ATOMS: atom_id res chain seq x y z
N LEU A 3 13.62 59.57 -65.07
CA LEU A 3 12.41 59.23 -64.35
C LEU A 3 12.71 58.29 -63.19
N ASP A 4 12.49 58.75 -61.96
CA ASP A 4 12.60 57.87 -60.80
C ASP A 4 11.32 57.08 -60.67
N LEU A 5 11.42 55.75 -60.79
CA LEU A 5 10.29 54.86 -60.70
C LEU A 5 10.48 53.95 -59.49
N PHE A 6 9.52 53.96 -58.58
CA PHE A 6 9.54 53.09 -57.41
C PHE A 6 8.44 52.06 -57.60
N VAL A 7 8.83 50.81 -57.77
CA VAL A 7 7.91 49.71 -57.97
C VAL A 7 7.76 48.96 -56.65
N SER A 8 6.54 48.96 -56.13
CA SER A 8 6.23 48.33 -54.86
C SER A 8 4.79 47.86 -54.91
N PRO A 9 4.53 46.56 -54.71
CA PRO A 9 5.55 45.54 -54.57
C PRO A 9 6.00 45.01 -55.91
N LEU A 10 7.19 44.44 -55.96
CA LEU A 10 7.59 43.60 -57.08
C LEU A 10 7.44 42.16 -56.58
N GLY A 11 6.26 41.60 -56.79
CA GLY A 11 5.94 40.29 -56.26
C GLY A 11 6.59 39.17 -57.04
N ARG A 12 6.17 37.95 -56.70
CA ARG A 12 6.71 36.74 -57.30
C ARG A 12 8.23 36.70 -57.14
N VAL A 13 8.70 37.14 -55.98
CA VAL A 13 10.10 37.01 -55.60
C VAL A 13 10.15 36.42 -54.19
N GLU A 14 9.12 35.67 -53.81
CA GLU A 14 9.09 34.97 -52.53
C GLU A 14 9.43 35.91 -51.38
N GLY A 15 8.70 37.00 -51.30
CA GLY A 15 8.89 37.93 -50.23
C GLY A 15 8.69 39.35 -50.69
N ASP A 16 9.16 40.28 -49.87
CA ASP A 16 8.83 41.68 -49.98
C ASP A 16 9.98 42.40 -50.65
N LEU A 17 9.76 42.85 -51.87
CA LEU A 17 10.78 43.54 -52.65
C LEU A 17 10.18 44.80 -53.23
N ASP A 18 10.90 45.90 -53.06
CA ASP A 18 10.62 47.10 -53.81
C ASP A 18 11.83 47.38 -54.68
N VAL A 19 11.60 47.94 -55.86
CA VAL A 19 12.70 48.25 -56.77
C VAL A 19 12.59 49.71 -57.15
N ARG A 20 13.61 50.49 -56.85
CA ARG A 20 13.70 51.86 -57.31
C ARG A 20 14.64 51.87 -58.50
N VAL A 21 14.25 52.54 -59.57
CA VAL A 21 15.09 52.64 -60.75
C VAL A 21 15.11 54.08 -61.22
N THR A 22 16.26 54.52 -61.69
CA THR A 22 16.36 55.72 -62.48
C THR A 22 16.30 55.31 -63.94
N ILE A 23 15.38 55.91 -64.69
CA ILE A 23 15.18 55.59 -66.09
C ILE A 23 15.55 56.82 -66.91
N ASN A 24 16.40 56.63 -67.91
CA ASN A 24 16.71 57.67 -68.88
C ASN A 24 16.56 57.10 -70.28
N ASP A 25 15.75 57.76 -71.09
CA ASP A 25 15.47 57.34 -72.46
C ASP A 25 14.96 55.89 -72.50
N GLY A 26 14.10 55.56 -71.55
CA GLY A 26 13.50 54.24 -71.54
C GLY A 26 14.42 53.12 -71.11
N VAL A 27 15.54 53.45 -70.48
CA VAL A 27 16.52 52.46 -70.02
C VAL A 27 16.83 52.72 -68.57
N VAL A 28 16.85 51.67 -67.76
CA VAL A 28 17.28 51.82 -66.38
C VAL A 28 18.75 52.19 -66.34
N THR A 29 19.06 53.29 -65.68
CA THR A 29 20.44 53.75 -65.53
C THR A 29 21.01 53.50 -64.15
N SER A 30 20.15 53.43 -63.14
CA SER A 30 20.58 53.00 -61.82
C SER A 30 19.43 52.26 -61.16
N ALA A 31 19.76 51.38 -60.24
CA ALA A 31 18.74 50.59 -59.58
C ALA A 31 19.10 50.38 -58.13
N TRP A 32 18.07 50.36 -57.30
CA TRP A 32 18.17 50.00 -55.89
C TRP A 32 17.16 48.90 -55.63
N THR A 33 17.64 47.80 -55.07
CA THR A 33 16.75 46.76 -54.58
C THR A 33 16.56 46.97 -53.09
N GLU A 34 15.30 47.00 -52.67
CA GLU A 34 14.94 47.23 -51.29
C GLU A 34 14.22 46.00 -50.78
N ALA A 35 14.95 45.17 -50.04
CA ALA A 35 14.32 44.11 -49.27
C ALA A 35 13.59 44.74 -48.09
N ALA A 36 12.28 44.50 -47.99
CA ALA A 36 11.44 45.30 -47.14
C ALA A 36 10.93 44.59 -45.90
N MET A 37 11.22 43.32 -45.72
CA MET A 37 10.67 42.56 -44.60
C MET A 37 11.80 41.84 -43.86
N PHE A 38 11.82 42.01 -42.54
CA PHE A 38 12.88 41.49 -41.69
C PHE A 38 12.27 40.63 -40.59
N ARG A 39 12.82 39.43 -40.40
CA ARG A 39 12.41 38.57 -39.31
C ARG A 39 13.50 38.33 -38.28
N GLY A 40 14.77 38.43 -38.68
CA GLY A 40 15.86 38.35 -37.73
C GLY A 40 16.11 36.98 -37.16
N PHE A 41 16.10 35.94 -38.01
CA PHE A 41 16.31 34.59 -37.51
C PHE A 41 17.70 34.42 -36.94
N GLU A 42 18.69 35.14 -37.46
CA GLU A 42 20.03 35.06 -36.88
C GLU A 42 20.04 35.57 -35.46
N ILE A 43 19.29 36.64 -35.21
CA ILE A 43 19.14 37.13 -33.84
C ILE A 43 18.48 36.09 -32.97
N ILE A 44 17.40 35.49 -33.48
CA ILE A 44 16.65 34.51 -32.70
C ILE A 44 17.51 33.32 -32.35
N LEU A 45 18.34 32.87 -33.29
CA LEU A 45 19.11 31.64 -33.07
C LEU A 45 20.17 31.80 -32.00
N ARG A 46 20.61 33.02 -31.72
CA ARG A 46 21.63 33.22 -30.72
C ARG A 46 21.15 32.70 -29.37
N GLY A 47 21.99 31.90 -28.72
CA GLY A 47 21.67 31.34 -27.42
C GLY A 47 20.76 30.14 -27.45
N LYS A 48 20.27 29.75 -28.63
CA LYS A 48 19.40 28.59 -28.72
C LYS A 48 20.22 27.31 -28.76
N ASP A 49 19.50 26.19 -28.76
CA ASP A 49 20.16 24.91 -28.84
C ASP A 49 21.03 24.84 -30.09
N PRO A 50 22.20 24.21 -30.03
CA PRO A 50 23.07 24.18 -31.22
C PRO A 50 22.38 23.63 -32.46
N GLN A 51 21.40 22.75 -32.30
CA GLN A 51 20.66 22.22 -33.43
C GLN A 51 19.42 23.02 -33.75
N ALA A 52 19.20 24.16 -33.07
CA ALA A 52 18.02 24.95 -33.36
C ALA A 52 18.00 25.41 -34.81
N GLY A 53 19.17 25.52 -35.43
CA GLY A 53 19.22 25.90 -36.82
C GLY A 53 18.46 24.93 -37.70
N LEU A 54 18.50 23.63 -37.37
CA LEU A 54 17.80 22.65 -38.18
C LEU A 54 16.30 22.90 -38.19
N ILE A 55 15.77 23.55 -37.16
CA ILE A 55 14.36 23.88 -37.11
C ILE A 55 14.11 25.28 -37.67
N VAL A 56 14.97 26.23 -37.32
CA VAL A 56 14.72 27.63 -37.65
C VAL A 56 15.07 27.93 -39.10
N CYS A 57 16.26 27.51 -39.52
CA CYS A 57 16.74 27.86 -40.87
C CYS A 57 15.82 27.41 -41.98
N PRO A 58 15.17 26.21 -41.94
CA PRO A 58 14.25 25.88 -43.01
C PRO A 58 13.17 26.97 -43.05
N ARG A 59 12.82 27.52 -41.90
CA ARG A 59 11.73 28.54 -41.87
C ARG A 59 12.22 29.87 -42.43
N ILE A 60 13.46 29.94 -42.84
CA ILE A 60 13.88 31.18 -43.53
C ILE A 60 13.06 31.21 -44.82
N CYS A 61 12.75 30.02 -45.34
CA CYS A 61 12.12 30.06 -46.66
C CYS A 61 11.34 28.78 -47.00
N GLY A 62 10.19 29.03 -47.56
CA GLY A 62 9.33 27.89 -47.83
C GLY A 62 9.77 27.08 -48.99
N ILE A 63 10.26 27.78 -50.01
CA ILE A 63 10.59 27.08 -51.26
C ILE A 63 11.98 26.49 -51.13
N CYS A 64 12.83 27.11 -50.33
CA CYS A 64 14.20 26.53 -50.28
C CYS A 64 14.60 26.18 -48.86
N GLY A 65 13.60 25.96 -48.00
CA GLY A 65 13.94 25.55 -46.63
C GLY A 65 14.70 24.24 -46.60
N GLY A 66 14.40 23.31 -47.51
CA GLY A 66 15.18 22.09 -47.52
C GLY A 66 16.65 22.36 -47.76
N SER A 67 16.93 23.36 -48.57
CA SER A 67 18.34 23.75 -48.80
C SER A 67 18.91 24.30 -47.51
N HIS A 68 18.13 25.14 -46.84
CA HIS A 68 18.58 25.67 -45.54
C HIS A 68 18.88 24.51 -44.61
N LEU A 69 18.00 23.55 -44.60
CA LEU A 69 18.20 22.40 -43.70
C LEU A 69 19.51 21.72 -44.06
N TYR A 70 19.70 21.46 -45.35
CA TYR A 70 20.90 20.80 -45.83
C TYR A 70 22.16 21.50 -45.32
N LYS A 71 22.23 22.81 -45.55
CA LYS A 71 23.45 23.51 -45.16
C LYS A 71 23.55 23.69 -43.66
N SER A 72 22.42 23.83 -42.95
CA SER A 72 22.49 23.90 -41.49
C SER A 72 22.98 22.58 -40.91
N ALA A 73 22.49 21.47 -41.45
CA ALA A 73 22.95 20.17 -41.01
C ALA A 73 24.44 20.05 -41.24
N TYR A 74 24.91 20.46 -42.43
CA TYR A 74 26.34 20.36 -42.68
C TYR A 74 27.15 21.33 -41.84
N ALA A 75 26.58 22.48 -41.50
CA ALA A 75 27.24 23.38 -40.58
C ALA A 75 27.46 22.68 -39.25
N LEU A 76 26.45 21.96 -38.77
CA LEU A 76 26.62 21.20 -37.53
C LEU A 76 27.61 20.05 -37.72
N ASP A 77 27.55 19.39 -38.87
CA ASP A 77 28.43 18.25 -39.13
C ASP A 77 29.88 18.70 -39.09
N THR A 78 30.18 19.85 -39.68
CA THR A 78 31.54 20.38 -39.63
C THR A 78 31.87 20.89 -38.24
N ALA A 79 30.94 21.60 -37.60
CA ALA A 79 31.19 22.12 -36.26
C ALA A 79 31.46 21.00 -35.28
N TRP A 80 30.75 19.90 -35.41
CA TRP A 80 30.87 18.78 -34.49
C TRP A 80 31.73 17.66 -35.04
N ARG A 81 32.38 17.87 -36.19
CA ARG A 81 33.29 16.89 -36.75
C ARG A 81 32.62 15.53 -36.85
N THR A 82 31.40 15.52 -37.36
CA THR A 82 30.60 14.31 -37.37
C THR A 82 31.07 13.36 -38.45
N HIS A 83 30.54 12.15 -38.41
CA HIS A 83 30.67 11.19 -39.50
C HIS A 83 29.35 11.12 -40.25
N MET A 84 29.44 11.22 -41.57
CA MET A 84 28.26 11.13 -42.42
C MET A 84 28.29 9.80 -43.15
N PRO A 85 27.42 8.86 -42.81
CA PRO A 85 27.33 7.63 -43.60
C PRO A 85 26.98 7.96 -45.03
N PRO A 86 27.52 7.21 -45.99
CA PRO A 86 27.23 7.52 -47.40
C PRO A 86 25.74 7.59 -47.71
N ASN A 87 24.93 6.73 -47.10
CA ASN A 87 23.49 6.79 -47.35
C ASN A 87 22.93 8.13 -46.91
N ALA A 88 23.39 8.64 -45.78
CA ALA A 88 22.91 9.94 -45.33
C ALA A 88 23.28 11.03 -46.32
N THR A 89 24.51 10.99 -46.81
CA THR A 89 24.92 11.96 -47.83
C THR A 89 24.05 11.84 -49.06
N LEU A 90 23.75 10.61 -49.46
CA LEU A 90 22.90 10.40 -50.63
C LEU A 90 21.52 10.96 -50.39
N ILE A 91 20.94 10.70 -49.22
CA ILE A 91 19.61 11.19 -48.93
C ILE A 91 19.59 12.70 -48.91
N ARG A 92 20.61 13.30 -48.30
CA ARG A 92 20.71 14.75 -48.28
C ARG A 92 20.80 15.31 -49.69
N ASN A 93 21.66 14.70 -50.52
CA ASN A 93 21.77 15.11 -51.91
C ASN A 93 20.43 14.99 -52.62
N ILE A 94 19.78 13.84 -52.45
CA ILE A 94 18.53 13.58 -53.13
C ILE A 94 17.51 14.63 -52.75
N CYS A 95 17.41 14.92 -51.45
CA CYS A 95 16.38 15.83 -50.99
C CYS A 95 16.69 17.26 -51.41
N GLN A 96 17.96 17.67 -51.34
CA GLN A 96 18.33 19.00 -51.82
C GLN A 96 17.99 19.13 -53.29
N ALA A 97 18.38 18.13 -54.09
CA ALA A 97 18.14 18.21 -55.51
C ALA A 97 16.65 18.13 -55.81
N CYS A 98 15.90 17.34 -55.05
CA CYS A 98 14.47 17.24 -55.27
C CYS A 98 13.78 18.55 -54.95
N GLU A 99 14.21 19.23 -53.89
CA GLU A 99 13.66 20.55 -53.64
C GLU A 99 13.95 21.47 -54.81
N THR A 100 15.18 21.42 -55.33
CA THR A 100 15.52 22.26 -56.48
C THR A 100 14.68 21.89 -57.70
N LEU A 101 14.47 20.59 -57.92
CA LEU A 101 13.66 20.13 -59.03
C LEU A 101 12.21 20.57 -58.90
N GLN A 102 11.72 20.69 -57.67
CA GLN A 102 10.42 21.29 -57.45
C GLN A 102 10.46 22.77 -57.77
N SER A 103 11.53 23.44 -57.33
CA SER A 103 11.63 24.89 -57.48
C SER A 103 11.66 25.28 -58.95
N ILE A 104 12.35 24.52 -59.77
CA ILE A 104 12.61 24.88 -61.15
C ILE A 104 11.29 25.13 -61.90
N PRO A 105 10.38 24.14 -62.02
CA PRO A 105 9.11 24.44 -62.69
C PRO A 105 8.21 25.35 -61.89
N ARG A 106 8.16 25.17 -60.57
CA ARG A 106 7.26 26.01 -59.79
C ARG A 106 7.62 27.47 -59.97
N TYR A 107 8.91 27.78 -59.85
CA TYR A 107 9.34 29.15 -60.09
C TYR A 107 9.10 29.56 -61.54
N PHE A 108 9.46 28.69 -62.48
CA PHE A 108 9.43 29.09 -63.88
C PHE A 108 8.01 29.47 -64.30
N TYR A 109 7.04 28.60 -64.01
CA TYR A 109 5.69 28.86 -64.45
C TYR A 109 4.99 29.85 -63.53
N ALA A 110 5.03 29.62 -62.22
CA ALA A 110 4.23 30.42 -61.30
C ALA A 110 4.83 31.79 -61.08
N LEU A 111 6.14 31.91 -61.08
CA LEU A 111 6.78 33.15 -60.70
C LEU A 111 7.33 33.93 -61.88
N PHE A 112 7.86 33.24 -62.89
CA PHE A 112 8.56 33.92 -63.97
C PHE A 112 7.76 34.00 -65.26
N ALA A 113 7.32 32.86 -65.78
CA ALA A 113 6.86 32.81 -67.15
C ALA A 113 5.55 33.55 -67.37
N ILE A 114 4.76 33.81 -66.33
CA ILE A 114 3.51 34.51 -66.55
C ILE A 114 3.78 35.92 -67.06
N ASP A 115 4.92 36.50 -66.69
CA ASP A 115 5.29 37.81 -67.21
C ASP A 115 5.54 37.78 -68.71
N LEU A 116 5.79 36.60 -69.27
CA LEU A 116 5.90 36.46 -70.72
C LEU A 116 4.60 36.80 -71.42
N THR A 117 3.48 36.82 -70.70
CA THR A 117 2.19 37.19 -71.25
C THR A 117 1.96 38.70 -71.19
N ASN A 118 2.95 39.46 -70.76
CA ASN A 118 2.78 40.90 -70.64
C ASN A 118 2.42 41.51 -71.98
N LYS A 119 1.59 42.56 -71.92
CA LYS A 119 1.13 43.23 -73.12
C LYS A 119 2.25 43.87 -73.92
N ASN A 120 3.42 44.08 -73.29
CA ASN A 120 4.57 44.59 -74.02
C ASN A 120 4.98 43.67 -75.16
N TYR A 121 4.60 42.40 -75.09
CA TYR A 121 4.95 41.42 -76.09
C TYR A 121 3.82 41.13 -77.06
N ALA A 122 2.74 41.90 -77.01
CA ALA A 122 1.57 41.60 -77.83
C ALA A 122 1.90 41.61 -79.31
N LYS A 123 2.91 42.37 -79.71
CA LYS A 123 3.31 42.41 -81.12
C LYS A 123 4.11 41.20 -81.54
N SER A 124 4.64 40.41 -80.60
CA SER A 124 5.41 39.23 -80.96
C SER A 124 4.51 38.22 -81.66
N LYS A 125 5.04 37.57 -82.69
CA LYS A 125 4.28 36.51 -83.35
C LYS A 125 4.03 35.32 -82.42
N LEU A 126 4.85 35.17 -81.39
CA LEU A 126 4.68 34.08 -80.44
C LEU A 126 3.81 34.46 -79.25
N TYR A 127 3.27 35.67 -79.23
CA TYR A 127 2.58 36.18 -78.05
C TYR A 127 1.33 35.35 -77.74
N ASP A 128 0.54 35.02 -78.75
CA ASP A 128 -0.66 34.24 -78.50
C ASP A 128 -0.30 32.89 -77.89
N GLU A 129 0.73 32.24 -78.41
CA GLU A 129 1.16 30.98 -77.83
C GLU A 129 1.71 31.19 -76.42
N ALA A 130 2.45 32.27 -76.20
CA ALA A 130 2.95 32.55 -74.86
C ALA A 130 1.79 32.69 -73.87
N VAL A 131 0.74 33.39 -74.29
CA VAL A 131 -0.43 33.55 -73.43
C VAL A 131 -1.11 32.22 -73.19
N ARG A 132 -1.27 31.43 -74.26
CA ARG A 132 -1.92 30.13 -74.11
C ARG A 132 -1.17 29.26 -73.12
N ARG A 133 0.16 29.31 -73.16
CA ARG A 133 0.97 28.42 -72.36
C ARG A 133 1.17 28.92 -70.93
N PHE A 134 1.46 30.20 -70.77
CA PHE A 134 2.02 30.73 -69.54
C PHE A 134 1.12 31.68 -68.79
N ALA A 135 -0.11 31.90 -69.25
CA ALA A 135 -1.00 32.76 -68.52
C ALA A 135 -1.18 32.19 -67.11
N PRO A 136 -1.25 33.05 -66.08
CA PRO A 136 -1.39 32.53 -64.73
C PRO A 136 -2.65 31.69 -64.58
N TYR A 137 -2.49 30.51 -63.98
CA TYR A 137 -3.55 29.62 -63.53
C TYR A 137 -4.31 28.93 -64.64
N VAL A 138 -4.17 29.37 -65.88
CA VAL A 138 -4.96 28.80 -66.96
C VAL A 138 -4.04 28.43 -68.10
N GLY A 139 -2.79 28.88 -68.03
CA GLY A 139 -1.85 28.57 -69.08
C GLY A 139 -1.70 27.06 -69.23
N THR A 140 -1.69 26.61 -70.48
CA THR A 140 -1.59 25.18 -70.75
C THR A 140 -0.25 24.60 -70.35
N SER A 141 0.78 25.43 -70.25
CA SER A 141 2.03 24.99 -69.64
C SER A 141 2.06 25.29 -68.17
N TYR A 142 1.41 26.39 -67.76
CA TYR A 142 1.39 26.78 -66.36
C TYR A 142 0.79 25.68 -65.49
N GLN A 143 -0.40 25.22 -65.84
CA GLN A 143 -1.10 24.29 -64.96
C GLN A 143 -0.31 23.00 -64.75
N PRO A 144 0.05 22.23 -65.78
CA PRO A 144 0.81 21.01 -65.50
C PRO A 144 2.17 21.29 -64.89
N GLY A 145 2.84 22.37 -65.29
CA GLY A 145 4.14 22.65 -64.70
C GLY A 145 4.04 22.88 -63.20
N VAL A 146 3.11 23.74 -62.79
CA VAL A 146 2.95 24.04 -61.38
C VAL A 146 2.46 22.80 -60.63
N VAL A 147 1.48 22.09 -61.19
CA VAL A 147 0.93 20.93 -60.50
C VAL A 147 2.00 19.87 -60.31
N LEU A 148 2.77 19.57 -61.36
CA LEU A 148 3.77 18.54 -61.25
C LEU A 148 4.98 18.98 -60.46
N SER A 149 5.14 20.28 -60.21
CA SER A 149 6.24 20.73 -59.39
C SER A 149 6.19 20.14 -57.98
N ALA A 150 5.02 19.67 -57.53
CA ALA A 150 4.92 19.08 -56.21
C ALA A 150 5.51 17.68 -56.13
N LYS A 151 5.76 17.01 -57.26
CA LYS A 151 6.23 15.63 -57.22
C LYS A 151 7.62 15.49 -56.60
N PRO A 152 8.64 16.24 -57.04
CA PRO A 152 9.97 16.04 -56.45
C PRO A 152 9.98 16.22 -54.95
N VAL A 153 9.16 17.13 -54.43
CA VAL A 153 9.12 17.26 -52.99
C VAL A 153 8.27 16.18 -52.34
N GLU A 154 7.49 15.44 -53.12
CA GLU A 154 6.98 14.17 -52.60
C GLU A 154 8.13 13.23 -52.30
N VAL A 155 9.13 13.19 -53.16
CA VAL A 155 10.32 12.40 -52.84
C VAL A 155 10.96 12.91 -51.57
N TYR A 156 11.12 14.23 -51.49
CA TYR A 156 11.64 14.84 -50.28
C TYR A 156 10.87 14.37 -49.06
N ALA A 157 9.54 14.35 -49.15
CA ALA A 157 8.73 13.96 -48.01
C ALA A 157 8.89 12.48 -47.69
N ILE A 158 9.08 11.66 -48.71
CA ILE A 158 9.32 10.24 -48.47
C ILE A 158 10.50 10.08 -47.54
N PHE A 159 11.55 10.84 -47.78
CA PHE A 159 12.73 10.69 -46.92
C PHE A 159 12.70 11.57 -45.68
N GLY A 160 11.96 12.66 -45.69
CA GLY A 160 12.06 13.64 -44.63
C GLY A 160 10.76 13.80 -43.88
N GLY A 161 9.74 13.09 -44.32
CA GLY A 161 8.48 13.15 -43.58
C GLY A 161 7.55 14.14 -44.23
N GLN A 162 8.12 15.26 -44.63
CA GLN A 162 7.27 16.26 -45.26
C GLN A 162 8.09 17.28 -45.98
N TRP A 163 7.37 17.99 -46.81
CA TRP A 163 8.02 19.12 -47.46
C TRP A 163 6.91 20.18 -47.67
N PRO A 164 7.08 21.49 -47.35
CA PRO A 164 8.24 22.01 -46.63
C PRO A 164 8.22 21.71 -45.13
N DHI A 165 9.34 21.96 -44.48
CA DHI A 165 9.42 21.97 -43.01
C DHI A 165 9.74 20.71 -42.28
O DHI A 165 9.34 20.54 -41.17
CB DHI A 165 10.14 23.16 -42.47
CG DHI A 165 9.78 24.46 -43.09
ND1 DHI A 165 10.45 24.98 -44.17
CD2 DHI A 165 8.86 25.38 -42.74
CE1 DHI A 165 9.94 26.14 -44.48
NE2 DHI A 165 8.97 26.41 -43.62
N SER A 166 10.56 19.94 -42.95
CA SER A 166 11.14 18.83 -42.20
C SER A 166 12.47 19.37 -41.65
N SER A 167 13.00 18.76 -40.62
CA SER A 167 14.36 19.03 -40.08
C SER A 167 15.13 17.71 -40.02
N PHE A 168 14.83 16.79 -40.92
CA PHE A 168 15.33 15.43 -40.77
C PHE A 168 16.81 15.29 -41.08
N MET A 169 17.47 16.33 -41.58
CA MET A 169 18.90 16.29 -41.79
C MET A 169 19.56 16.77 -40.51
N VAL A 170 20.27 15.87 -39.85
CA VAL A 170 20.84 16.14 -38.53
C VAL A 170 22.33 15.84 -38.58
N PRO A 171 23.11 16.45 -37.69
CA PRO A 171 24.52 16.09 -37.61
C PRO A 171 24.66 14.58 -37.46
N GLY A 172 25.52 13.99 -38.27
CA GLY A 172 25.70 12.57 -38.28
C GLY A 172 24.81 11.83 -39.27
N GLY A 173 23.92 12.52 -39.96
CA GLY A 173 23.21 11.87 -41.03
C GLY A 173 21.83 12.40 -41.27
N VAL A 174 20.85 11.51 -41.31
CA VAL A 174 19.45 11.88 -41.44
C VAL A 174 18.68 11.11 -40.39
N MET A 175 17.54 11.67 -39.99
CA MET A 175 16.71 11.00 -39.00
C MET A 175 16.07 9.74 -39.56
N SER A 176 15.82 9.73 -40.87
CA SER A 176 14.97 8.71 -41.46
C SER A 176 15.77 7.47 -41.78
N ALA A 177 15.03 6.39 -42.02
CA ALA A 177 15.59 5.10 -42.38
C ALA A 177 14.76 4.62 -43.56
N PRO A 178 15.12 5.03 -44.77
CA PRO A 178 14.31 4.65 -45.94
C PRO A 178 14.15 3.15 -46.04
N THR A 179 12.95 2.75 -46.44
CA THR A 179 12.67 1.36 -46.75
C THR A 179 12.77 1.13 -48.24
N LEU A 180 12.65 -0.13 -48.64
CA LEU A 180 12.69 -0.44 -50.07
C LEU A 180 11.60 0.29 -50.81
N SER A 181 10.37 0.24 -50.28
CA SER A 181 9.26 0.91 -50.94
C SER A 181 9.46 2.42 -50.97
N ASP A 182 10.13 2.98 -49.97
CA ASP A 182 10.47 4.39 -50.03
C ASP A 182 11.29 4.70 -51.28
N VAL A 183 12.33 3.92 -51.51
CA VAL A 183 13.22 4.18 -52.64
C VAL A 183 12.52 3.91 -53.95
N THR A 184 11.80 2.79 -54.03
CA THR A 184 11.11 2.48 -55.28
C THR A 184 10.05 3.53 -55.59
N ARG A 185 9.33 3.98 -54.58
CA ARG A 185 8.34 5.03 -54.81
C ARG A 185 9.00 6.34 -55.19
N ALA A 186 10.13 6.67 -54.56
CA ALA A 186 10.85 7.88 -54.92
C ALA A 186 11.30 7.81 -56.37
N ILE A 187 11.80 6.66 -56.78
CA ILE A 187 12.21 6.48 -58.17
C ILE A 187 10.99 6.62 -59.08
N ALA A 188 9.88 6.00 -58.72
CA ALA A 188 8.68 6.09 -59.54
C ALA A 188 8.20 7.53 -59.66
N ILE A 189 8.19 8.24 -58.54
CA ILE A 189 7.75 9.64 -58.56
C ILE A 189 8.67 10.46 -59.45
N LEU A 190 9.98 10.26 -59.30
CA LEU A 190 10.94 11.02 -60.08
C LEU A 190 10.82 10.72 -61.56
N GLU A 191 10.72 9.44 -61.91
CA GLU A 191 10.55 9.06 -63.32
C GLU A 191 9.26 9.61 -63.88
N HIS A 192 8.18 9.57 -63.10
CA HIS A 192 6.92 10.10 -63.60
C HIS A 192 7.02 11.61 -63.82
N TRP A 193 7.61 12.32 -62.87
CA TRP A 193 7.78 13.76 -63.03
C TRP A 193 8.66 14.08 -64.21
N ASN A 194 9.75 13.34 -64.36
CA ASN A 194 10.66 13.56 -65.48
C ASN A 194 9.96 13.32 -66.80
N ASP A 195 9.20 12.22 -66.89
CA ASP A 195 8.53 11.91 -68.14
C ASP A 195 7.44 12.91 -68.44
N ASN A 196 6.67 13.31 -67.42
CA ASN A 196 5.47 14.09 -67.64
C ASN A 196 5.70 15.58 -67.69
N TRP A 197 6.62 16.11 -66.89
CA TRP A 197 6.94 17.51 -67.02
C TRP A 197 8.27 17.74 -67.72
N LEU A 198 9.36 17.19 -67.19
CA LEU A 198 10.68 17.58 -67.66
C LEU A 198 10.87 17.22 -69.12
N GLU A 199 10.56 15.98 -69.49
CA GLU A 199 10.81 15.55 -70.85
C GLU A 199 9.65 15.87 -71.77
N LYS A 200 8.43 15.56 -71.35
CA LYS A 200 7.28 15.77 -72.23
C LYS A 200 7.02 17.26 -72.42
N GLN A 201 6.96 18.01 -71.33
CA GLN A 201 6.52 19.40 -71.41
C GLN A 201 7.70 20.36 -71.55
N TRP A 202 8.69 20.26 -70.66
CA TRP A 202 9.77 21.22 -70.72
C TRP A 202 10.63 20.99 -71.95
N LEU A 203 11.14 19.77 -72.13
CA LEU A 203 12.13 19.51 -73.17
C LEU A 203 11.52 19.09 -74.49
N GLY A 204 10.43 18.33 -74.46
CA GLY A 204 10.00 17.69 -75.69
C GLY A 204 11.01 16.68 -76.20
N CYS A 205 11.92 16.24 -75.34
CA CYS A 205 12.94 15.24 -75.69
C CYS A 205 13.41 14.63 -74.38
N SER A 206 14.30 13.65 -74.49
CA SER A 206 14.85 13.03 -73.29
C SER A 206 15.81 13.99 -72.60
N VAL A 207 16.02 13.75 -71.30
CA VAL A 207 17.02 14.53 -70.59
C VAL A 207 18.39 14.30 -71.21
N ASP A 208 18.65 13.09 -71.67
CA ASP A 208 19.94 12.79 -72.31
C ASP A 208 20.14 13.66 -73.54
N ARG A 209 19.10 13.80 -74.37
CA ARG A 209 19.24 14.61 -75.56
C ARG A 209 19.57 16.05 -75.20
N TRP A 210 18.90 16.59 -74.18
CA TRP A 210 19.18 17.96 -73.76
C TRP A 210 20.61 18.10 -73.27
N LEU A 211 21.06 17.14 -72.46
CA LEU A 211 22.39 17.22 -71.87
C LEU A 211 23.48 17.03 -72.90
N GLU A 212 23.13 16.62 -74.12
CA GLU A 212 24.09 16.59 -75.22
C GLU A 212 24.42 17.99 -75.73
N ASN A 213 23.63 19.00 -75.37
CA ASN A 213 23.92 20.36 -75.79
C ASN A 213 25.13 20.88 -75.02
N LYS A 214 26.23 21.11 -75.73
CA LYS A 214 27.46 21.58 -75.13
C LYS A 214 27.81 23.01 -75.51
N THR A 215 27.13 23.58 -76.50
CA THR A 215 27.39 24.93 -76.95
C THR A 215 26.07 25.65 -77.12
N TRP A 216 26.15 26.97 -77.22
CA TRP A 216 24.95 27.74 -77.53
C TRP A 216 24.39 27.34 -78.88
N ASN A 217 25.27 27.13 -79.87
CA ASN A 217 24.84 26.65 -81.17
C ASN A 217 24.17 25.28 -81.05
N ASP A 218 24.66 24.45 -80.13
CA ASP A 218 23.98 23.18 -79.86
C ASP A 218 22.56 23.42 -79.38
N VAL A 219 22.36 24.41 -78.52
CA VAL A 219 21.03 24.69 -78.01
C VAL A 219 20.12 25.19 -79.12
N LEU A 220 20.63 26.07 -79.99
CA LEU A 220 19.81 26.55 -81.10
C LEU A 220 19.46 25.41 -82.06
N ALA A 221 20.44 24.55 -82.37
CA ALA A 221 20.17 23.39 -83.20
C ALA A 221 19.16 22.47 -82.53
N TRP A 222 19.24 22.35 -81.22
CA TRP A 222 18.29 21.53 -80.49
C TRP A 222 16.88 22.09 -80.62
N VAL A 223 16.75 23.42 -80.52
CA VAL A 223 15.44 24.05 -80.69
C VAL A 223 14.88 23.74 -82.06
N ASP A 224 15.71 23.82 -83.09
CA ASP A 224 15.23 23.62 -84.45
C ASP A 224 15.23 22.17 -84.90
N GLU A 225 15.70 21.25 -84.06
CA GLU A 225 15.97 19.88 -84.51
C GLU A 225 14.69 19.19 -84.94
N ASN A 226 13.62 19.33 -84.16
CA ASN A 226 12.36 18.68 -84.49
C ASN A 226 11.25 19.48 -83.83
N GLU A 227 10.02 19.16 -84.21
CA GLU A 227 8.88 19.90 -83.72
C GLU A 227 8.67 19.70 -82.23
N SER A 228 9.00 18.53 -81.70
CA SER A 228 8.80 18.29 -80.27
C SER A 228 9.65 19.25 -79.45
N GLN A 229 10.94 19.37 -79.80
CA GLN A 229 11.81 20.29 -79.08
C GLN A 229 11.48 21.73 -79.40
N TYR A 230 11.11 21.99 -80.65
CA TYR A 230 10.75 23.33 -81.07
C TYR A 230 9.58 23.87 -80.28
N ASN A 231 8.56 23.03 -80.08
CA ASN A 231 7.34 23.43 -79.40
C ASN A 231 7.32 23.04 -77.94
N SER A 232 8.43 22.50 -77.43
CA SER A 232 8.54 22.28 -76.01
C SER A 232 8.51 23.61 -75.28
N ASP A 233 8.25 23.57 -73.98
CA ASP A 233 8.34 24.80 -73.21
C ASP A 233 9.73 25.39 -73.28
N CYS A 234 10.76 24.54 -73.30
CA CYS A 234 12.12 25.03 -73.41
C CYS A 234 12.38 25.67 -74.77
N GLY A 235 12.03 24.96 -75.84
CA GLY A 235 12.22 25.52 -77.17
C GLY A 235 11.40 26.77 -77.38
N PHE A 236 10.15 26.75 -76.94
CA PHE A 236 9.33 27.94 -77.06
C PHE A 236 9.91 29.08 -76.25
N PHE A 237 10.39 28.79 -75.04
CA PHE A 237 10.94 29.83 -74.19
C PHE A 237 12.17 30.46 -74.83
N ILE A 238 13.05 29.64 -75.40
CA ILE A 238 14.23 30.18 -76.06
C ILE A 238 13.82 31.03 -77.24
N ARG A 239 12.90 30.53 -78.06
CA ARG A 239 12.47 31.30 -79.22
C ARG A 239 11.79 32.60 -78.80
N TYR A 240 10.97 32.53 -77.75
CA TYR A 240 10.29 33.71 -77.24
C TYR A 240 11.31 34.72 -76.73
N CYS A 241 12.32 34.27 -76.00
CA CYS A 241 13.35 35.17 -75.50
C CYS A 241 14.07 35.85 -76.62
N LEU A 242 14.45 35.07 -77.64
CA LEU A 242 15.16 35.65 -78.78
C LEU A 242 14.27 36.60 -79.56
N ASP A 243 12.97 36.33 -79.60
CA ASP A 243 12.07 37.19 -80.35
C ASP A 243 11.79 38.49 -79.60
N VAL A 244 11.55 38.42 -78.30
CA VAL A 244 11.12 39.58 -77.52
C VAL A 244 12.28 40.29 -76.84
N GLY A 245 13.49 39.76 -76.94
CA GLY A 245 14.66 40.45 -76.43
C GLY A 245 15.03 40.15 -75.00
N LEU A 246 14.62 39.00 -74.46
CA LEU A 246 15.07 38.64 -73.11
C LEU A 246 16.54 38.26 -73.09
N ASP A 247 17.16 38.06 -74.25
CA ASP A 247 18.58 37.81 -74.33
C ASP A 247 19.40 39.08 -74.38
N LYS A 248 18.77 40.25 -74.33
CA LYS A 248 19.44 41.51 -74.57
C LYS A 248 19.65 42.35 -73.32
N TYR A 249 19.09 41.96 -72.17
CA TYR A 249 19.30 42.71 -70.95
C TYR A 249 19.25 41.76 -69.77
N GLY A 250 19.46 42.31 -68.58
CA GLY A 250 19.65 41.49 -67.40
C GLY A 250 21.00 40.84 -67.32
N GLN A 251 22.01 41.41 -67.98
CA GLN A 251 23.34 40.81 -67.99
C GLN A 251 23.89 40.67 -66.58
N GLY A 252 23.86 41.76 -65.81
CA GLY A 252 24.36 41.71 -64.46
C GLY A 252 25.87 41.82 -64.37
N VAL A 253 26.39 41.34 -63.24
CA VAL A 253 27.81 41.49 -62.93
C VAL A 253 28.67 40.71 -63.91
N GLY A 254 28.20 39.56 -64.38
CA GLY A 254 29.05 38.68 -65.14
C GLY A 254 30.07 37.94 -64.30
N ASN A 255 30.03 38.11 -62.98
CA ASN A 255 30.86 37.38 -62.04
C ASN A 255 29.95 36.56 -61.15
N TYR A 256 30.38 35.36 -60.84
CA TYR A 256 29.51 34.34 -60.29
C TYR A 256 30.13 33.66 -59.09
N LEU A 257 29.27 33.30 -58.15
CA LEU A 257 29.67 32.54 -56.98
C LEU A 257 28.83 31.28 -56.94
N ALA A 258 29.49 30.13 -56.89
CA ALA A 258 28.85 28.88 -56.57
C ALA A 258 29.58 28.30 -55.37
N THR A 259 28.85 28.05 -54.30
CA THR A 259 29.45 27.29 -53.21
C THR A 259 29.38 25.80 -53.46
N GLY A 260 28.61 25.39 -54.44
CA GLY A 260 28.49 23.98 -54.75
C GLY A 260 27.62 23.26 -53.76
N THR A 261 27.19 22.06 -54.11
CA THR A 261 26.49 21.18 -53.18
C THR A 261 26.57 19.77 -53.75
N TYR A 262 25.82 18.84 -53.15
CA TYR A 262 25.85 17.43 -53.56
C TYR A 262 27.21 16.79 -53.36
N PHE A 263 27.50 16.42 -52.13
CA PHE A 263 28.75 15.74 -51.85
C PHE A 263 28.77 14.32 -52.40
N GLU A 264 29.91 13.95 -52.95
CA GLU A 264 30.16 12.55 -53.24
C GLU A 264 30.25 11.82 -51.90
N PRO A 265 29.42 10.82 -51.67
CA PRO A 265 29.32 10.27 -50.31
C PRO A 265 30.64 9.79 -49.74
N SER A 266 31.49 9.16 -50.55
CA SER A 266 32.75 8.66 -50.03
C SER A 266 33.73 9.77 -49.71
N LEU A 267 33.53 10.97 -50.26
CA LEU A 267 34.48 12.05 -50.09
C LEU A 267 34.11 13.01 -48.97
N TYR A 268 32.91 12.91 -48.40
CA TYR A 268 32.50 13.80 -47.34
C TYR A 268 31.91 13.03 -46.18
N GLU A 269 32.44 11.84 -45.91
CA GLU A 269 31.98 11.06 -44.77
C GLU A 269 32.32 11.73 -43.46
N ASN A 270 33.33 12.58 -43.43
CA ASN A 270 33.71 13.33 -42.23
C ASN A 270 33.77 14.79 -42.62
N PRO A 271 32.63 15.47 -42.63
CA PRO A 271 32.58 16.83 -43.15
C PRO A 271 33.56 17.76 -42.45
N THR A 272 34.35 18.45 -43.25
CA THR A 272 35.19 19.54 -42.78
C THR A 272 35.00 20.72 -43.72
N ILE A 273 35.31 21.90 -43.22
CA ILE A 273 35.31 23.07 -44.08
C ILE A 273 36.33 22.92 -45.20
N GLU A 274 37.54 22.46 -44.84
CA GLU A 274 38.63 22.42 -45.81
C GLU A 274 38.40 21.37 -46.88
N GLY A 275 37.83 20.23 -46.51
CA GLY A 275 37.59 19.18 -47.48
C GLY A 275 36.32 19.33 -48.29
N ARG A 276 35.60 20.43 -48.09
CA ARG A 276 34.28 20.56 -48.69
C ARG A 276 34.36 20.62 -50.22
N ASN A 277 35.23 21.47 -50.75
CA ASN A 277 35.24 21.73 -52.19
C ASN A 277 35.53 20.46 -52.98
N ALA A 278 36.51 19.68 -52.53
CA ALA A 278 36.89 18.48 -53.27
C ALA A 278 35.75 17.47 -53.31
N ALA A 279 34.94 17.41 -52.26
CA ALA A 279 33.89 16.42 -52.17
C ALA A 279 32.66 16.76 -52.99
N LEU A 280 32.55 18.01 -53.45
CA LEU A 280 31.35 18.43 -54.15
C LEU A 280 31.21 17.74 -55.50
N ILE A 281 29.97 17.36 -55.82
CA ILE A 281 29.61 16.96 -57.18
C ILE A 281 29.23 18.17 -58.00
N GLY A 282 28.27 18.96 -57.52
CA GLY A 282 27.98 20.22 -58.15
C GLY A 282 29.02 21.18 -57.67
N ARG A 283 30.02 21.43 -58.52
CA ARG A 283 31.24 22.06 -58.07
C ARG A 283 31.01 23.49 -57.60
N SER A 284 31.73 23.85 -56.55
CA SER A 284 31.89 25.25 -56.21
C SER A 284 32.78 25.92 -57.25
N GLY A 285 32.85 27.23 -57.16
CA GLY A 285 33.69 27.96 -58.07
C GLY A 285 33.24 29.40 -58.14
N VAL A 286 34.20 30.29 -58.17
CA VAL A 286 33.96 31.71 -58.40
C VAL A 286 34.44 32.00 -59.81
N PHE A 287 33.60 32.66 -60.58
CA PHE A 287 33.94 33.05 -61.94
C PHE A 287 33.96 34.57 -61.99
N ALA A 288 35.14 35.16 -61.94
CA ALA A 288 35.26 36.60 -61.86
C ALA A 288 36.29 37.08 -62.87
N ASP A 289 35.97 38.17 -63.55
CA ASP A 289 36.86 38.75 -64.56
C ASP A 289 37.24 37.70 -65.60
N GLY A 290 36.28 36.85 -65.95
CA GLY A 290 36.52 35.83 -66.94
C GLY A 290 37.44 34.71 -66.51
N ARG A 291 37.68 34.57 -65.22
CA ARG A 291 38.63 33.60 -64.69
C ARG A 291 37.99 32.77 -63.59
N TYR A 292 38.47 31.55 -63.47
CA TYR A 292 37.97 30.63 -62.45
C TYR A 292 38.83 30.70 -61.20
N PHE A 293 38.17 30.71 -60.05
CA PHE A 293 38.78 30.73 -58.74
C PHE A 293 38.11 29.67 -57.88
N GLU A 294 38.88 29.09 -56.97
CA GLU A 294 38.31 28.19 -55.99
C GLU A 294 37.50 28.99 -54.97
N PHE A 295 36.30 28.52 -54.65
CA PHE A 295 35.53 29.16 -53.60
C PHE A 295 36.21 28.92 -52.26
N ASP A 296 36.28 29.97 -51.45
CA ASP A 296 36.78 29.88 -50.08
C ASP A 296 35.88 30.73 -49.21
N GLN A 297 35.21 30.09 -48.25
CA GLN A 297 34.28 30.80 -47.39
C GLN A 297 34.97 31.91 -46.60
N ALA A 298 36.28 31.80 -46.40
CA ALA A 298 37.02 32.85 -45.71
C ALA A 298 36.97 34.17 -46.45
N ASN A 299 36.72 34.13 -47.76
CA ASN A 299 36.66 35.34 -48.57
C ASN A 299 35.30 36.02 -48.52
N VAL A 300 34.38 35.44 -47.75
CA VAL A 300 33.00 36.00 -47.75
C VAL A 300 32.89 37.10 -46.70
N THR A 301 32.49 38.29 -47.10
CA THR A 301 32.17 39.34 -46.15
C THR A 301 30.73 39.76 -46.38
N GLU A 302 30.14 40.37 -45.36
CA GLU A 302 28.84 40.98 -45.51
C GLU A 302 28.95 42.44 -45.10
N ASP A 303 28.55 43.32 -46.01
CA ASP A 303 28.56 44.75 -45.83
C ASP A 303 27.16 45.21 -45.49
N VAL A 304 27.03 46.10 -44.52
CA VAL A 304 25.72 46.63 -44.18
C VAL A 304 25.66 48.14 -44.37
N THR A 305 26.55 48.67 -45.21
CA THR A 305 26.61 50.12 -45.41
C THR A 305 25.26 50.67 -45.87
N HIS A 306 24.66 50.01 -46.85
CA HIS A 306 23.35 50.41 -47.34
C HIS A 306 22.24 49.49 -46.85
N SER A 307 22.55 48.66 -45.86
CA SER A 307 21.58 47.76 -45.27
C SER A 307 21.11 48.31 -43.93
N PHE A 308 19.90 47.89 -43.53
CA PHE A 308 19.33 48.40 -42.30
C PHE A 308 19.92 47.68 -41.10
N TYR A 309 21.25 47.70 -40.99
CA TYR A 309 21.93 47.09 -39.86
C TYR A 309 23.05 48.01 -39.41
N GLU A 310 23.34 47.94 -38.12
CA GLU A 310 24.51 48.62 -37.59
C GLU A 310 25.77 47.92 -38.07
N GLY A 311 26.79 48.71 -38.34
CA GLY A 311 28.06 48.15 -38.75
C GLY A 311 28.87 49.14 -39.56
N ASN A 312 30.18 49.07 -39.46
CA ASN A 312 31.05 49.99 -40.17
C ASN A 312 32.07 49.31 -41.05
N ARG A 313 32.17 47.99 -41.02
CA ARG A 313 33.12 47.27 -41.86
C ARG A 313 32.48 45.96 -42.30
N PRO A 314 32.86 45.47 -43.48
CA PRO A 314 32.39 44.14 -43.89
C PRO A 314 32.87 43.10 -42.90
N LEU A 315 32.00 42.16 -42.57
CA LEU A 315 32.28 41.15 -41.57
C LEU A 315 32.23 39.78 -42.21
N HIS A 316 33.26 38.98 -41.98
CA HIS A 316 33.14 37.58 -42.28
C HIS A 316 32.05 36.98 -41.39
N PRO A 317 31.19 36.13 -41.93
CA PRO A 317 30.01 35.72 -41.14
C PRO A 317 30.34 35.01 -39.85
N PHE A 318 31.51 34.42 -39.71
CA PHE A 318 31.89 33.86 -38.42
C PHE A 318 31.90 34.93 -37.33
N GLU A 319 32.24 36.17 -37.71
CA GLU A 319 32.11 37.32 -36.83
C GLU A 319 30.93 38.20 -37.22
N GLY A 320 29.98 37.64 -37.96
CA GLY A 320 28.85 38.42 -38.42
C GLY A 320 27.99 38.90 -37.27
N GLU A 321 27.26 39.97 -37.55
CA GLU A 321 26.34 40.58 -36.60
C GLU A 321 25.09 40.99 -37.37
N THR A 322 23.95 40.87 -36.72
CA THR A 322 22.68 41.28 -37.32
C THR A 322 22.03 42.18 -36.29
N ILE A 323 22.39 43.46 -36.34
CA ILE A 323 21.84 44.44 -35.41
C ILE A 323 21.02 45.42 -36.23
N PRO A 324 19.71 45.24 -36.28
CA PRO A 324 18.88 46.10 -37.13
C PRO A 324 18.94 47.54 -36.69
N VAL A 325 18.83 48.44 -37.65
CA VAL A 325 18.59 49.85 -37.39
C VAL A 325 17.20 50.16 -37.91
N ASN A 326 16.57 51.15 -37.30
CA ASN A 326 15.23 51.52 -37.71
C ASN A 326 15.27 52.03 -39.15
N PRO A 327 14.43 51.52 -40.03
CA PRO A 327 14.52 51.90 -41.45
C PRO A 327 14.40 53.39 -41.68
N GLU A 328 13.70 54.12 -40.81
CA GLU A 328 13.66 55.57 -40.93
C GLU A 328 15.06 56.16 -40.76
N ASP A 329 15.74 55.78 -39.67
CA ASP A 329 17.10 56.25 -39.44
C ASP A 329 18.04 55.77 -40.54
N GLY A 330 17.92 54.50 -40.91
CA GLY A 330 18.79 53.96 -41.94
C GLY A 330 18.65 54.68 -43.25
N ARG A 331 17.42 54.98 -43.64
CA ARG A 331 17.19 55.76 -44.85
C ARG A 331 17.77 57.15 -44.73
N ARG A 332 17.74 57.73 -43.53
CA ARG A 332 18.47 58.97 -43.33
C ARG A 332 19.97 58.78 -43.54
N GLN A 333 20.48 57.57 -43.33
CA GLN A 333 21.89 57.28 -43.56
C GLN A 333 22.16 56.69 -44.94
N GLY A 334 21.19 56.70 -45.84
CA GLY A 334 21.39 56.12 -47.16
C GLY A 334 21.19 54.63 -47.23
N LYS A 335 20.83 53.99 -46.13
CA LYS A 335 20.49 52.57 -46.16
C LYS A 335 19.11 52.38 -46.75
N TYR A 336 18.93 51.33 -47.54
CA TYR A 336 17.67 51.16 -48.23
C TYR A 336 17.17 49.73 -48.31
N SER A 337 17.83 48.78 -47.66
CA SER A 337 17.42 47.41 -47.82
C SER A 337 17.71 46.62 -46.55
N TRP A 338 16.82 45.69 -46.23
CA TRP A 338 17.09 44.72 -45.19
C TRP A 338 18.07 43.65 -45.64
N ALA A 339 18.40 43.61 -46.93
CA ALA A 339 19.43 42.70 -47.41
C ALA A 339 20.80 43.20 -46.97
N LYS A 340 21.60 42.30 -46.41
CA LYS A 340 23.01 42.58 -46.33
C LYS A 340 23.61 42.52 -47.73
N SER A 341 24.82 43.05 -47.88
CA SER A 341 25.54 43.06 -49.14
C SER A 341 26.68 42.06 -49.05
N PRO A 342 26.46 40.81 -49.40
CA PRO A 342 27.57 39.85 -49.39
C PRO A 342 28.53 40.20 -50.52
N ARG A 343 29.80 40.21 -50.19
CA ARG A 343 30.86 40.43 -51.15
C ARG A 343 31.88 39.33 -50.98
N TYR A 344 32.61 39.08 -52.05
CA TYR A 344 33.62 38.03 -52.06
C TYR A 344 34.95 38.64 -52.44
N ALA A 345 35.97 38.35 -51.65
CA ALA A 345 37.31 38.85 -51.92
C ALA A 345 37.91 38.02 -53.06
N VAL A 346 37.95 38.60 -54.25
CA VAL A 346 38.63 38.00 -55.39
C VAL A 346 39.97 38.71 -55.56
N PRO A 347 41.09 37.98 -55.60
CA PRO A 347 42.39 38.63 -55.76
C PRO A 347 42.44 39.46 -57.04
N GLY A 348 43.04 40.64 -56.92
CA GLY A 348 43.09 41.56 -58.03
C GLY A 348 41.81 42.30 -58.30
N LEU A 349 40.73 41.98 -57.58
CA LEU A 349 39.46 42.65 -57.76
C LEU A 349 38.88 43.22 -56.47
N GLY A 350 39.38 42.82 -55.31
CA GLY A 350 38.82 43.30 -54.07
C GLY A 350 37.56 42.53 -53.71
N ASN A 351 36.74 43.14 -52.85
CA ASN A 351 35.50 42.52 -52.39
C ASN A 351 34.40 42.87 -53.39
N VAL A 352 34.10 41.94 -54.29
CA VAL A 352 33.20 42.21 -55.40
C VAL A 352 31.85 41.55 -55.16
N PRO A 353 30.78 42.06 -55.76
CA PRO A 353 29.53 41.29 -55.79
C PRO A 353 29.65 40.14 -56.76
N LEU A 354 29.06 39.02 -56.40
CA LEU A 354 29.05 37.84 -57.24
C LEU A 354 27.62 37.41 -57.42
N GLU A 355 27.22 37.17 -58.66
CA GLU A 355 25.89 36.62 -58.90
C GLU A 355 25.87 35.16 -58.50
N THR A 356 24.87 34.77 -57.74
CA THR A 356 24.69 33.38 -57.38
C THR A 356 23.49 32.82 -58.14
N GLY A 357 23.46 31.51 -58.25
CA GLY A 357 22.32 30.88 -58.87
C GLY A 357 22.74 29.82 -59.84
N PRO A 358 21.76 29.28 -60.56
CA PRO A 358 22.07 28.25 -61.54
C PRO A 358 23.12 28.68 -62.53
N LEU A 359 23.08 29.92 -62.99
CA LEU A 359 24.10 30.38 -63.93
C LEU A 359 25.49 30.32 -63.30
N ALA A 360 25.59 30.76 -62.03
CA ALA A 360 26.85 30.64 -61.32
C ALA A 360 27.30 29.20 -61.24
N ARG A 361 26.37 28.29 -60.97
CA ARG A 361 26.70 26.87 -60.89
C ARG A 361 27.18 26.34 -62.23
N ARG A 362 26.50 26.71 -63.31
CA ARG A 362 26.90 26.22 -64.63
C ARG A 362 28.29 26.75 -65.00
N MET A 363 28.56 28.02 -64.68
CA MET A 363 29.89 28.55 -64.92
C MET A 363 30.92 27.78 -64.11
N ALA A 364 30.62 27.49 -62.84
CA ALA A 364 31.53 26.71 -62.01
C ALA A 364 31.73 25.32 -62.59
N ALA A 365 30.66 24.72 -63.11
CA ALA A 365 30.74 23.42 -63.74
C ALA A 365 31.57 23.45 -65.00
N SER A 366 31.76 24.63 -65.58
CA SER A 366 32.63 24.76 -66.73
C SER A 366 34.10 24.96 -66.35
N ALA A 367 34.43 24.98 -65.08
CA ALA A 367 35.81 25.14 -64.67
C ALA A 367 36.63 23.92 -65.07
N PRO A 368 37.92 24.10 -65.34
CA PRO A 368 38.77 22.95 -65.66
C PRO A 368 38.95 22.05 -64.44
N ASP A 369 39.61 20.92 -64.68
CA ASP A 369 40.10 20.06 -63.62
C ASP A 369 38.96 19.53 -62.74
N ALA A 370 37.85 19.16 -63.38
CA ALA A 370 36.79 18.49 -62.66
C ALA A 370 37.21 17.06 -62.33
N GLU A 371 36.97 16.64 -61.08
CA GLU A 371 37.17 15.25 -60.74
C GLU A 371 36.03 14.41 -61.30
N THR A 372 36.20 13.08 -61.25
CA THR A 372 35.27 12.19 -61.91
C THR A 372 33.85 12.35 -61.37
N HIS A 373 33.72 12.54 -60.06
CA HIS A 373 32.41 12.69 -59.43
C HIS A 373 31.79 14.05 -59.69
N GLN A 374 32.50 14.98 -60.31
CA GLN A 374 32.10 16.37 -60.33
C GLN A 374 31.44 16.75 -61.65
N ASP A 375 30.51 17.69 -61.55
CA ASP A 375 29.84 18.25 -62.70
C ASP A 375 30.84 18.94 -63.61
N ASP A 376 31.06 18.37 -64.80
CA ASP A 376 31.94 18.95 -65.81
C ASP A 376 31.07 19.24 -67.02
N ASP A 377 30.71 20.50 -67.19
CA ASP A 377 29.77 20.90 -68.23
C ASP A 377 30.24 22.19 -68.88
N PRO A 378 30.68 22.16 -70.14
CA PRO A 378 31.16 23.38 -70.79
C PRO A 378 30.05 24.23 -71.39
N LEU A 379 28.80 23.80 -71.26
CA LEU A 379 27.73 24.46 -72.01
C LEU A 379 27.66 25.95 -71.69
N PHE A 380 27.69 26.30 -70.42
CA PHE A 380 27.47 27.69 -70.10
C PHE A 380 28.73 28.53 -70.11
N ALA A 381 29.91 27.93 -70.08
CA ALA A 381 31.09 28.67 -70.50
C ALA A 381 30.91 29.14 -71.94
N ASP A 382 30.46 28.22 -72.80
CA ASP A 382 30.25 28.56 -74.20
C ASP A 382 29.15 29.60 -74.36
N ILE A 383 28.04 29.43 -73.65
CA ILE A 383 26.94 30.40 -73.76
C ILE A 383 27.40 31.77 -73.27
N TYR A 384 28.12 31.80 -72.14
CA TYR A 384 28.63 33.05 -71.62
C TYR A 384 29.55 33.73 -72.62
N ASN A 385 30.41 32.96 -73.27
CA ASN A 385 31.33 33.56 -74.25
C ASN A 385 30.61 33.95 -75.53
N ALA A 386 29.53 33.27 -75.86
CA ALA A 386 28.86 33.49 -77.14
C ALA A 386 27.88 34.65 -77.06
N ILE A 387 26.97 34.62 -76.09
CA ILE A 387 25.95 35.65 -75.96
C ILE A 387 25.98 36.34 -74.61
N GLY A 388 26.78 35.88 -73.67
CA GLY A 388 26.88 36.52 -72.39
C GLY A 388 25.66 36.30 -71.53
N PRO A 389 25.70 36.76 -70.29
CA PRO A 389 24.54 36.62 -69.41
C PRO A 389 23.39 37.48 -69.87
N SER A 390 22.20 37.07 -69.48
CA SER A 390 20.97 37.81 -69.76
C SER A 390 19.86 37.13 -68.99
N VAL A 391 18.68 37.72 -69.04
CA VAL A 391 17.50 37.07 -68.45
C VAL A 391 17.35 35.69 -69.06
N MET A 392 17.47 35.59 -70.39
CA MET A 392 17.29 34.31 -71.05
C MET A 392 18.36 33.31 -70.63
N VAL A 393 19.61 33.75 -70.58
CA VAL A 393 20.70 32.82 -70.26
C VAL A 393 20.62 32.39 -68.80
N ARG A 394 20.30 33.33 -67.90
CA ARG A 394 20.11 32.97 -66.50
C ARG A 394 18.99 31.94 -66.36
N GLN A 395 17.87 32.18 -67.04
CA GLN A 395 16.76 31.23 -66.97
C GLN A 395 17.17 29.89 -67.57
N LEU A 396 17.91 29.91 -68.67
CA LEU A 396 18.32 28.66 -69.31
C LEU A 396 19.24 27.87 -68.40
N ALA A 397 20.10 28.54 -67.65
CA ALA A 397 20.92 27.84 -66.67
C ALA A 397 20.05 27.15 -65.63
N ARG A 398 19.06 27.87 -65.12
CA ARG A 398 18.15 27.27 -64.15
C ARG A 398 17.48 26.03 -64.73
N MET A 399 16.93 26.16 -65.92
CA MET A 399 16.22 25.07 -66.56
C MET A 399 17.14 23.91 -66.93
N HIS A 400 18.38 24.23 -67.31
CA HIS A 400 19.37 23.23 -67.65
C HIS A 400 19.64 22.33 -66.46
N GLU A 401 19.56 22.89 -65.25
CA GLU A 401 19.78 22.06 -64.07
C GLU A 401 18.73 20.96 -63.89
N GLY A 402 17.54 21.14 -64.46
CA GLY A 402 16.48 20.16 -64.36
C GLY A 402 16.91 18.77 -64.82
N PRO A 403 17.27 18.64 -66.10
CA PRO A 403 17.75 17.33 -66.58
C PRO A 403 18.96 16.81 -65.81
N LYS A 404 19.91 17.71 -65.52
CA LYS A 404 21.14 17.30 -64.87
C LYS A 404 20.87 16.79 -63.46
N TYR A 405 20.11 17.56 -62.69
CA TYR A 405 19.80 17.14 -61.33
C TYR A 405 18.89 15.94 -61.31
N TYR A 406 17.98 15.82 -62.28
CA TYR A 406 17.15 14.63 -62.34
C TYR A 406 18.03 13.39 -62.48
N LYS A 407 18.99 13.44 -63.41
CA LYS A 407 19.88 12.30 -63.60
C LYS A 407 20.68 12.01 -62.33
N TRP A 408 21.17 13.05 -61.68
CA TRP A 408 21.93 12.83 -60.44
C TRP A 408 21.05 12.17 -59.38
N VAL A 409 19.83 12.65 -59.22
CA VAL A 409 18.94 12.10 -58.21
C VAL A 409 18.62 10.65 -58.52
N ARG A 410 18.33 10.36 -59.78
CA ARG A 410 18.03 8.98 -60.15
C ARG A 410 19.20 8.08 -59.82
N GLN A 411 20.42 8.52 -60.14
CA GLN A 411 21.59 7.72 -59.81
C GLN A 411 21.76 7.59 -58.30
N TRP A 412 21.55 8.67 -57.54
CA TRP A 412 21.72 8.59 -56.09
C TRP A 412 20.73 7.61 -55.49
N LEU A 413 19.48 7.64 -55.98
CA LEU A 413 18.49 6.68 -55.51
C LEU A 413 18.97 5.26 -55.79
N ASP A 414 19.58 5.04 -56.96
CA ASP A 414 20.20 3.75 -57.22
C ASP A 414 21.37 3.47 -56.28
N ASP A 415 22.06 4.52 -55.84
CA ASP A 415 23.25 4.35 -55.02
C ASP A 415 22.92 3.99 -53.58
N LEU A 416 21.69 4.22 -53.14
CA LEU A 416 21.33 3.95 -51.76
C LEU A 416 21.56 2.48 -51.46
N GLU A 417 22.25 2.21 -50.37
CA GLU A 417 22.51 0.85 -49.90
C GLU A 417 21.64 0.69 -48.66
N LEU A 418 20.45 0.13 -48.86
CA LEU A 418 19.39 0.26 -47.86
C LEU A 418 19.74 -0.44 -46.56
N LYS A 419 20.59 -1.46 -46.61
CA LYS A 419 21.01 -2.15 -45.40
C LYS A 419 22.01 -1.34 -44.58
N GLU A 420 22.57 -0.29 -45.15
CA GLU A 420 23.65 0.45 -44.50
C GLU A 420 23.11 1.62 -43.69
N SER A 421 23.99 2.18 -42.88
CA SER A 421 23.61 3.20 -41.92
C SER A 421 23.18 4.48 -42.60
N PHE A 422 22.24 5.17 -41.96
CA PHE A 422 21.80 6.48 -42.39
C PHE A 422 22.17 7.54 -41.37
N TYR A 423 22.82 7.16 -40.29
CA TYR A 423 23.05 8.08 -39.19
C TYR A 423 24.15 7.53 -38.32
N THR A 424 25.14 8.36 -38.05
CA THR A 424 26.16 8.08 -37.05
C THR A 424 25.93 9.07 -35.93
N LYS A 425 25.59 8.57 -34.76
CA LYS A 425 25.32 9.46 -33.65
C LYS A 425 26.55 10.32 -33.38
N PRO A 426 26.44 11.63 -33.47
CA PRO A 426 27.61 12.48 -33.26
C PRO A 426 27.77 12.79 -31.77
N VAL A 427 28.95 13.29 -31.44
CA VAL A 427 29.17 13.92 -30.15
C VAL A 427 28.72 15.38 -30.27
N GLU A 428 27.77 15.78 -29.43
CA GLU A 428 27.27 17.15 -29.45
C GLU A 428 28.23 18.01 -28.63
N TYR A 429 29.30 18.43 -29.29
CA TYR A 429 30.34 19.19 -28.60
C TYR A 429 29.80 20.53 -28.12
N ALA A 430 30.26 20.94 -26.93
CA ALA A 430 29.86 22.23 -26.37
C ALA A 430 30.40 23.40 -27.17
N GLU A 431 31.48 23.19 -27.91
CA GLU A 431 32.11 24.22 -28.70
C GLU A 431 32.23 23.73 -30.13
N GLY A 432 32.28 24.66 -31.07
CA GLY A 432 32.50 24.27 -32.44
C GLY A 432 32.30 25.41 -33.40
N LYS A 433 32.98 25.37 -34.52
CA LYS A 433 32.74 26.34 -35.59
C LYS A 433 32.41 25.55 -36.84
N GLY A 434 31.24 25.79 -37.39
CA GLY A 434 30.72 25.02 -38.51
C GLY A 434 30.47 25.93 -39.69
N PHE A 435 30.75 25.42 -40.87
CA PHE A 435 30.38 26.08 -42.10
C PHE A 435 29.61 25.06 -42.91
N GLY A 436 28.36 25.37 -43.20
CA GLY A 436 27.59 24.50 -44.04
C GLY A 436 27.24 25.28 -45.28
N SER A 437 27.40 24.70 -46.45
CA SER A 437 26.97 25.40 -47.63
C SER A 437 26.33 24.44 -48.59
N THR A 438 25.45 24.98 -49.41
CA THR A 438 24.76 24.22 -50.42
C THR A 438 24.43 25.16 -51.56
N GLU A 439 23.92 24.58 -52.60
CA GLU A 439 23.41 25.43 -53.68
C GLU A 439 21.93 25.20 -53.60
N ALA A 440 21.27 26.16 -53.02
CA ALA A 440 19.82 26.09 -53.04
C ALA A 440 19.44 26.36 -54.50
N ALA A 441 18.17 26.20 -54.83
CA ALA A 441 17.75 26.46 -56.21
C ALA A 441 18.32 27.80 -56.70
N ARG A 442 18.34 28.80 -55.85
CA ARG A 442 18.72 30.16 -56.30
C ARG A 442 20.20 30.43 -56.13
N GLY A 443 20.93 29.49 -55.57
CA GLY A 443 22.37 29.69 -55.50
C GLY A 443 23.02 29.40 -54.19
N ALA A 444 24.21 29.95 -54.02
CA ALA A 444 25.03 29.70 -52.83
C ALA A 444 24.28 30.05 -51.55
N LEU A 445 24.03 29.05 -50.75
CA LEU A 445 23.38 29.30 -49.46
C LEU A 445 24.38 28.81 -48.42
N SER A 446 24.67 29.64 -47.44
CA SER A 446 25.74 29.27 -46.50
C SER A 446 25.39 29.64 -45.07
N ASP A 447 25.76 28.77 -44.14
CA ASP A 447 25.61 28.99 -42.72
C ASP A 447 27.01 29.00 -42.13
N TRP A 448 27.31 30.04 -41.37
CA TRP A 448 28.46 30.05 -40.48
C TRP A 448 27.93 30.02 -39.07
N ILE A 449 28.23 28.96 -38.34
CA ILE A 449 27.72 28.80 -37.00
C ILE A 449 28.89 28.70 -36.03
N VAL A 450 28.72 29.34 -34.89
CA VAL A 450 29.68 29.25 -33.79
C VAL A 450 28.87 28.76 -32.61
N ILE A 451 29.21 27.56 -32.15
CA ILE A 451 28.63 26.96 -30.98
C ILE A 451 29.58 27.18 -29.82
N GLU A 452 29.07 27.71 -28.73
CA GLU A 452 29.85 27.93 -27.53
C GLU A 452 28.99 27.58 -26.34
N ASP A 453 29.58 26.87 -25.38
CA ASP A 453 28.88 26.54 -24.15
C ASP A 453 27.57 25.82 -24.46
N SER A 454 27.63 24.91 -25.45
CA SER A 454 26.48 24.10 -25.85
C SER A 454 25.30 24.97 -26.28
N LYS A 455 25.60 26.16 -26.79
CA LYS A 455 24.58 27.07 -27.26
C LYS A 455 25.07 27.69 -28.56
N ILE A 456 24.13 28.24 -29.32
CA ILE A 456 24.51 28.97 -30.52
C ILE A 456 25.10 30.31 -30.10
N LYS A 457 26.40 30.47 -30.30
CA LYS A 457 27.03 31.76 -30.01
C LYS A 457 26.83 32.72 -31.15
N ASN A 458 27.04 32.25 -32.38
CA ASN A 458 26.75 33.07 -33.55
C ASN A 458 26.13 32.18 -34.61
N TYR A 459 25.28 32.77 -35.42
CA TYR A 459 24.64 32.06 -36.51
C TYR A 459 24.41 33.07 -37.61
N GLN A 460 25.15 32.94 -38.68
CA GLN A 460 25.06 33.88 -39.79
C GLN A 460 24.71 33.11 -41.04
N VAL A 461 23.59 33.47 -41.64
CA VAL A 461 23.13 32.87 -42.88
C VAL A 461 23.36 33.88 -43.99
N VAL A 462 23.97 33.37 -45.04
CA VAL A 462 24.12 34.20 -46.27
C VAL A 462 23.41 33.42 -47.36
N THR A 463 22.33 33.99 -47.84
CA THR A 463 21.50 33.30 -48.82
C THR A 463 21.88 33.79 -50.22
N PRO A 464 21.58 33.01 -51.26
CA PRO A 464 21.92 33.35 -52.62
C PRO A 464 21.26 34.68 -53.01
N THR A 465 20.00 34.88 -52.63
CA THR A 465 19.39 36.14 -53.08
C THR A 465 20.04 37.29 -52.31
N ALA A 466 20.54 37.03 -51.12
CA ALA A 466 21.28 38.12 -50.46
C ALA A 466 22.48 38.46 -51.35
N TRP A 467 23.17 37.45 -51.86
CA TRP A 467 24.26 37.74 -52.79
C TRP A 467 23.76 38.56 -53.97
N ASN A 468 22.67 38.13 -54.58
CA ASN A 468 22.19 38.74 -55.82
C ASN A 468 21.55 40.10 -55.61
N ILE A 469 20.69 40.21 -54.60
CA ILE A 469 19.82 41.36 -54.42
C ILE A 469 20.32 42.30 -53.34
N GLY A 470 21.36 41.92 -52.61
CA GLY A 470 21.94 42.77 -51.60
C GLY A 470 22.33 44.10 -52.18
N PRO A 471 22.22 45.15 -51.37
CA PRO A 471 22.39 46.52 -51.88
C PRO A 471 23.85 46.87 -52.17
N ARG A 472 24.06 48.14 -52.53
CA ARG A 472 25.42 48.61 -52.75
C ARG A 472 26.26 48.40 -51.49
N ASP A 473 27.52 48.07 -51.69
CA ASP A 473 28.45 47.89 -50.58
C ASP A 473 29.02 49.25 -50.20
N ALA A 474 30.05 49.26 -49.35
CA ALA A 474 30.68 50.50 -48.95
C ALA A 474 31.29 51.24 -50.13
N SER A 475 31.72 50.51 -51.16
CA SER A 475 32.26 51.13 -52.37
C SER A 475 31.18 51.55 -53.36
N GLU A 476 29.92 51.51 -52.94
CA GLU A 476 28.79 51.87 -53.79
C GLU A 476 28.66 50.95 -55.00
N VAL A 477 29.29 49.78 -54.95
CA VAL A 477 29.21 48.84 -56.06
C VAL A 477 27.85 48.14 -55.98
N LEU A 478 27.08 48.24 -57.06
CA LEU A 478 25.74 47.68 -57.07
C LEU A 478 25.78 46.17 -56.94
N GLY A 479 24.76 45.61 -56.29
CA GLY A 479 24.64 44.18 -56.19
C GLY A 479 24.31 43.59 -57.54
N PRO A 480 24.47 42.28 -57.67
CA PRO A 480 24.25 41.65 -58.99
C PRO A 480 22.90 41.96 -59.61
N ILE A 481 21.83 41.91 -58.82
CA ILE A 481 20.51 42.19 -59.38
C ILE A 481 20.40 43.67 -59.71
N GLU A 482 20.98 44.53 -58.87
CA GLU A 482 20.95 45.95 -59.17
C GLU A 482 21.66 46.25 -60.49
N GLN A 483 22.83 45.65 -60.72
CA GLN A 483 23.49 45.89 -61.99
C GLN A 483 22.76 45.23 -63.15
N ALA A 484 22.12 44.09 -62.90
CA ALA A 484 21.33 43.46 -63.96
C ALA A 484 20.14 44.33 -64.36
N LEU A 485 19.55 45.00 -63.38
CA LEU A 485 18.46 45.92 -63.68
C LEU A 485 18.94 47.09 -64.52
N VAL A 486 20.16 47.56 -64.24
CA VAL A 486 20.73 48.66 -65.01
C VAL A 486 20.93 48.20 -66.44
N GLY A 487 20.46 49.02 -67.39
CA GLY A 487 20.44 48.64 -68.79
C GLY A 487 19.15 48.01 -69.25
N SER A 488 18.24 47.70 -68.34
CA SER A 488 16.98 47.09 -68.74
C SER A 488 16.10 48.12 -69.42
N PRO A 489 15.50 47.78 -70.57
CA PRO A 489 14.55 48.71 -71.18
C PRO A 489 13.29 48.79 -70.33
N ILE A 490 12.62 49.93 -70.40
CA ILE A 490 11.35 50.13 -69.72
C ILE A 490 10.36 50.66 -70.76
N VAL A 491 9.59 49.75 -71.35
CA VAL A 491 8.60 50.14 -72.33
C VAL A 491 7.45 50.89 -71.64
N ASP A 492 7.03 50.41 -70.48
CA ASP A 492 5.87 50.95 -69.78
C ASP A 492 6.23 51.10 -68.31
N ALA A 493 6.40 52.35 -67.87
CA ALA A 493 6.68 52.60 -66.46
C ALA A 493 5.50 52.23 -65.57
N GLU A 494 4.29 52.21 -66.11
CA GLU A 494 3.12 51.80 -65.33
C GLU A 494 3.14 50.31 -65.04
N ASP A 495 3.67 49.50 -65.96
CA ASP A 495 3.88 48.07 -65.74
C ASP A 495 5.31 47.74 -66.16
N PRO A 496 6.29 48.12 -65.34
CA PRO A 496 7.69 47.91 -65.72
C PRO A 496 8.07 46.43 -65.63
N VAL A 497 7.50 45.63 -66.53
CA VAL A 497 7.65 44.19 -66.44
C VAL A 497 9.10 43.76 -66.59
N GLU A 498 9.94 44.57 -67.24
CA GLU A 498 11.33 44.19 -67.43
C GLU A 498 12.08 44.13 -66.10
N LEU A 499 11.73 45.02 -65.17
CA LEU A 499 12.28 44.91 -63.81
C LEU A 499 11.92 43.57 -63.20
N GLY A 500 10.66 43.16 -63.37
CA GLY A 500 10.27 41.84 -62.90
C GLY A 500 11.03 40.74 -63.61
N HIS A 501 11.23 40.87 -64.92
CA HIS A 501 11.98 39.86 -65.65
C HIS A 501 13.37 39.70 -65.08
N VAL A 502 14.04 40.83 -64.82
CA VAL A 502 15.42 40.76 -64.34
C VAL A 502 15.46 40.22 -62.92
N ALA A 503 14.64 40.77 -62.03
CA ALA A 503 14.67 40.31 -60.64
C ALA A 503 14.26 38.85 -60.53
N ARG A 504 13.23 38.44 -61.27
CA ARG A 504 12.76 37.07 -61.21
C ARG A 504 13.64 36.11 -62.00
N SER A 505 14.44 36.60 -62.95
CA SER A 505 15.37 35.72 -63.63
C SER A 505 16.42 35.18 -62.68
N PHE A 506 16.69 35.93 -61.62
CA PHE A 506 17.49 35.44 -60.51
C PHE A 506 16.70 34.52 -59.60
N ASP A 507 15.41 34.32 -59.86
CA ASP A 507 14.57 33.53 -58.98
C ASP A 507 14.60 34.12 -57.58
N SER A 508 14.66 35.44 -57.51
CA SER A 508 14.86 36.13 -56.21
C SER A 508 13.95 35.59 -55.11
N CYS A 509 14.55 35.36 -53.96
CA CYS A 509 13.73 34.96 -52.82
C CYS A 509 14.00 35.96 -51.70
N LEU A 510 13.05 36.82 -51.45
CA LEU A 510 13.31 37.91 -50.50
C LEU A 510 13.21 37.41 -49.06
N VAL A 511 12.42 36.38 -48.81
CA VAL A 511 12.42 35.89 -47.41
C VAL A 511 13.80 35.31 -47.10
N CYS A 512 14.41 34.70 -48.09
CA CYS A 512 15.78 34.21 -47.88
C CYS A 512 16.72 35.39 -47.78
N THR A 513 16.48 36.37 -48.63
CA THR A 513 17.46 37.48 -48.67
C THR A 513 17.68 38.05 -47.27
N VAL A 514 16.60 38.26 -46.53
CA VAL A 514 16.70 38.94 -45.26
C VAL A 514 16.82 37.98 -44.09
N HIS A 515 16.05 36.89 -44.12
CA HIS A 515 15.89 36.00 -42.98
C HIS A 515 15.78 36.82 -41.69
N ALA B 48 -15.85 33.72 -54.96
CA ALA B 48 -15.27 34.10 -53.66
C ALA B 48 -13.86 34.66 -53.83
N SER B 49 -13.74 35.97 -53.71
CA SER B 49 -12.45 36.63 -53.88
C SER B 49 -11.53 36.28 -52.72
N VAL B 50 -10.27 36.01 -53.03
CA VAL B 50 -9.27 35.69 -52.02
C VAL B 50 -8.08 36.61 -52.21
N LEU B 51 -7.69 37.28 -51.15
CA LEU B 51 -6.47 38.08 -51.13
C LEU B 51 -5.53 37.43 -50.13
N TRP B 52 -4.40 36.98 -50.61
CA TRP B 52 -3.41 36.28 -49.80
C TRP B 52 -2.21 37.20 -49.63
N PHE B 53 -1.98 37.65 -48.41
CA PHE B 53 -0.88 38.52 -48.09
C PHE B 53 0.13 37.75 -47.24
N GLN B 54 1.38 38.19 -47.30
CA GLN B 54 2.45 37.61 -46.52
C GLN B 54 3.09 38.70 -45.67
N GLY B 55 3.12 38.48 -44.36
CA GLY B 55 3.84 39.38 -43.49
C GLY B 55 5.20 38.83 -43.18
N GLY B 56 5.47 38.50 -41.92
CA GLY B 56 6.74 37.90 -41.54
C GLY B 56 6.68 36.43 -41.89
N ALA B 57 6.65 36.17 -43.17
CA ALA B 57 6.45 34.79 -43.64
C ALA B 57 7.69 34.27 -44.31
N CYS B 58 7.76 32.94 -44.38
CA CYS B 58 8.85 32.37 -45.18
C CYS B 58 8.25 31.82 -46.47
N SER B 59 6.94 31.97 -46.62
CA SER B 59 6.23 31.48 -47.82
C SER B 59 6.06 29.95 -47.78
N GLY B 60 6.48 29.31 -46.69
CA GLY B 60 6.28 27.86 -46.60
C GLY B 60 4.82 27.48 -46.62
N ASN B 61 3.95 28.33 -46.10
CA ASN B 61 2.52 27.94 -46.19
C ASN B 61 2.08 28.02 -47.64
N THR B 62 2.52 29.04 -48.32
CA THR B 62 2.20 29.11 -49.77
C THR B 62 2.79 27.87 -50.47
N MET B 63 4.05 27.54 -50.22
CA MET B 63 4.63 26.40 -50.94
C MET B 63 3.91 25.11 -50.60
N SER B 64 3.60 24.91 -49.32
CA SER B 64 2.82 23.75 -48.93
C SER B 64 1.47 23.77 -49.64
N PHE B 65 0.83 24.93 -49.66
CA PHE B 65 -0.44 25.11 -50.35
C PHE B 65 -0.32 24.74 -51.82
N LEU B 66 0.79 25.14 -52.46
CA LEU B 66 1.02 24.79 -53.84
C LEU B 66 1.19 23.29 -54.03
N ASN B 67 1.58 22.58 -52.98
CA ASN B 67 1.59 21.12 -53.05
C ASN B 67 0.20 20.50 -52.98
N ALA B 68 -0.85 21.31 -52.95
CA ALA B 68 -2.18 20.77 -52.75
C ALA B 68 -2.50 19.74 -53.82
N ASP B 69 -3.18 18.69 -53.39
CA ASP B 69 -3.76 17.71 -54.29
C ASP B 69 -5.18 17.44 -53.82
N GLU B 70 -6.09 17.29 -54.77
CA GLU B 70 -7.48 17.00 -54.47
C GLU B 70 -8.06 18.00 -53.47
N PRO B 71 -8.22 19.27 -53.85
CA PRO B 71 -7.90 19.80 -55.18
C PRO B 71 -6.43 20.22 -55.27
N ASN B 72 -5.87 20.21 -56.46
CA ASN B 72 -4.58 20.88 -56.57
C ASN B 72 -4.82 22.39 -56.64
N VAL B 73 -3.74 23.14 -56.51
CA VAL B 73 -3.87 24.59 -56.31
C VAL B 73 -4.52 25.24 -57.53
N VAL B 74 -4.16 24.79 -58.73
CA VAL B 74 -4.71 25.40 -59.93
C VAL B 74 -6.20 25.14 -60.01
N ASP B 75 -6.62 23.90 -59.76
CA ASP B 75 -8.05 23.60 -59.76
C ASP B 75 -8.79 24.33 -58.65
N LEU B 76 -8.15 24.52 -57.51
CA LEU B 76 -8.76 25.30 -56.45
C LEU B 76 -8.97 26.75 -56.89
N ILE B 77 -7.94 27.33 -57.51
CA ILE B 77 -8.01 28.73 -57.88
C ILE B 77 -9.00 28.95 -59.03
N VAL B 78 -9.07 28.01 -59.96
CA VAL B 78 -9.87 28.18 -61.16
C VAL B 78 -11.26 27.56 -60.99
N ASP B 79 -11.30 26.26 -60.74
CA ASP B 79 -12.52 25.46 -60.87
C ASP B 79 -13.42 25.46 -59.63
N PHE B 80 -13.00 26.07 -58.53
CA PHE B 80 -13.85 26.11 -57.34
C PHE B 80 -14.42 27.51 -57.07
N GLY B 81 -14.35 28.39 -58.06
CA GLY B 81 -14.95 29.70 -57.89
C GLY B 81 -14.26 30.58 -56.88
N LEU B 82 -12.99 30.33 -56.60
CA LEU B 82 -12.21 31.14 -55.67
C LEU B 82 -11.31 32.06 -56.49
N ASP B 83 -11.69 33.33 -56.56
CA ASP B 83 -10.97 34.30 -57.37
C ASP B 83 -9.79 34.82 -56.56
N LEU B 84 -8.61 34.29 -56.81
CA LEU B 84 -7.40 34.72 -56.12
C LEU B 84 -7.01 36.09 -56.65
N LEU B 85 -7.41 37.13 -55.92
CA LEU B 85 -7.17 38.49 -56.38
C LEU B 85 -5.68 38.76 -56.53
N TRP B 86 -4.92 38.34 -55.53
CA TRP B 86 -3.48 38.54 -55.57
C TRP B 86 -2.86 37.66 -54.51
N HIS B 87 -1.62 37.33 -54.74
CA HIS B 87 -0.78 36.56 -53.86
C HIS B 87 0.65 36.96 -54.17
N PRO B 88 1.47 37.32 -53.18
CA PRO B 88 2.81 37.83 -53.49
C PRO B 88 3.64 36.85 -54.28
N SER B 89 3.39 35.55 -54.11
CA SER B 89 4.14 34.53 -54.83
C SER B 89 3.52 34.18 -56.16
N LEU B 90 2.27 34.55 -56.40
CA LEU B 90 1.55 34.10 -57.59
C LEU B 90 0.85 35.21 -58.35
N GLY B 91 0.60 36.35 -57.73
CA GLY B 91 -0.14 37.40 -58.40
C GLY B 91 0.64 37.97 -59.57
N LEU B 92 -0.07 38.25 -60.65
CA LEU B 92 0.56 38.82 -61.83
C LEU B 92 0.91 40.29 -61.60
N GLU B 93 0.03 41.02 -60.94
CA GLU B 93 0.19 42.46 -60.79
C GLU B 93 1.39 42.80 -59.92
N LEU B 94 2.10 43.84 -60.30
CA LEU B 94 3.15 44.41 -59.49
C LEU B 94 2.89 45.90 -59.29
N GLY B 95 3.62 46.48 -58.35
CA GLY B 95 3.64 47.92 -58.22
C GLY B 95 2.26 48.50 -58.04
N ASN B 96 1.96 49.52 -58.84
CA ASN B 96 0.74 50.28 -58.63
C ASN B 96 -0.51 49.48 -58.99
N ASN B 97 -0.43 48.57 -59.97
CA ASN B 97 -1.60 47.73 -60.27
C ASN B 97 -1.94 46.82 -59.09
N ALA B 98 -0.91 46.21 -58.50
CA ALA B 98 -1.13 45.41 -57.31
C ALA B 98 -1.69 46.26 -56.17
N GLN B 99 -1.12 47.45 -55.97
CA GLN B 99 -1.60 48.33 -54.92
C GLN B 99 -3.04 48.73 -55.17
N LYS B 100 -3.41 48.90 -56.43
CA LYS B 100 -4.80 49.21 -56.76
C LYS B 100 -5.71 48.08 -56.30
N VAL B 101 -5.30 46.84 -56.56
CA VAL B 101 -6.08 45.70 -56.06
C VAL B 101 -6.20 45.77 -54.54
N PHE B 102 -5.07 46.01 -53.86
CA PHE B 102 -5.07 45.98 -52.40
C PHE B 102 -5.96 47.08 -51.84
N TRP B 103 -5.84 48.29 -52.39
CA TRP B 103 -6.61 49.42 -51.90
C TRP B 103 -8.08 49.25 -52.18
N ASP B 104 -8.43 48.67 -53.33
CA ASP B 104 -9.84 48.39 -53.61
C ASP B 104 -10.40 47.41 -52.60
N CYS B 105 -9.62 46.38 -52.23
CA CYS B 105 -10.07 45.47 -51.19
C CYS B 105 -10.18 46.18 -49.83
N ALA B 106 -9.20 47.01 -49.50
CA ALA B 106 -9.16 47.61 -48.16
C ALA B 106 -10.29 48.61 -47.97
N LYS B 107 -10.58 49.41 -48.99
CA LYS B 107 -11.59 50.45 -48.90
C LYS B 107 -12.99 49.97 -49.23
N GLY B 108 -13.15 48.70 -49.59
CA GLY B 108 -14.46 48.18 -49.91
C GLY B 108 -14.93 48.44 -51.33
N GLU B 109 -14.04 48.95 -52.19
CA GLU B 109 -14.42 49.20 -53.58
C GLU B 109 -14.78 47.91 -54.30
N ARG B 110 -14.08 46.82 -53.96
CA ARG B 110 -14.40 45.49 -54.44
C ARG B 110 -14.51 44.55 -53.25
N PRO B 111 -15.39 43.55 -53.34
CA PRO B 111 -15.56 42.63 -52.21
C PRO B 111 -14.32 41.82 -51.92
N LEU B 112 -14.11 41.54 -50.64
CA LEU B 112 -13.02 40.68 -50.19
C LEU B 112 -13.66 39.59 -49.35
N ASP B 113 -13.77 38.39 -49.93
CA ASP B 113 -14.43 37.31 -49.22
C ASP B 113 -13.49 36.62 -48.24
N ILE B 114 -12.29 36.29 -48.69
CA ILE B 114 -11.32 35.60 -47.84
C ILE B 114 -10.02 36.37 -47.90
N PHE B 115 -9.57 36.83 -46.75
CA PHE B 115 -8.25 37.41 -46.60
C PHE B 115 -7.40 36.34 -45.93
N VAL B 116 -6.48 35.77 -46.68
CA VAL B 116 -5.52 34.84 -46.12
C VAL B 116 -4.28 35.62 -45.77
N PHE B 117 -3.81 35.39 -44.55
CA PHE B 117 -2.59 36.07 -44.12
C PHE B 117 -1.60 34.99 -43.71
N GLU B 118 -0.42 35.14 -44.23
CA GLU B 118 0.64 34.18 -43.94
C GLU B 118 1.79 34.97 -43.33
N GLY B 119 2.53 34.37 -42.41
CA GLY B 119 3.57 35.19 -41.82
C GLY B 119 3.06 35.98 -40.65
N THR B 120 4.00 36.52 -39.91
CA THR B 120 3.58 37.25 -38.73
C THR B 120 3.17 38.67 -39.04
N VAL B 121 2.38 39.22 -38.16
CA VAL B 121 2.16 40.65 -38.20
C VAL B 121 3.37 41.28 -37.53
N ILE B 122 4.19 41.94 -38.31
CA ILE B 122 5.42 42.54 -37.79
C ILE B 122 5.09 43.94 -37.31
N GLU B 123 5.37 44.19 -36.03
CA GLU B 123 5.08 45.50 -35.45
C GLU B 123 6.33 46.32 -35.18
N ALA B 124 7.50 45.70 -35.10
CA ALA B 124 8.72 46.45 -34.89
C ALA B 124 9.07 47.25 -36.15
N PRO B 125 9.82 48.35 -36.00
CA PRO B 125 10.31 48.89 -34.73
C PRO B 125 9.28 49.75 -34.01
N ASN B 126 9.25 49.67 -32.68
CA ASN B 126 8.46 50.59 -31.85
C ASN B 126 7.00 50.62 -32.27
N GLY B 127 6.46 49.47 -32.65
CA GLY B 127 5.07 49.41 -33.05
C GLY B 127 4.76 50.05 -34.38
N THR B 128 5.77 50.49 -35.12
CA THR B 128 5.53 51.10 -36.43
C THR B 128 5.33 50.05 -37.53
N GLY B 129 5.83 48.83 -37.33
CA GLY B 129 5.68 47.82 -38.35
C GLY B 129 6.57 48.00 -39.56
N GLN B 130 7.56 48.88 -39.49
CA GLN B 130 8.38 49.20 -40.64
C GLN B 130 9.43 48.14 -40.94
N MET B 131 9.57 47.14 -40.08
CA MET B 131 10.34 45.96 -40.45
C MET B 131 9.58 45.07 -41.43
N ASP B 132 8.35 45.44 -41.76
CA ASP B 132 7.58 44.77 -42.81
C ASP B 132 6.83 45.85 -43.57
N MET B 133 7.49 46.44 -44.56
CA MET B 133 6.88 47.44 -45.41
C MET B 133 6.40 46.75 -46.67
N PHE B 134 5.11 46.88 -46.96
CA PHE B 134 4.53 46.22 -48.11
C PHE B 134 3.64 47.20 -48.85
N ALA B 135 3.92 47.39 -50.14
CA ALA B 135 3.09 48.20 -51.03
C ALA B 135 2.84 49.58 -50.44
N GLY B 136 3.89 50.18 -49.87
CA GLY B 136 3.84 51.54 -49.40
C GLY B 136 3.31 51.73 -47.99
N ARG B 137 3.01 50.66 -47.27
CA ARG B 137 2.52 50.75 -45.90
C ARG B 137 3.22 49.69 -45.06
N PRO B 138 3.28 49.90 -43.75
CA PRO B 138 3.59 48.76 -42.88
C PRO B 138 2.57 47.67 -43.11
N MET B 139 3.05 46.43 -43.18
CA MET B 139 2.13 45.33 -43.48
C MET B 139 1.01 45.27 -42.45
N LYS B 140 1.30 45.62 -41.20
CA LYS B 140 0.27 45.57 -40.17
C LYS B 140 -0.90 46.48 -40.49
N ASP B 141 -0.65 47.62 -41.15
CA ASP B 141 -1.74 48.49 -41.57
C ASP B 141 -2.59 47.82 -42.64
N TRP B 142 -1.95 47.17 -43.62
CA TRP B 142 -2.69 46.36 -44.57
C TRP B 142 -3.54 45.33 -43.85
N VAL B 143 -2.95 44.68 -42.85
CA VAL B 143 -3.67 43.64 -42.11
C VAL B 143 -4.90 44.23 -41.47
N THR B 144 -4.73 45.37 -40.80
CA THR B 144 -5.87 46.04 -40.17
C THR B 144 -6.98 46.27 -41.19
N ASP B 145 -6.64 46.90 -42.31
CA ASP B 145 -7.66 47.26 -43.30
C ASP B 145 -8.31 46.02 -43.89
N LEU B 146 -7.51 45.05 -44.30
CA LEU B 146 -8.05 43.92 -45.05
C LEU B 146 -8.78 42.96 -44.14
N ALA B 147 -8.28 42.73 -42.92
CA ALA B 147 -9.01 41.93 -41.96
C ALA B 147 -10.33 42.60 -41.62
N GLY B 148 -10.36 43.93 -41.54
CA GLY B 148 -11.63 44.62 -41.36
C GLY B 148 -12.53 44.56 -42.57
N ALA B 149 -11.98 44.31 -43.76
CA ALA B 149 -12.79 44.27 -44.97
C ALA B 149 -13.26 42.87 -45.32
N ALA B 150 -12.53 41.84 -44.92
CA ALA B 150 -12.79 40.49 -45.41
C ALA B 150 -14.04 39.90 -44.77
N GLN B 151 -14.73 39.05 -45.53
CA GLN B 151 -15.81 38.26 -44.97
C GLN B 151 -15.25 37.21 -44.01
N ILE B 152 -14.15 36.60 -44.39
CA ILE B 152 -13.46 35.60 -43.58
C ILE B 152 -11.99 35.94 -43.60
N VAL B 153 -11.35 35.85 -42.44
CA VAL B 153 -9.92 36.03 -42.32
C VAL B 153 -9.34 34.68 -41.92
N VAL B 154 -8.37 34.22 -42.69
CA VAL B 154 -7.69 32.96 -42.43
C VAL B 154 -6.23 33.27 -42.18
N ALA B 155 -5.74 32.94 -41.01
CA ALA B 155 -4.32 32.96 -40.73
C ALA B 155 -3.77 31.58 -41.07
N ILE B 156 -2.85 31.54 -42.02
CA ILE B 156 -2.30 30.24 -42.42
C ILE B 156 -0.87 30.16 -41.88
N GLY B 157 -0.61 29.12 -41.12
CA GLY B 157 0.73 28.94 -40.56
C GLY B 157 0.86 29.59 -39.20
N ASP B 158 1.71 29.02 -38.36
CA ASP B 158 1.85 29.51 -36.98
C ASP B 158 2.20 31.00 -36.95
N CYS B 159 3.04 31.41 -37.88
CA CYS B 159 3.45 32.82 -37.84
C CYS B 159 2.19 33.67 -37.79
N ALA B 160 1.30 33.40 -38.72
CA ALA B 160 0.08 34.25 -38.81
C ALA B 160 -0.87 33.92 -37.65
N CYS B 161 -0.98 32.64 -37.30
CA CYS B 161 -1.93 32.25 -36.27
C CYS B 161 -1.50 32.74 -34.91
N PHE B 162 -0.24 32.52 -34.55
CA PHE B 162 0.23 32.68 -33.19
C PHE B 162 1.55 33.43 -33.06
N GLY B 163 2.22 33.76 -34.17
CA GLY B 163 3.49 34.44 -34.05
C GLY B 163 4.64 33.55 -34.46
N GLY B 164 4.55 32.27 -34.13
CA GLY B 164 5.43 31.25 -34.63
C GLY B 164 6.90 31.54 -34.36
N ILE B 165 7.73 31.08 -35.29
CA ILE B 165 9.18 31.22 -35.13
C ILE B 165 9.62 32.66 -35.02
N PRO B 166 9.16 33.61 -35.83
CA PRO B 166 9.64 34.99 -35.67
C PRO B 166 9.32 35.57 -34.32
N ALA B 167 8.26 35.09 -33.67
CA ALA B 167 7.90 35.57 -32.33
C ALA B 167 8.74 34.93 -31.23
N MET B 168 9.61 33.97 -31.56
CA MET B 168 10.59 33.48 -30.61
C MET B 168 11.38 34.64 -30.02
N GLU B 169 11.66 34.56 -28.73
CA GLU B 169 12.49 35.57 -28.12
C GLU B 169 13.85 35.60 -28.82
N PRO B 170 14.43 36.80 -29.02
CA PRO B 170 13.94 38.08 -28.54
C PRO B 170 12.89 38.79 -29.42
N ASN B 171 12.35 38.09 -30.41
CA ASN B 171 11.32 38.64 -31.29
C ASN B 171 11.74 39.99 -31.87
N PRO B 172 12.83 40.03 -32.65
CA PRO B 172 13.33 41.31 -33.16
C PRO B 172 12.31 42.05 -34.00
N SER B 173 11.46 41.33 -34.73
CA SER B 173 10.50 41.95 -35.61
C SER B 173 9.22 42.36 -34.91
N GLY B 174 9.13 42.16 -33.59
CA GLY B 174 7.88 42.45 -32.91
C GLY B 174 6.75 41.67 -33.52
N SER B 175 7.02 40.42 -33.88
CA SER B 175 6.06 39.59 -34.57
C SER B 175 4.96 39.15 -33.63
N THR B 176 3.75 39.04 -34.17
CA THR B 176 2.64 38.46 -33.45
C THR B 176 1.70 37.82 -34.45
N GLY B 177 0.81 36.99 -33.95
CA GLY B 177 -0.21 36.43 -34.82
C GLY B 177 -1.37 37.38 -35.01
N LEU B 178 -2.28 36.99 -35.90
CA LEU B 178 -3.44 37.82 -36.18
C LEU B 178 -4.31 37.97 -34.94
N GLN B 179 -4.69 36.87 -34.33
CA GLN B 179 -5.56 36.90 -33.18
C GLN B 179 -4.96 36.21 -31.97
N PHE B 180 -3.73 35.74 -32.06
CA PHE B 180 -3.05 35.13 -30.95
C PHE B 180 -1.61 35.61 -30.93
N HIS B 181 -1.06 35.70 -29.72
CA HIS B 181 0.38 35.70 -29.57
C HIS B 181 0.72 34.45 -28.76
N LYS B 182 1.29 33.46 -29.45
CA LYS B 182 1.41 32.13 -28.88
C LYS B 182 0.03 31.70 -28.39
N ARG B 183 -0.05 31.12 -27.19
CA ARG B 183 -1.36 30.65 -26.74
C ARG B 183 -2.29 31.80 -26.36
N GLU B 184 -1.75 32.96 -26.04
CA GLU B 184 -2.58 34.05 -25.53
C GLU B 184 -3.43 34.63 -26.65
N LYS B 185 -4.76 34.54 -26.48
CA LYS B 185 -5.67 35.09 -27.46
C LYS B 185 -5.54 36.61 -27.53
N GLY B 186 -5.64 37.13 -28.74
CA GLY B 186 -5.70 38.56 -29.00
C GLY B 186 -4.79 38.99 -30.13
N GLY B 187 -3.55 38.50 -30.12
CA GLY B 187 -2.59 38.82 -31.17
C GLY B 187 -2.65 40.25 -31.66
N PHE B 188 -2.62 40.43 -32.97
CA PHE B 188 -2.62 41.78 -33.51
C PHE B 188 -4.02 42.37 -33.57
N LEU B 189 -5.01 41.56 -33.96
CA LEU B 189 -6.35 42.08 -34.20
C LEU B 189 -7.19 42.18 -32.93
N GLY B 190 -6.75 41.61 -31.82
CA GLY B 190 -7.52 41.66 -30.60
C GLY B 190 -8.36 40.42 -30.45
N PRO B 191 -8.65 40.04 -29.20
CA PRO B 191 -9.46 38.83 -28.97
C PRO B 191 -10.86 38.92 -29.55
N ASP B 192 -11.39 40.13 -29.67
CA ASP B 192 -12.78 40.32 -30.07
C ASP B 192 -12.95 40.56 -31.56
N PHE B 193 -11.87 40.49 -32.34
CA PHE B 193 -12.02 40.67 -33.77
C PHE B 193 -12.92 39.59 -34.34
N ARG B 194 -13.84 40.01 -35.20
CA ARG B 194 -14.63 39.10 -35.99
C ARG B 194 -14.66 39.60 -37.43
N SER B 195 -14.57 38.67 -38.37
CA SER B 195 -14.71 39.06 -39.75
C SER B 195 -16.17 39.38 -40.04
N LYS B 196 -16.46 39.79 -41.28
CA LYS B 196 -17.82 40.18 -41.61
C LYS B 196 -18.80 39.01 -41.60
N MET B 197 -18.32 37.78 -41.77
CA MET B 197 -19.18 36.63 -41.61
C MET B 197 -19.32 36.22 -40.14
N GLY B 198 -18.80 37.02 -39.22
CA GLY B 198 -18.92 36.77 -37.80
C GLY B 198 -17.88 35.84 -37.23
N LEU B 199 -17.02 35.29 -38.05
CA LEU B 199 -16.03 34.34 -37.56
C LEU B 199 -14.82 35.06 -36.99
N PRO B 200 -14.14 34.46 -36.03
CA PRO B 200 -12.83 34.98 -35.67
C PRO B 200 -11.87 34.64 -36.78
N VAL B 201 -10.60 35.02 -36.64
CA VAL B 201 -9.61 34.53 -37.58
C VAL B 201 -9.60 33.02 -37.52
N ILE B 202 -9.76 32.39 -38.68
CA ILE B 202 -9.64 30.94 -38.79
C ILE B 202 -8.14 30.64 -38.79
N ASN B 203 -7.68 29.96 -37.75
CA ASN B 203 -6.27 29.65 -37.62
C ASN B 203 -6.01 28.28 -38.23
N VAL B 204 -5.30 28.28 -39.34
CA VAL B 204 -4.82 27.04 -39.96
C VAL B 204 -3.35 26.95 -39.57
N PRO B 205 -3.00 26.34 -38.43
CA PRO B 205 -1.65 26.42 -37.97
C PRO B 205 -0.74 25.44 -38.68
N GLY B 206 0.41 25.23 -38.10
CA GLY B 206 1.39 24.41 -38.78
C GLY B 206 2.52 25.31 -39.23
N CYS B 207 3.64 24.70 -39.47
CA CYS B 207 4.80 25.52 -39.87
C CYS B 207 5.59 24.67 -40.86
N PRO B 208 5.07 24.50 -42.08
CA PRO B 208 3.88 25.21 -42.52
C PRO B 208 2.61 24.38 -42.35
N ALA B 209 1.50 25.03 -42.63
CA ALA B 209 0.25 24.26 -42.68
C ALA B 209 0.34 23.26 -43.82
N HIS B 210 -0.25 22.12 -43.63
CA HIS B 210 -0.44 21.16 -44.70
C HIS B 210 -1.40 21.75 -45.73
N PRO B 211 -1.18 21.49 -47.03
CA PRO B 211 -2.08 22.09 -48.03
C PRO B 211 -3.53 21.77 -47.78
N ASP B 212 -3.84 20.58 -47.30
CA ASP B 212 -5.29 20.24 -47.13
C ASP B 212 -5.89 21.07 -46.02
N TRP B 213 -5.09 21.47 -45.05
CA TRP B 213 -5.67 22.19 -43.89
C TRP B 213 -6.32 23.49 -44.37
N ILE B 214 -5.81 24.02 -45.47
CA ILE B 214 -6.39 25.27 -46.03
C ILE B 214 -7.29 24.91 -47.21
N THR B 215 -6.82 24.04 -48.09
CA THR B 215 -7.57 23.79 -49.32
C THR B 215 -8.93 23.17 -49.02
N GLN B 216 -9.00 22.24 -48.06
CA GLN B 216 -10.30 21.64 -47.75
C GLN B 216 -11.22 22.66 -47.09
N ILE B 217 -10.66 23.57 -46.30
CA ILE B 217 -11.47 24.66 -45.77
C ILE B 217 -11.98 25.53 -46.91
N LEU B 218 -11.12 25.85 -47.87
CA LEU B 218 -11.52 26.67 -49.00
C LEU B 218 -12.57 25.97 -49.84
N VAL B 219 -12.41 24.66 -50.03
CA VAL B 219 -13.40 23.88 -50.76
C VAL B 219 -14.73 23.89 -50.01
N ALA B 220 -14.67 23.70 -48.69
CA ALA B 220 -15.88 23.72 -47.87
C ALA B 220 -16.59 25.06 -48.01
N LEU B 221 -15.83 26.15 -47.95
CA LEU B 221 -16.42 27.47 -48.16
C LEU B 221 -17.01 27.60 -49.56
N ALA B 222 -16.32 27.05 -50.55
CA ALA B 222 -16.75 27.16 -51.94
C ALA B 222 -17.89 26.22 -52.29
N THR B 223 -18.09 25.15 -51.52
CA THR B 223 -19.12 24.18 -51.81
C THR B 223 -20.33 24.30 -50.88
N GLY B 224 -20.46 25.42 -50.18
CA GLY B 224 -21.60 25.63 -49.33
C GLY B 224 -21.54 24.93 -48.00
N ARG B 225 -20.35 24.48 -47.59
CA ARG B 225 -20.18 23.76 -46.33
C ARG B 225 -19.45 24.59 -45.28
N ALA B 226 -19.52 25.92 -45.39
CA ALA B 226 -18.94 26.77 -44.36
C ALA B 226 -19.52 26.43 -43.00
N GLY B 227 -20.83 26.15 -42.95
CA GLY B 227 -21.47 25.80 -41.71
C GLY B 227 -20.99 24.49 -41.11
N ASP B 228 -20.35 23.65 -41.91
CA ASP B 228 -19.75 22.43 -41.38
C ASP B 228 -18.44 22.69 -40.66
N ILE B 229 -17.86 23.88 -40.83
CA ILE B 229 -16.56 24.17 -40.25
C ILE B 229 -16.76 24.56 -38.79
N THR B 230 -16.24 23.74 -37.89
CA THR B 230 -16.20 24.07 -36.48
C THR B 230 -14.75 24.37 -36.10
N LEU B 231 -14.57 25.36 -35.24
CA LEU B 231 -13.25 25.80 -34.81
C LEU B 231 -13.06 25.45 -33.35
N ASP B 232 -11.83 25.05 -32.99
CA ASP B 232 -11.55 24.76 -31.59
C ASP B 232 -11.24 26.07 -30.86
N ASP B 233 -10.76 25.98 -29.63
CA ASP B 233 -10.48 27.17 -28.84
C ASP B 233 -9.36 28.01 -29.42
N LEU B 234 -8.50 27.41 -30.24
CA LEU B 234 -7.46 28.16 -30.93
C LEU B 234 -7.90 28.60 -32.32
N HIS B 235 -9.19 28.52 -32.62
CA HIS B 235 -9.76 28.84 -33.91
C HIS B 235 -9.25 27.93 -35.01
N ARG B 236 -8.80 26.75 -34.66
CA ARG B 236 -8.37 25.81 -35.67
C ARG B 236 -9.54 24.94 -36.11
N PRO B 237 -9.59 24.57 -37.39
CA PRO B 237 -10.65 23.68 -37.87
C PRO B 237 -10.59 22.34 -37.16
N GLU B 238 -11.65 22.02 -36.42
CA GLU B 238 -11.69 20.78 -35.67
C GLU B 238 -11.69 19.56 -36.58
N THR B 239 -12.09 19.73 -37.85
CA THR B 239 -12.02 18.60 -38.76
C THR B 239 -10.58 18.12 -38.95
N PHE B 240 -9.60 18.97 -38.65
CA PHE B 240 -8.20 18.59 -38.72
C PHE B 240 -7.51 18.53 -37.37
N PHE B 241 -8.01 19.25 -36.37
CA PHE B 241 -7.25 19.47 -35.15
C PHE B 241 -7.91 18.91 -33.91
N LYS B 242 -8.88 18.00 -34.07
CA LYS B 242 -9.28 17.20 -32.94
C LYS B 242 -8.36 16.00 -32.75
N THR B 243 -7.86 15.46 -33.85
CA THR B 243 -6.87 14.39 -33.76
C THR B 243 -5.56 14.94 -33.24
N PHE B 244 -4.66 14.01 -32.92
CA PHE B 244 -3.31 14.42 -32.50
C PHE B 244 -2.36 14.06 -33.64
N THR B 245 -1.16 14.60 -33.60
CA THR B 245 -0.20 14.11 -34.59
C THR B 245 -0.08 12.61 -34.40
N GLN B 246 -0.13 12.19 -33.14
CA GLN B 246 0.07 10.75 -32.87
C GLN B 246 -1.01 9.92 -33.56
N THR B 247 -2.14 10.53 -33.81
CA THR B 247 -3.28 9.78 -34.38
C THR B 247 -2.88 9.30 -35.77
N GLY B 248 -2.61 8.03 -35.90
CA GLY B 248 -2.23 7.49 -37.20
C GLY B 248 -0.72 7.40 -37.32
N CYS B 249 -0.05 7.79 -36.26
CA CYS B 249 1.41 7.64 -36.29
C CYS B 249 1.74 6.16 -36.41
N THR B 250 2.71 5.82 -37.22
CA THR B 250 3.10 4.40 -37.39
C THR B 250 3.81 3.89 -36.13
N ARG B 251 4.07 4.76 -35.17
CA ARG B 251 4.85 4.30 -33.99
C ARG B 251 4.00 4.22 -32.72
N VAL B 252 2.70 4.41 -32.86
CA VAL B 252 1.86 4.41 -31.64
C VAL B 252 1.94 3.05 -30.94
N GLN B 253 2.06 1.97 -31.68
CA GLN B 253 2.14 0.68 -30.95
C GLN B 253 3.40 0.67 -30.09
N PHE B 254 4.48 1.23 -30.61
CA PHE B 254 5.70 1.31 -29.79
C PHE B 254 5.43 2.24 -28.60
N PHE B 255 4.69 3.31 -28.87
CA PHE B 255 4.33 4.24 -27.77
C PHE B 255 3.55 3.46 -26.73
N GLU B 256 2.57 2.70 -27.18
CA GLU B 256 1.69 1.97 -26.24
C GLU B 256 2.55 1.09 -25.34
N TYR B 257 3.52 0.44 -25.91
CA TYR B 257 4.39 -0.46 -25.17
C TYR B 257 5.64 0.22 -24.68
N LYS B 258 5.72 1.54 -24.80
CA LYS B 258 6.80 2.32 -24.24
C LYS B 258 8.15 1.84 -24.76
N GLN B 259 8.17 1.57 -26.07
CA GLN B 259 9.43 1.15 -26.74
C GLN B 259 9.99 2.37 -27.44
N SER B 260 11.18 2.75 -27.04
CA SER B 260 11.69 4.03 -27.55
C SER B 260 12.60 3.87 -28.74
N THR B 261 12.41 4.76 -29.69
CA THR B 261 13.45 4.83 -30.73
C THR B 261 14.66 5.33 -29.94
N LEU B 262 15.81 4.77 -30.19
CA LEU B 262 17.02 5.12 -29.48
C LEU B 262 17.93 6.04 -30.26
N SER B 263 17.86 6.01 -31.59
CA SER B 263 18.77 6.79 -32.39
C SER B 263 18.11 7.09 -33.73
N PHE B 264 18.65 8.10 -34.40
CA PHE B 264 18.15 8.49 -35.69
C PHE B 264 18.64 7.51 -36.76
N GLY B 265 18.27 7.78 -38.00
CA GLY B 265 18.63 6.88 -39.08
C GLY B 265 17.97 5.53 -38.89
N GLU B 266 18.76 4.47 -39.02
CA GLU B 266 18.22 3.13 -38.90
C GLU B 266 17.60 2.88 -37.53
N GLY B 267 18.02 3.63 -36.51
CA GLY B 267 17.37 3.51 -35.21
C GLY B 267 15.89 3.78 -35.25
N THR B 268 15.43 4.54 -36.24
CA THR B 268 14.01 4.84 -36.36
C THR B 268 13.25 3.74 -37.09
N ARG B 269 13.89 2.62 -37.43
CA ARG B 269 13.14 1.48 -37.93
C ARG B 269 12.28 0.86 -36.84
N THR B 270 12.42 1.38 -35.65
CA THR B 270 11.60 0.86 -34.55
C THR B 270 11.34 1.96 -33.53
N GLY B 271 10.41 1.70 -32.63
CA GLY B 271 10.27 2.62 -31.51
C GLY B 271 9.46 3.85 -31.76
N CYS B 272 9.10 4.49 -30.68
CA CYS B 272 8.38 5.75 -30.76
C CYS B 272 9.36 6.87 -30.36
N LEU B 273 9.18 8.05 -30.91
CA LEU B 273 10.18 9.14 -30.70
C LEU B 273 9.88 9.94 -29.45
N PHE B 274 8.86 9.54 -28.73
CA PHE B 274 8.42 10.40 -27.61
C PHE B 274 9.45 10.44 -26.50
N TYR B 275 10.06 9.32 -26.26
CA TYR B 275 10.88 9.23 -25.03
C TYR B 275 12.28 9.79 -25.16
N GLU B 276 12.88 9.66 -26.31
CA GLU B 276 14.25 10.13 -26.48
C GLU B 276 14.38 11.33 -27.39
N PHE B 277 13.41 11.60 -28.23
CA PHE B 277 13.53 12.67 -29.22
C PHE B 277 12.50 13.78 -29.03
N GLY B 278 11.81 13.78 -27.92
CA GLY B 278 10.94 14.93 -27.65
C GLY B 278 9.76 15.01 -28.59
N CYS B 279 9.39 13.87 -29.15
CA CYS B 279 8.17 13.88 -30.00
C CYS B 279 7.00 14.52 -29.24
N ARG B 280 6.42 15.55 -29.83
CA ARG B 280 5.24 16.17 -29.20
C ARG B 280 3.95 15.60 -29.77
N GLY B 281 4.05 14.53 -30.54
CA GLY B 281 2.87 13.92 -31.16
C GLY B 281 1.68 13.81 -30.23
N PRO B 282 1.83 13.23 -29.03
CA PRO B 282 0.70 13.01 -28.14
C PRO B 282 0.21 14.29 -27.45
N MET B 283 0.91 15.38 -27.68
CA MET B 283 0.50 16.67 -27.06
C MET B 283 0.14 17.66 -28.16
N THR B 284 0.05 17.18 -29.39
CA THR B 284 -0.12 18.11 -30.51
C THR B 284 -1.32 17.74 -31.34
N HIS B 285 -2.20 18.70 -31.51
CA HIS B 285 -3.41 18.44 -32.29
C HIS B 285 -3.07 18.69 -33.75
N SER B 286 -3.33 17.71 -34.57
CA SER B 286 -3.01 17.81 -36.01
C SER B 286 -3.54 16.55 -36.66
N PRO B 287 -3.71 16.53 -37.97
CA PRO B 287 -4.03 15.28 -38.65
C PRO B 287 -2.80 14.86 -39.43
N CYS B 288 -1.60 15.16 -38.94
CA CYS B 288 -0.38 14.87 -39.75
C CYS B 288 -0.22 13.40 -40.10
N ASN B 289 -0.74 12.56 -39.23
CA ASN B 289 -0.65 11.11 -39.51
C ASN B 289 -1.97 10.57 -40.03
N ARG B 290 -2.97 11.41 -40.04
CA ARG B 290 -4.21 11.02 -40.69
C ARG B 290 -4.17 11.42 -42.17
N ILE B 291 -3.90 12.69 -42.41
CA ILE B 291 -3.71 13.21 -43.76
C ILE B 291 -2.22 13.38 -43.94
N LEU B 292 -1.63 12.51 -44.70
CA LEU B 292 -0.15 12.52 -44.74
C LEU B 292 0.39 13.71 -45.52
N TRP B 293 1.58 14.07 -45.15
CA TRP B 293 2.24 15.20 -45.83
C TRP B 293 2.68 14.75 -47.22
N ASN B 294 2.45 15.61 -48.20
CA ASN B 294 2.89 15.32 -49.59
C ASN B 294 2.30 13.99 -50.02
N ARG B 295 1.18 13.61 -49.41
CA ARG B 295 0.55 12.32 -49.70
C ARG B 295 1.51 11.15 -49.48
N GLN B 296 2.56 11.36 -48.70
CA GLN B 296 3.56 10.31 -48.53
C GLN B 296 3.76 9.91 -47.08
N SER B 297 3.94 10.88 -46.20
CA SER B 297 4.54 10.54 -44.92
C SER B 297 4.17 11.60 -43.90
N SER B 298 4.90 11.55 -42.80
CA SER B 298 4.76 12.60 -41.78
C SER B 298 6.13 12.63 -41.10
N LYS B 299 6.36 13.68 -40.35
CA LYS B 299 7.65 13.66 -39.62
C LYS B 299 7.78 12.37 -38.82
N THR B 300 6.77 12.08 -38.04
CA THR B 300 6.92 10.96 -37.08
C THR B 300 7.11 9.64 -37.81
N ARG B 301 6.33 9.45 -38.85
CA ARG B 301 6.55 8.22 -39.64
C ARG B 301 8.00 8.16 -40.10
N ALA B 302 8.51 9.27 -40.60
CA ALA B 302 9.85 9.28 -41.16
C ALA B 302 10.93 9.13 -40.10
N GLY B 303 10.57 9.24 -38.83
CA GLY B 303 11.56 9.21 -37.76
C GLY B 303 11.89 10.56 -37.19
N MET B 304 11.22 11.60 -37.61
CA MET B 304 11.46 12.90 -37.00
C MET B 304 10.41 13.18 -35.95
N PRO B 305 10.82 13.64 -34.76
CA PRO B 305 9.83 13.97 -33.78
C PRO B 305 8.92 15.09 -34.22
N CYS B 306 7.67 14.95 -33.83
CA CYS B 306 6.76 16.06 -34.06
C CYS B 306 7.25 17.21 -33.17
N LEU B 307 7.36 18.37 -33.76
CA LEU B 307 7.82 19.55 -32.99
C LEU B 307 6.60 20.30 -32.45
N GLY B 308 5.43 19.72 -32.56
CA GLY B 308 4.22 20.36 -32.03
C GLY B 308 3.94 21.66 -32.75
N CYS B 309 4.23 21.70 -34.03
CA CYS B 309 4.10 22.99 -34.75
C CYS B 309 2.66 23.45 -34.91
N THR B 310 1.68 22.63 -34.68
CA THR B 310 0.30 23.14 -34.88
C THR B 310 -0.15 23.76 -33.57
N GLU B 311 0.70 23.65 -32.58
CA GLU B 311 0.34 24.18 -31.26
C GLU B 311 0.85 25.62 -31.15
N PRO B 312 0.14 26.52 -30.44
CA PRO B 312 0.51 27.94 -30.46
C PRO B 312 1.85 28.25 -29.82
N GLU B 313 2.35 27.38 -28.96
CA GLU B 313 3.65 27.60 -28.34
C GLU B 313 4.81 27.33 -29.27
N PHE B 314 4.56 26.79 -30.45
CA PHE B 314 5.65 26.43 -31.32
C PHE B 314 6.46 27.66 -31.70
N PRO B 315 7.80 27.58 -31.70
CA PRO B 315 8.59 26.41 -31.28
C PRO B 315 8.60 26.28 -29.79
N HIS B 316 8.33 25.06 -29.32
CA HIS B 316 8.18 24.87 -27.90
C HIS B 316 9.51 25.11 -27.19
N PHE B 317 9.42 25.68 -25.99
CA PHE B 317 10.57 26.02 -25.18
C PHE B 317 11.52 26.96 -25.91
N ASP B 318 11.05 27.58 -26.99
CA ASP B 318 11.85 28.50 -27.79
C ASP B 318 13.16 27.85 -28.21
N LEU B 319 13.13 26.53 -28.43
CA LEU B 319 14.34 25.83 -28.87
C LEU B 319 15.52 26.12 -27.96
N ALA B 320 15.24 26.26 -26.67
CA ALA B 320 16.29 26.50 -25.70
C ALA B 320 17.24 25.31 -25.69
N PRO B 321 18.49 25.52 -25.27
CA PRO B 321 19.47 24.43 -25.29
C PRO B 321 18.95 23.21 -24.54
N GLY B 322 19.17 22.04 -25.14
CA GLY B 322 18.75 20.79 -24.57
C GLY B 322 17.32 20.38 -24.87
N THR B 323 16.57 21.19 -25.61
CA THR B 323 15.17 20.88 -25.88
C THR B 323 14.92 20.45 -27.32
N VAL B 324 15.95 20.41 -28.17
CA VAL B 324 15.77 20.15 -29.59
C VAL B 324 16.03 18.66 -29.82
N PHE B 325 15.02 17.95 -30.30
CA PHE B 325 15.11 16.52 -30.55
C PHE B 325 15.52 15.76 -29.28
N LYS B 326 15.06 16.26 -28.15
CA LYS B 326 15.31 15.62 -26.86
C LYS B 326 14.04 15.67 -26.04
N THR B 327 13.82 14.62 -25.25
CA THR B 327 12.72 14.61 -24.30
C THR B 327 13.25 15.09 -22.96
N GLN B 328 12.75 16.24 -22.50
CA GLN B 328 13.10 16.69 -21.16
C GLN B 328 12.48 15.74 -20.15
N LYS B 329 13.29 15.26 -19.22
CA LYS B 329 12.86 14.27 -18.27
C LYS B 329 13.19 14.71 -16.86
N VAL B 330 12.35 14.28 -15.93
CA VAL B 330 12.57 14.48 -14.50
C VAL B 330 13.20 13.21 -13.96
N SER B 331 14.31 13.35 -13.25
CA SER B 331 15.04 12.22 -12.68
C SER B 331 15.49 11.23 -13.74
N GLY B 332 15.63 11.70 -14.99
CA GLY B 332 16.14 10.90 -16.07
C GLY B 332 15.19 9.86 -16.62
N MET B 333 13.93 9.82 -16.19
CA MET B 333 13.06 8.71 -16.66
C MET B 333 11.61 9.16 -16.80
N ILE B 334 11.22 10.18 -16.05
CA ILE B 334 9.85 10.68 -16.17
C ILE B 334 9.84 11.84 -17.16
N PRO B 335 9.12 11.75 -18.27
CA PRO B 335 9.02 12.90 -19.16
C PRO B 335 8.40 14.07 -18.42
N LYS B 336 8.95 15.27 -18.66
CA LYS B 336 8.38 16.46 -18.06
C LYS B 336 6.95 16.68 -18.55
N GLU B 337 6.71 16.47 -19.84
CA GLU B 337 5.39 16.59 -20.43
C GLU B 337 4.90 15.20 -20.80
N VAL B 338 3.70 14.88 -20.33
CA VAL B 338 3.09 13.58 -20.63
C VAL B 338 2.04 13.83 -21.71
N PRO B 339 1.48 12.80 -22.32
CA PRO B 339 0.48 13.03 -23.37
C PRO B 339 -0.70 13.85 -22.86
N GLU B 340 -1.38 14.50 -23.79
CA GLU B 340 -2.51 15.35 -23.46
C GLU B 340 -3.54 14.58 -22.66
N GLY B 341 -4.01 15.16 -21.57
CA GLY B 341 -5.10 14.54 -20.79
C GLY B 341 -4.65 13.43 -19.87
N THR B 342 -3.34 13.21 -19.76
CA THR B 342 -2.86 12.19 -18.80
C THR B 342 -2.14 12.91 -17.68
N ASP B 343 -1.98 12.25 -16.56
CA ASP B 343 -1.18 12.83 -15.46
C ASP B 343 0.06 11.96 -15.33
N HIS B 344 1.11 12.49 -14.77
CA HIS B 344 2.38 11.79 -14.66
C HIS B 344 2.22 10.48 -13.90
N LEU B 345 1.39 10.47 -12.85
CA LEU B 345 1.24 9.28 -12.04
C LEU B 345 0.65 8.13 -12.85
N THR B 346 -0.54 8.37 -13.39
CA THR B 346 -1.19 7.31 -14.20
C THR B 346 -0.30 7.00 -15.39
N TYR B 347 0.20 8.02 -16.11
CA TYR B 347 0.99 7.77 -17.30
C TYR B 347 2.18 6.87 -16.98
N MET B 348 2.89 7.15 -15.89
CA MET B 348 4.06 6.35 -15.54
C MET B 348 3.67 4.95 -15.09
N GLY B 349 2.57 4.83 -14.33
CA GLY B 349 2.13 3.50 -13.95
C GLY B 349 1.77 2.65 -15.15
N LEU B 350 0.99 3.22 -16.06
CA LEU B 350 0.64 2.51 -17.28
C LEU B 350 1.87 2.23 -18.12
N ALA B 351 2.84 3.14 -18.10
CA ALA B 351 4.06 2.94 -18.86
C ALA B 351 4.86 1.76 -18.33
N ALA B 352 4.96 1.65 -17.01
CA ALA B 352 5.62 0.49 -16.42
C ALA B 352 4.89 -0.79 -16.77
N ALA B 353 3.56 -0.78 -16.66
CA ALA B 353 2.78 -1.95 -17.01
C ALA B 353 2.98 -2.34 -18.47
N ALA B 354 2.97 -1.34 -19.36
CA ALA B 354 3.15 -1.60 -20.77
C ALA B 354 4.54 -2.13 -21.06
N ARG B 355 5.55 -1.55 -20.42
CA ARG B 355 6.93 -2.06 -20.59
C ARG B 355 6.98 -3.55 -20.19
N ILE B 356 6.29 -3.91 -19.11
CA ILE B 356 6.25 -5.31 -18.69
C ILE B 356 5.50 -6.16 -19.72
N ALA B 357 4.40 -5.66 -20.25
CA ALA B 357 3.56 -6.41 -21.17
C ALA B 357 4.06 -6.38 -22.61
N ALA B 358 5.11 -5.63 -22.89
CA ALA B 358 5.46 -5.33 -24.27
C ALA B 358 5.78 -6.61 -25.04
N PRO B 359 5.15 -6.83 -26.18
CA PRO B 359 5.47 -8.01 -26.99
C PRO B 359 6.82 -7.85 -27.67
N GLN B 360 7.35 -8.99 -28.12
CA GLN B 360 8.70 -9.00 -28.68
C GLN B 360 8.81 -8.12 -29.92
N TRP B 361 7.80 -8.15 -30.79
CA TRP B 361 7.87 -7.36 -32.01
C TRP B 361 7.99 -5.87 -31.72
N SER B 362 7.42 -5.41 -30.60
CA SER B 362 7.52 -4.00 -30.26
C SER B 362 8.94 -3.60 -29.89
N LYS B 363 9.81 -4.57 -29.67
CA LYS B 363 11.21 -4.32 -29.33
C LYS B 363 12.13 -4.49 -30.51
N GLU B 364 11.58 -4.72 -31.70
CA GLU B 364 12.39 -5.01 -32.88
C GLU B 364 12.05 -4.04 -34.00
N ASP B 365 12.93 -4.00 -35.00
CA ASP B 365 12.69 -3.19 -36.18
C ASP B 365 11.38 -3.61 -36.82
N MET B 366 10.61 -2.63 -37.22
CA MET B 366 9.38 -2.91 -37.95
C MET B 366 9.33 -2.20 -39.29
N PHE B 367 9.92 -1.02 -39.40
CA PHE B 367 10.01 -0.31 -40.68
C PHE B 367 11.29 -0.75 -41.37
N VAL B 368 11.26 -2.00 -41.78
CA VAL B 368 12.42 -2.67 -42.33
C VAL B 368 12.50 -2.36 -43.83
N VAL B 369 13.69 -2.55 -44.37
CA VAL B 369 13.91 -2.34 -45.80
C VAL B 369 12.96 -3.20 -46.61
N LEU C 3 -18.30 -22.56 -90.71
CA LEU C 3 -17.06 -22.69 -89.97
C LEU C 3 -17.29 -22.60 -88.47
N ASP C 4 -17.02 -23.68 -87.75
CA ASP C 4 -17.08 -23.64 -86.30
C ASP C 4 -15.78 -23.06 -85.77
N LEU C 5 -15.87 -21.91 -85.11
CA LEU C 5 -14.72 -21.21 -84.56
C LEU C 5 -14.85 -21.19 -83.04
N PHE C 6 -13.85 -21.72 -82.36
CA PHE C 6 -13.80 -21.69 -80.89
C PHE C 6 -12.70 -20.73 -80.50
N VAL C 7 -13.09 -19.61 -79.88
CA VAL C 7 -12.15 -18.59 -79.44
C VAL C 7 -11.94 -18.76 -77.95
N SER C 8 -10.71 -19.04 -77.58
CA SER C 8 -10.33 -19.26 -76.20
C SER C 8 -8.88 -18.85 -76.02
N PRO C 9 -8.59 -17.91 -75.12
CA PRO C 9 -9.57 -17.16 -74.36
C PRO C 9 -10.08 -15.95 -75.13
N LEU C 10 -11.27 -15.47 -74.78
CA LEU C 10 -11.71 -14.14 -75.18
C LEU C 10 -11.52 -13.27 -73.95
N GLY C 11 -10.34 -12.66 -73.83
CA GLY C 11 -9.99 -11.91 -72.66
C GLY C 11 -10.65 -10.55 -72.62
N ARG C 12 -10.20 -9.75 -71.65
CA ARG C 12 -10.76 -8.43 -71.41
C ARG C 12 -12.26 -8.50 -71.18
N VAL C 13 -12.69 -9.55 -70.48
CA VAL C 13 -14.06 -9.67 -70.03
C VAL C 13 -14.05 -10.03 -68.54
N GLU C 14 -13.00 -9.62 -67.85
CA GLU C 14 -12.91 -9.79 -66.40
C GLU C 14 -13.21 -11.23 -66.00
N GLY C 15 -12.49 -12.16 -66.61
CA GLY C 15 -12.65 -13.55 -66.25
C GLY C 15 -12.47 -14.42 -67.47
N ASP C 16 -12.93 -15.65 -67.32
CA ASP C 16 -12.62 -16.73 -68.26
C ASP C 16 -13.81 -16.95 -69.16
N LEU C 17 -13.65 -16.59 -70.42
CA LEU C 17 -14.72 -16.71 -71.40
C LEU C 17 -14.15 -17.39 -72.64
N ASP C 18 -14.88 -18.39 -73.12
CA ASP C 18 -14.65 -18.94 -74.45
C ASP C 18 -15.91 -18.67 -75.25
N VAL C 19 -15.73 -18.43 -76.55
CA VAL C 19 -16.87 -18.18 -77.41
C VAL C 19 -16.80 -19.13 -78.59
N ARG C 20 -17.81 -19.96 -78.74
CA ARG C 20 -17.94 -20.79 -79.92
C ARG C 20 -18.94 -20.13 -80.85
N VAL C 21 -18.60 -20.06 -82.12
CA VAL C 21 -19.50 -19.46 -83.10
C VAL C 21 -19.55 -20.35 -84.32
N THR C 22 -20.72 -20.45 -84.90
CA THR C 22 -20.87 -20.97 -86.25
C THR C 22 -20.88 -19.78 -87.19
N ILE C 23 -19.99 -19.83 -88.19
CA ILE C 23 -19.85 -18.75 -89.15
C ILE C 23 -20.26 -19.28 -90.52
N ASN C 24 -21.16 -18.55 -91.19
CA ASN C 24 -21.52 -18.84 -92.56
C ASN C 24 -21.42 -17.55 -93.37
N ASP C 25 -20.66 -17.61 -94.46
CA ASP C 25 -20.44 -16.46 -95.33
C ASP C 25 -19.91 -15.26 -94.55
N GLY C 26 -19.00 -15.52 -93.61
CA GLY C 26 -18.39 -14.45 -92.86
C GLY C 26 -19.27 -13.81 -91.82
N VAL C 27 -20.37 -14.45 -91.45
CA VAL C 27 -21.31 -13.92 -90.47
C VAL C 27 -21.57 -15.00 -89.43
N VAL C 28 -21.54 -14.61 -88.15
CA VAL C 28 -21.91 -15.55 -87.09
C VAL C 28 -23.38 -15.89 -87.22
N THR C 29 -23.68 -17.18 -87.32
CA THR C 29 -25.05 -17.64 -87.40
C THR C 29 -25.56 -18.26 -86.12
N SER C 30 -24.66 -18.77 -85.28
CA SER C 30 -25.03 -19.20 -83.95
C SER C 30 -23.84 -18.97 -83.03
N ALA C 31 -24.12 -18.79 -81.76
CA ALA C 31 -23.06 -18.52 -80.80
C ALA C 31 -23.36 -19.21 -79.49
N TRP C 32 -22.29 -19.65 -78.84
CA TRP C 32 -22.32 -20.19 -77.50
C TRP C 32 -21.29 -19.43 -76.69
N THR C 33 -21.72 -18.87 -75.56
CA THR C 33 -20.81 -18.28 -74.60
C THR C 33 -20.55 -19.33 -73.53
N GLU C 34 -19.28 -19.57 -73.25
CA GLU C 34 -18.86 -20.57 -72.27
C GLU C 34 -18.10 -19.85 -71.18
N ALA C 35 -18.78 -19.61 -70.06
CA ALA C 35 -18.11 -19.19 -68.85
C ALA C 35 -17.33 -20.38 -68.29
N ALA C 36 -16.02 -20.22 -68.12
CA ALA C 36 -15.16 -21.37 -67.93
C ALA C 36 -14.59 -21.51 -66.53
N MET C 37 -14.86 -20.57 -65.63
CA MET C 37 -14.25 -20.61 -64.32
C MET C 37 -15.33 -20.48 -63.25
N PHE C 38 -15.30 -21.37 -62.27
CA PHE C 38 -16.31 -21.46 -61.22
C PHE C 38 -15.65 -21.40 -59.86
N ARG C 39 -16.17 -20.54 -58.99
CA ARG C 39 -15.70 -20.46 -57.61
C ARG C 39 -16.76 -20.89 -56.60
N GLY C 40 -18.03 -20.76 -56.93
CA GLY C 40 -19.08 -21.25 -56.07
C GLY C 40 -19.30 -20.47 -54.79
N PHE C 41 -19.29 -19.14 -54.88
CA PHE C 41 -19.47 -18.33 -53.68
C PHE C 41 -20.83 -18.54 -53.04
N GLU C 42 -21.85 -18.85 -53.85
CA GLU C 42 -23.16 -19.12 -53.28
C GLU C 42 -23.12 -20.38 -52.42
N ILE C 43 -22.37 -21.38 -52.86
CA ILE C 43 -22.17 -22.58 -52.06
C ILE C 43 -21.45 -22.23 -50.77
N ILE C 44 -20.40 -21.42 -50.88
CA ILE C 44 -19.60 -21.08 -49.71
C ILE C 44 -20.44 -20.32 -48.69
N LEU C 45 -21.30 -19.42 -49.15
CA LEU C 45 -22.04 -18.56 -48.24
C LEU C 45 -23.05 -19.33 -47.41
N ARG C 46 -23.49 -20.49 -47.87
CA ARG C 46 -24.47 -21.26 -47.13
C ARG C 46 -23.92 -21.60 -45.76
N GLY C 47 -24.73 -21.34 -44.72
CA GLY C 47 -24.35 -21.64 -43.37
C GLY C 47 -23.43 -20.63 -42.73
N LYS C 48 -22.98 -19.63 -43.47
CA LYS C 48 -22.10 -18.61 -42.91
C LYS C 48 -22.89 -17.56 -42.16
N ASP C 49 -22.17 -16.64 -41.55
CA ASP C 49 -22.81 -15.56 -40.83
C ASP C 49 -23.73 -14.79 -41.78
N PRO C 50 -24.89 -14.32 -41.30
CA PRO C 50 -25.81 -13.63 -42.22
C PRO C 50 -25.18 -12.45 -42.93
N GLN C 51 -24.17 -11.82 -42.33
CA GLN C 51 -23.47 -10.72 -42.97
C GLN C 51 -22.26 -11.16 -43.76
N ALA C 52 -22.02 -12.47 -43.87
CA ALA C 52 -20.87 -12.93 -44.62
C ALA C 52 -20.92 -12.46 -46.05
N GLY C 53 -22.12 -12.21 -46.57
CA GLY C 53 -22.23 -11.71 -47.93
C GLY C 53 -21.49 -10.39 -48.11
N LEU C 54 -21.51 -9.53 -47.09
CA LEU C 54 -20.81 -8.25 -47.19
C LEU C 54 -19.32 -8.43 -47.41
N ILE C 55 -18.77 -9.55 -46.98
CA ILE C 55 -17.35 -9.83 -47.21
C ILE C 55 -17.14 -10.64 -48.48
N VAL C 56 -18.00 -11.63 -48.71
CA VAL C 56 -17.80 -12.57 -49.80
C VAL C 56 -18.22 -11.97 -51.14
N CYS C 57 -19.41 -11.40 -51.19
CA CYS C 57 -19.95 -10.92 -52.46
C CYS C 57 -19.07 -9.89 -53.14
N PRO C 58 -18.41 -8.94 -52.44
CA PRO C 58 -17.53 -8.02 -53.15
C PRO C 58 -16.46 -8.87 -53.87
N ARG C 59 -16.07 -9.98 -53.27
CA ARG C 59 -15.00 -10.81 -53.88
C ARG C 59 -15.53 -11.58 -55.09
N ILE C 60 -16.79 -11.41 -55.41
CA ILE C 60 -17.26 -12.02 -56.68
C ILE C 60 -16.50 -11.29 -57.78
N CYS C 61 -16.20 -10.02 -57.54
CA CYS C 61 -15.60 -9.28 -58.65
C CYS C 61 -14.84 -8.05 -58.21
N GLY C 62 -13.71 -7.87 -58.86
CA GLY C 62 -12.83 -6.78 -58.45
C GLY C 62 -13.32 -5.45 -58.90
N ILE C 63 -13.86 -5.45 -60.11
CA ILE C 63 -14.24 -4.14 -60.71
C ILE C 63 -15.62 -3.76 -60.20
N CYS C 64 -16.44 -4.74 -59.87
CA CYS C 64 -17.79 -4.31 -59.45
C CYS C 64 -18.12 -4.87 -58.07
N GLY C 65 -17.09 -5.17 -57.28
CA GLY C 65 -17.37 -5.64 -55.91
C GLY C 65 -18.11 -4.61 -55.09
N GLY C 66 -17.84 -3.31 -55.31
CA GLY C 66 -18.60 -2.32 -54.57
C GLY C 66 -20.09 -2.43 -54.86
N SER C 67 -20.41 -2.77 -56.09
CA SER C 67 -21.83 -2.97 -56.45
C SER C 67 -22.35 -4.18 -55.68
N HIS C 68 -21.55 -5.24 -55.66
CA HIS C 68 -21.96 -6.44 -54.91
C HIS C 68 -22.21 -6.05 -53.46
N LEU C 69 -21.31 -5.25 -52.93
CA LEU C 69 -21.45 -4.85 -51.53
C LEU C 69 -22.77 -4.10 -51.36
N TYR C 70 -23.01 -3.14 -52.24
CA TYR C 70 -24.22 -2.34 -52.20
C TYR C 70 -25.45 -3.22 -52.15
N LYS C 71 -25.57 -4.15 -53.08
CA LYS C 71 -26.77 -4.96 -53.12
C LYS C 71 -26.81 -5.99 -52.00
N SER C 72 -25.66 -6.50 -51.56
CA SER C 72 -25.67 -7.41 -50.42
C SER C 72 -26.11 -6.68 -49.16
N ALA C 73 -25.62 -5.46 -48.97
CA ALA C 73 -26.05 -4.66 -47.84
C ALA C 73 -27.56 -4.45 -47.89
N TYR C 74 -28.08 -4.10 -49.07
CA TYR C 74 -29.52 -3.88 -49.16
C TYR C 74 -30.30 -5.19 -49.00
N ALA C 75 -29.73 -6.31 -49.42
CA ALA C 75 -30.36 -7.59 -49.17
C ALA C 75 -30.53 -7.79 -47.67
N LEU C 76 -29.49 -7.47 -46.91
CA LEU C 76 -29.59 -7.58 -45.46
C LEU C 76 -30.56 -6.54 -44.91
N ASP C 77 -30.54 -5.33 -45.45
CA ASP C 77 -31.42 -4.28 -44.96
C ASP C 77 -32.87 -4.68 -45.12
N THR C 78 -33.21 -5.28 -46.26
CA THR C 78 -34.57 -5.75 -46.47
C THR C 78 -34.86 -6.98 -45.63
N ALA C 79 -33.90 -7.91 -45.56
CA ALA C 79 -34.10 -9.12 -44.77
C ALA C 79 -34.33 -8.79 -43.30
N TRP C 80 -33.60 -7.81 -42.80
CA TRP C 80 -33.66 -7.44 -41.39
C TRP C 80 -34.54 -6.22 -41.15
N ARG C 81 -35.23 -5.73 -42.18
CA ARG C 81 -36.15 -4.62 -42.03
C ARG C 81 -35.47 -3.44 -41.34
N THR C 82 -34.28 -3.12 -41.81
CA THR C 82 -33.47 -2.13 -41.14
C THR C 82 -33.96 -0.72 -41.45
N HIS C 83 -33.40 0.24 -40.73
CA HIS C 83 -33.57 1.65 -41.05
C HIS C 83 -32.30 2.16 -41.68
N MET C 84 -32.44 2.85 -42.80
CA MET C 84 -31.30 3.43 -43.50
C MET C 84 -31.33 4.94 -43.31
N PRO C 85 -30.44 5.52 -42.51
CA PRO C 85 -30.37 6.98 -42.44
C PRO C 85 -30.09 7.55 -43.82
N PRO C 86 -30.65 8.71 -44.14
CA PRO C 86 -30.42 9.28 -45.47
C PRO C 86 -28.96 9.42 -45.83
N ASN C 87 -28.10 9.78 -44.87
CA ASN C 87 -26.68 9.89 -45.17
C ASN C 87 -26.11 8.56 -45.62
N ALA C 88 -26.54 7.48 -44.98
CA ALA C 88 -26.06 6.17 -45.38
C ALA C 88 -26.48 5.85 -46.81
N THR C 89 -27.74 6.16 -47.14
CA THR C 89 -28.20 5.95 -48.50
C THR C 89 -27.38 6.79 -49.47
N LEU C 90 -27.09 8.02 -49.10
CA LEU C 90 -26.27 8.88 -49.96
C LEU C 90 -24.89 8.31 -50.15
N ILE C 91 -24.27 7.84 -49.08
CA ILE C 91 -22.92 7.30 -49.18
C ILE C 91 -22.93 6.05 -50.05
N ARG C 92 -23.93 5.19 -49.85
CA ARG C 92 -24.05 4.00 -50.68
C ARG C 92 -24.22 4.37 -52.15
N ASN C 93 -25.09 5.34 -52.43
CA ASN C 93 -25.28 5.81 -53.80
C ASN C 93 -23.97 6.34 -54.35
N ILE C 94 -23.30 7.19 -53.58
CA ILE C 94 -22.06 7.81 -54.04
C ILE C 94 -21.04 6.75 -54.37
N CYS C 95 -20.89 5.76 -53.49
CA CYS C 95 -19.86 4.76 -53.70
C CYS C 95 -20.21 3.84 -54.85
N GLN C 96 -21.48 3.45 -54.97
CA GLN C 96 -21.88 2.65 -56.12
C GLN C 96 -21.61 3.40 -57.42
N ALA C 97 -22.01 4.66 -57.46
CA ALA C 97 -21.84 5.44 -58.67
C ALA C 97 -20.37 5.71 -58.93
N CYS C 98 -19.57 5.91 -57.89
CA CYS C 98 -18.14 6.14 -58.07
C CYS C 98 -17.47 4.90 -58.62
N GLU C 99 -17.86 3.72 -58.11
CA GLU C 99 -17.32 2.51 -58.71
C GLU C 99 -17.68 2.43 -60.18
N THR C 100 -18.92 2.77 -60.52
CA THR C 100 -19.32 2.75 -61.92
C THR C 100 -18.53 3.78 -62.74
N LEU C 101 -18.31 4.95 -62.16
CA LEU C 101 -17.54 5.99 -62.85
C LEU C 101 -16.10 5.57 -63.05
N GLN C 102 -15.56 4.77 -62.14
CA GLN C 102 -14.26 4.17 -62.37
C GLN C 102 -14.33 3.16 -63.49
N SER C 103 -15.39 2.34 -63.47
CA SER C 103 -15.50 1.25 -64.43
C SER C 103 -15.61 1.77 -65.86
N ILE C 104 -16.33 2.87 -66.04
CA ILE C 104 -16.65 3.38 -67.37
C ILE C 104 -15.36 3.63 -68.17
N PRO C 105 -14.46 4.51 -67.74
CA PRO C 105 -13.22 4.67 -68.51
C PRO C 105 -12.30 3.48 -68.44
N ARG C 106 -12.17 2.87 -67.26
CA ARG C 106 -11.27 1.74 -67.15
C ARG C 106 -11.65 0.66 -68.13
N TYR C 107 -12.94 0.31 -68.17
CA TYR C 107 -13.39 -0.67 -69.14
C TYR C 107 -13.22 -0.15 -70.56
N PHE C 108 -13.61 1.10 -70.80
CA PHE C 108 -13.64 1.58 -72.17
C PHE C 108 -12.25 1.55 -72.80
N TYR C 109 -11.26 2.09 -72.10
CA TYR C 109 -9.93 2.15 -72.67
C TYR C 109 -9.20 0.83 -72.52
N ALA C 110 -9.20 0.26 -71.32
CA ALA C 110 -8.37 -0.92 -71.08
C ALA C 110 -8.96 -2.18 -71.67
N LEU C 111 -10.28 -2.29 -71.68
CA LEU C 111 -10.92 -3.53 -72.07
C LEU C 111 -11.52 -3.48 -73.47
N PHE C 112 -12.09 -2.34 -73.86
CA PHE C 112 -12.85 -2.28 -75.10
C PHE C 112 -12.10 -1.58 -76.22
N ALA C 113 -11.67 -0.35 -76.00
CA ALA C 113 -11.27 0.50 -77.12
C ALA C 113 -9.98 0.05 -77.78
N ILE C 114 -9.15 -0.76 -77.11
CA ILE C 114 -7.92 -1.18 -77.76
C ILE C 114 -8.23 -2.03 -78.97
N ASP C 115 -9.35 -2.75 -78.97
CA ASP C 115 -9.78 -3.50 -80.13
C ASP C 115 -10.08 -2.60 -81.32
N LEU C 116 -10.34 -1.32 -81.08
CA LEU C 116 -10.51 -0.38 -82.18
C LEU C 116 -9.24 -0.22 -83.00
N THR C 117 -8.10 -0.65 -82.46
CA THR C 117 -6.84 -0.61 -83.18
C THR C 117 -6.62 -1.86 -84.02
N ASN C 118 -7.61 -2.74 -84.07
CA ASN C 118 -7.45 -3.99 -84.82
C ASN C 118 -7.16 -3.70 -86.28
N LYS C 119 -6.35 -4.58 -86.88
CA LYS C 119 -5.94 -4.41 -88.27
C LYS C 119 -7.11 -4.49 -89.23
N ASN C 120 -8.25 -5.03 -88.80
CA ASN C 120 -9.44 -5.04 -89.63
C ASN C 120 -9.88 -3.63 -90.01
N TYR C 121 -9.48 -2.64 -89.24
CA TYR C 121 -9.86 -1.26 -89.46
C TYR C 121 -8.77 -0.44 -90.12
N ALA C 122 -7.69 -1.09 -90.57
CA ALA C 122 -6.56 -0.35 -91.12
C ALA C 122 -6.96 0.50 -92.31
N LYS C 123 -8.00 0.11 -93.04
CA LYS C 123 -8.45 0.88 -94.19
C LYS C 123 -9.26 2.10 -93.79
N SER C 124 -9.72 2.18 -92.54
CA SER C 124 -10.50 3.34 -92.12
C SER C 124 -9.61 4.58 -92.13
N LYS C 125 -10.18 5.70 -92.57
CA LYS C 125 -9.44 6.96 -92.52
C LYS C 125 -9.14 7.39 -91.10
N LEU C 126 -9.90 6.90 -90.12
CA LEU C 126 -9.68 7.23 -88.72
C LEU C 126 -8.76 6.25 -88.02
N TYR C 127 -8.24 5.26 -88.74
CA TYR C 127 -7.51 4.17 -88.09
C TYR C 127 -6.24 4.67 -87.42
N ASP C 128 -5.49 5.55 -88.09
CA ASP C 128 -4.26 6.06 -87.48
C ASP C 128 -4.57 6.79 -86.17
N GLU C 129 -5.61 7.61 -86.18
CA GLU C 129 -6.01 8.29 -84.95
C GLU C 129 -6.49 7.29 -83.90
N ALA C 130 -7.24 6.27 -84.33
CA ALA C 130 -7.68 5.25 -83.38
C ALA C 130 -6.50 4.58 -82.71
N VAL C 131 -5.47 4.27 -83.50
CA VAL C 131 -4.27 3.65 -82.95
C VAL C 131 -3.55 4.61 -82.02
N ARG C 132 -3.43 5.88 -82.42
CA ARG C 132 -2.76 6.86 -81.57
C ARG C 132 -3.45 6.98 -80.23
N ARG C 133 -4.78 6.93 -80.23
CA ARG C 133 -5.55 7.18 -79.02
C ARG C 133 -5.69 5.95 -78.15
N PHE C 134 -5.99 4.80 -78.76
CA PHE C 134 -6.51 3.66 -78.04
C PHE C 134 -5.58 2.46 -78.03
N ALA C 135 -4.40 2.57 -78.58
CA ALA C 135 -3.48 1.44 -78.52
C ALA C 135 -3.22 1.09 -77.05
N PRO C 136 -3.13 -0.20 -76.73
CA PRO C 136 -2.92 -0.57 -75.32
C PRO C 136 -1.64 0.04 -74.77
N TYR C 137 -1.76 0.65 -73.60
CA TYR C 137 -0.67 1.12 -72.75
C TYR C 137 0.05 2.36 -73.28
N VAL C 138 -0.15 2.71 -74.55
CA VAL C 138 0.61 3.82 -75.13
C VAL C 138 -0.36 4.78 -75.79
N GLY C 139 -1.60 4.34 -75.95
CA GLY C 139 -2.59 5.20 -76.57
C GLY C 139 -2.73 6.51 -75.81
N THR C 140 -2.79 7.61 -76.57
CA THR C 140 -2.87 8.91 -75.95
C THR C 140 -4.19 9.14 -75.23
N SER C 141 -5.22 8.39 -75.58
CA SER C 141 -6.44 8.38 -74.78
C SER C 141 -6.42 7.26 -73.75
N TYR C 142 -5.76 6.16 -74.08
CA TYR C 142 -5.69 5.02 -73.19
C TYR C 142 -5.04 5.41 -71.87
N GLN C 143 -3.85 6.01 -71.94
CA GLN C 143 -3.11 6.26 -70.70
C GLN C 143 -3.87 7.17 -69.75
N PRO C 144 -4.26 8.39 -70.12
CA PRO C 144 -5.00 9.22 -69.16
C PRO C 144 -6.33 8.61 -68.76
N GLY C 145 -7.03 7.96 -69.68
CA GLY C 145 -8.30 7.37 -69.31
C GLY C 145 -8.15 6.31 -68.23
N VAL C 146 -7.21 5.39 -68.45
CA VAL C 146 -6.99 4.33 -67.47
C VAL C 146 -6.47 4.90 -66.17
N VAL C 147 -5.50 5.82 -66.25
CA VAL C 147 -4.89 6.37 -65.05
C VAL C 147 -5.94 7.11 -64.22
N LEU C 148 -6.75 7.94 -64.86
CA LEU C 148 -7.73 8.71 -64.14
C LEU C 148 -8.92 7.87 -63.69
N SER C 149 -9.08 6.67 -64.26
CA SER C 149 -10.15 5.81 -63.80
C SER C 149 -10.03 5.48 -62.31
N ALA C 150 -8.84 5.61 -61.73
CA ALA C 150 -8.67 5.32 -60.31
C ALA C 150 -9.24 6.41 -59.41
N LYS C 151 -9.53 7.60 -59.93
CA LYS C 151 -9.98 8.69 -59.06
C LYS C 151 -11.34 8.43 -58.43
N PRO C 152 -12.39 8.06 -59.18
CA PRO C 152 -13.69 7.87 -58.53
C PRO C 152 -13.63 6.84 -57.41
N VAL C 153 -12.81 5.81 -57.55
CA VAL C 153 -12.71 4.86 -56.46
C VAL C 153 -11.83 5.38 -55.33
N GLU C 154 -11.06 6.45 -55.56
CA GLU C 154 -10.51 7.18 -54.43
C GLU C 154 -11.63 7.75 -53.59
N VAL C 155 -12.68 8.28 -54.24
CA VAL C 155 -13.83 8.72 -53.47
C VAL C 155 -14.44 7.55 -52.70
N TYR C 156 -14.59 6.43 -53.40
CA TYR C 156 -15.08 5.22 -52.75
C TYR C 156 -14.25 4.90 -51.51
N ALA C 157 -12.93 4.99 -51.63
CA ALA C 157 -12.05 4.66 -50.51
C ALA C 157 -12.19 5.67 -49.39
N ILE C 158 -12.41 6.93 -49.73
CA ILE C 158 -12.61 7.94 -48.70
C ILE C 158 -13.76 7.52 -47.80
N PHE C 159 -14.83 7.01 -48.39
CA PHE C 159 -15.96 6.63 -47.55
C PHE C 159 -15.90 5.18 -47.06
N GLY C 160 -15.18 4.31 -47.74
CA GLY C 160 -15.24 2.90 -47.44
C GLY C 160 -13.91 2.36 -46.98
N GLY C 161 -12.90 3.21 -46.96
CA GLY C 161 -11.62 2.73 -46.44
C GLY C 161 -10.72 2.32 -47.59
N GLN C 162 -11.33 1.64 -48.56
CA GLN C 162 -10.51 1.21 -49.68
C GLN C 162 -11.39 0.77 -50.84
N TRP C 163 -10.72 0.66 -51.95
CA TRP C 163 -11.41 0.07 -53.11
C TRP C 163 -10.32 -0.62 -53.94
N PRO C 164 -10.49 -1.86 -54.45
CA PRO C 164 -11.62 -2.74 -54.12
C PRO C 164 -11.53 -3.34 -52.72
N DHI C 165 -12.63 -3.92 -52.28
CA DHI C 165 -12.65 -4.77 -51.08
C DHI C 165 -12.91 -4.17 -49.75
O DHI C 165 -12.46 -4.68 -48.76
CB DHI C 165 -13.36 -6.07 -51.30
CG DHI C 165 -13.04 -6.76 -52.58
ND1 DHI C 165 -13.77 -6.57 -53.73
CD2 DHI C 165 -12.13 -7.69 -52.87
CE1 DHI C 165 -13.28 -7.32 -54.69
NE2 DHI C 165 -12.29 -8.02 -54.19
N SER C 166 -13.76 -3.18 -49.80
CA SER C 166 -14.29 -2.72 -48.52
C SER C 166 -15.60 -3.50 -48.34
N SER C 167 -16.08 -3.60 -47.12
CA SER C 167 -17.42 -4.16 -46.80
C SER C 167 -18.17 -3.13 -45.93
N PHE C 168 -17.89 -1.86 -46.14
CA PHE C 168 -18.36 -0.86 -45.21
C PHE C 168 -19.85 -0.57 -45.31
N MET C 169 -20.54 -1.14 -46.30
CA MET C 169 -21.99 -1.00 -46.39
C MET C 169 -22.59 -2.15 -45.60
N VAL C 170 -23.27 -1.81 -44.50
CA VAL C 170 -23.79 -2.80 -43.57
C VAL C 170 -25.27 -2.55 -43.38
N PRO C 171 -26.02 -3.57 -42.97
CA PRO C 171 -27.43 -3.35 -42.63
C PRO C 171 -27.54 -2.21 -41.62
N GLY C 172 -28.42 -1.28 -41.91
CA GLY C 172 -28.57 -0.11 -41.08
C GLY C 172 -27.73 1.08 -41.49
N GLY C 173 -26.88 0.93 -42.49
CA GLY C 173 -26.19 2.09 -43.01
C GLY C 173 -24.82 1.81 -43.58
N VAL C 174 -23.85 2.58 -43.13
CA VAL C 174 -22.47 2.37 -43.50
C VAL C 174 -21.63 2.40 -42.24
N MET C 175 -20.49 1.72 -42.29
CA MET C 175 -19.60 1.71 -41.13
C MET C 175 -18.97 3.07 -40.89
N SER C 176 -18.78 3.84 -41.94
CA SER C 176 -17.94 5.01 -41.86
C SER C 176 -18.74 6.21 -41.38
N ALA C 177 -17.99 7.23 -40.97
CA ALA C 177 -18.54 8.48 -40.49
C ALA C 177 -17.77 9.58 -41.20
N PRO C 178 -18.18 9.94 -42.40
CA PRO C 178 -17.42 10.94 -43.18
C PRO C 178 -17.23 12.21 -42.38
N THR C 179 -16.05 12.79 -42.52
CA THR C 179 -15.77 14.11 -41.97
C THR C 179 -15.93 15.16 -43.05
N LEU C 180 -15.82 16.43 -42.65
CA LEU C 180 -15.90 17.50 -43.62
C LEU C 180 -14.85 17.35 -44.70
N SER C 181 -13.60 17.11 -44.30
CA SER C 181 -12.53 16.96 -45.27
C SER C 181 -12.76 15.75 -46.16
N ASP C 182 -13.39 14.70 -45.65
CA ASP C 182 -13.75 13.58 -46.51
C ASP C 182 -14.63 14.05 -47.66
N VAL C 183 -15.67 14.80 -47.35
CA VAL C 183 -16.61 15.23 -48.38
C VAL C 183 -15.97 16.24 -49.32
N THR C 184 -15.23 17.21 -48.76
CA THR C 184 -14.59 18.19 -49.62
C THR C 184 -13.57 17.54 -50.53
N ARG C 185 -12.79 16.58 -50.01
CA ARG C 185 -11.83 15.88 -50.84
C ARG C 185 -12.54 15.02 -51.89
N ALA C 186 -13.64 14.37 -51.52
CA ALA C 186 -14.39 13.59 -52.49
C ALA C 186 -14.90 14.48 -53.61
N ILE C 187 -15.41 15.66 -53.26
CA ILE C 187 -15.86 16.61 -54.25
C ILE C 187 -14.70 17.04 -55.13
N ALA C 188 -13.55 17.34 -54.52
CA ALA C 188 -12.40 17.77 -55.29
C ALA C 188 -11.94 16.67 -56.24
N ILE C 189 -11.90 15.44 -55.76
CA ILE C 189 -11.47 14.33 -56.61
C ILE C 189 -12.45 14.17 -57.76
N LEU C 190 -13.74 14.22 -57.46
CA LEU C 190 -14.74 14.04 -58.50
C LEU C 190 -14.68 15.15 -59.53
N GLU C 191 -14.57 16.40 -59.07
CA GLU C 191 -14.47 17.52 -60.01
C GLU C 191 -13.20 17.43 -60.84
N HIS C 192 -12.09 17.02 -60.23
CA HIS C 192 -10.86 16.89 -60.99
C HIS C 192 -10.99 15.80 -62.05
N TRP C 193 -11.55 14.66 -61.66
CA TRP C 193 -11.75 13.57 -62.62
C TRP C 193 -12.69 14.00 -63.73
N ASN C 194 -13.77 14.67 -63.38
CA ASN C 194 -14.74 15.12 -64.37
C ASN C 194 -14.08 16.10 -65.34
N ASP C 195 -13.32 17.05 -64.81
CA ASP C 195 -12.69 18.05 -65.66
C ASP C 195 -11.63 17.42 -66.54
N ASN C 196 -10.83 16.52 -65.99
CA ASN C 196 -9.64 16.03 -66.67
C ASN C 196 -9.89 14.83 -67.56
N TRP C 197 -10.80 13.94 -67.18
CA TRP C 197 -11.14 12.87 -68.09
C TRP C 197 -12.50 13.07 -68.74
N LEU C 198 -13.56 13.18 -67.93
CA LEU C 198 -14.90 13.13 -68.48
C LEU C 198 -15.14 14.27 -69.46
N GLU C 199 -14.84 15.49 -69.04
CA GLU C 199 -15.14 16.63 -69.89
C GLU C 199 -14.03 16.93 -70.88
N LYS C 200 -12.77 16.96 -70.40
CA LYS C 200 -11.67 17.30 -71.29
C LYS C 200 -11.43 16.21 -72.32
N GLN C 201 -11.34 14.96 -71.88
CA GLN C 201 -10.93 13.89 -72.77
C GLN C 201 -12.12 13.18 -73.39
N TRP C 202 -13.07 12.73 -72.57
CA TRP C 202 -14.17 11.97 -73.12
C TRP C 202 -15.09 12.86 -73.95
N LEU C 203 -15.58 13.95 -73.37
CA LEU C 203 -16.61 14.74 -74.01
C LEU C 203 -16.05 15.86 -74.87
N GLY C 204 -14.95 16.48 -74.46
CA GLY C 204 -14.57 17.73 -75.10
C GLY C 204 -15.58 18.83 -74.88
N CYS C 205 -16.46 18.67 -73.90
CA CYS C 205 -17.46 19.66 -73.54
C CYS C 205 -17.87 19.40 -72.10
N SER C 206 -18.76 20.26 -71.59
CA SER C 206 -19.25 20.05 -70.24
C SER C 206 -20.19 18.85 -70.19
N VAL C 207 -20.33 18.28 -68.98
CA VAL C 207 -21.32 17.22 -68.81
C VAL C 207 -22.71 17.75 -69.14
N ASP C 208 -22.97 19.00 -68.78
CA ASP C 208 -24.28 19.59 -69.08
C ASP C 208 -24.55 19.61 -70.57
N ARG C 209 -23.54 19.99 -71.37
CA ARG C 209 -23.74 20.02 -72.82
C ARG C 209 -24.07 18.63 -73.34
N TRP C 210 -23.38 17.62 -72.85
CA TRP C 210 -23.65 16.25 -73.30
C TRP C 210 -25.06 15.83 -72.91
N LEU C 211 -25.46 16.13 -71.68
CA LEU C 211 -26.77 15.71 -71.20
C LEU C 211 -27.91 16.45 -71.88
N GLU C 212 -27.61 17.50 -72.65
CA GLU C 212 -28.60 18.15 -73.48
C GLU C 212 -28.97 17.31 -74.69
N ASN C 213 -28.19 16.29 -75.01
CA ASN C 213 -28.51 15.42 -76.14
C ASN C 213 -29.69 14.53 -75.77
N LYS C 214 -30.82 14.75 -76.43
CA LYS C 214 -32.03 13.99 -76.17
C LYS C 214 -32.42 13.05 -77.29
N THR C 215 -31.80 13.18 -78.45
CA THR C 215 -32.09 12.33 -79.59
C THR C 215 -30.78 11.86 -80.21
N TRP C 216 -30.88 10.84 -81.06
CA TRP C 216 -29.71 10.42 -81.81
C TRP C 216 -29.20 11.55 -82.70
N ASN C 217 -30.13 12.27 -83.33
CA ASN C 217 -29.75 13.42 -84.12
C ASN C 217 -29.06 14.48 -83.26
N ASP C 218 -29.49 14.62 -82.02
CA ASP C 218 -28.78 15.50 -81.09
C ASP C 218 -27.35 15.04 -80.90
N VAL C 219 -27.13 13.73 -80.78
CA VAL C 219 -25.78 13.23 -80.58
C VAL C 219 -24.92 13.49 -81.82
N LEU C 220 -25.48 13.27 -83.02
CA LEU C 220 -24.71 13.53 -84.23
C LEU C 220 -24.39 15.02 -84.37
N ALA C 221 -25.38 15.88 -84.08
CA ALA C 221 -25.12 17.32 -84.08
C ALA C 221 -24.06 17.69 -83.05
N TRP C 222 -24.09 17.03 -81.90
CA TRP C 222 -23.09 17.28 -80.87
C TRP C 222 -21.70 16.92 -81.37
N VAL C 223 -21.59 15.79 -82.07
CA VAL C 223 -20.30 15.39 -82.63
C VAL C 223 -19.79 16.45 -83.59
N ASP C 224 -20.67 16.97 -84.43
CA ASP C 224 -20.25 17.94 -85.45
C ASP C 224 -20.24 19.38 -84.96
N GLU C 225 -20.67 19.63 -83.72
CA GLU C 225 -20.92 20.99 -83.29
C GLU C 225 -19.66 21.83 -83.29
N ASN C 226 -18.57 21.28 -82.78
CA ASN C 226 -17.31 22.01 -82.72
C ASN C 226 -16.18 20.99 -82.69
N GLU C 227 -14.97 21.49 -82.88
CA GLU C 227 -13.81 20.61 -82.95
C GLU C 227 -13.54 19.90 -81.64
N SER C 228 -13.83 20.56 -80.51
CA SER C 228 -13.58 19.92 -79.22
C SER C 228 -14.41 18.65 -79.07
N GLN C 229 -15.69 18.74 -79.37
CA GLN C 229 -16.55 17.57 -79.28
C GLN C 229 -16.27 16.58 -80.40
N TYR C 230 -15.95 17.11 -81.59
CA TYR C 230 -15.63 16.26 -82.72
C TYR C 230 -14.42 15.38 -82.43
N ASN C 231 -13.39 15.96 -81.83
CA ASN C 231 -12.14 15.26 -81.57
C ASN C 231 -12.06 14.72 -80.15
N SER C 232 -13.13 14.85 -79.39
CA SER C 232 -13.18 14.20 -78.09
C SER C 232 -13.14 12.69 -78.29
N ASP C 233 -12.83 11.98 -77.21
CA ASP C 233 -12.89 10.53 -77.29
C ASP C 233 -14.30 10.07 -77.64
N CYS C 234 -15.32 10.76 -77.12
CA CYS C 234 -16.69 10.39 -77.43
C CYS C 234 -17.01 10.66 -78.90
N GLY C 235 -16.70 11.87 -79.37
CA GLY C 235 -16.96 12.19 -80.76
C GLY C 235 -16.17 11.30 -81.70
N PHE C 236 -14.88 11.09 -81.38
CA PHE C 236 -14.09 10.20 -82.22
C PHE C 236 -14.65 8.79 -82.18
N PHE C 237 -15.08 8.32 -81.01
CA PHE C 237 -15.60 6.97 -80.91
C PHE C 237 -16.87 6.81 -81.74
N ILE C 238 -17.76 7.80 -81.69
CA ILE C 238 -18.98 7.73 -82.49
C ILE C 238 -18.62 7.72 -83.97
N ARG C 239 -17.74 8.63 -84.39
CA ARG C 239 -17.37 8.68 -85.78
C ARG C 239 -16.68 7.40 -86.22
N TYR C 240 -15.82 6.85 -85.37
CA TYR C 240 -15.15 5.60 -85.68
C TYR C 240 -16.15 4.46 -85.81
N CYS C 241 -17.13 4.40 -84.90
CA CYS C 241 -18.13 3.36 -84.98
C CYS C 241 -18.92 3.45 -86.26
N LEU C 242 -19.33 4.67 -86.62
CA LEU C 242 -20.10 4.85 -87.84
C LEU C 242 -19.25 4.55 -89.07
N ASP C 243 -17.95 4.81 -89.00
CA ASP C 243 -17.09 4.55 -90.14
C ASP C 243 -16.80 3.07 -90.32
N VAL C 244 -16.51 2.37 -89.22
CA VAL C 244 -16.06 0.98 -89.28
C VAL C 244 -17.20 -0.01 -89.09
N GLY C 245 -18.41 0.47 -88.82
CA GLY C 245 -19.56 -0.41 -88.75
C GLY C 245 -19.87 -1.00 -87.40
N LEU C 246 -19.42 -0.40 -86.31
CA LEU C 246 -19.80 -0.87 -84.99
C LEU C 246 -21.27 -0.61 -84.68
N ASP C 247 -21.93 0.22 -85.48
CA ASP C 247 -23.36 0.46 -85.33
C ASP C 247 -24.20 -0.56 -86.09
N LYS C 248 -23.57 -1.52 -86.75
CA LYS C 248 -24.27 -2.42 -87.65
C LYS C 248 -24.43 -3.84 -87.12
N TYR C 249 -23.83 -4.17 -85.99
CA TYR C 249 -23.99 -5.51 -85.43
C TYR C 249 -23.88 -5.42 -83.91
N GLY C 250 -24.05 -6.56 -83.26
CA GLY C 250 -24.16 -6.58 -81.82
C GLY C 250 -25.51 -6.11 -81.32
N GLN C 251 -26.55 -6.21 -82.14
CA GLN C 251 -27.87 -5.74 -81.74
C GLN C 251 -28.36 -6.46 -80.49
N GLY C 252 -28.32 -7.78 -80.50
CA GLY C 252 -28.76 -8.54 -79.35
C GLY C 252 -30.26 -8.69 -79.28
N VAL C 253 -30.73 -8.98 -78.06
CA VAL C 253 -32.13 -9.30 -77.84
C VAL C 253 -33.04 -8.11 -78.14
N GLY C 254 -32.57 -6.89 -77.86
CA GLY C 254 -33.44 -5.75 -77.94
C GLY C 254 -34.40 -5.64 -76.79
N ASN C 255 -34.31 -6.55 -75.81
CA ASN C 255 -35.08 -6.52 -74.59
C ASN C 255 -34.13 -6.35 -73.43
N TYR C 256 -34.54 -5.56 -72.46
CA TYR C 256 -33.62 -5.05 -71.46
C TYR C 256 -34.19 -5.20 -70.06
N LEU C 257 -33.29 -5.44 -69.13
CA LEU C 257 -33.62 -5.50 -67.72
C LEU C 257 -32.76 -4.49 -66.98
N ALA C 258 -33.40 -3.60 -66.25
CA ALA C 258 -32.73 -2.76 -65.29
C ALA C 258 -33.40 -3.00 -63.94
N THR C 259 -32.63 -3.41 -62.95
CA THR C 259 -33.16 -3.44 -61.61
C THR C 259 -33.08 -2.08 -60.94
N GLY C 260 -32.35 -1.16 -61.53
CA GLY C 260 -32.22 0.17 -60.97
C GLY C 260 -31.30 0.18 -59.78
N THR C 261 -30.86 1.37 -59.39
CA THR C 261 -30.12 1.56 -58.15
C THR C 261 -30.20 3.04 -57.80
N TYR C 262 -29.43 3.45 -56.79
CA TYR C 262 -29.45 4.82 -56.31
C TYR C 262 -30.78 5.23 -55.71
N PHE C 263 -31.03 4.79 -54.49
CA PHE C 263 -32.25 5.17 -53.80
C PHE C 263 -32.27 6.64 -53.43
N GLU C 264 -33.42 7.26 -53.61
CA GLU C 264 -33.67 8.56 -53.02
C GLU C 264 -33.70 8.38 -51.52
N PRO C 265 -32.84 9.06 -50.76
CA PRO C 265 -32.67 8.71 -49.34
C PRO C 265 -33.96 8.75 -48.55
N SER C 266 -34.84 9.72 -48.81
CA SER C 266 -36.07 9.82 -48.04
C SER C 266 -37.05 8.70 -48.38
N LEU C 267 -36.89 8.06 -49.54
CA LEU C 267 -37.85 7.06 -49.98
C LEU C 267 -37.45 5.63 -49.65
N TYR C 268 -36.22 5.41 -49.18
CA TYR C 268 -35.78 4.06 -48.86
C TYR C 268 -35.12 4.02 -47.49
N GLU C 269 -35.63 4.84 -46.56
CA GLU C 269 -35.11 4.81 -45.19
C GLU C 269 -35.40 3.50 -44.51
N ASN C 270 -36.41 2.78 -44.94
CA ASN C 270 -36.75 1.47 -44.39
C ASN C 270 -36.85 0.50 -45.55
N PRO C 271 -35.73 -0.03 -46.00
CA PRO C 271 -35.72 -0.84 -47.22
C PRO C 271 -36.68 -2.01 -47.14
N THR C 272 -37.51 -2.12 -48.17
CA THR C 272 -38.34 -3.28 -48.38
C THR C 272 -38.22 -3.69 -49.84
N ILE C 273 -38.52 -4.95 -50.10
CA ILE C 273 -38.56 -5.41 -51.49
C ILE C 273 -39.64 -4.64 -52.26
N GLU C 274 -40.82 -4.50 -51.65
CA GLU C 274 -41.95 -3.91 -52.36
C GLU C 274 -41.75 -2.43 -52.64
N GLY C 275 -41.14 -1.71 -51.71
CA GLY C 275 -40.94 -0.29 -51.90
C GLY C 275 -39.71 0.07 -52.69
N ARG C 276 -38.99 -0.92 -53.19
CA ARG C 276 -37.70 -0.66 -53.82
C ARG C 276 -37.84 0.17 -55.08
N ASN C 277 -38.76 -0.22 -55.98
CA ASN C 277 -38.82 0.41 -57.29
C ASN C 277 -39.14 1.89 -57.19
N ALA C 278 -40.09 2.26 -56.33
CA ALA C 278 -40.47 3.66 -56.22
C ALA C 278 -39.33 4.52 -55.70
N ALA C 279 -38.48 3.97 -54.85
CA ALA C 279 -37.41 4.73 -54.24
C ALA C 279 -36.22 4.95 -55.17
N LEU C 280 -36.15 4.22 -56.27
CA LEU C 280 -34.99 4.28 -57.13
C LEU C 280 -34.89 5.63 -57.83
N ILE C 281 -33.66 6.14 -57.92
CA ILE C 281 -33.36 7.27 -58.81
C ILE C 281 -33.03 6.77 -60.21
N GLY C 282 -32.06 5.86 -60.31
CA GLY C 282 -31.80 5.21 -61.56
C GLY C 282 -32.85 4.13 -61.69
N ARG C 283 -33.88 4.41 -62.48
CA ARG C 283 -35.09 3.62 -62.42
C ARG C 283 -34.86 2.19 -62.89
N SER C 284 -35.54 1.27 -62.22
CA SER C 284 -35.70 -0.06 -62.75
C SER C 284 -36.63 -0.02 -63.95
N GLY C 285 -36.73 -1.13 -64.63
CA GLY C 285 -37.61 -1.21 -65.77
C GLY C 285 -37.19 -2.33 -66.68
N VAL C 286 -38.17 -3.05 -67.18
CA VAL C 286 -37.95 -4.06 -68.20
C VAL C 286 -38.49 -3.49 -69.49
N PHE C 287 -37.70 -3.56 -70.54
CA PHE C 287 -38.10 -3.10 -71.87
C PHE C 287 -38.15 -4.30 -72.78
N ALA C 288 -39.33 -4.82 -73.04
CA ALA C 288 -39.47 -6.05 -73.80
C ALA C 288 -40.55 -5.86 -74.86
N ASP C 289 -40.28 -6.36 -76.06
CA ASP C 289 -41.21 -6.25 -77.18
C ASP C 289 -41.62 -4.79 -77.40
N GLY C 290 -40.66 -3.88 -77.23
CA GLY C 290 -40.93 -2.48 -77.43
C GLY C 290 -41.81 -1.84 -76.39
N ARG C 291 -42.00 -2.48 -75.24
CA ARG C 291 -42.91 -2.00 -74.22
C ARG C 291 -42.22 -1.97 -72.86
N TYR C 292 -42.66 -1.05 -72.02
CA TYR C 292 -42.12 -0.89 -70.69
C TYR C 292 -42.93 -1.69 -69.67
N PHE C 293 -42.21 -2.36 -68.79
CA PHE C 293 -42.77 -3.14 -67.70
C PHE C 293 -42.05 -2.77 -66.41
N GLU C 294 -42.78 -2.84 -65.31
CA GLU C 294 -42.14 -2.67 -64.02
C GLU C 294 -41.31 -3.91 -63.69
N PHE C 295 -40.09 -3.69 -63.20
CA PHE C 295 -39.29 -4.81 -62.75
C PHE C 295 -39.91 -5.41 -61.50
N ASP C 296 -39.95 -6.74 -61.45
CA ASP C 296 -40.39 -7.47 -60.26
C ASP C 296 -39.47 -8.65 -60.08
N GLN C 297 -38.74 -8.68 -58.96
CA GLN C 297 -37.80 -9.74 -58.72
C GLN C 297 -38.46 -11.11 -58.70
N ALA C 298 -39.76 -11.16 -58.41
CA ALA C 298 -40.48 -12.43 -58.43
C ALA C 298 -40.47 -13.07 -59.81
N ASN C 299 -40.29 -12.28 -60.85
CA ASN C 299 -40.27 -12.79 -62.22
C ASN C 299 -38.93 -13.35 -62.64
N VAL C 300 -37.97 -13.31 -61.72
CA VAL C 300 -36.60 -13.74 -62.11
C VAL C 300 -36.43 -15.24 -61.88
N THR C 301 -36.09 -15.98 -62.92
CA THR C 301 -35.74 -17.38 -62.77
C THR C 301 -34.33 -17.57 -63.26
N GLU C 302 -33.70 -18.65 -62.81
CA GLU C 302 -32.42 -19.05 -63.35
C GLU C 302 -32.53 -20.47 -63.87
N ASP C 303 -32.18 -20.65 -65.13
CA ASP C 303 -32.21 -21.92 -65.82
C ASP C 303 -30.79 -22.46 -65.87
N VAL C 304 -30.63 -23.76 -65.61
CA VAL C 304 -29.31 -24.36 -65.69
C VAL C 304 -29.28 -25.47 -66.74
N THR C 305 -30.22 -25.44 -67.68
CA THR C 305 -30.30 -26.50 -68.68
C THR C 305 -29.00 -26.66 -69.44
N HIS C 306 -28.42 -25.54 -69.87
CA HIS C 306 -27.14 -25.56 -70.56
C HIS C 306 -26.00 -25.08 -69.68
N SER C 307 -26.24 -25.00 -68.38
CA SER C 307 -25.24 -24.59 -67.41
C SER C 307 -24.72 -25.81 -66.66
N PHE C 308 -23.50 -25.69 -66.16
CA PHE C 308 -22.87 -26.81 -65.47
C PHE C 308 -23.41 -26.94 -64.05
N TYR C 309 -24.73 -27.03 -63.92
CA TYR C 309 -25.35 -27.21 -62.62
C TYR C 309 -26.47 -28.22 -62.74
N GLU C 310 -26.70 -28.92 -61.64
CA GLU C 310 -27.85 -29.80 -61.56
C GLU C 310 -29.12 -28.98 -61.49
N GLY C 311 -30.17 -29.47 -62.12
CA GLY C 311 -31.44 -28.79 -62.08
C GLY C 311 -32.29 -29.15 -63.27
N ASN C 312 -33.60 -29.15 -63.10
CA ASN C 312 -34.52 -29.50 -64.17
C ASN C 312 -35.57 -28.45 -64.45
N ARG C 313 -35.65 -27.40 -63.64
CA ARG C 313 -36.62 -26.34 -63.87
C ARG C 313 -35.99 -25.01 -63.50
N PRO C 314 -36.40 -23.92 -64.14
CA PRO C 314 -35.94 -22.60 -63.72
C PRO C 314 -36.36 -22.34 -62.30
N LEU C 315 -35.45 -21.75 -61.52
CA LEU C 315 -35.68 -21.52 -60.11
C LEU C 315 -35.65 -20.03 -59.83
N HIS C 316 -36.66 -19.53 -59.14
CA HIS C 316 -36.52 -18.20 -58.57
C HIS C 316 -35.39 -18.24 -57.55
N PRO C 317 -34.54 -17.21 -57.51
CA PRO C 317 -33.32 -17.33 -56.70
C PRO C 317 -33.58 -17.50 -55.21
N PHE C 318 -34.76 -17.13 -54.71
CA PHE C 318 -35.06 -17.43 -53.31
C PHE C 318 -35.04 -18.93 -53.06
N GLU C 319 -35.42 -19.72 -54.07
CA GLU C 319 -35.26 -21.17 -54.04
C GLU C 319 -34.11 -21.64 -54.91
N GLY C 320 -33.18 -20.74 -55.23
CA GLY C 320 -32.09 -21.09 -56.11
C GLY C 320 -31.18 -22.13 -55.49
N GLU C 321 -30.48 -22.83 -56.37
CA GLU C 321 -29.53 -23.86 -55.99
C GLU C 321 -28.32 -23.74 -56.90
N THR C 322 -27.15 -24.00 -56.36
CA THR C 322 -25.92 -23.97 -57.14
C THR C 322 -25.23 -25.29 -56.87
N ILE C 323 -25.61 -26.30 -57.62
CA ILE C 323 -25.04 -27.64 -57.47
C ILE C 323 -24.27 -27.95 -58.74
N PRO C 324 -22.95 -27.77 -58.73
CA PRO C 324 -22.18 -27.95 -59.96
C PRO C 324 -22.24 -29.39 -60.43
N VAL C 325 -22.18 -29.54 -61.74
CA VAL C 325 -21.94 -30.84 -62.35
C VAL C 325 -20.59 -30.77 -63.03
N ASN C 326 -19.95 -31.92 -63.14
CA ASN C 326 -18.63 -31.97 -63.74
C ASN C 326 -18.74 -31.54 -65.21
N PRO C 327 -17.93 -30.59 -65.66
CA PRO C 327 -18.09 -30.08 -67.03
C PRO C 327 -18.00 -31.16 -68.09
N GLU C 328 -17.26 -32.25 -67.84
CA GLU C 328 -17.26 -33.36 -68.78
C GLU C 328 -18.65 -33.95 -68.92
N ASP C 329 -19.28 -34.29 -67.79
CA ASP C 329 -20.64 -34.82 -67.81
C ASP C 329 -21.61 -33.81 -68.39
N GLY C 330 -21.50 -32.55 -67.95
CA GLY C 330 -22.41 -31.53 -68.44
C GLY C 330 -22.32 -31.35 -69.94
N ARG C 331 -21.12 -31.36 -70.48
CA ARG C 331 -20.95 -31.27 -71.93
C ARG C 331 -21.54 -32.49 -72.62
N ARG C 332 -21.48 -33.65 -71.97
CA ARG C 332 -22.21 -34.79 -72.50
C ARG C 332 -23.71 -34.53 -72.50
N GLN C 333 -24.19 -33.68 -71.59
CA GLN C 333 -25.61 -33.33 -71.55
C GLN C 333 -25.94 -32.04 -72.31
N GLY C 334 -25.00 -31.52 -73.10
CA GLY C 334 -25.26 -30.30 -73.82
C GLY C 334 -25.04 -29.03 -73.03
N LYS C 335 -24.62 -29.13 -71.77
CA LYS C 335 -24.27 -27.96 -70.99
C LYS C 335 -22.90 -27.45 -71.42
N TYR C 336 -22.75 -26.13 -71.45
CA TYR C 336 -21.51 -25.58 -71.97
C TYR C 336 -21.00 -24.37 -71.22
N SER C 337 -21.62 -23.98 -70.11
CA SER C 337 -21.19 -22.76 -69.46
C SER C 337 -21.42 -22.87 -67.96
N TRP C 338 -20.50 -22.28 -67.20
CA TRP C 338 -20.72 -22.10 -65.78
C TRP C 338 -21.70 -20.99 -65.48
N ALA C 339 -22.09 -20.21 -66.48
CA ALA C 339 -23.12 -19.21 -66.30
C ALA C 339 -24.47 -19.89 -66.17
N LYS C 340 -25.24 -19.49 -65.16
CA LYS C 340 -26.65 -19.79 -65.20
C LYS C 340 -27.30 -18.93 -66.28
N SER C 341 -28.53 -19.29 -66.65
CA SER C 341 -29.30 -18.57 -67.65
C SER C 341 -30.43 -17.83 -66.95
N PRO C 342 -30.20 -16.60 -66.51
CA PRO C 342 -31.30 -15.85 -65.91
C PRO C 342 -32.30 -15.48 -66.98
N ARG C 343 -33.56 -15.70 -66.67
CA ARG C 343 -34.65 -15.34 -67.53
C ARG C 343 -35.66 -14.57 -66.70
N TYR C 344 -36.44 -13.73 -67.39
CA TYR C 344 -37.43 -12.89 -66.75
C TYR C 344 -38.78 -13.19 -67.35
N ALA C 345 -39.77 -13.42 -66.50
CA ALA C 345 -41.12 -13.69 -66.96
C ALA C 345 -41.76 -12.36 -67.37
N VAL C 346 -41.86 -12.14 -68.67
CA VAL C 346 -42.58 -10.99 -69.22
C VAL C 346 -43.94 -11.49 -69.71
N PRO C 347 -45.03 -10.89 -69.28
CA PRO C 347 -46.36 -11.35 -69.73
C PRO C 347 -46.47 -11.29 -71.23
N GLY C 348 -47.08 -12.31 -71.82
CA GLY C 348 -47.20 -12.42 -73.24
C GLY C 348 -45.93 -12.84 -73.95
N LEU C 349 -44.82 -12.98 -73.23
CA LEU C 349 -43.57 -13.41 -73.81
C LEU C 349 -42.94 -14.61 -73.12
N GLY C 350 -43.39 -14.98 -71.93
CA GLY C 350 -42.78 -16.08 -71.23
C GLY C 350 -41.50 -15.64 -70.54
N ASN C 351 -40.65 -16.63 -70.24
CA ASN C 351 -39.38 -16.39 -69.56
C ASN C 351 -38.34 -16.07 -70.61
N VAL C 352 -38.06 -14.79 -70.81
CA VAL C 352 -37.20 -14.35 -71.92
C VAL C 352 -35.84 -13.93 -71.39
N PRO C 353 -34.80 -13.98 -72.22
CA PRO C 353 -33.55 -13.32 -71.84
C PRO C 353 -33.70 -11.81 -71.97
N LEU C 354 -33.07 -11.12 -71.04
CA LEU C 354 -33.09 -9.67 -71.04
C LEU C 354 -31.65 -9.19 -71.00
N GLU C 355 -31.30 -8.26 -71.88
CA GLU C 355 -29.98 -7.66 -71.81
C GLU C 355 -29.93 -6.70 -70.64
N THR C 356 -28.88 -6.82 -69.84
CA THR C 356 -28.67 -5.89 -68.74
C THR C 356 -27.50 -4.98 -69.08
N GLY C 357 -27.45 -3.85 -68.41
CA GLY C 357 -26.34 -2.97 -68.59
C GLY C 357 -26.78 -1.54 -68.75
N PRO C 358 -25.82 -0.68 -69.06
CA PRO C 358 -26.17 0.73 -69.24
C PRO C 358 -27.26 0.94 -70.25
N LEU C 359 -27.25 0.21 -71.36
CA LEU C 359 -28.33 0.36 -72.34
C LEU C 359 -29.67 0.02 -71.73
N ALA C 360 -29.73 -1.06 -70.95
CA ALA C 360 -30.97 -1.40 -70.26
C ALA C 360 -31.39 -0.28 -69.33
N ARG C 361 -30.43 0.31 -68.62
CA ARG C 361 -30.74 1.41 -67.71
C ARG C 361 -31.27 2.62 -68.46
N ARG C 362 -30.65 2.96 -69.60
CA ARG C 362 -31.10 4.12 -70.37
C ARG C 362 -32.50 3.88 -70.92
N MET C 363 -32.77 2.67 -71.38
CA MET C 363 -34.12 2.35 -71.83
C MET C 363 -35.11 2.50 -70.68
N ALA C 364 -34.75 1.99 -69.50
CA ALA C 364 -35.61 2.13 -68.33
C ALA C 364 -35.81 3.59 -67.98
N ALA C 365 -34.76 4.40 -68.10
CA ALA C 365 -34.85 5.82 -67.84
C ALA C 365 -35.74 6.52 -68.86
N SER C 366 -35.97 5.89 -70.00
CA SER C 366 -36.89 6.45 -70.98
C SER C 366 -38.33 6.06 -70.73
N ALA C 367 -38.61 5.28 -69.68
CA ALA C 367 -39.98 4.89 -69.38
C ALA C 367 -40.80 6.11 -68.96
N PRO C 368 -42.10 6.10 -69.23
CA PRO C 368 -42.95 7.20 -68.79
C PRO C 368 -43.07 7.23 -67.28
N ASP C 369 -43.73 8.28 -66.78
CA ASP C 369 -44.15 8.36 -65.39
C ASP C 369 -42.97 8.29 -64.42
N ALA C 370 -41.88 8.98 -64.77
CA ALA C 370 -40.78 9.12 -63.85
C ALA C 370 -41.16 10.08 -62.72
N GLU C 371 -40.87 9.69 -61.48
CA GLU C 371 -41.04 10.63 -60.38
C GLU C 371 -39.90 11.66 -60.40
N THR C 372 -40.06 12.69 -59.57
CA THR C 372 -39.14 13.83 -59.63
C THR C 372 -37.71 13.40 -59.34
N HIS C 373 -37.52 12.48 -58.39
CA HIS C 373 -36.20 12.01 -58.03
C HIS C 373 -35.59 11.07 -59.05
N GLN C 374 -36.35 10.67 -60.07
CA GLN C 374 -35.97 9.55 -60.91
C GLN C 374 -35.37 10.02 -62.23
N ASP C 375 -34.44 9.21 -62.74
CA ASP C 375 -33.82 9.43 -64.04
C ASP C 375 -34.88 9.39 -65.13
N ASP C 376 -35.15 10.54 -65.75
CA ASP C 376 -36.07 10.64 -66.87
C ASP C 376 -35.27 11.12 -68.07
N ASP C 377 -34.93 10.21 -68.96
CA ASP C 377 -34.04 10.50 -70.07
C ASP C 377 -34.55 9.81 -71.32
N PRO C 378 -35.05 10.57 -72.31
CA PRO C 378 -35.57 9.95 -73.53
C PRO C 378 -34.50 9.64 -74.56
N LEU C 379 -33.24 9.91 -74.26
CA LEU C 379 -32.21 9.83 -75.29
C LEU C 379 -32.15 8.44 -75.90
N PHE C 380 -32.13 7.41 -75.07
CA PHE C 380 -31.92 6.09 -75.64
C PHE C 380 -33.18 5.40 -76.09
N ALA C 381 -34.36 5.86 -75.65
CA ALA C 381 -35.56 5.47 -76.38
C ALA C 381 -35.44 5.95 -77.82
N ASP C 382 -35.02 7.20 -78.01
CA ASP C 382 -34.88 7.74 -79.35
C ASP C 382 -33.80 7.01 -80.14
N ILE C 383 -32.66 6.74 -79.51
CA ILE C 383 -31.59 6.04 -80.21
C ILE C 383 -32.04 4.63 -80.59
N TYR C 384 -32.70 3.94 -79.66
CA TYR C 384 -33.21 2.61 -79.95
C TYR C 384 -34.18 2.62 -81.11
N ASN C 385 -35.06 3.63 -81.15
CA ASN C 385 -36.03 3.69 -82.25
C ASN C 385 -35.38 4.13 -83.55
N ALA C 386 -34.28 4.89 -83.47
CA ALA C 386 -33.69 5.46 -84.67
C ALA C 386 -32.72 4.48 -85.32
N ILE C 387 -31.77 3.96 -84.56
CA ILE C 387 -30.75 3.07 -85.09
C ILE C 387 -30.73 1.71 -84.40
N GLY C 388 -31.48 1.53 -83.33
CA GLY C 388 -31.55 0.26 -82.66
C GLY C 388 -30.28 -0.04 -81.89
N PRO C 389 -30.28 -1.14 -81.15
CA PRO C 389 -29.08 -1.52 -80.40
C PRO C 389 -27.96 -1.94 -81.33
N SER C 390 -26.75 -1.82 -80.83
CA SER C 390 -25.55 -2.24 -81.53
C SER C 390 -24.40 -2.12 -80.56
N VAL C 391 -23.22 -2.55 -81.00
CA VAL C 391 -22.02 -2.34 -80.19
C VAL C 391 -21.87 -0.87 -79.88
N MET C 392 -22.04 -0.03 -80.90
CA MET C 392 -21.88 1.41 -80.70
C MET C 392 -22.91 1.96 -79.73
N VAL C 393 -24.17 1.57 -79.89
CA VAL C 393 -25.23 2.11 -79.03
C VAL C 393 -25.08 1.61 -77.61
N ARG C 394 -24.73 0.34 -77.44
CA ARG C 394 -24.47 -0.18 -76.10
C ARG C 394 -23.34 0.59 -75.44
N GLN C 395 -22.25 0.80 -76.18
CA GLN C 395 -21.14 1.56 -75.62
C GLN C 395 -21.55 2.99 -75.30
N LEU C 396 -22.33 3.59 -76.18
CA LEU C 396 -22.75 4.97 -75.96
C LEU C 396 -23.62 5.08 -74.71
N ALA C 397 -24.45 4.07 -74.46
CA ALA C 397 -25.23 4.07 -73.23
C ALA C 397 -24.30 4.05 -72.02
N ARG C 398 -23.30 3.16 -72.06
CA ARG C 398 -22.34 3.11 -70.96
C ARG C 398 -21.69 4.46 -70.74
N MET C 399 -21.19 5.05 -71.81
CA MET C 399 -20.48 6.32 -71.72
C MET C 399 -21.41 7.47 -71.31
N HIS C 400 -22.66 7.41 -71.75
CA HIS C 400 -23.65 8.41 -71.40
C HIS C 400 -23.87 8.44 -69.90
N GLU C 401 -23.74 7.28 -69.24
CA GLU C 401 -23.90 7.27 -67.79
C GLU C 401 -22.83 8.07 -67.06
N GLY C 402 -21.67 8.28 -67.67
CA GLY C 402 -20.60 9.03 -67.06
C GLY C 402 -21.02 10.42 -66.61
N PRO C 403 -21.43 11.27 -67.55
CA PRO C 403 -21.91 12.61 -67.15
C PRO C 403 -23.09 12.56 -66.19
N LYS C 404 -24.02 11.65 -66.43
CA LYS C 404 -25.23 11.58 -65.61
C LYS C 404 -24.89 11.18 -64.19
N TYR C 405 -24.10 10.12 -64.04
CA TYR C 405 -23.73 9.66 -62.70
C TYR C 405 -22.81 10.66 -62.03
N TYR C 406 -21.93 11.32 -62.78
CA TYR C 406 -21.10 12.35 -62.16
C TYR C 406 -21.97 13.42 -61.54
N LYS C 407 -22.96 13.90 -62.27
CA LYS C 407 -23.84 14.93 -61.72
C LYS C 407 -24.58 14.42 -60.49
N TRP C 408 -25.06 13.18 -60.54
CA TRP C 408 -25.75 12.63 -59.39
C TRP C 408 -24.84 12.56 -58.17
N VAL C 409 -23.61 12.10 -58.38
CA VAL C 409 -22.66 11.96 -57.27
C VAL C 409 -22.34 13.32 -56.69
N ARG C 410 -22.10 14.30 -57.55
CA ARG C 410 -21.81 15.64 -57.08
C ARG C 410 -22.95 16.17 -56.22
N GLN C 411 -24.18 15.97 -56.69
CA GLN C 411 -25.32 16.42 -55.90
C GLN C 411 -25.43 15.64 -54.60
N TRP C 412 -25.20 14.33 -54.62
CA TRP C 412 -25.31 13.55 -53.39
C TRP C 412 -24.28 14.01 -52.37
N LEU C 413 -23.06 14.28 -52.83
CA LEU C 413 -22.04 14.82 -51.94
C LEU C 413 -22.50 16.12 -51.32
N ASP C 414 -23.15 16.96 -52.12
CA ASP C 414 -23.76 18.16 -51.55
C ASP C 414 -24.89 17.83 -50.57
N ASP C 415 -25.57 16.70 -50.80
CA ASP C 415 -26.73 16.35 -49.98
C ASP C 415 -26.33 15.81 -48.61
N LEU C 416 -25.09 15.38 -48.45
CA LEU C 416 -24.67 14.81 -47.19
C LEU C 416 -24.87 15.83 -46.08
N GLU C 417 -25.51 15.40 -45.01
CA GLU C 417 -25.72 16.23 -43.82
C GLU C 417 -24.80 15.65 -42.76
N LEU C 418 -23.61 16.23 -42.65
CA LEU C 418 -22.52 15.56 -41.96
C LEU C 418 -22.80 15.36 -40.48
N LYS C 419 -23.63 16.21 -39.89
CA LYS C 419 -23.98 16.05 -38.48
C LYS C 419 -24.96 14.91 -38.25
N GLU C 420 -25.56 14.37 -39.30
CA GLU C 420 -26.61 13.39 -39.15
C GLU C 420 -26.06 11.97 -39.20
N SER C 421 -26.93 11.03 -38.83
CA SER C 421 -26.53 9.65 -38.66
C SER C 421 -26.13 9.01 -39.98
N PHE C 422 -25.17 8.11 -39.90
CA PHE C 422 -24.78 7.28 -41.03
C PHE C 422 -25.12 5.82 -40.82
N TYR C 423 -25.72 5.50 -39.68
CA TYR C 423 -25.91 4.11 -39.31
C TYR C 423 -26.97 4.03 -38.24
N THR C 424 -27.95 3.18 -38.46
CA THR C 424 -28.92 2.82 -37.45
C THR C 424 -28.67 1.37 -37.13
N LYS C 425 -28.26 1.10 -35.89
CA LYS C 425 -27.95 -0.28 -35.52
C LYS C 425 -29.18 -1.14 -35.74
N PRO C 426 -29.11 -2.15 -36.59
CA PRO C 426 -30.27 -3.00 -36.86
C PRO C 426 -30.37 -4.11 -35.83
N VAL C 427 -31.55 -4.73 -35.81
CA VAL C 427 -31.72 -6.00 -35.11
C VAL C 427 -31.30 -7.10 -36.08
N GLU C 428 -30.31 -7.90 -35.68
CA GLU C 428 -29.83 -9.00 -36.50
C GLU C 428 -30.76 -10.18 -36.30
N TYR C 429 -31.87 -10.16 -37.03
CA TYR C 429 -32.89 -11.20 -36.88
C TYR C 429 -32.35 -12.56 -37.29
N ALA C 430 -32.76 -13.59 -36.55
CA ALA C 430 -32.35 -14.95 -36.85
C ALA C 430 -32.94 -15.45 -38.16
N GLU C 431 -34.05 -14.87 -38.59
CA GLU C 431 -34.74 -15.25 -39.81
C GLU C 431 -34.91 -14.02 -40.67
N GLY C 432 -35.01 -14.22 -41.98
CA GLY C 432 -35.28 -13.12 -42.85
C GLY C 432 -35.14 -13.49 -44.31
N LYS C 433 -35.87 -12.81 -45.18
CA LYS C 433 -35.69 -12.96 -46.61
C LYS C 433 -35.40 -11.59 -47.18
N GLY C 434 -34.25 -11.45 -47.82
CA GLY C 434 -33.79 -10.18 -48.29
C GLY C 434 -33.59 -10.22 -49.79
N PHE C 435 -33.92 -9.12 -50.44
CA PHE C 435 -33.61 -8.93 -51.84
C PHE C 435 -32.86 -7.62 -51.94
N GLY C 436 -31.63 -7.68 -52.40
CA GLY C 436 -30.87 -6.47 -52.61
C GLY C 436 -30.58 -6.39 -54.09
N SER C 437 -30.79 -5.24 -54.70
CA SER C 437 -30.42 -5.12 -56.09
C SER C 437 -29.80 -3.76 -56.34
N THR C 438 -28.97 -3.72 -57.35
CA THR C 438 -28.31 -2.50 -57.76
C THR C 438 -28.05 -2.59 -59.24
N GLU C 439 -27.58 -1.51 -59.77
CA GLU C 439 -27.12 -1.57 -61.17
C GLU C 439 -25.63 -1.41 -61.03
N ALA C 440 -24.97 -2.51 -61.14
CA ALA C 440 -23.52 -2.42 -61.19
C ALA C 440 -23.20 -1.79 -62.54
N ALA C 441 -21.95 -1.45 -62.76
CA ALA C 441 -21.59 -0.86 -64.06
C ALA C 441 -22.21 -1.66 -65.21
N ARG C 442 -22.20 -2.97 -65.11
CA ARG C 442 -22.62 -3.83 -66.25
C ARG C 442 -24.09 -4.16 -66.20
N GLY C 443 -24.77 -3.73 -65.15
CA GLY C 443 -26.22 -3.96 -65.17
C GLY C 443 -26.81 -4.50 -63.91
N ALA C 444 -28.00 -5.06 -64.04
CA ALA C 444 -28.76 -5.55 -62.88
C ALA C 444 -27.97 -6.57 -62.09
N LEU C 445 -27.67 -6.22 -60.86
CA LEU C 445 -26.97 -7.16 -59.99
C LEU C 445 -27.92 -7.39 -58.82
N SER C 446 -28.17 -8.64 -58.50
CA SER C 446 -29.20 -8.89 -57.48
C SER C 446 -28.79 -10.03 -56.54
N ASP C 447 -29.12 -9.87 -55.27
CA ASP C 447 -28.91 -10.88 -54.24
C ASP C 447 -30.28 -11.26 -53.71
N TRP C 448 -30.56 -12.54 -53.68
CA TRP C 448 -31.68 -13.09 -52.93
C TRP C 448 -31.08 -13.87 -51.77
N ILE C 449 -31.33 -13.44 -50.56
CA ILE C 449 -30.76 -14.07 -49.39
C ILE C 449 -31.89 -14.58 -48.51
N VAL C 450 -31.69 -15.76 -47.95
CA VAL C 450 -32.58 -16.34 -46.98
C VAL C 450 -31.72 -16.62 -45.76
N ILE C 451 -32.02 -15.91 -44.68
CA ILE C 451 -31.38 -16.10 -43.39
C ILE C 451 -32.31 -16.97 -42.55
N GLU C 452 -31.74 -18.03 -42.00
CA GLU C 452 -32.48 -18.92 -41.12
C GLU C 452 -31.56 -19.31 -39.98
N ASP C 453 -32.10 -19.31 -38.77
CA ASP C 453 -31.34 -19.74 -37.59
C ASP C 453 -30.04 -18.95 -37.49
N SER C 454 -30.13 -17.65 -37.76
CA SER C 454 -28.99 -16.73 -37.66
C SER C 454 -27.84 -17.17 -38.56
N LYS C 455 -28.17 -17.84 -39.66
CA LYS C 455 -27.18 -18.30 -40.62
C LYS C 455 -27.74 -18.04 -42.01
N ILE C 456 -26.85 -18.05 -43.00
CA ILE C 456 -27.28 -17.94 -44.38
C ILE C 456 -27.88 -19.29 -44.78
N LYS C 457 -29.19 -19.33 -44.99
CA LYS C 457 -29.82 -20.55 -45.47
C LYS C 457 -29.70 -20.66 -46.98
N ASN C 458 -29.95 -19.57 -47.69
CA ASN C 458 -29.70 -19.54 -49.12
C ASN C 458 -29.12 -18.19 -49.49
N TYR C 459 -28.31 -18.20 -50.54
CA TYR C 459 -27.70 -16.97 -51.02
C TYR C 459 -27.54 -17.15 -52.52
N GLN C 460 -28.33 -16.43 -53.28
CA GLN C 460 -28.30 -16.55 -54.74
C GLN C 460 -27.99 -15.18 -55.31
N VAL C 461 -26.90 -15.11 -56.07
CA VAL C 461 -26.49 -13.90 -56.74
C VAL C 461 -26.78 -14.07 -58.22
N VAL C 462 -27.43 -13.05 -58.75
CA VAL C 462 -27.64 -13.02 -60.22
C VAL C 462 -26.97 -11.74 -60.69
N THR C 463 -25.92 -11.92 -61.45
CA THR C 463 -25.11 -10.77 -61.89
C THR C 463 -25.56 -10.37 -63.29
N PRO C 464 -25.29 -9.11 -63.68
CA PRO C 464 -25.70 -8.61 -64.98
C PRO C 464 -25.08 -9.44 -66.09
N THR C 465 -23.81 -9.80 -65.96
CA THR C 465 -23.23 -10.57 -67.08
C THR C 465 -23.86 -11.95 -67.10
N ALA C 466 -24.31 -12.44 -65.97
CA ALA C 466 -25.04 -13.73 -66.03
C ALA C 466 -26.28 -13.50 -66.90
N TRP C 467 -26.98 -12.39 -66.70
CA TRP C 467 -28.11 -12.11 -67.58
C TRP C 467 -27.68 -12.08 -69.03
N ASN C 468 -26.60 -11.36 -69.32
CA ASN C 468 -26.18 -11.12 -70.70
C ASN C 468 -25.55 -12.34 -71.34
N ILE C 469 -24.65 -13.01 -70.63
CA ILE C 469 -23.79 -14.04 -71.19
C ILE C 469 -24.26 -15.43 -70.85
N GLY C 470 -25.26 -15.57 -69.98
CA GLY C 470 -25.80 -16.85 -69.64
C GLY C 470 -26.23 -17.61 -70.87
N PRO C 471 -26.11 -18.92 -70.82
CA PRO C 471 -26.32 -19.73 -72.03
C PRO C 471 -27.78 -19.88 -72.40
N ARG C 472 -28.05 -20.70 -73.42
CA ARG C 472 -29.42 -20.98 -73.81
C ARG C 472 -30.19 -21.56 -72.64
N ASP C 473 -31.45 -21.19 -72.55
CA ASP C 473 -32.33 -21.70 -71.51
C ASP C 473 -32.90 -23.04 -71.97
N ALA C 474 -33.90 -23.54 -71.24
CA ALA C 474 -34.54 -24.80 -71.61
C ALA C 474 -35.21 -24.73 -72.98
N SER C 475 -35.66 -23.54 -73.38
CA SER C 475 -36.26 -23.34 -74.68
C SER C 475 -35.23 -23.09 -75.77
N GLU C 476 -33.95 -23.29 -75.48
CA GLU C 476 -32.86 -23.07 -76.42
C GLU C 476 -32.78 -21.62 -76.88
N VAL C 477 -33.39 -20.70 -76.13
CA VAL C 477 -33.34 -19.29 -76.49
C VAL C 477 -31.98 -18.75 -76.07
N LEU C 478 -31.25 -18.19 -77.03
CA LEU C 478 -29.90 -17.71 -76.78
C LEU C 478 -29.93 -16.56 -75.78
N GLY C 479 -28.87 -16.48 -74.98
CA GLY C 479 -28.72 -15.38 -74.06
C GLY C 479 -28.43 -14.10 -74.83
N PRO C 480 -28.59 -12.95 -74.17
CA PRO C 480 -28.42 -11.67 -74.89
C PRO C 480 -27.10 -11.55 -75.62
N ILE C 481 -25.99 -11.95 -74.99
CA ILE C 481 -24.71 -11.83 -75.68
C ILE C 481 -24.63 -12.84 -76.81
N GLU C 482 -25.19 -14.04 -76.61
CA GLU C 482 -25.19 -15.02 -77.68
C GLU C 482 -25.95 -14.51 -78.89
N GLN C 483 -27.12 -13.90 -78.67
CA GLN C 483 -27.84 -13.36 -79.83
C GLN C 483 -27.15 -12.15 -80.42
N ALA C 484 -26.48 -11.35 -79.58
CA ALA C 484 -25.74 -10.20 -80.10
C ALA C 484 -24.58 -10.67 -80.98
N LEU C 485 -23.95 -11.78 -80.61
CA LEU C 485 -22.88 -12.34 -81.43
C LEU C 485 -23.42 -12.81 -82.77
N VAL C 486 -24.63 -13.36 -82.76
CA VAL C 486 -25.24 -13.81 -84.00
C VAL C 486 -25.51 -12.62 -84.89
N GLY C 487 -25.09 -12.72 -86.15
CA GLY C 487 -25.12 -11.60 -87.07
C GLY C 487 -23.84 -10.80 -87.14
N SER C 488 -22.90 -11.06 -86.26
CA SER C 488 -21.65 -10.32 -86.27
C SER C 488 -20.80 -10.74 -87.47
N PRO C 489 -20.25 -9.80 -88.22
CA PRO C 489 -19.33 -10.18 -89.30
C PRO C 489 -18.05 -10.72 -88.71
N ILE C 490 -17.40 -11.60 -89.46
CA ILE C 490 -16.10 -12.15 -89.08
C ILE C 490 -15.17 -11.95 -90.27
N VAL C 491 -14.41 -10.86 -90.26
CA VAL C 491 -13.46 -10.60 -91.33
C VAL C 491 -12.30 -11.58 -91.25
N ASP C 492 -11.82 -11.86 -90.05
CA ASP C 492 -10.65 -12.69 -89.84
C ASP C 492 -10.94 -13.68 -88.72
N ALA C 493 -11.11 -14.96 -89.09
CA ALA C 493 -11.33 -15.99 -88.07
C ALA C 493 -10.11 -16.18 -87.19
N GLU C 494 -8.91 -15.84 -87.68
CA GLU C 494 -7.72 -15.94 -86.84
C GLU C 494 -7.71 -14.90 -85.74
N ASP C 495 -8.26 -13.71 -85.99
CA ASP C 495 -8.44 -12.68 -84.97
C ASP C 495 -9.88 -12.18 -85.07
N PRO C 496 -10.83 -12.99 -84.57
CA PRO C 496 -12.25 -12.61 -84.69
C PRO C 496 -12.60 -11.48 -83.75
N VAL C 497 -12.06 -10.29 -84.03
CA VAL C 497 -12.19 -9.17 -83.12
C VAL C 497 -13.63 -8.76 -82.93
N GLU C 498 -14.51 -9.04 -83.90
CA GLU C 498 -15.91 -8.65 -83.75
C GLU C 498 -16.60 -9.38 -82.63
N LEU C 499 -16.23 -10.65 -82.40
CA LEU C 499 -16.71 -11.35 -81.22
C LEU C 499 -16.31 -10.62 -79.95
N GLY C 500 -15.05 -10.17 -79.90
CA GLY C 500 -14.62 -9.36 -78.77
C GLY C 500 -15.38 -8.07 -78.66
N HIS C 501 -15.65 -7.41 -79.79
CA HIS C 501 -16.41 -6.17 -79.77
C HIS C 501 -17.78 -6.39 -79.16
N VAL C 502 -18.46 -7.46 -79.57
CA VAL C 502 -19.80 -7.71 -79.08
C VAL C 502 -19.78 -8.10 -77.61
N ALA C 503 -18.93 -9.05 -77.24
CA ALA C 503 -18.89 -9.49 -75.85
C ALA C 503 -18.46 -8.35 -74.93
N ARG C 504 -17.46 -7.58 -75.33
CA ARG C 504 -16.97 -6.50 -74.51
C ARG C 504 -17.87 -5.27 -74.55
N SER C 505 -18.71 -5.13 -75.58
CA SER C 505 -19.66 -4.03 -75.58
C SER C 505 -20.66 -4.17 -74.44
N PHE C 506 -20.90 -5.39 -74.00
CA PHE C 506 -21.64 -5.65 -72.79
C PHE C 506 -20.81 -5.42 -71.55
N ASP C 507 -19.52 -5.09 -71.70
CA ASP C 507 -18.63 -4.94 -70.57
C ASP C 507 -18.61 -6.24 -69.76
N SER C 508 -18.68 -7.36 -70.48
CA SER C 508 -18.83 -8.68 -69.81
C SER C 508 -17.88 -8.87 -68.64
N CYS C 509 -18.42 -9.36 -67.56
CA CYS C 509 -17.54 -9.68 -66.43
C CYS C 509 -17.78 -11.14 -66.09
N LEU C 510 -16.83 -11.97 -66.44
CA LEU C 510 -17.07 -13.42 -66.27
C LEU C 510 -16.90 -13.86 -64.82
N VAL C 511 -16.09 -13.16 -64.06
CA VAL C 511 -16.02 -13.56 -62.63
C VAL C 511 -17.38 -13.30 -61.99
N CYS C 512 -18.02 -12.23 -62.41
CA CYS C 512 -19.37 -11.99 -61.89
C CYS C 512 -20.32 -13.01 -62.47
N THR C 513 -20.14 -13.31 -63.73
CA THR C 513 -21.13 -14.20 -64.37
C THR C 513 -21.30 -15.48 -63.55
N VAL C 514 -20.19 -16.07 -63.13
CA VAL C 514 -20.25 -17.37 -62.48
C VAL C 514 -20.31 -17.26 -60.97
N HIS C 515 -19.53 -16.35 -60.39
CA HIS C 515 -19.30 -16.30 -58.95
C HIS C 515 -19.15 -17.70 -58.39
N ALA D 48 11.92 -7.03 -68.70
CA ALA D 48 11.41 -8.10 -67.86
C ALA D 48 9.98 -8.47 -68.26
N SER D 49 9.85 -9.61 -68.92
CA SER D 49 8.54 -10.07 -69.37
C SER D 49 7.68 -10.47 -68.19
N VAL D 50 6.39 -10.09 -68.24
CA VAL D 50 5.45 -10.42 -67.19
C VAL D 50 4.25 -11.09 -67.83
N LEU D 51 3.88 -12.25 -67.34
CA LEU D 51 2.66 -12.92 -67.73
C LEU D 51 1.77 -12.99 -66.50
N TRP D 52 0.62 -12.36 -66.58
CA TRP D 52 -0.32 -12.28 -65.48
C TRP D 52 -1.52 -13.14 -65.83
N PHE D 53 -1.70 -14.22 -65.08
CA PHE D 53 -2.81 -15.13 -65.28
C PHE D 53 -3.76 -15.03 -64.11
N GLN D 54 -5.02 -15.36 -64.36
CA GLN D 54 -6.05 -15.35 -63.33
C GLN D 54 -6.67 -16.73 -63.26
N GLY D 55 -6.64 -17.33 -62.07
CA GLY D 55 -7.33 -18.57 -61.84
C GLY D 55 -8.68 -18.33 -61.22
N GLY D 56 -8.88 -18.80 -60.00
CA GLY D 56 -10.13 -18.54 -59.28
C GLY D 56 -10.06 -17.15 -58.71
N ALA D 57 -10.07 -16.18 -59.60
CA ALA D 57 -9.88 -14.79 -59.20
C ALA D 57 -11.14 -13.99 -59.36
N CYS D 58 -11.20 -12.88 -58.66
CA CYS D 58 -12.31 -11.96 -58.93
C CYS D 58 -11.76 -10.75 -59.68
N SER D 59 -10.46 -10.77 -59.94
CA SER D 59 -9.78 -9.66 -60.66
C SER D 59 -9.61 -8.44 -59.74
N GLY D 60 -9.96 -8.56 -58.47
CA GLY D 60 -9.75 -7.45 -57.54
C GLY D 60 -8.29 -7.08 -57.44
N ASN D 61 -7.40 -8.06 -57.56
CA ASN D 61 -5.98 -7.68 -57.42
C ASN D 61 -5.58 -6.89 -58.66
N THR D 62 -6.08 -7.34 -59.80
CA THR D 62 -5.83 -6.54 -61.03
C THR D 62 -6.42 -5.14 -60.86
N MET D 63 -7.67 -5.03 -60.42
CA MET D 63 -8.27 -3.71 -60.31
C MET D 63 -7.51 -2.83 -59.31
N SER D 64 -7.14 -3.41 -58.17
CA SER D 64 -6.33 -2.69 -57.21
C SER D 64 -5.02 -2.26 -57.86
N PHE D 65 -4.38 -3.19 -58.57
CA PHE D 65 -3.15 -2.92 -59.29
C PHE D 65 -3.33 -1.76 -60.26
N LEU D 66 -4.47 -1.74 -60.97
CA LEU D 66 -4.76 -0.64 -61.88
C LEU D 66 -4.92 0.68 -61.15
N ASN D 67 -5.24 0.64 -59.86
CA ASN D 67 -5.24 1.87 -59.07
C ASN D 67 -3.85 2.36 -58.72
N ALA D 68 -2.81 1.70 -59.21
CA ALA D 68 -1.45 2.03 -58.79
C ALA D 68 -1.17 3.50 -59.07
N ASP D 69 -0.46 4.11 -58.14
CA ASP D 69 0.09 5.43 -58.32
C ASP D 69 1.54 5.40 -57.84
N GLU D 70 2.40 6.10 -58.57
CA GLU D 70 3.81 6.17 -58.22
C GLU D 70 4.41 4.78 -58.02
N PRO D 71 4.56 3.97 -59.07
CA PRO D 71 4.16 4.31 -60.44
C PRO D 71 2.70 4.00 -60.70
N ASN D 72 2.07 4.70 -61.64
CA ASN D 72 0.78 4.20 -62.06
C ASN D 72 0.99 3.01 -63.00
N VAL D 73 -0.09 2.31 -63.30
CA VAL D 73 0.03 1.03 -63.98
C VAL D 73 0.61 1.22 -65.37
N VAL D 74 0.21 2.27 -66.07
CA VAL D 74 0.70 2.49 -67.42
C VAL D 74 2.19 2.76 -67.40
N ASP D 75 2.64 3.62 -66.49
CA ASP D 75 4.07 3.89 -66.38
C ASP D 75 4.84 2.66 -65.94
N LEU D 76 4.25 1.83 -65.09
CA LEU D 76 4.90 0.59 -64.72
C LEU D 76 5.06 -0.33 -65.92
N ILE D 77 4.01 -0.45 -66.73
CA ILE D 77 4.04 -1.38 -67.85
C ILE D 77 4.96 -0.87 -68.94
N VAL D 78 5.02 0.44 -69.15
CA VAL D 78 5.77 1.00 -70.27
C VAL D 78 7.17 1.43 -69.82
N ASP D 79 7.23 2.34 -68.86
CA ASP D 79 8.45 3.08 -68.55
C ASP D 79 9.42 2.37 -67.59
N PHE D 80 9.04 1.23 -67.03
CA PHE D 80 9.93 0.51 -66.13
C PHE D 80 10.49 -0.76 -66.74
N GLY D 81 10.36 -0.91 -68.06
CA GLY D 81 10.96 -2.06 -68.71
C GLY D 81 10.30 -3.37 -68.37
N LEU D 82 9.05 -3.35 -67.94
CA LEU D 82 8.29 -4.56 -67.62
C LEU D 82 7.35 -4.85 -68.78
N ASP D 83 7.71 -5.83 -69.59
CA ASP D 83 6.95 -6.15 -70.80
C ASP D 83 5.79 -7.07 -70.39
N LEU D 84 4.60 -6.50 -70.23
CA LEU D 84 3.42 -7.28 -69.87
C LEU D 84 3.00 -8.09 -71.08
N LEU D 85 3.41 -9.35 -71.11
CA LEU D 85 3.13 -10.20 -72.27
C LEU D 85 1.63 -10.34 -72.48
N TRP D 86 0.92 -10.59 -71.40
CA TRP D 86 -0.52 -10.75 -71.49
C TRP D 86 -1.09 -10.67 -70.08
N HIS D 87 -2.33 -10.28 -70.03
CA HIS D 87 -3.12 -10.19 -68.82
C HIS D 87 -4.57 -10.34 -69.25
N PRO D 88 -5.34 -11.23 -68.62
CA PRO D 88 -6.70 -11.47 -69.12
C PRO D 88 -7.56 -10.23 -69.14
N SER D 89 -7.29 -9.27 -68.26
CA SER D 89 -8.05 -8.03 -68.22
C SER D 89 -7.48 -6.95 -69.12
N LEU D 90 -6.25 -7.11 -69.59
CA LEU D 90 -5.58 -6.04 -70.32
C LEU D 90 -4.92 -6.49 -71.61
N GLY D 91 -4.66 -7.78 -71.78
CA GLY D 91 -3.97 -8.23 -72.98
C GLY D 91 -4.81 -8.02 -74.21
N LEU D 92 -4.14 -7.62 -75.29
CA LEU D 92 -4.84 -7.40 -76.54
C LEU D 92 -5.19 -8.72 -77.21
N GLU D 93 -4.29 -9.70 -77.14
CA GLU D 93 -4.47 -10.96 -77.85
C GLU D 93 -5.64 -11.75 -77.28
N LEU D 94 -6.38 -12.39 -78.18
CA LEU D 94 -7.40 -13.34 -77.79
C LEU D 94 -7.15 -14.66 -78.50
N GLY D 95 -7.85 -15.69 -78.05
CA GLY D 95 -7.88 -16.94 -78.79
C GLY D 95 -6.49 -17.47 -79.04
N ASN D 96 -6.25 -17.85 -80.30
CA ASN D 96 -5.02 -18.58 -80.62
C ASN D 96 -3.79 -17.69 -80.50
N ASN D 97 -3.89 -16.40 -80.76
CA ASN D 97 -2.73 -15.52 -80.57
C ASN D 97 -2.33 -15.46 -79.10
N ALA D 98 -3.32 -15.32 -78.22
CA ALA D 98 -3.03 -15.35 -76.79
C ALA D 98 -2.43 -16.69 -76.39
N GLN D 99 -3.01 -17.79 -76.89
CA GLN D 99 -2.50 -19.12 -76.56
C GLN D 99 -1.08 -19.29 -77.07
N LYS D 100 -0.77 -18.68 -78.22
CA LYS D 100 0.60 -18.72 -78.72
C LYS D 100 1.54 -18.06 -77.72
N VAL D 101 1.14 -16.90 -77.19
CA VAL D 101 1.95 -16.25 -76.17
C VAL D 101 2.13 -17.20 -74.97
N PHE D 102 1.03 -17.79 -74.51
CA PHE D 102 1.10 -18.63 -73.31
C PHE D 102 2.00 -19.83 -73.54
N TRP D 103 1.84 -20.50 -74.68
CA TRP D 103 2.61 -21.69 -74.98
C TRP D 103 4.08 -21.36 -75.16
N ASP D 104 4.39 -20.23 -75.77
CA ASP D 104 5.77 -19.82 -75.89
C ASP D 104 6.39 -19.60 -74.52
N CYS D 105 5.65 -18.99 -73.60
CA CYS D 105 6.14 -18.85 -72.24
C CYS D 105 6.31 -20.21 -71.55
N ALA D 106 5.33 -21.10 -71.73
CA ALA D 106 5.34 -22.37 -70.99
C ALA D 106 6.46 -23.28 -71.47
N LYS D 107 6.70 -23.32 -72.78
CA LYS D 107 7.70 -24.22 -73.36
C LYS D 107 9.09 -23.60 -73.40
N GLY D 108 9.26 -22.36 -72.95
CA GLY D 108 10.56 -21.74 -72.98
C GLY D 108 10.96 -21.12 -74.30
N GLU D 109 10.03 -21.03 -75.25
CA GLU D 109 10.35 -20.42 -76.54
C GLU D 109 10.69 -18.96 -76.38
N ARG D 110 10.03 -18.28 -75.46
CA ARG D 110 10.34 -16.91 -75.08
C ARG D 110 10.52 -16.84 -73.57
N PRO D 111 11.39 -15.97 -73.09
CA PRO D 111 11.64 -15.88 -71.65
C PRO D 111 10.42 -15.40 -70.89
N LEU D 112 10.26 -15.92 -69.68
CA LEU D 112 9.20 -15.50 -68.77
C LEU D 112 9.89 -15.08 -67.48
N ASP D 113 9.99 -13.77 -67.25
CA ASP D 113 10.71 -13.30 -66.08
C ASP D 113 9.82 -13.31 -64.84
N ILE D 114 8.60 -12.82 -64.96
CA ILE D 114 7.68 -12.77 -63.83
C ILE D 114 6.37 -13.37 -64.27
N PHE D 115 5.95 -14.43 -63.59
CA PHE D 115 4.64 -15.00 -63.74
C PHE D 115 3.83 -14.52 -62.54
N VAL D 116 2.90 -13.64 -62.78
CA VAL D 116 1.97 -13.21 -61.75
C VAL D 116 0.74 -14.09 -61.86
N PHE D 117 0.33 -14.60 -60.72
CA PHE D 117 -0.89 -15.43 -60.71
C PHE D 117 -1.84 -14.81 -59.72
N GLU D 118 -3.05 -14.63 -60.17
CA GLU D 118 -4.08 -14.04 -59.32
C GLU D 118 -5.21 -15.05 -59.24
N GLY D 119 -5.91 -15.11 -58.12
CA GLY D 119 -6.94 -16.13 -58.05
C GLY D 119 -6.39 -17.45 -57.60
N THR D 120 -7.30 -18.33 -57.28
CA THR D 120 -6.84 -19.60 -56.75
C THR D 120 -6.47 -20.56 -57.85
N VAL D 121 -5.64 -21.52 -57.49
CA VAL D 121 -5.44 -22.67 -58.36
C VAL D 121 -6.62 -23.59 -58.14
N ILE D 122 -7.50 -23.67 -59.13
CA ILE D 122 -8.70 -24.47 -59.00
C ILE D 122 -8.38 -25.90 -59.43
N GLU D 123 -8.61 -26.86 -58.53
CA GLU D 123 -8.32 -28.24 -58.83
C GLU D 123 -9.56 -29.09 -59.04
N ALA D 124 -10.71 -28.65 -58.57
CA ALA D 124 -11.93 -29.39 -58.78
C ALA D 124 -12.35 -29.31 -60.25
N PRO D 125 -13.11 -30.30 -60.73
CA PRO D 125 -13.56 -31.49 -60.00
C PRO D 125 -12.51 -32.60 -59.96
N ASN D 126 -12.41 -33.30 -58.83
CA ASN D 126 -11.61 -34.51 -58.72
C ASN D 126 -10.16 -34.28 -59.16
N GLY D 127 -9.62 -33.12 -58.81
CA GLY D 127 -8.25 -32.82 -59.15
C GLY D 127 -8.01 -32.56 -60.63
N THR D 128 -9.05 -32.51 -61.44
CA THR D 128 -8.88 -32.22 -62.87
C THR D 128 -8.71 -30.74 -63.16
N GLY D 129 -9.18 -29.87 -62.27
CA GLY D 129 -9.08 -28.45 -62.51
C GLY D 129 -10.01 -27.91 -63.56
N GLN D 130 -11.01 -28.68 -63.97
CA GLN D 130 -11.87 -28.27 -65.06
C GLN D 130 -12.92 -27.25 -64.64
N MET D 131 -13.02 -26.95 -63.35
CA MET D 131 -13.78 -25.78 -62.94
C MET D 131 -13.07 -24.48 -63.25
N ASP D 132 -11.85 -24.56 -63.79
CA ASP D 132 -11.12 -23.40 -64.28
C ASP D 132 -10.41 -23.83 -65.56
N MET D 133 -11.12 -23.74 -66.67
CA MET D 133 -10.56 -24.06 -67.98
C MET D 133 -10.12 -22.74 -68.61
N PHE D 134 -8.85 -22.67 -68.98
CA PHE D 134 -8.30 -21.46 -69.56
C PHE D 134 -7.47 -21.81 -70.77
N ALA D 135 -7.81 -21.21 -71.91
CA ALA D 135 -7.03 -21.34 -73.13
C ALA D 135 -6.78 -22.81 -73.48
N GLY D 136 -7.80 -23.63 -73.32
CA GLY D 136 -7.76 -25.02 -73.72
C GLY D 136 -7.17 -25.99 -72.72
N ARG D 137 -6.82 -25.53 -71.52
CA ARG D 137 -6.28 -26.40 -70.49
C ARG D 137 -6.92 -26.03 -69.16
N PRO D 138 -6.93 -26.96 -68.20
CA PRO D 138 -7.19 -26.55 -66.82
C PRO D 138 -6.16 -25.51 -66.43
N MET D 139 -6.61 -24.47 -65.74
CA MET D 139 -5.71 -23.40 -65.38
C MET D 139 -4.54 -23.92 -64.56
N LYS D 140 -4.78 -24.95 -63.74
CA LYS D 140 -3.71 -25.49 -62.91
C LYS D 140 -2.56 -26.03 -63.76
N ASP D 141 -2.86 -26.57 -64.94
CA ASP D 141 -1.80 -27.02 -65.83
C ASP D 141 -0.99 -25.84 -66.35
N TRP D 142 -1.65 -24.75 -66.73
CA TRP D 142 -0.94 -23.53 -67.08
C TRP D 142 -0.06 -23.10 -65.92
N VAL D 143 -0.59 -23.16 -64.70
CA VAL D 143 0.16 -22.74 -63.54
C VAL D 143 1.42 -23.58 -63.41
N THR D 144 1.27 -24.89 -63.52
CA THR D 144 2.42 -25.78 -63.44
C THR D 144 3.49 -25.36 -64.46
N ASP D 145 3.09 -25.23 -65.72
CA ASP D 145 4.06 -24.93 -66.77
C ASP D 145 4.70 -23.57 -66.56
N LEU D 146 3.89 -22.55 -66.30
CA LEU D 146 4.41 -21.19 -66.26
C LEU D 146 5.21 -20.93 -65.00
N ALA D 147 4.76 -21.46 -63.86
CA ALA D 147 5.54 -21.36 -62.65
C ALA D 147 6.87 -22.08 -62.81
N GLY D 148 6.87 -23.21 -63.53
CA GLY D 148 8.13 -23.86 -63.83
C GLY D 148 9.00 -23.09 -64.82
N ALA D 149 8.39 -22.21 -65.62
CA ALA D 149 9.14 -21.46 -66.61
C ALA D 149 9.63 -20.11 -66.10
N ALA D 150 8.92 -19.51 -65.14
CA ALA D 150 9.19 -18.13 -64.76
C ALA D 150 10.47 -18.01 -63.96
N GLN D 151 11.14 -16.86 -64.11
CA GLN D 151 12.25 -16.53 -63.23
C GLN D 151 11.75 -16.24 -61.83
N ILE D 152 10.64 -15.54 -61.73
CA ILE D 152 10.00 -15.20 -60.47
C ILE D 152 8.52 -15.51 -60.61
N VAL D 153 7.94 -16.11 -59.59
CA VAL D 153 6.51 -16.34 -59.53
C VAL D 153 5.96 -15.49 -58.41
N VAL D 154 4.97 -14.67 -58.71
CA VAL D 154 4.33 -13.81 -57.74
C VAL D 154 2.86 -14.22 -57.65
N ALA D 155 2.43 -14.65 -56.49
CA ALA D 155 1.02 -14.85 -56.22
C ALA D 155 0.48 -13.54 -55.66
N ILE D 156 -0.47 -12.97 -56.38
CA ILE D 156 -1.03 -11.68 -55.92
C ILE D 156 -2.43 -11.95 -55.37
N GLY D 157 -2.65 -11.55 -54.14
CA GLY D 157 -3.96 -11.75 -53.52
C GLY D 157 -4.03 -13.08 -52.80
N ASP D 158 -4.85 -13.11 -51.74
CA ASP D 158 -4.93 -14.31 -50.91
C ASP D 158 -5.31 -15.54 -51.73
N CYS D 159 -6.18 -15.35 -52.69
CA CYS D 159 -6.62 -16.53 -53.47
C CYS D 159 -5.36 -17.22 -53.97
N ALA D 160 -4.50 -16.45 -54.61
CA ALA D 160 -3.31 -17.08 -55.22
C ALA D 160 -2.30 -17.47 -54.13
N CYS D 161 -2.16 -16.63 -53.12
CA CYS D 161 -1.17 -16.89 -52.08
C CYS D 161 -1.54 -18.11 -51.24
N PHE D 162 -2.78 -18.15 -50.77
CA PHE D 162 -3.21 -19.07 -49.74
C PHE D 162 -4.52 -19.77 -50.02
N GLY D 163 -5.23 -19.41 -51.08
CA GLY D 163 -6.51 -20.04 -51.32
C GLY D 163 -7.66 -19.10 -51.09
N GLY D 164 -7.54 -18.25 -50.08
CA GLY D 164 -8.44 -17.15 -49.85
C GLY D 164 -9.89 -17.56 -49.75
N ILE D 165 -10.76 -16.66 -50.20
CA ILE D 165 -12.19 -16.87 -50.08
C ILE D 165 -12.66 -18.12 -50.81
N PRO D 166 -12.24 -18.40 -52.05
CA PRO D 166 -12.73 -19.63 -52.70
C PRO D 166 -12.36 -20.90 -51.95
N ALA D 167 -11.26 -20.87 -51.19
CA ALA D 167 -10.86 -22.02 -50.39
C ALA D 167 -11.64 -22.16 -49.10
N MET D 168 -12.50 -21.20 -48.78
CA MET D 168 -13.44 -21.36 -47.67
C MET D 168 -14.23 -22.66 -47.84
N GLU D 169 -14.44 -23.34 -46.72
CA GLU D 169 -15.26 -24.55 -46.79
C GLU D 169 -16.65 -24.19 -47.32
N PRO D 170 -17.25 -25.04 -48.15
CA PRO D 170 -16.76 -26.36 -48.52
C PRO D 170 -15.77 -26.41 -49.69
N ASN D 171 -15.26 -25.26 -50.12
CA ASN D 171 -14.27 -25.18 -51.20
C ASN D 171 -14.74 -25.95 -52.44
N PRO D 172 -15.86 -25.54 -53.04
CA PRO D 172 -16.40 -26.29 -54.18
C PRO D 172 -15.43 -26.39 -55.34
N SER D 173 -14.60 -25.37 -55.55
CA SER D 173 -13.68 -25.34 -56.68
C SER D 173 -12.38 -26.07 -56.38
N GLY D 174 -12.23 -26.67 -55.20
CA GLY D 174 -10.96 -27.28 -54.88
C GLY D 174 -9.84 -26.28 -54.96
N SER D 175 -10.11 -25.06 -54.51
CA SER D 175 -9.16 -23.97 -54.64
C SER D 175 -8.02 -24.14 -53.66
N THR D 176 -6.84 -23.72 -54.09
CA THR D 176 -5.69 -23.65 -53.21
C THR D 176 -4.79 -22.54 -53.70
N GLY D 177 -3.86 -22.14 -52.85
CA GLY D 177 -2.87 -21.16 -53.26
C GLY D 177 -1.73 -21.81 -54.02
N LEU D 178 -0.86 -20.96 -54.55
CA LEU D 178 0.27 -21.45 -55.31
C LEU D 178 1.20 -22.30 -54.44
N GLN D 179 1.62 -21.75 -53.32
CA GLN D 179 2.54 -22.44 -52.43
C GLN D 179 2.00 -22.57 -51.02
N PHE D 180 0.77 -22.16 -50.78
CA PHE D 180 0.14 -22.33 -49.48
C PHE D 180 -1.30 -22.75 -49.69
N HIS D 181 -1.81 -23.53 -48.74
CA HIS D 181 -3.24 -23.64 -48.54
C HIS D 181 -3.51 -23.09 -47.16
N LYS D 182 -4.10 -21.90 -47.11
CA LYS D 182 -4.18 -21.15 -45.87
C LYS D 182 -2.77 -21.07 -45.28
N ARG D 183 -2.63 -21.29 -43.97
CA ARG D 183 -1.30 -21.15 -43.38
C ARG D 183 -0.37 -22.29 -43.78
N GLU D 184 -0.92 -23.42 -44.19
CA GLU D 184 -0.10 -24.60 -44.44
C GLU D 184 0.70 -24.42 -45.72
N LYS D 185 2.02 -24.45 -45.59
CA LYS D 185 2.88 -24.27 -46.76
C LYS D 185 2.76 -25.47 -47.68
N GLY D 186 2.82 -25.20 -48.98
CA GLY D 186 2.85 -26.21 -50.02
C GLY D 186 1.88 -25.90 -51.14
N GLY D 187 0.65 -25.55 -50.80
CA GLY D 187 -0.36 -25.20 -51.79
C GLY D 187 -0.34 -26.08 -53.03
N PHE D 188 -0.45 -25.46 -54.19
CA PHE D 188 -0.49 -26.25 -55.42
C PHE D 188 0.90 -26.67 -55.86
N LEU D 189 1.89 -25.78 -55.75
CA LEU D 189 3.20 -26.04 -56.31
C LEU D 189 4.10 -26.85 -55.38
N GLY D 190 3.72 -27.05 -54.14
CA GLY D 190 4.54 -27.78 -53.21
C GLY D 190 5.41 -26.84 -52.39
N PRO D 191 5.75 -27.26 -51.17
CA PRO D 191 6.58 -26.39 -50.32
C PRO D 191 7.95 -26.13 -50.89
N ASP D 192 8.47 -27.02 -51.72
CA ASP D 192 9.83 -26.92 -52.21
C ASP D 192 9.94 -26.25 -53.57
N PHE D 193 8.83 -25.76 -54.12
CA PHE D 193 8.90 -25.06 -55.39
C PHE D 193 9.80 -23.84 -55.27
N ARG D 194 10.67 -23.67 -56.25
CA ARG D 194 11.45 -22.46 -56.39
C ARG D 194 11.40 -22.03 -57.84
N SER D 195 11.28 -20.73 -58.07
CA SER D 195 11.36 -20.24 -59.43
C SER D 195 12.81 -20.30 -59.90
N LYS D 196 13.04 -19.91 -61.16
CA LYS D 196 14.37 -20.02 -61.72
C LYS D 196 15.36 -19.06 -61.07
N MET D 197 14.90 -17.97 -60.47
CA MET D 197 15.79 -17.12 -59.70
C MET D 197 15.99 -17.64 -58.28
N GLY D 198 15.50 -18.83 -57.98
CA GLY D 198 15.70 -19.45 -56.68
C GLY D 198 14.69 -19.04 -55.63
N LEU D 199 13.79 -18.13 -55.94
CA LEU D 199 12.85 -17.65 -54.95
C LEU D 199 11.65 -18.60 -54.85
N PRO D 200 11.02 -18.66 -53.70
CA PRO D 200 9.71 -19.32 -53.64
C PRO D 200 8.71 -18.41 -54.32
N VAL D 201 7.45 -18.82 -54.37
CA VAL D 201 6.42 -17.90 -54.81
C VAL D 201 6.43 -16.69 -53.88
N ILE D 202 6.56 -15.50 -54.46
CA ILE D 202 6.44 -14.26 -53.70
C ILE D 202 4.96 -14.03 -53.45
N ASN D 203 4.55 -14.10 -52.20
CA ASN D 203 3.15 -13.94 -51.85
C ASN D 203 2.88 -12.48 -51.54
N VAL D 204 2.13 -11.83 -52.41
CA VAL D 204 1.64 -10.48 -52.17
C VAL D 204 0.19 -10.65 -51.75
N PRO D 205 -0.10 -10.83 -50.44
CA PRO D 205 -1.44 -11.18 -50.06
C PRO D 205 -2.36 -9.98 -50.04
N GLY D 206 -3.48 -10.17 -49.38
CA GLY D 206 -4.48 -9.11 -49.41
C GLY D 206 -5.64 -9.60 -50.26
N CYS D 207 -6.77 -8.97 -50.05
CA CYS D 207 -7.95 -9.43 -50.80
C CYS D 207 -8.75 -8.17 -51.07
N PRO D 208 -8.30 -7.32 -51.99
CA PRO D 208 -7.14 -7.61 -52.82
C PRO D 208 -5.86 -7.03 -52.24
N ALA D 209 -4.75 -7.38 -52.89
CA ALA D 209 -3.51 -6.70 -52.55
C ALA D 209 -3.63 -5.23 -52.89
N HIS D 210 -3.02 -4.41 -52.09
CA HIS D 210 -2.85 -3.01 -52.41
C HIS D 210 -1.94 -2.86 -53.63
N PRO D 211 -2.21 -1.90 -54.51
CA PRO D 211 -1.38 -1.79 -55.72
C PRO D 211 0.10 -1.66 -55.40
N ASP D 212 0.44 -0.97 -54.33
CA ASP D 212 1.89 -0.76 -54.04
C ASP D 212 2.54 -2.09 -53.66
N TRP D 213 1.77 -2.98 -53.07
CA TRP D 213 2.39 -4.24 -52.58
C TRP D 213 3.00 -5.00 -53.75
N ILE D 214 2.43 -4.80 -54.93
CA ILE D 214 2.98 -5.48 -56.13
C ILE D 214 3.83 -4.49 -56.92
N THR D 215 3.34 -3.27 -57.11
CA THR D 215 4.04 -2.35 -57.99
C THR D 215 5.41 -2.00 -57.44
N GLN D 216 5.54 -1.80 -56.13
CA GLN D 216 6.85 -1.48 -55.59
C GLN D 216 7.79 -2.68 -55.68
N ILE D 217 7.26 -3.89 -55.54
CA ILE D 217 8.06 -5.07 -55.79
C ILE D 217 8.52 -5.11 -57.24
N LEU D 218 7.60 -4.82 -58.16
CA LEU D 218 7.95 -4.83 -59.57
C LEU D 218 8.97 -3.74 -59.90
N VAL D 219 8.83 -2.57 -59.29
CA VAL D 219 9.80 -1.50 -59.46
C VAL D 219 11.15 -1.94 -58.92
N ALA D 220 11.16 -2.55 -57.73
CA ALA D 220 12.39 -3.03 -57.14
C ALA D 220 13.09 -4.01 -58.06
N LEU D 221 12.32 -4.95 -58.61
CA LEU D 221 12.88 -5.90 -59.57
C LEU D 221 13.40 -5.17 -60.80
N ALA D 222 12.68 -4.16 -61.27
CA ALA D 222 13.04 -3.44 -62.47
C ALA D 222 14.18 -2.46 -62.26
N THR D 223 14.43 -2.04 -61.02
CA THR D 223 15.46 -1.06 -60.73
C THR D 223 16.70 -1.68 -60.11
N GLY D 224 16.85 -3.00 -60.20
CA GLY D 224 18.03 -3.65 -59.67
C GLY D 224 18.02 -3.85 -58.17
N ARG D 225 16.86 -3.74 -57.53
CA ARG D 225 16.75 -3.89 -56.09
C ARG D 225 16.06 -5.19 -55.69
N ALA D 226 16.10 -6.19 -56.55
CA ALA D 226 15.56 -7.50 -56.19
C ALA D 226 16.21 -8.01 -54.91
N GLY D 227 17.51 -7.80 -54.76
CA GLY D 227 18.22 -8.22 -53.57
C GLY D 227 17.78 -7.51 -52.31
N ASP D 228 17.12 -6.37 -52.44
CA ASP D 228 16.56 -5.69 -51.27
C ASP D 228 15.27 -6.35 -50.79
N ILE D 229 14.67 -7.21 -51.59
CA ILE D 229 13.39 -7.81 -51.23
C ILE D 229 13.64 -8.98 -50.29
N THR D 230 13.19 -8.84 -49.06
CA THR D 230 13.19 -9.93 -48.10
C THR D 230 11.77 -10.42 -47.90
N LEU D 231 11.60 -11.73 -47.78
CA LEU D 231 10.30 -12.35 -47.62
C LEU D 231 10.16 -12.92 -46.23
N ASP D 232 8.97 -12.82 -45.66
CA ASP D 232 8.75 -13.41 -44.33
C ASP D 232 8.45 -14.90 -44.50
N ASP D 233 8.02 -15.55 -43.41
CA ASP D 233 7.77 -16.98 -43.46
C ASP D 233 6.61 -17.34 -44.38
N LEU D 234 5.72 -16.39 -44.65
CA LEU D 234 4.65 -16.61 -45.61
C LEU D 234 5.03 -16.16 -47.01
N HIS D 235 6.31 -15.90 -47.24
CA HIS D 235 6.82 -15.41 -48.52
C HIS D 235 6.27 -14.04 -48.86
N ARG D 236 5.85 -13.28 -47.86
CA ARG D 236 5.38 -11.92 -48.12
C ARG D 236 6.54 -10.94 -48.02
N PRO D 237 6.55 -9.91 -48.85
CA PRO D 237 7.60 -8.88 -48.76
C PRO D 237 7.59 -8.21 -47.41
N GLU D 238 8.68 -8.37 -46.67
CA GLU D 238 8.77 -7.79 -45.34
C GLU D 238 8.75 -6.28 -45.37
N THR D 239 9.09 -5.67 -46.50
CA THR D 239 8.99 -4.21 -46.59
C THR D 239 7.56 -3.74 -46.41
N PHE D 240 6.59 -4.61 -46.62
CA PHE D 240 5.19 -4.29 -46.39
C PHE D 240 4.56 -5.03 -45.23
N PHE D 241 5.10 -6.18 -44.85
CA PHE D 241 4.38 -7.09 -43.97
C PHE D 241 5.10 -7.34 -42.65
N LYS D 242 6.08 -6.51 -42.30
CA LYS D 242 6.54 -6.51 -40.92
C LYS D 242 5.64 -5.66 -40.04
N THR D 243 5.09 -4.58 -40.59
CA THR D 243 4.13 -3.77 -39.85
C THR D 243 2.83 -4.54 -39.70
N PHE D 244 1.96 -3.99 -38.86
CA PHE D 244 0.62 -4.58 -38.70
C PHE D 244 -0.37 -3.64 -39.37
N THR D 245 -1.57 -4.12 -39.59
CA THR D 245 -2.57 -3.17 -40.09
C THR D 245 -2.66 -2.05 -39.05
N GLN D 246 -2.54 -2.44 -37.78
CA GLN D 246 -2.72 -1.43 -36.71
C GLN D 246 -1.65 -0.34 -36.83
N THR D 247 -0.54 -0.68 -37.46
CA THR D 247 0.58 0.27 -37.52
C THR D 247 0.13 1.47 -38.36
N GLY D 248 -0.13 2.58 -37.71
CA GLY D 248 -0.56 3.78 -38.44
C GLY D 248 -2.06 3.90 -38.41
N CYS D 249 -2.70 2.94 -37.75
CA CYS D 249 -4.16 3.06 -37.63
C CYS D 249 -4.47 4.34 -36.84
N THR D 250 -5.48 5.07 -37.27
CA THR D 250 -5.85 6.31 -36.57
C THR D 250 -6.49 5.99 -35.22
N ARG D 251 -6.73 4.72 -34.92
CA ARG D 251 -7.45 4.39 -33.67
C ARG D 251 -6.55 3.73 -32.63
N VAL D 252 -5.26 3.69 -32.91
CA VAL D 252 -4.36 2.98 -31.95
C VAL D 252 -4.39 3.68 -30.58
N GLN D 253 -4.54 4.99 -30.55
CA GLN D 253 -4.57 5.61 -29.21
C GLN D 253 -5.78 5.10 -28.45
N PHE D 254 -6.90 4.93 -29.15
CA PHE D 254 -8.09 4.37 -28.48
C PHE D 254 -7.77 2.93 -28.07
N PHE D 255 -7.06 2.22 -28.94
CA PHE D 255 -6.67 0.83 -28.61
C PHE D 255 -5.83 0.87 -27.34
N GLU D 256 -4.87 1.76 -27.31
CA GLU D 256 -3.93 1.83 -26.15
C GLU D 256 -4.74 2.01 -24.87
N TYR D 257 -5.73 2.84 -24.91
CA TYR D 257 -6.55 3.14 -23.75
C TYR D 257 -7.80 2.28 -23.70
N LYS D 258 -7.89 1.28 -24.57
CA LYS D 258 -8.96 0.31 -24.52
C LYS D 258 -10.32 0.98 -24.60
N GLN D 259 -10.41 1.97 -25.48
CA GLN D 259 -11.66 2.66 -25.75
C GLN D 259 -12.25 2.10 -27.03
N SER D 260 -13.41 1.49 -26.91
CA SER D 260 -13.97 0.71 -28.00
C SER D 260 -14.93 1.57 -28.81
N THR D 261 -14.80 1.49 -30.13
CA THR D 261 -15.91 1.88 -30.97
C THR D 261 -17.10 1.02 -30.60
N LEU D 262 -18.25 1.65 -30.39
CA LEU D 262 -19.43 0.93 -29.96
C LEU D 262 -20.39 0.64 -31.09
N SER D 263 -20.37 1.43 -32.15
CA SER D 263 -21.33 1.26 -33.23
C SER D 263 -20.73 1.79 -34.51
N PHE D 264 -21.31 1.35 -35.62
CA PHE D 264 -20.88 1.81 -36.92
C PHE D 264 -21.39 3.21 -37.19
N GLY D 265 -21.08 3.72 -38.38
CA GLY D 265 -21.48 5.07 -38.72
C GLY D 265 -20.79 6.07 -37.81
N GLU D 266 -21.57 6.99 -37.26
CA GLU D 266 -21.00 8.02 -36.40
C GLU D 266 -20.33 7.45 -35.17
N GLY D 267 -20.71 6.23 -34.76
CA GLY D 267 -20.00 5.59 -33.66
C GLY D 267 -18.53 5.41 -33.91
N THR D 268 -18.12 5.37 -35.18
CA THR D 268 -16.72 5.22 -35.52
C THR D 268 -15.96 6.54 -35.50
N ARG D 269 -16.61 7.64 -35.10
CA ARG D 269 -15.86 8.87 -34.87
C ARG D 269 -14.95 8.76 -33.66
N THR D 270 -15.04 7.66 -32.92
CA THR D 270 -14.17 7.46 -31.77
C THR D 270 -13.88 5.98 -31.65
N GLY D 271 -12.91 5.66 -30.81
CA GLY D 271 -12.74 4.26 -30.46
C GLY D 271 -11.96 3.43 -31.41
N CYS D 272 -11.57 2.27 -30.91
CA CYS D 272 -10.86 1.30 -31.75
C CYS D 272 -11.84 0.14 -32.03
N LEU D 273 -11.70 -0.50 -33.16
CA LEU D 273 -12.70 -1.51 -33.59
C LEU D 273 -12.36 -2.89 -33.05
N PHE D 274 -11.31 -2.98 -32.28
CA PHE D 274 -10.83 -4.32 -31.89
C PHE D 274 -11.81 -5.02 -30.97
N TYR D 275 -12.39 -4.25 -30.09
CA TYR D 275 -13.16 -4.90 -29.01
C TYR D 275 -14.57 -5.31 -29.38
N GLU D 276 -15.22 -4.55 -30.21
CA GLU D 276 -16.60 -4.86 -30.55
C GLU D 276 -16.79 -5.30 -31.99
N PHE D 277 -15.86 -5.01 -32.88
CA PHE D 277 -16.03 -5.31 -34.30
C PHE D 277 -15.02 -6.30 -34.82
N GLY D 278 -14.28 -6.94 -33.97
CA GLY D 278 -13.41 -8.02 -34.45
C GLY D 278 -12.28 -7.51 -35.30
N CYS D 279 -11.91 -6.26 -35.12
CA CYS D 279 -10.73 -5.76 -35.86
C CYS D 279 -9.54 -6.70 -35.66
N ARG D 280 -9.00 -7.18 -36.77
CA ARG D 280 -7.80 -8.05 -36.68
C ARG D 280 -6.52 -7.23 -36.86
N GLY D 281 -6.66 -5.92 -36.85
CA GLY D 281 -5.49 -5.04 -37.06
C GLY D 281 -4.25 -5.48 -36.28
N PRO D 282 -4.34 -5.70 -34.98
CA PRO D 282 -3.17 -6.03 -34.17
C PRO D 282 -2.67 -7.46 -34.38
N MET D 283 -3.40 -8.24 -35.16
CA MET D 283 -2.97 -9.64 -35.42
C MET D 283 -2.69 -9.80 -36.91
N THR D 284 -2.63 -8.69 -37.64
CA THR D 284 -2.53 -8.79 -39.09
C THR D 284 -1.35 -7.98 -39.60
N HIS D 285 -0.50 -8.66 -40.35
CA HIS D 285 0.67 -7.97 -40.89
C HIS D 285 0.26 -7.33 -42.20
N SER D 286 0.51 -6.05 -42.30
CA SER D 286 0.13 -5.31 -43.50
C SER D 286 0.64 -3.90 -43.32
N PRO D 287 0.77 -3.11 -44.39
CA PRO D 287 1.07 -1.71 -44.22
C PRO D 287 -0.20 -0.90 -44.57
N CYS D 288 -1.38 -1.46 -44.28
CA CYS D 288 -2.61 -0.77 -44.72
C CYS D 288 -2.77 0.62 -44.14
N ASN D 289 -2.20 0.82 -42.96
CA ASN D 289 -2.29 2.15 -42.34
C ASN D 289 -0.99 2.92 -42.52
N ARG D 290 0.01 2.25 -43.06
CA ARG D 290 1.22 2.95 -43.41
C ARG D 290 1.11 3.49 -44.83
N ILE D 291 0.82 2.60 -45.76
CA ILE D 291 0.56 2.97 -47.14
C ILE D 291 -0.94 2.90 -47.33
N LEU D 292 -1.56 4.06 -47.41
CA LEU D 292 -3.03 4.04 -47.40
C LEU D 292 -3.62 3.53 -48.70
N TRP D 293 -4.80 2.99 -48.56
CA TRP D 293 -5.50 2.46 -49.74
C TRP D 293 -6.00 3.63 -50.59
N ASN D 294 -5.83 3.51 -51.90
CA ASN D 294 -6.32 4.54 -52.83
C ASN D 294 -5.73 5.89 -52.43
N ARG D 295 -4.58 5.86 -51.76
CA ARG D 295 -3.94 7.07 -51.28
C ARG D 295 -4.87 7.89 -50.38
N GLN D 296 -5.88 7.27 -49.82
CA GLN D 296 -6.87 8.00 -49.03
C GLN D 296 -7.00 7.48 -47.61
N SER D 297 -7.15 6.18 -47.44
CA SER D 297 -7.70 5.69 -46.18
C SER D 297 -7.29 4.25 -45.99
N SER D 298 -7.98 3.63 -45.05
CA SER D 298 -7.82 2.19 -44.83
C SER D 298 -9.15 1.74 -44.24
N LYS D 299 -9.37 0.46 -44.23
CA LYS D 299 -10.61 0.02 -43.57
C LYS D 299 -10.70 0.60 -42.17
N THR D 300 -9.64 0.40 -41.42
CA THR D 300 -9.74 0.76 -39.98
C THR D 300 -9.95 2.25 -39.78
N ARG D 301 -9.21 3.03 -40.55
CA ARG D 301 -9.44 4.48 -40.46
C ARG D 301 -10.91 4.77 -40.74
N ALA D 302 -11.46 4.16 -41.78
CA ALA D 302 -12.82 4.45 -42.18
C ALA D 302 -13.85 3.94 -41.18
N GLY D 303 -13.45 3.11 -40.23
CA GLY D 303 -14.39 2.51 -39.30
C GLY D 303 -14.71 1.08 -39.61
N MET D 304 -14.07 0.48 -40.58
CA MET D 304 -14.30 -0.93 -40.85
C MET D 304 -13.22 -1.75 -40.20
N PRO D 305 -13.57 -2.82 -39.47
CA PRO D 305 -12.55 -3.66 -38.91
C PRO D 305 -11.67 -4.30 -39.97
N CYS D 306 -10.41 -4.38 -39.62
CA CYS D 306 -9.53 -5.15 -40.49
C CYS D 306 -9.99 -6.60 -40.41
N LEU D 307 -10.14 -7.20 -41.57
CA LEU D 307 -10.58 -8.61 -41.61
C LEU D 307 -9.36 -9.54 -41.65
N GLY D 308 -8.17 -8.97 -41.46
CA GLY D 308 -6.96 -9.78 -41.46
C GLY D 308 -6.73 -10.42 -42.80
N CYS D 309 -7.07 -9.71 -43.87
CA CYS D 309 -7.00 -10.33 -45.20
C CYS D 309 -5.57 -10.61 -45.66
N THR D 310 -4.56 -10.06 -45.04
CA THR D 310 -3.22 -10.34 -45.56
C THR D 310 -2.70 -11.60 -44.87
N GLU D 311 -3.51 -12.09 -43.97
CA GLU D 311 -3.11 -13.28 -43.22
C GLU D 311 -3.63 -14.53 -43.94
N PRO D 312 -2.90 -15.67 -43.92
CA PRO D 312 -3.29 -16.81 -44.75
C PRO D 312 -4.60 -17.45 -44.35
N GLU D 313 -5.06 -17.26 -43.12
CA GLU D 313 -6.32 -17.82 -42.69
C GLU D 313 -7.53 -17.07 -43.25
N PHE D 314 -7.32 -15.94 -43.89
CA PHE D 314 -8.45 -15.15 -44.36
C PHE D 314 -9.29 -15.95 -45.34
N PRO D 315 -10.62 -15.90 -45.24
CA PRO D 315 -11.37 -15.20 -44.18
C PRO D 315 -11.32 -15.96 -42.89
N HIS D 316 -11.02 -15.25 -41.82
CA HIS D 316 -10.80 -15.92 -40.55
C HIS D 316 -12.10 -16.54 -40.07
N PHE D 317 -11.97 -17.71 -39.42
CA PHE D 317 -13.10 -18.47 -38.92
C PHE D 317 -14.09 -18.81 -40.02
N ASP D 318 -13.67 -18.69 -41.28
CA ASP D 318 -14.51 -18.98 -42.43
C ASP D 318 -15.83 -18.22 -42.33
N LEU D 319 -15.80 -17.03 -41.74
CA LEU D 319 -17.02 -16.21 -41.65
C LEU D 319 -18.16 -16.99 -41.02
N ALA D 320 -17.82 -17.86 -40.07
CA ALA D 320 -18.84 -18.63 -39.38
C ALA D 320 -19.78 -17.68 -38.63
N PRO D 321 -21.00 -18.12 -38.35
CA PRO D 321 -21.96 -17.23 -37.70
C PRO D 321 -21.40 -16.67 -36.41
N GLY D 322 -21.63 -15.37 -36.20
CA GLY D 322 -21.16 -14.68 -35.02
C GLY D 322 -19.74 -14.15 -35.09
N THR D 323 -19.03 -14.37 -36.19
CA THR D 323 -17.65 -13.94 -36.30
C THR D 323 -17.45 -12.75 -37.23
N VAL D 324 -18.51 -12.25 -37.85
CA VAL D 324 -18.39 -11.19 -38.85
C VAL D 324 -18.64 -9.85 -38.17
N PHE D 325 -17.64 -8.99 -38.18
CA PHE D 325 -17.72 -7.68 -37.54
C PHE D 325 -18.06 -7.80 -36.06
N LYS D 326 -17.57 -8.87 -35.44
CA LYS D 326 -17.75 -9.09 -34.02
C LYS D 326 -16.45 -9.60 -33.43
N THR D 327 -16.18 -9.21 -32.20
CA THR D 327 -15.04 -9.73 -31.46
C THR D 327 -15.52 -10.91 -30.64
N GLN D 328 -15.03 -12.11 -30.96
CA GLN D 328 -15.32 -13.25 -30.11
C GLN D 328 -14.64 -13.07 -28.76
N LYS D 329 -15.40 -13.23 -27.70
CA LYS D 329 -14.92 -12.96 -26.36
C LYS D 329 -15.19 -14.16 -25.47
N VAL D 330 -14.30 -14.33 -24.49
CA VAL D 330 -14.48 -15.31 -23.44
C VAL D 330 -15.05 -14.60 -22.23
N SER D 331 -16.15 -15.15 -21.69
CA SER D 331 -16.83 -14.58 -20.53
C SER D 331 -17.31 -13.15 -20.81
N GLY D 332 -17.49 -12.80 -22.08
CA GLY D 332 -18.02 -11.52 -22.48
C GLY D 332 -17.09 -10.34 -22.31
N MET D 333 -15.86 -10.56 -21.84
CA MET D 333 -14.97 -9.44 -21.56
C MET D 333 -13.61 -9.66 -22.22
N ILE D 334 -13.14 -10.89 -22.27
CA ILE D 334 -11.78 -11.21 -22.70
C ILE D 334 -11.83 -11.59 -24.18
N PRO D 335 -11.15 -10.86 -25.06
CA PRO D 335 -11.10 -11.28 -26.47
C PRO D 335 -10.47 -12.65 -26.57
N LYS D 336 -11.04 -13.49 -27.43
CA LYS D 336 -10.46 -14.81 -27.67
C LYS D 336 -9.06 -14.68 -28.24
N GLU D 337 -8.88 -13.76 -29.19
CA GLU D 337 -7.59 -13.50 -29.79
C GLU D 337 -7.08 -12.14 -29.30
N VAL D 338 -5.87 -12.13 -28.79
CA VAL D 338 -5.24 -10.91 -28.31
C VAL D 338 -4.25 -10.47 -29.37
N PRO D 339 -3.70 -9.26 -29.29
CA PRO D 339 -2.75 -8.82 -30.32
C PRO D 339 -1.56 -9.77 -30.43
N GLU D 340 -0.94 -9.75 -31.60
CA GLU D 340 0.19 -10.62 -31.87
C GLU D 340 1.27 -10.44 -30.82
N GLY D 341 1.81 -11.56 -30.34
CA GLY D 341 2.92 -11.52 -29.41
C GLY D 341 2.54 -11.21 -27.99
N THR D 342 1.26 -11.00 -27.70
CA THR D 342 0.80 -10.78 -26.35
C THR D 342 0.14 -12.05 -25.83
N ASP D 343 -0.06 -12.01 -24.50
CA ASP D 343 -0.72 -13.12 -23.79
C ASP D 343 -1.97 -12.60 -23.08
N HIS D 344 -3.01 -13.40 -22.99
CA HIS D 344 -4.27 -12.91 -22.44
C HIS D 344 -4.06 -12.29 -21.07
N LEU D 345 -3.17 -12.79 -20.24
CA LEU D 345 -3.07 -12.23 -18.86
C LEU D 345 -2.37 -10.89 -18.86
N THR D 346 -1.25 -10.79 -19.56
CA THR D 346 -0.64 -9.46 -19.60
C THR D 346 -1.48 -8.49 -20.42
N TYR D 347 -2.08 -8.97 -21.49
CA TYR D 347 -2.94 -8.05 -22.25
C TYR D 347 -4.03 -7.52 -21.34
N MET D 348 -4.76 -8.43 -20.71
CA MET D 348 -5.90 -8.00 -19.92
C MET D 348 -5.48 -7.12 -18.75
N GLY D 349 -4.35 -7.44 -18.11
CA GLY D 349 -3.86 -6.58 -17.04
C GLY D 349 -3.55 -5.19 -17.55
N LEU D 350 -2.81 -5.11 -18.65
CA LEU D 350 -2.51 -3.82 -19.24
C LEU D 350 -3.77 -3.12 -19.70
N ALA D 351 -4.75 -3.88 -20.18
CA ALA D 351 -6.00 -3.30 -20.63
C ALA D 351 -6.76 -2.66 -19.47
N ALA D 352 -6.80 -3.34 -18.33
CA ALA D 352 -7.42 -2.75 -17.15
C ALA D 352 -6.69 -1.49 -16.72
N ALA D 353 -5.35 -1.56 -16.69
CA ALA D 353 -4.57 -0.38 -16.33
C ALA D 353 -4.84 0.78 -17.28
N ALA D 354 -4.88 0.49 -18.58
CA ALA D 354 -5.11 1.51 -19.58
C ALA D 354 -6.51 2.11 -19.44
N ARG D 355 -7.51 1.26 -19.21
CA ARG D 355 -8.86 1.76 -18.98
C ARG D 355 -8.88 2.72 -17.81
N ILE D 356 -8.24 2.37 -16.70
CA ILE D 356 -8.35 3.24 -15.49
C ILE D 356 -7.62 4.57 -15.72
N ALA D 357 -6.54 4.55 -16.48
CA ALA D 357 -5.71 5.75 -16.70
C ALA D 357 -6.14 6.47 -17.97
N ALA D 358 -7.24 6.04 -18.56
CA ALA D 358 -7.61 6.62 -19.86
C ALA D 358 -7.83 8.12 -19.78
N PRO D 359 -7.30 8.90 -20.73
CA PRO D 359 -7.57 10.31 -20.77
C PRO D 359 -9.01 10.53 -21.22
N GLN D 360 -9.52 11.75 -21.06
CA GLN D 360 -10.89 12.05 -21.44
C GLN D 360 -11.06 12.07 -22.95
N TRP D 361 -10.09 12.61 -23.69
CA TRP D 361 -10.23 12.68 -25.14
C TRP D 361 -10.35 11.31 -25.76
N SER D 362 -9.75 10.28 -25.16
CA SER D 362 -9.85 8.95 -25.69
C SER D 362 -11.25 8.38 -25.57
N LYS D 363 -12.07 9.07 -24.81
CA LYS D 363 -13.46 8.63 -24.55
C LYS D 363 -14.41 9.56 -25.28
N GLU D 364 -13.97 10.31 -26.27
CA GLU D 364 -14.81 11.21 -27.03
C GLU D 364 -14.54 11.09 -28.52
N ASP D 365 -15.46 11.62 -29.30
CA ASP D 365 -15.28 11.66 -30.74
C ASP D 365 -13.98 12.38 -31.08
N MET D 366 -13.24 11.83 -32.02
CA MET D 366 -12.06 12.50 -32.50
C MET D 366 -12.07 12.71 -34.00
N PHE D 367 -12.68 11.80 -34.75
CA PHE D 367 -12.83 11.97 -36.19
C PHE D 367 -14.13 12.72 -36.44
N VAL D 368 -14.11 13.97 -36.05
CA VAL D 368 -15.27 14.82 -36.07
C VAL D 368 -15.43 15.45 -37.45
N VAL D 369 -16.64 15.90 -37.73
CA VAL D 369 -16.92 16.54 -38.99
C VAL D 369 -15.99 17.72 -39.20
N LEU E 3 -42.26 76.65 17.92
CA LEU E 3 -41.89 75.54 18.78
C LEU E 3 -41.01 74.54 18.06
N ASP E 4 -39.77 74.39 18.50
CA ASP E 4 -38.90 73.36 17.97
C ASP E 4 -39.22 72.04 18.67
N LEU E 5 -39.70 71.07 17.90
CA LEU E 5 -40.07 69.76 18.42
C LEU E 5 -39.14 68.73 17.81
N PHE E 6 -38.46 67.97 18.65
CA PHE E 6 -37.59 66.88 18.20
C PHE E 6 -38.25 65.58 18.62
N VAL E 7 -38.69 64.80 17.64
CA VAL E 7 -39.36 63.53 17.87
C VAL E 7 -38.35 62.42 17.65
N SER E 8 -38.08 61.67 18.69
CA SER E 8 -37.11 60.58 18.65
C SER E 8 -37.54 59.53 19.65
N PRO E 9 -37.77 58.28 19.22
CA PRO E 9 -37.74 57.88 17.82
C PRO E 9 -39.08 58.11 17.15
N LEU E 10 -39.08 58.24 15.83
CA LEU E 10 -40.30 58.12 15.05
C LEU E 10 -40.26 56.71 14.46
N GLY E 11 -40.83 55.76 15.18
CA GLY E 11 -40.75 54.37 14.79
C GLY E 11 -41.69 54.03 13.66
N ARG E 12 -41.78 52.72 13.41
CA ARG E 12 -42.59 52.19 12.32
C ARG E 12 -42.19 52.83 10.99
N VAL E 13 -40.88 53.03 10.82
CA VAL E 13 -40.31 53.46 9.55
C VAL E 13 -39.14 52.54 9.22
N GLU E 14 -39.18 51.31 9.72
CA GLU E 14 -38.17 50.30 9.41
C GLU E 14 -36.76 50.85 9.60
N GLY E 15 -36.52 51.37 10.80
CA GLY E 15 -35.20 51.86 11.11
C GLY E 15 -35.27 53.06 12.01
N ASP E 16 -34.16 53.76 12.07
CA ASP E 16 -33.92 54.78 13.08
C ASP E 16 -34.14 56.15 12.44
N LEU E 17 -35.22 56.81 12.85
CA LEU E 17 -35.57 58.11 12.31
C LEU E 17 -35.86 59.05 13.47
N ASP E 18 -35.28 60.22 13.42
CA ASP E 18 -35.70 61.33 14.26
C ASP E 18 -36.22 62.42 13.35
N VAL E 19 -37.21 63.16 13.82
CA VAL E 19 -37.78 64.23 13.03
C VAL E 19 -37.76 65.49 13.85
N ARG E 20 -37.07 66.51 13.37
CA ARG E 20 -37.12 67.83 13.99
C ARG E 20 -38.06 68.69 13.18
N VAL E 21 -38.95 69.40 13.84
CA VAL E 21 -39.88 70.27 13.15
C VAL E 21 -39.92 71.60 13.87
N THR E 22 -40.03 72.66 13.09
CA THR E 22 -40.42 73.96 13.62
C THR E 22 -41.93 74.08 13.45
N ILE E 23 -42.62 74.38 14.53
CA ILE E 23 -44.06 74.49 14.54
C ILE E 23 -44.43 75.94 14.83
N ASN E 24 -45.27 76.53 13.99
CA ASN E 24 -45.85 77.85 14.25
C ASN E 24 -47.35 77.76 14.08
N ASP E 25 -48.07 78.19 15.10
CA ASP E 25 -49.54 78.17 15.11
C ASP E 25 -50.08 76.77 14.81
N GLY E 26 -49.43 75.76 15.39
CA GLY E 26 -49.90 74.40 15.24
C GLY E 26 -49.63 73.78 13.89
N VAL E 27 -48.75 74.38 13.09
CA VAL E 27 -48.43 73.88 11.75
C VAL E 27 -46.92 73.78 11.63
N VAL E 28 -46.45 72.66 11.08
CA VAL E 28 -45.03 72.52 10.80
C VAL E 28 -44.64 73.51 9.72
N THR E 29 -43.64 74.34 10.02
CA THR E 29 -43.14 75.31 9.07
C THR E 29 -41.80 74.93 8.47
N SER E 30 -41.02 74.12 9.19
CA SER E 30 -39.82 73.54 8.60
C SER E 30 -39.61 72.18 9.22
N ALA E 31 -38.93 71.30 8.50
CA ALA E 31 -38.71 69.96 8.99
C ALA E 31 -37.33 69.48 8.57
N TRP E 32 -36.74 68.69 9.46
CA TRP E 32 -35.50 67.99 9.22
C TRP E 32 -35.75 66.51 9.53
N THR E 33 -35.44 65.66 8.56
CA THR E 33 -35.43 64.22 8.78
C THR E 33 -34.01 63.81 9.09
N GLU E 34 -33.82 63.09 10.19
CA GLU E 34 -32.50 62.66 10.63
C GLU E 34 -32.50 61.14 10.63
N ALA E 35 -31.92 60.56 9.59
CA ALA E 35 -31.60 59.14 9.60
C ALA E 35 -30.44 58.91 10.55
N ALA E 36 -30.65 58.06 11.55
CA ALA E 36 -29.75 58.03 12.70
C ALA E 36 -28.87 56.80 12.78
N MET E 37 -29.01 55.84 11.88
CA MET E 37 -28.27 54.59 11.98
C MET E 37 -27.58 54.31 10.66
N PHE E 38 -26.29 54.00 10.74
CA PHE E 38 -25.44 53.80 9.58
C PHE E 38 -24.75 52.45 9.67
N ARG E 39 -24.83 51.68 8.59
CA ARG E 39 -24.10 50.41 8.51
C ARG E 39 -23.00 50.40 7.46
N GLY E 40 -23.13 51.23 6.42
CA GLY E 40 -22.07 51.36 5.44
C GLY E 40 -21.88 50.18 4.53
N PHE E 41 -22.96 49.61 4.01
CA PHE E 41 -22.84 48.44 3.15
C PHE E 41 -22.10 48.77 1.87
N GLU E 42 -22.21 50.01 1.39
CA GLU E 42 -21.45 50.39 0.19
C GLU E 42 -19.97 50.34 0.46
N ILE E 43 -19.56 50.77 1.65
CA ILE E 43 -18.16 50.64 2.04
C ILE E 43 -17.75 49.18 2.10
N ILE E 44 -18.59 48.35 2.70
CA ILE E 44 -18.26 46.94 2.87
C ILE E 44 -18.11 46.26 1.50
N LEU E 45 -18.99 46.61 0.56
CA LEU E 45 -18.99 45.91 -0.72
C LEU E 45 -17.73 46.18 -1.54
N ARG E 46 -17.06 47.29 -1.29
CA ARG E 46 -15.87 47.61 -2.07
C ARG E 46 -14.83 46.50 -1.90
N GLY E 47 -14.29 46.04 -3.03
CA GLY E 47 -13.29 45.01 -3.02
C GLY E 47 -13.82 43.60 -2.86
N LYS E 48 -15.12 43.43 -2.65
CA LYS E 48 -15.69 42.12 -2.48
C LYS E 48 -15.94 41.47 -3.84
N ASP E 49 -16.38 40.23 -3.80
CA ASP E 49 -16.71 39.51 -5.02
C ASP E 49 -17.75 40.29 -5.81
N PRO E 50 -17.67 40.32 -7.14
CA PRO E 50 -18.64 41.11 -7.90
C PRO E 50 -20.08 40.74 -7.61
N GLN E 51 -20.35 39.51 -7.21
CA GLN E 51 -21.70 39.11 -6.86
C GLN E 51 -22.00 39.27 -5.38
N ALA E 52 -21.08 39.86 -4.61
CA ALA E 52 -21.33 40.03 -3.19
C ALA E 52 -22.58 40.88 -2.96
N GLY E 53 -22.92 41.75 -3.92
CA GLY E 53 -24.13 42.53 -3.78
C GLY E 53 -25.36 41.67 -3.63
N LEU E 54 -25.40 40.54 -4.32
CA LEU E 54 -26.56 39.65 -4.22
C LEU E 54 -26.77 39.15 -2.80
N ILE E 55 -25.70 39.09 -2.01
CA ILE E 55 -25.82 38.67 -0.62
C ILE E 55 -26.00 39.87 0.30
N VAL E 56 -25.26 40.94 0.05
CA VAL E 56 -25.21 42.07 0.97
C VAL E 56 -26.43 42.96 0.80
N CYS E 57 -26.74 43.34 -0.44
CA CYS E 57 -27.81 44.30 -0.67
C CYS E 57 -29.16 43.85 -0.13
N PRO E 58 -29.57 42.56 -0.18
CA PRO E 58 -30.84 42.21 0.44
C PRO E 58 -30.77 42.59 1.92
N ARG E 59 -29.59 42.49 2.51
CA ARG E 59 -29.46 42.78 3.96
C ARG E 59 -29.53 44.28 4.23
N ILE E 60 -29.68 45.07 3.18
CA ILE E 60 -29.90 46.50 3.45
C ILE E 60 -31.25 46.58 4.14
N CYS E 61 -32.13 45.64 3.81
CA CYS E 61 -33.48 45.80 4.35
C CYS E 61 -34.30 44.50 4.38
N GLY E 62 -34.97 44.33 5.48
CA GLY E 62 -35.69 43.09 5.65
C GLY E 62 -36.94 43.03 4.84
N ILE E 63 -37.60 44.18 4.77
CA ILE E 63 -38.92 44.18 4.12
C ILE E 63 -38.72 44.32 2.62
N CYS E 64 -37.64 44.95 2.20
CA CYS E 64 -37.53 45.12 0.74
C CYS E 64 -36.21 44.55 0.24
N GLY E 65 -35.64 43.62 0.98
CA GLY E 65 -34.41 42.99 0.50
C GLY E 65 -34.61 42.28 -0.82
N GLY E 66 -35.78 41.69 -1.05
CA GLY E 66 -36.00 41.07 -2.34
C GLY E 66 -35.89 42.07 -3.48
N SER E 67 -36.32 43.28 -3.21
CA SER E 67 -36.18 44.35 -4.22
C SER E 67 -34.70 44.63 -4.42
N HIS E 68 -33.97 44.72 -3.31
CA HIS E 68 -32.52 44.95 -3.42
C HIS E 68 -31.91 43.84 -4.27
N LEU E 69 -32.34 42.63 -4.00
CA LEU E 69 -31.77 41.49 -4.74
C LEU E 69 -32.07 41.68 -6.22
N TYR E 70 -33.33 41.98 -6.53
CA TYR E 70 -33.75 42.18 -7.91
C TYR E 70 -32.86 43.17 -8.62
N LYS E 71 -32.69 44.35 -8.03
CA LYS E 71 -31.92 45.37 -8.71
C LYS E 71 -30.42 45.07 -8.70
N SER E 72 -29.92 44.41 -7.64
CA SER E 72 -28.51 44.03 -7.65
C SER E 72 -28.24 43.00 -8.74
N ALA E 73 -29.15 42.03 -8.88
CA ALA E 73 -29.02 41.05 -9.94
C ALA E 73 -29.01 41.74 -11.30
N TYR E 74 -29.93 42.69 -11.49
CA TYR E 74 -29.95 43.37 -12.79
C TYR E 74 -28.73 44.27 -12.97
N ALA E 75 -28.20 44.82 -11.89
CA ALA E 75 -26.95 45.55 -12.00
C ALA E 75 -25.86 44.67 -12.53
N LEU E 76 -25.78 43.43 -12.02
CA LEU E 76 -24.80 42.48 -12.54
C LEU E 76 -25.14 42.08 -13.98
N ASP E 77 -26.42 41.88 -14.28
CA ASP E 77 -26.83 41.48 -15.62
C ASP E 77 -26.41 42.52 -16.64
N THR E 78 -26.57 43.80 -16.31
CA THR E 78 -26.15 44.85 -17.21
C THR E 78 -24.63 44.97 -17.23
N ALA E 79 -23.99 44.88 -16.06
CA ALA E 79 -22.54 44.99 -15.99
C ALA E 79 -21.87 43.88 -16.79
N TRP E 80 -22.44 42.68 -16.74
CA TRP E 80 -21.87 41.52 -17.40
C TRP E 80 -22.55 41.20 -18.72
N ARG E 81 -23.45 42.06 -19.17
CA ARG E 81 -24.11 41.90 -20.47
C ARG E 81 -24.69 40.49 -20.59
N THR E 82 -25.39 40.08 -19.54
CA THR E 82 -25.88 38.72 -19.48
C THR E 82 -27.10 38.53 -20.38
N HIS E 83 -27.49 37.28 -20.53
CA HIS E 83 -28.75 36.92 -21.13
C HIS E 83 -29.72 36.50 -20.05
N MET E 84 -30.92 37.04 -20.09
CA MET E 84 -31.96 36.70 -19.12
C MET E 84 -33.02 35.87 -19.83
N PRO E 85 -33.12 34.57 -19.56
CA PRO E 85 -34.22 33.79 -20.12
C PRO E 85 -35.54 34.37 -19.66
N PRO E 86 -36.56 34.34 -20.51
CA PRO E 86 -37.86 34.92 -20.12
C PRO E 86 -38.39 34.38 -18.81
N ASN E 87 -38.21 33.08 -18.54
CA ASN E 87 -38.68 32.52 -17.28
C ASN E 87 -37.98 33.20 -16.10
N ALA E 88 -36.69 33.46 -16.23
CA ALA E 88 -35.98 34.14 -15.16
C ALA E 88 -36.54 35.53 -14.93
N THR E 89 -36.80 36.26 -16.01
CA THR E 89 -37.41 37.57 -15.89
C THR E 89 -38.77 37.47 -15.20
N LEU E 90 -39.55 36.46 -15.57
CA LEU E 90 -40.86 36.27 -14.95
C LEU E 90 -40.73 35.99 -13.48
N ILE E 91 -39.79 35.11 -13.11
CA ILE E 91 -39.61 34.77 -11.70
C ILE E 91 -39.17 35.99 -10.92
N ARG E 92 -38.24 36.76 -11.49
CA ARG E 92 -37.80 37.99 -10.84
C ARG E 92 -38.95 38.96 -10.65
N ASN E 93 -39.76 39.15 -11.70
CA ASN E 93 -40.94 39.99 -11.60
C ASN E 93 -41.88 39.49 -10.52
N ILE E 94 -42.15 38.19 -10.54
CA ILE E 94 -43.09 37.61 -9.60
C ILE E 94 -42.61 37.85 -8.19
N CYS E 95 -41.33 37.60 -7.94
CA CYS E 95 -40.82 37.70 -6.59
C CYS E 95 -40.76 39.16 -6.13
N GLN E 96 -40.35 40.06 -7.02
CA GLN E 96 -40.36 41.48 -6.67
C GLN E 96 -41.77 41.92 -6.32
N ALA E 97 -42.73 41.56 -7.16
CA ALA E 97 -44.10 41.98 -6.94
C ALA E 97 -44.68 41.30 -5.70
N CYS E 98 -44.31 40.04 -5.45
CA CYS E 98 -44.80 39.35 -4.26
C CYS E 98 -44.25 40.00 -3.00
N GLU E 99 -42.98 40.39 -3.02
CA GLU E 99 -42.47 41.12 -1.87
C GLU E 99 -43.26 42.40 -1.66
N THR E 100 -43.55 43.11 -2.75
CA THR E 100 -44.33 44.33 -2.63
C THR E 100 -45.74 44.04 -2.11
N LEU E 101 -46.35 42.96 -2.58
CA LEU E 101 -47.68 42.57 -2.13
C LEU E 101 -47.68 42.19 -0.67
N GLN E 102 -46.57 41.65 -0.17
CA GLN E 102 -46.43 41.44 1.26
C GLN E 102 -46.30 42.77 1.97
N SER E 103 -45.51 43.68 1.40
CA SER E 103 -45.23 44.95 2.05
C SER E 103 -46.49 45.78 2.21
N ILE E 104 -47.36 45.76 1.21
CA ILE E 104 -48.53 46.64 1.16
C ILE E 104 -49.39 46.46 2.42
N PRO E 105 -49.94 45.27 2.70
CA PRO E 105 -50.71 45.13 3.94
C PRO E 105 -49.86 45.17 5.18
N ARG E 106 -48.69 44.56 5.16
CA ARG E 106 -47.86 44.55 6.36
C ARG E 106 -47.56 45.97 6.79
N TYR E 107 -47.14 46.80 5.84
CA TYR E 107 -46.90 48.20 6.17
C TYR E 107 -48.18 48.89 6.57
N PHE E 108 -49.26 48.68 5.80
CA PHE E 108 -50.47 49.46 6.03
C PHE E 108 -51.01 49.22 7.42
N TYR E 109 -51.15 47.96 7.82
CA TYR E 109 -51.72 47.67 9.12
C TYR E 109 -50.71 47.84 10.23
N ALA E 110 -49.54 47.23 10.09
CA ALA E 110 -48.59 47.19 11.19
C ALA E 110 -47.88 48.53 11.39
N LEU E 111 -47.63 49.25 10.31
CA LEU E 111 -46.79 50.44 10.40
C LEU E 111 -47.60 51.72 10.32
N PHE E 112 -48.64 51.76 9.50
CA PHE E 112 -49.34 53.00 9.23
C PHE E 112 -50.68 53.11 9.94
N ALA E 113 -51.57 52.14 9.74
CA ALA E 113 -52.97 52.35 10.09
C ALA E 113 -53.20 52.39 11.60
N ILE E 114 -52.27 51.88 12.41
CA ILE E 114 -52.51 51.92 13.85
C ILE E 114 -52.55 53.37 14.33
N ASP E 115 -51.82 54.26 13.65
CA ASP E 115 -51.89 55.68 13.99
C ASP E 115 -53.27 56.26 13.74
N LEU E 116 -54.10 55.62 12.92
CA LEU E 116 -55.47 56.04 12.75
C LEU E 116 -56.26 55.93 14.03
N THR E 117 -55.77 55.17 15.01
CA THR E 117 -56.42 55.04 16.31
C THR E 117 -55.98 56.14 17.27
N ASN E 118 -55.19 57.09 16.81
CA ASN E 118 -54.69 58.14 17.69
C ASN E 118 -55.85 58.91 18.31
N LYS E 119 -55.64 59.35 19.55
CA LYS E 119 -56.67 60.07 20.28
C LYS E 119 -57.04 61.39 19.62
N ASN E 120 -56.20 61.90 18.73
CA ASN E 120 -56.53 63.11 17.99
C ASN E 120 -57.79 62.94 17.17
N TYR E 121 -58.15 61.71 16.85
CA TYR E 121 -59.32 61.41 16.03
C TYR E 121 -60.50 60.94 16.84
N ALA E 122 -60.43 61.04 18.17
CA ALA E 122 -61.49 60.52 19.02
C ALA E 122 -62.83 61.18 18.72
N LYS E 123 -62.82 62.41 18.23
CA LYS E 123 -64.05 63.10 17.90
C LYS E 123 -64.66 62.64 16.58
N SER E 124 -63.89 61.94 15.75
CA SER E 124 -64.44 61.46 14.48
C SER E 124 -65.54 60.45 14.73
N LYS E 125 -66.60 60.51 13.94
CA LYS E 125 -67.65 59.51 14.04
C LYS E 125 -67.16 58.12 13.66
N LEU E 126 -66.08 58.03 12.88
CA LEU E 126 -65.52 56.75 12.49
C LEU E 126 -64.45 56.25 13.45
N TYR E 127 -64.18 56.98 14.53
CA TYR E 127 -63.04 56.65 15.38
C TYR E 127 -63.21 55.30 16.05
N ASP E 128 -64.40 54.98 16.55
CA ASP E 128 -64.60 53.69 17.19
C ASP E 128 -64.33 52.56 16.20
N GLU E 129 -64.83 52.70 14.97
CA GLU E 129 -64.55 51.68 13.96
C GLU E 129 -63.08 51.64 13.61
N ALA E 130 -62.43 52.81 13.52
CA ALA E 130 -60.99 52.83 13.25
C ALA E 130 -60.23 52.07 14.33
N VAL E 131 -60.61 52.27 15.59
CA VAL E 131 -59.96 51.56 16.68
C VAL E 131 -60.24 50.07 16.60
N ARG E 132 -61.49 49.70 16.32
CA ARG E 132 -61.84 48.29 16.22
C ARG E 132 -61.01 47.60 15.14
N ARG E 133 -60.79 48.29 14.02
CA ARG E 133 -60.15 47.69 12.88
C ARG E 133 -58.63 47.72 12.98
N PHE E 134 -58.07 48.84 13.38
CA PHE E 134 -56.66 49.13 13.17
C PHE E 134 -55.85 49.23 14.45
N ALA E 135 -56.44 48.98 15.60
CA ALA E 135 -55.65 49.00 16.82
C ALA E 135 -54.52 47.99 16.70
N PRO E 136 -53.33 48.31 17.20
CA PRO E 136 -52.21 47.36 17.07
C PRO E 136 -52.53 46.04 17.74
N TYR E 137 -52.28 44.96 17.00
CA TYR E 137 -52.28 43.57 17.47
C TYR E 137 -53.67 43.02 17.76
N VAL E 138 -54.68 43.86 17.86
CA VAL E 138 -56.01 43.38 18.23
C VAL E 138 -57.03 43.89 17.24
N GLY E 139 -56.61 44.83 16.40
CA GLY E 139 -57.52 45.37 15.41
C GLY E 139 -58.05 44.27 14.52
N THR E 140 -59.36 44.32 14.26
CA THR E 140 -60.00 43.30 13.45
C THR E 140 -59.56 43.34 12.00
N SER E 141 -59.04 44.46 11.54
CA SER E 141 -58.37 44.51 10.25
C SER E 141 -56.88 44.28 10.39
N TYR E 142 -56.31 44.72 11.51
CA TYR E 142 -54.88 44.57 11.74
C TYR E 142 -54.48 43.10 11.70
N GLN E 143 -55.16 42.27 12.49
CA GLN E 143 -54.70 40.88 12.63
C GLN E 143 -54.72 40.14 11.30
N PRO E 144 -55.86 40.03 10.59
CA PRO E 144 -55.80 39.32 9.31
C PRO E 144 -54.91 39.98 8.30
N GLY E 145 -54.86 41.31 8.26
CA GLY E 145 -53.99 41.96 7.29
C GLY E 145 -52.54 41.61 7.51
N VAL E 146 -52.07 41.73 8.75
CA VAL E 146 -50.68 41.42 9.06
C VAL E 146 -50.41 39.94 8.84
N VAL E 147 -51.30 39.08 9.32
CA VAL E 147 -51.09 37.64 9.21
C VAL E 147 -51.01 37.21 7.76
N LEU E 148 -51.94 37.69 6.94
CA LEU E 148 -51.97 37.30 5.54
C LEU E 148 -50.88 37.96 4.74
N SER E 149 -50.26 39.03 5.27
CA SER E 149 -49.15 39.64 4.56
C SER E 149 -48.01 38.66 4.31
N ALA E 150 -47.92 37.59 5.08
CA ALA E 150 -46.86 36.61 4.88
C ALA E 150 -47.07 35.72 3.66
N LYS E 151 -48.28 35.67 3.10
CA LYS E 151 -48.54 34.77 1.99
C LYS E 151 -47.77 35.11 0.72
N PRO E 152 -47.78 36.36 0.23
CA PRO E 152 -47.05 36.63 -1.02
C PRO E 152 -45.58 36.27 -0.92
N VAL E 153 -44.98 36.45 0.25
CA VAL E 153 -43.58 36.06 0.37
C VAL E 153 -43.43 34.56 0.55
N GLU E 154 -44.51 33.84 0.84
CA GLU E 154 -44.47 32.40 0.64
C GLU E 154 -44.25 32.08 -0.82
N VAL E 155 -44.89 32.82 -1.71
CA VAL E 155 -44.61 32.63 -3.14
C VAL E 155 -43.14 32.94 -3.42
N TYR E 156 -42.67 34.05 -2.88
CA TYR E 156 -41.26 34.40 -3.00
C TYR E 156 -40.38 33.24 -2.57
N ALA E 157 -40.71 32.63 -1.44
CA ALA E 157 -39.89 31.53 -0.92
C ALA E 157 -39.98 30.31 -1.82
N ILE E 158 -41.14 30.06 -2.41
CA ILE E 158 -41.27 28.94 -3.33
C ILE E 158 -40.23 29.07 -4.42
N PHE E 159 -40.05 30.27 -4.94
CA PHE E 159 -39.07 30.42 -6.02
C PHE E 159 -37.66 30.72 -5.54
N GLY E 160 -37.50 31.25 -4.35
CA GLY E 160 -36.21 31.74 -3.92
C GLY E 160 -35.69 31.00 -2.72
N GLY E 161 -36.48 30.07 -2.21
CA GLY E 161 -35.98 29.28 -1.09
C GLY E 161 -36.48 29.85 0.21
N GLN E 162 -36.45 31.17 0.30
CA GLN E 162 -36.90 31.78 1.53
C GLN E 162 -37.15 33.26 1.34
N TRP E 163 -37.87 33.77 2.30
CA TRP E 163 -38.04 35.21 2.32
C TRP E 163 -38.14 35.61 3.81
N PRO E 164 -37.44 36.66 4.32
CA PRO E 164 -36.40 37.39 3.60
C PRO E 164 -35.08 36.64 3.49
N DHI E 165 -34.20 37.15 2.66
CA DHI E 165 -32.81 36.72 2.60
C DHI E 165 -32.41 35.60 1.69
O DHI E 165 -31.48 34.89 1.97
CB DHI E 165 -31.83 37.84 2.59
CG DHI E 165 -32.10 38.94 3.56
ND1 DHI E 165 -32.85 40.03 3.23
CD2 DHI E 165 -31.68 39.13 4.82
CE1 DHI E 165 -32.92 40.84 4.26
NE2 DHI E 165 -32.19 40.33 5.24
N SER E 166 -33.11 35.59 0.59
CA SER E 166 -32.61 34.72 -0.47
C SER E 166 -31.71 35.61 -1.33
N SER E 167 -30.82 35.02 -2.09
CA SER E 167 -29.99 35.72 -3.12
C SER E 167 -30.17 34.99 -4.45
N PHE E 168 -31.32 34.39 -4.67
CA PHE E 168 -31.47 33.48 -5.79
C PHE E 168 -31.55 34.16 -7.14
N MET E 169 -31.61 35.49 -7.17
CA MET E 169 -31.56 36.22 -8.43
C MET E 169 -30.10 36.50 -8.75
N VAL E 170 -29.61 35.88 -9.82
CA VAL E 170 -28.20 35.94 -10.15
C VAL E 170 -28.06 36.43 -11.59
N PRO E 171 -26.91 37.00 -11.94
CA PRO E 171 -26.69 37.35 -13.35
C PRO E 171 -26.94 36.14 -14.22
N GLY E 172 -27.72 36.34 -15.27
CA GLY E 172 -28.10 35.26 -16.14
C GLY E 172 -29.40 34.57 -15.77
N GLY E 173 -30.02 34.93 -14.66
CA GLY E 173 -31.34 34.43 -14.38
C GLY E 173 -31.65 34.28 -12.92
N VAL E 174 -32.13 33.10 -12.55
CA VAL E 174 -32.38 32.77 -11.15
C VAL E 174 -31.75 31.42 -10.87
N MET E 175 -31.41 31.21 -9.60
CA MET E 175 -30.81 29.94 -9.22
C MET E 175 -31.81 28.80 -9.31
N SER E 176 -33.09 29.10 -9.12
CA SER E 176 -34.08 28.07 -8.90
C SER E 176 -34.61 27.54 -10.23
N ALA E 177 -35.27 26.40 -10.14
CA ALA E 177 -35.87 25.72 -11.28
C ALA E 177 -37.26 25.33 -10.82
N PRO E 178 -38.22 26.24 -10.94
CA PRO E 178 -39.57 25.94 -10.45
C PRO E 178 -40.11 24.66 -11.07
N THR E 179 -40.82 23.90 -10.25
CA THR E 179 -41.55 22.74 -10.72
C THR E 179 -43.00 23.11 -10.92
N LEU E 180 -43.76 22.16 -11.48
CA LEU E 180 -45.18 22.39 -11.68
C LEU E 180 -45.87 22.71 -10.37
N SER E 181 -45.61 21.91 -9.33
CA SER E 181 -46.24 22.15 -8.04
C SER E 181 -45.81 23.48 -7.46
N ASP E 182 -44.58 23.92 -7.74
CA ASP E 182 -44.18 25.25 -7.31
C ASP E 182 -45.12 26.31 -7.87
N VAL E 183 -45.38 26.25 -9.17
CA VAL E 183 -46.21 27.27 -9.81
C VAL E 183 -47.66 27.14 -9.36
N THR E 184 -48.17 25.92 -9.31
CA THR E 184 -49.56 25.75 -8.89
C THR E 184 -49.75 26.19 -7.45
N ARG E 185 -48.79 25.89 -6.58
CA ARG E 185 -48.89 26.35 -5.20
C ARG E 185 -48.76 27.85 -5.11
N ALA E 186 -47.86 28.44 -5.90
CA ALA E 186 -47.75 29.90 -5.91
C ALA E 186 -49.05 30.54 -6.34
N ILE E 187 -49.67 29.98 -7.37
CA ILE E 187 -50.96 30.49 -7.82
C ILE E 187 -52.00 30.33 -6.71
N ALA E 188 -52.02 29.17 -6.07
CA ALA E 188 -52.99 28.95 -5.00
C ALA E 188 -52.78 29.92 -3.86
N ILE E 189 -51.53 30.14 -3.47
CA ILE E 189 -51.23 31.06 -2.39
C ILE E 189 -51.68 32.46 -2.77
N LEU E 190 -51.36 32.87 -4.00
CA LEU E 190 -51.70 34.21 -4.44
C LEU E 190 -53.21 34.40 -4.50
N GLU E 191 -53.92 33.42 -5.06
CA GLU E 191 -55.37 33.51 -5.13
C GLU E 191 -56.00 33.53 -3.74
N HIS E 192 -55.46 32.72 -2.83
CA HIS E 192 -56.00 32.72 -1.47
C HIS E 192 -55.77 34.06 -0.80
N TRP E 193 -54.57 34.61 -0.94
CA TRP E 193 -54.27 35.90 -0.35
C TRP E 193 -55.14 36.99 -0.97
N ASN E 194 -55.30 36.95 -2.29
CA ASN E 194 -56.13 37.94 -2.97
C ASN E 194 -57.58 37.84 -2.49
N ASP E 195 -58.10 36.63 -2.40
CA ASP E 195 -59.49 36.46 -1.99
C ASP E 195 -59.68 36.86 -0.54
N ASN E 196 -58.75 36.48 0.33
CA ASN E 196 -58.95 36.60 1.76
C ASN E 196 -58.52 37.94 2.32
N TRP E 197 -57.46 38.56 1.80
CA TRP E 197 -57.13 39.90 2.24
C TRP E 197 -57.50 40.94 1.20
N LEU E 198 -56.96 40.84 0.00
CA LEU E 198 -57.06 41.94 -0.96
C LEU E 198 -58.51 42.23 -1.31
N GLU E 199 -59.26 41.20 -1.69
CA GLU E 199 -60.61 41.42 -2.13
C GLU E 199 -61.60 41.43 -0.97
N LYS E 200 -61.51 40.45 -0.08
CA LYS E 200 -62.47 40.38 1.02
C LYS E 200 -62.29 41.52 2.00
N GLN E 201 -61.05 41.74 2.44
CA GLN E 201 -60.81 42.69 3.51
C GLN E 201 -60.47 44.07 3.00
N TRP E 202 -59.49 44.17 2.10
CA TRP E 202 -59.08 45.49 1.65
C TRP E 202 -60.15 46.12 0.77
N LEU E 203 -60.57 45.43 -0.27
CA LEU E 203 -61.44 46.04 -1.27
C LEU E 203 -62.91 45.84 -0.97
N GLY E 204 -63.30 44.70 -0.42
CA GLY E 204 -64.72 44.38 -0.39
C GLY E 204 -65.30 44.21 -1.77
N CYS E 205 -64.46 44.00 -2.78
CA CYS E 205 -64.88 43.79 -4.16
C CYS E 205 -63.74 43.07 -4.87
N SER E 206 -63.97 42.74 -6.14
CA SER E 206 -62.91 42.11 -6.91
C SER E 206 -61.82 43.11 -7.24
N VAL E 207 -60.63 42.60 -7.52
CA VAL E 207 -59.56 43.46 -8.00
C VAL E 207 -59.96 44.14 -9.29
N ASP E 208 -60.69 43.43 -10.15
CA ASP E 208 -61.15 44.02 -11.39
C ASP E 208 -62.03 45.22 -11.15
N ARG E 209 -62.95 45.12 -10.19
CA ARG E 209 -63.83 46.24 -9.90
C ARG E 209 -63.02 47.45 -9.45
N TRP E 210 -62.03 47.23 -8.59
CA TRP E 210 -61.20 48.34 -8.14
C TRP E 210 -60.44 48.97 -9.29
N LEU E 211 -59.86 48.13 -10.15
CA LEU E 211 -59.06 48.64 -11.25
C LEU E 211 -59.90 49.35 -12.31
N GLU E 212 -61.22 49.25 -12.22
CA GLU E 212 -62.10 50.05 -13.06
C GLU E 212 -62.12 51.52 -12.66
N ASN E 213 -61.64 51.84 -11.45
CA ASN E 213 -61.59 53.23 -11.00
C ASN E 213 -60.51 53.97 -11.78
N LYS E 214 -60.93 54.92 -12.61
CA LYS E 214 -60.01 55.69 -13.43
C LYS E 214 -59.90 57.14 -13.00
N THR E 215 -60.80 57.61 -12.15
CA THR E 215 -60.78 58.99 -11.68
C THR E 215 -60.98 58.99 -10.18
N TRP E 216 -60.69 60.15 -9.57
CA TRP E 216 -60.98 60.30 -8.15
C TRP E 216 -62.47 60.15 -7.88
N ASN E 217 -63.30 60.73 -8.77
CA ASN E 217 -64.73 60.57 -8.65
C ASN E 217 -65.13 59.11 -8.77
N ASP E 218 -64.41 58.35 -9.61
CA ASP E 218 -64.63 56.90 -9.67
C ASP E 218 -64.36 56.27 -8.31
N VAL E 219 -63.30 56.69 -7.63
CA VAL E 219 -62.98 56.10 -6.34
C VAL E 219 -64.05 56.45 -5.31
N LEU E 220 -64.53 57.69 -5.31
CA LEU E 220 -65.59 58.07 -4.37
C LEU E 220 -66.88 57.29 -4.66
N ALA E 221 -67.23 57.17 -5.93
CA ALA E 221 -68.39 56.37 -6.30
C ALA E 221 -68.20 54.92 -5.90
N TRP E 222 -66.98 54.41 -6.02
CA TRP E 222 -66.69 53.04 -5.61
C TRP E 222 -66.90 52.88 -4.11
N VAL E 223 -66.47 53.87 -3.33
CA VAL E 223 -66.67 53.81 -1.88
C VAL E 223 -68.16 53.75 -1.56
N ASP E 224 -68.96 54.55 -2.25
CA ASP E 224 -70.39 54.62 -1.96
C ASP E 224 -71.22 53.58 -2.70
N GLU E 225 -70.60 52.78 -3.57
CA GLU E 225 -71.36 51.95 -4.48
C GLU E 225 -72.20 50.91 -3.74
N ASN E 226 -71.62 50.26 -2.76
CA ASN E 226 -72.31 49.24 -2.00
C ASN E 226 -71.67 49.14 -0.63
N GLU E 227 -72.34 48.42 0.26
CA GLU E 227 -71.86 48.31 1.63
C GLU E 227 -70.55 47.56 1.72
N SER E 228 -70.32 46.58 0.84
CA SER E 228 -69.08 45.82 0.91
C SER E 228 -67.88 46.74 0.67
N GLN E 229 -67.96 47.56 -0.37
CA GLN E 229 -66.86 48.48 -0.66
C GLN E 229 -66.83 49.60 0.36
N TYR E 230 -68.00 50.05 0.79
CA TYR E 230 -68.07 51.12 1.79
C TYR E 230 -67.38 50.72 3.07
N ASN E 231 -67.60 49.49 3.53
CA ASN E 231 -67.08 49.01 4.79
C ASN E 231 -65.80 48.20 4.62
N SER E 232 -65.28 48.12 3.40
CA SER E 232 -63.98 47.52 3.21
C SER E 232 -62.92 48.36 3.91
N ASP E 233 -61.76 47.76 4.13
CA ASP E 233 -60.67 48.54 4.68
C ASP E 233 -60.33 49.71 3.79
N CYS E 234 -60.40 49.52 2.47
CA CYS E 234 -60.13 50.61 1.55
C CYS E 234 -61.18 51.70 1.64
N GLY E 235 -62.45 51.31 1.56
CA GLY E 235 -63.51 52.30 1.67
C GLY E 235 -63.51 53.00 3.01
N PHE E 236 -63.32 52.23 4.09
CA PHE E 236 -63.24 52.85 5.40
C PHE E 236 -62.05 53.79 5.48
N PHE E 237 -60.91 53.38 4.93
CA PHE E 237 -59.73 54.21 5.00
C PHE E 237 -59.93 55.52 4.26
N ILE E 238 -60.54 55.46 3.07
CA ILE E 238 -60.81 56.68 2.32
C ILE E 238 -61.75 57.58 3.10
N ARG E 239 -62.83 57.01 3.63
CA ARG E 239 -63.77 57.80 4.38
C ARG E 239 -63.14 58.39 5.63
N TYR E 240 -62.31 57.60 6.31
CA TYR E 240 -61.61 58.08 7.50
C TYR E 240 -60.66 59.21 7.15
N CYS E 241 -59.92 59.08 6.05
CA CYS E 241 -59.02 60.13 5.63
C CYS E 241 -59.77 61.41 5.34
N LEU E 242 -60.88 61.29 4.61
CA LEU E 242 -61.66 62.48 4.29
C LEU E 242 -62.29 63.08 5.52
N ASP E 243 -62.64 62.26 6.51
CA ASP E 243 -63.25 62.77 7.72
C ASP E 243 -62.23 63.46 8.62
N VAL E 244 -61.07 62.86 8.80
CA VAL E 244 -60.08 63.33 9.77
C VAL E 244 -59.04 64.23 9.14
N GLY E 245 -59.06 64.41 7.82
CA GLY E 245 -58.17 65.36 7.18
C GLY E 245 -56.85 64.82 6.72
N LEU E 246 -56.73 63.51 6.49
CA LEU E 246 -55.49 62.99 5.93
C LEU E 246 -55.31 63.36 4.47
N ASP E 247 -56.34 63.88 3.83
CA ASP E 247 -56.24 64.39 2.47
C ASP E 247 -55.79 65.84 2.42
N LYS E 248 -55.52 66.46 3.56
CA LYS E 248 -55.28 67.89 3.62
C LYS E 248 -53.83 68.26 3.89
N TYR E 249 -52.96 67.29 4.16
CA TYR E 249 -51.55 67.59 4.39
C TYR E 249 -50.71 66.40 3.95
N GLY E 250 -49.40 66.56 4.06
CA GLY E 250 -48.49 65.59 3.51
C GLY E 250 -48.36 65.68 2.00
N GLN E 251 -48.65 66.85 1.42
CA GLN E 251 -48.58 66.99 -0.03
C GLN E 251 -47.19 66.67 -0.56
N GLY E 252 -46.17 67.28 0.02
CA GLY E 252 -44.82 67.04 -0.42
C GLY E 252 -44.45 67.81 -1.66
N VAL E 253 -43.42 67.30 -2.35
CA VAL E 253 -42.83 68.00 -3.48
C VAL E 253 -43.81 68.10 -4.64
N GLY E 254 -44.66 67.10 -4.82
CA GLY E 254 -45.49 67.04 -6.01
C GLY E 254 -44.72 66.65 -7.25
N ASN E 255 -43.44 66.32 -7.12
CA ASN E 255 -42.61 65.82 -8.19
C ASN E 255 -42.16 64.42 -7.81
N TYR E 256 -42.13 63.54 -8.80
CA TYR E 256 -42.05 62.11 -8.55
C TYR E 256 -41.00 61.45 -9.43
N LEU E 257 -40.37 60.44 -8.87
CA LEU E 257 -39.41 59.62 -9.59
C LEU E 257 -39.88 58.18 -9.50
N ALA E 258 -40.03 57.55 -10.65
CA ALA E 258 -40.20 56.12 -10.73
C ALA E 258 -39.11 55.60 -11.65
N THR E 259 -38.29 54.69 -11.14
CA THR E 259 -37.36 54.00 -12.02
C THR E 259 -38.04 52.84 -12.73
N GLY E 260 -39.22 52.45 -12.28
CA GLY E 260 -39.93 51.36 -12.90
C GLY E 260 -39.35 50.02 -12.50
N THR E 261 -40.10 48.96 -12.75
CA THR E 261 -39.58 47.60 -12.59
C THR E 261 -40.52 46.68 -13.37
N TYR E 262 -40.33 45.36 -13.21
CA TYR E 262 -41.12 44.38 -13.94
C TYR E 262 -40.87 44.43 -15.44
N PHE E 263 -39.76 43.87 -15.87
CA PHE E 263 -39.47 43.81 -17.30
C PHE E 263 -40.38 42.85 -18.04
N GLU E 264 -40.81 43.27 -19.21
CA GLU E 264 -41.42 42.36 -20.14
C GLU E 264 -40.36 41.36 -20.59
N PRO E 265 -40.57 40.07 -20.37
CA PRO E 265 -39.46 39.11 -20.55
C PRO E 265 -38.82 39.17 -21.92
N SER E 266 -39.61 39.34 -22.98
CA SER E 266 -39.04 39.35 -24.32
C SER E 266 -38.24 40.63 -24.59
N LEU E 267 -38.47 41.68 -23.82
CA LEU E 267 -37.82 42.96 -24.09
C LEU E 267 -36.57 43.20 -23.26
N TYR E 268 -36.27 42.35 -22.28
CA TYR E 268 -35.09 42.53 -21.46
C TYR E 268 -34.32 41.23 -21.34
N GLU E 269 -34.32 40.42 -22.39
CA GLU E 269 -33.54 39.19 -22.39
C GLU E 269 -32.05 39.47 -22.32
N ASN E 270 -31.61 40.63 -22.75
CA ASN E 270 -30.21 41.02 -22.68
C ASN E 270 -30.15 42.37 -22.01
N PRO E 271 -30.16 42.38 -20.68
CA PRO E 271 -30.28 43.64 -19.94
C PRO E 271 -29.18 44.63 -20.32
N THR E 272 -29.60 45.84 -20.64
CA THR E 272 -28.71 46.97 -20.81
C THR E 272 -29.30 48.14 -20.06
N ILE E 273 -28.44 49.09 -19.73
CA ILE E 273 -28.92 50.32 -19.13
C ILE E 273 -29.83 51.06 -20.10
N GLU E 274 -29.41 51.14 -21.36
CA GLU E 274 -30.14 51.96 -22.33
C GLU E 274 -31.49 51.35 -22.68
N GLY E 275 -31.57 50.02 -22.76
CA GLY E 275 -32.82 49.39 -23.10
C GLY E 275 -33.75 49.16 -21.95
N ARG E 276 -33.39 49.65 -20.76
CA ARG E 276 -34.15 49.33 -19.57
C ARG E 276 -35.56 49.91 -19.62
N ASN E 277 -35.67 51.21 -19.94
CA ASN E 277 -36.95 51.89 -19.84
C ASN E 277 -38.00 51.27 -20.74
N ALA E 278 -37.63 50.95 -21.98
CA ALA E 278 -38.60 50.41 -22.91
C ALA E 278 -39.12 49.05 -22.46
N ALA E 279 -38.28 48.26 -21.77
CA ALA E 279 -38.66 46.93 -21.37
C ALA E 279 -39.57 46.89 -20.14
N LEU E 280 -39.68 48.00 -19.43
CA LEU E 280 -40.42 48.01 -18.18
C LEU E 280 -41.91 47.83 -18.42
N ILE E 281 -42.54 47.04 -17.55
CA ILE E 281 -43.99 47.00 -17.46
C ILE E 281 -44.50 48.07 -16.52
N GLY E 282 -43.99 48.09 -15.29
CA GLY E 282 -44.29 49.17 -14.40
C GLY E 282 -43.37 50.31 -14.82
N ARG E 283 -43.92 51.26 -15.55
CA ARG E 283 -43.10 52.21 -16.28
C ARG E 283 -42.31 53.10 -15.35
N SER E 284 -41.08 53.39 -15.76
CA SER E 284 -40.34 54.50 -15.19
C SER E 284 -40.98 55.80 -15.62
N GLY E 285 -40.52 56.88 -15.02
CA GLY E 285 -41.01 58.18 -15.38
C GLY E 285 -40.76 59.15 -14.27
N VAL E 286 -40.36 60.36 -14.64
CA VAL E 286 -40.22 61.46 -13.71
C VAL E 286 -41.39 62.40 -13.98
N PHE E 287 -42.08 62.79 -12.94
CA PHE E 287 -43.20 63.73 -13.05
C PHE E 287 -42.80 64.99 -12.29
N ALA E 288 -42.39 66.02 -13.01
CA ALA E 288 -41.87 67.22 -12.38
C ALA E 288 -42.52 68.43 -13.03
N ASP E 289 -42.90 69.40 -12.20
CA ASP E 289 -43.53 70.62 -12.68
C ASP E 289 -44.75 70.30 -13.55
N GLY E 290 -45.48 69.26 -13.17
CA GLY E 290 -46.66 68.88 -13.90
C GLY E 290 -46.41 68.27 -15.26
N ARG E 291 -45.18 67.84 -15.52
CA ARG E 291 -44.80 67.33 -16.82
C ARG E 291 -44.11 65.98 -16.69
N TYR E 292 -44.24 65.17 -17.72
CA TYR E 292 -43.64 63.86 -17.76
C TYR E 292 -42.28 63.90 -18.44
N PHE E 293 -41.31 63.22 -17.85
CA PHE E 293 -39.97 63.08 -18.37
C PHE E 293 -39.58 61.62 -18.33
N GLU E 294 -38.75 61.22 -19.27
CA GLU E 294 -38.18 59.88 -19.22
C GLU E 294 -37.14 59.81 -18.11
N PHE E 295 -37.18 58.74 -17.31
CA PHE E 295 -36.14 58.54 -16.32
C PHE E 295 -34.82 58.23 -17.01
N ASP E 296 -33.75 58.85 -16.52
CA ASP E 296 -32.40 58.57 -16.99
C ASP E 296 -31.49 58.53 -15.77
N GLN E 297 -30.89 57.37 -15.52
CA GLN E 297 -30.04 57.22 -14.35
C GLN E 297 -28.86 58.20 -14.37
N ALA E 298 -28.47 58.65 -15.55
CA ALA E 298 -27.38 59.63 -15.64
C ALA E 298 -27.73 60.93 -14.92
N ASN E 299 -29.02 61.22 -14.76
CA ASN E 299 -29.46 62.44 -14.09
C ASN E 299 -29.45 62.33 -12.57
N VAL E 300 -29.06 61.17 -12.07
CA VAL E 300 -29.14 60.96 -10.61
C VAL E 300 -27.86 61.45 -9.94
N THR E 301 -27.97 62.36 -8.98
CA THR E 301 -26.83 62.74 -8.18
C THR E 301 -27.18 62.48 -6.72
N GLU E 302 -26.17 62.34 -5.90
CA GLU E 302 -26.36 62.29 -4.46
C GLU E 302 -25.54 63.39 -3.81
N ASP E 303 -26.23 64.22 -3.04
CA ASP E 303 -25.65 65.32 -2.31
C ASP E 303 -25.45 64.91 -0.87
N VAL E 304 -24.31 65.25 -0.28
CA VAL E 304 -24.08 64.94 1.11
C VAL E 304 -23.84 66.21 1.94
N THR E 305 -24.31 67.34 1.43
CA THR E 305 -24.09 68.61 2.10
C THR E 305 -24.60 68.57 3.53
N HIS E 306 -25.81 68.07 3.72
CA HIS E 306 -26.40 67.94 5.04
C HIS E 306 -26.40 66.50 5.53
N SER E 307 -25.64 65.64 4.86
CA SER E 307 -25.51 64.25 5.24
C SER E 307 -24.17 64.03 5.94
N PHE E 308 -24.13 62.99 6.77
CA PHE E 308 -22.92 62.71 7.53
C PHE E 308 -21.89 62.01 6.67
N TYR E 309 -21.55 62.62 5.53
CA TYR E 309 -20.53 62.07 4.65
C TYR E 309 -19.66 63.20 4.16
N GLU E 310 -18.41 62.85 3.88
CA GLU E 310 -17.51 63.79 3.23
C GLU E 310 -17.94 63.98 1.79
N GLY E 311 -17.79 65.21 1.30
CA GLY E 311 -18.11 65.49 -0.08
C GLY E 311 -18.44 66.95 -0.27
N ASN E 312 -18.14 67.49 -1.45
CA ASN E 312 -18.39 68.89 -1.72
C ASN E 312 -19.25 69.12 -2.96
N ARG E 313 -19.56 68.08 -3.73
CA ARG E 313 -20.39 68.23 -4.90
C ARG E 313 -21.29 67.01 -5.03
N PRO E 314 -22.47 67.17 -5.61
CA PRO E 314 -23.31 66.01 -5.89
C PRO E 314 -22.58 65.06 -6.83
N LEU E 315 -22.70 63.77 -6.55
CA LEU E 315 -22.00 62.75 -7.30
C LEU E 315 -23.00 61.82 -7.96
N HIS E 316 -22.82 61.60 -9.25
CA HIS E 316 -23.52 60.49 -9.87
C HIS E 316 -23.03 59.19 -9.22
N PRO E 317 -23.94 58.26 -8.92
CA PRO E 317 -23.52 57.11 -8.10
C PRO E 317 -22.44 56.25 -8.73
N PHE E 318 -22.26 56.29 -10.05
CA PHE E 318 -21.14 55.58 -10.65
C PHE E 318 -19.82 56.10 -10.10
N GLU E 319 -19.76 57.39 -9.76
CA GLU E 319 -18.62 57.98 -9.06
C GLU E 319 -18.95 58.26 -7.60
N GLY E 320 -19.98 57.60 -7.07
CA GLY E 320 -20.40 57.85 -5.71
C GLY E 320 -19.34 57.44 -4.70
N GLU E 321 -19.41 58.06 -3.53
CA GLU E 321 -18.52 57.79 -2.43
C GLU E 321 -19.35 57.78 -1.16
N THR E 322 -18.97 56.93 -0.23
CA THR E 322 -19.65 56.87 1.06
C THR E 322 -18.54 56.94 2.10
N ILE E 323 -18.16 58.16 2.44
CA ILE E 323 -17.10 58.40 3.42
C ILE E 323 -17.75 59.07 4.62
N PRO E 324 -18.07 58.33 5.66
CA PRO E 324 -18.78 58.91 6.79
C PRO E 324 -17.94 59.96 7.49
N VAL E 325 -18.62 60.95 8.02
CA VAL E 325 -18.01 61.90 8.95
C VAL E 325 -18.66 61.67 10.30
N ASN E 326 -17.93 61.97 11.35
CA ASN E 326 -18.44 61.77 12.69
C ASN E 326 -19.65 62.68 12.90
N PRO E 327 -20.78 62.15 13.36
CA PRO E 327 -21.99 62.98 13.45
C PRO E 327 -21.81 64.21 14.31
N GLU E 328 -20.92 64.18 15.30
CA GLU E 328 -20.63 65.38 16.07
C GLU E 328 -20.05 66.47 15.17
N ASP E 329 -19.00 66.13 14.40
CA ASP E 329 -18.42 67.08 13.47
C ASP E 329 -19.42 67.51 12.41
N GLY E 330 -20.15 66.54 11.86
CA GLY E 330 -21.12 66.86 10.82
C GLY E 330 -22.18 67.81 11.30
N ARG E 331 -22.67 67.60 12.52
CA ARG E 331 -23.65 68.52 13.09
C ARG E 331 -23.03 69.89 13.30
N ARG E 332 -21.74 69.94 13.63
CA ARG E 332 -21.07 71.24 13.63
C ARG E 332 -21.07 71.87 12.25
N GLN E 333 -21.11 71.06 11.19
CA GLN E 333 -21.16 71.58 9.83
C GLN E 333 -22.58 71.68 9.28
N GLY E 334 -23.60 71.54 10.11
CA GLY E 334 -24.96 71.59 9.64
C GLY E 334 -25.50 70.31 9.05
N LYS E 335 -24.70 69.24 9.05
CA LYS E 335 -25.19 67.94 8.62
C LYS E 335 -26.05 67.33 9.70
N TYR E 336 -27.12 66.65 9.30
CA TYR E 336 -28.03 66.14 10.31
C TYR E 336 -28.60 64.76 10.00
N SER E 337 -28.14 64.09 8.96
CA SER E 337 -28.75 62.83 8.61
C SER E 337 -27.73 61.90 7.97
N TRP E 338 -27.85 60.62 8.28
CA TRP E 338 -27.08 59.61 7.56
C TRP E 338 -27.64 59.36 6.17
N ALA E 339 -28.81 59.91 5.85
CA ALA E 339 -29.33 59.82 4.49
C ALA E 339 -28.53 60.73 3.57
N LYS E 340 -28.12 60.20 2.44
CA LYS E 340 -27.71 61.07 1.36
C LYS E 340 -28.96 61.78 0.80
N SER E 341 -28.72 62.83 0.03
CA SER E 341 -29.78 63.61 -0.60
C SER E 341 -29.78 63.31 -2.08
N PRO E 342 -30.50 62.30 -2.54
CA PRO E 342 -30.57 62.05 -3.98
C PRO E 342 -31.36 63.16 -4.64
N ARG E 343 -30.82 63.67 -5.73
CA ARG E 343 -31.48 64.68 -6.53
C ARG E 343 -31.45 64.21 -7.97
N TYR E 344 -32.39 64.71 -8.74
CA TYR E 344 -32.52 64.33 -10.14
C TYR E 344 -32.47 65.59 -10.98
N ALA E 345 -31.63 65.58 -12.00
CA ALA E 345 -31.51 66.72 -12.90
C ALA E 345 -32.71 66.71 -13.85
N VAL E 346 -33.66 67.59 -13.61
CA VAL E 346 -34.79 67.82 -14.50
C VAL E 346 -34.51 69.08 -15.30
N PRO E 347 -34.55 69.04 -16.63
CA PRO E 347 -34.28 70.24 -17.42
C PRO E 347 -35.25 71.36 -17.05
N GLY E 348 -34.71 72.57 -16.97
CA GLY E 348 -35.49 73.72 -16.56
C GLY E 348 -35.75 73.80 -15.07
N LEU E 349 -35.36 72.78 -14.31
CA LEU E 349 -35.56 72.78 -12.87
C LEU E 349 -34.29 72.54 -12.08
N GLY E 350 -33.22 72.06 -12.70
CA GLY E 350 -32.02 71.78 -11.94
C GLY E 350 -32.11 70.43 -11.26
N ASN E 351 -31.28 70.24 -10.24
CA ASN E 351 -31.24 69.00 -9.48
C ASN E 351 -32.28 69.10 -8.36
N VAL E 352 -33.43 68.50 -8.58
CA VAL E 352 -34.57 68.66 -7.67
C VAL E 352 -34.77 67.39 -6.86
N PRO E 353 -35.39 67.49 -5.68
CA PRO E 353 -35.84 66.28 -5.00
C PRO E 353 -37.06 65.73 -5.69
N LEU E 354 -37.15 64.41 -5.76
CA LEU E 354 -38.27 63.73 -6.35
C LEU E 354 -38.82 62.75 -5.34
N GLU E 355 -40.12 62.78 -5.13
CA GLU E 355 -40.74 61.78 -4.27
C GLU E 355 -40.78 60.45 -5.00
N THR E 356 -40.35 59.40 -4.32
CA THR E 356 -40.43 58.06 -4.87
C THR E 356 -41.51 57.29 -4.12
N GLY E 357 -42.00 56.25 -4.77
CA GLY E 357 -42.95 55.39 -4.12
C GLY E 357 -44.10 55.06 -5.03
N PRO E 358 -45.10 54.40 -4.46
CA PRO E 358 -46.26 54.02 -5.28
C PRO E 358 -46.89 55.20 -5.96
N LEU E 359 -46.98 56.35 -5.31
CA LEU E 359 -47.56 57.53 -5.96
C LEU E 359 -46.73 57.92 -7.17
N ALA E 360 -45.40 57.90 -7.03
CA ALA E 360 -44.54 58.18 -8.16
C ALA E 360 -44.79 57.19 -9.29
N ARG E 361 -44.95 55.92 -8.94
CA ARG E 361 -45.22 54.90 -9.94
C ARG E 361 -46.54 55.14 -10.64
N ARG E 362 -47.58 55.47 -9.89
CA ARG E 362 -48.90 55.72 -10.49
C ARG E 362 -48.85 56.92 -11.42
N MET E 363 -48.14 57.97 -11.00
CA MET E 363 -47.98 59.12 -11.88
C MET E 363 -47.25 58.72 -13.15
N ALA E 364 -46.19 57.92 -13.02
CA ALA E 364 -45.47 57.44 -14.20
C ALA E 364 -46.37 56.60 -15.08
N ALA E 365 -47.22 55.79 -14.47
CA ALA E 365 -48.15 54.96 -15.21
C ALA E 365 -49.20 55.81 -15.92
N SER E 366 -49.38 57.05 -15.49
CA SER E 366 -50.27 57.95 -16.18
C SER E 366 -49.61 58.69 -17.34
N ALA E 367 -48.33 58.43 -17.60
CA ALA E 367 -47.65 59.09 -18.70
C ALA E 367 -48.23 58.63 -20.03
N PRO E 368 -48.20 59.47 -21.06
CA PRO E 368 -48.68 59.06 -22.38
C PRO E 368 -47.76 58.01 -22.98
N ASP E 369 -48.19 57.48 -24.13
CA ASP E 369 -47.34 56.65 -24.98
C ASP E 369 -46.86 55.39 -24.25
N ALA E 370 -47.77 54.77 -23.50
CA ALA E 370 -47.46 53.48 -22.92
C ALA E 370 -47.48 52.40 -23.99
N GLU E 371 -46.47 51.55 -24.00
CA GLU E 371 -46.50 50.39 -24.88
C GLU E 371 -47.47 49.35 -24.33
N THR E 372 -47.75 48.33 -25.15
CA THR E 372 -48.80 47.38 -24.80
C THR E 372 -48.50 46.66 -23.50
N HIS E 373 -47.24 46.31 -23.28
CA HIS E 373 -46.83 45.60 -22.06
C HIS E 373 -46.80 46.49 -20.84
N GLN E 374 -46.99 47.79 -20.99
CA GLN E 374 -46.69 48.75 -19.94
C GLN E 374 -47.95 49.17 -19.19
N ASP E 375 -47.76 49.46 -17.91
CA ASP E 375 -48.80 49.98 -17.05
C ASP E 375 -49.29 51.32 -17.57
N ASP E 376 -50.52 51.36 -18.07
CA ASP E 376 -51.16 52.59 -18.53
C ASP E 376 -52.38 52.81 -17.65
N ASP E 377 -52.25 53.72 -16.70
CA ASP E 377 -53.28 53.94 -15.70
C ASP E 377 -53.44 55.44 -15.46
N PRO E 378 -54.56 56.04 -15.86
CA PRO E 378 -54.75 57.48 -15.66
C PRO E 378 -55.28 57.83 -14.29
N LEU E 379 -55.49 56.85 -13.42
CA LEU E 379 -56.20 57.12 -12.16
C LEU E 379 -55.50 58.19 -11.35
N PHE E 380 -54.19 58.07 -11.18
CA PHE E 380 -53.54 58.99 -10.28
C PHE E 380 -53.09 60.28 -10.94
N ALA E 381 -53.01 60.34 -12.26
CA ALA E 381 -52.99 61.65 -12.90
C ALA E 381 -54.25 62.41 -12.53
N ASP E 382 -55.40 61.74 -12.61
CA ASP E 382 -56.66 62.39 -12.27
C ASP E 382 -56.72 62.76 -10.80
N ILE E 383 -56.29 61.86 -9.91
CA ILE E 383 -56.32 62.17 -8.49
C ILE E 383 -55.39 63.33 -8.17
N TYR E 384 -54.20 63.33 -8.77
CA TYR E 384 -53.25 64.42 -8.56
C TYR E 384 -53.84 65.74 -9.02
N ASN E 385 -54.53 65.74 -10.16
CA ASN E 385 -55.11 66.98 -10.65
C ASN E 385 -56.33 67.39 -9.86
N ALA E 386 -57.03 66.42 -9.27
CA ALA E 386 -58.30 66.71 -8.59
C ALA E 386 -58.07 67.17 -7.16
N ILE E 387 -57.33 66.38 -6.39
CA ILE E 387 -57.09 66.69 -4.97
C ILE E 387 -55.62 66.82 -4.64
N GLY E 388 -54.72 66.50 -5.55
CA GLY E 388 -53.31 66.66 -5.30
C GLY E 388 -52.79 65.60 -4.35
N PRO E 389 -51.47 65.60 -4.14
CA PRO E 389 -50.88 64.63 -3.21
C PRO E 389 -51.28 64.94 -1.78
N SER E 390 -51.24 63.91 -0.96
CA SER E 390 -51.51 64.01 0.46
C SER E 390 -51.18 62.67 1.07
N VAL E 391 -51.27 62.61 2.41
CA VAL E 391 -51.11 61.33 3.09
C VAL E 391 -52.10 60.32 2.51
N MET E 392 -53.35 60.73 2.35
CA MET E 392 -54.37 59.84 1.84
C MET E 392 -54.06 59.39 0.42
N VAL E 393 -53.68 60.33 -0.44
CA VAL E 393 -53.44 59.99 -1.84
C VAL E 393 -52.20 59.11 -1.99
N ARG E 394 -51.15 59.42 -1.22
CA ARG E 394 -49.96 58.57 -1.23
C ARG E 394 -50.32 57.15 -0.79
N GLN E 395 -51.09 57.04 0.30
CA GLN E 395 -51.49 55.72 0.76
C GLN E 395 -52.35 55.01 -0.28
N LEU E 396 -53.26 55.76 -0.91
CA LEU E 396 -54.14 55.16 -1.90
C LEU E 396 -53.34 54.65 -3.09
N ALA E 397 -52.29 55.36 -3.47
CA ALA E 397 -51.42 54.85 -4.53
C ALA E 397 -50.80 53.52 -4.13
N ARG E 398 -50.28 53.47 -2.91
CA ARG E 398 -49.70 52.22 -2.41
C ARG E 398 -50.71 51.08 -2.48
N MET E 399 -51.90 51.34 -1.95
CA MET E 399 -52.93 50.32 -1.89
C MET E 399 -53.44 49.94 -3.27
N HIS E 400 -53.49 50.91 -4.18
CA HIS E 400 -53.91 50.68 -5.55
C HIS E 400 -53.00 49.69 -6.24
N GLU E 401 -51.72 49.70 -5.88
CA GLU E 401 -50.80 48.74 -6.47
C GLU E 401 -51.13 47.29 -6.13
N GLY E 402 -51.82 47.04 -5.01
CA GLY E 402 -52.19 45.71 -4.61
C GLY E 402 -52.94 44.94 -5.69
N PRO E 403 -54.12 45.42 -6.07
CA PRO E 403 -54.85 44.75 -7.16
C PRO E 403 -54.07 44.66 -8.45
N LYS E 404 -53.37 45.75 -8.81
CA LYS E 404 -52.66 45.79 -10.08
C LYS E 404 -51.52 44.76 -10.08
N TYR E 405 -50.70 44.77 -9.04
CA TYR E 405 -49.59 43.83 -8.97
C TYR E 405 -50.08 42.41 -8.80
N TYR E 406 -51.19 42.21 -8.08
CA TYR E 406 -51.72 40.86 -7.98
C TYR E 406 -52.05 40.33 -9.36
N LYS E 407 -52.74 41.14 -10.17
CA LYS E 407 -53.08 40.70 -11.52
C LYS E 407 -51.84 40.41 -12.34
N TRP E 408 -50.83 41.28 -12.23
CA TRP E 408 -49.59 41.04 -12.98
C TRP E 408 -48.94 39.75 -12.55
N VAL E 409 -48.87 39.50 -11.25
CA VAL E 409 -48.22 38.28 -10.76
C VAL E 409 -48.98 37.06 -11.23
N ARG E 410 -50.30 37.09 -11.14
CA ARG E 410 -51.10 35.97 -11.58
C ARG E 410 -50.82 35.67 -13.05
N GLN E 411 -50.78 36.72 -13.86
CA GLN E 411 -50.50 36.52 -15.28
C GLN E 411 -49.08 35.99 -15.48
N TRP E 412 -48.10 36.52 -14.74
CA TRP E 412 -46.73 36.05 -14.91
C TRP E 412 -46.60 34.59 -14.55
N LEU E 413 -47.28 34.17 -13.48
CA LEU E 413 -47.29 32.76 -13.11
C LEU E 413 -47.86 31.93 -14.25
N ASP E 414 -48.92 32.44 -14.89
CA ASP E 414 -49.42 31.75 -16.08
C ASP E 414 -48.41 31.78 -17.22
N ASP E 415 -47.57 32.81 -17.28
CA ASP E 415 -46.64 32.97 -18.38
C ASP E 415 -45.45 32.04 -18.27
N LEU E 416 -45.18 31.51 -17.08
CA LEU E 416 -44.02 30.65 -16.91
C LEU E 416 -44.11 29.45 -17.85
N GLU E 417 -43.03 29.21 -18.57
CA GLU E 417 -42.93 28.07 -19.48
C GLU E 417 -41.96 27.11 -18.80
N LEU E 418 -42.51 26.16 -18.05
CA LEU E 418 -41.72 25.43 -17.08
C LEU E 418 -40.63 24.60 -17.71
N LYS E 419 -40.81 24.19 -18.97
CA LYS E 419 -39.78 23.43 -19.67
C LYS E 419 -38.61 24.29 -20.10
N GLU E 420 -38.75 25.60 -20.07
CA GLU E 420 -37.74 26.49 -20.61
C GLU E 420 -36.74 26.92 -19.54
N SER E 421 -35.66 27.53 -20.01
CA SER E 421 -34.54 27.86 -19.15
C SER E 421 -34.90 28.92 -18.13
N PHE E 422 -34.28 28.82 -16.97
CA PHE E 422 -34.38 29.82 -15.93
C PHE E 422 -33.06 30.52 -15.69
N TYR E 423 -32.03 30.16 -16.45
CA TYR E 423 -30.70 30.65 -16.16
C TYR E 423 -29.84 30.44 -17.38
N THR E 424 -29.18 31.49 -17.81
CA THR E 424 -28.13 31.42 -18.82
C THR E 424 -26.84 31.75 -18.11
N LYS E 425 -25.93 30.79 -18.06
CA LYS E 425 -24.68 31.01 -17.36
C LYS E 425 -23.97 32.21 -17.98
N PRO E 426 -23.70 33.26 -17.22
CA PRO E 426 -23.04 34.44 -17.79
C PRO E 426 -21.54 34.28 -17.76
N VAL E 427 -20.87 35.14 -18.51
CA VAL E 427 -19.44 35.32 -18.36
C VAL E 427 -19.23 36.33 -17.25
N GLU E 428 -18.49 35.93 -16.21
CA GLU E 428 -18.21 36.81 -15.08
C GLU E 428 -17.03 37.68 -15.47
N TYR E 429 -17.33 38.77 -16.19
CA TYR E 429 -16.29 39.65 -16.68
C TYR E 429 -15.55 40.32 -15.53
N ALA E 430 -14.24 40.48 -15.70
CA ALA E 430 -13.41 41.15 -14.70
C ALA E 430 -13.75 42.62 -14.57
N GLU E 431 -14.31 43.21 -15.61
CA GLU E 431 -14.65 44.62 -15.64
C GLU E 431 -16.11 44.75 -16.01
N GLY E 432 -16.73 45.85 -15.59
CA GLY E 432 -18.09 46.08 -15.99
C GLY E 432 -18.71 47.24 -15.25
N LYS E 433 -19.66 47.91 -15.86
CA LYS E 433 -20.45 48.94 -15.18
C LYS E 433 -21.91 48.55 -15.31
N GLY E 434 -22.56 48.37 -14.18
CA GLY E 434 -23.92 47.87 -14.14
C GLY E 434 -24.82 48.88 -13.47
N PHE E 435 -26.03 48.99 -13.99
CA PHE E 435 -27.07 49.76 -13.34
C PHE E 435 -28.26 48.83 -13.21
N GLY E 436 -28.67 48.58 -11.98
CA GLY E 436 -29.84 47.79 -11.76
C GLY E 436 -30.85 48.66 -11.08
N SER E 437 -32.09 48.66 -11.52
CA SER E 437 -33.08 49.43 -10.80
C SER E 437 -34.37 48.65 -10.74
N THR E 438 -35.14 48.95 -9.72
CA THR E 438 -36.44 48.33 -9.53
C THR E 438 -37.31 49.32 -8.78
N GLU E 439 -38.55 48.95 -8.64
CA GLU E 439 -39.41 49.76 -7.77
C GLU E 439 -39.66 48.84 -6.63
N ALA E 440 -38.96 49.11 -5.56
CA ALA E 440 -39.26 48.37 -4.34
C ALA E 440 -40.62 48.88 -3.90
N ALA E 441 -41.19 48.26 -2.88
CA ALA E 441 -42.50 48.73 -2.40
C ALA E 441 -42.49 50.25 -2.22
N ARG E 442 -41.41 50.80 -1.73
CA ARG E 442 -41.37 52.23 -1.35
C ARG E 442 -40.88 53.11 -2.50
N GLY E 443 -40.48 52.49 -3.60
CA GLY E 443 -40.12 53.34 -4.73
C GLY E 443 -38.83 52.97 -5.43
N ALA E 444 -38.31 53.92 -6.17
CA ALA E 444 -37.11 53.72 -7.00
C ALA E 444 -35.94 53.22 -6.16
N LEU E 445 -35.52 52.02 -6.45
CA LEU E 445 -34.34 51.49 -5.74
C LEU E 445 -33.32 51.22 -6.85
N SER E 446 -32.12 51.71 -6.66
CA SER E 446 -31.15 51.60 -7.76
C SER E 446 -29.75 51.26 -7.26
N ASP E 447 -29.06 50.43 -8.01
CA ASP E 447 -27.67 50.06 -7.76
C ASP E 447 -26.87 50.54 -8.95
N TRP E 448 -25.80 51.27 -8.68
CA TRP E 448 -24.76 51.54 -9.66
C TRP E 448 -23.53 50.80 -9.20
N ILE E 449 -23.09 49.83 -9.99
CA ILE E 449 -21.96 48.99 -9.62
C ILE E 449 -20.88 49.17 -10.66
N VAL E 450 -19.64 49.23 -10.19
CA VAL E 450 -18.47 49.24 -11.04
C VAL E 450 -17.64 48.06 -10.59
N ILE E 451 -17.48 47.09 -11.48
CA ILE E 451 -16.64 45.93 -11.28
C ILE E 451 -15.32 46.19 -11.99
N GLU E 452 -14.24 46.02 -11.25
CA GLU E 452 -12.90 46.17 -11.81
C GLU E 452 -12.03 45.07 -11.22
N ASP E 453 -11.22 44.47 -12.08
CA ASP E 453 -10.27 43.45 -11.64
C ASP E 453 -11.01 42.34 -10.89
N SER E 454 -12.18 41.96 -11.40
CA SER E 454 -12.99 40.89 -10.83
C SER E 454 -13.36 41.17 -9.38
N LYS E 455 -13.46 42.44 -9.04
CA LYS E 455 -13.83 42.87 -7.70
C LYS E 455 -14.79 44.03 -7.82
N ILE E 456 -15.52 44.29 -6.74
CA ILE E 456 -16.38 45.46 -6.71
C ILE E 456 -15.49 46.69 -6.53
N LYS E 457 -15.41 47.51 -7.57
CA LYS E 457 -14.66 48.76 -7.46
C LYS E 457 -15.51 49.83 -6.81
N ASN E 458 -16.75 49.96 -7.23
CA ASN E 458 -17.69 50.86 -6.58
C ASN E 458 -19.05 50.20 -6.51
N TYR E 459 -19.79 50.55 -5.47
CA TYR E 459 -21.13 50.02 -5.31
C TYR E 459 -21.93 51.10 -4.60
N GLN E 460 -22.84 51.71 -5.32
CA GLN E 460 -23.63 52.80 -4.77
C GLN E 460 -25.10 52.41 -4.87
N VAL E 461 -25.77 52.38 -3.73
CA VAL E 461 -27.18 52.08 -3.65
C VAL E 461 -27.89 53.38 -3.35
N VAL E 462 -28.93 53.61 -4.14
CA VAL E 462 -29.82 54.76 -3.86
C VAL E 462 -31.20 54.15 -3.65
N THR E 463 -31.68 54.26 -2.44
CA THR E 463 -32.95 53.63 -2.08
C THR E 463 -34.05 54.67 -2.17
N PRO E 464 -35.31 54.24 -2.32
CA PRO E 464 -36.44 55.13 -2.45
C PRO E 464 -36.55 56.02 -1.22
N THR E 465 -36.37 55.46 -0.03
CA THR E 465 -36.54 56.35 1.15
C THR E 465 -35.38 57.34 1.17
N ALA E 466 -34.24 56.97 0.61
CA ALA E 466 -33.17 58.00 0.53
C ALA E 466 -33.71 59.13 -0.33
N TRP E 467 -34.36 58.81 -1.44
CA TRP E 467 -34.95 59.88 -2.24
C TRP E 467 -35.92 60.71 -1.40
N ASN E 468 -36.81 60.04 -0.69
CA ASN E 468 -37.89 60.72 0.02
C ASN E 468 -37.42 61.44 1.27
N ILE E 469 -36.59 60.78 2.07
CA ILE E 469 -36.25 61.25 3.41
C ILE E 469 -34.88 61.89 3.47
N GLY E 470 -34.12 61.83 2.38
CA GLY E 470 -32.83 62.46 2.33
C GLY E 470 -32.93 63.93 2.67
N PRO E 471 -31.88 64.46 3.30
CA PRO E 471 -31.96 65.82 3.84
C PRO E 471 -31.87 66.89 2.78
N ARG E 472 -31.81 68.15 3.21
CA ARG E 472 -31.64 69.26 2.29
C ARG E 472 -30.37 69.07 1.48
N ASP E 473 -30.43 69.47 0.22
CA ASP E 473 -29.27 69.40 -0.65
C ASP E 473 -28.42 70.66 -0.45
N ALA E 474 -27.44 70.87 -1.33
CA ALA E 474 -26.60 72.06 -1.24
C ALA E 474 -27.40 73.34 -1.40
N SER E 475 -28.50 73.29 -2.15
CA SER E 475 -29.36 74.46 -2.31
C SER E 475 -30.37 74.60 -1.18
N GLU E 476 -30.22 73.84 -0.10
CA GLU E 476 -31.11 73.86 1.05
C GLU E 476 -32.54 73.46 0.67
N VAL E 477 -32.71 72.80 -0.46
CA VAL E 477 -34.04 72.36 -0.88
C VAL E 477 -34.39 71.12 -0.07
N LEU E 478 -35.52 71.18 0.63
CA LEU E 478 -35.93 70.09 1.51
C LEU E 478 -36.22 68.84 0.69
N GLY E 479 -35.94 67.69 1.30
CA GLY E 479 -36.27 66.43 0.69
C GLY E 479 -37.77 66.24 0.65
N PRO E 480 -38.24 65.30 -0.17
CA PRO E 480 -39.69 65.12 -0.31
C PRO E 480 -40.43 64.94 1.01
N ILE E 481 -39.90 64.11 1.91
CA ILE E 481 -40.58 63.90 3.18
C ILE E 481 -40.49 65.16 4.03
N GLU E 482 -39.36 65.86 3.97
CA GLU E 482 -39.24 67.10 4.73
C GLU E 482 -40.27 68.12 4.26
N GLN E 483 -40.46 68.27 2.94
CA GLN E 483 -41.47 69.21 2.49
C GLN E 483 -42.88 68.70 2.77
N ALA E 484 -43.08 67.39 2.74
CA ALA E 484 -44.39 66.85 3.09
C ALA E 484 -44.73 67.12 4.54
N LEU E 485 -43.73 67.06 5.42
CA LEU E 485 -43.95 67.39 6.82
C LEU E 485 -44.31 68.85 6.99
N VAL E 486 -43.71 69.73 6.18
CA VAL E 486 -44.02 71.14 6.24
C VAL E 486 -45.47 71.34 5.82
N GLY E 487 -46.22 72.10 6.63
CA GLY E 487 -47.64 72.24 6.44
C GLY E 487 -48.48 71.27 7.23
N SER E 488 -47.87 70.27 7.86
CA SER E 488 -48.64 69.31 8.63
C SER E 488 -49.16 69.96 9.91
N PRO E 489 -50.44 69.79 10.24
CA PRO E 489 -50.92 70.27 11.53
C PRO E 489 -50.32 69.46 12.66
N ILE E 490 -50.18 70.10 13.82
CA ILE E 490 -49.70 69.42 15.02
C ILE E 490 -50.71 69.73 16.13
N VAL E 491 -51.67 68.82 16.32
CA VAL E 491 -52.66 68.99 17.37
C VAL E 491 -52.01 68.82 18.74
N ASP E 492 -51.12 67.85 18.86
CA ASP E 492 -50.51 67.50 20.14
C ASP E 492 -49.02 67.31 19.93
N ALA E 493 -48.21 68.25 20.43
CA ALA E 493 -46.76 68.13 20.33
C ALA E 493 -46.24 66.96 21.16
N GLU E 494 -46.98 66.55 22.19
CA GLU E 494 -46.56 65.40 22.99
C GLU E 494 -46.70 64.10 22.21
N ASP E 495 -47.70 64.00 21.34
CA ASP E 495 -47.87 62.86 20.44
C ASP E 495 -48.10 63.42 19.03
N PRO E 496 -47.05 63.92 18.39
CA PRO E 496 -47.22 64.54 17.08
C PRO E 496 -47.48 63.50 16.00
N VAL E 497 -48.65 62.87 16.07
CA VAL E 497 -48.95 61.74 15.21
C VAL E 497 -48.96 62.14 13.74
N GLU E 498 -49.20 63.40 13.42
CA GLU E 498 -49.23 63.82 12.03
C GLU E 498 -47.86 63.70 11.37
N LEU E 499 -46.79 63.94 12.13
CA LEU E 499 -45.45 63.66 11.62
C LEU E 499 -45.31 62.20 11.25
N GLY E 500 -45.81 61.32 12.12
CA GLY E 500 -45.81 59.91 11.80
C GLY E 500 -46.65 59.60 10.57
N HIS E 501 -47.80 60.24 10.45
CA HIS E 501 -48.66 60.02 9.28
C HIS E 501 -47.92 60.37 8.01
N VAL E 502 -47.23 61.51 8.01
CA VAL E 502 -46.56 61.95 6.80
C VAL E 502 -45.37 61.06 6.50
N ALA E 503 -44.51 60.81 7.49
CA ALA E 503 -43.33 60.00 7.26
C ALA E 503 -43.71 58.58 6.85
N ARG E 504 -44.70 58.00 7.53
CA ARG E 504 -45.12 56.65 7.24
C ARG E 504 -45.97 56.55 5.99
N SER E 505 -46.59 57.65 5.54
CA SER E 505 -47.32 57.60 4.28
C SER E 505 -46.38 57.34 3.11
N PHE E 506 -45.12 57.73 3.27
CA PHE E 506 -44.08 57.35 2.34
C PHE E 506 -43.61 55.92 2.56
N ASP E 507 -44.14 55.23 3.57
CA ASP E 507 -43.69 53.89 3.91
C ASP E 507 -42.19 53.91 4.19
N SER E 508 -41.75 55.00 4.81
CA SER E 508 -40.29 55.22 5.00
C SER E 508 -39.57 53.98 5.51
N CYS E 509 -38.45 53.70 4.90
CA CYS E 509 -37.62 52.59 5.41
C CYS E 509 -36.25 53.17 5.69
N LEU E 510 -35.94 53.34 6.96
CA LEU E 510 -34.68 54.03 7.29
C LEU E 510 -33.47 53.09 7.14
N VAL E 511 -33.67 51.80 7.30
CA VAL E 511 -32.49 50.93 7.06
C VAL E 511 -32.12 51.03 5.58
N CYS E 512 -33.12 51.14 4.74
CA CYS E 512 -32.81 51.33 3.31
C CYS E 512 -32.22 52.71 3.11
N THR E 513 -32.80 53.67 3.80
CA THR E 513 -32.34 55.05 3.53
C THR E 513 -30.83 55.15 3.64
N VAL E 514 -30.26 54.57 4.67
CA VAL E 514 -28.85 54.75 4.95
C VAL E 514 -28.00 53.63 4.37
N HIS E 515 -28.47 52.39 4.48
CA HIS E 515 -27.67 51.22 4.18
C HIS E 515 -26.24 51.39 4.70
N ALA F 48 -45.22 38.19 30.22
CA ALA F 48 -43.80 38.34 29.92
C ALA F 48 -43.55 39.53 28.99
N SER F 49 -43.05 40.62 29.56
CA SER F 49 -42.79 41.81 28.77
C SER F 49 -41.62 41.59 27.82
N VAL F 50 -41.78 42.08 26.60
CA VAL F 50 -40.74 41.96 25.59
C VAL F 50 -40.46 43.34 25.03
N LEU F 51 -39.18 43.71 25.04
CA LEU F 51 -38.72 44.94 24.41
C LEU F 51 -37.80 44.53 23.26
N TRP F 52 -38.18 44.86 22.06
CA TRP F 52 -37.44 44.50 20.86
C TRP F 52 -36.81 45.76 20.29
N PHE F 53 -35.49 45.82 20.34
CA PHE F 53 -34.75 46.95 19.84
C PHE F 53 -33.98 46.54 18.59
N GLN F 54 -33.69 47.51 17.75
CA GLN F 54 -32.94 47.28 16.52
C GLN F 54 -31.71 48.19 16.54
N GLY F 55 -30.54 47.60 16.41
CA GLY F 55 -29.33 48.37 16.26
C GLY F 55 -28.94 48.48 14.81
N GLY F 56 -27.82 47.91 14.43
CA GLY F 56 -27.40 47.91 13.03
C GLY F 56 -28.15 46.80 12.33
N ALA F 57 -29.44 47.00 12.22
CA ALA F 57 -30.31 45.94 11.68
C ALA F 57 -30.86 46.33 10.34
N CYS F 58 -31.30 45.31 9.60
CA CYS F 58 -32.01 45.63 8.37
C CYS F 58 -33.49 45.32 8.59
N SER F 59 -33.82 44.87 9.79
CA SER F 59 -35.21 44.53 10.15
C SER F 59 -35.65 43.20 9.51
N GLY F 60 -34.72 42.51 8.84
CA GLY F 60 -35.08 41.21 8.27
C GLY F 60 -35.47 40.21 9.32
N ASN F 61 -34.89 40.31 10.52
CA ASN F 61 -35.33 39.35 11.55
C ASN F 61 -36.76 39.66 11.96
N THR F 62 -37.04 40.95 12.09
CA THR F 62 -38.44 41.33 12.38
C THR F 62 -39.35 40.83 11.24
N MET F 63 -38.98 41.09 9.99
CA MET F 63 -39.87 40.68 8.90
C MET F 63 -40.05 39.16 8.87
N SER F 64 -38.95 38.43 9.04
CA SER F 64 -39.04 36.99 9.14
C SER F 64 -39.95 36.60 10.30
N PHE F 65 -39.76 37.23 11.45
CA PHE F 65 -40.58 37.01 12.62
C PHE F 65 -42.05 37.25 12.31
N LEU F 66 -42.34 38.32 11.56
CA LEU F 66 -43.70 38.60 11.17
C LEU F 66 -44.27 37.53 10.25
N ASN F 67 -43.41 36.78 9.57
CA ASN F 67 -43.89 35.63 8.81
C ASN F 67 -44.25 34.44 9.69
N ALA F 68 -44.18 34.59 11.01
CA ALA F 68 -44.38 33.45 11.90
C ALA F 68 -45.73 32.81 11.63
N ASP F 69 -45.74 31.48 11.68
CA ASP F 69 -46.96 30.71 11.67
C ASP F 69 -46.85 29.66 12.76
N GLU F 70 -47.95 29.43 13.46
CA GLU F 70 -47.99 28.43 14.52
C GLU F 70 -46.87 28.63 15.52
N PRO F 71 -46.91 29.71 16.32
CA PRO F 71 -47.94 30.74 16.29
C PRO F 71 -47.65 31.81 15.25
N ASN F 72 -48.69 32.47 14.74
CA ASN F 72 -48.37 33.67 13.98
C ASN F 72 -48.05 34.79 14.95
N VAL F 73 -47.53 35.89 14.40
CA VAL F 73 -46.96 36.93 15.25
C VAL F 73 -48.03 37.56 16.13
N VAL F 74 -49.23 37.75 15.58
CA VAL F 74 -50.29 38.39 16.35
C VAL F 74 -50.70 37.50 17.50
N ASP F 75 -50.88 36.20 17.24
CA ASP F 75 -51.22 35.28 18.31
C ASP F 75 -50.10 35.14 19.32
N LEU F 76 -48.85 35.22 18.88
CA LEU F 76 -47.75 35.22 19.82
C LEU F 76 -47.79 36.44 20.73
N ILE F 77 -48.03 37.62 20.14
CA ILE F 77 -48.00 38.85 20.91
C ILE F 77 -49.20 38.94 21.85
N VAL F 78 -50.35 38.44 21.43
CA VAL F 78 -51.58 38.60 22.21
C VAL F 78 -51.84 37.38 23.08
N ASP F 79 -51.97 36.21 22.45
CA ASP F 79 -52.53 35.03 23.09
C ASP F 79 -51.53 34.20 23.89
N PHE F 80 -50.24 34.51 23.85
CA PHE F 80 -49.25 33.75 24.61
C PHE F 80 -48.72 34.52 25.80
N GLY F 81 -49.38 35.60 26.18
CA GLY F 81 -48.96 36.32 27.38
C GLY F 81 -47.64 37.04 27.24
N LEU F 82 -47.23 37.35 26.02
CA LEU F 82 -45.98 38.07 25.76
C LEU F 82 -46.33 39.52 25.45
N ASP F 83 -46.10 40.39 26.42
CA ASP F 83 -46.49 41.79 26.29
C ASP F 83 -45.35 42.51 25.55
N LEU F 84 -45.54 42.72 24.25
CA LEU F 84 -44.55 43.43 23.44
C LEU F 84 -44.58 44.89 23.80
N LEU F 85 -43.68 45.31 24.69
CA LEU F 85 -43.69 46.70 25.16
C LEU F 85 -43.48 47.66 24.01
N TRP F 86 -42.53 47.36 23.15
CA TRP F 86 -42.26 48.23 22.02
C TRP F 86 -41.39 47.44 21.05
N HIS F 87 -41.48 47.85 19.81
CA HIS F 87 -40.72 47.32 18.70
C HIS F 87 -40.65 48.44 17.68
N PRO F 88 -39.47 48.79 17.17
CA PRO F 88 -39.39 49.95 16.27
C PRO F 88 -40.26 49.81 15.04
N SER F 89 -40.51 48.58 14.60
CA SER F 89 -41.33 48.35 13.43
C SER F 89 -42.81 48.21 13.77
N LEU F 90 -43.15 47.99 15.03
CA LEU F 90 -44.52 47.68 15.40
C LEU F 90 -45.06 48.50 16.57
N GLY F 91 -44.18 49.10 17.38
CA GLY F 91 -44.65 49.82 18.54
C GLY F 91 -45.46 51.05 18.14
N LEU F 92 -46.53 51.30 18.89
CA LEU F 92 -47.36 52.46 18.62
C LEU F 92 -46.67 53.74 19.08
N GLU F 93 -46.00 53.70 20.22
CA GLU F 93 -45.42 54.90 20.80
C GLU F 93 -44.30 55.44 19.95
N LEU F 94 -44.24 56.77 19.87
CA LEU F 94 -43.12 57.46 19.26
C LEU F 94 -42.57 58.47 20.24
N GLY F 95 -41.39 58.99 19.92
CA GLY F 95 -40.86 60.13 20.64
C GLY F 95 -40.77 59.88 22.13
N ASN F 96 -41.29 60.84 22.90
CA ASN F 96 -41.10 60.80 24.33
C ASN F 96 -41.87 59.67 25.00
N ASN F 97 -43.04 59.29 24.47
CA ASN F 97 -43.77 58.16 25.04
C ASN F 97 -42.98 56.87 24.88
N ALA F 98 -42.41 56.67 23.69
CA ALA F 98 -41.54 55.50 23.48
C ALA F 98 -40.34 55.55 24.40
N GLN F 99 -39.70 56.73 24.51
CA GLN F 99 -38.55 56.86 25.40
C GLN F 99 -38.93 56.59 26.84
N LYS F 100 -40.14 56.97 27.23
CA LYS F 100 -40.60 56.66 28.57
C LYS F 100 -40.65 55.16 28.79
N VAL F 101 -41.18 54.43 27.80
CA VAL F 101 -41.16 52.97 27.89
C VAL F 101 -39.73 52.46 28.04
N PHE F 102 -38.83 52.97 27.20
CA PHE F 102 -37.46 52.45 27.21
C PHE F 102 -36.78 52.74 28.53
N TRP F 103 -36.93 53.97 29.05
CA TRP F 103 -36.29 54.36 30.28
C TRP F 103 -36.86 53.60 31.47
N ASP F 104 -38.16 53.34 31.46
CA ASP F 104 -38.76 52.55 32.53
C ASP F 104 -38.18 51.13 32.52
N CYS F 105 -37.99 50.56 31.33
CA CYS F 105 -37.33 49.26 31.26
C CYS F 105 -35.88 49.33 31.73
N ALA F 106 -35.15 50.36 31.31
CA ALA F 106 -33.73 50.43 31.59
C ALA F 106 -33.46 50.63 33.08
N LYS F 107 -34.25 51.48 33.73
CA LYS F 107 -34.04 51.83 35.13
C LYS F 107 -34.74 50.87 36.08
N GLY F 108 -35.46 49.87 35.57
CA GLY F 108 -36.16 48.93 36.43
C GLY F 108 -37.49 49.41 36.95
N GLU F 109 -38.01 50.53 36.45
CA GLU F 109 -39.32 51.01 36.88
C GLU F 109 -40.42 50.02 36.52
N ARG F 110 -40.29 49.36 35.38
CA ARG F 110 -41.17 48.29 34.97
C ARG F 110 -40.33 47.07 34.61
N PRO F 111 -40.84 45.86 34.84
CA PRO F 111 -40.07 44.66 34.54
C PRO F 111 -39.81 44.50 33.06
N LEU F 112 -38.64 43.95 32.75
CA LEU F 112 -38.26 43.62 31.38
C LEU F 112 -37.90 42.14 31.37
N ASP F 113 -38.80 41.31 30.85
CA ASP F 113 -38.56 39.87 30.88
C ASP F 113 -37.67 39.44 29.73
N ILE F 114 -37.96 39.89 28.53
CA ILE F 114 -37.19 39.52 27.36
C ILE F 114 -36.79 40.79 26.62
N PHE F 115 -35.50 40.99 26.48
CA PHE F 115 -34.96 42.04 25.63
C PHE F 115 -34.48 41.35 24.37
N VAL F 116 -35.19 41.58 23.28
CA VAL F 116 -34.76 41.09 21.98
C VAL F 116 -33.97 42.21 21.32
N PHE F 117 -32.81 41.83 20.81
CA PHE F 117 -32.00 42.83 20.12
C PHE F 117 -31.74 42.29 18.71
N GLU F 118 -31.98 43.14 17.77
CA GLU F 118 -31.79 42.76 16.37
C GLU F 118 -30.79 43.76 15.78
N GLY F 119 -29.97 43.32 14.85
CA GLY F 119 -28.99 44.27 14.37
C GLY F 119 -27.75 44.29 15.23
N THR F 120 -26.75 44.94 14.70
CA THR F 120 -25.49 44.93 15.45
C THR F 120 -25.46 46.00 16.52
N VAL F 121 -24.61 45.78 17.48
CA VAL F 121 -24.28 46.85 18.41
C VAL F 121 -23.26 47.72 17.71
N ILE F 122 -23.67 48.92 17.31
CA ILE F 122 -22.79 49.80 16.57
C ILE F 122 -22.00 50.62 17.56
N GLU F 123 -20.68 50.55 17.47
CA GLU F 123 -19.81 51.27 18.38
C GLU F 123 -19.10 52.44 17.73
N ALA F 124 -19.00 52.48 16.40
CA ALA F 124 -18.37 53.59 15.74
C ALA F 124 -19.27 54.83 15.84
N PRO F 125 -18.68 56.04 15.74
CA PRO F 125 -17.25 56.29 15.61
C PRO F 125 -16.50 56.26 16.94
N ASN F 126 -15.28 55.73 16.94
CA ASN F 126 -14.39 55.83 18.09
C ASN F 126 -15.03 55.30 19.37
N GLY F 127 -15.81 54.23 19.24
CA GLY F 127 -16.44 53.65 20.40
C GLY F 127 -17.58 54.47 20.98
N THR F 128 -17.97 55.56 20.34
CA THR F 128 -19.08 56.36 20.83
C THR F 128 -20.44 55.78 20.47
N GLY F 129 -20.51 54.97 19.42
CA GLY F 129 -21.79 54.41 19.01
C GLY F 129 -22.71 55.39 18.34
N GLN F 130 -22.22 56.56 17.93
CA GLN F 130 -23.08 57.59 17.37
C GLN F 130 -23.47 57.31 15.93
N MET F 131 -22.91 56.28 15.30
CA MET F 131 -23.47 55.82 14.05
C MET F 131 -24.77 55.07 14.23
N ASP F 132 -25.20 54.89 15.48
CA ASP F 132 -26.51 54.33 15.79
C ASP F 132 -27.06 55.09 16.98
N MET F 133 -27.71 56.21 16.71
CA MET F 133 -28.33 57.03 17.73
C MET F 133 -29.80 56.64 17.77
N PHE F 134 -30.26 56.24 18.95
CA PHE F 134 -31.64 55.81 19.11
C PHE F 134 -32.22 56.43 20.37
N ALA F 135 -33.33 57.15 20.21
CA ALA F 135 -34.09 57.70 21.33
C ALA F 135 -33.19 58.51 22.25
N GLY F 136 -32.30 59.30 21.65
CA GLY F 136 -31.47 60.23 22.39
C GLY F 136 -30.19 59.67 22.96
N ARG F 137 -29.87 58.42 22.68
CA ARG F 137 -28.63 57.80 23.15
C ARG F 137 -28.02 56.99 22.03
N PRO F 138 -26.71 56.74 22.09
CA PRO F 138 -26.16 55.69 21.25
C PRO F 138 -26.87 54.40 21.58
N MET F 139 -27.20 53.63 20.53
CA MET F 139 -27.94 52.40 20.76
C MET F 139 -27.20 51.47 21.71
N LYS F 140 -25.86 51.48 21.66
CA LYS F 140 -25.08 50.61 22.52
C LYS F 140 -25.34 50.90 23.99
N ASP F 141 -25.60 52.16 24.33
CA ASP F 141 -25.94 52.49 25.71
C ASP F 141 -27.29 51.89 26.10
N TRP F 142 -28.28 51.99 25.21
CA TRP F 142 -29.54 51.30 25.43
C TRP F 142 -29.30 49.82 25.63
N VAL F 143 -28.43 49.23 24.81
CA VAL F 143 -28.16 47.81 24.91
C VAL F 143 -27.60 47.48 26.28
N THR F 144 -26.62 48.26 26.72
CA THR F 144 -26.05 48.06 28.04
C THR F 144 -27.14 48.05 29.10
N ASP F 145 -27.96 49.10 29.13
CA ASP F 145 -28.96 49.23 30.17
C ASP F 145 -30.00 48.12 30.10
N LEU F 146 -30.51 47.84 28.91
CA LEU F 146 -31.62 46.91 28.79
C LEU F 146 -31.17 45.47 28.95
N ALA F 147 -30.00 45.14 28.40
CA ALA F 147 -29.45 43.81 28.64
C ALA F 147 -29.17 43.60 30.12
N GLY F 148 -28.73 44.66 30.82
CA GLY F 148 -28.59 44.55 32.26
C GLY F 148 -29.91 44.47 33.00
N ALA F 149 -31.00 44.93 32.39
CA ALA F 149 -32.29 44.91 33.05
C ALA F 149 -33.11 43.66 32.73
N ALA F 150 -32.89 43.05 31.58
CA ALA F 150 -33.76 41.98 31.13
C ALA F 150 -33.56 40.69 31.91
N GLN F 151 -34.64 39.93 32.07
CA GLN F 151 -34.52 38.58 32.59
C GLN F 151 -33.82 37.68 31.59
N ILE F 152 -34.14 37.83 30.32
CA ILE F 152 -33.56 37.08 29.23
C ILE F 152 -33.20 38.07 28.14
N VAL F 153 -32.02 37.90 27.56
CA VAL F 153 -31.61 38.70 26.41
C VAL F 153 -31.51 37.75 25.23
N VAL F 154 -32.19 38.08 24.15
CA VAL F 154 -32.18 37.30 22.93
C VAL F 154 -31.61 38.16 21.83
N ALA F 155 -30.50 37.74 21.25
CA ALA F 155 -29.98 38.35 20.04
C ALA F 155 -30.58 37.59 18.87
N ILE F 156 -31.34 38.32 18.05
CA ILE F 156 -31.98 37.65 16.90
C ILE F 156 -31.25 38.09 15.63
N GLY F 157 -30.77 37.12 14.89
CA GLY F 157 -30.06 37.42 13.65
C GLY F 157 -28.58 37.56 13.89
N ASP F 158 -27.79 37.23 12.87
CA ASP F 158 -26.32 37.24 13.01
C ASP F 158 -25.81 38.61 13.46
N CYS F 159 -26.43 39.65 12.96
CA CYS F 159 -25.92 40.98 13.32
C CYS F 159 -25.86 41.05 14.84
N ALA F 160 -26.96 40.71 15.46
CA ALA F 160 -27.02 40.86 16.93
C ALA F 160 -26.20 39.75 17.59
N CYS F 161 -26.25 38.54 17.05
CA CYS F 161 -25.55 37.43 17.67
C CYS F 161 -24.04 37.58 17.57
N PHE F 162 -23.55 37.87 16.37
CA PHE F 162 -22.15 37.78 16.06
C PHE F 162 -21.58 38.98 15.31
N GLY F 163 -22.41 39.93 14.89
CA GLY F 163 -21.89 41.05 14.14
C GLY F 163 -22.33 41.01 12.70
N GLY F 164 -22.38 39.81 12.13
CA GLY F 164 -22.98 39.58 10.84
C GLY F 164 -22.39 40.43 9.73
N ILE F 165 -23.26 40.76 8.77
CA ILE F 165 -22.81 41.50 7.59
C ILE F 165 -22.21 42.86 7.94
N PRO F 166 -22.81 43.67 8.82
CA PRO F 166 -22.18 44.97 9.11
C PRO F 166 -20.79 44.84 9.69
N ALA F 167 -20.49 43.73 10.37
CA ALA F 167 -19.17 43.50 10.93
C ALA F 167 -18.16 43.03 9.89
N MET F 168 -18.59 42.76 8.65
CA MET F 168 -17.66 42.51 7.57
C MET F 168 -16.63 43.64 7.49
N GLU F 169 -15.39 43.27 7.21
CA GLU F 169 -14.38 44.29 7.03
C GLU F 169 -14.79 45.20 5.88
N PRO F 170 -14.54 46.52 5.97
CA PRO F 170 -13.81 47.17 7.06
C PRO F 170 -14.64 47.53 8.30
N ASN F 171 -15.86 47.04 8.41
CA ASN F 171 -16.71 47.29 9.56
C ASN F 171 -16.81 48.79 9.88
N PRO F 172 -17.34 49.59 8.95
CA PRO F 172 -17.37 51.04 9.18
C PRO F 172 -18.13 51.44 10.42
N SER F 173 -19.17 50.69 10.78
CA SER F 173 -20.00 51.03 11.92
C SER F 173 -19.45 50.51 13.23
N GLY F 174 -18.28 49.87 13.22
CA GLY F 174 -17.78 49.29 14.44
C GLY F 174 -18.77 48.31 15.01
N SER F 175 -19.41 47.55 14.14
CA SER F 175 -20.46 46.64 14.55
C SER F 175 -19.90 45.44 15.28
N THR F 176 -20.66 44.95 16.25
CA THR F 176 -20.33 43.72 16.92
C THR F 176 -21.63 43.08 17.40
N GLY F 177 -21.56 41.81 17.75
CA GLY F 177 -22.70 41.15 18.33
C GLY F 177 -22.82 41.44 19.80
N LEU F 178 -23.94 40.98 20.38
CA LEU F 178 -24.17 41.20 21.80
C LEU F 178 -23.11 40.50 22.64
N GLN F 179 -22.92 39.21 22.42
CA GLN F 179 -21.96 38.44 23.19
C GLN F 179 -20.92 37.76 22.33
N PHE F 180 -20.92 38.01 21.04
CA PHE F 180 -19.92 37.47 20.14
C PHE F 180 -19.50 38.54 19.16
N HIS F 181 -18.26 38.47 18.74
CA HIS F 181 -17.84 39.11 17.49
C HIS F 181 -17.40 37.98 16.58
N LYS F 182 -18.21 37.68 15.58
CA LYS F 182 -18.03 36.46 14.81
C LYS F 182 -17.92 35.29 15.78
N ARG F 183 -16.98 34.38 15.58
CA ARG F 183 -16.91 33.23 16.45
C ARG F 183 -16.39 33.58 17.85
N GLU F 184 -15.67 34.69 17.98
CA GLU F 184 -15.03 35.01 19.25
C GLU F 184 -16.08 35.44 20.26
N LYS F 185 -16.18 34.68 21.36
CA LYS F 185 -17.11 35.02 22.42
C LYS F 185 -16.72 36.34 23.08
N GLY F 186 -17.72 37.12 23.43
CA GLY F 186 -17.58 38.33 24.20
C GLY F 186 -18.37 39.50 23.61
N GLY F 187 -18.28 39.69 22.30
CA GLY F 187 -19.01 40.75 21.64
C GLY F 187 -19.07 42.05 22.41
N PHE F 188 -20.25 42.65 22.45
CA PHE F 188 -20.39 43.93 23.13
C PHE F 188 -20.53 43.75 24.64
N LEU F 189 -21.30 42.76 25.08
CA LEU F 189 -21.61 42.61 26.50
C LEU F 189 -20.54 41.89 27.29
N GLY F 190 -19.58 41.27 26.62
CA GLY F 190 -18.55 40.53 27.32
C GLY F 190 -18.91 39.06 27.42
N PRO F 191 -17.89 38.20 27.49
CA PRO F 191 -18.15 36.76 27.56
C PRO F 191 -18.91 36.36 28.82
N ASP F 192 -18.79 37.13 29.89
CA ASP F 192 -19.35 36.75 31.18
C ASP F 192 -20.72 37.36 31.43
N PHE F 193 -21.28 38.07 30.46
CA PHE F 193 -22.61 38.63 30.66
C PHE F 193 -23.61 37.52 30.88
N ARG F 194 -24.47 37.70 31.88
CA ARG F 194 -25.61 36.84 32.10
C ARG F 194 -26.83 37.71 32.35
N SER F 195 -27.95 37.32 31.80
CA SER F 195 -29.18 38.03 32.10
C SER F 195 -29.62 37.68 33.53
N LYS F 196 -30.72 38.28 33.96
CA LYS F 196 -31.18 38.08 35.33
C LYS F 196 -31.66 36.65 35.58
N MET F 197 -32.08 35.93 34.54
CA MET F 197 -32.40 34.52 34.69
C MET F 197 -31.17 33.64 34.63
N GLY F 198 -29.98 34.23 34.59
CA GLY F 198 -28.74 33.49 34.58
C GLY F 198 -28.27 33.05 33.21
N LEU F 199 -29.05 33.29 32.18
CA LEU F 199 -28.68 32.82 30.86
C LEU F 199 -27.72 33.79 30.19
N PRO F 200 -26.87 33.32 29.31
CA PRO F 200 -26.14 34.24 28.44
C PRO F 200 -27.12 34.80 27.43
N VAL F 201 -26.66 35.66 26.54
CA VAL F 201 -27.50 36.06 25.43
C VAL F 201 -27.88 34.81 24.65
N ILE F 202 -29.18 34.60 24.46
CA ILE F 202 -29.67 33.53 23.61
C ILE F 202 -29.48 33.99 22.17
N ASN F 203 -28.61 33.31 21.44
CA ASN F 203 -28.32 33.68 20.06
C ASN F 203 -29.25 32.90 19.15
N VAL F 204 -30.17 33.60 18.51
CA VAL F 204 -31.01 33.04 17.47
C VAL F 204 -30.42 33.54 16.16
N PRO F 205 -29.45 32.83 15.56
CA PRO F 205 -28.74 33.38 14.45
C PRO F 205 -29.53 33.26 13.16
N GLY F 206 -28.84 33.44 12.07
CA GLY F 206 -29.54 33.47 10.79
C GLY F 206 -29.52 34.89 10.28
N CYS F 207 -29.72 35.00 9.00
CA CYS F 207 -29.65 36.36 8.42
C CYS F 207 -30.69 36.37 7.30
N PRO F 208 -31.98 36.40 7.64
CA PRO F 208 -32.40 36.55 9.02
C PRO F 208 -32.70 35.21 9.70
N ALA F 209 -32.97 35.29 10.99
CA ALA F 209 -33.46 34.10 11.66
C ALA F 209 -34.81 33.71 11.07
N HIS F 210 -35.05 32.44 11.00
CA HIS F 210 -36.36 31.92 10.67
C HIS F 210 -37.34 32.28 11.78
N PRO F 211 -38.60 32.60 11.45
CA PRO F 211 -39.54 32.99 12.51
C PRO F 211 -39.64 31.96 13.61
N ASP F 212 -39.58 30.69 13.28
CA ASP F 212 -39.77 29.66 14.34
C ASP F 212 -38.60 29.68 15.30
N TRP F 213 -37.43 30.06 14.82
CA TRP F 213 -36.23 29.98 15.70
C TRP F 213 -36.44 30.90 16.91
N ILE F 214 -37.23 31.93 16.73
CA ILE F 214 -37.51 32.86 17.86
C ILE F 214 -38.89 32.53 18.45
N THR F 215 -39.88 32.34 17.59
CA THR F 215 -41.24 32.18 18.10
C THR F 215 -41.37 30.94 18.95
N GLN F 216 -40.75 29.83 18.55
CA GLN F 216 -40.86 28.62 19.37
C GLN F 216 -40.10 28.79 20.68
N ILE F 217 -39.01 29.53 20.68
CA ILE F 217 -38.34 29.86 21.93
C ILE F 217 -39.25 30.70 22.81
N LEU F 218 -39.92 31.68 22.21
CA LEU F 218 -40.83 32.54 22.96
C LEU F 218 -42.00 31.75 23.49
N VAL F 219 -42.53 30.83 22.69
CA VAL F 219 -43.61 29.95 23.16
C VAL F 219 -43.12 29.09 24.30
N ALA F 220 -41.93 28.52 24.17
CA ALA F 220 -41.37 27.69 25.22
C ALA F 220 -41.25 28.48 26.52
N LEU F 221 -40.75 29.72 26.43
CA LEU F 221 -40.67 30.57 27.60
C LEU F 221 -42.06 30.86 28.15
N ALA F 222 -43.04 31.08 27.27
CA ALA F 222 -44.39 31.43 27.68
C ALA F 222 -45.18 30.24 28.19
N THR F 223 -44.80 29.01 27.82
CA THR F 223 -45.53 27.82 28.21
C THR F 223 -44.82 27.04 29.32
N GLY F 224 -43.88 27.66 30.01
CA GLY F 224 -43.21 26.99 31.11
C GLY F 224 -42.14 26.01 30.71
N ARG F 225 -41.67 26.07 29.46
CA ARG F 225 -40.67 25.15 28.96
C ARG F 225 -39.31 25.82 28.77
N ALA F 226 -39.05 26.91 29.49
CA ALA F 226 -37.74 27.54 29.43
C ALA F 226 -36.66 26.53 29.79
N GLY F 227 -36.92 25.67 30.77
CA GLY F 227 -35.95 24.65 31.16
C GLY F 227 -35.68 23.63 30.08
N ASP F 228 -36.56 23.51 29.09
CA ASP F 228 -36.30 22.63 27.97
C ASP F 228 -35.31 23.23 26.98
N ILE F 229 -35.04 24.52 27.07
CA ILE F 229 -34.18 25.19 26.11
C ILE F 229 -32.72 24.93 26.50
N THR F 230 -32.01 24.21 25.64
CA THR F 230 -30.58 24.04 25.79
C THR F 230 -29.88 24.83 24.70
N LEU F 231 -28.76 25.45 25.05
CA LEU F 231 -28.00 26.29 24.15
C LEU F 231 -26.68 25.61 23.81
N ASP F 232 -26.24 25.75 22.56
CA ASP F 232 -24.96 25.18 22.18
C ASP F 232 -23.85 26.16 22.59
N ASP F 233 -22.62 25.90 22.13
CA ASP F 233 -21.49 26.74 22.52
C ASP F 233 -21.60 28.16 21.97
N LEU F 234 -22.39 28.36 20.92
CA LEU F 234 -22.65 29.69 20.41
C LEU F 234 -23.91 30.30 20.99
N HIS F 235 -24.44 29.70 22.06
CA HIS F 235 -25.68 30.13 22.69
C HIS F 235 -26.87 30.00 21.78
N ARG F 236 -26.79 29.14 20.80
CA ARG F 236 -27.94 28.91 19.95
C ARG F 236 -28.81 27.79 20.50
N PRO F 237 -30.12 27.90 20.34
CA PRO F 237 -31.02 26.82 20.81
C PRO F 237 -30.72 25.52 20.08
N GLU F 238 -30.29 24.52 20.84
CA GLU F 238 -29.95 23.24 20.24
C GLU F 238 -31.15 22.55 19.62
N THR F 239 -32.36 22.91 20.03
CA THR F 239 -33.54 22.33 19.39
C THR F 239 -33.60 22.69 17.91
N PHE F 240 -32.90 23.75 17.50
CA PHE F 240 -32.83 24.14 16.10
C PHE F 240 -31.45 23.97 15.48
N PHE F 241 -30.39 23.97 16.29
CA PHE F 241 -29.04 24.12 15.76
C PHE F 241 -28.14 22.93 16.06
N LYS F 242 -28.72 21.79 16.43
CA LYS F 242 -27.96 20.56 16.37
C LYS F 242 -27.95 19.97 14.98
N THR F 243 -29.05 20.13 14.25
CA THR F 243 -29.09 19.70 12.87
C THR F 243 -28.21 20.60 12.01
N PHE F 244 -28.01 20.17 10.77
CA PHE F 244 -27.27 21.00 9.82
C PHE F 244 -28.27 21.55 8.81
N THR F 245 -27.87 22.53 8.05
CA THR F 245 -28.77 22.94 6.96
C THR F 245 -28.99 21.70 6.09
N GLN F 246 -27.93 20.92 5.95
CA GLN F 246 -28.04 19.74 5.03
C GLN F 246 -29.12 18.79 5.54
N THR F 247 -29.38 18.84 6.82
CA THR F 247 -30.33 17.88 7.42
C THR F 247 -31.71 18.14 6.82
N GLY F 248 -32.14 17.27 5.93
CA GLY F 248 -33.46 17.45 5.32
C GLY F 248 -33.33 18.13 3.98
N CYS F 249 -32.10 18.41 3.61
CA CYS F 249 -31.91 19.01 2.27
C CYS F 249 -32.39 18.00 1.23
N THR F 250 -33.08 18.46 0.22
CA THR F 250 -33.57 17.55 -0.84
C THR F 250 -32.40 17.04 -1.70
N ARG F 251 -31.19 17.55 -1.48
CA ARG F 251 -30.07 17.17 -2.37
C ARG F 251 -29.05 16.26 -1.67
N VAL F 252 -29.36 15.84 -0.45
CA VAL F 252 -28.35 15.05 0.28
C VAL F 252 -28.07 13.74 -0.46
N GLN F 253 -29.06 13.16 -1.14
CA GLN F 253 -28.71 11.92 -1.85
C GLN F 253 -27.68 12.22 -2.93
N PHE F 254 -27.82 13.36 -3.58
CA PHE F 254 -26.80 13.74 -4.58
C PHE F 254 -25.48 13.97 -3.86
N PHE F 255 -25.55 14.58 -2.68
CA PHE F 255 -24.31 14.81 -1.89
C PHE F 255 -23.70 13.44 -1.60
N GLU F 256 -24.51 12.51 -1.16
CA GLU F 256 -23.98 11.18 -0.75
C GLU F 256 -23.24 10.58 -1.93
N TYR F 257 -23.78 10.70 -3.11
CA TYR F 257 -23.18 10.13 -4.31
C TYR F 257 -22.31 11.13 -5.05
N LYS F 258 -22.04 12.27 -4.43
CA LYS F 258 -21.09 13.25 -4.96
C LYS F 258 -21.48 13.67 -6.37
N GLN F 259 -22.79 13.89 -6.54
CA GLN F 259 -23.32 14.37 -7.84
C GLN F 259 -23.53 15.87 -7.71
N SER F 260 -22.84 16.61 -8.54
CA SER F 260 -22.87 18.07 -8.33
C SER F 260 -23.88 18.76 -9.21
N THR F 261 -24.55 19.71 -8.59
CA THR F 261 -25.33 20.61 -9.47
C THR F 261 -24.23 21.34 -10.24
N LEU F 262 -24.42 21.52 -11.53
CA LEU F 262 -23.43 22.14 -12.38
C LEU F 262 -23.75 23.58 -12.72
N SER F 263 -25.03 23.96 -12.67
CA SER F 263 -25.40 25.30 -13.07
C SER F 263 -26.69 25.68 -12.36
N PHE F 264 -26.95 26.98 -12.32
CA PHE F 264 -28.15 27.48 -11.71
C PHE F 264 -29.34 27.27 -12.64
N GLY F 265 -30.50 27.74 -12.19
CA GLY F 265 -31.72 27.53 -12.97
C GLY F 265 -32.03 26.06 -13.08
N GLU F 266 -32.31 25.61 -14.30
CA GLU F 266 -32.67 24.23 -14.52
C GLU F 266 -31.55 23.27 -14.10
N GLY F 267 -30.31 23.73 -14.06
CA GLY F 267 -29.24 22.90 -13.57
C GLY F 267 -29.46 22.43 -12.15
N THR F 268 -30.26 23.15 -11.38
CA THR F 268 -30.55 22.76 -10.01
C THR F 268 -31.67 21.75 -9.91
N ARG F 269 -32.19 21.26 -11.03
CA ARG F 269 -33.12 20.14 -10.98
C ARG F 269 -32.42 18.86 -10.54
N THR F 270 -31.12 18.95 -10.38
CA THR F 270 -30.37 17.78 -9.93
C THR F 270 -29.16 18.21 -9.14
N GLY F 271 -28.54 17.25 -8.46
CA GLY F 271 -27.25 17.56 -7.87
C GLY F 271 -27.29 18.25 -6.55
N CYS F 272 -26.15 18.25 -5.90
CA CYS F 272 -26.01 18.96 -4.64
C CYS F 272 -25.13 20.20 -4.91
N LEU F 273 -25.36 21.26 -4.16
CA LEU F 273 -24.67 22.55 -4.47
C LEU F 273 -23.32 22.64 -3.78
N PHE F 274 -22.93 21.59 -3.10
CA PHE F 274 -21.71 21.70 -2.27
C PHE F 274 -20.47 21.86 -3.12
N TYR F 275 -20.44 21.15 -4.23
CA TYR F 275 -19.17 21.07 -4.96
C TYR F 275 -18.89 22.25 -5.88
N GLU F 276 -19.90 22.81 -6.48
CA GLU F 276 -19.68 23.89 -7.42
C GLU F 276 -20.18 25.24 -6.93
N PHE F 277 -21.08 25.27 -5.96
CA PHE F 277 -21.68 26.53 -5.54
C PHE F 277 -21.37 26.87 -4.09
N GLY F 278 -20.44 26.18 -3.48
CA GLY F 278 -20.03 26.61 -2.14
C GLY F 278 -21.10 26.42 -1.09
N CYS F 279 -22.01 25.51 -1.36
CA CYS F 279 -23.03 25.22 -0.32
C CYS F 279 -22.34 24.93 1.02
N ARG F 280 -22.71 25.67 2.04
CA ARG F 280 -22.14 25.41 3.39
C ARG F 280 -23.08 24.52 4.21
N GLY F 281 -24.07 23.95 3.55
CA GLY F 281 -25.05 23.10 4.26
C GLY F 281 -24.41 22.14 5.24
N PRO F 282 -23.42 21.34 4.82
CA PRO F 282 -22.84 20.33 5.69
C PRO F 282 -21.92 20.91 6.77
N MET F 283 -21.70 22.21 6.72
CA MET F 283 -20.83 22.84 7.75
C MET F 283 -21.64 23.84 8.54
N THR F 284 -22.96 23.81 8.36
CA THR F 284 -23.78 24.87 8.98
C THR F 284 -24.89 24.27 9.82
N HIS F 285 -24.93 24.69 11.06
CA HIS F 285 -25.95 24.17 11.96
C HIS F 285 -27.19 25.01 11.78
N SER F 286 -28.30 24.36 11.50
CA SER F 286 -29.56 25.07 11.25
C SER F 286 -30.62 24.02 11.05
N PRO F 287 -31.90 24.35 11.19
CA PRO F 287 -32.94 23.41 10.82
C PRO F 287 -33.59 23.91 9.54
N CYS F 288 -32.82 24.57 8.66
CA CYS F 288 -33.47 25.18 7.46
C CYS F 288 -34.17 24.18 6.57
N ASN F 289 -33.68 22.95 6.60
CA ASN F 289 -34.34 21.91 5.77
C ASN F 289 -35.21 21.02 6.63
N ARG F 290 -35.17 21.23 7.93
CA ARG F 290 -36.11 20.53 8.80
C ARG F 290 -37.37 21.37 8.94
N ILE F 291 -37.21 22.61 9.35
CA ILE F 291 -38.29 23.57 9.44
C ILE F 291 -38.15 24.49 8.24
N LEU F 292 -39.00 24.31 7.28
CA LEU F 292 -38.79 25.03 6.01
C LEU F 292 -39.09 26.52 6.15
N TRP F 293 -38.42 27.26 5.31
CA TRP F 293 -38.63 28.73 5.30
C TRP F 293 -39.99 29.03 4.69
N ASN F 294 -40.72 29.95 5.32
CA ASN F 294 -42.03 30.38 4.78
C ASN F 294 -42.92 29.16 4.61
N ARG F 295 -42.64 28.11 5.37
CA ARG F 295 -43.38 26.86 5.26
C ARG F 295 -43.35 26.30 3.85
N GLN F 296 -42.37 26.70 3.06
CA GLN F 296 -42.32 26.28 1.66
C GLN F 296 -41.03 25.57 1.30
N SER F 297 -39.89 26.14 1.65
CA SER F 297 -38.69 25.73 0.96
C SER F 297 -37.49 26.07 1.84
N SER F 298 -36.34 26.01 1.20
CA SER F 298 -35.10 26.46 1.86
C SER F 298 -34.21 26.92 0.71
N LYS F 299 -33.16 27.63 1.05
CA LYS F 299 -32.25 27.99 -0.06
C LYS F 299 -31.84 26.74 -0.82
N THR F 300 -31.36 25.75 -0.09
CA THR F 300 -30.76 24.60 -0.79
C THR F 300 -31.78 23.86 -1.63
N ARG F 301 -32.95 23.67 -1.08
CA ARG F 301 -34.01 23.04 -1.89
C ARG F 301 -34.19 23.84 -3.17
N ALA F 302 -34.27 25.15 -3.05
CA ALA F 302 -34.55 25.99 -4.20
C ALA F 302 -33.41 26.02 -5.20
N GLY F 303 -32.23 25.53 -4.82
CA GLY F 303 -31.07 25.62 -5.69
C GLY F 303 -30.08 26.68 -5.28
N MET F 304 -30.30 27.34 -4.17
CA MET F 304 -29.33 28.32 -3.71
C MET F 304 -28.43 27.70 -2.66
N PRO F 305 -27.12 27.86 -2.76
CA PRO F 305 -26.27 27.33 -1.73
C PRO F 305 -26.54 27.96 -0.37
N CYS F 306 -26.43 27.11 0.62
CA CYS F 306 -26.49 27.67 1.97
C CYS F 306 -25.24 28.53 2.14
N LEU F 307 -25.46 29.73 2.64
CA LEU F 307 -24.32 30.65 2.85
C LEU F 307 -23.80 30.50 4.27
N GLY F 308 -24.29 29.50 5.00
CA GLY F 308 -23.82 29.27 6.36
C GLY F 308 -24.18 30.43 7.26
N CYS F 309 -25.33 31.04 7.02
CA CYS F 309 -25.67 32.26 7.78
C CYS F 309 -25.95 32.00 9.25
N THR F 310 -26.13 30.79 9.69
CA THR F 310 -26.41 30.62 11.12
C THR F 310 -25.08 30.46 11.85
N GLU F 311 -24.03 30.45 11.07
CA GLU F 311 -22.70 30.27 11.65
C GLU F 311 -22.10 31.65 11.95
N PRO F 312 -21.31 31.81 13.03
CA PRO F 312 -20.86 33.16 13.43
C PRO F 312 -19.94 33.82 12.44
N GLU F 313 -19.27 33.07 11.57
CA GLU F 313 -18.39 33.66 10.58
C GLU F 313 -19.14 34.31 9.44
N PHE F 314 -20.45 34.14 9.36
CA PHE F 314 -21.19 34.66 8.23
C PHE F 314 -21.05 36.18 8.15
N PRO F 315 -20.84 36.75 6.95
CA PRO F 315 -20.64 36.03 5.69
C PRO F 315 -19.27 35.43 5.62
N HIS F 316 -19.21 34.16 5.24
CA HIS F 316 -17.94 33.45 5.28
C HIS F 316 -16.98 34.06 4.27
N PHE F 317 -15.70 34.07 4.66
CA PHE F 317 -14.64 34.64 3.84
C PHE F 317 -14.90 36.09 3.50
N ASP F 318 -15.81 36.74 4.21
CA ASP F 318 -16.18 38.13 3.98
C ASP F 318 -16.52 38.36 2.52
N LEU F 319 -17.10 37.35 1.87
CA LEU F 319 -17.51 37.51 0.47
C LEU F 319 -16.35 38.00 -0.39
N ALA F 320 -15.15 37.55 -0.06
CA ALA F 320 -13.98 37.92 -0.84
C ALA F 320 -14.14 37.41 -2.27
N PRO F 321 -13.46 38.03 -3.22
CA PRO F 321 -13.61 37.62 -4.62
C PRO F 321 -13.34 36.12 -4.80
N GLY F 322 -14.20 35.49 -5.59
CA GLY F 322 -14.09 34.07 -5.85
C GLY F 322 -14.73 33.16 -4.84
N THR F 323 -15.34 33.70 -3.78
CA THR F 323 -15.93 32.89 -2.74
C THR F 323 -17.46 32.89 -2.75
N VAL F 324 -18.08 33.63 -3.66
CA VAL F 324 -19.53 33.80 -3.67
C VAL F 324 -20.12 32.80 -4.65
N PHE F 325 -20.94 31.89 -4.14
CA PHE F 325 -21.57 30.85 -4.94
C PHE F 325 -20.52 30.02 -5.67
N LYS F 326 -19.39 29.82 -5.02
CA LYS F 326 -18.32 28.99 -5.54
C LYS F 326 -17.75 28.15 -4.42
N THR F 327 -17.34 26.93 -4.75
CA THR F 327 -16.64 26.08 -3.80
C THR F 327 -15.14 26.29 -3.99
N GLN F 328 -14.48 26.83 -2.99
CA GLN F 328 -13.03 26.91 -3.04
C GLN F 328 -12.45 25.51 -2.98
N LYS F 329 -11.57 25.20 -3.91
CA LYS F 329 -11.03 23.86 -4.05
C LYS F 329 -9.51 23.92 -4.08
N VAL F 330 -8.90 22.86 -3.56
CA VAL F 330 -7.47 22.65 -3.65
C VAL F 330 -7.20 21.72 -4.83
N SER F 331 -6.29 22.14 -5.71
CA SER F 331 -5.93 21.38 -6.90
C SER F 331 -7.14 21.15 -7.81
N GLY F 332 -8.16 22.01 -7.70
CA GLY F 332 -9.32 21.95 -8.55
C GLY F 332 -10.29 20.84 -8.27
N MET F 333 -10.13 20.06 -7.21
CA MET F 333 -11.04 18.90 -7.02
C MET F 333 -11.30 18.63 -5.54
N ILE F 334 -10.38 19.03 -4.68
CA ILE F 334 -10.59 18.81 -3.26
C ILE F 334 -11.19 20.08 -2.66
N PRO F 335 -12.39 20.03 -2.10
CA PRO F 335 -12.93 21.22 -1.44
C PRO F 335 -12.02 21.63 -0.30
N LYS F 336 -11.80 22.95 -0.17
CA LYS F 336 -11.00 23.44 0.94
C LYS F 336 -11.66 23.10 2.27
N GLU F 337 -12.97 23.25 2.36
CA GLU F 337 -13.73 22.91 3.54
C GLU F 337 -14.55 21.66 3.27
N VAL F 338 -14.42 20.68 4.13
CA VAL F 338 -15.18 19.44 4.00
C VAL F 338 -16.31 19.50 5.02
N PRO F 339 -17.28 18.58 4.98
CA PRO F 339 -18.38 18.65 5.95
C PRO F 339 -17.86 18.58 7.38
N GLU F 340 -18.69 19.11 8.28
CA GLU F 340 -18.33 19.14 9.69
C GLU F 340 -17.98 17.75 10.20
N GLY F 341 -16.87 17.64 10.91
CA GLY F 341 -16.51 16.35 11.53
C GLY F 341 -15.87 15.36 10.59
N THR F 342 -15.60 15.76 9.36
CA THR F 342 -14.90 14.85 8.44
C THR F 342 -13.51 15.41 8.19
N ASP F 343 -12.60 14.58 7.72
CA ASP F 343 -11.27 15.07 7.33
C ASP F 343 -11.17 14.90 5.84
N HIS F 344 -10.30 15.65 5.21
CA HIS F 344 -10.18 15.65 3.75
C HIS F 344 -9.86 14.26 3.22
N LEU F 345 -9.02 13.51 3.94
CA LEU F 345 -8.61 12.19 3.47
C LEU F 345 -9.80 11.24 3.40
N THR F 346 -10.46 11.05 4.53
CA THR F 346 -11.63 10.16 4.56
C THR F 346 -12.69 10.72 3.61
N TYR F 347 -12.99 12.02 3.70
CA TYR F 347 -14.04 12.59 2.88
C TYR F 347 -13.78 12.32 1.40
N MET F 348 -12.55 12.53 0.95
CA MET F 348 -12.25 12.32 -0.47
C MET F 348 -12.28 10.85 -0.84
N GLY F 349 -11.79 9.97 0.05
CA GLY F 349 -11.88 8.54 -0.24
C GLY F 349 -13.32 8.09 -0.38
N LEU F 350 -14.15 8.48 0.58
CA LEU F 350 -15.56 8.14 0.51
C LEU F 350 -16.22 8.78 -0.71
N ALA F 351 -15.77 9.98 -1.07
CA ALA F 351 -16.33 10.65 -2.24
C ALA F 351 -16.02 9.89 -3.51
N ALA F 352 -14.79 9.41 -3.64
CA ALA F 352 -14.44 8.59 -4.81
C ALA F 352 -15.26 7.31 -4.83
N ALA F 353 -15.38 6.66 -3.68
CA ALA F 353 -16.18 5.44 -3.60
C ALA F 353 -17.63 5.72 -3.99
N ALA F 354 -18.19 6.81 -3.48
CA ALA F 354 -19.57 7.16 -3.79
C ALA F 354 -19.76 7.48 -5.26
N ARG F 355 -18.80 8.22 -5.82
CA ARG F 355 -18.87 8.53 -7.27
C ARG F 355 -18.90 7.21 -8.06
N ILE F 356 -18.11 6.22 -7.64
CA ILE F 356 -18.11 4.93 -8.31
C ILE F 356 -19.45 4.23 -8.12
N ALA F 357 -20.00 4.28 -6.92
CA ALA F 357 -21.23 3.57 -6.59
C ALA F 357 -22.49 4.31 -7.02
N ALA F 358 -22.36 5.52 -7.53
CA ALA F 358 -23.51 6.39 -7.71
C ALA F 358 -24.54 5.76 -8.64
N PRO F 359 -25.80 5.65 -8.21
CA PRO F 359 -26.83 5.11 -9.10
C PRO F 359 -27.19 6.11 -10.19
N GLN F 360 -27.84 5.59 -11.23
CA GLN F 360 -28.13 6.42 -12.40
C GLN F 360 -29.03 7.59 -12.06
N TRP F 361 -30.04 7.38 -11.21
CA TRP F 361 -30.96 8.47 -10.88
C TRP F 361 -30.25 9.63 -10.22
N SER F 362 -29.17 9.36 -9.50
CA SER F 362 -28.42 10.45 -8.86
C SER F 362 -27.71 11.33 -9.87
N LYS F 363 -27.62 10.88 -11.12
CA LYS F 363 -26.98 11.64 -12.17
C LYS F 363 -27.99 12.33 -13.08
N GLU F 364 -29.27 12.28 -12.74
CA GLU F 364 -30.31 12.81 -13.58
C GLU F 364 -31.15 13.83 -12.82
N ASP F 365 -31.93 14.60 -13.57
CA ASP F 365 -32.87 15.53 -12.95
C ASP F 365 -33.82 14.79 -12.04
N MET F 366 -34.06 15.36 -10.88
CA MET F 366 -35.04 14.78 -9.98
C MET F 366 -36.12 15.78 -9.59
N PHE F 367 -35.79 17.06 -9.49
CA PHE F 367 -36.77 18.10 -9.22
C PHE F 367 -37.33 18.59 -10.56
N VAL F 368 -38.07 17.69 -11.17
CA VAL F 368 -38.57 17.88 -12.51
C VAL F 368 -39.88 18.66 -12.44
N VAL F 369 -40.24 19.26 -13.57
CA VAL F 369 -41.47 20.01 -13.66
C VAL F 369 -42.65 19.13 -13.27
N LEU G 3 -95.23 3.13 3.35
CA LEU G 3 -94.35 3.38 2.22
C LEU G 3 -92.94 2.84 2.48
N ASP G 4 -92.53 1.85 1.71
CA ASP G 4 -91.16 1.36 1.79
C ASP G 4 -90.26 2.28 0.97
N LEU G 5 -89.34 2.95 1.64
CA LEU G 5 -88.42 3.88 1.01
C LEU G 5 -87.00 3.34 1.15
N PHE G 6 -86.32 3.16 0.03
CA PHE G 6 -84.94 2.72 0.02
C PHE G 6 -84.09 3.90 -0.44
N VAL G 7 -83.26 4.42 0.46
CA VAL G 7 -82.40 5.55 0.19
C VAL G 7 -81.01 5.02 -0.07
N SER G 8 -80.51 5.24 -1.28
CA SER G 8 -79.20 4.78 -1.70
C SER G 8 -78.66 5.76 -2.74
N PRO G 9 -77.51 6.37 -2.49
CA PRO G 9 -76.75 6.25 -1.25
C PRO G 9 -77.22 7.25 -0.21
N LEU G 10 -76.96 6.95 1.06
CA LEU G 10 -77.04 7.96 2.11
C LEU G 10 -75.61 8.35 2.40
N GLY G 11 -75.12 9.37 1.70
CA GLY G 11 -73.73 9.76 1.79
C GLY G 11 -73.43 10.54 3.04
N ARG G 12 -72.21 11.07 3.08
CA ARG G 12 -71.71 11.80 4.23
C ARG G 12 -71.79 10.95 5.50
N VAL G 13 -71.49 9.67 5.33
CA VAL G 13 -71.35 8.75 6.46
C VAL G 13 -70.05 7.98 6.29
N GLU G 14 -69.08 8.58 5.60
CA GLU G 14 -67.75 8.00 5.44
C GLU G 14 -67.83 6.55 4.97
N GLY G 15 -68.54 6.35 3.88
CA GLY G 15 -68.63 5.03 3.31
C GLY G 15 -69.99 4.80 2.70
N ASP G 16 -70.28 3.53 2.46
CA ASP G 16 -71.40 3.12 1.64
C ASP G 16 -72.54 2.67 2.55
N LEU G 17 -73.59 3.46 2.58
CA LEU G 17 -74.74 3.18 3.42
C LEU G 17 -76.00 3.29 2.58
N ASP G 18 -76.86 2.31 2.69
CA ASP G 18 -78.22 2.41 2.21
C ASP G 18 -79.13 2.29 3.41
N VAL G 19 -80.25 3.00 3.37
CA VAL G 19 -81.20 2.95 4.47
C VAL G 19 -82.56 2.61 3.92
N ARG G 20 -83.12 1.50 4.37
CA ARG G 20 -84.48 1.14 4.04
C ARG G 20 -85.36 1.52 5.23
N VAL G 21 -86.48 2.16 4.96
CA VAL G 21 -87.39 2.56 6.04
C VAL G 21 -88.80 2.21 5.61
N THR G 22 -89.59 1.76 6.56
CA THR G 22 -91.02 1.71 6.42
C THR G 22 -91.59 3.00 7.01
N ILE G 23 -92.38 3.71 6.23
CA ILE G 23 -92.97 4.97 6.63
C ILE G 23 -94.48 4.79 6.71
N ASN G 24 -95.05 5.18 7.84
CA ASN G 24 -96.50 5.23 8.00
C ASN G 24 -96.88 6.59 8.56
N ASP G 25 -97.79 7.28 7.87
CA ASP G 25 -98.24 8.61 8.25
C ASP G 25 -97.07 9.58 8.41
N GLY G 26 -96.11 9.48 7.51
CA GLY G 26 -94.98 10.40 7.53
C GLY G 26 -93.98 10.15 8.63
N VAL G 27 -94.01 8.98 9.25
CA VAL G 27 -93.10 8.64 10.34
C VAL G 27 -92.46 7.30 10.02
N VAL G 28 -91.15 7.20 10.21
CA VAL G 28 -90.48 5.91 10.06
C VAL G 28 -90.96 4.98 11.15
N THR G 29 -91.47 3.81 10.76
CA THR G 29 -91.92 2.80 11.70
C THR G 29 -90.96 1.63 11.83
N SER G 30 -90.16 1.37 10.80
CA SER G 30 -89.09 0.40 10.91
C SER G 30 -87.96 0.85 10.02
N ALA G 31 -86.75 0.44 10.37
CA ALA G 31 -85.60 0.85 9.60
C ALA G 31 -84.60 -0.29 9.52
N TRP G 32 -83.92 -0.36 8.38
CA TRP G 32 -82.81 -1.25 8.14
C TRP G 32 -81.65 -0.41 7.66
N THR G 33 -80.52 -0.54 8.32
CA THR G 33 -79.28 0.05 7.84
C THR G 33 -78.51 -1.03 7.10
N GLU G 34 -78.09 -0.72 5.87
CA GLU G 34 -77.39 -1.66 5.02
C GLU G 34 -76.01 -1.07 4.75
N ALA G 35 -75.01 -1.57 5.46
CA ALA G 35 -73.63 -1.31 5.11
C ALA G 35 -73.31 -2.10 3.84
N ALA G 36 -72.87 -1.39 2.80
CA ALA G 36 -72.86 -1.98 1.47
C ALA G 36 -71.47 -2.29 0.92
N MET G 37 -70.41 -1.95 1.65
CA MET G 37 -69.06 -2.13 1.11
C MET G 37 -68.21 -2.89 2.12
N PHE G 38 -67.54 -3.93 1.64
CA PHE G 38 -66.76 -4.83 2.48
C PHE G 38 -65.34 -4.92 1.95
N ARG G 39 -64.36 -4.76 2.85
CA ARG G 39 -62.96 -4.93 2.50
C ARG G 39 -62.32 -6.11 3.19
N GLY G 40 -62.81 -6.50 4.36
CA GLY G 40 -62.32 -7.70 5.02
C GLY G 40 -60.94 -7.59 5.61
N PHE G 41 -60.65 -6.49 6.29
CA PHE G 41 -59.32 -6.30 6.86
C PHE G 41 -59.02 -7.34 7.94
N GLU G 42 -60.05 -7.80 8.64
CA GLU G 42 -59.82 -8.84 9.64
C GLU G 42 -59.36 -10.12 8.98
N ILE G 43 -59.93 -10.44 7.81
CA ILE G 43 -59.47 -11.59 7.05
C ILE G 43 -58.03 -11.39 6.61
N ILE G 44 -57.71 -10.19 6.12
CA ILE G 44 -56.37 -9.92 5.62
C ILE G 44 -55.34 -10.04 6.73
N LEU G 45 -55.68 -9.56 7.92
CA LEU G 45 -54.72 -9.52 9.01
C LEU G 45 -54.32 -10.91 9.49
N ARG G 46 -55.17 -11.90 9.28
CA ARG G 46 -54.85 -13.24 9.75
C ARG G 46 -53.56 -13.72 9.11
N GLY G 47 -52.66 -14.24 9.94
CA GLY G 47 -51.39 -14.75 9.47
C GLY G 47 -50.34 -13.70 9.20
N LYS G 48 -50.68 -12.43 9.32
CA LYS G 48 -49.72 -11.37 9.08
C LYS G 48 -48.85 -11.15 10.32
N ASP G 49 -47.88 -10.25 10.17
CA ASP G 49 -47.01 -9.92 11.28
C ASP G 49 -47.85 -9.42 12.45
N PRO G 50 -47.48 -9.74 13.68
CA PRO G 50 -48.31 -9.31 14.83
C PRO G 50 -48.54 -7.82 14.87
N GLN G 51 -47.62 -7.03 14.33
CA GLN G 51 -47.79 -5.58 14.29
C GLN G 51 -48.44 -5.10 13.01
N ALA G 52 -48.87 -6.02 12.14
CA ALA G 52 -49.50 -5.60 10.90
C ALA G 52 -50.74 -4.76 11.17
N GLY G 53 -51.38 -4.95 12.32
CA GLY G 53 -52.53 -4.14 12.67
C GLY G 53 -52.19 -2.66 12.70
N LEU G 54 -51.00 -2.31 13.15
CA LEU G 54 -50.60 -0.90 13.21
C LEU G 54 -50.59 -0.27 11.83
N ILE G 55 -50.41 -1.06 10.78
CA ILE G 55 -50.45 -0.54 9.43
C ILE G 55 -51.84 -0.66 8.83
N VAL G 56 -52.49 -1.80 9.06
CA VAL G 56 -53.75 -2.11 8.39
C VAL G 56 -54.91 -1.38 9.04
N CYS G 57 -55.02 -1.47 10.35
CA CYS G 57 -56.17 -0.91 11.06
C CYS G 57 -56.37 0.57 10.82
N PRO G 58 -55.32 1.43 10.75
CA PRO G 58 -55.58 2.83 10.45
C PRO G 58 -56.31 2.89 9.09
N ARG G 59 -55.99 1.97 8.19
CA ARG G 59 -56.61 2.01 6.84
C ARG G 59 -58.06 1.54 6.90
N ILE G 60 -58.53 1.18 8.06
CA ILE G 60 -59.98 0.89 8.14
C ILE G 60 -60.68 2.20 7.85
N CYS G 61 -60.04 3.30 8.25
CA CYS G 61 -60.78 4.56 8.09
C CYS G 61 -59.88 5.77 8.06
N GLY G 62 -60.24 6.68 7.18
CA GLY G 62 -59.39 7.84 6.99
C GLY G 62 -59.53 8.85 8.08
N ILE G 63 -60.77 9.00 8.53
CA ILE G 63 -61.03 10.07 9.51
C ILE G 63 -60.69 9.56 10.89
N CYS G 64 -60.79 8.26 11.12
CA CYS G 64 -60.51 7.82 12.50
C CYS G 64 -59.43 6.75 12.52
N GLY G 65 -58.58 6.73 11.49
CA GLY G 65 -57.49 5.77 11.49
C GLY G 65 -56.55 5.99 12.67
N GLY G 66 -56.35 7.23 13.08
CA GLY G 66 -55.51 7.43 14.24
C GLY G 66 -56.07 6.73 15.48
N SER G 67 -57.38 6.72 15.57
CA SER G 67 -58.02 5.98 16.68
C SER G 67 -57.74 4.49 16.52
N HIS G 68 -57.87 4.01 15.30
CA HIS G 68 -57.57 2.59 15.05
C HIS G 68 -56.14 2.32 15.47
N LEU G 69 -55.26 3.20 15.12
CA LEU G 69 -53.84 3.00 15.45
C LEU G 69 -53.72 2.93 16.97
N TYR G 70 -54.32 3.89 17.65
CA TYR G 70 -54.26 3.95 19.11
C TYR G 70 -54.68 2.62 19.72
N LYS G 71 -55.85 2.12 19.34
CA LYS G 71 -56.33 0.91 19.96
C LYS G 71 -55.57 -0.32 19.48
N SER G 72 -55.09 -0.34 18.23
CA SER G 72 -54.27 -1.47 17.79
C SER G 72 -52.95 -1.51 18.54
N ALA G 73 -52.34 -0.34 18.76
CA ALA G 73 -51.12 -0.27 19.54
C ALA G 73 -51.39 -0.79 20.94
N TYR G 74 -52.49 -0.37 21.55
CA TYR G 74 -52.77 -0.85 22.90
C TYR G 74 -53.13 -2.33 22.92
N ALA G 75 -53.74 -2.82 21.86
CA ALA G 75 -53.97 -4.26 21.76
C ALA G 75 -52.65 -5.00 21.80
N LEU G 76 -51.65 -4.50 21.08
CA LEU G 76 -50.33 -5.12 21.13
C LEU G 76 -49.68 -4.93 22.49
N ASP G 77 -49.86 -3.74 23.08
CA ASP G 77 -49.27 -3.47 24.39
C ASP G 77 -49.78 -4.44 25.43
N THR G 78 -51.09 -4.71 25.41
CA THR G 78 -51.66 -5.67 26.33
C THR G 78 -51.25 -7.09 25.96
N ALA G 79 -51.29 -7.42 24.66
CA ALA G 79 -50.92 -8.77 24.23
C ALA G 79 -49.48 -9.08 24.60
N TRP G 80 -48.59 -8.10 24.49
CA TRP G 80 -47.18 -8.30 24.74
C TRP G 80 -46.76 -7.81 26.12
N ARG G 81 -47.71 -7.39 26.94
CA ARG G 81 -47.43 -6.98 28.32
C ARG G 81 -46.32 -5.94 28.33
N THR G 82 -46.46 -4.95 27.46
CA THR G 82 -45.40 -3.97 27.27
C THR G 82 -45.39 -2.96 28.41
N HIS G 83 -44.35 -2.16 28.43
CA HIS G 83 -44.28 -0.98 29.29
C HIS G 83 -44.50 0.25 28.45
N MET G 84 -45.39 1.12 28.90
CA MET G 84 -45.68 2.37 28.21
C MET G 84 -45.08 3.52 29.01
N PRO G 85 -44.02 4.16 28.55
CA PRO G 85 -43.52 5.35 29.23
C PRO G 85 -44.61 6.40 29.26
N PRO G 86 -44.69 7.18 30.33
CA PRO G 86 -45.75 8.20 30.42
C PRO G 86 -45.79 9.13 29.23
N ASN G 87 -44.62 9.52 28.69
CA ASN G 87 -44.62 10.38 27.52
C ASN G 87 -45.32 9.72 26.35
N ALA G 88 -45.09 8.42 26.16
CA ALA G 88 -45.76 7.72 25.08
C ALA G 88 -47.27 7.73 25.27
N THR G 89 -47.72 7.49 26.50
CA THR G 89 -49.15 7.56 26.79
C THR G 89 -49.68 8.95 26.49
N LEU G 90 -48.93 9.98 26.86
CA LEU G 90 -49.35 11.34 26.61
C LEU G 90 -49.46 11.60 25.12
N ILE G 91 -48.46 11.17 24.35
CA ILE G 91 -48.47 11.40 22.92
C ILE G 91 -49.64 10.67 22.29
N ARG G 92 -49.88 9.43 22.72
CA ARG G 92 -51.01 8.68 22.20
C ARG G 92 -52.32 9.39 22.51
N ASN G 93 -52.47 9.85 23.76
CA ASN G 93 -53.66 10.61 24.15
C ASN G 93 -53.80 11.85 23.29
N ILE G 94 -52.72 12.60 23.14
CA ILE G 94 -52.75 13.84 22.40
C ILE G 94 -53.19 13.58 20.97
N CYS G 95 -52.61 12.56 20.35
CA CYS G 95 -52.91 12.30 18.95
C CYS G 95 -54.31 11.77 18.77
N GLN G 96 -54.77 10.89 19.66
CA GLN G 96 -56.15 10.42 19.59
C GLN G 96 -57.10 11.59 19.73
N ALA G 97 -56.86 12.44 20.71
CA ALA G 97 -57.75 13.57 20.95
C ALA G 97 -57.66 14.57 19.82
N CYS G 98 -56.47 14.76 19.25
CA CYS G 98 -56.34 15.69 18.13
C CYS G 98 -57.08 15.19 16.91
N GLU G 99 -57.01 13.89 16.65
CA GLU G 99 -57.82 13.35 15.57
C GLU G 99 -59.29 13.60 15.82
N THR G 100 -59.74 13.39 17.06
CA THR G 100 -61.13 13.66 17.38
C THR G 100 -61.47 15.14 17.22
N LEU G 101 -60.56 16.02 17.63
CA LEU G 101 -60.77 17.45 17.49
C LEU G 101 -60.83 17.87 16.03
N GLN G 102 -60.10 17.17 15.17
CA GLN G 102 -60.26 17.38 13.74
C GLN G 102 -61.61 16.88 13.28
N SER G 103 -62.01 15.71 13.77
CA SER G 103 -63.25 15.09 13.32
C SER G 103 -64.46 15.94 13.65
N ILE G 104 -64.46 16.55 14.83
CA ILE G 104 -65.62 17.26 15.35
C ILE G 104 -66.08 18.34 14.37
N PRO G 105 -65.26 19.34 14.03
CA PRO G 105 -65.73 20.33 13.04
C PRO G 105 -65.82 19.78 11.65
N ARG G 106 -64.87 18.94 11.24
CA ARG G 106 -64.92 18.41 9.88
C ARG G 106 -66.23 17.68 9.66
N TYR G 107 -66.58 16.80 10.58
CA TYR G 107 -67.85 16.10 10.47
C TYR G 107 -69.01 17.08 10.58
N PHE G 108 -68.96 17.99 11.54
CA PHE G 108 -70.13 18.83 11.80
C PHE G 108 -70.48 19.67 10.58
N TYR G 109 -69.49 20.35 10.02
CA TYR G 109 -69.77 21.23 8.89
C TYR G 109 -69.88 20.45 7.60
N ALA G 110 -68.91 19.58 7.31
CA ALA G 110 -68.86 18.95 5.99
C ALA G 110 -69.88 17.83 5.86
N LEU G 111 -70.16 17.12 6.94
CA LEU G 111 -70.99 15.93 6.86
C LEU G 111 -72.39 16.14 7.39
N PHE G 112 -72.55 16.93 8.45
CA PHE G 112 -73.82 17.03 9.13
C PHE G 112 -74.56 18.33 8.82
N ALA G 113 -73.92 19.47 9.09
CA ALA G 113 -74.66 20.72 9.16
C ALA G 113 -75.19 21.19 7.81
N ILE G 114 -74.64 20.70 6.70
CA ILE G 114 -75.15 21.16 5.42
C ILE G 114 -76.60 20.73 5.24
N ASP G 115 -76.99 19.61 5.85
CA ASP G 115 -78.38 19.19 5.81
C ASP G 115 -79.30 20.16 6.52
N LEU G 116 -78.76 21.01 7.40
CA LEU G 116 -79.56 22.05 8.02
C LEU G 116 -80.06 23.05 7.00
N THR G 117 -79.48 23.08 5.80
CA THR G 117 -79.92 23.94 4.73
C THR G 117 -81.02 23.31 3.90
N ASN G 118 -81.50 22.14 4.30
CA ASN G 118 -82.52 21.45 3.52
C ASN G 118 -83.77 22.32 3.39
N LYS G 119 -84.43 22.19 2.24
CA LYS G 119 -85.62 22.98 1.97
C LYS G 119 -86.76 22.68 2.93
N ASN G 120 -86.70 21.55 3.64
CA ASN G 120 -87.71 21.25 4.65
C ASN G 120 -87.74 22.31 5.74
N TYR G 121 -86.67 23.06 5.91
CA TYR G 121 -86.56 24.07 6.94
C TYR G 121 -86.75 25.47 6.41
N ALA G 122 -87.17 25.62 5.14
CA ALA G 122 -87.28 26.94 4.54
C ALA G 122 -88.23 27.84 5.30
N LYS G 123 -89.22 27.26 5.99
CA LYS G 123 -90.17 28.05 6.76
C LYS G 123 -89.59 28.53 8.09
N SER G 124 -88.47 27.96 8.54
CA SER G 124 -87.88 28.39 9.80
C SER G 124 -87.38 29.83 9.67
N LYS G 125 -87.59 30.61 10.73
CA LYS G 125 -87.05 31.97 10.73
C LYS G 125 -85.53 31.99 10.70
N LEU G 126 -84.89 30.91 11.12
CA LEU G 126 -83.43 30.82 11.11
C LEU G 126 -82.88 30.22 9.82
N TYR G 127 -83.75 29.90 8.86
CA TYR G 127 -83.32 29.16 7.69
C TYR G 127 -82.32 29.94 6.85
N ASP G 128 -82.57 31.23 6.65
CA ASP G 128 -81.63 32.03 5.86
C ASP G 128 -80.26 32.05 6.50
N GLU G 129 -80.22 32.21 7.83
CA GLU G 129 -78.93 32.17 8.52
C GLU G 129 -78.31 30.78 8.44
N ALA G 130 -79.13 29.73 8.56
CA ALA G 130 -78.60 28.38 8.43
C ALA G 130 -77.96 28.18 7.08
N VAL G 131 -78.61 28.68 6.02
CA VAL G 131 -78.05 28.57 4.68
C VAL G 131 -76.76 29.38 4.57
N ARG G 132 -76.77 30.60 5.09
CA ARG G 132 -75.57 31.43 5.03
C ARG G 132 -74.39 30.75 5.70
N ARG G 133 -74.64 30.09 6.82
CA ARG G 133 -73.57 29.52 7.63
C ARG G 133 -73.12 28.16 7.12
N PHE G 134 -74.07 27.28 6.79
CA PHE G 134 -73.81 25.86 6.66
C PHE G 134 -73.97 25.32 5.26
N ALA G 135 -74.25 26.17 4.28
CA ALA G 135 -74.35 25.67 2.92
C ALA G 135 -73.02 25.02 2.54
N PRO G 136 -73.05 23.92 1.81
CA PRO G 136 -71.80 23.24 1.44
C PRO G 136 -70.88 24.17 0.66
N TYR G 137 -69.62 24.21 1.09
CA TYR G 137 -68.51 24.83 0.40
C TYR G 137 -68.53 26.35 0.39
N VAL G 138 -69.65 26.97 0.74
CA VAL G 138 -69.75 28.42 0.64
C VAL G 138 -70.29 28.96 1.96
N GLY G 139 -70.78 28.07 2.81
CA GLY G 139 -71.29 28.50 4.09
C GLY G 139 -70.23 29.25 4.87
N THR G 140 -70.65 30.36 5.48
CA THR G 140 -69.71 31.18 6.23
C THR G 140 -69.21 30.50 7.48
N SER G 141 -69.94 29.51 7.99
CA SER G 141 -69.40 28.66 9.04
C SER G 141 -68.73 27.42 8.46
N TYR G 142 -69.25 26.95 7.33
CA TYR G 142 -68.70 25.75 6.69
C TYR G 142 -67.23 25.95 6.34
N GLN G 143 -66.91 27.02 5.63
CA GLN G 143 -65.55 27.17 5.12
C GLN G 143 -64.53 27.23 6.25
N PRO G 144 -64.61 28.17 7.21
CA PRO G 144 -63.60 28.16 8.28
C PRO G 144 -63.63 26.90 9.11
N GLY G 145 -64.81 26.34 9.38
CA GLY G 145 -64.86 25.12 10.18
C GLY G 145 -64.10 23.98 9.52
N VAL G 146 -64.40 23.76 8.24
CA VAL G 146 -63.75 22.67 7.52
C VAL G 146 -62.26 22.95 7.37
N VAL G 147 -61.91 24.19 7.00
CA VAL G 147 -60.50 24.52 6.78
C VAL G 147 -59.71 24.35 8.06
N LEU G 148 -60.22 24.86 9.17
CA LEU G 148 -59.49 24.78 10.43
C LEU G 148 -59.52 23.38 11.01
N SER G 149 -60.41 22.51 10.54
CA SER G 149 -60.41 21.14 11.03
C SER G 149 -59.09 20.43 10.76
N ALA G 150 -58.29 20.92 9.81
CA ALA G 150 -57.00 20.29 9.54
C ALA G 150 -55.94 20.61 10.59
N LYS G 151 -56.16 21.62 11.44
CA LYS G 151 -55.11 21.99 12.40
C LYS G 151 -54.83 20.92 13.44
N PRO G 152 -55.82 20.37 14.14
CA PRO G 152 -55.49 19.38 15.17
C PRO G 152 -54.71 18.20 14.61
N VAL G 153 -54.99 17.81 13.37
CA VAL G 153 -54.21 16.71 12.81
C VAL G 153 -52.85 17.18 12.33
N GLU G 154 -52.63 18.49 12.21
CA GLU G 154 -51.26 18.97 12.12
C GLU G 154 -50.50 18.63 13.40
N VAL G 155 -51.15 18.76 14.55
CA VAL G 155 -50.50 18.32 15.78
C VAL G 155 -50.21 16.82 15.71
N TYR G 156 -51.21 16.07 15.27
CA TYR G 156 -51.03 14.64 15.07
C TYR G 156 -49.81 14.36 14.22
N ALA G 157 -49.66 15.11 13.12
CA ALA G 157 -48.55 14.88 12.20
C ALA G 157 -47.22 15.27 12.86
N ILE G 158 -47.23 16.30 13.68
CA ILE G 158 -46.01 16.68 14.38
C ILE G 158 -45.48 15.49 15.15
N PHE G 159 -46.37 14.77 15.82
CA PHE G 159 -45.89 13.63 16.60
C PHE G 159 -45.82 12.33 15.83
N GLY G 160 -46.58 12.19 14.75
CA GLY G 160 -46.70 10.91 14.09
C GLY G 160 -46.19 10.95 12.67
N GLY G 161 -45.75 12.11 12.24
CA GLY G 161 -45.18 12.17 10.90
C GLY G 161 -46.21 12.65 9.90
N GLN G 162 -47.42 12.12 10.06
CA GLN G 162 -48.46 12.54 9.13
C GLN G 162 -49.83 12.15 9.65
N TRP G 163 -50.80 12.74 9.02
CA TRP G 163 -52.18 12.32 9.30
C TRP G 163 -52.96 12.55 7.99
N PRO G 164 -53.82 11.63 7.50
CA PRO G 164 -53.96 10.28 8.03
C PRO G 164 -52.79 9.36 7.67
N DHI G 165 -52.73 8.21 8.32
CA DHI G 165 -51.85 7.12 7.92
C DHI G 165 -50.46 7.02 8.47
O DHI G 165 -49.59 6.51 7.83
CB DHI G 165 -52.55 5.80 7.87
CG DHI G 165 -53.89 5.81 7.23
ND1 DHI G 165 -55.04 6.01 7.95
CD2 DHI G 165 -54.26 5.59 5.96
CE1 DHI G 165 -56.07 5.94 7.14
NE2 DHI G 165 -55.62 5.67 5.92
N SER G 166 -50.39 7.46 9.70
CA SER G 166 -49.15 7.15 10.40
C SER G 166 -49.43 5.83 11.13
N SER G 167 -48.39 5.12 11.50
CA SER G 167 -48.48 3.91 12.37
C SER G 167 -47.51 4.11 13.55
N PHE G 168 -47.29 5.34 13.96
CA PHE G 168 -46.21 5.63 14.89
C PHE G 168 -46.50 5.18 16.31
N MET G 169 -47.71 4.72 16.60
CA MET G 169 -48.00 4.17 17.92
C MET G 169 -47.69 2.68 17.86
N VAL G 170 -46.68 2.27 18.63
CA VAL G 170 -46.18 0.90 18.58
C VAL G 170 -46.19 0.34 19.99
N PRO G 171 -46.23 -0.99 20.12
CA PRO G 171 -46.09 -1.59 21.44
C PRO G 171 -44.84 -1.05 22.12
N GLY G 172 -45.00 -0.61 23.36
CA GLY G 172 -43.91 -0.01 24.08
C GLY G 172 -43.82 1.49 23.97
N GLY G 173 -44.65 2.10 23.15
CA GLY G 173 -44.70 3.55 23.14
C GLY G 173 -45.07 4.17 21.82
N VAL G 174 -44.26 5.11 21.38
CA VAL G 174 -44.43 5.73 20.07
C VAL G 174 -43.08 5.72 19.38
N MET G 175 -43.11 5.73 18.05
CA MET G 175 -41.87 5.76 17.31
C MET G 175 -41.14 7.09 17.45
N SER G 176 -41.89 8.16 17.66
CA SER G 176 -41.34 9.49 17.54
C SER G 176 -40.68 9.92 18.83
N ALA G 177 -39.88 10.98 18.72
CA ALA G 177 -39.16 11.57 19.84
C ALA G 177 -39.39 13.06 19.71
N PRO G 178 -40.50 13.56 20.24
CA PRO G 178 -40.81 14.99 20.09
C PRO G 178 -39.67 15.85 20.59
N THR G 179 -39.43 16.94 19.88
CA THR G 179 -38.49 17.96 20.30
C THR G 179 -39.25 19.10 20.95
N LEU G 180 -38.49 20.04 21.51
CA LEU G 180 -39.12 21.19 22.13
C LEU G 180 -39.98 21.95 21.13
N SER G 181 -39.46 22.20 19.93
CA SER G 181 -40.22 22.92 18.93
C SER G 181 -41.45 22.13 18.50
N ASP G 182 -41.37 20.80 18.52
CA ASP G 182 -42.56 20.00 18.24
C ASP G 182 -43.67 20.35 19.23
N VAL G 183 -43.34 20.36 20.52
CA VAL G 183 -44.36 20.60 21.53
C VAL G 183 -44.85 22.04 21.47
N THR G 184 -43.93 22.99 21.34
CA THR G 184 -44.34 24.38 21.28
C THR G 184 -45.21 24.65 20.07
N ARG G 185 -44.84 24.06 18.91
CA ARG G 185 -45.67 24.23 17.73
C ARG G 185 -47.01 23.54 17.89
N ALA G 186 -47.04 22.36 18.50
CA ALA G 186 -48.31 21.69 18.74
C ALA G 186 -49.20 22.55 19.62
N ILE G 187 -48.63 23.14 20.66
CA ILE G 187 -49.39 24.04 21.53
C ILE G 187 -49.88 25.23 20.74
N ALA G 188 -49.02 25.82 19.92
CA ALA G 188 -49.43 26.97 19.13
C ALA G 188 -50.55 26.62 18.17
N ILE G 189 -50.43 25.48 17.50
CA ILE G 189 -51.47 25.05 16.57
C ILE G 189 -52.78 24.85 17.32
N LEU G 190 -52.71 24.17 18.46
CA LEU G 190 -53.91 23.88 19.22
C LEU G 190 -54.56 25.17 19.72
N GLU G 191 -53.76 26.08 20.27
CA GLU G 191 -54.30 27.35 20.74
C GLU G 191 -54.89 28.16 19.59
N HIS G 192 -54.24 28.16 18.45
CA HIS G 192 -54.78 28.89 17.31
C HIS G 192 -56.10 28.28 16.86
N TRP G 193 -56.16 26.97 16.76
CA TRP G 193 -57.39 26.30 16.37
C TRP G 193 -58.50 26.57 17.38
N ASN G 194 -58.17 26.49 18.66
CA ASN G 194 -59.15 26.72 19.71
C ASN G 194 -59.67 28.15 19.63
N ASP G 195 -58.76 29.12 19.46
CA ASP G 195 -59.18 30.51 19.42
C ASP G 195 -59.99 30.80 18.18
N ASN G 196 -59.59 30.26 17.04
CA ASN G 196 -60.15 30.66 15.76
C ASN G 196 -61.37 29.86 15.36
N TRP G 197 -61.43 28.57 15.68
CA TRP G 197 -62.66 27.84 15.42
C TRP G 197 -63.44 27.57 16.69
N LEU G 198 -62.84 26.91 17.67
CA LEU G 198 -63.61 26.39 18.80
C LEU G 198 -64.26 27.53 19.58
N GLU G 199 -63.47 28.53 19.94
CA GLU G 199 -64.00 29.60 20.78
C GLU G 199 -64.64 30.70 19.96
N LYS G 200 -63.97 31.16 18.90
CA LYS G 200 -64.52 32.26 18.11
C LYS G 200 -65.76 31.83 17.34
N GLN G 201 -65.67 30.71 16.64
CA GLN G 201 -66.74 30.32 15.73
C GLN G 201 -67.74 29.38 16.39
N TRP G 202 -67.25 28.31 16.98
CA TRP G 202 -68.20 27.34 17.54
C TRP G 202 -68.88 27.90 18.76
N LEU G 203 -68.11 28.35 19.75
CA LEU G 203 -68.68 28.72 21.03
C LEU G 203 -69.07 30.19 21.12
N GLY G 204 -68.32 31.08 20.48
CA GLY G 204 -68.50 32.49 20.79
C GLY G 204 -68.16 32.84 22.22
N CYS G 205 -67.43 31.97 22.91
CA CYS G 205 -67.00 32.17 24.28
C CYS G 205 -65.79 31.28 24.52
N SER G 206 -65.21 31.38 25.71
CA SER G 206 -64.09 30.53 26.04
C SER G 206 -64.54 29.09 26.24
N VAL G 207 -63.60 28.16 26.09
CA VAL G 207 -63.91 26.78 26.41
C VAL G 207 -64.31 26.65 27.86
N ASP G 208 -63.67 27.42 28.73
CA ASP G 208 -64.02 27.37 30.15
C ASP G 208 -65.47 27.75 30.38
N ARG G 209 -65.93 28.80 29.71
CA ARG G 209 -67.32 29.22 29.88
C ARG G 209 -68.27 28.11 29.45
N TRP G 210 -67.97 27.45 28.34
CA TRP G 210 -68.82 26.36 27.88
C TRP G 210 -68.83 25.21 28.88
N LEU G 211 -67.65 24.85 29.38
CA LEU G 211 -67.55 23.73 30.30
C LEU G 211 -68.17 24.02 31.65
N GLU G 212 -68.56 25.27 31.91
CA GLU G 212 -69.34 25.59 33.09
C GLU G 212 -70.78 25.14 32.98
N ASN G 213 -71.24 24.79 31.78
CA ASN G 213 -72.60 24.31 31.60
C ASN G 213 -72.70 22.90 32.17
N LYS G 214 -73.47 22.76 33.25
CA LYS G 214 -73.65 21.47 33.91
C LYS G 214 -75.04 20.90 33.76
N THR G 215 -75.99 21.68 33.26
CA THR G 215 -77.36 21.23 33.08
C THR G 215 -77.84 21.68 31.72
N TRP G 216 -78.95 21.09 31.27
CA TRP G 216 -79.57 21.54 30.05
C TRP G 216 -79.99 23.00 30.16
N ASN G 217 -80.56 23.36 31.33
CA ASN G 217 -80.91 24.76 31.58
C ASN G 217 -79.68 25.65 31.53
N ASP G 218 -78.54 25.14 31.99
CA ASP G 218 -77.29 25.88 31.84
C ASP G 218 -76.99 26.14 30.36
N VAL G 219 -77.20 25.14 29.51
CA VAL G 219 -76.92 25.31 28.09
C VAL G 219 -77.87 26.34 27.48
N LEU G 220 -79.14 26.29 27.83
CA LEU G 220 -80.08 27.28 27.30
C LEU G 220 -79.74 28.68 27.78
N ALA G 221 -79.39 28.82 29.06
CA ALA G 221 -78.95 30.12 29.58
C ALA G 221 -77.68 30.57 28.87
N TRP G 222 -76.80 29.64 28.56
CA TRP G 222 -75.58 29.98 27.84
C TRP G 222 -75.91 30.51 26.46
N VAL G 223 -76.87 29.89 25.78
CA VAL G 223 -77.28 30.36 24.46
C VAL G 223 -77.78 31.79 24.55
N ASP G 224 -78.59 32.06 25.56
CA ASP G 224 -79.20 33.39 25.69
C ASP G 224 -78.34 34.39 26.42
N GLU G 225 -77.18 33.99 26.92
CA GLU G 225 -76.43 34.84 27.84
C GLU G 225 -75.97 36.12 27.19
N ASN G 226 -75.45 36.03 25.97
CA ASN G 226 -74.97 37.19 25.25
C ASN G 226 -75.03 36.90 23.76
N GLU G 227 -74.84 37.95 22.97
CA GLU G 227 -74.96 37.81 21.53
C GLU G 227 -73.87 36.93 20.96
N SER G 228 -72.68 36.94 21.55
CA SER G 228 -71.59 36.12 21.01
C SER G 228 -71.96 34.64 21.07
N GLN G 229 -72.45 34.19 22.24
CA GLN G 229 -72.84 32.80 22.37
C GLN G 229 -74.12 32.51 21.61
N TYR G 230 -75.03 33.48 21.60
CA TYR G 230 -76.29 33.33 20.88
C TYR G 230 -76.05 33.10 19.40
N ASN G 231 -75.14 33.85 18.80
CA ASN G 231 -74.86 33.79 17.38
C ASN G 231 -73.67 32.92 17.05
N SER G 232 -73.10 32.26 18.05
CA SER G 232 -72.07 31.27 17.76
C SER G 232 -72.67 30.13 16.97
N ASP G 233 -71.80 29.34 16.34
CA ASP G 233 -72.30 28.16 15.66
C ASP G 233 -73.01 27.24 16.64
N CYS G 234 -72.50 27.14 17.87
CA CYS G 234 -73.14 26.29 18.86
C CYS G 234 -74.50 26.84 19.26
N GLY G 235 -74.55 28.13 19.60
CA GLY G 235 -75.81 28.73 19.97
C GLY G 235 -76.81 28.70 18.83
N PHE G 236 -76.35 29.03 17.62
CA PHE G 236 -77.25 28.96 16.48
C PHE G 236 -77.71 27.53 16.25
N PHE G 237 -76.82 26.57 16.38
CA PHE G 237 -77.20 25.18 16.15
C PHE G 237 -78.25 24.73 17.15
N ILE G 238 -78.08 25.08 18.42
CA ILE G 238 -79.06 24.72 19.42
C ILE G 238 -80.40 25.36 19.10
N ARG G 239 -80.37 26.65 18.80
CA ARG G 239 -81.62 27.35 18.49
C ARG G 239 -82.27 26.77 17.25
N TYR G 240 -81.47 26.46 16.23
CA TYR G 240 -81.99 25.86 15.01
C TYR G 240 -82.61 24.51 15.29
N CYS G 241 -81.95 23.68 16.11
CA CYS G 241 -82.49 22.38 16.45
C CYS G 241 -83.82 22.51 17.17
N LEU G 242 -83.89 23.42 18.13
CA LEU G 242 -85.12 23.62 18.87
C LEU G 242 -86.21 24.18 17.98
N ASP G 243 -85.85 25.00 16.99
CA ASP G 243 -86.85 25.58 16.11
C ASP G 243 -87.37 24.57 15.10
N VAL G 244 -86.48 23.77 14.50
CA VAL G 244 -86.86 22.87 13.42
C VAL G 244 -87.16 21.46 13.90
N GLY G 245 -86.97 21.17 15.18
CA GLY G 245 -87.37 19.89 15.73
C GLY G 245 -86.32 18.81 15.70
N LEU G 246 -85.03 19.16 15.63
CA LEU G 246 -83.99 18.15 15.73
C LEU G 246 -83.88 17.57 17.14
N ASP G 247 -84.52 18.19 18.12
CA ASP G 247 -84.57 17.66 19.47
C ASP G 247 -85.72 16.68 19.67
N LYS G 248 -86.50 16.41 18.62
CA LYS G 248 -87.73 15.64 18.77
C LYS G 248 -87.66 14.23 18.19
N TYR G 249 -86.57 13.88 17.52
CA TYR G 249 -86.44 12.53 16.98
C TYR G 249 -84.97 12.15 16.94
N GLY G 250 -84.71 10.92 16.51
CA GLY G 250 -83.38 10.37 16.62
C GLY G 250 -83.01 9.94 18.02
N GLN G 251 -84.00 9.64 18.86
CA GLN G 251 -83.73 9.26 20.24
C GLN G 251 -82.83 8.02 20.30
N GLY G 252 -83.22 6.98 19.60
CA GLY G 252 -82.42 5.77 19.59
C GLY G 252 -82.66 4.90 20.81
N VAL G 253 -81.68 4.04 21.08
CA VAL G 253 -81.80 3.03 22.13
C VAL G 253 -81.91 3.67 23.51
N GLY G 254 -81.23 4.80 23.72
CA GLY G 254 -81.13 5.34 25.05
C GLY G 254 -80.19 4.57 25.95
N ASN G 255 -79.51 3.57 25.42
CA ASN G 255 -78.48 2.80 26.12
C ASN G 255 -77.17 3.02 25.39
N TYR G 256 -76.10 3.13 26.15
CA TYR G 256 -74.85 3.66 25.64
C TYR G 256 -73.68 2.80 26.06
N LEU G 257 -72.71 2.72 25.17
CA LEU G 257 -71.46 2.05 25.44
C LEU G 257 -70.33 3.03 25.22
N ALA G 258 -69.49 3.21 26.23
CA ALA G 258 -68.23 3.89 26.09
C ALA G 258 -67.15 2.94 26.56
N THR G 259 -66.19 2.64 25.69
CA THR G 259 -65.03 1.91 26.15
C THR G 259 -64.01 2.83 26.78
N GLY G 260 -64.18 4.13 26.61
CA GLY G 260 -63.25 5.08 27.19
C GLY G 260 -61.96 5.14 26.41
N THR G 261 -61.17 6.18 26.65
CA THR G 261 -59.82 6.28 26.11
C THR G 261 -59.08 7.32 26.93
N TYR G 262 -57.88 7.69 26.48
CA TYR G 262 -57.05 8.65 27.21
C TYR G 262 -56.61 8.13 28.57
N PHE G 263 -55.62 7.26 28.57
CA PHE G 263 -55.09 6.76 29.82
C PHE G 263 -54.32 7.82 30.60
N GLU G 264 -54.52 7.83 31.90
CA GLU G 264 -53.64 8.57 32.78
C GLU G 264 -52.27 7.91 32.72
N PRO G 265 -51.22 8.63 32.33
CA PRO G 265 -49.95 7.96 32.03
C PRO G 265 -49.42 7.11 33.17
N SER G 266 -49.55 7.56 34.41
CA SER G 266 -49.01 6.80 35.52
C SER G 266 -49.82 5.54 35.80
N LEU G 267 -51.06 5.47 35.32
CA LEU G 267 -51.94 4.35 35.64
C LEU G 267 -51.95 3.27 34.56
N TYR G 268 -51.35 3.52 33.41
CA TYR G 268 -51.35 2.53 32.34
C TYR G 268 -49.96 2.36 31.77
N GLU G 269 -48.94 2.47 32.63
CA GLU G 269 -47.58 2.24 32.19
C GLU G 269 -47.35 0.80 31.76
N ASN G 270 -48.13 -0.13 32.28
CA ASN G 270 -48.04 -1.54 31.90
C ASN G 270 -49.43 -1.99 31.49
N PRO G 271 -49.80 -1.73 30.24
CA PRO G 271 -51.18 -1.98 29.81
C PRO G 271 -51.60 -3.41 30.05
N THR G 272 -52.75 -3.56 30.68
CA THR G 272 -53.43 -4.83 30.81
C THR G 272 -54.90 -4.62 30.48
N ILE G 273 -55.56 -5.70 30.11
CA ILE G 273 -57.00 -5.63 29.91
C ILE G 273 -57.69 -5.27 31.20
N GLU G 274 -57.30 -5.91 32.30
CA GLU G 274 -58.01 -5.74 33.57
C GLU G 274 -57.81 -4.35 34.15
N GLY G 275 -56.62 -3.78 33.99
CA GLY G 275 -56.37 -2.47 34.54
C GLY G 275 -56.78 -1.32 33.66
N ARG G 276 -57.42 -1.62 32.53
CA ARG G 276 -57.70 -0.59 31.55
C ARG G 276 -58.68 0.44 32.08
N ASN G 277 -59.80 -0.01 32.65
CA ASN G 277 -60.87 0.91 33.03
C ASN G 277 -60.42 1.93 34.05
N ALA G 278 -59.67 1.49 35.06
CA ALA G 278 -59.24 2.41 36.11
C ALA G 278 -58.32 3.48 35.56
N ALA G 279 -57.51 3.15 34.55
CA ALA G 279 -56.53 4.09 34.03
C ALA G 279 -57.13 5.13 33.11
N LEU G 280 -58.37 4.94 32.66
CA LEU G 280 -58.96 5.84 31.70
C LEU G 280 -59.22 7.22 32.28
N ILE G 281 -58.94 8.25 31.49
CA ILE G 281 -59.41 9.59 31.78
C ILE G 281 -60.81 9.82 31.24
N GLY G 282 -60.99 9.57 29.95
CA GLY G 282 -62.31 9.58 29.39
C GLY G 282 -62.92 8.24 29.74
N ARG G 283 -63.76 8.25 30.76
CA ARG G 283 -64.16 7.00 31.39
C ARG G 283 -64.95 6.10 30.47
N SER G 284 -64.69 4.81 30.58
CA SER G 284 -65.60 3.83 30.03
C SER G 284 -66.88 3.82 30.86
N GLY G 285 -67.87 3.10 30.36
CA GLY G 285 -69.11 2.98 31.07
C GLY G 285 -70.21 2.57 30.14
N VAL G 286 -71.07 1.70 30.60
CA VAL G 286 -72.26 1.31 29.89
C VAL G 286 -73.42 1.94 30.63
N PHE G 287 -74.29 2.62 29.91
CA PHE G 287 -75.48 3.25 30.48
C PHE G 287 -76.69 2.55 29.89
N ALA G 288 -77.28 1.65 30.65
CA ALA G 288 -78.38 0.84 30.14
C ALA G 288 -79.51 0.82 31.15
N ASP G 289 -80.74 0.95 30.65
CA ASP G 289 -81.92 0.96 31.50
C ASP G 289 -81.80 2.03 32.59
N GLY G 290 -81.20 3.17 32.23
CA GLY G 290 -81.05 4.25 33.18
C GLY G 290 -80.04 4.00 34.27
N ARG G 291 -79.18 3.00 34.12
CA ARG G 291 -78.24 2.62 35.16
C ARG G 291 -76.83 2.54 34.59
N TYR G 292 -75.85 2.78 35.46
CA TYR G 292 -74.46 2.73 35.07
C TYR G 292 -73.87 1.36 35.37
N PHE G 293 -73.09 0.86 34.42
CA PHE G 293 -72.39 -0.41 34.52
C PHE G 293 -70.95 -0.18 34.10
N GLU G 294 -70.06 -0.96 34.69
CA GLU G 294 -68.67 -0.95 34.24
C GLU G 294 -68.57 -1.66 32.91
N PHE G 295 -67.83 -1.06 31.97
CA PHE G 295 -67.57 -1.74 30.72
C PHE G 295 -66.67 -2.95 30.94
N ASP G 296 -67.01 -4.06 30.31
CA ASP G 296 -66.18 -5.26 30.34
C ASP G 296 -66.18 -5.84 28.94
N GLN G 297 -65.00 -5.89 28.32
CA GLN G 297 -64.90 -6.39 26.96
C GLN G 297 -65.38 -7.83 26.83
N ALA G 298 -65.35 -8.59 27.93
CA ALA G 298 -65.85 -9.95 27.90
C ALA G 298 -67.34 -10.00 27.56
N ASN G 299 -68.07 -8.93 27.79
CA ASN G 299 -69.50 -8.88 27.51
C ASN G 299 -69.81 -8.56 26.06
N VAL G 300 -68.76 -8.38 25.26
CA VAL G 300 -69.01 -7.94 23.85
C VAL G 300 -69.19 -9.15 22.96
N THR G 301 -70.32 -9.25 22.27
CA THR G 301 -70.50 -10.27 21.27
C THR G 301 -70.78 -9.59 19.95
N GLU G 302 -70.54 -10.31 18.86
CA GLU G 302 -70.94 -9.85 17.55
C GLU G 302 -71.84 -10.89 16.92
N ASP G 303 -73.03 -10.45 16.52
CA ASP G 303 -74.04 -11.26 15.88
C ASP G 303 -73.99 -11.02 14.39
N VAL G 304 -74.07 -12.07 13.60
CA VAL G 304 -74.09 -11.91 12.15
C VAL G 304 -75.38 -12.45 11.55
N THR G 305 -76.44 -12.56 12.36
CA THR G 305 -77.69 -13.14 11.89
C THR G 305 -78.21 -12.39 10.68
N HIS G 306 -78.20 -11.06 10.74
CA HIS G 306 -78.64 -10.23 9.63
C HIS G 306 -77.47 -9.60 8.90
N SER G 307 -76.26 -10.07 9.16
CA SER G 307 -75.06 -9.58 8.51
C SER G 307 -74.60 -10.57 7.45
N PHE G 308 -73.88 -10.07 6.46
CA PHE G 308 -73.43 -10.91 5.36
C PHE G 308 -72.23 -11.75 5.78
N TYR G 309 -72.36 -12.48 6.87
CA TYR G 309 -71.30 -13.35 7.33
C TYR G 309 -71.89 -14.68 7.77
N GLU G 310 -71.09 -15.72 7.63
CA GLU G 310 -71.47 -17.01 8.16
C GLU G 310 -71.40 -16.97 9.68
N GLY G 311 -72.32 -17.66 10.33
CA GLY G 311 -72.31 -17.73 11.77
C GLY G 311 -73.68 -18.02 12.31
N ASN G 312 -73.75 -18.72 13.44
CA ASN G 312 -75.02 -19.08 14.03
C ASN G 312 -75.18 -18.64 15.47
N ARG G 313 -74.14 -18.09 16.08
CA ARG G 313 -74.23 -17.61 17.45
C ARG G 313 -73.39 -16.35 17.59
N PRO G 314 -73.77 -15.45 18.48
CA PRO G 314 -72.91 -14.30 18.77
C PRO G 314 -71.57 -14.76 19.28
N LEU G 315 -70.51 -14.11 18.81
CA LEU G 315 -69.16 -14.50 19.14
C LEU G 315 -68.46 -13.36 19.86
N HIS G 316 -67.85 -13.66 20.99
CA HIS G 316 -66.92 -12.72 21.56
C HIS G 316 -65.76 -12.54 20.58
N PRO G 317 -65.30 -11.31 20.36
CA PRO G 317 -64.34 -11.09 19.26
C PRO G 317 -63.04 -11.85 19.41
N PHE G 318 -62.66 -12.27 20.63
CA PHE G 318 -61.49 -13.13 20.75
C PHE G 318 -61.68 -14.43 19.97
N GLU G 319 -62.91 -14.91 19.87
CA GLU G 319 -63.25 -16.03 19.01
C GLU G 319 -64.01 -15.57 17.76
N GLY G 320 -63.89 -14.29 17.42
CA GLY G 320 -64.63 -13.76 16.30
C GLY G 320 -64.18 -14.38 14.99
N GLU G 321 -65.08 -14.33 14.03
CA GLU G 321 -64.84 -14.84 12.68
C GLU G 321 -65.45 -13.85 11.70
N THR G 322 -64.81 -13.69 10.57
CA THR G 322 -65.32 -12.82 9.51
C THR G 322 -65.30 -13.66 8.25
N ILE G 323 -66.37 -14.41 8.05
CA ILE G 323 -66.50 -15.28 6.89
C ILE G 323 -67.65 -14.73 6.05
N PRO G 324 -67.36 -13.96 5.01
CA PRO G 324 -68.42 -13.33 4.24
C PRO G 324 -69.29 -14.37 3.56
N VAL G 325 -70.56 -14.03 3.41
CA VAL G 325 -71.47 -14.78 2.55
C VAL G 325 -71.84 -13.85 1.40
N ASN G 326 -72.16 -14.44 0.27
CA ASN G 326 -72.50 -13.65 -0.90
C ASN G 326 -73.78 -12.88 -0.60
N PRO G 327 -73.80 -11.56 -0.82
CA PRO G 327 -74.97 -10.77 -0.43
C PRO G 327 -76.26 -11.25 -1.07
N GLU G 328 -76.21 -11.85 -2.25
CA GLU G 328 -77.40 -12.44 -2.84
C GLU G 328 -77.95 -13.55 -1.94
N ASP G 329 -77.09 -14.49 -1.56
CA ASP G 329 -77.50 -15.57 -0.66
C ASP G 329 -77.93 -15.02 0.69
N GLY G 330 -77.15 -14.09 1.24
CA GLY G 330 -77.47 -13.53 2.54
C GLY G 330 -78.82 -12.85 2.55
N ARG G 331 -79.12 -12.09 1.49
CA ARG G 331 -80.44 -11.48 1.37
C ARG G 331 -81.53 -12.52 1.26
N ARG G 332 -81.24 -13.64 0.61
CA ARG G 332 -82.19 -14.75 0.67
C ARG G 332 -82.39 -15.25 2.09
N GLN G 333 -81.38 -15.09 2.95
CA GLN G 333 -81.49 -15.50 4.34
C GLN G 333 -81.90 -14.35 5.28
N GLY G 334 -82.34 -13.22 4.73
CA GLY G 334 -82.71 -12.09 5.56
C GLY G 334 -81.56 -11.23 6.02
N LYS G 335 -80.33 -11.53 5.62
CA LYS G 335 -79.21 -10.67 5.92
C LYS G 335 -79.23 -9.46 5.01
N TYR G 336 -78.86 -8.30 5.55
CA TYR G 336 -78.98 -7.10 4.76
C TYR G 336 -77.84 -6.11 4.95
N SER G 337 -76.79 -6.47 5.69
CA SER G 337 -75.76 -5.48 5.94
C SER G 337 -74.41 -6.17 6.09
N TRP G 338 -73.37 -5.51 5.61
CA TRP G 338 -72.02 -5.95 5.90
C TRP G 338 -71.59 -5.60 7.32
N ALA G 339 -72.39 -4.82 8.04
CA ALA G 339 -72.11 -4.56 9.44
C ALA G 339 -72.42 -5.81 10.26
N LYS G 340 -71.51 -6.18 11.12
CA LYS G 340 -71.87 -7.08 12.20
C LYS G 340 -72.76 -6.33 13.19
N SER G 341 -73.42 -7.10 14.05
CA SER G 341 -74.31 -6.54 15.07
C SER G 341 -73.63 -6.71 16.42
N PRO G 342 -72.83 -5.75 16.86
CA PRO G 342 -72.25 -5.86 18.19
C PRO G 342 -73.34 -5.69 19.23
N ARG G 343 -73.32 -6.57 20.21
CA ARG G 343 -74.24 -6.52 21.33
C ARG G 343 -73.41 -6.64 22.60
N TYR G 344 -73.96 -6.10 23.67
CA TYR G 344 -73.29 -6.11 24.96
C TYR G 344 -74.19 -6.79 25.97
N ALA G 345 -73.62 -7.73 26.71
CA ALA G 345 -74.37 -8.44 27.74
C ALA G 345 -74.49 -7.53 28.95
N VAL G 346 -75.68 -6.97 29.14
CA VAL G 346 -76.00 -6.20 30.34
C VAL G 346 -76.84 -7.08 31.24
N PRO G 347 -76.46 -7.27 32.51
CA PRO G 347 -77.24 -8.12 33.41
C PRO G 347 -78.67 -7.62 33.52
N GLY G 348 -79.61 -8.55 33.52
CA GLY G 348 -81.02 -8.22 33.56
C GLY G 348 -81.58 -7.73 32.24
N LEU G 349 -80.74 -7.55 31.22
CA LEU G 349 -81.20 -7.10 29.92
C LEU G 349 -80.77 -8.02 28.78
N GLY G 350 -79.82 -8.92 28.98
CA GLY G 350 -79.36 -9.75 27.91
C GLY G 350 -78.37 -9.02 27.03
N ASN G 351 -78.21 -9.52 25.80
CA ASN G 351 -77.28 -8.94 24.85
C ASN G 351 -78.00 -7.83 24.09
N VAL G 352 -77.77 -6.60 24.50
CA VAL G 352 -78.53 -5.46 23.98
C VAL G 352 -77.69 -4.64 23.03
N PRO G 353 -78.29 -3.90 22.11
CA PRO G 353 -77.54 -2.90 21.36
C PRO G 353 -77.26 -1.71 22.25
N LEU G 354 -76.07 -1.15 22.08
CA LEU G 354 -75.67 0.03 22.83
C LEU G 354 -75.23 1.08 21.83
N GLU G 355 -75.74 2.29 22.00
CA GLU G 355 -75.28 3.39 21.17
C GLU G 355 -73.89 3.80 21.62
N THR G 356 -72.99 3.94 20.67
CA THR G 356 -71.66 4.44 20.96
C THR G 356 -71.51 5.85 20.42
N GLY G 357 -70.56 6.56 20.96
CA GLY G 357 -70.28 7.87 20.45
C GLY G 357 -70.10 8.87 21.55
N PRO G 358 -69.98 10.14 21.17
CA PRO G 358 -69.81 11.18 22.18
C PRO G 358 -70.90 11.17 23.22
N LEU G 359 -72.15 10.93 22.83
CA LEU G 359 -73.21 10.89 23.82
C LEU G 359 -72.98 9.75 24.82
N ALA G 360 -72.56 8.59 24.32
CA ALA G 360 -72.23 7.49 25.21
C ALA G 360 -71.10 7.90 26.16
N ARG G 361 -70.10 8.59 25.64
CA ARG G 361 -69.00 9.04 26.48
C ARG G 361 -69.46 10.02 27.54
N ARG G 362 -70.32 10.98 27.17
CA ARG G 362 -70.80 11.96 28.13
C ARG G 362 -71.63 11.28 29.22
N MET G 363 -72.46 10.31 28.83
CA MET G 363 -73.20 9.57 29.83
C MET G 363 -72.25 8.83 30.75
N ALA G 364 -71.21 8.20 30.20
CA ALA G 364 -70.23 7.51 31.02
C ALA G 364 -69.52 8.49 31.95
N ALA G 365 -69.23 9.68 31.45
CA ALA G 365 -68.59 10.72 32.25
C ALA G 365 -69.51 11.20 33.37
N SER G 366 -70.82 10.96 33.24
CA SER G 366 -71.74 11.29 34.30
C SER G 366 -71.87 10.20 35.35
N ALA G 367 -71.15 9.09 35.20
CA ALA G 367 -71.22 8.02 36.18
C ALA G 367 -70.64 8.49 37.51
N PRO G 368 -71.12 7.94 38.62
CA PRO G 368 -70.53 8.29 39.93
C PRO G 368 -69.12 7.74 40.06
N ASP G 369 -68.47 8.13 41.16
CA ASP G 369 -67.21 7.52 41.58
C ASP G 369 -66.11 7.71 40.53
N ALA G 370 -66.06 8.90 39.95
CA ALA G 370 -64.94 9.24 39.08
C ALA G 370 -63.68 9.47 39.91
N GLU G 371 -62.57 8.88 39.47
CA GLU G 371 -61.30 9.18 40.10
C GLU G 371 -60.83 10.57 39.66
N THR G 372 -59.78 11.07 40.32
CA THR G 372 -59.36 12.44 40.11
C THR G 372 -58.95 12.69 38.65
N HIS G 373 -58.29 11.72 38.04
CA HIS G 373 -57.85 11.85 36.66
C HIS G 373 -58.96 11.70 35.65
N GLN G 374 -60.16 11.35 36.08
CA GLN G 374 -61.22 10.91 35.18
C GLN G 374 -62.22 12.02 34.89
N ASP G 375 -62.76 11.97 33.68
CA ASP G 375 -63.81 12.87 33.25
C ASP G 375 -65.04 12.70 34.12
N ASP G 376 -65.35 13.71 34.94
CA ASP G 376 -66.54 13.73 35.78
C ASP G 376 -67.40 14.91 35.32
N ASP G 377 -68.43 14.62 34.55
CA ASP G 377 -69.23 15.65 33.91
C ASP G 377 -70.70 15.26 34.00
N PRO G 378 -71.51 15.97 34.80
CA PRO G 378 -72.93 15.62 34.93
C PRO G 378 -73.80 16.21 33.84
N LEU G 379 -73.22 16.95 32.89
CA LEU G 379 -74.02 17.71 31.95
C LEU G 379 -74.99 16.81 31.19
N PHE G 380 -74.49 15.71 30.66
CA PHE G 380 -75.35 14.93 29.79
C PHE G 380 -76.20 13.91 30.53
N ALA G 381 -75.86 13.57 31.77
CA ALA G 381 -76.87 12.94 32.61
C ALA G 381 -78.08 13.85 32.74
N ASP G 382 -77.83 15.13 33.01
CA ASP G 382 -78.91 16.08 33.15
C ASP G 382 -79.67 16.27 31.84
N ILE G 383 -78.96 16.39 30.72
CA ILE G 383 -79.63 16.57 29.44
C ILE G 383 -80.46 15.33 29.11
N TYR G 384 -79.90 14.14 29.34
CA TYR G 384 -80.63 12.91 29.10
C TYR G 384 -81.89 12.84 29.93
N ASN G 385 -81.81 13.26 31.20
CA ASN G 385 -82.99 13.20 32.04
C ASN G 385 -83.99 14.31 31.70
N ALA G 386 -83.50 15.42 31.15
CA ALA G 386 -84.36 16.57 30.91
C ALA G 386 -85.09 16.46 29.57
N ILE G 387 -84.34 16.22 28.50
CA ILE G 387 -84.92 16.16 27.16
C ILE G 387 -84.64 14.85 26.47
N GLY G 388 -83.81 13.98 27.03
CA GLY G 388 -83.56 12.69 26.43
C GLY G 388 -82.69 12.80 25.20
N PRO G 389 -82.30 11.65 24.65
CA PRO G 389 -81.48 11.67 23.44
C PRO G 389 -82.29 12.17 22.25
N SER G 390 -81.56 12.69 21.28
CA SER G 390 -82.13 13.15 20.02
C SER G 390 -80.97 13.48 19.10
N VAL G 391 -81.30 13.83 17.85
CA VAL G 391 -80.28 14.30 16.94
C VAL G 391 -79.53 15.47 17.56
N MET G 392 -80.29 16.42 18.13
CA MET G 392 -79.67 17.59 18.73
C MET G 392 -78.78 17.22 19.90
N VAL G 393 -79.27 16.35 20.79
CA VAL G 393 -78.50 16.01 21.98
C VAL G 393 -77.27 15.19 21.62
N ARG G 394 -77.41 14.27 20.67
CA ARG G 394 -76.24 13.53 20.19
C ARG G 394 -75.20 14.47 19.61
N GLN G 395 -75.65 15.41 18.78
CA GLN G 395 -74.70 16.37 18.21
C GLN G 395 -74.08 17.23 19.29
N LEU G 396 -74.86 17.64 20.27
CA LEU G 396 -74.34 18.50 21.33
C LEU G 396 -73.30 17.75 22.15
N ALA G 397 -73.49 16.45 22.35
CA ALA G 397 -72.47 15.67 23.03
C ALA G 397 -71.16 15.69 22.24
N ARG G 398 -71.28 15.47 20.92
CA ARG G 398 -70.10 15.52 20.07
C ARG G 398 -69.38 16.85 20.20
N MET G 399 -70.14 17.93 20.07
CA MET G 399 -69.57 19.27 20.11
C MET G 399 -69.03 19.62 21.49
N HIS G 400 -69.68 19.12 22.54
CA HIS G 400 -69.24 19.34 23.90
C HIS G 400 -67.85 18.77 24.12
N GLU G 401 -67.54 17.67 23.43
CA GLU G 401 -66.20 17.10 23.57
C GLU G 401 -65.10 18.03 23.06
N GLY G 402 -65.41 18.95 22.15
CA GLY G 402 -64.43 19.87 21.63
C GLY G 402 -63.69 20.64 22.71
N PRO G 403 -64.42 21.45 23.48
CA PRO G 403 -63.75 22.18 24.58
C PRO G 403 -63.06 21.26 25.57
N LYS G 404 -63.71 20.15 25.92
CA LYS G 404 -63.17 19.25 26.93
C LYS G 404 -61.87 18.62 26.44
N TYR G 405 -61.89 18.07 25.23
CA TYR G 405 -60.70 17.44 24.69
C TYR G 405 -59.62 18.46 24.41
N TYR G 406 -59.99 19.67 23.99
CA TYR G 406 -58.97 20.69 23.79
C TYR G 406 -58.23 20.94 25.09
N LYS G 407 -58.97 21.11 26.19
CA LYS G 407 -58.31 21.33 27.47
C LYS G 407 -57.43 20.17 27.86
N TRP G 408 -57.91 18.94 27.65
CA TRP G 408 -57.09 17.78 27.97
C TRP G 408 -55.81 17.76 27.16
N VAL G 409 -55.91 18.04 25.86
CA VAL G 409 -54.74 18.01 24.99
C VAL G 409 -53.75 19.08 25.42
N ARG G 410 -54.25 20.28 25.69
CA ARG G 410 -53.37 21.35 26.13
C ARG G 410 -52.62 20.94 27.39
N GLN G 411 -53.34 20.36 28.35
CA GLN G 411 -52.67 19.91 29.56
C GLN G 411 -51.68 18.79 29.28
N TRP G 412 -52.02 17.85 28.40
CA TRP G 412 -51.10 16.75 28.11
C TRP G 412 -49.84 17.27 27.46
N LEU G 413 -49.98 18.23 26.56
CA LEU G 413 -48.80 18.85 25.96
C LEU G 413 -47.94 19.49 27.02
N ASP G 414 -48.56 20.12 28.01
CA ASP G 414 -47.79 20.62 29.14
C ASP G 414 -47.18 19.49 29.96
N ASP G 415 -47.82 18.33 29.98
CA ASP G 415 -47.35 17.22 30.80
C ASP G 415 -46.15 16.51 30.19
N LEU G 416 -45.90 16.70 28.90
CA LEU G 416 -44.78 16.01 28.26
C LEU G 416 -43.49 16.38 28.96
N GLU G 417 -42.70 15.37 29.30
CA GLU G 417 -41.40 15.54 29.92
C GLU G 417 -40.40 15.16 28.84
N LEU G 418 -39.92 16.17 28.12
CA LEU G 418 -39.26 15.91 26.85
C LEU G 418 -37.97 15.12 27.01
N LYS G 419 -37.32 15.22 28.15
CA LYS G 419 -36.10 14.46 28.39
C LYS G 419 -36.38 12.99 28.65
N GLU G 420 -37.63 12.62 28.89
CA GLU G 420 -37.95 11.26 29.29
C GLU G 420 -38.31 10.39 28.10
N SER G 421 -38.38 9.09 28.37
CA SER G 421 -38.53 8.10 27.32
C SER G 421 -39.89 8.20 26.65
N PHE G 422 -39.90 7.90 25.36
CA PHE G 422 -41.12 7.79 24.58
C PHE G 422 -41.39 6.37 24.14
N TYR G 423 -40.52 5.44 24.49
CA TYR G 423 -40.60 4.10 23.96
C TYR G 423 -39.79 3.17 24.84
N THR G 424 -40.41 2.09 25.26
CA THR G 424 -39.73 0.99 25.92
C THR G 424 -39.78 -0.18 24.96
N LYS G 425 -38.63 -0.61 24.48
CA LYS G 425 -38.61 -1.70 23.53
C LYS G 425 -39.29 -2.92 24.14
N PRO G 426 -40.36 -3.42 23.55
CA PRO G 426 -41.05 -4.58 24.12
C PRO G 426 -40.42 -5.87 23.65
N VAL G 427 -40.77 -6.94 24.35
CA VAL G 427 -40.51 -8.29 23.85
C VAL G 427 -41.65 -8.67 22.93
N GLU G 428 -41.33 -8.98 21.67
CA GLU G 428 -42.34 -9.37 20.69
C GLU G 428 -42.64 -10.85 20.90
N TYR G 429 -43.51 -11.12 21.86
CA TYR G 429 -43.84 -12.49 22.21
C TYR G 429 -44.52 -13.21 21.04
N ALA G 430 -44.18 -14.48 20.89
CA ALA G 430 -44.78 -15.30 19.84
C ALA G 430 -46.26 -15.55 20.07
N GLU G 431 -46.70 -15.46 21.32
CA GLU G 431 -48.08 -15.70 21.70
C GLU G 431 -48.57 -14.48 22.46
N GLY G 432 -49.88 -14.27 22.44
CA GLY G 432 -50.45 -13.20 23.23
C GLY G 432 -51.89 -12.95 22.90
N LYS G 433 -52.65 -12.46 23.87
CA LYS G 433 -54.02 -12.02 23.63
C LYS G 433 -54.10 -10.58 24.07
N GLY G 434 -54.47 -9.72 23.14
CA GLY G 434 -54.48 -8.29 23.38
C GLY G 434 -55.88 -7.74 23.18
N PHE G 435 -56.24 -6.78 24.02
CA PHE G 435 -57.45 -6.01 23.83
C PHE G 435 -57.04 -4.56 23.85
N GLY G 436 -57.27 -3.87 22.76
CA GLY G 436 -57.00 -2.46 22.72
C GLY G 436 -58.31 -1.76 22.50
N SER G 437 -58.60 -0.72 23.26
CA SER G 437 -59.82 0.02 22.99
C SER G 437 -59.55 1.50 23.15
N THR G 438 -60.36 2.27 22.44
CA THR G 438 -60.27 3.71 22.50
C THR G 438 -61.66 4.25 22.20
N GLU G 439 -61.77 5.54 22.34
CA GLU G 439 -63.01 6.17 21.91
C GLU G 439 -62.58 6.96 20.72
N ALA G 440 -62.87 6.42 19.57
CA ALA G 440 -62.64 7.20 18.36
C ALA G 440 -63.68 8.31 18.40
N ALA G 441 -63.57 9.26 17.49
CA ALA G 441 -64.57 10.35 17.48
C ALA G 441 -65.98 9.79 17.59
N ARG G 442 -66.25 8.69 16.92
CA ARG G 442 -67.64 8.17 16.83
C ARG G 442 -67.96 7.18 17.93
N GLY G 443 -66.98 6.85 18.75
CA GLY G 443 -67.31 5.99 19.88
C GLY G 443 -66.37 4.84 20.12
N ALA G 444 -66.86 3.86 20.86
CA ALA G 444 -66.05 2.72 21.28
C ALA G 444 -65.45 2.00 20.08
N LEU G 445 -64.14 2.02 20.01
CA LEU G 445 -63.46 1.30 18.94
C LEU G 445 -62.59 0.27 19.65
N SER G 446 -62.68 -0.97 19.24
CA SER G 446 -61.96 -2.01 20.00
C SER G 446 -61.34 -3.04 19.10
N ASP G 447 -60.15 -3.49 19.45
CA ASP G 447 -59.42 -4.55 18.78
C ASP G 447 -59.27 -5.69 19.77
N TRP G 448 -59.65 -6.89 19.36
CA TRP G 448 -59.29 -8.11 20.05
C TRP G 448 -58.33 -8.85 19.14
N ILE G 449 -57.10 -9.02 19.60
CA ILE G 449 -56.08 -9.65 18.79
C ILE G 449 -55.59 -10.90 19.51
N VAL G 450 -55.36 -11.95 18.75
CA VAL G 450 -54.77 -13.17 19.23
C VAL G 450 -53.54 -13.40 18.37
N ILE G 451 -52.38 -13.32 18.99
CA ILE G 451 -51.10 -13.60 18.35
C ILE G 451 -50.71 -15.02 18.71
N GLU G 452 -50.39 -15.80 17.69
CA GLU G 452 -49.94 -17.17 17.88
C GLU G 452 -48.82 -17.43 16.91
N ASP G 453 -47.77 -18.08 17.38
CA ASP G 453 -46.66 -18.47 16.52
C ASP G 453 -46.11 -17.23 15.80
N SER G 454 -46.00 -16.12 16.54
CA SER G 454 -45.46 -14.87 16.02
C SER G 454 -46.23 -14.37 14.80
N LYS G 455 -47.50 -14.71 14.74
CA LYS G 455 -48.38 -14.30 13.65
C LYS G 455 -49.71 -13.90 14.24
N ILE G 456 -50.47 -13.15 13.46
CA ILE G 456 -51.83 -12.81 13.88
C ILE G 456 -52.69 -14.05 13.69
N LYS G 457 -53.13 -14.64 14.81
CA LYS G 457 -54.04 -15.77 14.72
C LYS G 457 -55.46 -15.30 14.54
N ASN G 458 -55.88 -14.30 15.31
CA ASN G 458 -57.17 -13.68 15.10
C ASN G 458 -57.05 -12.18 15.28
N TYR G 459 -57.89 -11.46 14.57
CA TYR G 459 -57.89 -10.01 14.67
C TYR G 459 -59.32 -9.58 14.42
N GLN G 460 -59.98 -9.12 15.47
CA GLN G 460 -61.38 -8.71 15.36
C GLN G 460 -61.49 -7.26 15.78
N VAL G 461 -61.99 -6.44 14.88
CA VAL G 461 -62.20 -5.02 15.13
C VAL G 461 -63.69 -4.83 15.28
N VAL G 462 -64.03 -4.11 16.35
CA VAL G 462 -65.44 -3.71 16.54
C VAL G 462 -65.40 -2.18 16.60
N THR G 463 -65.99 -1.57 15.60
CA THR G 463 -65.93 -0.11 15.50
C THR G 463 -67.21 0.46 16.07
N PRO G 464 -67.19 1.74 16.48
CA PRO G 464 -68.34 2.39 17.06
C PRO G 464 -69.53 2.38 16.09
N THR G 465 -69.27 2.65 14.81
CA THR G 465 -70.44 2.68 13.92
C THR G 465 -70.97 1.26 13.76
N ALA G 466 -70.11 0.26 13.90
CA ALA G 466 -70.66 -1.11 13.89
C ALA G 466 -71.64 -1.23 15.06
N TRP G 467 -71.26 -0.72 16.23
CA TRP G 467 -72.21 -0.74 17.33
C TRP G 467 -73.50 -0.03 16.96
N ASN G 468 -73.38 1.17 16.39
CA ASN G 468 -74.54 2.02 16.15
C ASN G 468 -75.37 1.53 14.97
N ILE G 469 -74.72 1.19 13.86
CA ILE G 469 -75.40 0.95 12.60
C ILE G 469 -75.54 -0.53 12.29
N GLY G 470 -74.95 -1.40 13.10
CA GLY G 470 -75.07 -2.82 12.91
C GLY G 470 -76.52 -3.23 12.89
N PRO G 471 -76.83 -4.25 12.11
CA PRO G 471 -78.23 -4.61 11.87
C PRO G 471 -78.89 -5.30 13.04
N ARG G 472 -80.12 -5.76 12.84
CA ARG G 472 -80.82 -6.51 13.89
C ARG G 472 -80.01 -7.73 14.27
N ASP G 473 -80.05 -8.07 15.55
CA ASP G 473 -79.36 -9.25 16.05
C ASP G 473 -80.27 -10.47 15.85
N ALA G 474 -79.91 -11.59 16.46
CA ALA G 474 -80.73 -12.80 16.37
C ALA G 474 -82.11 -12.60 16.97
N SER G 475 -82.23 -11.71 17.97
CA SER G 475 -83.52 -11.42 18.57
C SER G 475 -84.29 -10.35 17.80
N GLU G 476 -83.83 -10.00 16.60
CA GLU G 476 -84.47 -8.98 15.76
C GLU G 476 -84.48 -7.62 16.42
N VAL G 477 -83.63 -7.41 17.43
CA VAL G 477 -83.55 -6.12 18.09
C VAL G 477 -82.76 -5.17 17.20
N LEU G 478 -83.39 -4.05 16.85
CA LEU G 478 -82.77 -3.10 15.94
C LEU G 478 -81.52 -2.50 16.55
N GLY G 479 -80.55 -2.20 15.69
CA GLY G 479 -79.36 -1.53 16.14
C GLY G 479 -79.67 -0.11 16.53
N PRO G 480 -78.75 0.53 17.25
CA PRO G 480 -79.03 1.88 17.75
C PRO G 480 -79.45 2.86 16.67
N ILE G 481 -78.78 2.87 15.52
CA ILE G 481 -79.17 3.79 14.47
C ILE G 481 -80.50 3.39 13.88
N GLU G 482 -80.75 2.09 13.75
CA GLU G 482 -82.03 1.64 13.24
C GLU G 482 -83.17 2.10 14.15
N GLN G 483 -83.00 1.97 15.47
CA GLN G 483 -84.07 2.43 16.34
C GLN G 483 -84.15 3.96 16.37
N ALA G 484 -83.02 4.64 16.20
CA ALA G 484 -83.06 6.10 16.14
C ALA G 484 -83.80 6.57 14.90
N LEU G 485 -83.66 5.85 13.80
CA LEU G 485 -84.41 6.17 12.59
C LEU G 485 -85.90 5.97 12.80
N VAL G 486 -86.27 4.94 13.56
CA VAL G 486 -87.67 4.70 13.84
C VAL G 486 -88.22 5.85 14.66
N GLY G 487 -89.36 6.38 14.25
CA GLY G 487 -89.92 7.58 14.84
C GLY G 487 -89.53 8.86 14.14
N SER G 488 -88.60 8.80 13.20
CA SER G 488 -88.19 10.02 12.50
C SER G 488 -89.28 10.46 11.55
N PRO G 489 -89.64 11.75 11.55
CA PRO G 489 -90.59 12.23 10.56
C PRO G 489 -89.96 12.20 9.17
N ILE G 490 -90.81 12.06 8.16
CA ILE G 490 -90.37 12.10 6.77
C ILE G 490 -91.28 13.10 6.06
N VAL G 491 -90.83 14.35 5.97
CA VAL G 491 -91.59 15.37 5.27
C VAL G 491 -91.59 15.10 3.76
N ASP G 492 -90.45 14.70 3.22
CA ASP G 492 -90.28 14.52 1.78
C ASP G 492 -89.55 13.20 1.55
N ALA G 493 -90.28 12.20 1.05
CA ALA G 493 -89.66 10.93 0.72
C ALA G 493 -88.66 11.05 -0.42
N GLU G 494 -88.81 12.06 -1.28
CA GLU G 494 -87.85 12.28 -2.35
C GLU G 494 -86.50 12.77 -1.83
N ASP G 495 -86.52 13.55 -0.74
CA ASP G 495 -85.30 13.97 -0.05
C ASP G 495 -85.49 13.71 1.43
N PRO G 496 -85.42 12.44 1.85
CA PRO G 496 -85.68 12.11 3.25
C PRO G 496 -84.53 12.55 4.15
N VAL G 497 -84.37 13.87 4.29
CA VAL G 497 -83.22 14.41 4.98
C VAL G 497 -83.18 14.00 6.44
N GLU G 498 -84.33 13.66 7.03
CA GLU G 498 -84.32 13.28 8.44
C GLU G 498 -83.59 11.97 8.66
N LEU G 499 -83.66 11.05 7.70
CA LEU G 499 -82.84 9.85 7.77
C LEU G 499 -81.37 10.22 7.81
N GLY G 500 -80.97 11.16 6.96
CA GLY G 500 -79.60 11.65 7.01
C GLY G 500 -79.27 12.30 8.33
N HIS G 501 -80.20 13.08 8.88
CA HIS G 501 -79.96 13.72 10.17
C HIS G 501 -79.69 12.68 11.24
N VAL G 502 -80.50 11.63 11.27
CA VAL G 502 -80.35 10.62 12.31
C VAL G 502 -79.07 9.84 12.11
N ALA G 503 -78.83 9.34 10.89
CA ALA G 503 -77.64 8.54 10.65
C ALA G 503 -76.38 9.35 10.87
N ARG G 504 -76.36 10.60 10.39
CA ARG G 504 -75.19 11.44 10.53
C ARG G 504 -75.04 12.02 11.93
N SER G 505 -76.13 12.08 12.72
CA SER G 505 -75.98 12.53 14.10
C SER G 505 -75.13 11.56 14.90
N PHE G 506 -75.10 10.30 14.48
CA PHE G 506 -74.15 9.33 15.01
C PHE G 506 -72.77 9.50 14.42
N ASP G 507 -72.59 10.44 13.48
CA ASP G 507 -71.32 10.60 12.78
C ASP G 507 -70.93 9.29 12.12
N SER G 508 -71.94 8.58 11.62
CA SER G 508 -71.70 7.22 11.07
C SER G 508 -70.49 7.13 10.17
N CYS G 509 -69.70 6.11 10.39
CA CYS G 509 -68.56 5.89 9.48
C CYS G 509 -68.70 4.48 8.95
N LEU G 510 -69.09 4.37 7.70
CA LEU G 510 -69.39 3.02 7.18
C LEU G 510 -68.12 2.26 6.82
N VAL G 511 -67.06 2.97 6.49
CA VAL G 511 -65.81 2.20 6.23
C VAL G 511 -65.37 1.55 7.54
N CYS G 512 -65.58 2.26 8.64
CA CYS G 512 -65.26 1.64 9.93
C CYS G 512 -66.26 0.54 10.22
N THR G 513 -67.50 0.81 9.90
CA THR G 513 -68.54 -0.18 10.29
C THR G 513 -68.16 -1.57 9.79
N VAL G 514 -67.73 -1.67 8.55
CA VAL G 514 -67.49 -2.97 7.94
C VAL G 514 -66.04 -3.40 8.06
N HIS G 515 -65.10 -2.48 7.86
CA HIS G 515 -63.69 -2.81 7.70
C HIS G 515 -63.53 -4.07 6.85
N ALA H 48 -64.75 22.86 -14.55
CA ALA H 48 -64.34 21.47 -14.64
C ALA H 48 -65.08 20.62 -13.61
N SER H 49 -66.05 19.84 -14.07
CA SER H 49 -66.84 19.00 -13.18
C SER H 49 -65.99 17.86 -12.64
N VAL H 50 -66.14 17.59 -11.35
CA VAL H 50 -65.42 16.51 -10.70
C VAL H 50 -66.43 15.62 -9.99
N LEU H 51 -66.36 14.33 -10.28
CA LEU H 51 -67.14 13.32 -9.57
C LEU H 51 -66.16 12.44 -8.83
N TRP H 52 -66.25 12.44 -7.52
CA TRP H 52 -65.36 11.68 -6.66
C TRP H 52 -66.14 10.52 -6.06
N PHE H 53 -65.78 9.32 -6.44
CA PHE H 53 -66.41 8.11 -5.96
C PHE H 53 -65.44 7.35 -5.07
N GLN H 54 -66.00 6.56 -4.17
CA GLN H 54 -65.21 5.74 -3.26
C GLN H 54 -65.64 4.29 -3.44
N GLY H 55 -64.68 3.43 -3.75
CA GLY H 55 -64.93 2.01 -3.79
C GLY H 55 -64.51 1.36 -2.50
N GLY H 56 -63.54 0.47 -2.56
CA GLY H 56 -63.01 -0.16 -1.34
C GLY H 56 -62.07 0.82 -0.69
N ALA H 57 -62.64 1.90 -0.19
CA ALA H 57 -61.82 2.99 0.36
C ALA H 57 -61.99 3.09 1.85
N CYS H 58 -61.02 3.74 2.47
CA CYS H 58 -61.21 4.03 3.89
C CYS H 58 -61.48 5.54 4.02
N SER H 59 -61.51 6.23 2.90
CA SER H 59 -61.75 7.69 2.87
C SER H 59 -60.51 8.47 3.35
N GLY H 60 -59.40 7.77 3.61
CA GLY H 60 -58.17 8.47 3.99
C GLY H 60 -57.72 9.43 2.92
N ASN H 61 -57.96 9.10 1.67
CA ASN H 61 -57.47 10.04 0.63
C ASN H 61 -58.35 11.28 0.68
N THR H 62 -59.63 11.06 0.87
CA THR H 62 -60.52 12.24 1.05
C THR H 62 -60.07 13.05 2.28
N MET H 63 -59.84 12.39 3.40
CA MET H 63 -59.47 13.14 4.60
C MET H 63 -58.15 13.89 4.40
N SER H 64 -57.18 13.21 3.81
CA SER H 64 -55.92 13.87 3.47
C SER H 64 -56.18 15.05 2.55
N PHE H 65 -57.00 14.84 1.53
CA PHE H 65 -57.39 15.89 0.61
C PHE H 65 -58.00 17.06 1.34
N LEU H 66 -58.87 16.78 2.32
CA LEU H 66 -59.47 17.83 3.12
C LEU H 66 -58.43 18.59 3.94
N ASN H 67 -57.29 17.97 4.21
CA ASN H 67 -56.20 18.72 4.85
C ASN H 67 -55.49 19.66 3.89
N ALA H 68 -55.95 19.78 2.65
CA ALA H 68 -55.23 20.55 1.66
C ALA H 68 -55.02 21.98 2.15
N ASP H 69 -53.85 22.50 1.87
CA ASP H 69 -53.54 23.91 2.07
C ASP H 69 -52.85 24.41 0.81
N GLU H 70 -53.19 25.63 0.41
CA GLU H 70 -52.58 26.24 -0.76
C GLU H 70 -52.67 25.34 -1.97
N PRO H 71 -53.87 25.10 -2.52
CA PRO H 71 -55.14 25.63 -2.02
C PRO H 71 -55.73 24.78 -0.92
N ASN H 72 -56.53 25.36 -0.04
CA ASN H 72 -57.30 24.48 0.82
C ASN H 72 -58.48 23.93 0.02
N VAL H 73 -59.15 22.93 0.59
CA VAL H 73 -60.13 22.17 -0.17
C VAL H 73 -61.29 23.07 -0.59
N VAL H 74 -61.72 23.97 0.29
CA VAL H 74 -62.85 24.82 -0.04
C VAL H 74 -62.49 25.76 -1.19
N ASP H 75 -61.31 26.36 -1.12
CA ASP H 75 -60.88 27.23 -2.21
C ASP H 75 -60.66 26.45 -3.50
N LEU H 76 -60.20 25.21 -3.40
CA LEU H 76 -60.09 24.38 -4.60
C LEU H 76 -61.46 24.13 -5.21
N ILE H 77 -62.43 23.79 -4.38
CA ILE H 77 -63.75 23.42 -4.88
C ILE H 77 -64.48 24.64 -5.43
N VAL H 78 -64.29 25.79 -4.81
CA VAL H 78 -65.05 26.98 -5.18
C VAL H 78 -64.26 27.85 -6.16
N ASP H 79 -63.09 28.31 -5.75
CA ASP H 79 -62.37 29.39 -6.42
C ASP H 79 -61.51 28.95 -7.59
N PHE H 80 -61.35 27.64 -7.85
CA PHE H 80 -60.54 27.19 -8.98
C PHE H 80 -61.40 26.63 -10.11
N GLY H 81 -62.69 26.89 -10.10
CA GLY H 81 -63.53 26.45 -11.19
C GLY H 81 -63.70 24.96 -11.30
N LEU H 82 -63.51 24.23 -10.19
CA LEU H 82 -63.68 22.79 -10.16
C LEU H 82 -65.02 22.49 -9.51
N ASP H 83 -66.00 22.13 -10.32
CA ASP H 83 -67.36 21.90 -9.84
C ASP H 83 -67.44 20.47 -9.31
N LEU H 84 -67.34 20.31 -8.00
CA LEU H 84 -67.42 18.99 -7.36
C LEU H 84 -68.88 18.53 -7.43
N LEU H 85 -69.19 17.71 -8.43
CA LEU H 85 -70.56 17.28 -8.62
C LEU H 85 -71.07 16.51 -7.42
N TRP H 86 -70.25 15.60 -6.91
CA TRP H 86 -70.62 14.82 -5.76
C TRP H 86 -69.38 14.16 -5.22
N HIS H 87 -69.44 13.86 -3.95
CA HIS H 87 -68.42 13.16 -3.21
C HIS H 87 -69.12 12.48 -2.04
N PRO H 88 -68.91 11.19 -1.82
CA PRO H 88 -69.69 10.50 -0.79
C PRO H 88 -69.51 11.12 0.59
N SER H 89 -68.36 11.73 0.85
CA SER H 89 -68.11 12.35 2.13
C SER H 89 -68.57 13.80 2.19
N LEU H 90 -68.83 14.43 1.04
CA LEU H 90 -69.09 15.86 0.99
C LEU H 90 -70.32 16.23 0.20
N GLY H 91 -70.80 15.37 -0.69
CA GLY H 91 -71.92 15.73 -1.53
C GLY H 91 -73.19 15.91 -0.71
N LEU H 92 -73.97 16.91 -1.09
CA LEU H 92 -75.23 17.17 -0.39
C LEU H 92 -76.29 16.15 -0.77
N GLU H 93 -76.32 15.76 -2.03
CA GLU H 93 -77.37 14.89 -2.53
C GLU H 93 -77.27 13.50 -1.92
N LEU H 94 -78.43 12.92 -1.62
CA LEU H 94 -78.53 11.53 -1.22
C LEU H 94 -79.52 10.83 -2.12
N GLY H 95 -79.50 9.50 -2.03
CA GLY H 95 -80.55 8.71 -2.64
C GLY H 95 -80.70 9.02 -4.11
N ASN H 96 -81.95 9.24 -4.53
CA ASN H 96 -82.24 9.35 -5.95
C ASN H 96 -81.66 10.62 -6.57
N ASN H 97 -81.56 11.71 -5.82
CA ASN H 97 -80.93 12.92 -6.36
C ASN H 97 -79.45 12.66 -6.67
N ALA H 98 -78.76 12.02 -5.74
CA ALA H 98 -77.37 11.65 -5.99
C ALA H 98 -77.26 10.71 -7.19
N GLN H 99 -78.15 9.70 -7.25
CA GLN H 99 -78.12 8.77 -8.36
C GLN H 99 -78.40 9.47 -9.67
N LYS H 100 -79.25 10.50 -9.64
CA LYS H 100 -79.49 11.29 -10.84
C LYS H 100 -78.21 11.94 -11.31
N VAL H 101 -77.45 12.51 -10.38
CA VAL H 101 -76.15 13.08 -10.74
C VAL H 101 -75.25 12.01 -11.36
N PHE H 102 -75.18 10.84 -10.71
CA PHE H 102 -74.28 9.80 -11.19
C PHE H 102 -74.68 9.32 -12.57
N TRP H 103 -75.97 9.09 -12.78
CA TRP H 103 -76.45 8.57 -14.06
C TRP H 103 -76.27 9.60 -15.16
N ASP H 104 -76.48 10.89 -14.85
CA ASP H 104 -76.22 11.92 -15.83
C ASP H 104 -74.76 11.94 -16.25
N CYS H 105 -73.85 11.77 -15.28
CA CYS H 105 -72.44 11.67 -15.64
C CYS H 105 -72.15 10.42 -16.45
N ALA H 106 -72.74 9.28 -16.07
CA ALA H 106 -72.40 8.01 -16.71
C ALA H 106 -72.90 7.96 -18.15
N LYS H 107 -74.11 8.48 -18.39
CA LYS H 107 -74.73 8.42 -19.71
C LYS H 107 -74.35 9.59 -20.60
N GLY H 108 -73.55 10.53 -20.11
CA GLY H 108 -73.16 11.68 -20.91
C GLY H 108 -74.16 12.80 -20.95
N GLU H 109 -75.21 12.74 -20.12
CA GLU H 109 -76.20 13.82 -20.08
C GLU H 109 -75.57 15.13 -19.63
N ARG H 110 -74.62 15.05 -18.71
CA ARG H 110 -73.83 16.19 -18.29
C ARG H 110 -72.36 15.83 -18.38
N PRO H 111 -71.50 16.80 -18.69
CA PRO H 111 -70.07 16.52 -18.84
C PRO H 111 -69.44 16.07 -17.53
N LEU H 112 -68.47 15.16 -17.66
CA LEU H 112 -67.68 14.70 -16.52
C LEU H 112 -66.21 14.93 -16.89
N ASP H 113 -65.62 15.97 -16.31
CA ASP H 113 -64.26 16.31 -16.67
C ASP H 113 -63.26 15.46 -15.91
N ILE H 114 -63.44 15.33 -14.59
CA ILE H 114 -62.53 14.55 -13.77
C ILE H 114 -63.34 13.58 -12.96
N PHE H 115 -63.06 12.30 -13.13
CA PHE H 115 -63.61 11.26 -12.29
C PHE H 115 -62.49 10.85 -11.34
N VAL H 116 -62.63 11.21 -10.09
CA VAL H 116 -61.70 10.77 -9.06
C VAL H 116 -62.27 9.51 -8.44
N PHE H 117 -61.40 8.52 -8.34
CA PHE H 117 -61.85 7.26 -7.73
C PHE H 117 -60.89 6.98 -6.57
N GLU H 118 -61.50 6.69 -5.45
CA GLU H 118 -60.71 6.41 -4.25
C GLU H 118 -61.13 5.01 -3.79
N GLY H 119 -60.21 4.27 -3.21
CA GLY H 119 -60.61 2.92 -2.85
C GLY H 119 -60.46 1.96 -3.99
N THR H 120 -60.56 0.71 -3.64
CA THR H 120 -60.34 -0.29 -4.69
C THR H 120 -61.59 -0.53 -5.51
N VAL H 121 -61.37 -1.04 -6.69
CA VAL H 121 -62.48 -1.58 -7.46
C VAL H 121 -62.74 -2.97 -6.91
N ILE H 122 -63.85 -3.13 -6.22
CA ILE H 122 -64.17 -4.40 -5.58
C ILE H 122 -64.92 -5.25 -6.59
N GLU H 123 -64.38 -6.43 -6.87
CA GLU H 123 -65.00 -7.33 -7.84
C GLU H 123 -65.66 -8.54 -7.19
N ALA H 124 -65.28 -8.89 -5.96
CA ALA H 124 -65.92 -10.01 -5.30
C ALA H 124 -67.35 -9.65 -4.92
N PRO H 125 -68.22 -10.66 -4.77
CA PRO H 125 -67.95 -12.09 -4.99
C PRO H 125 -68.04 -12.49 -6.45
N ASN H 126 -67.16 -13.40 -6.88
CA ASN H 126 -67.24 -14.04 -8.19
C ASN H 126 -67.33 -13.01 -9.31
N GLY H 127 -66.58 -11.92 -9.18
CA GLY H 127 -66.58 -10.92 -10.22
C GLY H 127 -67.85 -10.09 -10.30
N THR H 128 -68.80 -10.28 -9.39
CA THR H 128 -70.03 -9.49 -9.41
C THR H 128 -69.86 -8.12 -8.80
N GLY H 129 -68.85 -7.92 -7.95
CA GLY H 129 -68.66 -6.64 -7.31
C GLY H 129 -69.67 -6.30 -6.25
N GLN H 130 -70.45 -7.27 -5.79
CA GLN H 130 -71.52 -6.98 -4.83
C GLN H 130 -71.01 -6.79 -3.42
N MET H 131 -69.72 -7.01 -3.17
CA MET H 131 -69.14 -6.57 -1.91
C MET H 131 -68.95 -5.07 -1.87
N ASP H 132 -69.26 -4.38 -2.97
CA ASP H 132 -69.27 -2.92 -3.01
C ASP H 132 -70.47 -2.50 -3.84
N MET H 133 -71.62 -2.40 -3.20
CA MET H 133 -72.84 -1.96 -3.85
C MET H 133 -72.99 -0.48 -3.57
N PHE H 134 -73.09 0.32 -4.63
CA PHE H 134 -73.21 1.76 -4.49
C PHE H 134 -74.30 2.28 -5.40
N ALA H 135 -75.27 2.97 -4.82
CA ALA H 135 -76.31 3.65 -5.57
C ALA H 135 -77.01 2.70 -6.54
N GLY H 136 -77.27 1.48 -6.07
CA GLY H 136 -78.04 0.51 -6.82
C GLY H 136 -77.26 -0.33 -7.81
N ARG H 137 -75.95 -0.19 -7.86
CA ARG H 137 -75.10 -0.98 -8.75
C ARG H 137 -73.86 -1.44 -8.01
N PRO H 138 -73.23 -2.51 -8.47
CA PRO H 138 -71.86 -2.76 -8.01
C PRO H 138 -71.01 -1.55 -8.37
N MET H 139 -70.15 -1.15 -7.44
CA MET H 139 -69.35 0.04 -7.68
C MET H 139 -68.51 -0.11 -8.94
N LYS H 140 -68.08 -1.33 -9.25
CA LYS H 140 -67.25 -1.54 -10.43
C LYS H 140 -68.00 -1.14 -11.70
N ASP H 141 -69.32 -1.33 -11.73
CA ASP H 141 -70.10 -0.90 -12.88
C ASP H 141 -70.12 0.63 -12.99
N TRP H 142 -70.29 1.31 -11.86
CA TRP H 142 -70.14 2.76 -11.86
C TRP H 142 -68.77 3.15 -12.38
N VAL H 143 -67.73 2.44 -11.95
CA VAL H 143 -66.38 2.76 -12.38
C VAL H 143 -66.28 2.63 -13.88
N THR H 144 -66.78 1.53 -14.42
CA THR H 144 -66.77 1.33 -15.87
C THR H 144 -67.40 2.52 -16.58
N ASP H 145 -68.63 2.85 -16.18
CA ASP H 145 -69.36 3.90 -16.87
C ASP H 145 -68.67 5.25 -16.73
N LEU H 146 -68.28 5.61 -15.52
CA LEU H 146 -67.77 6.95 -15.27
C LEU H 146 -66.36 7.12 -15.81
N ALA H 147 -65.52 6.09 -15.68
CA ALA H 147 -64.20 6.15 -16.30
C ALA H 147 -64.33 6.25 -17.80
N GLY H 148 -65.32 5.58 -18.39
CA GLY H 148 -65.56 5.75 -19.80
C GLY H 148 -66.13 7.11 -20.17
N ALA H 149 -66.74 7.80 -19.21
CA ALA H 149 -67.33 9.11 -19.48
C ALA H 149 -66.38 10.27 -19.20
N ALA H 150 -65.44 10.10 -18.28
CA ALA H 150 -64.65 11.22 -17.81
C ALA H 150 -63.63 11.67 -18.85
N GLN H 151 -63.33 12.96 -18.84
CA GLN H 151 -62.21 13.47 -19.62
C GLN H 151 -60.89 13.00 -19.03
N ILE H 152 -60.80 13.01 -17.71
CA ILE H 152 -59.63 12.56 -16.98
C ILE H 152 -60.11 11.66 -15.87
N VAL H 153 -59.42 10.55 -15.66
CA VAL H 153 -59.68 9.66 -14.55
C VAL H 153 -58.48 9.72 -13.63
N VAL H 154 -58.72 10.01 -12.36
CA VAL H 154 -57.67 10.08 -11.36
C VAL H 154 -57.96 9.02 -10.31
N ALA H 155 -57.06 8.08 -10.15
CA ALA H 155 -57.10 7.15 -9.03
C ALA H 155 -56.31 7.77 -7.90
N ILE H 156 -56.99 8.02 -6.79
CA ILE H 156 -56.29 8.65 -5.65
C ILE H 156 -56.11 7.58 -4.58
N GLY H 157 -54.87 7.39 -4.17
CA GLY H 157 -54.58 6.40 -3.13
C GLY H 157 -54.27 5.04 -3.74
N ASP H 158 -53.44 4.27 -3.05
CA ASP H 158 -53.00 2.98 -3.58
C ASP H 158 -54.19 2.07 -3.90
N CYS H 159 -55.20 2.13 -3.05
CA CYS H 159 -56.33 1.23 -3.29
C CYS H 159 -56.79 1.42 -4.73
N ALA H 160 -57.02 2.68 -5.07
CA ALA H 160 -57.56 2.94 -6.42
C ALA H 160 -56.47 2.75 -7.49
N CYS H 161 -55.24 3.15 -7.17
CA CYS H 161 -54.17 3.07 -8.15
C CYS H 161 -53.79 1.62 -8.43
N PHE H 162 -53.57 0.84 -7.39
CA PHE H 162 -52.94 -0.45 -7.48
C PHE H 162 -53.63 -1.55 -6.71
N GLY H 163 -54.66 -1.25 -5.93
CA GLY H 163 -55.29 -2.30 -5.14
C GLY H 163 -55.01 -2.14 -3.66
N GLY H 164 -53.79 -1.74 -3.34
CA GLY H 164 -53.43 -1.35 -2.00
C GLY H 164 -53.70 -2.42 -0.95
N ILE H 165 -54.03 -1.93 0.25
CA ILE H 165 -54.23 -2.84 1.38
C ILE H 165 -55.35 -3.83 1.13
N PRO H 166 -56.52 -3.45 0.61
CA PRO H 166 -57.57 -4.47 0.40
C PRO H 166 -57.15 -5.57 -0.55
N ALA H 167 -56.23 -5.28 -1.47
CA ALA H 167 -55.74 -6.29 -2.39
C ALA H 167 -54.71 -7.21 -1.78
N MET H 168 -54.27 -6.94 -0.55
CA MET H 168 -53.44 -7.89 0.19
C MET H 168 -54.10 -9.26 0.19
N GLU H 169 -53.29 -10.30 0.05
CA GLU H 169 -53.83 -11.65 0.14
C GLU H 169 -54.47 -11.83 1.51
N PRO H 170 -55.61 -12.54 1.60
CA PRO H 170 -56.24 -13.26 0.49
C PRO H 170 -57.18 -12.44 -0.40
N ASN H 171 -57.17 -11.11 -0.26
CA ASN H 171 -57.99 -10.22 -1.07
C ASN H 171 -59.46 -10.65 -1.07
N PRO H 172 -60.10 -10.66 0.09
CA PRO H 172 -61.50 -11.14 0.16
C PRO H 172 -62.44 -10.37 -0.73
N SER H 173 -62.20 -9.08 -0.93
CA SER H 173 -63.09 -8.25 -1.72
C SER H 173 -62.80 -8.31 -3.20
N GLY H 174 -61.84 -9.13 -3.63
CA GLY H 174 -61.47 -9.13 -5.03
C GLY H 174 -61.07 -7.74 -5.47
N SER H 175 -60.35 -7.03 -4.61
CA SER H 175 -60.00 -5.65 -4.89
C SER H 175 -58.92 -5.57 -5.95
N THR H 176 -58.99 -4.52 -6.76
CA THR H 176 -57.95 -4.22 -7.71
C THR H 176 -57.93 -2.70 -7.92
N GLY H 177 -56.85 -2.23 -8.50
CA GLY H 177 -56.79 -0.83 -8.86
C GLY H 177 -57.48 -0.56 -10.17
N LEU H 178 -57.59 0.72 -10.49
CA LEU H 178 -58.25 1.12 -11.74
C LEU H 178 -57.51 0.58 -12.95
N GLN H 179 -56.21 0.86 -13.02
CA GLN H 179 -55.41 0.44 -14.16
C GLN H 179 -54.21 -0.39 -13.76
N PHE H 180 -54.08 -0.73 -12.48
CA PHE H 180 -53.02 -1.59 -12.00
C PHE H 180 -53.58 -2.56 -11.00
N HIS H 181 -53.01 -3.75 -10.94
CA HIS H 181 -53.11 -4.59 -9.77
C HIS H 181 -51.70 -4.73 -9.24
N LYS H 182 -51.41 -4.07 -8.12
CA LYS H 182 -50.04 -3.89 -7.66
C LYS H 182 -49.22 -3.36 -8.82
N ARG H 183 -48.03 -3.90 -9.05
CA ARG H 183 -47.19 -3.35 -10.12
C ARG H 183 -47.72 -3.71 -11.49
N GLU H 184 -48.52 -4.75 -11.60
CA GLU H 184 -48.95 -5.24 -12.91
C GLU H 184 -49.96 -4.28 -13.53
N LYS H 185 -49.62 -3.71 -14.67
CA LYS H 185 -50.52 -2.77 -15.33
C LYS H 185 -51.74 -3.50 -15.85
N GLY H 186 -52.88 -2.81 -15.78
CA GLY H 186 -54.13 -3.27 -16.32
C GLY H 186 -55.29 -3.12 -15.35
N GLY H 187 -55.08 -3.52 -14.10
CA GLY H 187 -56.09 -3.40 -13.08
C GLY H 187 -57.51 -3.70 -13.54
N PHE H 188 -58.45 -2.86 -13.14
CA PHE H 188 -59.83 -3.10 -13.52
C PHE H 188 -60.13 -2.64 -14.93
N LEU H 189 -59.60 -1.48 -15.33
CA LEU H 189 -59.97 -0.88 -16.60
C LEU H 189 -59.15 -1.41 -17.78
N GLY H 190 -58.11 -2.19 -17.53
CA GLY H 190 -57.29 -2.69 -18.60
C GLY H 190 -56.10 -1.78 -18.87
N PRO H 191 -55.01 -2.37 -19.37
CA PRO H 191 -53.81 -1.55 -19.62
C PRO H 191 -54.03 -0.48 -20.68
N ASP H 192 -54.98 -0.69 -21.59
CA ASP H 192 -55.17 0.20 -22.72
C ASP H 192 -56.24 1.25 -22.48
N PHE H 193 -56.82 1.30 -21.28
CA PHE H 193 -57.81 2.33 -21.00
C PHE H 193 -57.19 3.71 -21.16
N ARG H 194 -57.91 4.59 -21.82
CA ARG H 194 -57.56 6.00 -21.88
C ARG H 194 -58.82 6.81 -21.64
N SER H 195 -58.70 7.88 -20.87
CA SER H 195 -59.82 8.78 -20.69
C SER H 195 -60.04 9.57 -21.99
N LYS H 196 -61.06 10.40 -21.99
CA LYS H 196 -61.39 11.15 -23.20
C LYS H 196 -60.33 12.18 -23.56
N MET H 197 -59.54 12.64 -22.61
CA MET H 197 -58.42 13.51 -22.92
C MET H 197 -57.19 12.72 -23.36
N GLY H 198 -57.32 11.41 -23.54
CA GLY H 198 -56.25 10.57 -24.00
C GLY H 198 -55.32 10.07 -22.92
N LEU H 199 -55.51 10.49 -21.69
CA LEU H 199 -54.60 10.09 -20.62
C LEU H 199 -54.99 8.72 -20.07
N PRO H 200 -54.04 7.97 -19.55
CA PRO H 200 -54.41 6.80 -18.77
C PRO H 200 -54.95 7.29 -17.44
N VAL H 201 -55.35 6.37 -16.56
CA VAL H 201 -55.68 6.78 -15.21
C VAL H 201 -54.46 7.46 -14.61
N ILE H 202 -54.65 8.67 -14.11
CA ILE H 202 -53.61 9.37 -13.37
C ILE H 202 -53.58 8.77 -11.98
N ASN H 203 -52.49 8.11 -11.64
CA ASN H 203 -52.35 7.45 -10.36
C ASN H 203 -51.70 8.42 -9.39
N VAL H 204 -52.47 8.86 -8.40
CA VAL H 204 -51.95 9.65 -7.30
C VAL H 204 -51.86 8.69 -6.14
N PRO H 205 -50.73 7.97 -5.95
CA PRO H 205 -50.70 6.91 -4.99
C PRO H 205 -50.50 7.44 -3.58
N GLY H 206 -50.14 6.53 -2.70
CA GLY H 206 -50.05 6.93 -1.31
C GLY H 206 -51.19 6.26 -0.56
N CYS H 207 -51.02 6.17 0.73
CA CYS H 207 -52.06 5.48 1.50
C CYS H 207 -52.11 6.21 2.83
N PRO H 208 -52.66 7.43 2.87
CA PRO H 208 -53.31 8.01 1.70
C PRO H 208 -52.37 8.92 0.91
N ALA H 209 -52.89 9.37 -0.23
CA ALA H 209 -52.15 10.39 -0.95
C ALA H 209 -52.09 11.65 -0.10
N HIS H 210 -50.99 12.34 -0.20
CA HIS H 210 -50.87 13.67 0.37
C HIS H 210 -51.82 14.62 -0.35
N PRO H 211 -52.43 15.57 0.36
CA PRO H 211 -53.39 16.47 -0.32
C PRO H 211 -52.78 17.16 -1.52
N ASP H 212 -51.52 17.54 -1.45
CA ASP H 212 -50.94 18.30 -2.59
C ASP H 212 -50.84 17.41 -3.82
N TRP H 213 -50.66 16.12 -3.60
CA TRP H 213 -50.44 15.22 -4.77
C TRP H 213 -51.66 15.28 -5.70
N ILE H 214 -52.81 15.56 -5.12
CA ILE H 214 -54.04 15.67 -5.95
C ILE H 214 -54.37 17.15 -6.18
N THR H 215 -54.28 17.96 -5.14
CA THR H 215 -54.72 19.35 -5.28
C THR H 215 -53.88 20.10 -6.28
N GLN H 216 -52.56 19.89 -6.28
CA GLN H 216 -51.72 20.60 -7.24
C GLN H 216 -51.98 20.10 -8.65
N ILE H 217 -52.28 18.81 -8.81
CA ILE H 217 -52.70 18.33 -10.11
C ILE H 217 -54.00 18.99 -10.54
N LEU H 218 -54.95 19.10 -9.62
CA LEU H 218 -56.23 19.73 -9.92
C LEU H 218 -56.04 21.20 -10.26
N VAL H 219 -55.16 21.89 -9.53
CA VAL H 219 -54.86 23.27 -9.82
C VAL H 219 -54.22 23.39 -11.20
N ALA H 220 -53.28 22.49 -11.51
CA ALA H 220 -52.63 22.50 -12.80
C ALA H 220 -53.66 22.33 -13.92
N LEU H 221 -54.57 21.39 -13.74
CA LEU H 221 -55.65 21.20 -14.70
C LEU H 221 -56.52 22.45 -14.80
N ALA H 222 -56.79 23.08 -13.66
CA ALA H 222 -57.67 24.25 -13.62
C ALA H 222 -56.99 25.51 -14.11
N THR H 223 -55.66 25.58 -14.09
CA THR H 223 -54.92 26.77 -14.48
C THR H 223 -54.30 26.64 -15.86
N GLY H 224 -54.72 25.67 -16.66
CA GLY H 224 -54.20 25.52 -18.00
C GLY H 224 -52.85 24.86 -18.08
N ARG H 225 -52.41 24.18 -17.03
CA ARG H 225 -51.11 23.53 -17.00
C ARG H 225 -51.22 22.01 -17.05
N ALA H 226 -52.32 21.50 -17.61
CA ALA H 226 -52.43 20.05 -17.80
C ALA H 226 -51.26 19.52 -18.61
N GLY H 227 -50.84 20.28 -19.62
CA GLY H 227 -49.71 19.87 -20.43
C GLY H 227 -48.39 19.82 -19.68
N ASP H 228 -48.31 20.48 -18.52
CA ASP H 228 -47.12 20.37 -17.70
C ASP H 228 -47.07 19.06 -16.92
N ILE H 229 -48.18 18.33 -16.85
CA ILE H 229 -48.23 17.12 -16.04
C ILE H 229 -47.62 15.99 -16.85
N THR H 230 -46.51 15.46 -16.38
CA THR H 230 -45.92 14.25 -16.94
C THR H 230 -46.11 13.12 -15.94
N LEU H 231 -46.40 11.93 -16.46
CA LEU H 231 -46.66 10.75 -15.66
C LEU H 231 -45.53 9.76 -15.83
N ASP H 232 -45.17 9.08 -14.74
CA ASP H 232 -44.13 8.06 -14.83
C ASP H 232 -44.76 6.76 -15.34
N ASP H 233 -44.00 5.67 -15.29
CA ASP H 233 -44.48 4.39 -15.80
C ASP H 233 -45.66 3.85 -14.99
N LEU H 234 -45.80 4.29 -13.75
CA LEU H 234 -46.96 3.92 -12.94
C LEU H 234 -48.08 4.93 -13.05
N HIS H 235 -48.01 5.83 -14.03
CA HIS H 235 -48.98 6.90 -14.23
C HIS H 235 -49.02 7.87 -13.06
N ARG H 236 -47.93 7.95 -12.30
CA ARG H 236 -47.87 8.92 -11.22
C ARG H 236 -47.30 10.23 -11.72
N PRO H 237 -47.79 11.36 -11.20
CA PRO H 237 -47.24 12.66 -11.60
C PRO H 237 -45.77 12.75 -11.22
N GLU H 238 -44.92 12.90 -12.24
CA GLU H 238 -43.49 12.98 -12.00
C GLU H 238 -43.09 14.21 -11.22
N THR H 239 -43.93 15.24 -11.20
CA THR H 239 -43.63 16.40 -10.39
C THR H 239 -43.57 16.06 -8.91
N PHE H 240 -44.18 14.94 -8.52
CA PHE H 240 -44.12 14.47 -7.14
C PHE H 240 -43.36 13.17 -6.97
N PHE H 241 -43.23 12.36 -8.02
CA PHE H 241 -42.78 10.99 -7.86
C PHE H 241 -41.48 10.69 -8.60
N LYS H 242 -40.75 11.72 -9.00
CA LYS H 242 -39.36 11.49 -9.39
C LYS H 242 -38.45 11.45 -8.17
N THR H 243 -38.76 12.25 -7.16
CA THR H 243 -38.00 12.20 -5.92
C THR H 243 -38.30 10.90 -5.18
N PHE H 244 -37.50 10.66 -4.15
CA PHE H 244 -37.77 9.49 -3.29
C PHE H 244 -38.31 10.00 -1.97
N THR H 245 -38.88 9.11 -1.18
CA THR H 245 -39.24 9.58 0.17
C THR H 245 -37.96 10.09 0.82
N GLN H 246 -36.87 9.41 0.53
CA GLN H 246 -35.60 9.80 1.20
C GLN H 246 -35.22 11.23 0.84
N THR H 247 -35.70 11.69 -0.29
CA THR H 247 -35.30 13.03 -0.77
C THR H 247 -35.83 14.06 0.22
N GLY H 248 -34.94 14.61 1.01
CA GLY H 248 -35.37 15.64 1.98
C GLY H 248 -35.58 15.00 3.34
N CYS H 249 -35.34 13.72 3.41
CA CYS H 249 -35.45 13.07 4.73
C CYS H 249 -34.40 13.70 5.65
N THR H 250 -34.78 13.95 6.89
CA THR H 250 -33.83 14.55 7.84
C THR H 250 -32.76 13.54 8.25
N ARG H 251 -32.89 12.29 7.80
CA ARG H 251 -31.93 11.26 8.28
C ARG H 251 -30.97 10.81 7.16
N VAL H 252 -31.01 11.48 6.03
CA VAL H 252 -30.16 11.01 4.91
C VAL H 252 -28.67 11.11 5.31
N GLN H 253 -28.30 12.11 6.10
CA GLN H 253 -26.87 12.14 6.45
C GLN H 253 -26.51 10.89 7.24
N PHE H 254 -27.41 10.46 8.11
CA PHE H 254 -27.15 9.22 8.85
C PHE H 254 -27.11 8.06 7.84
N PHE H 255 -28.01 8.11 6.87
CA PHE H 255 -28.02 7.06 5.83
C PHE H 255 -26.66 7.06 5.14
N GLU H 256 -26.21 8.24 4.76
CA GLU H 256 -24.94 8.35 4.00
C GLU H 256 -23.83 7.69 4.80
N TYR H 257 -23.80 7.91 6.09
CA TYR H 257 -22.76 7.38 6.95
C TYR H 257 -23.18 6.07 7.60
N LYS H 258 -24.30 5.49 7.15
CA LYS H 258 -24.71 4.17 7.58
C LYS H 258 -24.84 4.11 9.09
N GLN H 259 -25.41 5.15 9.67
CA GLN H 259 -25.69 5.22 11.09
C GLN H 259 -27.15 4.90 11.29
N SER H 260 -27.43 3.81 11.99
CA SER H 260 -28.77 3.27 12.06
C SER H 260 -29.46 3.78 13.32
N THR H 261 -30.70 4.22 13.15
CA THR H 261 -31.58 4.29 14.31
C THR H 261 -31.70 2.90 14.89
N LEU H 262 -31.51 2.79 16.20
CA LEU H 262 -31.52 1.50 16.86
C LEU H 262 -32.85 1.17 17.52
N SER H 263 -33.61 2.18 17.90
CA SER H 263 -34.85 1.95 18.63
C SER H 263 -35.80 3.09 18.37
N PHE H 264 -37.07 2.83 18.64
CA PHE H 264 -38.10 3.84 18.48
C PHE H 264 -38.05 4.82 19.64
N GLY H 265 -38.97 5.77 19.62
CA GLY H 265 -38.97 6.80 20.64
C GLY H 265 -37.71 7.64 20.56
N GLU H 266 -37.08 7.84 21.72
CA GLU H 266 -35.87 8.66 21.76
C GLU H 266 -34.76 8.10 20.89
N GLY H 267 -34.78 6.80 20.60
CA GLY H 267 -33.81 6.24 19.69
C GLY H 267 -33.83 6.88 18.32
N THR H 268 -34.96 7.46 17.94
CA THR H 268 -35.08 8.13 16.65
C THR H 268 -34.55 9.55 16.68
N ARG H 269 -33.97 10.01 17.79
CA ARG H 269 -33.28 11.28 17.78
C ARG H 269 -32.02 11.23 16.95
N THR H 270 -31.65 10.05 16.47
CA THR H 270 -30.47 9.92 15.64
C THR H 270 -30.71 8.80 14.63
N GLY H 271 -29.83 8.74 13.64
CA GLY H 271 -29.86 7.57 12.79
C GLY H 271 -30.86 7.57 11.68
N CYS H 272 -30.65 6.66 10.76
CA CYS H 272 -31.59 6.47 9.66
C CYS H 272 -32.35 5.16 9.90
N LEU H 273 -33.58 5.09 9.44
CA LEU H 273 -34.44 3.92 9.78
C LEU H 273 -34.27 2.79 8.79
N PHE H 274 -33.37 2.96 7.85
CA PHE H 274 -33.30 1.97 6.76
C PHE H 274 -32.80 0.63 7.26
N TYR H 275 -31.87 0.68 8.16
CA TYR H 275 -31.16 -0.57 8.50
C TYR H 275 -31.87 -1.46 9.50
N GLU H 276 -32.57 -0.87 10.45
CA GLU H 276 -33.21 -1.66 11.46
C GLU H 276 -34.73 -1.64 11.40
N PHE H 277 -35.32 -0.65 10.73
CA PHE H 277 -36.77 -0.52 10.72
C PHE H 277 -37.37 -0.65 9.33
N GLY H 278 -36.60 -1.12 8.38
CA GLY H 278 -37.22 -1.41 7.08
C GLY H 278 -37.67 -0.18 6.35
N CYS H 279 -37.08 0.95 6.68
CA CYS H 279 -37.43 2.17 5.91
C CYS H 279 -37.31 1.90 4.41
N ARG H 280 -38.39 2.14 3.69
CA ARG H 280 -38.33 1.98 2.21
C ARG H 280 -38.05 3.31 1.53
N GLY H 281 -37.68 4.32 2.30
CA GLY H 281 -37.43 5.65 1.75
C GLY H 281 -36.61 5.62 0.47
N PRO H 282 -35.45 4.97 0.45
CA PRO H 282 -34.58 4.99 -0.72
C PRO H 282 -35.09 4.13 -1.88
N MET H 283 -36.17 3.42 -1.65
CA MET H 283 -36.74 2.57 -2.74
C MET H 283 -38.13 3.08 -3.09
N THR H 284 -38.50 4.24 -2.57
CA THR H 284 -39.89 4.69 -2.73
C THR H 284 -39.94 6.08 -3.33
N HIS H 285 -40.67 6.18 -4.41
CA HIS H 285 -40.78 7.48 -5.08
C HIS H 285 -41.90 8.25 -4.42
N SER H 286 -41.60 9.44 -3.98
CA SER H 286 -42.60 10.26 -3.28
C SER H 286 -41.93 11.59 -3.00
N PRO H 287 -42.70 12.64 -2.72
CA PRO H 287 -42.09 13.88 -2.26
C PRO H 287 -42.41 14.03 -0.78
N CYS H 288 -42.50 12.93 -0.04
CA CYS H 288 -42.94 13.05 1.38
C CYS H 288 -42.04 13.91 2.23
N ASN H 289 -40.76 13.94 1.84
CA ASN H 289 -39.82 14.78 2.61
C ASN H 289 -39.54 16.09 1.87
N ARG H 290 -40.06 16.20 0.67
CA ARG H 290 -39.98 17.48 -0.02
C ARG H 290 -41.19 18.33 0.34
N ILE H 291 -42.37 17.77 0.13
CA ILE H 291 -43.62 18.41 0.52
C ILE H 291 -44.08 17.69 1.78
N LEU H 292 -43.94 18.36 2.89
CA LEU H 292 -44.18 17.66 4.16
C LEU H 292 -45.66 17.39 4.39
N TRP H 293 -45.89 16.34 5.13
CA TRP H 293 -47.28 15.97 5.46
C TRP H 293 -47.84 16.96 6.47
N ASN H 294 -49.07 17.38 6.24
CA ASN H 294 -49.75 18.31 7.19
C ASN H 294 -48.88 19.55 7.37
N ARG H 295 -48.07 19.84 6.37
CA ARG H 295 -47.15 20.98 6.45
C ARG H 295 -46.24 20.89 7.66
N GLN H 296 -46.07 19.71 8.23
CA GLN H 296 -45.30 19.58 9.45
C GLN H 296 -44.13 18.62 9.32
N SER H 297 -44.36 17.43 8.79
CA SER H 297 -43.41 16.37 9.03
C SER H 297 -43.56 15.32 7.94
N SER H 298 -42.96 14.18 8.23
CA SER H 298 -43.14 13.01 7.36
C SER H 298 -42.93 11.82 8.28
N LYS H 299 -43.33 10.65 7.82
CA LYS H 299 -43.06 9.49 8.68
C LYS H 299 -41.59 9.45 9.05
N THR H 300 -40.74 9.55 8.06
CA THR H 300 -39.30 9.31 8.33
C THR H 300 -38.74 10.37 9.27
N ARG H 301 -39.10 11.60 9.03
CA ARG H 301 -38.66 12.64 9.97
C ARG H 301 -39.10 12.26 11.37
N ALA H 302 -40.34 11.85 11.53
CA ALA H 302 -40.88 11.58 12.85
C ALA H 302 -40.27 10.34 13.48
N GLY H 303 -39.53 9.54 12.72
CA GLY H 303 -38.99 8.30 13.23
C GLY H 303 -39.75 7.07 12.78
N MET H 304 -40.72 7.22 11.92
CA MET H 304 -41.40 6.05 11.40
C MET H 304 -40.82 5.67 10.04
N PRO H 305 -40.51 4.40 9.80
CA PRO H 305 -40.04 4.02 8.50
C PRO H 305 -41.05 4.28 7.41
N CYS H 306 -40.54 4.69 6.29
CA CYS H 306 -41.42 4.78 5.13
C CYS H 306 -41.83 3.35 4.79
N LEU H 307 -43.12 3.17 4.61
CA LEU H 307 -43.63 1.83 4.28
C LEU H 307 -43.71 1.69 2.75
N GLY H 308 -43.17 2.64 2.02
CA GLY H 308 -43.17 2.55 0.56
C GLY H 308 -44.58 2.60 0.03
N CYS H 309 -45.45 3.36 0.67
CA CYS H 309 -46.88 3.34 0.28
C CYS H 309 -47.13 3.95 -1.10
N THR H 310 -46.21 4.66 -1.67
CA THR H 310 -46.54 5.25 -2.99
C THR H 310 -46.15 4.25 -4.06
N GLU H 311 -45.58 3.16 -3.61
CA GLU H 311 -45.14 2.12 -4.55
C GLU H 311 -46.26 1.11 -4.75
N PRO H 312 -46.44 0.53 -5.95
CA PRO H 312 -47.62 -0.32 -6.21
C PRO H 312 -47.65 -1.59 -5.39
N GLU H 313 -46.52 -2.06 -4.89
CA GLU H 313 -46.50 -3.27 -4.09
C GLU H 313 -47.02 -3.05 -2.68
N PHE H 314 -47.27 -1.81 -2.29
CA PHE H 314 -47.68 -1.56 -0.92
C PHE H 314 -48.99 -2.28 -0.61
N PRO H 315 -49.11 -2.91 0.57
CA PRO H 315 -48.05 -3.05 1.57
C PRO H 315 -47.04 -4.08 1.16
N HIS H 316 -45.77 -3.71 1.26
CA HIS H 316 -44.74 -4.57 0.75
C HIS H 316 -44.68 -5.86 1.56
N PHE H 317 -44.38 -6.95 0.87
CA PHE H 317 -44.32 -8.28 1.45
C PHE H 317 -45.62 -8.67 2.11
N ASP H 318 -46.70 -7.96 1.81
CA ASP H 318 -48.02 -8.21 2.38
C ASP H 318 -47.95 -8.25 3.89
N LEU H 319 -47.05 -7.46 4.48
CA LEU H 319 -46.94 -7.41 5.94
C LEU H 319 -46.77 -8.80 6.54
N ALA H 320 -46.06 -9.66 5.82
CA ALA H 320 -45.81 -11.00 6.30
C ALA H 320 -45.01 -10.93 7.59
N PRO H 321 -45.08 -11.95 8.43
CA PRO H 321 -44.39 -11.92 9.72
C PRO H 321 -42.90 -11.62 9.54
N GLY H 322 -42.39 -10.74 10.40
CA GLY H 322 -41.00 -10.34 10.36
C GLY H 322 -40.67 -9.22 9.40
N THR H 323 -41.64 -8.69 8.67
CA THR H 323 -41.37 -7.65 7.69
C THR H 323 -41.89 -6.28 8.12
N VAL H 324 -42.51 -6.16 9.28
CA VAL H 324 -43.14 -4.91 9.71
C VAL H 324 -42.17 -4.17 10.62
N PHE H 325 -41.75 -2.98 10.19
CA PHE H 325 -40.80 -2.16 10.93
C PHE H 325 -39.50 -2.93 11.18
N LYS H 326 -39.12 -3.76 10.22
CA LYS H 326 -37.88 -4.51 10.27
C LYS H 326 -37.24 -4.50 8.90
N THR H 327 -35.92 -4.45 8.87
CA THR H 327 -35.17 -4.59 7.63
C THR H 327 -34.80 -6.05 7.45
N GLN H 328 -35.35 -6.68 6.42
CA GLN H 328 -34.93 -8.02 6.11
C GLN H 328 -33.50 -8.00 5.62
N LYS H 329 -32.66 -8.86 6.21
CA LYS H 329 -31.25 -8.85 5.93
C LYS H 329 -30.78 -10.25 5.57
N VAL H 330 -29.76 -10.30 4.73
CA VAL H 330 -29.07 -11.53 4.39
C VAL H 330 -27.83 -11.62 5.26
N SER H 331 -27.67 -12.77 5.93
CA SER H 331 -26.54 -13.01 6.82
C SER H 331 -26.48 -11.99 7.95
N GLY H 332 -27.61 -11.36 8.27
CA GLY H 332 -27.72 -10.45 9.38
C GLY H 332 -27.07 -9.10 9.17
N MET H 333 -26.47 -8.86 8.01
CA MET H 333 -25.74 -7.61 7.82
C MET H 333 -26.18 -6.91 6.53
N ILE H 334 -26.48 -7.68 5.50
CA ILE H 334 -26.75 -7.14 4.16
C ILE H 334 -28.25 -6.98 3.99
N PRO H 335 -28.76 -5.78 3.78
CA PRO H 335 -30.19 -5.63 3.51
C PRO H 335 -30.56 -6.40 2.26
N LYS H 336 -31.72 -7.08 2.32
CA LYS H 336 -32.21 -7.79 1.15
C LYS H 336 -32.47 -6.83 0.01
N GLU H 337 -33.06 -5.68 0.31
CA GLU H 337 -33.32 -4.65 -0.68
C GLU H 337 -32.40 -3.46 -0.42
N VAL H 338 -31.69 -3.05 -1.46
CA VAL H 338 -30.79 -1.92 -1.36
C VAL H 338 -31.49 -0.72 -2.00
N PRO H 339 -30.98 0.50 -1.86
CA PRO H 339 -31.66 1.64 -2.48
C PRO H 339 -31.81 1.47 -3.97
N GLU H 340 -32.80 2.17 -4.51
CA GLU H 340 -33.10 2.10 -5.92
C GLU H 340 -31.86 2.41 -6.76
N GLY H 341 -31.64 1.60 -7.79
CA GLY H 341 -30.56 1.85 -8.72
C GLY H 341 -29.20 1.45 -8.21
N THR H 342 -29.10 0.92 -7.01
CA THR H 342 -27.83 0.42 -6.48
C THR H 342 -27.82 -1.09 -6.56
N ASP H 343 -26.59 -1.60 -6.35
CA ASP H 343 -26.34 -3.05 -6.33
C ASP H 343 -25.74 -3.47 -5.00
N HIS H 344 -26.07 -4.64 -4.51
CA HIS H 344 -25.65 -5.03 -3.17
C HIS H 344 -24.13 -4.88 -3.02
N LEU H 345 -23.34 -5.15 -4.03
CA LEU H 345 -21.86 -5.10 -3.81
C LEU H 345 -21.36 -3.67 -3.74
N THR H 346 -21.79 -2.82 -4.65
CA THR H 346 -21.35 -1.44 -4.51
C THR H 346 -22.00 -0.78 -3.30
N TYR H 347 -23.26 -1.09 -3.03
CA TYR H 347 -23.86 -0.50 -1.84
C TYR H 347 -23.05 -0.90 -0.62
N MET H 348 -22.85 -2.19 -0.44
CA MET H 348 -22.17 -2.65 0.77
C MET H 348 -20.75 -2.12 0.85
N GLY H 349 -20.04 -2.06 -0.27
CA GLY H 349 -18.70 -1.48 -0.24
C GLY H 349 -18.72 -0.03 0.19
N LEU H 350 -19.61 0.75 -0.42
CA LEU H 350 -19.75 2.14 -0.03
C LEU H 350 -20.21 2.26 1.41
N ALA H 351 -21.06 1.34 1.86
CA ALA H 351 -21.54 1.36 3.24
C ALA H 351 -20.40 1.14 4.22
N ALA H 352 -19.51 0.19 3.92
CA ALA H 352 -18.35 -0.02 4.77
C ALA H 352 -17.47 1.21 4.78
N ALA H 353 -17.22 1.78 3.61
CA ALA H 353 -16.41 2.99 3.53
C ALA H 353 -17.03 4.13 4.34
N ALA H 354 -18.34 4.30 4.21
CA ALA H 354 -19.03 5.35 4.93
C ALA H 354 -18.98 5.13 6.43
N ARG H 355 -19.18 3.89 6.87
CA ARG H 355 -19.06 3.56 8.28
C ARG H 355 -17.69 3.95 8.80
N ILE H 356 -16.63 3.60 8.08
CA ILE H 356 -15.26 3.85 8.63
C ILE H 356 -14.98 5.35 8.68
N ALA H 357 -15.52 6.12 7.73
CA ALA H 357 -15.23 7.56 7.63
C ALA H 357 -16.30 8.36 8.36
N ALA H 358 -17.17 7.69 9.08
CA ALA H 358 -18.31 8.41 9.67
C ALA H 358 -17.85 9.50 10.63
N PRO H 359 -18.44 10.70 10.55
CA PRO H 359 -18.12 11.74 11.50
C PRO H 359 -18.75 11.40 12.85
N GLN H 360 -18.33 12.07 13.91
CA GLN H 360 -18.84 11.79 15.24
C GLN H 360 -20.29 12.22 15.39
N TRP H 361 -20.66 13.37 14.81
CA TRP H 361 -22.03 13.84 14.97
C TRP H 361 -23.03 12.87 14.36
N SER H 362 -22.65 12.13 13.33
CA SER H 362 -23.55 11.16 12.73
C SER H 362 -23.83 9.99 13.65
N LYS H 363 -23.07 9.91 14.71
CA LYS H 363 -23.20 8.82 15.68
C LYS H 363 -23.80 9.36 16.97
N GLU H 364 -24.43 10.51 16.96
CA GLU H 364 -25.04 11.09 18.14
C GLU H 364 -26.43 11.61 17.82
N ASP H 365 -27.19 11.87 18.89
CA ASP H 365 -28.51 12.46 18.73
C ASP H 365 -28.39 13.78 17.98
N MET H 366 -29.29 14.00 17.06
CA MET H 366 -29.35 15.26 16.37
C MET H 366 -30.71 15.94 16.47
N PHE H 367 -31.78 15.16 16.53
CA PHE H 367 -33.12 15.70 16.73
C PHE H 367 -33.38 15.77 18.23
N VAL H 368 -32.65 16.67 18.85
CA VAL H 368 -32.63 16.81 20.29
C VAL H 368 -33.79 17.70 20.72
N VAL H 369 -34.14 17.60 21.99
CA VAL H 369 -35.20 18.40 22.54
C VAL H 369 -34.89 19.88 22.35
N LEU I 3 86.79 19.20 -7.48
CA LEU I 3 85.79 18.94 -8.50
C LEU I 3 84.40 18.86 -7.90
N ASP I 4 83.52 19.80 -8.25
CA ASP I 4 82.12 19.71 -7.84
C ASP I 4 81.40 18.76 -8.78
N LEU I 5 80.90 17.65 -8.25
CA LEU I 5 80.19 16.64 -9.02
C LEU I 5 78.75 16.58 -8.52
N PHE I 6 77.81 16.78 -9.42
CA PHE I 6 76.38 16.68 -9.12
C PHE I 6 75.86 15.43 -9.80
N VAL I 7 75.48 14.44 -9.01
CA VAL I 7 74.96 13.17 -9.52
C VAL I 7 73.45 13.20 -9.40
N SER I 8 72.78 13.12 -10.54
CA SER I 8 71.33 13.17 -10.62
C SER I 8 70.89 12.36 -11.82
N PRO I 9 70.06 11.33 -11.64
CA PRO I 9 69.63 10.85 -10.33
C PRO I 9 70.61 9.87 -9.74
N LEU I 10 70.59 9.72 -8.43
CA LEU I 10 71.23 8.57 -7.78
C LEU I 10 70.09 7.62 -7.44
N GLY I 11 69.79 6.72 -8.37
CA GLY I 11 68.65 5.84 -8.23
C GLY I 11 68.90 4.71 -7.25
N ARG I 12 67.96 3.77 -7.24
CA ARG I 12 67.99 2.64 -6.32
C ARG I 12 68.10 3.10 -4.88
N VAL I 13 67.40 4.19 -4.58
CA VAL I 13 67.24 4.67 -3.21
C VAL I 13 65.77 4.93 -2.95
N GLU I 14 64.90 4.22 -3.67
CA GLU I 14 63.45 4.29 -3.45
C GLU I 14 62.98 5.75 -3.44
N GLY I 15 63.31 6.47 -4.49
CA GLY I 15 62.85 7.82 -4.60
C GLY I 15 63.89 8.68 -5.28
N ASP I 16 63.72 9.98 -5.12
CA ASP I 16 64.42 10.97 -5.91
C ASP I 16 65.54 11.55 -5.07
N LEU I 17 66.77 11.22 -5.44
CA LEU I 17 67.94 11.67 -4.71
C LEU I 17 68.93 12.24 -5.71
N ASP I 18 69.45 13.41 -5.39
CA ASP I 18 70.63 13.94 -6.06
C ASP I 18 71.72 14.07 -5.01
N VAL I 19 72.96 13.85 -5.43
CA VAL I 19 74.07 13.96 -4.51
C VAL I 19 75.09 14.91 -5.10
N ARG I 20 75.38 15.99 -4.39
CA ARG I 20 76.45 16.88 -4.77
C ARG I 20 77.65 16.56 -3.90
N VAL I 21 78.81 16.47 -4.50
CA VAL I 21 80.02 16.18 -3.75
C VAL I 21 81.12 17.10 -4.21
N THR I 22 81.93 17.55 -3.27
CA THR I 22 83.21 18.16 -3.59
C THR I 22 84.26 17.06 -3.52
N ILE I 23 85.03 16.91 -4.60
CA ILE I 23 86.05 15.89 -4.71
C ILE I 23 87.41 16.58 -4.77
N ASN I 24 88.32 16.15 -3.91
CA ASN I 24 89.71 16.59 -3.97
C ASN I 24 90.61 15.36 -3.95
N ASP I 25 91.50 15.26 -4.93
CA ASP I 25 92.42 14.14 -5.06
C ASP I 25 91.68 12.80 -5.07
N GLY I 26 90.54 12.77 -5.76
CA GLY I 26 89.80 11.53 -5.88
C GLY I 26 89.05 11.11 -4.65
N VAL I 27 88.87 12.00 -3.69
CA VAL I 27 88.18 11.70 -2.44
C VAL I 27 87.11 12.76 -2.21
N VAL I 28 85.91 12.32 -1.83
CA VAL I 28 84.86 13.26 -1.47
C VAL I 28 85.27 14.00 -0.20
N THR I 29 85.29 15.32 -0.27
CA THR I 29 85.62 16.15 0.88
C THR I 29 84.41 16.81 1.51
N SER I 30 83.34 17.02 0.74
CA SER I 30 82.09 17.48 1.30
C SER I 30 80.97 16.88 0.46
N ALA I 31 79.81 16.73 1.08
CA ALA I 31 78.69 16.13 0.38
C ALA I 31 77.40 16.80 0.81
N TRP I 32 76.49 16.92 -0.14
CA TRP I 32 75.13 17.37 0.08
C TRP I 32 74.21 16.32 -0.51
N THR I 33 73.28 15.85 0.31
CA THR I 33 72.20 14.99 -0.16
C THR I 33 70.99 15.86 -0.41
N GLU I 34 70.41 15.75 -1.61
CA GLU I 34 69.27 16.55 -2.01
C GLU I 34 68.12 15.60 -2.27
N ALA I 35 67.22 15.50 -1.30
CA ALA I 35 65.94 14.86 -1.53
C ALA I 35 65.10 15.76 -2.43
N ALA I 36 64.66 15.25 -3.56
CA ALA I 36 64.16 16.11 -4.63
C ALA I 36 62.67 16.02 -4.86
N MET I 37 61.95 15.15 -4.15
CA MET I 37 60.53 14.96 -4.41
C MET I 37 59.76 15.06 -3.11
N PHE I 38 58.70 15.87 -3.13
CA PHE I 38 57.90 16.18 -1.94
C PHE I 38 56.44 15.87 -2.22
N ARG I 39 55.81 15.14 -1.31
CA ARG I 39 54.38 14.88 -1.39
C ARG I 39 53.58 15.53 -0.28
N GLY I 40 54.19 15.75 0.88
CA GLY I 40 53.53 16.47 1.95
C GLY I 40 52.44 15.72 2.65
N PHE I 41 52.67 14.45 2.98
CA PHE I 41 51.63 13.66 3.62
C PHE I 41 51.29 14.20 5.00
N GLU I 42 52.26 14.81 5.68
CA GLU I 42 51.97 15.41 6.98
C GLU I 42 50.99 16.55 6.84
N ILE I 43 51.14 17.34 5.77
CA ILE I 43 50.19 18.40 5.48
C ILE I 43 48.82 17.80 5.21
N ILE I 44 48.78 16.74 4.39
CA ILE I 44 47.51 16.15 4.02
C ILE I 44 46.79 15.59 5.24
N LEU I 45 47.53 14.98 6.15
CA LEU I 45 46.90 14.32 7.29
C LEU I 45 46.23 15.29 8.24
N ARG I 46 46.66 16.54 8.25
CA ARG I 46 46.06 17.50 9.15
C ARG I 46 44.57 17.63 8.89
N GLY I 47 43.78 17.55 9.96
CA GLY I 47 42.34 17.67 9.85
C GLY I 47 41.63 16.41 9.40
N LYS I 48 42.37 15.36 9.06
CA LYS I 48 41.75 14.12 8.61
C LYS I 48 41.31 13.30 9.82
N ASP I 49 40.65 12.18 9.52
CA ASP I 49 40.22 11.28 10.56
C ASP I 49 41.42 10.84 11.38
N PRO I 50 41.28 10.68 12.70
CA PRO I 50 42.45 10.30 13.52
C PRO I 50 43.12 9.02 13.05
N GLN I 51 42.39 8.12 12.41
CA GLN I 51 42.97 6.90 11.88
C GLN I 51 43.42 7.04 10.45
N ALA I 52 43.34 8.24 9.86
CA ALA I 52 43.75 8.41 8.48
C ALA I 52 45.21 8.05 8.30
N GLY I 53 46.01 8.15 9.37
CA GLY I 53 47.41 7.76 9.27
C GLY I 53 47.56 6.31 8.86
N LEU I 54 46.66 5.44 9.34
CA LEU I 54 46.76 4.02 8.98
C LEU I 54 46.63 3.80 7.49
N ILE I 55 45.96 4.71 6.79
CA ILE I 55 45.83 4.60 5.35
C ILE I 55 46.93 5.38 4.64
N VAL I 56 47.25 6.58 5.13
CA VAL I 56 48.14 7.48 4.44
C VAL I 56 49.59 7.09 4.66
N CYS I 57 49.98 6.87 5.91
CA CYS I 57 51.37 6.61 6.23
C CYS I 57 51.95 5.40 5.51
N PRO I 58 51.24 4.27 5.30
CA PRO I 58 51.83 3.20 4.53
C PRO I 58 52.21 3.75 3.15
N ARG I 59 51.41 4.69 2.64
CA ARG I 59 51.68 5.23 1.28
C ARG I 59 52.88 6.16 1.29
N ILE I 60 53.49 6.37 2.43
CA ILE I 60 54.75 7.14 2.41
C ILE I 60 55.73 6.27 1.62
N CYS I 61 55.56 4.96 1.71
CA CYS I 61 56.59 4.14 1.10
C CYS I 61 56.14 2.71 0.78
N GLY I 62 56.54 2.29 -0.39
CA GLY I 62 56.08 1.00 -0.84
C GLY I 62 56.77 -0.13 -0.16
N ILE I 63 58.06 0.06 0.06
CA ILE I 63 58.86 -1.05 0.59
C ILE I 63 58.71 -1.08 2.10
N CYS I 64 58.47 0.07 2.72
CA CYS I 64 58.40 0.00 4.19
C CYS I 64 57.08 0.56 4.69
N GLY I 65 56.05 0.53 3.84
CA GLY I 65 54.75 1.00 4.31
C GLY I 65 54.23 0.17 5.46
N GLY I 66 54.52 -1.14 5.48
CA GLY I 66 54.09 -1.92 6.62
C GLY I 66 54.68 -1.41 7.92
N SER I 67 55.90 -0.93 7.84
CA SER I 67 56.54 -0.33 9.04
C SER I 67 55.78 0.94 9.40
N HIS I 68 55.46 1.74 8.39
CA HIS I 68 54.69 2.96 8.65
C HIS I 68 53.38 2.58 9.34
N LEU I 69 52.76 1.55 8.83
CA LEU I 69 51.47 1.13 9.40
C LEU I 69 51.69 0.76 10.86
N TYR I 70 52.70 -0.06 11.11
CA TYR I 70 53.01 -0.50 12.47
C TYR I 70 53.13 0.68 13.41
N LYS I 71 53.97 1.64 13.05
CA LYS I 71 54.18 2.76 13.97
C LYS I 71 52.99 3.70 14.02
N SER I 72 52.25 3.86 12.91
CA SER I 72 51.05 4.69 12.97
C SER I 72 50.00 4.04 13.87
N ALA I 73 49.85 2.72 13.77
CA ALA I 73 48.93 2.02 14.65
C ALA I 73 49.34 2.22 16.09
N TYR I 74 50.63 2.10 16.39
CA TYR I 74 51.06 2.28 17.77
C TYR I 74 50.94 3.73 18.21
N ALA I 75 51.10 4.67 17.29
CA ALA I 75 50.85 6.06 17.63
C ALA I 75 49.41 6.23 18.09
N LEU I 76 48.48 5.60 17.38
CA LEU I 76 47.08 5.66 17.80
C LEU I 76 46.87 4.90 19.11
N ASP I 77 47.53 3.76 19.26
CA ASP I 77 47.38 2.96 20.47
C ASP I 77 47.81 3.75 21.69
N THR I 78 48.92 4.47 21.59
CA THR I 78 49.36 5.31 22.68
C THR I 78 48.47 6.53 22.85
N ALA I 79 48.09 7.16 21.74
CA ALA I 79 47.24 8.34 21.81
C ALA I 79 45.90 8.01 22.45
N TRP I 80 45.36 6.84 22.15
CA TRP I 80 44.06 6.43 22.64
C TRP I 80 44.15 5.49 23.82
N ARG I 81 45.34 5.25 24.34
CA ARG I 81 45.54 4.43 25.53
C ARG I 81 44.85 3.08 25.35
N THR I 82 45.07 2.48 24.19
CA THR I 82 44.35 1.27 23.85
C THR I 82 44.92 0.07 24.60
N HIS I 83 44.21 -1.04 24.49
CA HIS I 83 44.70 -2.34 24.92
C HIS I 83 45.10 -3.15 23.70
N MET I 84 46.29 -3.72 23.74
CA MET I 84 46.78 -4.55 22.65
C MET I 84 46.76 -6.00 23.11
N PRO I 85 45.87 -6.84 22.61
CA PRO I 85 45.95 -8.27 22.92
C PRO I 85 47.28 -8.82 22.47
N PRO I 86 47.84 -9.76 23.22
CA PRO I 86 49.15 -10.32 22.83
C PRO I 86 49.20 -10.83 21.40
N ASN I 87 48.11 -11.46 20.92
CA ASN I 87 48.11 -11.94 19.55
C ASN I 87 48.26 -10.78 18.57
N ALA I 88 47.62 -9.66 18.85
CA ALA I 88 47.76 -8.51 17.97
C ALA I 88 49.19 -8.02 17.95
N THR I 89 49.83 -7.96 19.12
CA THR I 89 51.23 -7.57 19.18
C THR I 89 52.08 -8.54 18.38
N LEU I 90 51.79 -9.84 18.50
CA LEU I 90 52.54 -10.84 17.76
C LEU I 90 52.36 -10.65 16.26
N ILE I 91 51.13 -10.43 15.82
CA ILE I 91 50.88 -10.26 14.40
C ILE I 91 51.58 -9.02 13.89
N ARG I 92 51.52 -7.94 14.65
CA ARG I 92 52.21 -6.72 14.27
C ARG I 92 53.70 -6.96 14.17
N ASN I 93 54.28 -7.63 15.15
CA ASN I 93 55.70 -7.98 15.12
C ASN I 93 56.01 -8.81 13.89
N ILE I 94 55.20 -9.84 13.65
CA ILE I 94 55.44 -10.75 12.55
C ILE I 94 55.43 -9.98 11.25
N CYS I 95 54.43 -9.13 11.07
CA CYS I 95 54.30 -8.44 9.80
C CYS I 95 55.39 -7.40 9.62
N GLN I 96 55.74 -6.68 10.67
CA GLN I 96 56.86 -5.74 10.58
C GLN I 96 58.13 -6.47 10.20
N ALA I 97 58.40 -7.57 10.89
CA ALA I 97 59.62 -8.31 10.62
C ALA I 97 59.59 -8.96 9.25
N CYS I 98 58.42 -9.41 8.80
CA CYS I 98 58.31 -10.01 7.48
C CYS I 98 58.54 -8.97 6.40
N GLU I 99 58.03 -7.77 6.59
CA GLU I 99 58.34 -6.72 5.64
C GLU I 99 59.84 -6.47 5.60
N THR I 100 60.47 -6.44 6.76
CA THR I 100 61.92 -6.26 6.80
C THR I 100 62.65 -7.41 6.12
N LEU I 101 62.18 -8.63 6.34
CA LEU I 101 62.79 -9.80 5.73
C LEU I 101 62.62 -9.78 4.21
N GLN I 102 61.53 -9.21 3.73
CA GLN I 102 61.40 -8.96 2.30
C GLN I 102 62.39 -7.91 1.85
N SER I 103 62.52 -6.84 2.63
CA SER I 103 63.35 -5.71 2.25
C SER I 103 64.81 -6.13 2.13
N ILE I 104 65.27 -6.97 3.03
CA ILE I 104 66.69 -7.31 3.13
C ILE I 104 67.22 -7.86 1.80
N PRO I 105 66.69 -8.98 1.28
CA PRO I 105 67.18 -9.44 -0.03
C PRO I 105 66.77 -8.54 -1.17
N ARG I 106 65.54 -8.03 -1.15
CA ARG I 106 65.11 -7.21 -2.27
C ARG I 106 66.03 -6.01 -2.42
N TYR I 107 66.31 -5.33 -1.31
CA TYR I 107 67.23 -4.22 -1.36
C TYR I 107 68.63 -4.69 -1.73
N PHE I 108 69.09 -5.77 -1.11
CA PHE I 108 70.48 -6.16 -1.30
C PHE I 108 70.77 -6.48 -2.75
N TYR I 109 69.94 -7.30 -3.37
CA TYR I 109 70.20 -7.70 -4.75
C TYR I 109 69.76 -6.63 -5.73
N ALA I 110 68.53 -6.13 -5.59
CA ALA I 110 67.97 -5.25 -6.61
C ALA I 110 68.55 -3.84 -6.51
N LEU I 111 68.84 -3.38 -5.30
CA LEU I 111 69.22 -1.99 -5.11
C LEU I 111 70.70 -1.81 -4.87
N PHE I 112 71.34 -2.73 -4.15
CA PHE I 112 72.71 -2.52 -3.71
C PHE I 112 73.71 -3.34 -4.51
N ALA I 113 73.53 -4.66 -4.55
CA ALA I 113 74.63 -5.53 -4.98
C ALA I 113 74.94 -5.41 -6.47
N ILE I 114 74.02 -4.89 -7.28
CA ILE I 114 74.32 -4.79 -8.70
C ILE I 114 75.48 -3.83 -8.93
N ASP I 115 75.64 -2.84 -8.04
CA ASP I 115 76.78 -1.94 -8.12
C ASP I 115 78.10 -2.66 -7.90
N LEU I 116 78.06 -3.84 -7.28
CA LEU I 116 79.27 -4.65 -7.14
C LEU I 116 79.80 -5.10 -8.48
N THR I 117 78.98 -5.03 -9.54
CA THR I 117 79.41 -5.37 -10.88
C THR I 117 80.04 -4.18 -11.61
N ASN I 118 80.21 -3.06 -10.91
CA ASN I 118 80.75 -1.88 -11.54
C ASN I 118 82.15 -2.16 -12.11
N LYS I 119 82.44 -1.51 -13.23
CA LYS I 119 83.72 -1.70 -13.92
C LYS I 119 84.90 -1.28 -13.06
N ASN I 120 84.67 -0.47 -12.03
CA ASN I 120 85.74 -0.09 -11.12
C ASN I 120 86.37 -1.31 -10.44
N TYR I 121 85.63 -2.41 -10.38
CA TYR I 121 86.10 -3.62 -9.72
C TYR I 121 86.58 -4.67 -10.70
N ALA I 122 86.71 -4.32 -11.98
CA ALA I 122 87.07 -5.31 -13.00
C ALA I 122 88.41 -5.96 -12.69
N LYS I 123 89.30 -5.27 -11.99
CA LYS I 123 90.60 -5.83 -11.65
C LYS I 123 90.52 -6.81 -10.49
N SER I 124 89.43 -6.82 -9.74
CA SER I 124 89.31 -7.74 -8.62
C SER I 124 89.27 -9.18 -9.14
N LYS I 125 89.95 -10.08 -8.43
CA LYS I 125 89.87 -11.49 -8.79
C LYS I 125 88.47 -12.05 -8.63
N LEU I 126 87.64 -11.42 -7.80
CA LEU I 126 86.27 -11.87 -7.59
C LEU I 126 85.28 -11.21 -8.52
N TYR I 127 85.75 -10.36 -9.43
CA TYR I 127 84.84 -9.55 -10.24
C TYR I 127 83.97 -10.41 -11.13
N ASP I 128 84.55 -11.41 -11.78
CA ASP I 128 83.74 -12.26 -12.65
C ASP I 128 82.63 -12.95 -11.87
N GLU I 129 82.95 -13.45 -10.68
CA GLU I 129 81.93 -14.06 -9.84
C GLU I 129 80.90 -13.02 -9.39
N ALA I 130 81.37 -11.81 -9.05
CA ALA I 130 80.43 -10.77 -8.66
C ALA I 130 79.45 -10.47 -9.78
N VAL I 131 79.96 -10.41 -11.01
CA VAL I 131 79.09 -10.18 -12.16
C VAL I 131 78.13 -11.33 -12.36
N ARG I 132 78.64 -12.56 -12.26
CA ARG I 132 77.78 -13.73 -12.44
C ARG I 132 76.64 -13.72 -11.43
N ARG I 133 76.93 -13.33 -10.19
CA ARG I 133 75.95 -13.41 -9.12
C ARG I 133 75.00 -12.23 -9.09
N PHE I 134 75.53 -11.02 -9.24
CA PHE I 134 74.81 -9.81 -8.87
C PHE I 134 74.48 -8.90 -10.03
N ALA I 135 74.76 -9.30 -11.26
CA ALA I 135 74.37 -8.48 -12.39
C ALA I 135 72.87 -8.28 -12.36
N PRO I 136 72.37 -7.09 -12.69
CA PRO I 136 70.93 -6.85 -12.64
C PRO I 136 70.18 -7.81 -13.56
N TYR I 137 69.14 -8.42 -13.00
CA TYR I 137 68.13 -9.21 -13.70
C TYR I 137 68.62 -10.56 -14.20
N VAL I 138 69.94 -10.79 -14.23
CA VAL I 138 70.45 -12.03 -14.80
C VAL I 138 71.42 -12.65 -13.81
N GLY I 139 71.79 -11.90 -12.78
CA GLY I 139 72.71 -12.42 -11.80
C GLY I 139 72.15 -13.68 -11.16
N THR I 140 73.01 -14.68 -11.01
CA THR I 140 72.58 -15.95 -10.45
C THR I 140 72.19 -15.84 -8.98
N SER I 141 72.68 -14.83 -8.29
CA SER I 141 72.17 -14.52 -6.96
C SER I 141 71.06 -13.51 -7.02
N TYR I 142 71.11 -12.61 -8.00
CA TYR I 142 70.10 -11.58 -8.12
C TYR I 142 68.72 -12.19 -8.32
N GLN I 143 68.58 -13.08 -9.30
CA GLN I 143 67.25 -13.59 -9.63
C GLN I 143 66.60 -14.30 -8.46
N PRO I 144 67.19 -15.36 -7.87
CA PRO I 144 66.50 -16.00 -6.75
C PRO I 144 66.35 -15.08 -5.55
N GLY I 145 67.32 -14.21 -5.28
CA GLY I 145 67.17 -13.31 -4.15
C GLY I 145 65.98 -12.39 -4.30
N VAL I 146 65.88 -11.75 -5.46
CA VAL I 146 64.77 -10.83 -5.70
C VAL I 146 63.45 -11.59 -5.74
N VAL I 147 63.42 -12.74 -6.43
CA VAL I 147 62.18 -13.48 -6.56
C VAL I 147 61.68 -13.94 -5.20
N LEU I 148 62.58 -14.50 -4.38
CA LEU I 148 62.18 -15.02 -3.09
C LEU I 148 61.92 -13.90 -2.08
N SER I 149 62.37 -12.68 -2.37
CA SER I 149 62.06 -11.58 -1.47
C SER I 149 60.56 -11.37 -1.31
N ALA I 150 59.75 -11.84 -2.26
CA ALA I 150 58.30 -11.68 -2.14
C ALA I 150 57.67 -12.62 -1.11
N LYS I 151 58.38 -13.66 -0.67
CA LYS I 151 57.76 -14.63 0.24
C LYS I 151 57.41 -14.04 1.60
N PRO I 152 58.32 -13.37 2.30
CA PRO I 152 57.96 -12.86 3.63
C PRO I 152 56.74 -11.94 3.59
N VAL I 153 56.59 -11.17 2.52
CA VAL I 153 55.40 -10.34 2.45
C VAL I 153 54.18 -11.13 2.03
N GLU I 154 54.35 -12.35 1.53
CA GLU I 154 53.22 -13.26 1.47
C GLU I 154 52.71 -13.54 2.87
N VAL I 155 53.62 -13.74 3.81
CA VAL I 155 53.19 -13.89 5.21
C VAL I 155 52.44 -12.63 5.67
N TYR I 156 53.03 -11.48 5.36
CA TYR I 156 52.38 -10.21 5.66
C TYR I 156 50.95 -10.20 5.11
N ALA I 157 50.78 -10.63 3.86
CA ALA I 157 49.47 -10.61 3.23
C ALA I 157 48.53 -11.59 3.88
N ILE I 158 49.05 -12.73 4.33
CA ILE I 158 48.21 -13.69 5.02
C ILE I 158 47.53 -13.02 6.20
N PHE I 159 48.29 -12.22 6.94
CA PHE I 159 47.69 -11.58 8.10
C PHE I 159 47.04 -10.24 7.80
N GLY I 160 47.43 -9.56 6.74
CA GLY I 160 47.00 -8.20 6.52
C GLY I 160 46.21 -8.06 5.25
N GLY I 161 46.06 -9.15 4.52
CA GLY I 161 45.23 -9.08 3.32
C GLY I 161 46.09 -8.87 2.10
N GLN I 162 47.08 -7.99 2.26
CA GLN I 162 47.94 -7.74 1.11
C GLN I 162 49.20 -7.04 1.54
N TRP I 163 50.13 -7.09 0.63
CA TRP I 163 51.34 -6.32 0.86
C TRP I 163 51.82 -5.88 -0.55
N PRO I 164 52.22 -4.61 -0.81
CA PRO I 164 52.05 -3.49 0.11
C PRO I 164 50.60 -2.98 0.20
N DHI I 165 50.36 -2.12 1.18
CA DHI I 165 49.12 -1.35 1.28
C DHI I 165 47.95 -1.91 2.00
O DHI I 165 46.83 -1.59 1.68
CB DHI I 165 49.35 0.10 1.56
CG DHI I 165 50.44 0.74 0.78
ND1 DHI I 165 51.73 0.80 1.23
CD2 DHI I 165 50.41 1.40 -0.39
CE1 DHI I 165 52.47 1.45 0.36
NE2 DHI I 165 51.68 1.83 -0.63
N SER I 166 48.30 -2.64 3.03
CA SER I 166 47.23 -3.00 3.95
C SER I 166 47.25 -1.90 5.03
N SER I 167 46.17 -1.73 5.73
CA SER I 167 46.08 -0.85 6.94
C SER I 167 45.52 -1.68 8.11
N PHE I 168 45.80 -2.97 8.11
CA PHE I 168 45.11 -3.86 9.03
C PHE I 168 45.58 -3.72 10.47
N MET I 169 46.62 -2.93 10.74
CA MET I 169 47.04 -2.67 12.11
C MET I 169 46.28 -1.45 12.59
N VAL I 170 45.40 -1.63 13.56
CA VAL I 170 44.50 -0.59 14.02
C VAL I 170 44.68 -0.44 15.52
N PRO I 171 44.34 0.72 16.07
CA PRO I 171 44.34 0.87 17.52
C PRO I 171 43.51 -0.23 18.15
N GLY I 172 44.09 -0.89 19.15
CA GLY I 172 43.44 -2.00 19.79
C GLY I 172 43.79 -3.35 19.20
N GLY I 173 44.55 -3.39 18.12
CA GLY I 173 45.03 -4.67 17.65
C GLY I 173 45.25 -4.75 16.16
N VAL I 174 44.69 -5.78 15.55
CA VAL I 174 44.73 -5.93 14.10
C VAL I 174 43.31 -6.24 13.63
N MET I 175 43.04 -5.89 12.38
CA MET I 175 41.72 -6.17 11.84
C MET I 175 41.50 -7.66 11.64
N SER I 176 42.56 -8.41 11.39
CA SER I 176 42.43 -9.76 10.93
C SER I 176 42.27 -10.74 12.09
N ALA I 177 41.82 -11.94 11.74
CA ALA I 177 41.62 -13.02 12.70
C ALA I 177 42.25 -14.24 12.07
N PRO I 178 43.56 -14.42 12.25
CA PRO I 178 44.24 -15.54 11.61
C PRO I 178 43.57 -16.86 11.95
N THR I 179 43.52 -17.74 10.96
CA THR I 179 43.07 -19.09 11.15
C THR I 179 44.27 -20.01 11.30
N LEU I 180 43.99 -21.27 11.62
CA LEU I 180 45.08 -22.24 11.75
C LEU I 180 45.87 -22.33 10.45
N SER I 181 45.17 -22.46 9.32
CA SER I 181 45.86 -22.56 8.04
C SER I 181 46.64 -21.30 7.73
N ASP I 182 46.17 -20.13 8.19
CA ASP I 182 46.96 -18.92 8.04
C ASP I 182 48.32 -19.08 8.70
N VAL I 183 48.33 -19.53 9.94
CA VAL I 183 49.59 -19.63 10.67
C VAL I 183 50.47 -20.74 10.09
N THR I 184 49.87 -21.89 9.78
CA THR I 184 50.67 -22.98 9.23
C THR I 184 51.26 -22.58 7.88
N ARG I 185 50.48 -21.89 7.05
CA ARG I 185 50.99 -21.44 5.77
C ARG I 185 52.06 -20.37 5.96
N ALA I 186 51.88 -19.46 6.91
CA ALA I 186 52.90 -18.46 7.18
C ALA I 186 54.19 -19.14 7.61
N ILE I 187 54.09 -20.14 8.48
CA ILE I 187 55.27 -20.88 8.90
C ILE I 187 55.91 -21.57 7.71
N ALA I 188 55.10 -22.20 6.87
CA ALA I 188 55.65 -22.88 5.70
C ALA I 188 56.34 -21.91 4.76
N ILE I 189 55.72 -20.76 4.53
CA ILE I 189 56.33 -19.76 3.65
C ILE I 189 57.64 -19.29 4.24
N LEU I 190 57.65 -19.00 5.53
CA LEU I 190 58.86 -18.50 6.18
C LEU I 190 59.96 -19.54 6.15
N GLU I 191 59.63 -20.80 6.48
CA GLU I 191 60.63 -21.85 6.43
C GLU I 191 61.16 -22.07 5.03
N HIS I 192 60.28 -22.01 4.03
CA HIS I 192 60.73 -22.18 2.66
C HIS I 192 61.66 -21.04 2.26
N TRP I 193 61.28 -19.81 2.58
CA TRP I 193 62.13 -18.67 2.26
C TRP I 193 63.46 -18.77 2.98
N ASN I 194 63.44 -19.13 4.25
CA ASN I 194 64.66 -19.27 5.02
C ASN I 194 65.56 -20.34 4.43
N ASP I 195 64.99 -21.48 4.08
CA ASP I 195 65.79 -22.57 3.53
C ASP I 195 66.34 -22.21 2.17
N ASN I 196 65.52 -21.58 1.33
CA ASN I 196 65.86 -21.41 -0.07
C ASN I 196 66.65 -20.15 -0.35
N TRP I 197 66.38 -19.06 0.36
CA TRP I 197 67.22 -17.89 0.18
C TRP I 197 68.18 -17.68 1.36
N LEU I 198 67.64 -17.56 2.57
CA LEU I 198 68.46 -17.11 3.69
C LEU I 198 69.59 -18.09 3.97
N GLU I 199 69.26 -19.36 4.08
CA GLU I 199 70.27 -20.34 4.45
C GLU I 199 71.01 -20.88 3.25
N LYS I 200 70.28 -21.27 2.20
CA LYS I 200 70.94 -21.86 1.03
C LYS I 200 71.76 -20.82 0.28
N GLN I 201 71.17 -19.67 -0.01
CA GLN I 201 71.83 -18.70 -0.87
C GLN I 201 72.61 -17.66 -0.09
N TRP I 202 71.97 -17.02 0.88
CA TRP I 202 72.68 -15.96 1.59
C TRP I 202 73.78 -16.52 2.47
N LEU I 203 73.44 -17.46 3.34
CA LEU I 203 74.38 -17.92 4.36
C LEU I 203 75.21 -19.12 3.90
N GLY I 204 74.63 -20.02 3.13
CA GLY I 204 75.31 -21.30 2.93
C GLY I 204 75.45 -22.09 4.21
N CYS I 205 74.66 -21.75 5.24
CA CYS I 205 74.66 -22.45 6.50
C CYS I 205 73.32 -22.16 7.18
N SER I 206 73.11 -22.76 8.34
CA SER I 206 71.88 -22.49 9.08
C SER I 206 71.91 -21.09 9.67
N VAL I 207 70.72 -20.57 9.95
CA VAL I 207 70.65 -19.29 10.66
C VAL I 207 71.33 -19.40 12.00
N ASP I 208 71.19 -20.56 12.66
CA ASP I 208 71.82 -20.75 13.96
C ASP I 208 73.33 -20.62 13.85
N ARG I 209 73.92 -21.23 12.82
CA ARG I 209 75.36 -21.12 12.66
C ARG I 209 75.80 -19.68 12.50
N TRP I 210 75.05 -18.91 11.70
CA TRP I 210 75.40 -17.51 11.52
C TRP I 210 75.29 -16.73 12.82
N LEU I 211 74.22 -16.97 13.57
CA LEU I 211 73.99 -16.24 14.80
C LEU I 211 74.98 -16.62 15.89
N GLU I 212 75.77 -17.67 15.68
CA GLU I 212 76.87 -17.98 16.58
C GLU I 212 78.03 -17.01 16.43
N ASN I 213 78.07 -16.23 15.36
CA ASN I 213 79.13 -15.25 15.16
C ASN I 213 78.94 -14.10 16.13
N LYS I 214 79.85 -13.97 17.10
CA LYS I 214 79.77 -12.93 18.10
C LYS I 214 80.84 -11.86 17.96
N THR I 215 81.85 -12.09 17.12
CA THR I 215 82.92 -11.14 16.91
C THR I 215 83.19 -11.02 15.41
N TRP I 216 83.91 -9.97 15.05
CA TRP I 216 84.34 -9.84 13.67
C TRP I 216 85.21 -11.02 13.26
N ASN I 217 86.11 -11.43 14.15
CA ASN I 217 86.93 -12.62 13.88
C ASN I 217 86.06 -13.85 13.72
N ASP I 218 84.95 -13.93 14.46
CA ASP I 218 84.00 -15.01 14.24
C ASP I 218 83.45 -14.97 12.83
N VAL I 219 83.14 -13.77 12.32
CA VAL I 219 82.59 -13.67 10.98
C VAL I 219 83.63 -14.09 9.94
N LEU I 220 84.89 -13.67 10.12
CA LEU I 220 85.93 -14.07 9.18
C LEU I 220 86.15 -15.59 9.22
N ALA I 221 86.19 -16.16 10.42
CA ALA I 221 86.30 -17.61 10.55
C ALA I 221 85.10 -18.30 9.91
N TRP I 222 83.92 -17.71 10.04
CA TRP I 222 82.73 -18.28 9.42
C TRP I 222 82.86 -18.28 7.90
N VAL I 223 83.39 -17.20 7.34
CA VAL I 223 83.62 -17.13 5.90
C VAL I 223 84.54 -18.25 5.45
N ASP I 224 85.61 -18.46 6.20
CA ASP I 224 86.61 -19.46 5.81
C ASP I 224 86.30 -20.87 6.28
N GLU I 225 85.22 -21.05 7.05
CA GLU I 225 85.00 -22.32 7.73
C GLU I 225 84.82 -23.46 6.76
N ASN I 226 84.03 -23.25 5.72
CA ASN I 226 83.77 -24.29 4.74
C ASN I 226 83.39 -23.62 3.43
N GLU I 227 83.35 -24.43 2.38
CA GLU I 227 83.08 -23.90 1.05
C GLU I 227 81.66 -23.35 0.95
N SER I 228 80.71 -23.95 1.65
CA SER I 228 79.33 -23.47 1.55
C SER I 228 79.22 -22.03 2.05
N GLN I 229 79.81 -21.75 3.22
CA GLN I 229 79.78 -20.39 3.74
C GLN I 229 80.70 -19.48 2.95
N TYR I 230 81.82 -20.02 2.51
CA TYR I 230 82.77 -19.24 1.72
C TYR I 230 82.13 -18.72 0.43
N ASN I 231 81.38 -19.58 -0.24
CA ASN I 231 80.77 -19.27 -1.53
C ASN I 231 79.32 -18.84 -1.39
N SER I 232 78.83 -18.71 -0.17
CA SER I 232 77.51 -18.13 0.01
C SER I 232 77.52 -16.68 -0.44
N ASP I 233 76.33 -16.13 -0.65
CA ASP I 233 76.27 -14.72 -0.98
C ASP I 233 76.86 -13.88 0.14
N CYS I 234 76.66 -14.30 1.39
CA CYS I 234 77.23 -13.56 2.52
C CYS I 234 78.75 -13.66 2.53
N GLY I 235 79.27 -14.88 2.42
CA GLY I 235 80.70 -15.05 2.41
C GLY I 235 81.35 -14.37 1.21
N PHE I 236 80.73 -14.52 0.04
CA PHE I 236 81.26 -13.84 -1.13
C PHE I 236 81.21 -12.33 -0.95
N PHE I 237 80.12 -11.83 -0.39
CA PHE I 237 79.98 -10.39 -0.21
C PHE I 237 81.05 -9.86 0.73
N ILE I 238 81.30 -10.57 1.83
CA ILE I 238 82.34 -10.13 2.76
C ILE I 238 83.70 -10.15 2.08
N ARG I 239 84.00 -11.23 1.37
CA ARG I 239 85.28 -11.32 0.70
C ARG I 239 85.41 -10.25 -0.37
N TYR I 240 84.33 -10.00 -1.11
CA TYR I 240 84.33 -8.96 -2.13
C TYR I 240 84.57 -7.60 -1.52
N CYS I 241 83.90 -7.31 -0.40
CA CYS I 241 84.08 -6.03 0.27
C CYS I 241 85.51 -5.85 0.72
N LEU I 242 86.07 -6.89 1.33
CA LEU I 242 87.44 -6.80 1.79
C LEU I 242 88.42 -6.68 0.63
N ASP I 243 88.09 -7.29 -0.51
CA ASP I 243 88.98 -7.22 -1.66
C ASP I 243 88.93 -5.87 -2.34
N VAL I 244 87.72 -5.32 -2.53
CA VAL I 244 87.53 -4.10 -3.31
C VAL I 244 87.49 -2.86 -2.45
N GLY I 245 87.53 -2.99 -1.13
CA GLY I 245 87.63 -1.84 -0.25
C GLY I 245 86.32 -1.25 0.21
N LEU I 246 85.23 -2.03 0.21
CA LEU I 246 83.99 -1.51 0.77
C LEU I 246 84.04 -1.40 2.29
N ASP I 247 85.05 -1.97 2.93
CA ASP I 247 85.25 -1.81 4.35
C ASP I 247 86.06 -0.57 4.70
N LYS I 248 86.44 0.22 3.71
CA LYS I 248 87.38 1.32 3.92
C LYS I 248 86.74 2.69 3.85
N TYR I 249 85.47 2.79 3.47
CA TYR I 249 84.82 4.09 3.42
C TYR I 249 83.33 3.90 3.71
N GLY I 250 82.61 5.02 3.73
CA GLY I 250 81.24 5.01 4.19
C GLY I 250 81.10 4.89 5.68
N GLN I 251 82.11 5.30 6.44
CA GLN I 251 82.07 5.18 7.89
C GLN I 251 80.89 5.96 8.47
N GLY I 252 80.74 7.22 8.09
CA GLY I 252 79.64 8.01 8.59
C GLY I 252 79.88 8.56 9.98
N VAL I 253 78.78 8.90 10.64
CA VAL I 253 78.84 9.58 11.93
C VAL I 253 79.45 8.69 12.99
N GLY I 254 79.23 7.38 12.94
CA GLY I 254 79.61 6.51 14.02
C GLY I 254 78.72 6.63 15.23
N ASN I 255 77.66 7.42 15.15
CA ASN I 255 76.65 7.55 16.18
C ASN I 255 75.33 7.07 15.60
N TYR I 256 74.56 6.37 16.41
CA TYR I 256 73.45 5.58 15.93
C TYR I 256 72.21 5.82 16.76
N LEU I 257 71.08 5.77 16.09
CA LEU I 257 69.77 5.85 16.72
C LEU I 257 68.98 4.60 16.35
N ALA I 258 68.51 3.89 17.36
CA ALA I 258 67.52 2.84 17.16
C ALA I 258 66.35 3.19 18.06
N THR I 259 65.18 3.33 17.47
CA THR I 259 63.98 3.44 18.29
C THR I 259 63.47 2.08 18.72
N GLY I 260 63.98 1.02 18.12
CA GLY I 260 63.55 -0.31 18.47
C GLY I 260 62.20 -0.64 17.89
N THR I 261 61.86 -1.92 17.89
CA THR I 261 60.51 -2.36 17.53
C THR I 261 60.35 -3.77 18.07
N TYR I 262 59.24 -4.43 17.68
CA TYR I 262 58.95 -5.78 18.17
C TYR I 262 58.70 -5.83 19.67
N PHE I 263 57.52 -5.41 20.08
CA PHE I 263 57.17 -5.48 21.49
C PHE I 263 56.97 -6.90 21.97
N GLU I 264 57.47 -7.16 23.16
CA GLU I 264 57.10 -8.37 23.86
C GLU I 264 55.62 -8.26 24.21
N PRO I 265 54.79 -9.20 23.75
CA PRO I 265 53.33 -8.98 23.86
C PRO I 265 52.85 -8.70 25.27
N SER I 266 53.40 -9.38 26.26
CA SER I 266 52.94 -9.17 27.63
C SER I 266 53.36 -7.82 28.18
N LEU I 267 54.37 -7.19 27.60
CA LEU I 267 54.91 -5.95 28.13
C LEU I 267 54.34 -4.70 27.47
N TYR I 268 53.60 -4.85 26.39
CA TYR I 268 53.03 -3.69 25.71
C TYR I 268 51.55 -3.90 25.42
N GLU I 269 50.85 -4.59 26.32
CA GLU I 269 49.42 -4.76 26.17
C GLU I 269 48.67 -3.46 26.26
N ASN I 270 49.23 -2.47 26.93
CA ASN I 270 48.63 -1.14 27.05
C ASN I 270 49.67 -0.13 26.62
N PRO I 271 49.79 0.10 25.32
CA PRO I 271 50.89 0.93 24.81
C PRO I 271 50.90 2.31 25.44
N THR I 272 52.06 2.70 25.94
CA THR I 272 52.32 4.05 26.38
C THR I 272 53.67 4.48 25.80
N ILE I 273 53.86 5.78 25.71
CA ILE I 273 55.15 6.29 25.30
C ILE I 273 56.21 5.89 26.32
N GLU I 274 55.90 6.05 27.61
CA GLU I 274 56.92 5.83 28.64
C GLU I 274 57.30 4.36 28.76
N GLY I 275 56.34 3.45 28.60
CA GLY I 275 56.63 2.05 28.72
C GLY I 275 57.16 1.40 27.47
N ARG I 276 57.39 2.19 26.42
CA ARG I 276 57.74 1.62 25.12
C ARG I 276 59.08 0.91 25.17
N ASN I 277 60.11 1.59 25.69
CA ASN I 277 61.47 1.06 25.60
C ASN I 277 61.60 -0.29 26.30
N ALA I 278 61.01 -0.42 27.49
CA ALA I 278 61.16 -1.67 28.23
C ALA I 278 60.50 -2.83 27.49
N ALA I 279 59.43 -2.57 26.76
CA ALA I 279 58.68 -3.63 26.10
C ALA I 279 59.34 -4.11 24.82
N LEU I 280 60.31 -3.37 24.30
CA LEU I 280 60.91 -3.72 23.02
C LEU I 280 61.71 -5.00 23.10
N ILE I 281 61.58 -5.82 22.07
CA ILE I 281 62.49 -6.93 21.84
C ILE I 281 63.72 -6.49 21.07
N GLY I 282 63.51 -5.87 19.91
CA GLY I 282 64.59 -5.25 19.20
C GLY I 282 64.83 -3.92 19.89
N ARG I 283 65.85 -3.88 20.73
CA ARG I 283 65.98 -2.78 21.67
C ARG I 283 66.21 -1.46 20.98
N SER I 284 65.61 -0.41 21.55
CA SER I 284 66.02 0.94 21.24
C SER I 284 67.39 1.19 21.84
N GLY I 285 67.96 2.33 21.48
CA GLY I 285 69.24 2.70 22.01
C GLY I 285 69.90 3.71 21.13
N VAL I 286 70.53 4.69 21.73
CA VAL I 286 71.35 5.66 21.03
C VAL I 286 72.79 5.32 21.36
N PHE I 287 73.63 5.21 20.35
CA PHE I 287 75.05 4.94 20.53
C PHE I 287 75.81 6.16 20.04
N ALA I 288 76.26 6.99 20.96
CA ALA I 288 76.90 8.25 20.60
C ALA I 288 78.18 8.41 21.40
N ASP I 289 79.23 8.87 20.72
CA ASP I 289 80.53 9.07 21.35
C ASP I 289 81.00 7.79 22.05
N GLY I 290 80.72 6.66 21.43
CA GLY I 290 81.13 5.38 21.99
C GLY I 290 80.38 4.96 23.23
N ARG I 291 79.24 5.58 23.51
CA ARG I 291 78.50 5.31 24.74
C ARG I 291 77.04 5.02 24.42
N TYR I 292 76.43 4.22 25.28
CA TYR I 292 75.03 3.85 25.14
C TYR I 292 74.14 4.79 25.93
N PHE I 293 73.05 5.19 25.31
CA PHE I 293 72.03 6.04 25.90
C PHE I 293 70.68 5.43 25.63
N GLU I 294 69.76 5.64 26.56
CA GLU I 294 68.37 5.24 26.32
C GLU I 294 67.74 6.19 25.30
N PHE I 295 67.03 5.62 24.33
CA PHE I 295 66.29 6.47 23.41
C PHE I 295 65.14 7.15 24.14
N ASP I 296 64.95 8.43 23.85
CA ASP I 296 63.83 9.20 24.37
C ASP I 296 63.31 10.08 23.26
N GLN I 297 62.07 9.85 22.84
CA GLN I 297 61.50 10.62 21.74
C GLN I 297 61.47 12.11 22.03
N ALA I 298 61.48 12.50 23.30
CA ALA I 298 61.51 13.91 23.65
C ALA I 298 62.78 14.59 23.16
N ASN I 299 63.84 13.83 22.93
CA ASN I 299 65.11 14.38 22.45
C ASN I 299 65.15 14.57 20.95
N VAL I 300 64.05 14.23 20.28
CA VAL I 300 64.06 14.30 18.80
C VAL I 300 63.66 15.70 18.33
N THR I 301 64.50 16.35 17.55
CA THR I 301 64.13 17.60 16.92
C THR I 301 64.28 17.42 15.42
N GLU I 302 63.58 18.25 14.67
CA GLU I 302 63.78 18.32 13.24
C GLU I 302 64.14 19.74 12.86
N ASP I 303 65.27 19.88 12.20
CA ASP I 303 65.81 21.15 11.72
C ASP I 303 65.48 21.29 10.25
N VAL I 304 65.05 22.47 9.84
CA VAL I 304 64.77 22.71 8.43
C VAL I 304 65.65 23.82 7.86
N THR I 305 66.78 24.08 8.52
CA THR I 305 67.66 25.18 8.10
C THR I 305 68.08 25.01 6.65
N HIS I 306 68.49 23.80 6.28
CA HIS I 306 68.87 23.51 4.91
C HIS I 306 67.82 22.70 4.18
N SER I 307 66.63 22.62 4.74
CA SER I 307 65.52 21.91 4.14
C SER I 307 64.54 22.90 3.52
N PHE I 308 63.79 22.43 2.53
CA PHE I 308 62.87 23.32 1.84
C PHE I 308 61.59 23.51 2.64
N TYR I 309 61.75 23.94 3.89
CA TYR I 309 60.61 24.22 4.75
C TYR I 309 60.86 25.50 5.50
N GLU I 310 59.76 26.18 5.81
CA GLU I 310 59.84 27.34 6.68
C GLU I 310 60.15 26.89 8.10
N GLY I 311 60.93 27.68 8.80
CA GLY I 311 61.25 27.37 10.18
C GLY I 311 62.56 27.99 10.60
N ASN I 312 62.67 28.35 11.87
CA ASN I 312 63.87 28.99 12.38
C ASN I 312 64.49 28.27 13.56
N ARG I 313 63.84 27.25 14.10
CA ARG I 313 64.40 26.49 15.21
C ARG I 313 64.04 25.03 15.05
N PRO I 314 64.88 24.13 15.54
CA PRO I 314 64.52 22.72 15.55
C PRO I 314 63.26 22.50 16.36
N LEU I 315 62.38 21.66 15.85
CA LEU I 315 61.07 21.43 16.46
C LEU I 315 60.97 19.98 16.86
N HIS I 316 60.57 19.73 18.10
CA HIS I 316 60.14 18.40 18.46
C HIS I 316 58.90 18.07 17.64
N PRO I 317 58.79 16.86 17.10
CA PRO I 317 57.72 16.58 16.13
C PRO I 317 56.32 16.76 16.68
N PHE I 318 56.12 16.68 18.00
CA PHE I 318 54.81 17.00 18.55
C PHE I 318 54.40 18.43 18.22
N GLU I 319 55.37 19.33 18.12
CA GLU I 319 55.14 20.68 17.62
C GLU I 319 55.68 20.86 16.21
N GLY I 320 55.89 19.76 15.49
CA GLY I 320 56.46 19.85 14.17
C GLY I 320 55.54 20.57 13.20
N GLU I 321 56.16 21.10 12.15
CA GLU I 321 55.47 21.81 11.09
C GLU I 321 56.11 21.41 9.78
N THR I 322 55.30 21.32 8.75
CA THR I 322 55.78 21.00 7.42
C THR I 322 55.22 22.07 6.50
N ILE I 323 55.93 23.18 6.42
CA ILE I 323 55.50 24.29 5.59
C ILE I 323 56.52 24.45 4.48
N PRO I 324 56.24 23.91 3.29
CA PRO I 324 57.24 23.94 2.23
C PRO I 324 57.56 25.37 1.80
N VAL I 325 58.80 25.56 1.38
CA VAL I 325 59.20 26.78 0.70
C VAL I 325 59.55 26.37 -0.72
N ASN I 326 59.39 27.32 -1.63
CA ASN I 326 59.68 27.03 -3.02
C ASN I 326 61.17 26.72 -3.17
N PRO I 327 61.54 25.61 -3.80
CA PRO I 327 62.96 25.23 -3.85
C PRO I 327 63.84 26.30 -4.47
N GLU I 328 63.33 27.12 -5.37
CA GLU I 328 64.11 28.24 -5.88
C GLU I 328 64.50 29.20 -4.77
N ASP I 329 63.50 29.64 -3.99
CA ASP I 329 63.76 30.52 -2.85
C ASP I 329 64.65 29.83 -1.82
N GLY I 330 64.33 28.58 -1.50
CA GLY I 330 65.11 27.87 -0.51
C GLY I 330 66.57 27.73 -0.90
N ARG I 331 66.83 27.44 -2.18
CA ARG I 331 68.21 27.39 -2.66
C ARG I 331 68.86 28.75 -2.58
N ARG I 332 68.09 29.82 -2.78
CA ARG I 332 68.65 31.14 -2.50
C ARG I 332 69.02 31.29 -1.03
N GLN I 333 68.33 30.57 -0.14
CA GLN I 333 68.64 30.61 1.28
C GLN I 333 69.59 29.50 1.73
N GLY I 334 70.21 28.79 0.80
CA GLY I 334 71.10 27.70 1.17
C GLY I 334 70.42 26.39 1.47
N LYS I 335 69.10 26.32 1.36
CA LYS I 335 68.39 25.06 1.51
C LYS I 335 68.58 24.22 0.26
N TYR I 336 68.71 22.91 0.45
CA TYR I 336 69.00 22.07 -0.71
C TYR I 336 68.30 20.72 -0.70
N SER I 337 67.40 20.47 0.25
CA SER I 337 66.81 19.15 0.32
C SER I 337 65.40 19.24 0.86
N TRP I 338 64.52 18.39 0.33
CA TRP I 338 63.21 18.22 0.92
C TRP I 338 63.27 17.39 2.20
N ALA I 339 64.42 16.80 2.50
CA ALA I 339 64.57 16.10 3.77
C ALA I 339 64.67 17.12 4.90
N LYS I 340 63.90 16.89 5.95
CA LYS I 340 64.22 17.56 7.20
C LYS I 340 65.51 16.96 7.77
N SER I 341 66.09 17.66 8.74
CA SER I 341 67.32 17.24 9.40
C SER I 341 66.96 16.79 10.80
N PRO I 342 66.62 15.52 11.02
CA PRO I 342 66.36 15.06 12.38
C PRO I 342 67.66 15.04 13.15
N ARG I 343 67.61 15.57 14.36
CA ARG I 343 68.73 15.57 15.26
C ARG I 343 68.24 15.06 16.60
N TYR I 344 69.16 14.50 17.37
CA TYR I 344 68.85 13.92 18.66
C TYR I 344 69.70 14.61 19.72
N ALA I 345 69.07 15.05 20.79
CA ALA I 345 69.78 15.70 21.88
C ALA I 345 70.46 14.62 22.70
N VAL I 346 71.77 14.50 22.54
CA VAL I 346 72.59 13.62 23.36
C VAL I 346 73.31 14.48 24.39
N PRO I 347 73.20 14.18 25.69
CA PRO I 347 73.87 15.01 26.70
C PRO I 347 75.38 15.04 26.46
N GLY I 348 75.95 16.23 26.63
CA GLY I 348 77.35 16.43 26.36
C GLY I 348 77.71 16.54 24.90
N LEU I 349 76.75 16.33 24.00
CA LEU I 349 77.00 16.44 22.58
C LEU I 349 76.06 17.39 21.87
N GLY I 350 74.96 17.80 22.47
CA GLY I 350 74.02 18.65 21.79
C GLY I 350 73.12 17.86 20.87
N ASN I 351 72.53 18.56 19.90
CA ASN I 351 71.62 17.94 18.94
C ASN I 351 72.45 17.42 17.78
N VAL I 352 72.72 16.12 17.79
CA VAL I 352 73.65 15.52 16.84
C VAL I 352 72.89 14.72 15.79
N PRO I 353 73.46 14.52 14.61
CA PRO I 353 72.90 13.54 13.69
C PRO I 353 73.21 12.13 14.17
N LEU I 354 72.26 11.25 13.99
CA LEU I 354 72.42 9.85 14.37
C LEU I 354 72.11 9.00 13.16
N GLU I 355 72.99 8.07 12.85
CA GLU I 355 72.70 7.14 11.78
C GLU I 355 71.66 6.13 12.25
N THR I 356 70.63 5.92 11.44
CA THR I 356 69.64 4.92 11.73
C THR I 356 69.81 3.75 10.78
N GLY I 357 69.28 2.62 11.18
CA GLY I 357 69.30 1.47 10.33
C GLY I 357 69.71 0.23 11.06
N PRO I 358 69.90 -0.85 10.31
CA PRO I 358 70.30 -2.10 10.94
C PRO I 358 71.55 -1.96 11.78
N LEU I 359 72.54 -1.19 11.32
CA LEU I 359 73.74 -1.01 12.12
C LEU I 359 73.41 -0.35 13.45
N ALA I 360 72.55 0.67 13.42
CA ALA I 360 72.11 1.30 14.65
C ALA I 360 71.43 0.29 15.56
N ARG I 361 70.59 -0.57 14.97
CA ARG I 361 69.90 -1.58 15.76
C ARG I 361 70.89 -2.56 16.38
N ARG I 362 71.88 -3.02 15.62
CA ARG I 362 72.85 -3.96 16.13
C ARG I 362 73.67 -3.33 17.27
N MET I 363 74.05 -2.07 17.10
CA MET I 363 74.74 -1.38 18.18
C MET I 363 73.86 -1.30 19.42
N ALA I 364 72.58 -0.97 19.23
CA ALA I 364 71.65 -0.93 20.36
C ALA I 364 71.52 -2.30 21.00
N ALA I 365 71.50 -3.35 20.18
CA ALA I 365 71.42 -4.71 20.70
C ALA I 365 72.67 -5.09 21.46
N SER I 366 73.77 -4.38 21.24
CA SER I 366 74.98 -4.60 22.01
C SER I 366 75.01 -3.85 23.33
N ALA I 367 73.97 -3.08 23.63
CA ALA I 367 73.95 -2.35 24.89
C ALA I 367 73.86 -3.32 26.07
N PRO I 368 74.39 -2.95 27.22
CA PRO I 368 74.27 -3.80 28.41
C PRO I 368 72.83 -3.87 28.89
N ASP I 369 72.62 -4.72 29.89
CA ASP I 369 71.37 -4.75 30.65
C ASP I 369 70.17 -5.05 29.75
N ALA I 370 70.34 -5.99 28.83
CA ALA I 370 69.22 -6.46 28.05
C ALA I 370 68.32 -7.34 28.92
N GLU I 371 67.01 -7.11 28.85
CA GLU I 371 66.08 -8.02 29.51
C GLU I 371 65.96 -9.31 28.71
N THR I 372 65.31 -10.31 29.30
CA THR I 372 65.29 -11.64 28.72
C THR I 372 64.65 -11.63 27.34
N HIS I 373 63.59 -10.85 27.16
CA HIS I 373 62.89 -10.77 25.88
C HIS I 373 63.65 -9.98 24.84
N GLN I 374 64.75 -9.33 25.21
CA GLN I 374 65.37 -8.33 24.36
C GLN I 374 66.56 -8.88 23.60
N ASP I 375 66.77 -8.33 22.40
CA ASP I 375 67.91 -8.64 21.56
C ASP I 375 69.19 -8.26 22.28
N ASP I 376 69.99 -9.26 22.67
CA ASP I 376 71.29 -9.06 23.30
C ASP I 376 72.32 -9.69 22.37
N ASP I 377 73.01 -8.85 21.60
CA ASP I 377 73.92 -9.32 20.57
C ASP I 377 75.18 -8.47 20.59
N PRO I 378 76.32 -9.01 21.00
CA PRO I 378 77.55 -8.20 21.04
C PRO I 378 78.28 -8.14 19.72
N LEU I 379 77.74 -8.77 18.67
CA LEU I 379 78.50 -8.92 17.43
C LEU I 379 78.93 -7.57 16.87
N PHE I 380 78.00 -6.63 16.80
CA PHE I 380 78.36 -5.39 16.13
C PHE I 380 79.00 -4.36 17.03
N ALA I 381 78.88 -4.49 18.35
CA ALA I 381 79.81 -3.77 19.21
C ALA I 381 81.23 -4.19 18.88
N ASP I 382 81.46 -5.49 18.74
CA ASP I 382 82.79 -5.98 18.43
C ASP I 382 83.23 -5.54 17.03
N ILE I 383 82.35 -5.62 16.05
CA ILE I 383 82.72 -5.20 14.70
C ILE I 383 83.02 -3.71 14.68
N TYR I 384 82.19 -2.91 15.35
CA TYR I 384 82.44 -1.47 15.42
C TYR I 384 83.77 -1.17 16.06
N ASN I 385 84.14 -1.89 17.12
CA ASN I 385 85.41 -1.64 17.77
C ASN I 385 86.58 -2.18 16.96
N ALA I 386 86.34 -3.21 16.16
CA ALA I 386 87.43 -3.86 15.44
C ALA I 386 87.74 -3.15 14.14
N ILE I 387 86.73 -2.95 13.30
CA ILE I 387 86.93 -2.33 12.00
C ILE I 387 86.11 -1.07 11.80
N GLY I 388 85.21 -0.74 12.72
CA GLY I 388 84.44 0.46 12.61
C GLY I 388 83.38 0.37 11.54
N PRO I 389 82.54 1.40 11.44
CA PRO I 389 81.50 1.39 10.41
C PRO I 389 82.11 1.54 9.03
N SER I 390 81.38 1.07 8.04
CA SER I 390 81.75 1.18 6.64
C SER I 390 80.56 0.70 5.83
N VAL I 391 80.68 0.83 4.50
CA VAL I 391 79.66 0.27 3.63
C VAL I 391 79.48 -1.21 3.94
N MET I 392 80.60 -1.93 4.06
CA MET I 392 80.54 -3.36 4.32
C MET I 392 79.89 -3.66 5.66
N VAL I 393 80.28 -2.93 6.71
CA VAL I 393 79.74 -3.20 8.04
C VAL I 393 78.27 -2.83 8.12
N ARG I 394 77.89 -1.71 7.52
CA ARG I 394 76.48 -1.34 7.46
C ARG I 394 75.67 -2.42 6.76
N GLN I 395 76.17 -2.89 5.61
CA GLN I 395 75.47 -3.94 4.89
C GLN I 395 75.41 -5.22 5.70
N LEU I 396 76.49 -5.56 6.39
CA LEU I 396 76.52 -6.77 7.19
C LEU I 396 75.52 -6.70 8.32
N ALA I 397 75.35 -5.52 8.91
CA ALA I 397 74.32 -5.37 9.93
C ALA I 397 72.94 -5.65 9.35
N ARG I 398 72.67 -5.08 8.19
CA ARG I 398 71.39 -5.33 7.53
C ARG I 398 71.17 -6.82 7.31
N MET I 399 72.17 -7.48 6.75
CA MET I 399 72.07 -8.90 6.42
C MET I 399 72.01 -9.76 7.67
N HIS I 400 72.70 -9.34 8.73
CA HIS I 400 72.68 -10.05 10.00
C HIS I 400 71.28 -10.10 10.57
N GLU I 401 70.50 -9.06 10.32
CA GLU I 401 69.12 -9.07 10.81
C GLU I 401 68.27 -10.17 10.19
N GLY I 402 68.62 -10.65 9.00
CA GLY I 402 67.88 -11.70 8.34
C GLY I 402 67.70 -12.94 9.19
N PRO I 403 68.79 -13.60 9.56
CA PRO I 403 68.66 -14.77 10.45
C PRO I 403 67.97 -14.45 11.77
N LYS I 404 68.32 -13.31 12.37
CA LYS I 404 67.78 -12.96 13.67
C LYS I 404 66.28 -12.74 13.60
N TYR I 405 65.84 -11.93 12.63
CA TYR I 405 64.42 -11.66 12.49
C TYR I 405 63.67 -12.90 12.03
N TYR I 406 64.28 -13.74 11.20
CA TYR I 406 63.62 -14.98 10.82
C TYR I 406 63.31 -15.81 12.06
N LYS I 407 64.31 -15.96 12.94
CA LYS I 407 64.08 -16.73 14.16
C LYS I 407 62.99 -16.11 15.01
N TRP I 408 63.01 -14.79 15.14
CA TRP I 408 61.98 -14.12 15.94
C TRP I 408 60.59 -14.37 15.35
N VAL I 409 60.47 -14.25 14.02
CA VAL I 409 59.17 -14.43 13.38
C VAL I 409 58.69 -15.85 13.56
N ARG I 410 59.58 -16.82 13.37
CA ARG I 410 59.20 -18.21 13.55
C ARG I 410 58.68 -18.43 14.96
N GLN I 411 59.39 -17.90 15.95
CA GLN I 411 58.93 -18.05 17.32
C GLN I 411 57.60 -17.35 17.55
N TRP I 412 57.43 -16.15 17.00
CA TRP I 412 56.17 -15.42 17.19
C TRP I 412 55.01 -16.19 16.59
N LEU I 413 55.22 -16.77 15.41
CA LEU I 413 54.19 -17.59 14.79
C LEU I 413 53.84 -18.75 15.71
N ASP I 414 54.84 -19.35 16.35
CA ASP I 414 54.56 -20.36 17.35
C ASP I 414 53.83 -19.78 18.55
N ASP I 415 54.07 -18.51 18.87
CA ASP I 415 53.49 -17.89 20.05
C ASP I 415 52.02 -17.55 19.88
N LEU I 416 51.54 -17.48 18.64
CA LEU I 416 50.15 -17.11 18.41
C LEU I 416 49.24 -18.09 19.11
N GLU I 417 48.29 -17.55 19.88
CA GLU I 417 47.29 -18.35 20.57
C GLU I 417 45.99 -18.09 19.82
N LEU I 418 45.68 -18.98 18.88
CA LEU I 418 44.70 -18.66 17.85
C LEU I 418 43.30 -18.47 18.43
N LYS I 419 43.01 -19.09 19.56
CA LYS I 419 41.72 -18.91 20.20
C LYS I 419 41.58 -17.55 20.88
N GLU I 420 42.67 -16.83 21.06
CA GLU I 420 42.65 -15.60 21.82
C GLU I 420 42.42 -14.39 20.94
N SER I 421 42.15 -13.27 21.60
CA SER I 421 41.73 -12.06 20.91
C SER I 421 42.86 -11.49 20.06
N PHE I 422 42.47 -10.87 18.95
CA PHE I 422 43.38 -10.14 18.10
C PHE I 422 43.08 -8.66 18.10
N TYR I 423 42.08 -8.23 18.85
CA TYR I 423 41.61 -6.87 18.77
C TYR I 423 40.80 -6.55 20.02
N THR I 424 41.13 -5.46 20.67
CA THR I 424 40.32 -4.90 21.73
C THR I 424 39.79 -3.59 21.21
N LYS I 425 38.48 -3.49 21.05
CA LYS I 425 37.90 -2.28 20.51
C LYS I 425 38.30 -1.11 21.39
N PRO I 426 38.99 -0.11 20.85
CA PRO I 426 39.41 1.03 21.67
C PRO I 426 38.31 2.08 21.74
N VAL I 427 38.48 2.99 22.69
CA VAL I 427 37.70 4.22 22.69
C VAL I 427 38.42 5.22 21.79
N GLU I 428 37.73 5.69 20.76
CA GLU I 428 38.30 6.66 19.83
C GLU I 428 38.17 8.05 20.46
N TYR I 429 39.13 8.36 21.33
CA TYR I 429 39.09 9.62 22.06
C TYR I 429 39.22 10.80 21.11
N ALA I 430 38.47 11.87 21.42
CA ALA I 430 38.53 13.09 20.62
C ALA I 430 39.87 13.79 20.72
N GLU I 431 40.60 13.55 21.81
CA GLU I 431 41.89 14.16 22.06
C GLU I 431 42.90 13.06 22.32
N GLY I 432 44.17 13.36 22.05
CA GLY I 432 45.20 12.40 22.37
C GLY I 432 46.54 12.79 21.80
N LYS I 433 47.61 12.38 22.43
CA LYS I 433 48.95 12.55 21.89
C LYS I 433 49.58 11.17 21.82
N GLY I 434 49.96 10.77 20.63
CA GLY I 434 50.47 9.44 20.39
C GLY I 434 51.87 9.50 19.84
N PHE I 435 52.69 8.56 20.26
CA PHE I 435 54.01 8.36 19.68
C PHE I 435 54.08 6.90 19.29
N GLY I 436 54.25 6.66 18.01
CA GLY I 436 54.42 5.30 17.56
C GLY I 436 55.80 5.20 16.95
N SER I 437 56.56 4.19 17.29
CA SER I 437 57.84 4.05 16.63
C SER I 437 58.10 2.58 16.34
N THR I 438 58.89 2.37 15.32
CA THR I 438 59.29 1.04 14.92
C THR I 438 60.66 1.12 14.28
N GLU I 439 61.19 -0.02 13.98
CA GLU I 439 62.44 -0.02 13.21
C GLU I 439 61.99 -0.58 11.89
N ALA I 440 61.82 0.30 10.96
CA ALA I 440 61.56 -0.17 9.61
C ALA I 440 62.87 -0.80 9.14
N ALA I 441 62.85 -1.45 8.00
CA ALA I 441 64.10 -2.06 7.49
C ALA I 441 65.26 -1.07 7.60
N ARG I 442 65.00 0.19 7.29
CA ARG I 442 66.11 1.18 7.19
C ARG I 442 66.36 1.89 8.50
N GLY I 443 65.54 1.61 9.50
CA GLY I 443 65.85 2.22 10.80
C GLY I 443 64.69 2.85 11.52
N ALA I 444 65.02 3.72 12.46
CA ALA I 444 64.02 4.34 13.33
C ALA I 444 62.96 5.07 12.52
N LEU I 445 61.74 4.60 12.62
CA LEU I 445 60.64 5.26 11.94
C LEU I 445 59.69 5.68 13.05
N SER I 446 59.29 6.93 13.05
CA SER I 446 58.50 7.41 14.20
C SER I 446 57.38 8.35 13.76
N ASP I 447 56.23 8.22 14.41
CA ASP I 447 55.09 9.08 14.21
C ASP I 447 54.83 9.78 15.53
N TRP I 448 54.71 11.10 15.47
CA TRP I 448 54.17 11.88 16.57
C TRP I 448 52.84 12.43 16.09
N ILE I 449 51.76 12.02 16.73
CA ILE I 449 50.43 12.42 16.31
C ILE I 449 49.77 13.16 17.45
N VAL I 450 49.06 14.22 17.11
CA VAL I 450 48.24 14.97 18.03
C VAL I 450 46.84 14.95 17.46
N ILE I 451 45.94 14.30 18.17
CA ILE I 451 44.53 14.24 17.83
C ILE I 451 43.82 15.28 18.68
N GLU I 452 43.04 16.13 18.03
CA GLU I 452 42.25 17.14 18.71
C GLU I 452 40.91 17.21 18.02
N ASP I 453 39.85 17.29 18.82
CA ASP I 453 38.50 17.45 18.28
C ASP I 453 38.20 16.34 17.28
N SER I 454 38.63 15.12 17.64
CA SER I 454 38.38 13.93 16.82
C SER I 454 38.95 14.08 15.41
N LYS I 455 40.02 14.86 15.30
CA LYS I 455 40.69 15.09 14.03
C LYS I 455 42.18 15.06 14.27
N ILE I 456 42.93 14.87 13.19
CA ILE I 456 44.38 14.95 13.29
C ILE I 456 44.75 16.42 13.41
N LYS I 457 45.24 16.82 14.59
CA LYS I 457 45.72 18.19 14.75
C LYS I 457 47.13 18.34 14.23
N ASN I 458 48.00 17.39 14.57
CA ASN I 458 49.33 17.37 14.01
C ASN I 458 49.72 15.93 13.72
N TYR I 459 50.55 15.78 12.70
CA TYR I 459 51.02 14.45 12.33
C TYR I 459 52.41 14.65 11.76
N GLN I 460 53.41 14.21 12.50
CA GLN I 460 54.80 14.39 12.09
C GLN I 460 55.43 13.01 11.99
N VAL I 461 55.94 12.69 10.83
CA VAL I 461 56.64 11.44 10.58
C VAL I 461 58.11 11.76 10.45
N VAL I 462 58.88 10.98 11.18
CA VAL I 462 60.36 11.08 11.04
C VAL I 462 60.80 9.70 10.60
N THR I 463 61.31 9.62 9.40
CA THR I 463 61.67 8.32 8.84
C THR I 463 63.17 8.11 9.02
N PRO I 464 63.63 6.86 8.99
CA PRO I 464 65.03 6.55 9.18
C PRO I 464 65.88 7.24 8.12
N THR I 465 65.43 7.23 6.86
CA THR I 465 66.31 7.87 5.86
C THR I 465 66.32 9.37 6.10
N ALA I 466 65.26 9.91 6.67
CA ALA I 466 65.34 11.35 7.02
C ALA I 466 66.48 11.50 8.03
N TRP I 467 66.57 10.61 9.01
CA TRP I 467 67.69 10.69 9.93
C TRP I 467 69.01 10.62 9.18
N ASN I 468 69.13 9.65 8.27
CA ASN I 468 70.41 9.38 7.62
C ASN I 468 70.76 10.41 6.56
N ILE I 469 69.79 10.77 5.72
CA ILE I 469 70.03 11.55 4.52
C ILE I 469 69.64 13.01 4.69
N GLY I 470 69.01 13.36 5.80
CA GLY I 470 68.65 14.72 6.08
C GLY I 470 69.85 15.63 6.00
N PRO I 471 69.64 16.86 5.55
CA PRO I 471 70.76 17.76 5.26
C PRO I 471 71.44 18.31 6.50
N ARG I 472 72.39 19.22 6.29
CA ARG I 472 73.05 19.88 7.41
C ARG I 472 72.01 20.59 8.28
N ASP I 473 72.24 20.56 9.58
CA ASP I 473 71.37 21.25 10.52
C ASP I 473 71.79 22.71 10.61
N ALA I 474 71.25 23.43 11.59
CA ALA I 474 71.61 24.84 11.78
C ALA I 474 73.09 25.00 12.10
N SER I 475 73.71 24.00 12.73
CA SER I 475 75.13 24.04 13.03
C SER I 475 75.99 23.57 11.86
N GLU I 476 75.40 23.41 10.68
CA GLU I 476 76.09 22.94 9.48
C GLU I 476 76.68 21.55 9.66
N VAL I 477 76.19 20.80 10.64
CA VAL I 477 76.68 19.45 10.87
C VAL I 477 76.03 18.54 9.83
N LEU I 478 76.87 17.85 9.06
CA LEU I 478 76.38 17.01 7.97
C LEU I 478 75.55 15.86 8.53
N GLY I 479 74.55 15.45 7.75
CA GLY I 479 73.76 14.31 8.11
C GLY I 479 74.57 13.04 7.98
N PRO I 480 74.09 11.95 8.57
CA PRO I 480 74.89 10.72 8.57
C PRO I 480 75.33 10.28 7.18
N ILE I 481 74.44 10.32 6.19
CA ILE I 481 74.82 9.90 4.85
C ILE I 481 75.80 10.90 4.25
N GLU I 482 75.58 12.19 4.53
CA GLU I 482 76.52 13.19 4.02
C GLU I 482 77.91 12.96 4.57
N GLN I 483 78.04 12.68 5.87
CA GLN I 483 79.37 12.42 6.41
C GLN I 483 79.92 11.08 5.91
N ALA I 484 79.05 10.10 5.70
CA ALA I 484 79.52 8.83 5.16
C ALA I 484 80.06 9.00 3.75
N LEU I 485 79.44 9.88 2.96
CA LEU I 485 79.94 10.16 1.63
C LEU I 485 81.30 10.83 1.69
N VAL I 486 81.50 11.70 2.68
CA VAL I 486 82.79 12.35 2.84
C VAL I 486 83.85 11.32 3.18
N GLY I 487 84.96 11.36 2.46
CA GLY I 487 85.98 10.34 2.55
C GLY I 487 85.85 9.23 1.53
N SER I 488 84.76 9.18 0.79
CA SER I 488 84.58 8.13 -0.19
C SER I 488 85.51 8.36 -1.38
N PRO I 489 86.22 7.35 -1.84
CA PRO I 489 87.03 7.51 -3.06
C PRO I 489 86.12 7.66 -4.26
N ILE I 490 86.60 8.36 -5.28
CA ILE I 490 85.89 8.52 -6.54
C ILE I 490 86.86 8.14 -7.65
N VAL I 491 86.81 6.88 -8.07
CA VAL I 491 87.66 6.43 -9.16
C VAL I 491 87.22 7.05 -10.48
N ASP I 492 85.91 7.13 -10.70
CA ASP I 492 85.36 7.61 -11.97
C ASP I 492 84.23 8.59 -11.67
N ALA I 493 84.48 9.87 -11.92
CA ALA I 493 83.43 10.87 -11.73
C ALA I 493 82.28 10.69 -12.70
N GLU I 494 82.52 10.05 -13.85
CA GLU I 494 81.45 9.78 -14.81
C GLU I 494 80.49 8.73 -14.28
N ASP I 495 80.99 7.76 -13.53
CA ASP I 495 80.17 6.75 -12.85
C ASP I 495 80.62 6.68 -11.40
N PRO I 496 80.26 7.68 -10.59
CA PRO I 496 80.73 7.71 -9.20
C PRO I 496 80.02 6.67 -8.36
N VAL I 497 80.31 5.40 -8.63
CA VAL I 497 79.58 4.31 -8.01
C VAL I 497 79.76 4.29 -6.49
N GLU I 498 80.86 4.85 -5.99
CA GLU I 498 81.07 4.84 -4.55
C GLU I 498 80.04 5.69 -3.82
N LEU I 499 79.60 6.78 -4.43
CA LEU I 499 78.48 7.54 -3.86
C LEU I 499 77.25 6.66 -3.75
N GLY I 500 76.97 5.89 -4.80
CA GLY I 500 75.87 4.94 -4.73
C GLY I 500 76.08 3.90 -3.65
N HIS I 501 77.31 3.40 -3.51
CA HIS I 501 77.59 2.40 -2.48
C HIS I 501 77.28 2.97 -1.11
N VAL I 502 77.70 4.19 -0.85
CA VAL I 502 77.51 4.78 0.47
C VAL I 502 76.03 5.06 0.71
N ALA I 503 75.37 5.73 -0.24
CA ALA I 503 73.97 6.08 -0.05
C ALA I 503 73.11 4.83 0.06
N ARG I 504 73.36 3.84 -0.79
CA ARG I 504 72.58 2.62 -0.78
C ARG I 504 72.96 1.69 0.37
N SER I 505 74.15 1.82 0.95
CA SER I 505 74.49 1.02 2.11
C SER I 505 73.59 1.37 3.28
N PHE I 506 73.08 2.59 3.31
CA PHE I 506 72.04 2.97 4.23
C PHE I 506 70.67 2.47 3.81
N ASP I 507 70.58 1.82 2.66
CA ASP I 507 69.29 1.38 2.12
C ASP I 507 68.36 2.58 1.98
N SER I 508 68.96 3.71 1.59
CA SER I 508 68.20 4.99 1.56
C SER I 508 66.83 4.86 0.90
N CYS I 509 65.84 5.42 1.54
CA CYS I 509 64.52 5.44 0.92
C CYS I 509 64.09 6.89 0.86
N LEU I 510 64.11 7.46 -0.32
CA LEU I 510 63.85 8.91 -0.43
C LEU I 510 62.36 9.20 -0.34
N VAL I 511 61.52 8.27 -0.75
CA VAL I 511 60.07 8.58 -0.57
C VAL I 511 59.78 8.66 0.93
N CYS I 512 60.45 7.83 1.69
CA CYS I 512 60.27 7.94 3.14
C CYS I 512 60.93 9.21 3.64
N THR I 513 62.08 9.50 3.09
CA THR I 513 62.81 10.65 3.64
C THR I 513 61.92 11.89 3.67
N VAL I 514 61.20 12.13 2.59
CA VAL I 514 60.44 13.37 2.47
C VAL I 514 59.00 13.20 2.93
N HIS I 515 58.37 12.09 2.55
CA HIS I 515 56.93 11.91 2.70
C HIS I 515 56.18 13.20 2.34
N ALA J 48 60.53 -4.98 -26.58
CA ALA J 48 59.70 -3.86 -26.15
C ALA J 48 60.36 -3.09 -25.01
N SER J 49 60.92 -1.93 -25.33
CA SER J 49 61.59 -1.12 -24.33
C SER J 49 60.59 -0.54 -23.34
N VAL J 50 60.96 -0.57 -22.06
CA VAL J 50 60.11 -0.04 -21.00
C VAL J 50 60.93 0.95 -20.19
N LEU J 51 60.40 2.16 -20.04
CA LEU J 51 60.98 3.15 -19.15
C LEU J 51 59.99 3.40 -18.04
N TRP J 52 60.38 3.10 -16.82
CA TRP J 52 59.52 3.23 -15.66
C TRP J 52 60.02 4.39 -14.82
N PHE J 53 59.23 5.44 -14.75
CA PHE J 53 59.56 6.63 -13.99
C PHE J 53 58.65 6.73 -12.78
N GLN J 54 59.13 7.41 -11.75
CA GLN J 54 58.37 7.63 -10.53
C GLN J 54 58.27 9.13 -10.29
N GLY J 55 57.05 9.62 -10.18
CA GLY J 55 56.84 11.00 -9.79
C GLY J 55 56.56 11.10 -8.31
N GLY J 56 55.37 11.54 -7.94
CA GLY J 56 54.98 11.60 -6.54
C GLY J 56 54.57 10.22 -6.12
N ALA J 57 55.54 9.34 -6.07
CA ALA J 57 55.25 7.92 -5.80
C ALA J 57 55.79 7.51 -4.46
N CYS J 58 55.25 6.41 -3.96
CA CYS J 58 55.85 5.85 -2.75
C CYS J 58 56.58 4.58 -3.15
N SER J 59 56.56 4.25 -4.43
CA SER J 59 57.23 3.05 -4.96
C SER J 59 56.44 1.77 -4.60
N GLY J 60 55.27 1.93 -3.99
CA GLY J 60 54.46 0.74 -3.68
C GLY J 60 54.04 0.00 -4.93
N ASN J 61 53.85 0.71 -6.03
CA ASN J 61 53.48 -0.05 -7.26
C ASN J 61 54.68 -0.85 -7.72
N THR J 62 55.84 -0.24 -7.64
CA THR J 62 57.06 -1.01 -7.97
C THR J 62 57.18 -2.21 -7.02
N MET J 63 57.04 -1.99 -5.71
CA MET J 63 57.21 -3.12 -4.80
C MET J 63 56.17 -4.20 -5.04
N SER J 64 54.92 -3.81 -5.25
CA SER J 64 53.90 -4.76 -5.61
C SER J 64 54.28 -5.50 -6.89
N PHE J 65 54.73 -4.74 -7.89
CA PHE J 65 55.19 -5.31 -9.14
C PHE J 65 56.30 -6.32 -8.92
N LEU J 66 57.23 -6.00 -8.02
CA LEU J 66 58.30 -6.94 -7.69
C LEU J 66 57.78 -8.20 -7.03
N ASN J 67 56.59 -8.13 -6.42
CA ASN J 67 55.97 -9.35 -5.92
C ASN J 67 55.37 -10.21 -7.03
N ALA J 68 55.54 -9.83 -8.29
CA ALA J 68 54.88 -10.55 -9.37
C ALA J 68 55.24 -12.02 -9.34
N ASP J 69 54.26 -12.85 -9.61
CA ASP J 69 54.46 -14.26 -9.85
C ASP J 69 53.68 -14.64 -11.09
N GLU J 70 54.27 -15.50 -11.91
CA GLU J 70 53.63 -15.98 -13.13
C GLU J 70 53.13 -14.82 -13.99
N PRO J 71 54.04 -14.03 -14.58
CA PRO J 71 55.48 -14.18 -14.45
C PRO J 71 56.03 -13.47 -13.21
N ASN J 72 57.15 -13.92 -12.69
CA ASN J 72 57.81 -13.08 -11.71
C ASN J 72 58.52 -11.95 -12.43
N VAL J 73 58.97 -10.97 -11.66
CA VAL J 73 59.47 -9.73 -12.26
C VAL J 73 60.71 -10.00 -13.10
N VAL J 74 61.59 -10.88 -12.62
CA VAL J 74 62.81 -11.14 -13.36
C VAL J 74 62.50 -11.82 -14.68
N ASP J 75 61.62 -12.82 -14.67
CA ASP J 75 61.22 -13.47 -15.91
C ASP J 75 60.48 -12.52 -16.83
N LEU J 76 59.70 -11.59 -16.28
CA LEU J 76 59.06 -10.60 -17.12
C LEU J 76 60.09 -9.70 -17.79
N ILE J 77 61.09 -9.26 -17.03
CA ILE J 77 62.06 -8.32 -17.56
C ILE J 77 62.98 -9.00 -18.57
N VAL J 78 63.31 -10.27 -18.34
CA VAL J 78 64.29 -10.96 -19.17
C VAL J 78 63.61 -11.76 -20.26
N ASP J 79 62.76 -12.71 -19.86
CA ASP J 79 62.27 -13.77 -20.75
C ASP J 79 61.06 -13.39 -21.59
N PHE J 80 60.46 -12.22 -21.39
CA PHE J 80 59.31 -11.82 -22.19
C PHE J 80 59.65 -10.71 -23.18
N GLY J 81 60.93 -10.48 -23.42
CA GLY J 81 61.30 -9.49 -24.43
C GLY J 81 60.98 -8.07 -24.06
N LEU J 82 60.84 -7.77 -22.77
CA LEU J 82 60.56 -6.43 -22.30
C LEU J 82 61.86 -5.84 -21.76
N ASP J 83 62.46 -4.95 -22.54
CA ASP J 83 63.75 -4.37 -22.20
C ASP J 83 63.51 -3.19 -21.25
N LEU J 84 63.68 -3.43 -19.96
CA LEU J 84 63.51 -2.38 -18.95
C LEU J 84 64.69 -1.42 -19.05
N LEU J 85 64.49 -0.32 -19.77
CA LEU J 85 65.58 0.62 -19.99
C LEU J 85 66.09 1.18 -18.69
N TRP J 86 65.18 1.56 -17.81
CA TRP J 86 65.56 2.11 -16.53
C TRP J 86 64.33 2.11 -15.64
N HIS J 87 64.59 2.08 -14.36
CA HIS J 87 63.61 2.14 -13.30
C HIS J 87 64.34 2.70 -12.09
N PRO J 88 63.78 3.73 -11.44
CA PRO J 88 64.54 4.36 -10.34
C PRO J 88 64.89 3.39 -9.23
N SER J 89 64.08 2.36 -9.03
CA SER J 89 64.35 1.37 -8.00
C SER J 89 65.22 0.23 -8.48
N LEU J 90 65.38 0.06 -9.78
CA LEU J 90 66.06 -1.11 -10.32
C LEU J 90 67.12 -0.80 -11.36
N GLY J 91 67.09 0.38 -11.98
CA GLY J 91 68.04 0.67 -13.03
C GLY J 91 69.45 0.77 -12.48
N LEU J 92 70.38 0.25 -13.26
CA LEU J 92 71.79 0.29 -12.86
C LEU J 92 72.36 1.70 -13.02
N GLU J 93 71.98 2.38 -14.09
CA GLU J 93 72.56 3.68 -14.42
C GLU J 93 72.19 4.73 -13.39
N LEU J 94 73.15 5.59 -13.07
CA LEU J 94 72.90 6.76 -12.26
C LEU J 94 73.39 7.99 -13.00
N GLY J 95 72.99 9.14 -12.50
CA GLY J 95 73.57 10.40 -12.95
C GLY J 95 73.45 10.56 -14.45
N ASN J 96 74.57 10.91 -15.07
CA ASN J 96 74.53 11.29 -16.48
C ASN J 96 74.25 10.11 -17.39
N ASN J 97 74.66 8.89 -17.04
CA ASN J 97 74.32 7.73 -17.85
C ASN J 97 72.81 7.49 -17.86
N ALA J 98 72.19 7.58 -16.68
CA ALA J 98 70.74 7.48 -16.61
C ALA J 98 70.07 8.58 -17.41
N GLN J 99 70.57 9.82 -17.26
CA GLN J 99 69.99 10.94 -18.01
C GLN J 99 70.15 10.73 -19.50
N LYS J 100 71.25 10.12 -19.92
CA LYS J 100 71.44 9.82 -21.33
C LYS J 100 70.34 8.87 -21.80
N VAL J 101 70.04 7.85 -21.01
CA VAL J 101 68.94 6.95 -21.36
C VAL J 101 67.64 7.74 -21.48
N PHE J 102 67.36 8.60 -20.49
CA PHE J 102 66.09 9.33 -20.48
C PHE J 102 65.99 10.26 -21.67
N TRP J 103 67.06 11.00 -21.96
CA TRP J 103 67.03 11.95 -23.06
C TRP J 103 66.92 11.24 -24.39
N ASP J 104 67.59 10.09 -24.55
CA ASP J 104 67.44 9.32 -25.78
C ASP J 104 66.00 8.88 -25.97
N CYS J 105 65.33 8.46 -24.89
CA CYS J 105 63.92 8.12 -25.00
C CYS J 105 63.08 9.35 -25.33
N ALA J 106 63.36 10.48 -24.68
CA ALA J 106 62.50 11.65 -24.83
C ALA J 106 62.62 12.26 -26.22
N LYS J 107 63.83 12.30 -26.78
CA LYS J 107 64.06 12.91 -28.07
C LYS J 107 63.87 11.95 -29.24
N GLY J 108 63.54 10.69 -28.97
CA GLY J 108 63.34 9.74 -30.04
C GLY J 108 64.60 9.10 -30.57
N GLU J 109 65.75 9.32 -29.92
CA GLU J 109 67.00 8.71 -30.37
C GLU J 109 66.93 7.19 -30.28
N ARG J 110 66.24 6.68 -29.27
CA ARG J 110 65.97 5.26 -29.12
C ARG J 110 64.47 5.07 -28.91
N PRO J 111 63.91 3.97 -29.39
CA PRO J 111 62.47 3.75 -29.25
C PRO J 111 62.06 3.57 -27.81
N LEU J 112 60.86 4.06 -27.51
CA LEU J 112 60.25 3.91 -26.18
C LEU J 112 58.90 3.26 -26.41
N ASP J 113 58.80 1.96 -26.12
CA ASP J 113 57.57 1.25 -26.39
C ASP J 113 56.57 1.45 -25.26
N ILE J 114 56.99 1.30 -24.02
CA ILE J 114 56.11 1.45 -22.87
C ILE J 114 56.76 2.41 -21.90
N PHE J 115 56.07 3.49 -21.62
CA PHE J 115 56.45 4.41 -20.56
C PHE J 115 55.51 4.12 -19.40
N VAL J 116 56.05 3.54 -18.35
CA VAL J 116 55.30 3.33 -17.13
C VAL J 116 55.58 4.50 -16.22
N PHE J 117 54.50 5.05 -15.69
CA PHE J 117 54.68 6.17 -14.75
C PHE J 117 53.98 5.79 -13.46
N GLU J 118 54.71 5.98 -12.40
CA GLU J 118 54.18 5.64 -11.08
C GLU J 118 54.25 6.92 -10.25
N GLY J 119 53.31 7.10 -9.35
CA GLY J 119 53.36 8.36 -8.63
C GLY J 119 52.65 9.46 -9.36
N THR J 120 52.44 10.54 -8.65
CA THR J 120 51.69 11.61 -9.28
C THR J 120 52.57 12.50 -10.13
N VAL J 121 51.93 13.17 -11.05
CA VAL J 121 52.60 14.26 -11.75
C VAL J 121 52.55 15.45 -10.81
N ILE J 122 53.68 15.83 -10.26
CA ILE J 122 53.73 16.91 -9.30
C ILE J 122 53.92 18.21 -10.06
N GLU J 123 53.01 19.15 -9.88
CA GLU J 123 53.07 20.42 -10.57
C GLU J 123 53.46 21.57 -9.67
N ALA J 124 53.30 21.44 -8.36
CA ALA J 124 53.69 22.50 -7.46
C ALA J 124 55.22 22.61 -7.40
N PRO J 125 55.74 23.79 -7.06
CA PRO J 125 55.00 25.02 -6.76
C PRO J 125 54.60 25.79 -8.01
N ASN J 126 53.42 26.39 -8.00
CA ASN J 126 52.99 27.34 -9.04
C ASN J 126 53.12 26.74 -10.43
N GLY J 127 52.80 25.46 -10.57
CA GLY J 127 52.87 24.82 -11.86
C GLY J 127 54.27 24.56 -12.38
N THR J 128 55.30 24.85 -11.59
CA THR J 128 56.67 24.59 -12.02
C THR J 128 57.07 23.14 -11.87
N GLY J 129 56.42 22.39 -11.00
CA GLY J 129 56.78 21.00 -10.80
C GLY J 129 58.06 20.78 -10.03
N GLN J 130 58.60 21.82 -9.40
CA GLN J 130 59.89 21.71 -8.74
C GLN J 130 59.82 20.99 -7.40
N MET J 131 58.63 20.66 -6.92
CA MET J 131 58.52 19.73 -5.81
C MET J 131 58.82 18.30 -6.24
N ASP J 132 59.06 18.08 -7.53
CA ASP J 132 59.51 16.79 -8.04
C ASP J 132 60.54 17.07 -9.12
N MET J 133 61.79 17.23 -8.71
CA MET J 133 62.89 17.44 -9.62
C MET J 133 63.56 16.10 -9.86
N PHE J 134 63.64 15.70 -11.11
CA PHE J 134 64.22 14.41 -11.47
C PHE J 134 65.17 14.59 -12.63
N ALA J 135 66.41 14.16 -12.44
CA ALA J 135 67.42 14.13 -13.50
C ALA J 135 67.53 15.48 -14.19
N GLY J 136 67.51 16.55 -13.39
CA GLY J 136 67.74 17.88 -13.89
C GLY J 136 66.53 18.61 -14.44
N ARG J 137 65.35 18.02 -14.35
CA ARG J 137 64.13 18.65 -14.83
C ARG J 137 63.01 18.42 -13.82
N PRO J 138 61.99 19.26 -13.82
CA PRO J 138 60.75 18.87 -13.13
C PRO J 138 60.26 17.57 -13.73
N MET J 139 59.80 16.66 -12.88
CA MET J 139 59.38 15.37 -13.38
C MET J 139 58.27 15.52 -14.41
N LYS J 140 57.41 16.53 -14.23
CA LYS J 140 56.31 16.72 -15.18
C LYS J 140 56.83 16.97 -16.59
N ASP J 141 57.98 17.62 -16.73
CA ASP J 141 58.56 17.81 -18.06
C ASP J 141 59.00 16.48 -18.65
N TRP J 142 59.65 15.64 -17.84
CA TRP J 142 59.95 14.29 -18.28
C TRP J 142 58.69 13.58 -18.72
N VAL J 143 57.62 13.73 -17.94
CA VAL J 143 56.37 13.05 -18.28
C VAL J 143 55.87 13.52 -19.62
N THR J 144 55.87 14.83 -19.84
CA THR J 144 55.46 15.37 -21.13
C THR J 144 56.24 14.73 -22.26
N ASP J 145 57.57 14.77 -22.16
CA ASP J 145 58.41 14.27 -23.25
C ASP J 145 58.22 12.77 -23.46
N LEU J 146 58.25 12.00 -22.38
CA LEU J 146 58.25 10.55 -22.52
C LEU J 146 56.88 10.02 -22.89
N ALA J 147 55.82 10.60 -22.32
CA ALA J 147 54.48 10.23 -22.74
C ALA J 147 54.27 10.57 -24.21
N GLY J 148 54.84 11.69 -24.68
CA GLY J 148 54.78 11.98 -26.09
C GLY J 148 55.63 11.07 -26.94
N ALA J 149 56.63 10.42 -26.35
CA ALA J 149 57.51 9.54 -27.11
C ALA J 149 57.06 8.09 -27.09
N ALA J 150 56.36 7.66 -26.05
CA ALA J 150 56.08 6.25 -25.86
C ALA J 150 55.04 5.74 -26.84
N GLN J 151 55.17 4.46 -27.21
CA GLN J 151 54.11 3.79 -27.96
C GLN J 151 52.89 3.59 -27.09
N ILE J 152 53.11 3.22 -25.84
CA ILE J 152 52.07 2.99 -24.84
C ILE J 152 52.50 3.69 -23.57
N VAL J 153 51.57 4.39 -22.94
CA VAL J 153 51.81 4.99 -21.63
C VAL J 153 50.93 4.26 -20.63
N VAL J 154 51.54 3.76 -19.58
CA VAL J 154 50.83 3.07 -18.51
C VAL J 154 51.03 3.85 -17.24
N ALA J 155 49.94 4.32 -16.65
CA ALA J 155 49.97 4.88 -15.32
C ALA J 155 49.69 3.75 -14.35
N ILE J 156 50.66 3.49 -13.48
CA ILE J 156 50.47 2.38 -12.52
C ILE J 156 50.23 2.99 -11.15
N GLY J 157 49.13 2.60 -10.54
CA GLY J 157 48.80 3.12 -9.21
C GLY J 157 47.96 4.38 -9.30
N ASP J 158 47.12 4.59 -8.29
CA ASP J 158 46.19 5.73 -8.31
C ASP J 158 46.93 7.05 -8.48
N CYS J 159 48.09 7.15 -7.84
CA CYS J 159 48.79 8.44 -7.92
C CYS J 159 48.93 8.79 -9.40
N ALA J 160 49.44 7.84 -10.15
CA ALA J 160 49.71 8.15 -11.58
C ALA J 160 48.39 8.20 -12.36
N CYS J 161 47.46 7.31 -12.03
CA CYS J 161 46.21 7.25 -12.78
C CYS J 161 45.35 8.47 -12.53
N PHE J 162 45.16 8.83 -11.27
CA PHE J 162 44.15 9.78 -10.86
C PHE J 162 44.63 10.81 -9.86
N GLY J 163 45.86 10.72 -9.37
CA GLY J 163 46.31 11.68 -8.39
C GLY J 163 46.44 11.07 -7.01
N GLY J 164 45.52 10.18 -6.67
CA GLY J 164 45.63 9.35 -5.50
C GLY J 164 45.80 10.13 -4.21
N ILE J 165 46.53 9.52 -3.28
CA ILE J 165 46.70 10.12 -1.96
C ILE J 165 47.38 11.47 -2.02
N PRO J 166 48.45 11.69 -2.78
CA PRO J 166 49.05 13.03 -2.78
C PRO J 166 48.11 14.11 -3.27
N ALA J 167 47.13 13.76 -4.10
CA ALA J 167 46.15 14.71 -4.58
C ALA J 167 45.05 15.00 -3.56
N MET J 168 45.03 14.29 -2.44
CA MET J 168 44.14 14.65 -1.33
C MET J 168 44.33 16.12 -0.97
N GLU J 169 43.23 16.79 -0.67
CA GLU J 169 43.33 18.16 -0.22
C GLU J 169 44.20 18.21 1.04
N PRO J 170 45.04 19.24 1.19
CA PRO J 170 45.15 20.40 0.31
C PRO J 170 46.05 20.23 -0.91
N ASN J 171 46.49 19.01 -1.21
CA ASN J 171 47.32 18.72 -2.37
C ASN J 171 48.54 19.64 -2.42
N PRO J 172 49.42 19.57 -1.42
CA PRO J 172 50.56 20.51 -1.38
C PRO J 172 51.46 20.39 -2.60
N SER J 173 51.58 19.19 -3.17
CA SER J 173 52.48 18.97 -4.29
C SER J 173 51.83 19.31 -5.63
N GLY J 174 50.59 19.79 -5.62
CA GLY J 174 49.93 20.03 -6.89
C GLY J 174 49.87 18.75 -7.70
N SER J 175 49.64 17.63 -7.04
CA SER J 175 49.67 16.33 -7.69
C SER J 175 48.45 16.15 -8.57
N THR J 176 48.64 15.43 -9.67
CA THR J 176 47.55 15.03 -10.53
C THR J 176 47.94 13.73 -11.20
N GLY J 177 46.96 13.06 -11.77
CA GLY J 177 47.26 11.87 -12.54
C GLY J 177 47.67 12.22 -13.95
N LEU J 178 48.09 11.19 -14.68
CA LEU J 178 48.52 11.39 -16.06
C LEU J 178 47.38 11.91 -16.92
N GLN J 179 46.26 11.22 -16.91
CA GLN J 179 45.11 11.58 -17.73
C GLN J 179 43.85 11.80 -16.92
N PHE J 180 43.94 11.72 -15.60
CA PHE J 180 42.81 11.99 -14.74
C PHE J 180 43.27 12.80 -13.55
N HIS J 181 42.39 13.63 -13.05
CA HIS J 181 42.50 14.12 -11.69
C HIS J 181 41.27 13.60 -10.96
N LYS J 182 41.48 12.62 -10.09
CA LYS J 182 40.38 11.85 -9.53
C LYS J 182 39.51 11.37 -10.68
N ARG J 183 38.19 11.48 -10.56
CA ARG J 183 37.34 10.96 -11.63
C ARG J 183 37.39 11.82 -12.88
N GLU J 184 37.78 13.09 -12.76
CA GLU J 184 37.72 13.99 -13.89
C GLU J 184 38.80 13.65 -14.91
N LYS J 185 38.38 13.30 -16.12
CA LYS J 185 39.33 13.00 -17.18
C LYS J 185 40.13 14.23 -17.57
N GLY J 186 41.41 14.01 -17.84
CA GLY J 186 42.30 15.02 -18.38
C GLY J 186 43.64 15.04 -17.66
N GLY J 187 43.62 15.01 -16.34
CA GLY J 187 44.83 15.00 -15.56
C GLY J 187 45.93 15.90 -16.08
N PHE J 188 47.15 15.39 -16.12
CA PHE J 188 48.26 16.21 -16.58
C PHE J 188 48.35 16.26 -18.10
N LEU J 189 48.12 15.14 -18.77
CA LEU J 189 48.33 15.05 -20.20
C LEU J 189 47.15 15.55 -21.02
N GLY J 190 46.00 15.78 -20.40
CA GLY J 190 44.84 16.22 -21.13
C GLY J 190 43.96 15.05 -21.51
N PRO J 191 42.65 15.29 -21.65
CA PRO J 191 41.74 14.20 -22.01
C PRO J 191 42.03 13.59 -23.37
N ASP J 192 42.62 14.35 -24.27
CA ASP J 192 42.80 13.92 -25.64
C ASP J 192 44.17 13.31 -25.91
N PHE J 193 45.00 13.15 -24.87
CA PHE J 193 46.29 12.54 -25.07
C PHE J 193 46.11 11.11 -25.57
N ARG J 194 46.89 10.76 -26.59
CA ARG J 194 46.99 9.38 -27.04
C ARG J 194 48.46 9.06 -27.25
N SER J 195 48.85 7.85 -26.86
CA SER J 195 50.20 7.42 -27.14
C SER J 195 50.34 7.12 -28.62
N LYS J 196 51.55 6.74 -29.04
CA LYS J 196 51.79 6.51 -30.47
C LYS J 196 51.04 5.28 -30.99
N MET J 197 50.69 4.34 -30.13
CA MET J 197 49.84 3.24 -30.57
C MET J 197 48.36 3.61 -30.55
N GLY J 198 48.04 4.88 -30.32
CA GLY J 198 46.68 5.35 -30.33
C GLY J 198 45.93 5.18 -29.04
N LEU J 199 46.53 4.57 -28.04
CA LEU J 199 45.83 4.32 -26.79
C LEU J 199 45.89 5.54 -25.89
N PRO J 200 44.90 5.73 -25.04
CA PRO J 200 45.06 6.71 -23.97
C PRO J 200 46.04 6.13 -22.96
N VAL J 201 46.32 6.88 -21.89
CA VAL J 201 47.07 6.28 -20.80
C VAL J 201 46.31 5.07 -20.29
N ILE J 202 46.97 3.92 -20.24
CA ILE J 202 46.40 2.73 -19.64
C ILE J 202 46.51 2.90 -18.14
N ASN J 203 45.38 3.02 -17.47
CA ASN J 203 45.36 3.23 -16.02
C ASN J 203 45.29 1.88 -15.34
N VAL J 204 46.36 1.50 -14.67
CA VAL J 204 46.39 0.32 -13.81
C VAL J 204 46.29 0.86 -12.39
N PRO J 205 45.06 1.04 -11.85
CA PRO J 205 44.94 1.73 -10.61
C PRO J 205 45.25 0.82 -9.43
N GLY J 206 44.85 1.27 -8.26
CA GLY J 206 45.22 0.53 -7.08
C GLY J 206 46.24 1.35 -6.32
N CYS J 207 46.35 1.04 -5.05
CA CYS J 207 47.29 1.84 -4.25
C CYS J 207 47.88 0.87 -3.23
N PRO J 208 48.76 -0.03 -3.66
CA PRO J 208 49.28 -0.02 -5.02
C PRO J 208 48.49 -0.97 -5.95
N ALA J 209 48.85 -0.89 -7.22
CA ALA J 209 48.31 -1.90 -8.14
C ALA J 209 48.84 -3.26 -7.73
N HIS J 210 48.01 -4.26 -7.90
CA HIS J 210 48.44 -5.64 -7.78
C HIS J 210 49.44 -5.96 -8.88
N PRO J 211 50.46 -6.77 -8.61
CA PRO J 211 51.46 -7.05 -9.66
C PRO J 211 50.84 -7.58 -10.93
N ASP J 212 49.80 -8.39 -10.82
CA ASP J 212 49.23 -9.00 -12.06
C ASP J 212 48.57 -7.92 -12.90
N TRP J 213 48.06 -6.88 -12.27
CA TRP J 213 47.31 -5.86 -13.05
C TRP J 213 48.23 -5.24 -14.09
N ILE J 214 49.52 -5.22 -13.80
CA ILE J 214 50.49 -4.65 -14.76
C ILE J 214 51.18 -5.80 -15.51
N THR J 215 51.61 -6.82 -14.79
CA THR J 215 52.41 -7.86 -15.43
C THR J 215 51.62 -8.59 -16.49
N GLN J 216 50.34 -8.88 -16.25
CA GLN J 216 49.56 -9.57 -17.26
C GLN J 216 49.31 -8.68 -18.46
N ILE J 217 49.16 -7.37 -18.23
CA ILE J 217 49.08 -6.44 -19.35
C ILE J 217 50.39 -6.46 -20.13
N LEU J 218 51.51 -6.45 -19.43
CA LEU J 218 52.82 -6.47 -20.10
C LEU J 218 53.01 -7.77 -20.86
N VAL J 219 52.58 -8.88 -20.28
CA VAL J 219 52.66 -10.17 -20.96
C VAL J 219 51.78 -10.15 -22.21
N ALA J 220 50.57 -9.61 -22.07
CA ALA J 220 49.66 -9.51 -23.21
C ALA J 220 50.29 -8.70 -24.34
N LEU J 221 50.90 -7.57 -23.98
CA LEU J 221 51.60 -6.77 -24.98
C LEU J 221 52.76 -7.55 -25.59
N ALA J 222 53.48 -8.30 -24.76
CA ALA J 222 54.64 -9.04 -25.21
C ALA J 222 54.30 -10.29 -25.99
N THR J 223 53.09 -10.83 -25.81
CA THR J 223 52.69 -12.07 -26.47
C THR J 223 51.74 -11.83 -27.63
N GLY J 224 51.66 -10.60 -28.12
CA GLY J 224 50.81 -10.32 -29.27
C GLY J 224 49.34 -10.20 -28.95
N ARG J 225 48.99 -10.02 -27.68
CA ARG J 225 47.59 -9.92 -27.27
C ARG J 225 47.21 -8.51 -26.86
N ALA J 226 47.93 -7.50 -27.35
CA ALA J 226 47.55 -6.12 -27.08
C ALA J 226 46.11 -5.86 -27.51
N GLY J 227 45.71 -6.43 -28.65
CA GLY J 227 44.35 -6.27 -29.13
C GLY J 227 43.31 -6.90 -28.23
N ASP J 228 43.70 -7.82 -27.35
CA ASP J 228 42.77 -8.36 -26.37
C ASP J 228 42.51 -7.41 -25.22
N ILE J 229 43.32 -6.37 -25.07
CA ILE J 229 43.19 -5.47 -23.93
C ILE J 229 42.09 -4.48 -24.23
N THR J 230 41.01 -4.53 -23.47
CA THR J 230 39.96 -3.52 -23.53
C THR J 230 40.03 -2.69 -22.26
N LEU J 231 39.80 -1.39 -22.41
CA LEU J 231 39.87 -0.44 -21.31
C LEU J 231 38.48 0.07 -20.99
N ASP J 232 38.20 0.27 -19.70
CA ASP J 232 36.90 0.83 -19.32
C ASP J 232 36.97 2.35 -19.46
N ASP J 233 35.94 3.04 -18.96
CA ASP J 233 35.88 4.49 -19.09
C ASP J 233 36.98 5.20 -18.31
N LEU J 234 37.56 4.54 -17.31
CA LEU J 234 38.69 5.08 -16.60
C LEU J 234 40.01 4.61 -17.16
N HIS J 235 40.00 4.03 -18.36
CA HIS J 235 41.17 3.47 -19.02
C HIS J 235 41.77 2.31 -18.23
N ARG J 236 40.98 1.66 -17.42
CA ARG J 236 41.48 0.50 -16.72
C ARG J 236 41.24 -0.77 -17.53
N PRO J 237 42.16 -1.72 -17.47
CA PRO J 237 41.95 -2.99 -18.19
C PRO J 237 40.72 -3.71 -17.67
N GLU J 238 39.74 -3.87 -18.56
CA GLU J 238 38.50 -4.53 -18.17
C GLU J 238 38.70 -5.97 -17.78
N THR J 239 39.79 -6.60 -18.22
CA THR J 239 40.06 -7.96 -17.78
C THR J 239 40.25 -8.05 -16.27
N PHE J 240 40.56 -6.93 -15.63
CA PHE J 240 40.70 -6.88 -14.18
C PHE J 240 39.63 -6.05 -13.50
N PHE J 241 39.02 -5.10 -14.20
CA PHE J 241 38.21 -4.08 -13.55
C PHE J 241 36.76 -4.09 -13.98
N LYS J 242 36.29 -5.17 -14.59
CA LYS J 242 34.86 -5.37 -14.69
C LYS J 242 34.30 -5.98 -13.42
N THR J 243 35.06 -6.85 -12.77
CA THR J 243 34.64 -7.39 -11.49
C THR J 243 34.70 -6.31 -10.42
N PHE J 244 34.13 -6.65 -9.27
CA PHE J 244 34.22 -5.73 -8.12
C PHE J 244 35.18 -6.33 -7.13
N THR J 245 35.62 -5.53 -6.16
CA THR J 245 36.42 -6.15 -5.11
C THR J 245 35.55 -7.26 -4.50
N GLN J 246 34.26 -6.97 -4.39
CA GLN J 246 33.37 -7.95 -3.72
C GLN J 246 33.38 -9.28 -4.48
N THR J 247 33.69 -9.22 -5.74
CA THR J 247 33.62 -10.44 -6.57
C THR J 247 34.67 -11.42 -6.05
N GLY J 248 34.21 -12.45 -5.37
CA GLY J 248 35.15 -13.45 -4.85
C GLY J 248 35.47 -13.16 -3.40
N CYS J 249 34.86 -12.11 -2.89
CA CYS J 249 35.08 -11.83 -1.45
C CYS J 249 34.53 -13.02 -0.65
N THR J 250 35.24 -13.43 0.37
CA THR J 250 34.78 -14.56 1.21
C THR J 250 33.57 -14.14 2.05
N ARG J 251 33.21 -12.86 2.02
CA ARG J 251 32.11 -12.41 2.93
C ARG J 251 30.83 -12.07 2.16
N VAL J 252 30.81 -12.36 0.87
CA VAL J 252 29.61 -11.97 0.08
C VAL J 252 28.37 -12.70 0.62
N GLN J 253 28.52 -13.93 1.09
CA GLN J 253 27.29 -14.58 1.60
C GLN J 253 26.77 -13.79 2.80
N PHE J 254 27.67 -13.30 3.62
CA PHE J 254 27.22 -12.47 4.76
C PHE J 254 26.60 -11.19 4.19
N PHE J 255 27.21 -10.66 3.15
CA PHE J 255 26.65 -9.45 2.51
C PHE J 255 25.23 -9.77 2.04
N GLU J 256 25.08 -10.89 1.37
CA GLU J 256 23.77 -11.26 0.79
C GLU J 256 22.73 -11.28 1.89
N TYR J 257 23.07 -11.81 3.03
CA TYR J 257 22.16 -11.94 4.16
C TYR J 257 22.29 -10.78 5.12
N LYS J 258 23.04 -9.75 4.74
CA LYS J 258 23.12 -8.51 5.51
C LYS J 258 23.57 -8.79 6.94
N GLN J 259 24.58 -9.67 7.04
CA GLN J 259 25.18 -10.01 8.35
C GLN J 259 26.47 -9.20 8.47
N SER J 260 26.51 -8.36 9.47
CA SER J 260 27.65 -7.44 9.52
C SER J 260 28.76 -7.92 10.42
N THR J 261 29.97 -7.73 9.94
CA THR J 261 31.08 -7.91 10.88
C THR J 261 30.87 -6.75 11.86
N LEU J 262 31.00 -7.01 13.14
CA LEU J 262 30.77 -6.02 14.16
C LEU J 262 32.05 -5.42 14.72
N SER J 263 33.15 -6.14 14.64
CA SER J 263 34.39 -5.66 15.24
C SER J 263 35.56 -6.28 14.50
N PHE J 264 36.72 -5.65 14.67
CA PHE J 264 37.93 -6.13 14.06
C PHE J 264 38.47 -7.33 14.83
N GLY J 265 39.60 -7.85 14.38
CA GLY J 265 40.17 -9.02 15.01
C GLY J 265 39.24 -10.21 14.83
N GLU J 266 38.99 -10.92 15.93
CA GLU J 266 38.15 -12.10 15.87
C GLU J 266 36.73 -11.78 15.39
N GLY J 267 36.29 -10.54 15.54
CA GLY J 267 35.00 -10.16 14.99
C GLY J 267 34.90 -10.38 13.49
N THR J 268 36.03 -10.38 12.80
CA THR J 268 36.03 -10.61 11.36
C THR J 268 36.00 -12.09 11.00
N ARG J 269 35.87 -12.98 11.97
CA ARG J 269 35.63 -14.38 11.64
C ARG J 269 34.24 -14.57 11.04
N THR J 270 33.49 -13.51 11.02
CA THR J 270 32.15 -13.59 10.42
C THR J 270 31.75 -12.26 9.83
N GLY J 271 30.68 -12.27 9.04
CA GLY J 271 30.14 -11.00 8.62
C GLY J 271 30.80 -10.35 7.45
N CYS J 272 30.10 -9.38 6.90
CA CYS J 272 30.65 -8.59 5.80
C CYS J 272 31.01 -7.21 6.36
N LEU J 273 32.02 -6.58 5.79
CA LEU J 273 32.54 -5.31 6.37
C LEU J 273 31.79 -4.11 5.83
N PHE J 274 30.80 -4.34 5.01
CA PHE J 274 30.16 -3.21 4.33
C PHE J 274 29.41 -2.31 5.29
N TYR J 275 28.77 -2.93 6.24
CA TYR J 275 27.82 -2.15 7.06
C TYR J 275 28.45 -1.36 8.19
N GLU J 276 29.49 -1.88 8.79
CA GLU J 276 30.09 -1.20 9.92
C GLU J 276 31.48 -0.65 9.64
N PHE J 277 32.16 -1.14 8.61
CA PHE J 277 33.53 -0.74 8.37
C PHE J 277 33.71 -0.03 7.04
N GLY J 278 32.65 0.35 6.39
CA GLY J 278 32.80 1.17 5.19
C GLY J 278 33.44 0.42 4.05
N CYS J 279 33.32 -0.89 4.07
CA CYS J 279 33.84 -1.65 2.91
C CYS J 279 33.28 -1.08 1.60
N ARG J 280 34.18 -0.71 0.70
CA ARG J 280 33.73 -0.21 -0.62
C ARG J 280 33.71 -1.33 -1.65
N GLY J 281 33.88 -2.56 -1.19
CA GLY J 281 33.91 -3.71 -2.12
C GLY J 281 32.85 -3.65 -3.20
N PRO J 282 31.57 -3.49 -2.85
CA PRO J 282 30.50 -3.53 -3.84
C PRO J 282 30.43 -2.27 -4.71
N MET J 283 31.27 -1.30 -4.42
CA MET J 283 31.28 -0.05 -5.23
C MET J 283 32.64 0.09 -5.90
N THR J 284 33.45 -0.95 -5.85
CA THR J 284 34.83 -0.81 -6.32
C THR J 284 35.15 -1.87 -7.35
N HIS J 285 35.61 -1.42 -8.50
CA HIS J 285 35.94 -2.37 -9.55
C HIS J 285 37.37 -2.82 -9.34
N SER J 286 37.57 -4.11 -9.27
CA SER J 286 38.90 -4.66 -9.01
C SER J 286 38.77 -6.17 -9.08
N PRO J 287 39.86 -6.90 -9.26
CA PRO J 287 39.79 -8.35 -9.16
C PRO J 287 40.49 -8.75 -7.85
N CYS J 288 40.41 -7.92 -6.81
CA CYS J 288 41.19 -8.22 -5.58
C CYS J 288 40.81 -9.55 -4.95
N ASN J 289 39.57 -9.95 -5.15
CA ASN J 289 39.14 -11.23 -4.57
C ASN J 289 39.10 -12.31 -5.64
N ARG J 290 39.33 -11.92 -6.87
CA ARG J 290 39.49 -12.92 -7.93
C ARG J 290 40.95 -13.32 -8.03
N ILE J 291 41.82 -12.35 -8.20
CA ILE J 291 43.26 -12.56 -8.21
C ILE J 291 43.76 -12.08 -6.85
N LEU J 292 44.10 -13.01 -6.02
CA LEU J 292 44.41 -12.61 -4.63
C LEU J 292 45.74 -11.89 -4.52
N TRP J 293 45.81 -11.06 -3.52
CA TRP J 293 47.04 -10.31 -3.27
C TRP J 293 48.10 -11.25 -2.72
N ASN J 294 49.32 -11.12 -3.24
CA ASN J 294 50.45 -11.93 -2.74
C ASN J 294 50.09 -13.41 -2.86
N ARG J 295 49.18 -13.72 -3.78
CA ARG J 295 48.70 -15.09 -3.94
C ARG J 295 48.13 -15.67 -2.66
N GLN J 296 47.74 -14.82 -1.73
CA GLN J 296 47.27 -15.28 -0.43
C GLN J 296 45.87 -14.82 -0.10
N SER J 297 45.59 -13.54 -0.24
CA SER J 297 44.44 -12.99 0.46
C SER J 297 44.01 -11.72 -0.24
N SER J 298 43.17 -10.99 0.47
CA SER J 298 42.76 -9.65 0.01
C SER J 298 42.44 -8.90 1.29
N LYS J 299 42.33 -7.59 1.17
CA LYS J 299 41.93 -6.88 2.39
C LYS J 299 40.65 -7.48 2.95
N THR J 300 39.65 -7.61 2.09
CA THR J 300 38.32 -7.99 2.63
C THR J 300 38.35 -9.38 3.24
N ARG J 301 39.01 -10.29 2.56
CA ARG J 301 39.15 -11.63 3.16
C ARG J 301 39.77 -11.49 4.54
N ALA J 302 40.83 -10.71 4.65
CA ALA J 302 41.55 -10.60 5.91
C ALA J 302 40.75 -9.88 6.98
N GLY J 303 39.64 -9.24 6.63
CA GLY J 303 38.90 -8.46 7.59
C GLY J 303 39.10 -6.96 7.45
N MET J 304 39.84 -6.52 6.47
CA MET J 304 39.98 -5.10 6.27
C MET J 304 39.02 -4.63 5.20
N PRO J 305 38.28 -3.53 5.44
CA PRO J 305 37.42 -3.04 4.40
C PRO J 305 38.18 -2.62 3.16
N CYS J 306 37.55 -2.89 2.04
CA CYS J 306 38.13 -2.34 0.81
C CYS J 306 37.99 -0.83 0.90
N LEU J 307 39.08 -0.15 0.61
CA LEU J 307 39.05 1.33 0.66
C LEU J 307 38.73 1.87 -0.73
N GLY J 308 38.34 1.01 -1.65
CA GLY J 308 37.97 1.46 -2.99
C GLY J 308 39.17 2.08 -3.70
N CYS J 309 40.35 1.54 -3.45
CA CYS J 309 41.56 2.18 -4.00
C CYS J 309 41.65 2.07 -5.52
N THR J 310 40.89 1.24 -6.17
CA THR J 310 41.06 1.18 -7.64
C THR J 310 40.15 2.22 -8.26
N GLU J 311 39.40 2.87 -7.41
CA GLU J 311 38.45 3.87 -7.91
C GLU J 311 39.13 5.24 -7.92
N PRO J 312 38.83 6.14 -8.88
CA PRO J 312 39.59 7.39 -9.00
C PRO J 312 39.42 8.33 -7.83
N GLU J 313 38.35 8.21 -7.06
CA GLU J 313 38.15 9.08 -5.91
C GLU J 313 39.04 8.71 -4.73
N PHE J 314 39.74 7.60 -4.79
CA PHE J 314 40.52 7.16 -3.66
C PHE J 314 41.57 8.21 -3.31
N PRO J 315 41.77 8.51 -2.02
CA PRO J 315 40.99 7.99 -0.88
C PRO J 315 39.64 8.64 -0.81
N HIS J 316 38.62 7.83 -0.65
CA HIS J 316 37.27 8.35 -0.72
C HIS J 316 37.01 9.28 0.46
N PHE J 317 36.24 10.33 0.20
CA PHE J 317 35.92 11.35 1.18
C PHE J 317 37.15 12.01 1.76
N ASP J 318 38.29 11.83 1.09
CA ASP J 318 39.56 12.40 1.54
C ASP J 318 39.85 12.02 2.98
N LEU J 319 39.40 10.84 3.39
CA LEU J 319 39.67 10.37 4.76
C LEU J 319 39.22 11.41 5.79
N ALA J 320 38.13 12.10 5.49
CA ALA J 320 37.60 13.08 6.41
C ALA J 320 37.19 12.38 7.70
N PRO J 321 37.14 13.13 8.81
CA PRO J 321 36.81 12.50 10.10
C PRO J 321 35.49 11.74 10.02
N GLY J 322 35.49 10.55 10.61
CA GLY J 322 34.32 9.70 10.63
C GLY J 322 34.14 8.81 9.42
N THR J 323 35.03 8.89 8.44
CA THR J 323 34.88 8.11 7.22
C THR J 323 35.86 6.95 7.11
N VAL J 324 36.75 6.78 8.08
CA VAL J 324 37.81 5.78 7.99
C VAL J 324 37.36 4.54 8.74
N PHE J 325 37.24 3.43 8.01
CA PHE J 325 36.79 2.15 8.56
C PHE J 325 35.42 2.31 9.22
N LYS J 326 34.59 3.16 8.63
CA LYS J 326 33.23 3.36 9.09
C LYS J 326 32.32 3.47 7.88
N THR J 327 31.10 2.96 8.03
CA THR J 327 30.08 3.12 7.01
C THR J 327 29.25 4.34 7.36
N GLN J 328 29.33 5.37 6.52
CA GLN J 328 28.44 6.51 6.71
C GLN J 328 27.00 6.08 6.44
N LYS J 329 26.13 6.39 7.38
CA LYS J 329 24.75 5.94 7.31
C LYS J 329 23.81 7.12 7.48
N VAL J 330 22.65 7.01 6.84
CA VAL J 330 21.56 7.96 7.00
C VAL J 330 20.59 7.37 8.02
N SER J 331 20.25 8.16 9.03
CA SER J 331 19.34 7.74 10.10
C SER J 331 19.88 6.53 10.84
N GLY J 332 21.20 6.31 10.81
CA GLY J 332 21.83 5.25 11.55
C GLY J 332 21.65 3.86 10.99
N MET J 333 21.03 3.69 9.82
CA MET J 333 20.75 2.30 9.36
C MET J 333 20.83 2.19 7.84
N ILE J 334 20.61 3.30 7.14
CA ILE J 334 20.70 3.25 5.68
C ILE J 334 22.10 3.69 5.28
N PRO J 335 22.88 2.84 4.62
CA PRO J 335 24.19 3.30 4.14
C PRO J 335 24.00 4.46 3.17
N LYS J 336 24.87 5.46 3.29
CA LYS J 336 24.84 6.58 2.36
C LYS J 336 25.10 6.10 0.94
N GLU J 337 26.07 5.21 0.77
CA GLU J 337 26.40 4.63 -0.52
C GLU J 337 25.96 3.18 -0.53
N VAL J 338 25.19 2.81 -1.54
CA VAL J 338 24.73 1.45 -1.70
C VAL J 338 25.60 0.80 -2.78
N PRO J 339 25.53 -0.52 -2.98
CA PRO J 339 26.36 -1.14 -4.01
C PRO J 339 26.10 -0.54 -5.38
N GLU J 340 27.10 -0.68 -6.24
CA GLU J 340 27.02 -0.14 -7.58
C GLU J 340 25.78 -0.66 -8.30
N GLY J 341 25.03 0.25 -8.93
CA GLY J 341 23.88 -0.18 -9.74
C GLY J 341 22.63 -0.48 -8.94
N THR J 342 22.66 -0.24 -7.64
CA THR J 342 21.45 -0.44 -6.83
C THR J 342 20.95 0.92 -6.38
N ASP J 343 19.69 1.00 -6.00
CA ASP J 343 19.18 2.25 -5.42
C ASP J 343 18.85 1.96 -3.97
N HIS J 344 18.81 2.98 -3.14
CA HIS J 344 18.61 2.81 -1.71
C HIS J 344 17.30 2.10 -1.42
N LEU J 345 16.26 2.38 -2.18
CA LEU J 345 14.95 1.78 -1.92
C LEU J 345 14.99 0.27 -2.11
N THR J 346 15.37 -0.15 -3.30
CA THR J 346 15.46 -1.59 -3.59
C THR J 346 16.49 -2.21 -2.65
N TYR J 347 17.66 -1.61 -2.53
CA TYR J 347 18.71 -2.18 -1.71
C TYR J 347 18.22 -2.42 -0.29
N MET J 348 17.55 -1.44 0.30
CA MET J 348 17.08 -1.59 1.67
C MET J 348 15.94 -2.60 1.77
N GLY J 349 15.04 -2.63 0.79
CA GLY J 349 13.99 -3.63 0.81
C GLY J 349 14.56 -5.04 0.75
N LEU J 350 15.48 -5.26 -0.19
CA LEU J 350 16.13 -6.56 -0.29
C LEU J 350 16.93 -6.86 0.95
N ALA J 351 17.52 -5.84 1.56
CA ALA J 351 18.31 -6.04 2.77
C ALA J 351 17.42 -6.51 3.92
N ALA J 352 16.24 -5.91 4.06
CA ALA J 352 15.30 -6.35 5.09
C ALA J 352 14.87 -7.78 4.82
N ALA J 353 14.54 -8.08 3.57
CA ALA J 353 14.14 -9.44 3.21
C ALA J 353 15.25 -10.43 3.51
N ALA J 354 16.49 -10.09 3.17
CA ALA J 354 17.61 -10.97 3.41
C ALA J 354 17.86 -11.16 4.90
N ARG J 355 17.76 -10.08 5.65
CA ARG J 355 17.91 -10.19 7.13
C ARG J 355 16.88 -11.17 7.67
N ILE J 356 15.64 -11.13 7.15
CA ILE J 356 14.60 -12.05 7.58
C ILE J 356 14.96 -13.48 7.16
N ALA J 357 15.45 -13.64 5.94
CA ALA J 357 15.73 -14.97 5.39
C ALA J 357 17.07 -15.54 5.84
N ALA J 358 17.87 -14.77 6.57
CA ALA J 358 19.26 -15.13 6.80
C ALA J 358 19.37 -16.48 7.51
N PRO J 359 20.13 -17.41 6.98
CA PRO J 359 20.32 -18.69 7.66
C PRO J 359 21.22 -18.53 8.88
N GLN J 360 21.16 -19.54 9.76
CA GLN J 360 21.87 -19.45 11.02
C GLN J 360 23.38 -19.34 10.83
N TRP J 361 23.93 -20.09 9.87
CA TRP J 361 25.38 -20.05 9.67
C TRP J 361 25.85 -18.65 9.29
N SER J 362 25.02 -17.87 8.61
CA SER J 362 25.42 -16.52 8.24
C SER J 362 25.54 -15.61 9.44
N LYS J 363 25.03 -16.03 10.60
CA LYS J 363 25.12 -15.26 11.82
C LYS J 363 26.22 -15.75 12.75
N GLU J 364 27.02 -16.70 12.30
CA GLU J 364 28.05 -17.30 13.13
C GLU J 364 29.42 -17.17 12.49
N ASP J 365 30.45 -17.41 13.30
CA ASP J 365 31.81 -17.42 12.79
C ASP J 365 31.93 -18.45 11.68
N MET J 366 32.61 -18.07 10.62
CA MET J 366 32.88 -19.02 9.56
C MET J 366 34.37 -19.14 9.26
N PHE J 367 35.13 -18.06 9.43
CA PHE J 367 36.58 -18.12 9.26
C PHE J 367 37.20 -18.47 10.61
N VAL J 368 36.95 -19.70 10.99
CA VAL J 368 37.31 -20.20 12.30
C VAL J 368 38.75 -20.69 12.25
N VAL J 369 39.35 -20.79 13.44
CA VAL J 369 40.71 -21.28 13.56
C VAL J 369 40.83 -22.66 12.93
N LEU K 3 30.90 36.27 75.50
CA LEU K 3 31.48 35.27 74.62
C LEU K 3 30.68 35.11 73.34
N ASP K 4 31.27 35.44 72.21
CA ASP K 4 30.63 35.18 70.93
C ASP K 4 30.86 33.73 70.55
N LEU K 5 29.78 32.97 70.45
CA LEU K 5 29.84 31.56 70.11
C LEU K 5 29.14 31.35 68.78
N PHE K 6 29.84 30.79 67.81
CA PHE K 6 29.26 30.46 66.51
C PHE K 6 29.17 28.95 66.42
N VAL K 7 27.95 28.43 66.40
CA VAL K 7 27.69 27.00 66.33
C VAL K 7 27.34 26.66 64.89
N SER K 8 28.16 25.83 64.28
CA SER K 8 27.99 25.42 62.90
C SER K 8 28.57 24.02 62.74
N PRO K 9 27.76 23.05 62.30
CA PRO K 9 26.34 23.20 62.05
C PRO K 9 25.53 22.98 63.32
N LEU K 10 24.32 23.52 63.37
CA LEU K 10 23.34 23.09 64.35
C LEU K 10 22.39 22.16 63.60
N GLY K 11 22.70 20.88 63.61
CA GLY K 11 21.96 19.91 62.82
C GLY K 11 20.64 19.56 63.45
N ARG K 12 20.01 18.54 62.87
CA ARG K 12 18.68 18.09 63.28
C ARG K 12 17.68 19.24 63.24
N VAL K 13 17.82 20.08 62.23
CA VAL K 13 16.83 21.12 61.93
C VAL K 13 16.47 21.05 60.46
N GLU K 14 16.61 19.86 59.87
CA GLU K 14 16.20 19.62 58.49
C GLU K 14 16.79 20.68 57.56
N GLY K 15 18.09 20.82 57.61
CA GLY K 15 18.76 21.74 56.74
C GLY K 15 19.93 22.38 57.42
N ASP K 16 20.39 23.47 56.81
CA ASP K 16 21.67 24.07 57.15
C ASP K 16 21.42 25.30 58.03
N LEU K 17 21.80 25.18 59.30
CA LEU K 17 21.60 26.24 60.25
C LEU K 17 22.90 26.49 60.99
N ASP K 18 23.28 27.74 61.09
CA ASP K 18 24.31 28.16 62.02
C ASP K 18 23.67 29.11 63.02
N VAL K 19 24.14 29.07 64.25
CA VAL K 19 23.60 29.94 65.28
C VAL K 19 24.74 30.71 65.91
N ARG K 20 24.69 32.02 65.82
CA ARG K 20 25.64 32.86 66.53
C ARG K 20 24.94 33.38 67.78
N VAL K 21 25.62 33.32 68.91
CA VAL K 21 25.05 33.81 70.16
C VAL K 21 26.09 34.64 70.88
N THR K 22 25.64 35.70 71.51
CA THR K 22 26.42 36.39 72.50
C THR K 22 26.04 35.83 73.86
N ILE K 23 27.02 35.38 74.62
CA ILE K 23 26.80 34.78 75.93
C ILE K 23 27.42 35.69 76.97
N ASN K 24 26.65 36.03 77.99
CA ASN K 24 27.16 36.75 79.15
C ASN K 24 26.71 36.03 80.41
N ASP K 25 27.67 35.69 81.27
CA ASP K 25 27.41 34.98 82.51
C ASP K 25 26.63 33.68 82.26
N GLY K 26 27.02 32.98 81.19
CA GLY K 26 26.40 31.70 80.90
C GLY K 26 25.00 31.77 80.35
N VAL K 27 24.57 32.94 79.88
CA VAL K 27 23.23 33.14 79.35
C VAL K 27 23.35 33.80 77.99
N VAL K 28 22.61 33.30 77.00
CA VAL K 28 22.56 33.95 75.71
C VAL K 28 21.89 35.32 75.86
N THR K 29 22.58 36.37 75.44
CA THR K 29 22.04 37.71 75.49
C THR K 29 21.61 38.24 74.12
N SER K 30 22.18 37.71 73.05
CA SER K 30 21.70 38.01 71.72
C SER K 30 21.92 36.79 70.86
N ALA K 31 21.12 36.65 69.81
CA ALA K 31 21.24 35.49 68.95
C ALA K 31 20.96 35.90 67.52
N TRP K 32 21.67 35.25 66.62
CA TRP K 32 21.47 35.35 65.18
C TRP K 32 21.30 33.94 64.65
N THR K 33 20.20 33.71 63.94
CA THR K 33 20.02 32.47 63.21
C THR K 33 20.44 32.71 61.77
N GLU K 34 21.30 31.85 61.26
CA GLU K 34 21.83 31.97 59.91
C GLU K 34 21.39 30.74 59.14
N ALA K 35 20.36 30.90 58.33
CA ALA K 35 20.02 29.90 57.33
C ALA K 35 21.07 29.94 56.23
N ALA K 36 21.74 28.82 55.98
CA ALA K 36 22.97 28.84 55.21
C ALA K 36 22.86 28.23 53.82
N MET K 37 21.70 27.68 53.45
CA MET K 37 21.59 26.99 52.17
C MET K 37 20.38 27.51 51.42
N PHE K 38 20.60 27.86 50.15
CA PHE K 38 19.59 28.50 49.31
C PHE K 38 19.42 27.69 48.03
N ARG K 39 18.17 27.38 47.68
CA ARG K 39 17.87 26.72 46.43
C ARG K 39 17.07 27.60 45.47
N GLY K 40 16.29 28.54 45.98
CA GLY K 40 15.60 29.49 45.13
C GLY K 40 14.44 28.92 44.35
N PHE K 41 13.60 28.12 44.99
CA PHE K 41 12.49 27.51 44.28
C PHE K 41 11.50 28.56 43.80
N GLU K 42 11.37 29.67 44.52
CA GLU K 42 10.48 30.74 44.06
C GLU K 42 10.98 31.32 42.75
N ILE K 43 12.30 31.46 42.62
CA ILE K 43 12.89 31.91 41.37
C ILE K 43 12.60 30.89 40.27
N ILE K 44 12.79 29.62 40.58
CA ILE K 44 12.60 28.58 39.57
C ILE K 44 11.16 28.54 39.09
N LEU K 45 10.20 28.72 40.00
CA LEU K 45 8.80 28.58 39.64
C LEU K 45 8.32 29.67 38.70
N ARG K 46 8.99 30.81 38.68
CA ARG K 46 8.57 31.89 37.81
C ARG K 46 8.59 31.44 36.36
N GLY K 47 7.49 31.68 35.65
CA GLY K 47 7.38 31.33 34.26
C GLY K 47 7.05 29.88 34.00
N LYS K 48 6.97 29.05 35.04
CA LYS K 48 6.66 27.65 34.87
C LYS K 48 5.15 27.45 34.73
N ASP K 49 4.77 26.22 34.48
CA ASP K 49 3.35 25.89 34.39
C ASP K 49 2.64 26.29 35.67
N PRO K 50 1.41 26.79 35.60
CA PRO K 50 0.73 27.22 36.84
C PRO K 50 0.65 26.14 37.89
N GLN K 51 0.64 24.88 37.50
CA GLN K 51 0.62 23.78 38.46
C GLN K 51 2.00 23.28 38.81
N ALA K 52 3.06 23.94 38.33
CA ALA K 52 4.40 23.49 38.65
C ALA K 52 4.64 23.52 40.15
N GLY K 53 3.92 24.37 40.87
CA GLY K 53 4.05 24.39 42.32
C GLY K 53 3.74 23.04 42.95
N LEU K 54 2.76 22.33 42.40
CA LEU K 54 2.40 21.03 42.94
C LEU K 54 3.56 20.05 42.88
N ILE K 55 4.47 20.25 41.94
CA ILE K 55 5.65 19.39 41.84
C ILE K 55 6.82 19.97 42.62
N VAL K 56 7.02 21.28 42.52
CA VAL K 56 8.21 21.92 43.06
C VAL K 56 8.09 22.12 44.57
N CYS K 57 6.97 22.69 45.01
CA CYS K 57 6.83 23.03 46.42
C CYS K 57 6.99 21.85 47.36
N PRO K 58 6.49 20.62 47.06
CA PRO K 58 6.74 19.53 47.97
C PRO K 58 8.27 19.37 48.12
N ARG K 59 9.01 19.65 47.05
CA ARG K 59 10.48 19.48 47.12
C ARG K 59 11.14 20.58 47.93
N ILE K 60 10.35 21.50 48.45
CA ILE K 60 10.97 22.47 49.38
C ILE K 60 11.41 21.65 50.60
N CYS K 61 10.67 20.57 50.86
CA CYS K 61 10.99 19.88 52.11
C CYS K 61 10.50 18.42 52.16
N GLY K 62 11.38 17.61 52.65
CA GLY K 62 11.06 16.19 52.64
C GLY K 62 10.07 15.82 53.69
N ILE K 63 10.20 16.46 54.83
CA ILE K 63 9.34 16.04 55.97
C ILE K 63 8.00 16.75 55.85
N CYS K 64 7.99 17.92 55.24
CA CYS K 64 6.67 18.60 55.22
C CYS K 64 6.27 18.93 53.79
N GLY K 65 6.81 18.20 52.82
CA GLY K 65 6.40 18.44 51.44
C GLY K 65 4.92 18.20 51.24
N GLY K 66 4.34 17.24 51.95
CA GLY K 66 2.90 17.06 51.81
C GLY K 66 2.14 18.30 52.21
N SER K 67 2.65 18.98 53.21
CA SER K 67 2.02 20.27 53.62
C SER K 67 2.17 21.27 52.48
N HIS K 68 3.36 21.31 51.91
CA HIS K 68 3.59 22.24 50.77
C HIS K 68 2.58 21.90 49.68
N LEU K 69 2.42 20.63 49.43
CA LEU K 69 1.50 20.21 48.36
C LEU K 69 0.11 20.72 48.70
N TYR K 70 -0.32 20.47 49.93
CA TYR K 70 -1.64 20.88 50.39
C TYR K 70 -1.87 22.36 50.12
N LYS K 71 -0.95 23.20 50.58
CA LYS K 71 -1.17 24.63 50.42
C LYS K 71 -0.98 25.09 48.98
N SER K 72 -0.08 24.45 48.22
CA SER K 72 0.05 24.81 46.81
C SER K 72 -1.22 24.45 46.04
N ALA K 73 -1.79 23.28 46.34
CA ALA K 73 -3.04 22.90 45.72
C ALA K 73 -4.11 23.91 46.05
N TYR K 74 -4.21 24.32 47.31
CA TYR K 74 -5.23 25.29 47.67
C TYR K 74 -4.94 26.67 47.08
N ALA K 75 -3.67 27.00 46.91
CA ALA K 75 -3.34 28.24 46.21
C ALA K 75 -3.91 28.21 44.81
N LEU K 76 -3.76 27.08 44.13
CA LEU K 76 -4.34 26.94 42.79
C LEU K 76 -5.87 26.93 42.85
N ASP K 77 -6.43 26.26 43.86
CA ASP K 77 -7.88 26.18 43.99
C ASP K 77 -8.48 27.57 44.15
N THR K 78 -7.83 28.41 44.96
CA THR K 78 -8.31 29.78 45.11
C THR K 78 -8.03 30.61 43.86
N ALA K 79 -6.84 30.45 43.29
CA ALA K 79 -6.50 31.20 42.08
C ALA K 79 -7.44 30.89 40.94
N TRP K 80 -7.83 29.63 40.82
CA TRP K 80 -8.68 29.18 39.73
C TRP K 80 -10.12 29.04 40.14
N ARG K 81 -10.48 29.45 41.36
CA ARG K 81 -11.86 29.43 41.81
C ARG K 81 -12.48 28.06 41.61
N THR K 82 -11.72 27.04 42.01
CA THR K 82 -12.13 25.68 41.74
C THR K 82 -13.24 25.24 42.68
N HIS K 83 -13.81 24.08 42.39
CA HIS K 83 -14.72 23.39 43.28
C HIS K 83 -13.98 22.22 43.91
N MET K 84 -14.07 22.11 45.22
CA MET K 84 -13.45 21.01 45.95
C MET K 84 -14.53 20.07 46.43
N PRO K 85 -14.67 18.87 45.85
CA PRO K 85 -15.60 17.90 46.40
C PRO K 85 -15.24 17.59 47.85
N PRO K 86 -16.24 17.36 48.69
CA PRO K 86 -15.94 17.08 50.11
C PRO K 86 -14.94 15.95 50.30
N ASN K 87 -15.02 14.89 49.49
CA ASN K 87 -14.07 13.80 49.62
C ASN K 87 -12.64 14.28 49.38
N ALA K 88 -12.46 15.16 48.40
CA ALA K 88 -11.14 15.69 48.14
C ALA K 88 -10.63 16.48 49.33
N THR K 89 -11.49 17.31 49.92
CA THR K 89 -11.11 18.04 51.12
C THR K 89 -10.73 17.09 52.23
N LEU K 90 -11.51 16.02 52.39
CA LEU K 90 -11.21 15.04 53.43
C LEU K 90 -9.87 14.37 53.18
N ILE K 91 -9.61 13.99 51.94
CA ILE K 91 -8.34 13.32 51.63
C ILE K 91 -7.19 14.28 51.87
N ARG K 92 -7.34 15.52 51.47
CA ARG K 92 -6.30 16.52 51.71
C ARG K 92 -6.06 16.69 53.20
N ASN K 93 -7.14 16.81 53.98
CA ASN K 93 -7.02 16.90 55.43
C ASN K 93 -6.31 15.69 55.99
N ILE K 94 -6.74 14.50 55.57
CA ILE K 94 -6.18 13.27 56.08
C ILE K 94 -4.69 13.22 55.80
N CYS K 95 -4.31 13.56 54.58
CA CYS K 95 -2.91 13.43 54.20
C CYS K 95 -2.06 14.48 54.90
N GLN K 96 -2.56 15.72 54.99
CA GLN K 96 -1.84 16.75 55.73
C GLN K 96 -1.63 16.31 57.17
N ALA K 97 -2.71 15.85 57.80
CA ALA K 97 -2.62 15.45 59.20
C ALA K 97 -1.74 14.22 59.36
N CYS K 98 -1.79 13.29 58.41
CA CYS K 98 -0.96 12.11 58.49
C CYS K 98 0.51 12.46 58.35
N GLU K 99 0.83 13.40 57.46
CA GLU K 99 2.21 13.85 57.41
C GLU K 99 2.62 14.45 58.74
N THR K 100 1.75 15.25 59.34
CA THR K 100 2.07 15.83 60.64
C THR K 100 2.23 14.75 61.71
N LEU K 101 1.37 13.73 61.68
CA LEU K 101 1.45 12.64 62.63
C LEU K 101 2.73 11.84 62.44
N GLN K 102 3.23 11.75 61.23
CA GLN K 102 4.55 11.19 61.01
C GLN K 102 5.62 12.09 61.59
N SER K 103 5.47 13.40 61.36
CA SER K 103 6.50 14.35 61.77
C SER K 103 6.66 14.37 63.28
N ILE K 104 5.56 14.27 64.01
CA ILE K 104 5.56 14.45 65.46
C ILE K 104 6.53 13.47 66.11
N PRO K 105 6.37 12.15 65.99
CA PRO K 105 7.35 11.25 66.60
C PRO K 105 8.69 11.28 65.89
N ARG K 106 8.71 11.35 64.58
CA ARG K 106 9.98 11.34 63.88
C ARG K 106 10.84 12.49 64.34
N TYR K 107 10.26 13.68 64.39
CA TYR K 107 11.01 14.82 64.89
C TYR K 107 11.34 14.65 66.37
N PHE K 108 10.37 14.21 67.17
CA PHE K 108 10.59 14.19 68.61
C PHE K 108 11.75 13.27 68.98
N TYR K 109 11.74 12.05 68.45
CA TYR K 109 12.78 11.11 68.81
C TYR K 109 14.06 11.36 68.03
N ALA K 110 13.96 11.48 66.72
CA ALA K 110 15.16 11.54 65.90
C ALA K 110 15.84 12.89 65.96
N LEU K 111 15.08 13.96 66.10
CA LEU K 111 15.64 15.30 65.99
C LEU K 111 15.78 15.98 67.34
N PHE K 112 14.84 15.78 68.24
CA PHE K 112 14.80 16.55 69.47
C PHE K 112 15.28 15.77 70.69
N ALA K 113 14.66 14.62 70.96
CA ALA K 113 14.80 14.00 72.26
C ALA K 113 16.18 13.43 72.51
N ILE K 114 16.97 13.18 71.47
CA ILE K 114 18.30 12.62 71.71
C ILE K 114 19.16 13.61 72.47
N ASP K 115 18.90 14.92 72.30
CA ASP K 115 19.60 15.93 73.08
C ASP K 115 19.29 15.83 74.57
N LEU K 116 18.19 15.18 74.93
CA LEU K 116 17.89 14.93 76.34
C LEU K 116 18.94 14.03 76.97
N THR K 117 19.73 13.33 76.17
CA THR K 117 20.81 12.48 76.67
C THR K 117 22.10 13.25 76.86
N ASN K 118 22.07 14.57 76.66
CA ASN K 118 23.28 15.36 76.77
C ASN K 118 23.88 15.23 78.17
N LYS K 119 25.21 15.27 78.23
CA LYS K 119 25.92 15.13 79.49
C LYS K 119 25.61 16.24 80.47
N ASN K 120 25.06 17.36 79.99
CA ASN K 120 24.64 18.43 80.89
C ASN K 120 23.59 17.97 81.88
N TYR K 121 22.88 16.89 81.56
CA TYR K 121 21.83 16.37 82.40
C TYR K 121 22.25 15.15 83.20
N ALA K 122 23.55 14.82 83.19
CA ALA K 122 24.00 13.61 83.86
C ALA K 122 23.68 13.61 85.34
N LYS K 123 23.56 14.79 85.95
CA LYS K 123 23.23 14.86 87.37
C LYS K 123 21.74 14.63 87.64
N SER K 124 20.90 14.70 86.61
CA SER K 124 19.48 14.48 86.82
C SER K 124 19.23 13.05 87.26
N LYS K 125 18.31 12.86 88.20
CA LYS K 125 17.93 11.51 88.60
C LYS K 125 17.27 10.74 87.46
N LEU K 126 16.72 11.44 86.48
CA LEU K 126 16.08 10.80 85.34
C LEU K 126 17.02 10.58 84.17
N TYR K 127 18.30 10.95 84.32
CA TYR K 127 19.22 10.93 83.20
C TYR K 127 19.43 9.54 82.64
N ASP K 128 19.60 8.54 83.52
CA ASP K 128 19.80 7.19 83.03
C ASP K 128 18.60 6.72 82.22
N GLU K 129 17.40 7.00 82.71
CA GLU K 129 16.21 6.65 81.95
C GLU K 129 16.13 7.43 80.65
N ALA K 130 16.50 8.72 80.68
CA ALA K 130 16.49 9.51 79.45
C ALA K 130 17.43 8.90 78.42
N VAL K 131 18.60 8.46 78.86
CA VAL K 131 19.55 7.84 77.96
C VAL K 131 19.00 6.52 77.44
N ARG K 132 18.42 5.71 78.33
CA ARG K 132 17.86 4.43 77.90
C ARG K 132 16.80 4.63 76.83
N ARG K 133 15.98 5.66 76.99
CA ARG K 133 14.84 5.86 76.11
C ARG K 133 15.21 6.57 74.81
N PHE K 134 16.01 7.63 74.91
CA PHE K 134 16.13 8.60 73.84
C PHE K 134 17.52 8.65 73.20
N ALA K 135 18.43 7.77 73.60
CA ALA K 135 19.72 7.76 72.95
C ALA K 135 19.53 7.52 71.45
N PRO K 136 20.30 8.18 70.60
CA PRO K 136 20.11 7.99 69.16
C PRO K 136 20.31 6.54 68.76
N TYR K 137 19.35 6.02 67.98
CA TYR K 137 19.40 4.74 67.28
C TYR K 137 19.28 3.53 68.20
N VAL K 138 19.42 3.69 69.51
CA VAL K 138 19.41 2.55 70.41
C VAL K 138 18.44 2.81 71.53
N GLY K 139 17.98 4.06 71.64
CA GLY K 139 17.04 4.39 72.69
C GLY K 139 15.80 3.53 72.59
N THR K 140 15.34 3.04 73.74
CA THR K 140 14.17 2.16 73.75
C THR K 140 12.89 2.89 73.37
N SER K 141 12.87 4.21 73.50
CA SER K 141 11.78 4.99 72.93
C SER K 141 12.11 5.47 71.54
N TYR K 142 13.40 5.73 71.28
CA TYR K 142 13.82 6.21 69.98
C TYR K 142 13.44 5.22 68.88
N GLN K 143 13.83 3.95 69.04
CA GLN K 143 13.65 3.00 67.95
C GLN K 143 12.19 2.83 67.58
N PRO K 144 11.28 2.45 68.50
CA PRO K 144 9.89 2.30 68.07
C PRO K 144 9.28 3.61 67.63
N GLY K 145 9.62 4.73 68.26
CA GLY K 145 9.05 5.99 67.85
C GLY K 145 9.41 6.33 66.41
N VAL K 146 10.69 6.24 66.08
CA VAL K 146 11.14 6.54 64.73
C VAL K 146 10.58 5.54 63.74
N VAL K 147 10.62 4.26 64.08
CA VAL K 147 10.16 3.23 63.17
C VAL K 147 8.68 3.40 62.87
N LEU K 148 7.88 3.61 63.90
CA LEU K 148 6.44 3.74 63.71
C LEU K 148 6.07 5.08 63.10
N SER K 149 6.97 6.06 63.12
CA SER K 149 6.67 7.32 62.47
C SER K 149 6.37 7.15 60.98
N ALA K 150 6.80 6.06 60.37
CA ALA K 150 6.53 5.85 58.95
C ALA K 150 5.09 5.43 58.68
N LYS K 151 4.34 5.00 59.69
CA LYS K 151 2.99 4.51 59.43
C LYS K 151 2.03 5.58 58.92
N PRO K 152 1.90 6.75 59.57
CA PRO K 152 0.94 7.73 59.08
C PRO K 152 1.19 8.11 57.62
N VAL K 153 2.45 8.15 57.21
CA VAL K 153 2.70 8.47 55.81
C VAL K 153 2.48 7.26 54.92
N GLU K 154 2.35 6.06 55.48
CA GLU K 154 1.77 4.97 54.71
C GLU K 154 0.34 5.31 54.34
N VAL K 155 -0.40 5.89 55.28
CA VAL K 155 -1.75 6.35 54.92
C VAL K 155 -1.68 7.39 53.81
N TYR K 156 -0.76 8.34 53.98
CA TYR K 156 -0.54 9.35 52.94
C TYR K 156 -0.30 8.67 51.60
N ALA K 157 0.53 7.64 51.57
CA ALA K 157 0.86 6.96 50.32
C ALA K 157 -0.34 6.23 49.76
N ILE K 158 -1.18 5.68 50.64
CA ILE K 158 -2.38 5.01 50.17
C ILE K 158 -3.19 5.96 49.32
N PHE K 159 -3.31 7.20 49.78
CA PHE K 159 -4.11 8.15 49.00
C PHE K 159 -3.34 8.91 47.94
N GLY K 160 -2.03 9.03 48.08
CA GLY K 160 -1.26 9.90 47.23
C GLY K 160 -0.24 9.14 46.41
N GLY K 161 -0.16 7.85 46.63
CA GLY K 161 0.76 7.07 45.81
C GLY K 161 2.06 6.86 46.54
N GLN K 162 2.51 7.92 47.18
CA GLN K 162 3.77 7.79 47.90
C GLN K 162 3.96 8.93 48.87
N TRP K 163 4.89 8.68 49.74
CA TRP K 163 5.28 9.77 50.64
C TRP K 163 6.78 9.55 50.93
N PRO K 164 7.69 10.56 50.87
CA PRO K 164 7.40 11.89 50.34
C PRO K 164 7.31 11.95 48.82
N DHI K 165 6.83 13.07 48.32
CA DHI K 165 6.90 13.40 46.88
C DHI K 165 5.80 12.99 45.98
O DHI K 165 6.02 12.76 44.81
CB DHI K 165 7.38 14.78 46.62
CG DHI K 165 8.55 15.22 47.43
ND1 DHI K 165 8.42 15.87 48.63
CD2 DHI K 165 9.87 15.16 47.17
CE1 DHI K 165 9.62 16.15 49.11
NE2 DHI K 165 10.51 15.74 48.22
N SER K 166 4.63 13.01 46.56
CA SER K 166 3.47 12.89 45.68
C SER K 166 3.07 14.33 45.35
N SER K 167 2.35 14.53 44.28
CA SER K 167 1.72 15.83 43.90
C SER K 167 0.23 15.60 43.67
N PHE K 168 -0.35 14.63 44.36
CA PHE K 168 -1.69 14.18 44.02
C PHE K 168 -2.78 15.16 44.42
N MET K 169 -2.45 16.22 45.15
CA MET K 169 -3.43 17.25 45.46
C MET K 169 -3.39 18.28 44.35
N VAL K 170 -4.48 18.37 43.60
CA VAL K 170 -4.53 19.20 42.40
C VAL K 170 -5.72 20.14 42.53
N PRO K 171 -5.70 21.27 41.83
CA PRO K 171 -6.87 22.13 41.79
C PRO K 171 -8.09 21.32 41.39
N GLY K 172 -9.16 21.46 42.15
CA GLY K 172 -10.36 20.68 41.92
C GLY K 172 -10.43 19.39 42.70
N GLY K 173 -9.39 19.02 43.42
CA GLY K 173 -9.51 17.88 44.30
C GLY K 173 -8.22 17.12 44.52
N VAL K 174 -8.29 15.82 44.32
CA VAL K 174 -7.11 14.97 44.39
C VAL K 174 -7.10 14.08 43.16
N MET K 175 -5.91 13.64 42.77
CA MET K 175 -5.81 12.76 41.62
C MET K 175 -6.39 11.40 41.90
N SER K 176 -6.34 10.97 43.14
CA SER K 176 -6.61 9.59 43.48
C SER K 176 -8.11 9.34 43.65
N ALA K 177 -8.46 8.06 43.63
CA ALA K 177 -9.83 7.61 43.80
C ALA K 177 -9.76 6.48 44.80
N PRO K 178 -9.78 6.79 46.10
CA PRO K 178 -9.64 5.75 47.10
C PRO K 178 -10.67 4.65 46.92
N THR K 179 -10.25 3.42 47.15
CA THR K 179 -11.14 2.28 47.17
C THR K 179 -11.50 1.96 48.62
N LEU K 180 -12.42 1.01 48.79
CA LEU K 180 -12.80 0.59 50.12
C LEU K 180 -11.59 0.08 50.89
N SER K 181 -10.79 -0.79 50.26
CA SER K 181 -9.63 -1.32 50.94
C SER K 181 -8.61 -0.23 51.25
N ASP K 182 -8.54 0.81 50.42
CA ASP K 182 -7.69 1.94 50.76
C ASP K 182 -8.08 2.53 52.10
N VAL K 183 -9.38 2.80 52.28
CA VAL K 183 -9.84 3.44 53.50
C VAL K 183 -9.72 2.50 54.68
N THR K 184 -10.10 1.23 54.51
CA THR K 184 -9.99 0.29 55.62
C THR K 184 -8.54 0.10 56.03
N ARG K 185 -7.64 0.01 55.05
CA ARG K 185 -6.23 -0.12 55.38
C ARG K 185 -5.70 1.14 56.03
N ALA K 186 -6.12 2.32 55.56
CA ALA K 186 -5.70 3.55 56.20
C ALA K 186 -6.16 3.60 57.65
N ILE K 187 -7.39 3.18 57.89
CA ILE K 187 -7.90 3.13 59.25
C ILE K 187 -7.09 2.14 60.08
N ALA K 188 -6.80 0.96 59.51
CA ALA K 188 -6.03 -0.03 60.24
C ALA K 188 -4.64 0.48 60.56
N ILE K 189 -3.99 1.13 59.61
CA ILE K 189 -2.66 1.67 59.83
C ILE K 189 -2.71 2.72 60.92
N LEU K 190 -3.69 3.61 60.84
CA LEU K 190 -3.79 4.68 61.82
C LEU K 190 -4.07 4.13 63.21
N GLU K 191 -5.00 3.20 63.32
CA GLU K 191 -5.29 2.60 64.62
C GLU K 191 -4.09 1.85 65.16
N HIS K 192 -3.36 1.14 64.31
CA HIS K 192 -2.18 0.43 64.79
C HIS K 192 -1.12 1.41 65.27
N TRP K 193 -0.89 2.47 64.51
CA TRP K 193 0.09 3.48 64.93
C TRP K 193 -0.34 4.15 66.23
N ASN K 194 -1.63 4.48 66.33
CA ASN K 194 -2.14 5.11 67.54
C ASN K 194 -1.97 4.19 68.73
N ASP K 195 -2.32 2.92 68.57
CA ASP K 195 -2.22 1.99 69.68
C ASP K 195 -0.78 1.73 70.06
N ASN K 196 0.10 1.59 69.08
CA ASN K 196 1.45 1.12 69.33
C ASN K 196 2.43 2.22 69.65
N TRP K 197 2.29 3.39 69.04
CA TRP K 197 3.14 4.49 69.45
C TRP K 197 2.40 5.52 70.28
N LEU K 198 1.32 6.10 69.75
CA LEU K 198 0.72 7.26 70.39
C LEU K 198 0.21 6.92 71.78
N GLU K 199 -0.56 5.85 71.90
CA GLU K 199 -1.16 5.53 73.18
C GLU K 199 -0.24 4.67 74.04
N LYS K 200 0.35 3.62 73.48
CA LYS K 200 1.18 2.74 74.28
C LYS K 200 2.47 3.43 74.70
N GLN K 201 3.16 4.06 73.76
CA GLN K 201 4.48 4.59 74.06
C GLN K 201 4.44 6.05 74.45
N TRP K 202 3.80 6.89 73.65
CA TRP K 202 3.83 8.31 73.96
C TRP K 202 2.99 8.61 75.20
N LEU K 203 1.73 8.19 75.19
CA LEU K 203 0.81 8.60 76.25
C LEU K 203 0.77 7.63 77.42
N GLY K 204 0.90 6.34 77.18
CA GLY K 204 0.58 5.40 78.23
C GLY K 204 -0.87 5.44 78.64
N CYS K 205 -1.72 6.01 77.80
CA CYS K 205 -3.16 6.10 78.04
C CYS K 205 -3.83 6.30 76.69
N SER K 206 -5.16 6.34 76.69
CA SER K 206 -5.87 6.58 75.46
C SER K 206 -5.71 8.03 75.03
N VAL K 207 -5.92 8.27 73.73
CA VAL K 207 -5.93 9.65 73.24
C VAL K 207 -7.02 10.43 73.94
N ASP K 208 -8.16 9.79 74.19
CA ASP K 208 -9.26 10.47 74.86
C ASP K 208 -8.85 10.94 76.25
N ARG K 209 -8.14 10.09 77.00
CA ARG K 209 -7.69 10.50 78.33
C ARG K 209 -6.79 11.72 78.25
N TRP K 210 -5.87 11.73 77.29
CA TRP K 210 -4.98 12.87 77.15
C TRP K 210 -5.75 14.13 76.80
N LEU K 211 -6.70 14.02 75.87
CA LEU K 211 -7.46 15.18 75.43
C LEU K 211 -8.39 15.70 76.49
N GLU K 212 -8.58 14.97 77.59
CA GLU K 212 -9.29 15.48 78.74
C GLU K 212 -8.51 16.52 79.51
N ASN K 213 -7.20 16.62 79.27
CA ASN K 213 -6.37 17.62 79.94
C ASN K 213 -6.70 18.99 79.38
N LYS K 214 -7.30 19.84 80.21
CA LYS K 214 -7.68 21.18 79.81
C LYS K 214 -6.86 22.27 80.46
N THR K 215 -6.08 21.95 81.47
CA THR K 215 -5.25 22.91 82.17
C THR K 215 -3.86 22.32 82.37
N TRP K 216 -2.91 23.19 82.70
CA TRP K 216 -1.59 22.71 83.04
C TRP K 216 -1.64 21.81 84.25
N ASN K 217 -2.45 22.17 85.24
CA ASN K 217 -2.64 21.31 86.41
C ASN K 217 -3.25 19.97 86.00
N ASP K 218 -4.12 19.97 84.99
CA ASP K 218 -4.62 18.71 84.44
C ASP K 218 -3.48 17.88 83.90
N VAL K 219 -2.52 18.50 83.20
CA VAL K 219 -1.41 17.75 82.64
C VAL K 219 -0.54 17.16 83.76
N LEU K 220 -0.27 17.95 84.79
CA LEU K 220 0.54 17.44 85.91
C LEU K 220 -0.18 16.29 86.62
N ALA K 221 -1.49 16.45 86.86
CA ALA K 221 -2.26 15.36 87.44
C ALA K 221 -2.25 14.14 86.55
N TRP K 222 -2.30 14.35 85.23
CA TRP K 222 -2.24 13.25 84.30
C TRP K 222 -0.90 12.51 84.41
N VAL K 223 0.19 13.26 84.55
CA VAL K 223 1.49 12.63 84.71
C VAL K 223 1.51 11.76 85.95
N ASP K 224 0.94 12.27 87.04
CA ASP K 224 0.99 11.55 88.31
C ASP K 224 -0.15 10.54 88.49
N GLU K 225 -1.09 10.48 87.54
CA GLU K 225 -2.32 9.74 87.76
C GLU K 225 -2.06 8.26 87.96
N ASN K 226 -1.21 7.67 87.13
CA ASN K 226 -0.90 6.26 87.23
C ASN K 226 0.47 6.03 86.63
N GLU K 227 0.99 4.83 86.86
CA GLU K 227 2.34 4.51 86.41
C GLU K 227 2.44 4.50 84.89
N SER K 228 1.37 4.10 84.19
CA SER K 228 1.45 4.06 82.73
C SER K 228 1.69 5.46 82.16
N GLN K 229 0.92 6.43 82.64
CA GLN K 229 1.11 7.80 82.16
C GLN K 229 2.39 8.40 82.71
N TYR K 230 2.72 8.06 83.95
CA TYR K 230 3.94 8.55 84.57
C TYR K 230 5.17 8.13 83.78
N ASN K 231 5.22 6.88 83.36
CA ASN K 231 6.36 6.32 82.66
C ASN K 231 6.19 6.33 81.17
N SER K 232 5.11 6.91 80.67
CA SER K 232 4.99 7.11 79.23
C SER K 232 6.08 8.06 78.75
N ASP K 233 6.32 8.06 77.45
CA ASP K 233 7.26 9.03 76.91
C ASP K 233 6.81 10.45 77.21
N CYS K 234 5.49 10.68 77.16
CA CYS K 234 4.98 12.02 77.47
C CYS K 234 5.19 12.37 78.94
N GLY K 235 4.79 11.46 79.83
CA GLY K 235 4.97 11.73 81.24
C GLY K 235 6.44 11.86 81.61
N PHE K 236 7.27 10.96 81.07
CA PHE K 236 8.69 11.07 81.33
C PHE K 236 9.25 12.37 80.78
N PHE K 237 8.81 12.76 79.59
CA PHE K 237 9.32 13.98 78.99
C PHE K 237 8.95 15.20 79.82
N ILE K 238 7.72 15.24 80.30
CA ILE K 238 7.30 16.36 81.14
C ILE K 238 8.13 16.39 82.42
N ARG K 239 8.26 15.23 83.07
CA ARG K 239 9.03 15.18 84.30
C ARG K 239 10.49 15.54 84.05
N TYR K 240 11.06 15.07 82.94
CA TYR K 240 12.44 15.40 82.60
C TYR K 240 12.59 16.89 82.37
N CYS K 241 11.65 17.50 81.65
CA CYS K 241 11.71 18.93 81.40
C CYS K 241 11.66 19.71 82.68
N LEU K 242 10.75 19.33 83.58
CA LEU K 242 10.63 20.03 84.85
C LEU K 242 11.87 19.80 85.71
N ASP K 243 12.50 18.64 85.60
CA ASP K 243 13.68 18.36 86.41
C ASP K 243 14.90 19.10 85.89
N VAL K 244 15.10 19.11 84.57
CA VAL K 244 16.33 19.65 83.98
C VAL K 244 16.18 21.09 83.54
N GLY K 245 14.98 21.66 83.63
CA GLY K 245 14.79 23.07 83.36
C GLY K 245 14.44 23.42 81.92
N LEU K 246 13.88 22.48 81.15
CA LEU K 246 13.42 22.84 79.81
C LEU K 246 12.18 23.71 79.84
N ASP K 247 11.54 23.86 80.99
CA ASP K 247 10.42 24.76 81.15
C ASP K 247 10.86 26.18 81.49
N LYS K 248 12.16 26.43 81.59
CA LYS K 248 12.66 27.69 82.10
C LYS K 248 13.27 28.59 81.05
N TYR K 249 13.41 28.13 79.81
CA TYR K 249 13.96 28.97 78.76
C TYR K 249 13.37 28.55 77.43
N GLY K 250 13.75 29.27 76.37
CA GLY K 250 13.10 29.09 75.09
C GLY K 250 11.74 29.73 75.01
N GLN K 251 11.46 30.74 75.84
CA GLN K 251 10.15 31.36 75.85
C GLN K 251 9.81 31.95 74.49
N GLY K 252 10.71 32.74 73.93
CA GLY K 252 10.46 33.33 72.64
C GLY K 252 9.58 34.56 72.69
N VAL K 253 8.97 34.86 71.54
CA VAL K 253 8.20 36.08 71.38
C VAL K 253 6.97 36.08 72.27
N GLY K 254 6.36 34.92 72.48
CA GLY K 254 5.08 34.87 73.15
C GLY K 254 3.93 35.33 72.29
N ASN K 255 4.19 35.64 71.03
CA ASN K 255 3.18 35.97 70.03
C ASN K 255 3.22 34.93 68.94
N TYR K 256 2.05 34.56 68.45
CA TYR K 256 1.89 33.35 67.66
C TYR K 256 1.07 33.61 66.42
N LEU K 257 1.43 32.91 65.37
CA LEU K 257 0.69 32.93 64.12
C LEU K 257 0.28 31.50 63.78
N ALA K 258 -1.01 31.30 63.59
CA ALA K 258 -1.52 30.08 63.00
C ALA K 258 -2.33 30.49 61.78
N THR K 259 -1.97 29.97 60.62
CA THR K 259 -2.83 30.14 59.47
C THR K 259 -3.94 29.11 59.45
N GLY K 260 -3.85 28.08 60.28
CA GLY K 260 -4.86 27.06 60.33
C GLY K 260 -4.76 26.12 59.14
N THR K 261 -5.43 24.98 59.25
CA THR K 261 -5.57 24.06 58.13
C THR K 261 -6.73 23.13 58.45
N TYR K 262 -6.90 22.10 57.62
CA TYR K 262 -8.02 21.17 57.79
C TYR K 262 -9.37 21.82 57.59
N PHE K 263 -9.74 22.04 56.33
CA PHE K 263 -11.05 22.60 56.04
C PHE K 263 -12.18 21.64 56.34
N GLU K 264 -13.24 22.17 56.90
CA GLU K 264 -14.49 21.43 56.97
C GLU K 264 -15.00 21.28 55.54
N PRO K 265 -15.19 20.06 55.06
CA PRO K 265 -15.44 19.88 53.61
C PRO K 265 -16.60 20.68 53.08
N SER K 266 -17.69 20.79 53.83
CA SER K 266 -18.85 21.52 53.34
C SER K 266 -18.60 23.02 53.30
N LEU K 267 -17.62 23.52 54.04
CA LEU K 267 -17.40 24.96 54.13
C LEU K 267 -16.34 25.47 53.18
N TYR K 268 -15.60 24.60 52.51
CA TYR K 268 -14.56 25.04 51.59
C TYR K 268 -14.67 24.31 50.26
N GLU K 269 -15.90 24.00 49.84
CA GLU K 269 -16.10 23.37 48.55
C GLU K 269 -15.69 24.27 47.40
N ASN K 270 -15.70 25.58 47.61
CA ASN K 270 -15.28 26.55 46.60
C ASN K 270 -14.25 27.45 47.24
N PRO K 271 -13.00 27.01 47.28
CA PRO K 271 -11.97 27.73 48.03
C PRO K 271 -11.84 29.18 47.57
N THR K 272 -11.88 30.07 48.55
CA THR K 272 -11.58 31.47 48.35
C THR K 272 -10.63 31.90 49.46
N ILE K 273 -9.90 32.97 49.21
CA ILE K 273 -9.07 33.55 50.26
C ILE K 273 -9.94 34.04 51.41
N GLU K 274 -11.04 34.72 51.09
CA GLU K 274 -11.86 35.36 52.12
C GLU K 274 -12.60 34.34 52.96
N GLY K 275 -13.06 33.25 52.35
CA GLY K 275 -13.78 32.25 53.10
C GLY K 275 -12.91 31.23 53.80
N ARG K 276 -11.60 31.40 53.75
CA ARG K 276 -10.69 30.38 54.25
C ARG K 276 -10.82 30.20 55.77
N ASN K 277 -10.78 31.32 56.51
CA ASN K 277 -10.71 31.22 57.97
C ASN K 277 -11.93 30.51 58.55
N ALA K 278 -13.12 30.85 58.05
CA ALA K 278 -14.33 30.25 58.60
C ALA K 278 -14.37 28.75 58.36
N ALA K 279 -13.80 28.29 57.26
CA ALA K 279 -13.87 26.87 56.90
C ALA K 279 -12.88 26.01 57.67
N LEU K 280 -11.91 26.62 58.33
CA LEU K 280 -10.87 25.86 59.00
C LEU K 280 -11.41 25.08 60.18
N ILE K 281 -10.92 23.85 60.32
CA ILE K 281 -11.11 23.09 61.56
C ILE K 281 -10.01 23.42 62.55
N GLY K 282 -8.76 23.26 62.13
CA GLY K 282 -7.66 23.71 62.95
C GLY K 282 -7.57 25.20 62.73
N ARG K 283 -8.09 25.96 63.70
CA ARG K 283 -8.36 27.36 63.46
C ARG K 283 -7.10 28.17 63.23
N SER K 284 -7.19 29.13 62.33
CA SER K 284 -6.21 30.18 62.26
C SER K 284 -6.36 31.08 63.47
N GLY K 285 -5.41 31.98 63.63
CA GLY K 285 -5.46 32.92 64.71
C GLY K 285 -4.10 33.47 64.99
N VAL K 286 -4.04 34.76 65.26
CA VAL K 286 -2.83 35.42 65.72
C VAL K 286 -3.03 35.71 67.19
N PHE K 287 -2.05 35.35 68.00
CA PHE K 287 -2.09 35.61 69.43
C PHE K 287 -0.95 36.58 69.74
N ALA K 288 -1.27 37.86 69.89
CA ALA K 288 -0.25 38.87 70.08
C ALA K 288 -0.63 39.76 71.24
N ASP K 289 0.36 40.09 72.07
CA ASP K 289 0.14 40.94 73.24
C ASP K 289 -0.99 40.39 74.10
N GLY K 290 -1.05 39.07 74.22
CA GLY K 290 -2.05 38.43 75.03
C GLY K 290 -3.46 38.51 74.49
N ARG K 291 -3.62 38.83 73.21
CA ARG K 291 -4.93 39.03 72.62
C ARG K 291 -5.05 38.23 71.33
N TYR K 292 -6.28 37.84 71.02
CA TYR K 292 -6.57 37.07 69.82
C TYR K 292 -6.97 37.99 68.67
N PHE K 293 -6.43 37.70 67.51
CA PHE K 293 -6.71 38.40 66.28
C PHE K 293 -7.02 37.38 65.19
N GLU K 294 -7.88 37.76 64.26
CA GLU K 294 -8.10 36.93 63.08
C GLU K 294 -6.90 37.01 62.17
N PHE K 295 -6.46 35.85 61.67
CA PHE K 295 -5.39 35.85 60.68
C PHE K 295 -5.89 36.46 59.39
N ASP K 296 -5.07 37.31 58.79
CA ASP K 296 -5.36 37.88 57.47
C ASP K 296 -4.06 37.88 56.68
N GLN K 297 -4.03 37.13 55.57
CA GLN K 297 -2.81 37.03 54.78
C GLN K 297 -2.35 38.39 54.26
N ALA K 298 -3.27 39.35 54.15
CA ALA K 298 -2.90 40.69 53.72
C ALA K 298 -1.91 41.35 54.68
N ASN K 299 -1.89 40.91 55.94
CA ASN K 299 -1.00 41.47 56.93
C ASN K 299 0.39 40.88 56.90
N VAL K 300 0.61 39.95 55.96
CA VAL K 300 1.93 39.26 55.95
C VAL K 300 2.91 40.05 55.10
N THR K 301 4.05 40.42 55.66
CA THR K 301 5.13 41.00 54.89
C THR K 301 6.36 40.14 55.08
N GLU K 302 7.28 40.24 54.14
CA GLU K 302 8.58 39.62 54.29
C GLU K 302 9.65 40.69 54.15
N ASP K 303 10.49 40.78 55.17
CA ASP K 303 11.59 41.71 55.24
C ASP K 303 12.87 40.99 54.88
N VAL K 304 13.72 41.63 54.07
CA VAL K 304 14.99 41.02 53.72
C VAL K 304 16.16 41.88 54.17
N THR K 305 15.92 42.75 55.16
CA THR K 305 16.96 43.67 55.61
C THR K 305 18.20 42.92 56.05
N HIS K 306 18.02 41.86 56.84
CA HIS K 306 19.13 41.04 57.29
C HIS K 306 19.18 39.72 56.55
N SER K 307 18.45 39.59 55.46
CA SER K 307 18.43 38.40 54.65
C SER K 307 19.26 38.62 53.39
N PHE K 308 19.76 37.52 52.83
CA PHE K 308 20.62 37.62 51.65
C PHE K 308 19.79 37.84 50.40
N TYR K 309 18.95 38.86 50.41
CA TYR K 309 18.15 39.20 49.25
C TYR K 309 18.15 40.70 49.07
N GLU K 310 18.02 41.11 47.81
CA GLU K 310 17.82 42.51 47.50
C GLU K 310 16.44 42.95 47.96
N GLY K 311 16.36 44.18 48.45
CA GLY K 311 15.08 44.71 48.86
C GLY K 311 15.25 45.80 49.89
N ASN K 312 14.34 46.77 49.89
CA ASN K 312 14.43 47.88 50.81
C ASN K 312 13.17 48.08 51.65
N ARG K 313 12.11 47.33 51.39
CA ARG K 313 10.89 47.45 52.17
C ARG K 313 10.27 46.07 52.32
N PRO K 314 9.56 45.84 53.41
CA PRO K 314 8.81 44.57 53.55
C PRO K 314 7.79 44.47 52.43
N LEU K 315 7.68 43.27 51.87
CA LEU K 315 6.80 43.03 50.73
C LEU K 315 5.75 42.01 51.12
N HIS K 316 4.50 42.34 50.84
CA HIS K 316 3.48 41.31 50.87
C HIS K 316 3.81 40.28 49.80
N PRO K 317 3.67 38.99 50.10
CA PRO K 317 4.20 37.97 49.17
C PRO K 317 3.54 38.00 47.80
N PHE K 318 2.35 38.56 47.66
CA PHE K 318 1.79 38.72 46.32
C PHE K 318 2.68 39.59 45.46
N GLU K 319 3.37 40.56 46.06
CA GLU K 319 4.40 41.34 45.40
C GLU K 319 5.80 40.92 45.83
N GLY K 320 5.92 39.72 46.39
CA GLY K 320 7.20 39.27 46.88
C GLY K 320 8.23 39.11 45.76
N GLU K 321 9.48 39.19 46.16
CA GLU K 321 10.62 39.04 45.27
C GLU K 321 11.67 38.21 45.99
N THR K 322 12.37 37.38 45.25
CA THR K 322 13.45 36.58 45.81
C THR K 322 14.65 36.83 44.89
N ILE K 323 15.37 37.89 45.20
CA ILE K 323 16.55 38.26 44.42
C ILE K 323 17.76 38.10 45.32
N PRO K 324 18.48 36.99 45.23
CA PRO K 324 19.58 36.75 46.15
C PRO K 324 20.68 37.78 45.97
N VAL K 325 21.36 38.08 47.07
CA VAL K 325 22.59 38.82 47.03
C VAL K 325 23.69 37.88 47.48
N ASN K 326 24.90 38.13 47.02
CA ASN K 326 26.01 37.27 47.37
C ASN K 326 26.24 37.37 48.87
N PRO K 327 26.33 36.25 49.59
CA PRO K 327 26.45 36.32 51.05
C PRO K 327 27.64 37.12 51.53
N GLU K 328 28.72 37.18 50.74
CA GLU K 328 29.83 38.05 51.12
C GLU K 328 29.39 39.51 51.17
N ASP K 329 28.76 39.98 50.09
CA ASP K 329 28.24 41.35 50.06
C ASP K 329 27.19 41.56 51.13
N GLY K 330 26.26 40.61 51.25
CA GLY K 330 25.21 40.76 52.24
C GLY K 330 25.74 40.87 53.65
N ARG K 331 26.74 40.06 53.98
CA ARG K 331 27.37 40.16 55.29
C ARG K 331 28.07 41.49 55.46
N ARG K 332 28.61 42.05 54.38
CA ARG K 332 29.11 43.41 54.46
C ARG K 332 27.98 44.39 54.76
N GLN K 333 26.75 44.05 54.39
CA GLN K 333 25.60 44.91 54.67
C GLN K 333 24.85 44.49 55.94
N GLY K 334 25.42 43.61 56.75
CA GLY K 334 24.74 43.17 57.96
C GLY K 334 23.74 42.07 57.75
N LYS K 335 23.56 41.57 56.54
CA LYS K 335 22.70 40.43 56.29
C LYS K 335 23.41 39.17 56.72
N TYR K 336 22.65 38.23 57.28
CA TYR K 336 23.30 37.04 57.83
C TYR K 336 22.52 35.76 57.62
N SER K 337 21.43 35.77 56.86
CA SER K 337 20.63 34.57 56.75
C SER K 337 19.96 34.52 55.38
N TRP K 338 19.86 33.32 54.83
CA TRP K 338 19.03 33.11 53.67
C TRP K 338 17.55 33.10 54.01
N ALA K 339 17.20 33.10 55.28
CA ALA K 339 15.81 33.22 55.67
C ALA K 339 15.34 34.64 55.44
N LYS K 340 14.19 34.79 54.80
CA LYS K 340 13.49 36.06 54.90
C LYS K 340 12.94 36.22 56.31
N SER K 341 12.55 37.44 56.64
CA SER K 341 11.99 37.78 57.95
C SER K 341 10.51 38.03 57.77
N PRO K 342 9.66 37.01 57.88
CA PRO K 342 8.22 37.25 57.79
C PRO K 342 7.78 38.01 59.03
N ARG K 343 6.99 39.04 58.81
CA ARG K 343 6.40 39.81 59.89
C ARG K 343 4.91 39.93 59.61
N TYR K 344 4.16 40.13 60.67
CA TYR K 344 2.71 40.24 60.58
C TYR K 344 2.29 41.56 61.16
N ALA K 345 1.46 42.29 60.43
CA ALA K 345 0.95 43.57 60.90
C ALA K 345 -0.15 43.31 61.91
N VAL K 346 0.16 43.50 63.18
CA VAL K 346 -0.82 43.44 64.26
C VAL K 346 -1.17 44.86 64.66
N PRO K 347 -2.44 45.24 64.66
CA PRO K 347 -2.80 46.62 65.04
C PRO K 347 -2.31 46.95 66.44
N GLY K 348 -1.79 48.16 66.59
CA GLY K 348 -1.22 48.59 67.84
C GLY K 348 0.15 48.04 68.13
N LEU K 349 0.66 47.13 67.28
CA LEU K 349 1.98 46.56 67.47
C LEU K 349 2.88 46.70 66.26
N GLY K 350 2.35 47.04 65.09
CA GLY K 350 3.19 47.13 63.91
C GLY K 350 3.44 45.76 63.32
N ASN K 351 4.51 45.67 62.52
CA ASN K 351 4.88 44.42 61.85
C ASN K 351 5.77 43.64 62.81
N VAL K 352 5.19 42.67 63.50
CA VAL K 352 5.89 41.95 64.55
C VAL K 352 6.27 40.55 64.09
N PRO K 353 7.30 39.95 64.70
CA PRO K 353 7.52 38.52 64.47
C PRO K 353 6.49 37.72 65.25
N LEU K 354 6.05 36.64 64.64
CA LEU K 354 5.09 35.74 65.25
C LEU K 354 5.68 34.34 65.24
N GLU K 355 5.65 33.67 66.38
CA GLU K 355 6.07 32.30 66.41
C GLU K 355 5.01 31.42 65.76
N THR K 356 5.43 30.55 64.85
CA THR K 356 4.52 29.61 64.26
C THR K 356 4.80 28.22 64.79
N GLY K 357 3.82 27.35 64.67
CA GLY K 357 4.02 25.99 65.06
C GLY K 357 2.87 25.47 65.87
N PRO K 358 3.04 24.26 66.40
CA PRO K 358 1.96 23.67 67.21
C PRO K 358 1.53 24.56 68.34
N LEU K 359 2.47 25.23 69.01
CA LEU K 359 2.08 26.13 70.09
C LEU K 359 1.20 27.26 69.57
N ALA K 360 1.55 27.82 68.43
CA ALA K 360 0.72 28.84 67.81
C ALA K 360 -0.66 28.29 67.51
N ARG K 361 -0.73 27.06 67.01
CA ARG K 361 -2.01 26.44 66.71
C ARG K 361 -2.84 26.23 67.96
N ARG K 362 -2.21 25.76 69.05
CA ARG K 362 -2.94 25.53 70.28
C ARG K 362 -3.47 26.84 70.85
N MET K 363 -2.66 27.90 70.78
CA MET K 363 -3.13 29.20 71.21
C MET K 363 -4.32 29.64 70.37
N ALA K 364 -4.23 29.46 69.06
CA ALA K 364 -5.34 29.80 68.18
C ALA K 364 -6.57 28.98 68.52
N ALA K 365 -6.38 27.70 68.83
CA ALA K 365 -7.48 26.84 69.22
C ALA K 365 -8.09 27.27 70.53
N SER K 366 -7.38 28.05 71.33
CA SER K 366 -7.93 28.59 72.56
C SER K 366 -8.70 29.88 72.35
N ALA K 367 -8.78 30.37 71.11
CA ALA K 367 -9.51 31.60 70.86
C ALA K 367 -11.01 31.38 71.11
N PRO K 368 -11.73 32.42 71.50
CA PRO K 368 -13.18 32.30 71.69
C PRO K 368 -13.88 32.09 70.36
N ASP K 369 -15.19 31.84 70.45
CA ASP K 369 -16.06 31.85 69.28
C ASP K 369 -15.65 30.81 68.24
N ALA K 370 -15.28 29.62 68.71
CA ALA K 370 -15.03 28.52 67.79
C ALA K 370 -16.36 28.00 67.25
N GLU K 371 -16.42 27.78 65.94
CA GLU K 371 -17.59 27.12 65.37
C GLU K 371 -17.53 25.63 65.69
N THR K 372 -18.64 24.94 65.40
CA THR K 372 -18.78 23.55 65.82
C THR K 372 -17.69 22.68 65.20
N HIS K 373 -17.36 22.93 63.95
CA HIS K 373 -16.35 22.14 63.25
C HIS K 373 -14.93 22.46 63.69
N GLN K 374 -14.75 23.48 64.51
CA GLN K 374 -13.43 24.05 64.75
C GLN K 374 -12.82 23.55 66.05
N ASP K 375 -11.50 23.45 66.04
CA ASP K 375 -10.72 23.08 67.23
C ASP K 375 -10.92 24.12 68.32
N ASP K 376 -11.60 23.73 69.39
CA ASP K 376 -11.82 24.58 70.56
C ASP K 376 -11.13 23.89 71.75
N ASP K 377 -9.95 24.37 72.10
CA ASP K 377 -9.13 23.72 73.11
C ASP K 377 -8.50 24.78 74.01
N PRO K 378 -8.92 24.87 75.27
CA PRO K 378 -8.35 25.88 76.17
C PRO K 378 -7.06 25.46 76.82
N LEU K 379 -6.55 24.28 76.52
CA LEU K 379 -5.42 23.74 77.27
C LEU K 379 -4.23 24.68 77.22
N PHE K 380 -3.87 25.15 76.02
CA PHE K 380 -2.64 25.91 75.94
C PHE K 380 -2.82 27.38 76.21
N ALA K 381 -4.03 27.92 76.16
CA ALA K 381 -4.27 29.20 76.81
C ALA K 381 -3.92 29.10 78.29
N ASP K 382 -4.40 28.03 78.94
CA ASP K 382 -4.12 27.85 80.35
C ASP K 382 -2.64 27.62 80.61
N ILE K 383 -1.98 26.81 79.79
CA ILE K 383 -0.55 26.56 79.98
C ILE K 383 0.23 27.85 79.77
N TYR K 384 -0.11 28.62 78.74
CA TYR K 384 0.56 29.88 78.48
C TYR K 384 0.39 30.84 79.65
N ASN K 385 -0.81 30.88 80.23
CA ASN K 385 -1.02 31.79 81.37
C ASN K 385 -0.37 31.26 82.64
N ALA K 386 -0.21 29.95 82.75
CA ALA K 386 0.28 29.36 83.99
C ALA K 386 1.80 29.36 84.04
N ILE K 387 2.44 28.82 83.00
CA ILE K 387 3.89 28.71 82.98
C ILE K 387 4.51 29.40 81.78
N GLY K 388 3.72 29.88 80.83
CA GLY K 388 4.25 30.59 79.69
C GLY K 388 4.94 29.67 78.72
N PRO K 389 5.37 30.22 77.59
CA PRO K 389 6.08 29.40 76.60
C PRO K 389 7.45 29.00 77.12
N SER K 390 7.93 27.90 76.56
CA SER K 390 9.26 27.39 76.86
C SER K 390 9.52 26.25 75.90
N VAL K 391 10.74 25.71 75.96
CA VAL K 391 11.04 24.51 75.17
C VAL K 391 10.04 23.42 75.50
N MET K 392 9.79 23.23 76.79
CA MET K 392 8.87 22.17 77.22
C MET K 392 7.46 22.43 76.70
N VAL K 393 6.98 23.66 76.84
CA VAL K 393 5.60 23.96 76.45
C VAL K 393 5.45 23.89 74.94
N ARG K 394 6.44 24.39 74.19
CA ARG K 394 6.41 24.26 72.75
C ARG K 394 6.36 22.79 72.33
N GLN K 395 7.21 21.97 72.95
CA GLN K 395 7.21 20.55 72.63
C GLN K 395 5.89 19.91 73.00
N LEU K 396 5.33 20.29 74.15
CA LEU K 396 4.07 19.71 74.59
C LEU K 396 2.95 20.07 73.64
N ALA K 397 2.98 21.28 73.09
CA ALA K 397 1.99 21.64 72.07
C ALA K 397 2.10 20.72 70.86
N ARG K 398 3.33 20.52 70.40
CA ARG K 398 3.55 19.62 69.27
C ARG K 398 3.00 18.23 69.56
N MET K 399 3.34 17.69 70.71
CA MET K 399 2.93 16.34 71.08
C MET K 399 1.42 16.26 71.33
N HIS K 400 0.84 17.33 71.86
CA HIS K 400 -0.60 17.39 72.09
C HIS K 400 -1.36 17.26 70.79
N GLU K 401 -0.78 17.75 69.70
CA GLU K 401 -1.46 17.61 68.41
C GLU K 401 -1.60 16.15 67.96
N GLY K 402 -0.74 15.26 68.44
CA GLY K 402 -0.79 13.86 68.09
C GLY K 402 -2.17 13.24 68.33
N PRO K 403 -2.60 13.20 69.59
CA PRO K 403 -3.94 12.66 69.86
C PRO K 403 -5.06 13.39 69.13
N LYS K 404 -4.96 14.72 69.08
CA LYS K 404 -6.01 15.52 68.47
C LYS K 404 -6.11 15.24 66.98
N TYR K 405 -4.98 15.28 66.29
CA TYR K 405 -4.97 15.03 64.85
C TYR K 405 -5.31 13.57 64.55
N TYR K 406 -4.88 12.64 65.41
CA TYR K 406 -5.27 11.26 65.18
C TYR K 406 -6.77 11.12 65.19
N LYS K 407 -7.43 11.73 66.17
CA LYS K 407 -8.88 11.65 66.23
C LYS K 407 -9.51 12.28 65.01
N TRP K 408 -9.00 13.44 64.58
CA TRP K 408 -9.54 14.09 63.40
C TRP K 408 -9.39 13.20 62.17
N VAL K 409 -8.23 12.59 62.00
CA VAL K 409 -7.98 11.76 60.84
C VAL K 409 -8.91 10.56 60.86
N ARG K 410 -9.04 9.92 62.01
CA ARG K 410 -9.93 8.77 62.13
C ARG K 410 -11.34 9.16 61.72
N GLN K 411 -11.82 10.29 62.21
CA GLN K 411 -13.15 10.74 61.84
C GLN K 411 -13.24 11.06 60.36
N TRP K 412 -12.23 11.70 59.80
CA TRP K 412 -12.27 12.04 58.37
C TRP K 412 -12.32 10.78 57.52
N LEU K 413 -11.54 9.77 57.90
CA LEU K 413 -11.59 8.49 57.20
C LEU K 413 -13.00 7.92 57.26
N ASP K 414 -13.66 8.04 58.41
CA ASP K 414 -15.06 7.64 58.49
C ASP K 414 -15.95 8.53 57.62
N ASP K 415 -15.56 9.79 57.43
CA ASP K 415 -16.39 10.73 56.69
C ASP K 415 -16.33 10.50 55.19
N LEU K 416 -15.32 9.80 54.70
CA LEU K 416 -15.19 9.60 53.27
C LEU K 416 -16.43 8.90 52.73
N GLU K 417 -16.99 9.45 51.67
CA GLU K 417 -18.15 8.88 50.99
C GLU K 417 -17.60 8.33 49.68
N LEU K 418 -17.27 7.05 49.67
CA LEU K 418 -16.41 6.51 48.64
C LEU K 418 -17.06 6.57 47.26
N LYS K 419 -18.39 6.56 47.20
CA LYS K 419 -19.08 6.66 45.92
C LYS K 419 -19.04 8.06 45.35
N GLU K 420 -18.66 9.06 46.14
CA GLU K 420 -18.74 10.44 45.71
C GLU K 420 -17.43 10.91 45.09
N SER K 421 -17.52 12.08 44.47
CA SER K 421 -16.42 12.60 43.67
C SER K 421 -15.22 12.95 44.53
N PHE K 422 -14.05 12.77 43.96
CA PHE K 422 -12.80 13.20 44.56
C PHE K 422 -12.14 14.33 43.78
N TYR K 423 -12.77 14.77 42.71
CA TYR K 423 -12.13 15.71 41.81
C TYR K 423 -13.19 16.35 40.94
N THR K 424 -13.18 17.67 40.90
CA THR K 424 -13.97 18.44 39.97
C THR K 424 -12.97 19.09 39.03
N LYS K 425 -13.03 18.72 37.76
CA LYS K 425 -12.09 19.28 36.80
C LYS K 425 -12.22 20.79 36.79
N PRO K 426 -11.16 21.52 37.11
CA PRO K 426 -11.25 22.97 37.14
C PRO K 426 -10.99 23.56 35.75
N VAL K 427 -11.36 24.82 35.61
CA VAL K 427 -10.90 25.61 34.47
C VAL K 427 -9.53 26.17 34.82
N GLU K 428 -8.54 25.84 33.99
CA GLU K 428 -7.17 26.32 34.21
C GLU K 428 -7.07 27.72 33.63
N TYR K 429 -7.50 28.69 34.43
CA TYR K 429 -7.54 30.08 33.98
C TYR K 429 -6.13 30.59 33.70
N ALA K 430 -6.02 31.40 32.65
CA ALA K 430 -4.74 32.01 32.28
C ALA K 430 -4.26 33.01 33.32
N GLU K 431 -5.18 33.57 34.09
CA GLU K 431 -4.87 34.56 35.11
C GLU K 431 -5.44 34.08 36.44
N GLY K 432 -4.84 34.54 37.53
CA GLY K 432 -5.40 34.22 38.82
C GLY K 432 -4.47 34.61 39.95
N LYS K 433 -5.03 34.91 41.10
CA LYS K 433 -4.25 35.15 42.29
C LYS K 433 -4.73 34.17 43.36
N GLY K 434 -3.83 33.34 43.84
CA GLY K 434 -4.18 32.28 44.75
C GLY K 434 -3.42 32.45 46.06
N PHE K 435 -4.09 32.13 47.14
CA PHE K 435 -3.45 32.04 48.44
C PHE K 435 -3.79 30.68 48.99
N GLY K 436 -2.78 29.87 49.22
CA GLY K 436 -3.01 28.59 49.84
C GLY K 436 -2.28 28.59 51.15
N SER K 437 -2.93 28.15 52.22
CA SER K 437 -2.21 28.06 53.47
C SER K 437 -2.60 26.79 54.19
N THR K 438 -1.69 26.32 55.01
CA THR K 438 -1.91 25.15 55.81
C THR K 438 -1.08 25.28 57.07
N GLU K 439 -1.27 24.34 57.95
CA GLU K 439 -0.39 24.30 59.11
C GLU K 439 0.40 23.06 58.87
N ALA K 440 1.60 23.25 58.41
CA ALA K 440 2.49 22.10 58.31
C ALA K 440 2.82 21.72 59.75
N ALA K 441 3.49 20.61 59.94
CA ALA K 441 3.85 20.21 61.31
C ALA K 441 4.44 21.39 62.07
N ARG K 442 5.26 22.19 61.42
CA ARG K 442 6.02 23.25 62.13
C ARG K 442 5.28 24.57 62.13
N GLY K 443 4.14 24.63 61.47
CA GLY K 443 3.37 25.87 61.57
C GLY K 443 2.84 26.42 60.27
N ALA K 444 2.50 27.68 60.30
CA ALA K 444 1.87 28.36 59.15
C ALA K 444 2.73 28.24 57.91
N LEU K 445 2.19 27.57 56.92
CA LEU K 445 2.91 27.45 55.65
C LEU K 445 1.98 28.09 54.63
N SER K 446 2.51 28.99 53.84
CA SER K 446 1.61 29.74 52.94
C SER K 446 2.24 29.97 51.57
N ASP K 447 1.42 29.87 50.54
CA ASP K 447 1.80 30.15 49.17
C ASP K 447 0.95 31.31 48.70
N TRP K 448 1.60 32.33 48.16
CA TRP K 448 0.94 33.37 47.39
C TRP K 448 1.37 33.20 45.96
N ILE K 449 0.44 32.88 45.09
CA ILE K 449 0.75 32.62 43.69
C ILE K 449 0.01 33.63 42.84
N VAL K 450 0.69 34.11 41.80
CA VAL K 450 0.10 34.96 40.79
C VAL K 450 0.34 34.26 39.48
N ILE K 451 -0.74 33.83 38.84
CA ILE K 451 -0.73 33.22 37.54
C ILE K 451 -1.09 34.30 36.52
N GLU K 452 -0.26 34.44 35.50
CA GLU K 452 -0.50 35.37 34.43
C GLU K 452 -0.11 34.72 33.13
N ASP K 453 -0.95 34.88 32.11
CA ASP K 453 -0.65 34.36 30.79
C ASP K 453 -0.38 32.86 30.86
N SER K 454 -1.18 32.16 31.67
CA SER K 454 -1.08 30.71 31.83
C SER K 454 0.30 30.28 32.31
N LYS K 455 0.96 31.16 33.05
CA LYS K 455 2.28 30.88 33.59
C LYS K 455 2.32 31.41 35.01
N ILE K 456 3.29 30.91 35.77
CA ILE K 456 3.49 31.45 37.11
C ILE K 456 4.16 32.80 36.97
N LYS K 457 3.43 33.86 37.31
CA LYS K 457 4.02 35.19 37.30
C LYS K 457 4.78 35.46 38.59
N ASN K 458 4.19 35.10 39.72
CA ASN K 458 4.90 35.18 40.98
C ASN K 458 4.54 33.96 41.82
N TYR K 459 5.48 33.56 42.65
CA TYR K 459 5.25 32.42 43.53
C TYR K 459 6.08 32.68 44.77
N GLN K 460 5.42 32.98 45.87
CA GLN K 460 6.10 33.31 47.11
C GLN K 460 5.65 32.33 48.17
N VAL K 461 6.58 31.60 48.74
CA VAL K 461 6.32 30.66 49.81
C VAL K 461 6.85 31.27 51.09
N VAL K 462 5.98 31.23 52.09
CA VAL K 462 6.41 31.65 53.44
C VAL K 462 6.20 30.43 54.32
N THR K 463 7.29 29.89 54.80
CA THR K 463 7.22 28.64 55.58
C THR K 463 7.23 28.99 57.06
N PRO K 464 6.75 28.09 57.92
CA PRO K 464 6.68 28.33 59.35
C PRO K 464 8.08 28.59 59.91
N THR K 465 9.06 27.83 59.47
CA THR K 465 10.39 28.07 60.09
C THR K 465 10.90 29.42 59.59
N ALA K 466 10.47 29.85 58.41
CA ALA K 466 10.88 31.22 58.01
C ALA K 466 10.29 32.18 59.05
N TRP K 467 9.04 31.98 59.43
CA TRP K 467 8.48 32.83 60.48
C TRP K 467 9.33 32.76 61.75
N ASN K 468 9.66 31.55 62.17
CA ASN K 468 10.32 31.35 63.46
C ASN K 468 11.79 31.75 63.43
N ILE K 469 12.51 31.34 62.39
CA ILE K 469 13.96 31.43 62.36
C ILE K 469 14.44 32.60 61.50
N GLY K 470 13.54 33.28 60.80
CA GLY K 470 13.89 34.43 60.01
C GLY K 470 14.60 35.46 60.84
N PRO K 471 15.54 36.17 60.23
CA PRO K 471 16.42 37.07 60.99
C PRO K 471 15.73 38.34 61.45
N ARG K 472 16.50 39.24 62.04
CA ARG K 472 15.98 40.53 62.45
C ARG K 472 15.39 41.25 61.25
N ASP K 473 14.30 41.97 61.48
CA ASP K 473 13.66 42.76 60.44
C ASP K 473 14.36 44.11 60.36
N ALA K 474 13.75 45.04 59.62
CA ALA K 474 14.32 46.38 59.49
C ALA K 474 14.40 47.10 60.83
N SER K 475 13.48 46.79 61.75
CA SER K 475 13.50 47.37 63.08
C SER K 475 14.44 46.63 64.04
N GLU K 476 15.26 45.72 63.52
CA GLU K 476 16.19 44.94 64.32
C GLU K 476 15.48 44.06 65.35
N VAL K 477 14.19 43.82 65.15
CA VAL K 477 13.44 42.95 66.05
C VAL K 477 13.79 41.51 65.75
N LEU K 478 14.26 40.80 66.75
CA LEU K 478 14.72 39.43 66.56
C LEU K 478 13.55 38.53 66.16
N GLY K 479 13.84 37.52 65.34
CA GLY K 479 12.85 36.55 64.97
C GLY K 479 12.50 35.69 66.17
N PRO K 480 11.38 34.98 66.09
CA PRO K 480 10.94 34.18 67.25
C PRO K 480 11.99 33.24 67.79
N ILE K 481 12.72 32.53 66.92
CA ILE K 481 13.74 31.61 67.42
C ILE K 481 14.90 32.40 68.00
N GLU K 482 15.25 33.52 67.38
CA GLU K 482 16.32 34.34 67.91
C GLU K 482 15.99 34.83 69.31
N GLN K 483 14.75 35.30 69.53
CA GLN K 483 14.41 35.73 70.89
C GLN K 483 14.28 34.56 71.84
N ALA K 484 13.85 33.40 71.35
CA ALA K 484 13.79 32.22 72.21
C ALA K 484 15.18 31.80 72.65
N LEU K 485 16.17 31.94 71.76
CA LEU K 485 17.54 31.63 72.12
C LEU K 485 18.04 32.58 73.19
N VAL K 486 17.64 33.85 73.11
CA VAL K 486 18.04 34.83 74.10
C VAL K 486 17.44 34.45 75.44
N GLY K 487 18.29 34.44 76.48
CA GLY K 487 17.90 33.94 77.77
C GLY K 487 18.22 32.49 78.02
N SER K 488 18.64 31.76 77.00
CA SER K 488 18.96 30.35 77.17
C SER K 488 20.26 30.21 77.95
N PRO K 489 20.29 29.34 78.96
CA PRO K 489 21.56 29.08 79.65
C PRO K 489 22.51 28.34 78.73
N ILE K 490 23.80 28.53 78.94
CA ILE K 490 24.83 27.81 78.20
C ILE K 490 25.78 27.21 79.24
N VAL K 491 25.53 25.96 79.60
CA VAL K 491 26.41 25.27 80.54
C VAL K 491 27.76 24.98 79.91
N ASP K 492 27.76 24.57 78.65
CA ASP K 492 28.98 24.16 77.96
C ASP K 492 28.99 24.78 76.57
N ALA K 493 29.87 25.77 76.37
CA ALA K 493 30.00 26.39 75.06
C ALA K 493 30.54 25.42 74.03
N GLU K 494 31.27 24.39 74.45
CA GLU K 494 31.77 23.38 73.52
C GLU K 494 30.65 22.52 72.97
N ASP K 495 29.62 22.25 73.77
CA ASP K 495 28.42 21.55 73.33
C ASP K 495 27.22 22.36 73.80
N PRO K 496 26.93 23.48 73.14
CA PRO K 496 25.84 24.34 73.59
C PRO K 496 24.48 23.73 73.27
N VAL K 497 24.17 22.63 73.96
CA VAL K 497 22.98 21.85 73.64
C VAL K 497 21.70 22.66 73.84
N GLU K 498 21.73 23.69 74.68
CA GLU K 498 20.51 24.48 74.91
C GLU K 498 20.11 25.24 73.66
N LEU K 499 21.08 25.70 72.87
CA LEU K 499 20.75 26.29 71.57
C LEU K 499 20.02 25.29 70.70
N GLY K 500 20.50 24.04 70.70
CA GLY K 500 19.80 23.00 69.97
C GLY K 500 18.41 22.76 70.52
N HIS K 501 18.27 22.76 71.85
CA HIS K 501 16.97 22.57 72.45
C HIS K 501 15.99 23.63 71.98
N VAL K 502 16.43 24.88 71.98
CA VAL K 502 15.54 25.97 71.61
C VAL K 502 15.20 25.91 70.13
N ALA K 503 16.23 25.79 69.28
CA ALA K 503 15.99 25.77 67.84
C ALA K 503 15.14 24.57 67.45
N ARG K 504 15.44 23.40 68.01
CA ARG K 504 14.71 22.19 67.67
C ARG K 504 13.34 22.12 68.34
N SER K 505 13.12 22.87 69.44
CA SER K 505 11.79 22.90 70.02
C SER K 505 10.79 23.52 69.07
N PHE K 506 11.27 24.39 68.19
CA PHE K 506 10.47 24.88 67.09
C PHE K 506 10.36 23.87 65.96
N ASP K 507 11.02 22.73 66.08
CA ASP K 507 11.03 21.73 65.02
C ASP K 507 11.58 22.38 63.74
N SER K 508 12.54 23.27 63.91
CA SER K 508 13.05 24.07 62.78
C SER K 508 13.31 23.24 61.52
N CYS K 509 12.85 23.75 60.41
CA CYS K 509 13.17 23.08 59.15
C CYS K 509 13.84 24.11 58.26
N LEU K 510 15.13 23.97 58.09
CA LEU K 510 15.87 25.03 57.36
C LEU K 510 15.67 24.89 55.84
N VAL K 511 15.42 23.69 55.36
CA VAL K 511 15.16 23.62 53.90
C VAL K 511 13.86 24.38 53.61
N CYS K 512 12.92 24.27 54.52
CA CYS K 512 11.69 25.04 54.33
C CYS K 512 11.99 26.51 54.54
N THR K 513 12.80 26.80 55.52
CA THR K 513 13.01 28.23 55.83
C THR K 513 13.42 29.00 54.58
N VAL K 514 14.33 28.44 53.80
CA VAL K 514 14.89 29.18 52.68
C VAL K 514 14.17 28.86 51.38
N HIS K 515 13.84 27.59 51.15
CA HIS K 515 13.37 27.11 49.86
C HIS K 515 14.17 27.78 48.73
N ALA L 48 31.16 -0.51 58.59
CA ALA L 48 31.18 0.39 57.44
C ALA L 48 30.68 1.78 57.83
N SER L 49 31.61 2.72 57.94
CA SER L 49 31.26 4.08 58.33
C SER L 49 30.50 4.76 57.21
N VAL L 50 29.45 5.50 57.57
CA VAL L 50 28.65 6.24 56.61
C VAL L 50 28.56 7.67 57.06
N LEU L 51 28.90 8.59 56.16
CA LEU L 51 28.73 10.01 56.38
C LEU L 51 27.71 10.49 55.37
N TRP L 52 26.59 10.99 55.85
CA TRP L 52 25.50 11.44 55.01
C TRP L 52 25.43 12.95 55.11
N PHE L 53 25.72 13.63 54.01
CA PHE L 53 25.69 15.07 53.93
C PHE L 53 24.54 15.50 53.05
N GLN L 54 24.06 16.71 53.29
CA GLN L 54 22.98 17.30 52.51
C GLN L 54 23.46 18.61 51.93
N GLY L 55 23.39 18.74 50.61
CA GLY L 55 23.68 19.99 49.96
C GLY L 55 22.41 20.75 49.68
N GLY L 56 22.09 20.96 48.41
CA GLY L 56 20.84 21.61 48.03
C GLY L 56 19.74 20.59 48.11
N ALA L 57 19.45 20.16 49.32
CA ALA L 57 18.50 19.07 49.52
C ALA L 57 17.24 19.57 50.18
N CYS L 58 16.19 18.78 50.03
CA CYS L 58 14.98 19.11 50.80
C CYS L 58 14.86 18.08 51.91
N SER L 59 15.79 17.16 51.99
CA SER L 59 15.79 16.10 53.01
C SER L 59 14.73 15.02 52.70
N GLY L 60 14.08 15.12 51.55
CA GLY L 60 13.10 14.09 51.19
C GLY L 60 13.75 12.72 51.02
N ASN L 61 15.00 12.69 50.58
CA ASN L 61 15.63 11.35 50.49
C ASN L 61 15.86 10.80 51.89
N THR L 62 16.29 11.66 52.77
CA THR L 62 16.42 11.21 54.18
C THR L 62 15.05 10.75 54.70
N MET L 63 14.00 11.55 54.51
CA MET L 63 12.71 11.15 55.04
C MET L 63 12.22 9.85 54.43
N SER L 64 12.37 9.71 53.12
CA SER L 64 12.03 8.47 52.46
C SER L 64 12.85 7.33 53.05
N PHE L 65 14.15 7.56 53.22
CA PHE L 65 15.05 6.59 53.83
C PHE L 65 14.56 6.19 55.21
N LEU L 66 14.11 7.16 56.00
CA LEU L 66 13.57 6.88 57.32
C LEU L 66 12.31 6.04 57.25
N ASN L 67 11.61 6.08 56.12
CA ASN L 67 10.48 5.16 55.94
C ASN L 67 10.92 3.73 55.66
N ALA L 68 12.21 3.44 55.67
CA ALA L 68 12.69 2.13 55.28
C ALA L 68 12.03 1.05 56.11
N ASP L 69 11.70 -0.05 55.45
CA ASP L 69 11.26 -1.26 56.11
C ASP L 69 12.00 -2.42 55.49
N GLU L 70 12.40 -3.37 56.33
CA GLU L 70 13.11 -4.56 55.86
C GLU L 70 14.32 -4.19 55.00
N PRO L 71 15.36 -3.59 55.59
CA PRO L 71 15.44 -3.24 57.01
C PRO L 71 14.81 -1.89 57.29
N ASN L 72 14.33 -1.67 58.51
CA ASN L 72 14.01 -0.29 58.85
C ASN L 72 15.30 0.45 59.16
N VAL L 73 15.18 1.77 59.25
CA VAL L 73 16.38 2.61 59.30
C VAL L 73 17.19 2.32 60.56
N VAL L 74 16.52 2.09 61.68
CA VAL L 74 17.24 1.85 62.92
C VAL L 74 18.01 0.53 62.84
N ASP L 75 17.35 -0.52 62.33
CA ASP L 75 18.04 -1.79 62.16
C ASP L 75 19.17 -1.69 61.14
N LEU L 76 18.99 -0.89 60.11
CA LEU L 76 20.07 -0.68 59.16
C LEU L 76 21.26 -0.01 59.82
N ILE L 77 21.00 1.02 60.62
CA ILE L 77 22.07 1.80 61.23
C ILE L 77 22.77 0.98 62.32
N VAL L 78 22.03 0.16 63.06
CA VAL L 78 22.59 -0.54 64.19
C VAL L 78 23.03 -1.95 63.81
N ASP L 79 22.08 -2.76 63.33
CA ASP L 79 22.25 -4.21 63.21
C ASP L 79 22.94 -4.67 61.93
N PHE L 80 23.23 -3.78 60.98
CA PHE L 80 23.90 -4.18 59.75
C PHE L 80 25.35 -3.70 59.69
N GLY L 81 25.90 -3.26 60.83
CA GLY L 81 27.29 -2.87 60.84
C GLY L 81 27.59 -1.62 60.06
N LEU L 82 26.60 -0.76 59.85
CA LEU L 82 26.79 0.50 59.14
C LEU L 82 26.84 1.62 60.18
N ASP L 83 28.04 2.12 60.44
CA ASP L 83 28.25 3.12 61.47
C ASP L 83 27.95 4.49 60.86
N LEU L 84 26.75 5.02 61.11
CA LEU L 84 26.37 6.33 60.60
C LEU L 84 27.11 7.38 61.40
N LEU L 85 28.23 7.86 60.84
CA LEU L 85 29.06 8.81 61.55
C LEU L 85 28.29 10.09 61.86
N TRP L 86 27.55 10.59 60.88
CA TRP L 86 26.78 11.79 61.06
C TRP L 86 25.79 11.89 59.92
N HIS L 87 24.72 12.59 60.19
CA HIS L 87 23.67 12.90 59.25
C HIS L 87 23.03 14.18 59.76
N PRO L 88 22.86 15.20 58.91
CA PRO L 88 22.35 16.48 59.43
C PRO L 88 20.99 16.36 60.09
N SER L 89 20.18 15.39 59.67
CA SER L 89 18.87 15.18 60.26
C SER L 89 18.89 14.26 61.47
N LEU L 90 19.97 13.50 61.66
CA LEU L 90 19.99 12.47 62.68
C LEU L 90 21.22 12.50 63.56
N GLY L 91 22.30 13.13 63.13
CA GLY L 91 23.53 13.11 63.92
C GLY L 91 23.35 13.85 65.22
N LEU L 92 23.94 13.30 66.28
CA LEU L 92 23.87 13.93 67.58
C LEU L 92 24.77 15.15 67.66
N GLU L 93 25.95 15.06 67.06
CA GLU L 93 26.96 16.11 67.18
C GLU L 93 26.50 17.38 66.48
N LEU L 94 26.81 18.51 67.10
CA LEU L 94 26.63 19.81 66.49
C LEU L 94 27.94 20.57 66.53
N GLY L 95 27.98 21.66 65.78
CA GLY L 95 29.07 22.60 65.91
C GLY L 95 30.42 21.94 65.72
N ASN L 96 31.33 22.22 66.66
CA ASN L 96 32.70 21.80 66.49
C ASN L 96 32.88 20.29 66.60
N ASN L 97 32.06 19.61 67.40
CA ASN L 97 32.16 18.15 67.45
C ASN L 97 31.77 17.53 66.11
N ALA L 98 30.70 18.03 65.50
CA ALA L 98 30.33 17.58 64.17
C ALA L 98 31.43 17.87 63.16
N GLN L 99 31.98 19.10 63.22
CA GLN L 99 33.04 19.46 62.30
C GLN L 99 34.27 18.58 62.50
N LYS L 100 34.53 18.19 63.74
CA LYS L 100 35.63 17.27 64.01
C LYS L 100 35.40 15.95 63.27
N VAL L 101 34.17 15.44 63.35
CA VAL L 101 33.85 14.22 62.60
C VAL L 101 34.10 14.44 61.11
N PHE L 102 33.61 15.56 60.57
CA PHE L 102 33.72 15.80 59.14
C PHE L 102 35.17 15.92 58.72
N TRP L 103 35.97 16.67 59.48
CA TRP L 103 37.35 16.89 59.13
C TRP L 103 38.15 15.60 59.25
N ASP L 104 37.85 14.77 60.25
CA ASP L 104 38.52 13.48 60.36
C ASP L 104 38.22 12.62 59.14
N CYS L 105 36.97 12.63 58.67
CA CYS L 105 36.65 11.91 57.44
C CYS L 105 37.37 12.50 56.24
N ALA L 106 37.40 13.83 56.13
CA ALA L 106 37.94 14.47 54.93
C ALA L 106 39.44 14.28 54.82
N LYS L 107 40.15 14.37 55.95
CA LYS L 107 41.61 14.28 55.96
C LYS L 107 42.12 12.85 56.08
N GLY L 108 41.23 11.87 56.19
CA GLY L 108 41.65 10.49 56.31
C GLY L 108 42.04 10.05 57.71
N GLU L 109 41.78 10.89 58.72
CA GLU L 109 42.10 10.52 60.10
C GLU L 109 41.28 9.30 60.53
N ARG L 110 40.05 9.21 60.08
CA ARG L 110 39.21 8.05 60.28
C ARG L 110 38.66 7.59 58.94
N PRO L 111 38.46 6.29 58.78
CA PRO L 111 37.97 5.77 57.50
C PRO L 111 36.57 6.25 57.17
N LEU L 112 36.33 6.47 55.88
CA LEU L 112 35.01 6.84 55.38
C LEU L 112 34.66 5.82 54.31
N ASP L 113 33.77 4.89 54.66
CA ASP L 113 33.44 3.82 53.73
C ASP L 113 32.39 4.27 52.72
N ILE L 114 31.33 4.90 53.19
CA ILE L 114 30.25 5.36 52.32
C ILE L 114 29.99 6.82 52.62
N PHE L 115 30.15 7.65 51.61
CA PHE L 115 29.74 9.04 51.67
C PHE L 115 28.43 9.14 50.91
N VAL L 116 27.35 9.34 51.61
CA VAL L 116 26.06 9.58 50.98
C VAL L 116 25.89 11.08 50.87
N PHE L 117 25.50 11.50 49.67
CA PHE L 117 25.27 12.93 49.48
C PHE L 117 23.85 13.08 48.96
N GLU L 118 23.15 13.98 49.60
CA GLU L 118 21.76 14.23 49.23
C GLU L 118 21.67 15.71 48.87
N GLY L 119 20.82 16.05 47.92
CA GLY L 119 20.80 17.46 47.56
C GLY L 119 21.84 17.78 46.52
N THR L 120 21.70 18.96 45.97
CA THR L 120 22.63 19.30 44.90
C THR L 120 23.93 19.83 45.43
N VAL L 121 24.93 19.73 44.59
CA VAL L 121 26.17 20.45 44.87
C VAL L 121 25.93 21.88 44.41
N ILE L 122 25.83 22.79 45.37
CA ILE L 122 25.53 24.18 45.07
C ILE L 122 26.84 24.90 44.81
N GLU L 123 26.96 25.50 43.63
CA GLU L 123 28.18 26.19 43.26
C GLU L 123 28.02 27.70 43.25
N ALA L 124 26.81 28.21 43.16
CA ALA L 124 26.60 29.65 43.17
C ALA L 124 26.88 30.20 44.58
N PRO L 125 27.24 31.48 44.69
CA PRO L 125 27.43 32.42 43.58
C PRO L 125 28.81 32.30 42.94
N ASN L 126 28.88 32.46 41.62
CA ASN L 126 30.15 32.58 40.91
C ASN L 126 31.09 31.42 41.21
N GLY L 127 30.53 30.22 41.33
CA GLY L 127 31.35 29.06 41.59
C GLY L 127 31.92 28.98 42.99
N THR L 128 31.56 29.90 43.88
CA THR L 128 32.06 29.87 45.24
C THR L 128 31.30 28.87 46.12
N GLY L 129 30.08 28.52 45.76
CA GLY L 129 29.31 27.60 46.56
C GLY L 129 28.78 28.17 47.86
N GLN L 130 28.82 29.48 48.02
CA GLN L 130 28.43 30.10 49.28
C GLN L 130 26.93 30.18 49.47
N MET L 131 26.14 29.82 48.46
CA MET L 131 24.73 29.59 48.69
C MET L 131 24.46 28.29 49.42
N ASP L 132 25.50 27.53 49.71
CA ASP L 132 25.41 26.34 50.56
C ASP L 132 26.65 26.31 51.43
N MET L 133 26.59 27.01 52.56
CA MET L 133 27.68 27.03 53.52
C MET L 133 27.36 25.99 54.59
N PHE L 134 28.27 25.05 54.79
CA PHE L 134 28.04 23.99 55.76
C PHE L 134 29.31 23.80 56.59
N ALA L 135 29.16 23.91 57.90
CA ALA L 135 30.24 23.63 58.85
C ALA L 135 31.50 24.42 58.50
N GLY L 136 31.31 25.68 58.13
CA GLY L 136 32.42 26.58 57.90
C GLY L 136 33.02 26.55 56.52
N ARG L 137 32.47 25.77 55.60
CA ARG L 137 32.96 25.71 54.23
C ARG L 137 31.78 25.72 53.28
N PRO L 138 32.00 26.11 52.02
CA PRO L 138 31.00 25.80 51.00
C PRO L 138 30.82 24.30 50.95
N MET L 139 29.57 23.87 50.84
CA MET L 139 29.30 22.44 50.86
C MET L 139 30.06 21.73 49.76
N LYS L 140 30.25 22.39 48.61
CA LYS L 140 30.95 21.75 47.51
C LYS L 140 32.38 21.38 47.89
N ASP L 141 33.02 22.16 48.76
CA ASP L 141 34.35 21.81 49.22
C ASP L 141 34.30 20.56 50.09
N TRP L 142 33.32 20.46 50.99
CA TRP L 142 33.12 19.23 51.71
C TRP L 142 32.93 18.07 50.76
N VAL L 143 32.14 18.28 49.72
CA VAL L 143 31.87 17.22 48.75
C VAL L 143 33.17 16.76 48.12
N THR L 144 33.99 17.71 47.68
CA THR L 144 35.28 17.39 47.09
C THR L 144 36.08 16.51 48.04
N ASP L 145 36.25 16.96 49.28
CA ASP L 145 37.10 16.24 50.22
C ASP L 145 36.54 14.86 50.54
N LEU L 146 35.25 14.80 50.83
CA LEU L 146 34.67 13.54 51.32
C LEU L 146 34.50 12.54 50.18
N ALA L 147 34.10 13.00 49.01
CA ALA L 147 34.04 12.11 47.86
C ALA L 147 35.43 11.58 47.53
N GLY L 148 36.46 12.42 47.69
CA GLY L 148 37.82 11.92 47.53
C GLY L 148 38.26 10.98 48.63
N ALA L 149 37.63 11.04 49.80
CA ALA L 149 38.00 10.19 50.91
C ALA L 149 37.22 8.89 50.98
N ALA L 150 36.00 8.86 50.45
CA ALA L 150 35.11 7.73 50.67
C ALA L 150 35.52 6.53 49.84
N GLN L 151 35.26 5.34 50.39
CA GLN L 151 35.40 4.13 49.60
C GLN L 151 34.33 4.05 48.52
N ILE L 152 33.12 4.44 48.88
CA ILE L 152 31.98 4.48 47.97
C ILE L 152 31.29 5.82 48.17
N VAL L 153 30.91 6.44 47.06
CA VAL L 153 30.12 7.65 47.10
C VAL L 153 28.75 7.33 46.52
N VAL L 154 27.71 7.63 47.27
CA VAL L 154 26.34 7.40 46.84
C VAL L 154 25.65 8.75 46.78
N ALA L 155 25.18 9.13 45.61
CA ALA L 155 24.30 10.27 45.46
C ALA L 155 22.88 9.76 45.58
N ILE L 156 22.18 10.27 46.59
CA ILE L 156 20.80 9.80 46.79
C ILE L 156 19.86 10.93 46.37
N GLY L 157 18.96 10.61 45.47
CA GLY L 157 18.00 11.61 44.99
C GLY L 157 18.53 12.35 43.79
N ASP L 158 17.61 12.80 42.94
CA ASP L 158 18.01 13.46 41.67
C ASP L 158 18.91 14.66 41.93
N CYS L 159 18.61 15.38 42.99
CA CYS L 159 19.42 16.58 43.24
C CYS L 159 20.88 16.16 43.24
N ALA L 160 21.17 15.16 44.02
CA ALA L 160 22.60 14.75 44.16
C ALA L 160 23.06 14.02 42.90
N CYS L 161 22.18 13.21 42.32
CA CYS L 161 22.59 12.43 41.15
C CYS L 161 22.80 13.31 39.93
N PHE L 162 21.84 14.18 39.65
CA PHE L 162 21.77 14.88 38.39
C PHE L 162 21.50 16.37 38.51
N GLY L 163 21.24 16.89 39.70
CA GLY L 163 20.93 18.30 39.81
C GLY L 163 19.48 18.53 40.15
N GLY L 164 18.59 17.72 39.59
CA GLY L 164 17.21 17.67 39.98
C GLY L 164 16.51 19.02 39.88
N ILE L 165 15.55 19.19 40.79
CA ILE L 165 14.71 20.40 40.77
C ILE L 165 15.54 21.67 40.95
N PRO L 166 16.49 21.76 41.87
CA PRO L 166 17.24 23.02 42.00
C PRO L 166 18.00 23.38 40.74
N ALA L 167 18.38 22.40 39.93
CA ALA L 167 19.08 22.65 38.68
C ALA L 167 18.15 23.09 37.56
N MET L 168 16.83 23.08 37.79
CA MET L 168 15.90 23.69 36.85
C MET L 168 16.32 25.12 36.54
N GLU L 169 16.18 25.51 35.28
CA GLU L 169 16.47 26.88 34.93
C GLU L 169 15.56 27.81 35.74
N PRO L 170 16.07 28.96 36.19
CA PRO L 170 17.40 29.49 35.91
C PRO L 170 18.54 28.97 36.80
N ASN L 171 18.28 27.96 37.61
CA ASN L 171 19.29 27.36 38.48
C ASN L 171 19.99 28.43 39.33
N PRO L 172 19.25 29.14 40.18
CA PRO L 172 19.87 30.23 40.95
C PRO L 172 21.01 29.77 41.82
N SER L 173 20.96 28.55 42.34
CA SER L 173 21.97 28.04 43.24
C SER L 173 23.17 27.46 42.51
N GLY L 174 23.19 27.50 41.18
CA GLY L 174 24.27 26.86 40.46
C GLY L 174 24.35 25.39 40.83
N SER L 175 23.20 24.75 40.99
CA SER L 175 23.14 23.39 41.44
C SER L 175 23.59 22.44 40.35
N THR L 176 24.24 21.36 40.76
CA THR L 176 24.59 20.28 39.85
C THR L 176 24.61 18.99 40.65
N GLY L 177 24.61 17.87 39.95
CA GLY L 177 24.77 16.60 40.61
C GLY L 177 26.21 16.28 40.87
N LEU L 178 26.43 15.19 41.59
CA LEU L 178 27.79 14.78 41.93
C LEU L 178 28.59 14.44 40.67
N GLN L 179 28.04 13.56 39.84
CA GLN L 179 28.72 13.13 38.64
C GLN L 179 27.90 13.35 37.38
N PHE L 180 26.75 13.98 37.50
CA PHE L 180 25.93 14.32 36.35
C PHE L 180 25.38 15.72 36.52
N HIS L 181 25.18 16.40 35.41
CA HIS L 181 24.26 17.52 35.38
C HIS L 181 23.17 17.13 34.40
N LYS L 182 21.98 16.83 34.94
CA LYS L 182 20.95 16.19 34.15
C LYS L 182 21.56 14.96 33.48
N ARG L 183 21.28 14.74 32.20
CA ARG L 183 21.79 13.53 31.56
C ARG L 183 23.29 13.61 31.31
N GLU L 184 23.86 14.81 31.26
CA GLU L 184 25.26 14.96 30.89
C GLU L 184 26.16 14.46 32.01
N LYS L 185 26.96 13.44 31.72
CA LYS L 185 27.89 12.92 32.71
C LYS L 185 28.95 13.96 33.04
N GLY L 186 29.32 13.99 34.32
CA GLY L 186 30.42 14.80 34.82
C GLY L 186 30.05 15.55 36.08
N GLY L 187 28.89 16.20 36.09
CA GLY L 187 28.42 16.93 37.25
C GLY L 187 29.50 17.70 37.97
N PHE L 188 29.52 17.61 39.30
CA PHE L 188 30.49 18.36 40.07
C PHE L 188 31.84 17.66 40.12
N LEU L 189 31.83 16.33 40.27
CA LEU L 189 33.07 15.60 40.49
C LEU L 189 33.80 15.24 39.20
N GLY L 190 33.17 15.43 38.04
CA GLY L 190 33.80 15.08 36.80
C GLY L 190 33.43 13.68 36.36
N PRO L 191 33.43 13.46 35.04
CA PRO L 191 33.04 12.12 34.54
C PRO L 191 33.97 11.03 35.00
N ASP L 192 35.23 11.34 35.30
CA ASP L 192 36.23 10.35 35.60
C ASP L 192 36.41 10.10 37.09
N PHE L 193 35.60 10.74 37.93
CA PHE L 193 35.69 10.49 39.35
C PHE L 193 35.42 9.03 39.66
N ARG L 194 36.26 8.44 40.49
CA ARG L 194 36.02 7.12 41.05
C ARG L 194 36.30 7.17 42.53
N SER L 195 35.46 6.49 43.30
CA SER L 195 35.73 6.38 44.72
C SER L 195 36.89 5.42 44.93
N LYS L 196 37.29 5.24 46.20
CA LYS L 196 38.43 4.39 46.49
C LYS L 196 38.18 2.92 46.18
N MET L 197 36.93 2.49 46.18
CA MET L 197 36.62 1.14 45.73
C MET L 197 36.52 1.03 44.22
N GLY L 198 36.86 2.09 43.50
CA GLY L 198 36.87 2.08 42.05
C GLY L 198 35.54 2.40 41.41
N LEU L 199 34.50 2.57 42.20
CA LEU L 199 33.18 2.80 41.63
C LEU L 199 33.00 4.27 41.29
N PRO L 200 32.17 4.58 40.30
CA PRO L 200 31.75 5.97 40.14
C PRO L 200 30.79 6.29 41.25
N VAL L 201 30.26 7.51 41.29
CA VAL L 201 29.17 7.80 42.21
C VAL L 201 28.02 6.86 41.89
N ILE L 202 27.56 6.14 42.90
CA ILE L 202 26.37 5.31 42.76
C ILE L 202 25.17 6.25 42.83
N ASN L 203 24.45 6.37 41.73
CA ASN L 203 23.31 7.27 41.65
C ASN L 203 22.06 6.49 42.04
N VAL L 204 21.49 6.83 43.19
CA VAL L 204 20.20 6.31 43.61
C VAL L 204 19.22 7.45 43.34
N PRO L 205 18.62 7.52 42.15
CA PRO L 205 17.85 8.68 41.81
C PRO L 205 16.46 8.64 42.42
N GLY L 206 15.60 9.48 41.90
CA GLY L 206 14.29 9.58 42.50
C GLY L 206 14.21 10.92 43.20
N CYS L 207 12.99 11.35 43.42
CA CYS L 207 12.84 12.68 44.04
C CYS L 207 11.61 12.56 44.94
N PRO L 208 11.71 11.86 46.06
CA PRO L 208 12.98 11.31 46.53
C PRO L 208 13.18 9.86 46.10
N ALA L 209 14.38 9.37 46.39
CA ALA L 209 14.59 7.95 46.21
C ALA L 209 13.69 7.18 47.17
N HIS L 210 13.22 6.05 46.73
CA HIS L 210 12.52 5.11 47.59
C HIS L 210 13.50 4.57 48.63
N PRO L 211 13.06 4.35 49.87
CA PRO L 211 14.00 3.86 50.88
C PRO L 211 14.73 2.60 50.46
N ASP L 212 14.07 1.71 49.75
CA ASP L 212 14.74 0.43 49.41
C ASP L 212 15.87 0.69 48.42
N TRP L 213 15.73 1.72 47.61
CA TRP L 213 16.75 1.94 46.55
C TRP L 213 18.12 2.17 47.19
N ILE L 214 18.09 2.70 48.40
CA ILE L 214 19.37 2.93 49.12
C ILE L 214 19.59 1.83 50.15
N THR L 215 18.55 1.47 50.90
CA THR L 215 18.75 0.53 51.99
C THR L 215 19.18 -0.82 51.48
N GLN L 216 18.60 -1.29 50.38
CA GLN L 216 19.01 -2.60 49.86
C GLN L 216 20.41 -2.55 49.31
N ILE L 217 20.82 -1.41 48.74
CA ILE L 217 22.21 -1.25 48.35
C ILE L 217 23.12 -1.29 49.57
N LEU L 218 22.71 -0.61 50.64
CA LEU L 218 23.50 -0.60 51.87
C LEU L 218 23.57 -1.98 52.48
N VAL L 219 22.47 -2.71 52.45
CA VAL L 219 22.46 -4.09 52.95
C VAL L 219 23.39 -4.95 52.09
N ALA L 220 23.31 -4.80 50.77
CA ALA L 220 24.18 -5.55 49.88
C ALA L 220 25.64 -5.29 50.19
N LEU L 221 25.98 -4.02 50.39
CA LEU L 221 27.35 -3.67 50.78
C LEU L 221 27.71 -4.28 52.13
N ALA L 222 26.76 -4.27 53.06
CA ALA L 222 27.01 -4.77 54.41
C ALA L 222 27.01 -6.29 54.48
N THR L 223 26.39 -6.97 53.53
CA THR L 223 26.29 -8.43 53.55
C THR L 223 27.24 -9.10 52.57
N GLY L 224 28.23 -8.37 52.07
CA GLY L 224 29.20 -8.96 51.17
C GLY L 224 28.73 -9.11 49.74
N ARG L 225 27.66 -8.43 49.36
CA ARG L 225 27.10 -8.53 48.02
C ARG L 225 27.35 -7.27 47.20
N ALA L 226 28.39 -6.50 47.53
CA ALA L 226 28.75 -5.35 46.72
C ALA L 226 28.99 -5.77 45.28
N GLY L 227 29.62 -6.92 45.08
CA GLY L 227 29.87 -7.42 43.74
C GLY L 227 28.62 -7.76 42.96
N ASP L 228 27.49 -7.95 43.66
CA ASP L 228 26.23 -8.16 42.97
C ASP L 228 25.64 -6.88 42.42
N ILE L 229 26.15 -5.72 42.85
CA ILE L 229 25.58 -4.44 42.43
C ILE L 229 26.12 -4.10 41.05
N THR L 230 25.25 -4.06 40.06
CA THR L 230 25.59 -3.57 38.74
C THR L 230 24.90 -2.22 38.53
N LEU L 231 25.61 -1.30 37.89
CA LEU L 231 25.13 0.04 37.65
C LEU L 231 24.86 0.23 36.16
N ASP L 232 23.79 0.97 35.85
CA ASP L 232 23.50 1.25 34.45
C ASP L 232 24.36 2.44 33.99
N ASP L 233 24.08 2.96 32.80
CA ASP L 233 24.87 4.06 32.26
C ASP L 233 24.73 5.34 33.07
N LEU L 234 23.66 5.47 33.85
CA LEU L 234 23.50 6.61 34.74
C LEU L 234 24.00 6.30 36.15
N HIS L 235 24.75 5.21 36.31
CA HIS L 235 25.26 4.76 37.60
C HIS L 235 24.14 4.38 38.55
N ARG L 236 22.98 4.05 38.03
CA ARG L 236 21.91 3.60 38.90
C ARG L 236 21.97 2.09 39.08
N PRO L 237 21.62 1.60 40.26
CA PRO L 237 21.60 0.15 40.49
C PRO L 237 20.60 -0.52 39.57
N GLU L 238 21.10 -1.39 38.70
CA GLU L 238 20.24 -2.07 37.74
C GLU L 238 19.24 -2.99 38.41
N THR L 239 19.52 -3.42 39.65
CA THR L 239 18.54 -4.23 40.36
C THR L 239 17.24 -3.48 40.59
N PHE L 240 17.27 -2.14 40.52
CA PHE L 240 16.08 -1.34 40.64
C PHE L 240 15.70 -0.62 39.36
N PHE L 241 16.65 -0.37 38.45
CA PHE L 241 16.43 0.57 37.36
C PHE L 241 16.53 -0.07 35.99
N LYS L 242 16.45 -1.39 35.91
CA LYS L 242 16.20 -2.01 34.62
C LYS L 242 14.71 -2.02 34.31
N THR L 243 13.87 -2.17 35.32
CA THR L 243 12.44 -2.09 35.12
C THR L 243 12.04 -0.65 34.83
N PHE L 244 10.78 -0.49 34.42
CA PHE L 244 10.26 0.86 34.20
C PHE L 244 9.29 1.16 35.32
N THR L 245 8.92 2.40 35.47
CA THR L 245 7.84 2.67 36.45
C THR L 245 6.65 1.84 36.00
N GLN L 246 6.47 1.76 34.69
CA GLN L 246 5.26 1.06 34.18
C GLN L 246 5.27 -0.40 34.62
N THR L 247 6.45 -0.92 34.89
CA THR L 247 6.57 -2.35 35.22
C THR L 247 5.84 -2.60 36.54
N GLY L 248 4.68 -3.21 36.46
CA GLY L 248 3.92 -3.49 37.68
C GLY L 248 2.87 -2.43 37.90
N CYS L 249 2.81 -1.49 36.98
CA CYS L 249 1.75 -0.47 37.11
C CYS L 249 0.40 -1.18 36.99
N THR L 250 -0.54 -0.79 37.80
CA THR L 250 -1.89 -1.42 37.76
C THR L 250 -2.62 -0.98 36.49
N ARG L 251 -2.06 -0.07 35.71
CA ARG L 251 -2.81 0.45 34.54
C ARG L 251 -2.22 -0.02 33.21
N VAL L 252 -1.25 -0.93 33.28
CA VAL L 252 -0.60 -1.35 32.01
C VAL L 252 -1.64 -2.01 31.09
N GLN L 253 -2.60 -2.73 31.64
CA GLN L 253 -3.56 -3.35 30.71
C GLN L 253 -4.31 -2.24 29.96
N PHE L 254 -4.63 -1.17 30.66
CA PHE L 254 -5.28 -0.03 29.97
C PHE L 254 -4.30 0.54 28.94
N PHE L 255 -3.04 0.61 29.34
CA PHE L 255 -2.01 1.11 28.40
C PHE L 255 -2.01 0.22 27.17
N GLU L 256 -1.99 -1.08 27.40
CA GLU L 256 -1.90 -2.05 26.28
C GLU L 256 -3.05 -1.80 25.30
N TYR L 257 -4.22 -1.56 25.82
CA TYR L 257 -5.41 -1.34 25.01
C TYR L 257 -5.67 0.13 24.76
N LYS L 258 -4.71 0.99 25.12
CA LYS L 258 -4.78 2.41 24.79
C LYS L 258 -6.06 3.03 25.33
N GLN L 259 -6.38 2.65 26.56
CA GLN L 259 -7.56 3.23 27.25
C GLN L 259 -7.06 4.29 28.20
N SER L 260 -7.51 5.50 27.97
CA SER L 260 -6.90 6.60 28.74
C SER L 260 -7.72 6.98 29.96
N THR L 261 -6.99 7.23 31.03
CA THR L 261 -7.69 7.87 32.14
C THR L 261 -8.03 9.26 31.57
N LEU L 262 -9.22 9.73 31.80
CA LEU L 262 -9.68 11.00 31.26
C LEU L 262 -9.64 12.13 32.27
N SER L 263 -9.72 11.81 33.56
CA SER L 263 -9.78 12.85 34.57
C SER L 263 -9.24 12.31 35.87
N PHE L 264 -8.88 13.23 36.75
CA PHE L 264 -8.38 12.86 38.05
C PHE L 264 -9.52 12.44 38.96
N GLY L 265 -9.17 12.10 40.20
CA GLY L 265 -10.18 11.63 41.13
C GLY L 265 -10.76 10.32 40.65
N GLU L 266 -12.08 10.23 40.66
CA GLU L 266 -12.74 8.99 40.25
C GLU L 266 -12.43 8.60 38.82
N GLY L 267 -12.03 9.57 37.98
CA GLY L 267 -11.61 9.24 36.63
C GLY L 267 -10.45 8.27 36.61
N THR L 268 -9.65 8.23 37.66
CA THR L 268 -8.52 7.32 37.72
C THR L 268 -8.91 5.92 38.18
N ARG L 269 -10.20 5.65 38.37
CA ARG L 269 -10.63 4.28 38.59
C ARG L 269 -10.46 3.42 37.35
N THR L 270 -10.06 4.07 36.28
CA THR L 270 -9.83 3.32 35.04
C THR L 270 -8.74 3.99 34.21
N GLY L 271 -8.26 3.27 33.21
CA GLY L 271 -7.40 3.95 32.26
C GLY L 271 -5.95 4.05 32.66
N CYS L 272 -5.15 4.37 31.68
CA CYS L 272 -3.73 4.61 31.93
C CYS L 272 -3.48 6.12 31.81
N LEU L 273 -2.52 6.62 32.55
CA LEU L 273 -2.32 8.10 32.61
C LEU L 273 -1.41 8.60 31.50
N PHE L 274 -0.99 7.70 30.64
CA PHE L 274 0.03 8.10 29.65
C PHE L 274 -0.51 9.11 28.67
N TYR L 275 -1.74 8.91 28.27
CA TYR L 275 -2.23 9.69 27.12
C TYR L 275 -2.72 11.08 27.47
N GLU L 276 -3.30 11.26 28.63
CA GLU L 276 -3.84 12.56 28.97
C GLU L 276 -3.09 13.26 30.09
N PHE L 277 -2.32 12.53 30.89
CA PHE L 277 -1.68 13.13 32.05
C PHE L 277 -0.16 13.07 31.97
N GLY L 278 0.38 12.75 30.83
CA GLY L 278 1.85 12.84 30.70
C GLY L 278 2.58 11.83 31.54
N CYS L 279 1.91 10.75 31.86
CA CYS L 279 2.64 9.68 32.59
C CYS L 279 3.94 9.32 31.87
N ARG L 280 5.05 9.42 32.58
CA ARG L 280 6.34 9.04 31.97
C ARG L 280 6.69 7.59 32.32
N GLY L 281 5.75 6.87 32.89
CA GLY L 281 6.00 5.48 33.30
C GLY L 281 6.76 4.67 32.27
N PRO L 282 6.33 4.62 31.01
CA PRO L 282 6.96 3.79 30.00
C PRO L 282 8.30 4.34 29.51
N MET L 283 8.66 5.52 29.99
CA MET L 283 9.96 6.12 29.56
C MET L 283 10.85 6.28 30.79
N THR L 284 10.45 5.68 31.90
CA THR L 284 11.17 5.95 33.15
C THR L 284 11.59 4.65 33.81
N HIS L 285 12.88 4.57 34.08
CA HIS L 285 13.40 3.34 34.69
C HIS L 285 13.25 3.50 36.19
N SER L 286 12.60 2.54 36.81
CA SER L 286 12.35 2.60 38.25
C SER L 286 11.68 1.30 38.63
N PRO L 287 11.68 0.91 39.91
CA PRO L 287 10.88 -0.23 40.31
C PRO L 287 9.69 0.30 41.12
N CYS L 288 9.18 1.48 40.78
CA CYS L 288 8.11 2.09 41.63
C CYS L 288 6.87 1.23 41.72
N ASN L 289 6.64 0.45 40.67
CA ASN L 289 5.45 -0.43 40.71
C ASN L 289 5.84 -1.86 41.01
N ARG L 290 7.13 -2.10 41.09
CA ARG L 290 7.60 -3.40 41.56
C ARG L 290 7.74 -3.37 43.07
N ILE L 291 8.52 -2.42 43.57
CA ILE L 291 8.68 -2.19 44.99
C ILE L 291 7.83 -0.97 45.32
N LEU L 292 6.72 -1.22 45.96
CA LEU L 292 5.77 -0.10 46.13
C LEU L 292 6.26 0.93 47.15
N TRP L 293 5.80 2.13 46.94
CA TRP L 293 6.17 3.22 47.86
C TRP L 293 5.43 3.03 49.19
N ASN L 294 6.15 3.22 50.28
CA ASN L 294 5.54 3.12 51.62
C ASN L 294 4.87 1.76 51.77
N ARG L 295 5.35 0.78 51.00
CA ARG L 295 4.76 -0.55 51.01
C ARG L 295 3.28 -0.53 50.68
N GLN L 296 2.81 0.53 50.03
CA GLN L 296 1.39 0.68 49.76
C GLN L 296 1.08 0.83 48.28
N SER L 297 1.76 1.73 47.60
CA SER L 297 1.21 2.20 46.34
C SER L 297 2.35 2.75 45.49
N SER L 298 1.93 3.47 44.47
CA SER L 298 2.90 4.21 43.65
C SER L 298 2.11 5.39 43.10
N LYS L 299 2.81 6.36 42.57
CA LYS L 299 2.02 7.44 41.95
C LYS L 299 1.03 6.88 40.95
N THR L 300 1.53 6.06 40.05
CA THR L 300 0.65 5.65 38.92
C THR L 300 -0.53 4.83 39.42
N ARG L 301 -0.27 3.94 40.34
CA ARG L 301 -1.40 3.19 40.91
C ARG L 301 -2.42 4.18 41.47
N ALA L 302 -1.95 5.17 42.21
CA ALA L 302 -2.85 6.10 42.87
C ALA L 302 -3.57 7.00 41.89
N GLY L 303 -3.16 7.04 40.62
CA GLY L 303 -3.73 7.95 39.67
C GLY L 303 -2.88 9.16 39.36
N MET L 304 -1.69 9.22 39.90
CA MET L 304 -0.81 10.32 39.56
C MET L 304 0.17 9.89 38.49
N PRO L 305 0.35 10.69 37.44
CA PRO L 305 1.33 10.32 36.44
C PRO L 305 2.73 10.24 37.01
N CYS L 306 3.45 9.29 36.50
CA CYS L 306 4.87 9.27 36.85
C CYS L 306 5.50 10.50 36.21
N LEU L 307 6.26 11.21 37.01
CA LEU L 307 6.92 12.43 36.51
C LEU L 307 8.32 12.08 35.99
N GLY L 308 8.63 10.79 35.91
CA GLY L 308 9.94 10.39 35.40
C GLY L 308 11.04 10.85 36.31
N CYS L 309 10.79 10.88 37.61
CA CYS L 309 11.78 11.46 38.53
C CYS L 309 13.05 10.63 38.65
N THR L 310 13.09 9.41 38.20
CA THR L 310 14.35 8.65 38.36
C THR L 310 15.22 8.92 37.15
N GLU L 311 14.66 9.68 36.23
CA GLU L 311 15.41 9.97 35.00
C GLU L 311 16.18 11.27 35.19
N PRO L 312 17.38 11.42 34.59
CA PRO L 312 18.22 12.60 34.89
C PRO L 312 17.64 13.92 34.43
N GLU L 313 16.72 13.90 33.48
CA GLU L 313 16.11 15.14 33.00
C GLU L 313 15.08 15.69 33.97
N PHE L 314 14.73 14.94 35.01
CA PHE L 314 13.68 15.39 35.90
C PHE L 314 14.06 16.72 36.55
N PRO L 315 13.13 17.68 36.65
CA PRO L 315 11.78 17.62 36.10
C PRO L 315 11.78 17.80 34.61
N HIS L 316 11.08 16.93 33.91
CA HIS L 316 11.14 16.94 32.47
C HIS L 316 10.53 18.23 31.93
N PHE L 317 11.12 18.73 30.84
CA PHE L 317 10.70 19.97 30.21
C PHE L 317 10.74 21.14 31.17
N ASP L 318 11.43 20.99 32.29
CA ASP L 318 11.54 22.02 33.30
C ASP L 318 10.17 22.54 33.71
N LEU L 319 9.17 21.66 33.69
CA LEU L 319 7.82 22.05 34.11
C LEU L 319 7.34 23.28 33.35
N ALA L 320 7.74 23.39 32.09
CA ALA L 320 7.32 24.50 31.27
C ALA L 320 5.81 24.49 31.13
N PRO L 321 5.19 25.64 30.85
CA PRO L 321 3.73 25.69 30.76
C PRO L 321 3.21 24.66 29.77
N GLY L 322 2.12 24.00 30.17
CA GLY L 322 1.48 22.99 29.35
C GLY L 322 2.08 21.60 29.46
N THR L 323 3.12 21.40 30.26
CA THR L 323 3.77 20.11 30.37
C THR L 323 3.49 19.39 31.68
N VAL L 324 2.72 20.00 32.59
CA VAL L 324 2.52 19.44 33.92
C VAL L 324 1.20 18.67 33.91
N PHE L 325 1.28 17.38 34.17
CA PHE L 325 0.12 16.49 34.17
C PHE L 325 -0.62 16.56 32.83
N LYS L 326 0.14 16.72 31.76
CA LYS L 326 -0.40 16.74 30.41
C LYS L 326 0.53 15.95 29.50
N THR L 327 -0.05 15.26 28.53
CA THR L 327 0.72 14.59 27.50
C THR L 327 0.86 15.54 26.31
N GLN L 328 2.08 15.96 26.03
CA GLN L 328 2.31 16.73 24.82
C GLN L 328 2.08 15.84 23.61
N LYS L 329 1.27 16.33 22.69
CA LYS L 329 0.87 15.54 21.55
C LYS L 329 1.12 16.32 20.26
N VAL L 330 1.40 15.58 19.20
CA VAL L 330 1.52 16.12 17.86
C VAL L 330 0.20 15.89 17.16
N SER L 331 -0.36 16.95 16.57
CA SER L 331 -1.63 16.90 15.87
C SER L 331 -2.76 16.44 16.78
N GLY L 332 -2.59 16.62 18.09
CA GLY L 332 -3.63 16.31 19.05
C GLY L 332 -3.84 14.84 19.33
N MET L 333 -3.02 13.94 18.80
CA MET L 333 -3.34 12.50 19.00
C MET L 333 -2.08 11.65 19.09
N ILE L 334 -0.98 12.13 18.51
CA ILE L 334 0.26 11.38 18.60
C ILE L 334 1.06 11.93 19.77
N PRO L 335 1.37 11.13 20.79
CA PRO L 335 2.23 11.62 21.86
C PRO L 335 3.59 12.01 21.29
N LYS L 336 4.12 13.13 21.79
CA LYS L 336 5.45 13.55 21.36
C LYS L 336 6.49 12.52 21.75
N GLU L 337 6.38 12.00 22.96
CA GLU L 337 7.27 10.96 23.46
C GLU L 337 6.52 9.64 23.52
N VAL L 338 7.07 8.61 22.92
CA VAL L 338 6.48 7.28 22.93
C VAL L 338 7.25 6.46 23.96
N PRO L 339 6.78 5.26 24.32
CA PRO L 339 7.52 4.47 25.31
C PRO L 339 8.93 4.19 24.85
N GLU L 340 9.78 3.92 25.83
CA GLU L 340 11.19 3.65 25.55
C GLU L 340 11.34 2.52 24.56
N GLY L 341 12.18 2.72 23.54
CA GLY L 341 12.47 1.64 22.59
C GLY L 341 11.42 1.46 21.52
N THR L 342 10.41 2.32 21.49
CA THR L 342 9.41 2.22 20.41
C THR L 342 9.58 3.42 19.49
N ASP L 343 9.07 3.32 18.28
CA ASP L 343 9.08 4.49 17.38
C ASP L 343 7.64 4.90 17.20
N HIS L 344 7.40 6.13 16.82
CA HIS L 344 6.05 6.67 16.70
C HIS L 344 5.23 5.88 15.71
N LEU L 345 5.84 5.43 14.62
CA LEU L 345 5.09 4.70 13.60
C LEU L 345 4.54 3.39 14.14
N THR L 346 5.44 2.54 14.62
CA THR L 346 5.01 1.24 15.17
C THR L 346 4.08 1.51 16.36
N TYR L 347 4.49 2.40 17.27
CA TYR L 347 3.69 2.63 18.46
C TYR L 347 2.26 3.03 18.09
N MET L 348 2.10 3.94 17.13
CA MET L 348 0.77 4.38 16.75
C MET L 348 0.00 3.28 16.02
N GLY L 349 0.67 2.51 15.16
CA GLY L 349 -0.01 1.42 14.52
C GLY L 349 -0.52 0.40 15.52
N LEU L 350 0.34 0.00 16.45
CA LEU L 350 -0.07 -0.93 17.49
C LEU L 350 -1.15 -0.31 18.37
N ALA L 351 -1.09 1.00 18.59
CA ALA L 351 -2.09 1.66 19.40
C ALA L 351 -3.46 1.62 18.74
N ALA L 352 -3.50 1.85 17.42
CA ALA L 352 -4.76 1.74 16.70
C ALA L 352 -5.29 0.32 16.76
N ALA L 353 -4.41 -0.66 16.54
CA ALA L 353 -4.81 -2.05 16.61
C ALA L 353 -5.36 -2.39 17.99
N ALA L 354 -4.68 -1.93 19.03
CA ALA L 354 -5.11 -2.21 20.40
C ALA L 354 -6.44 -1.55 20.71
N ARG L 355 -6.59 -0.30 20.26
CA ARG L 355 -7.88 0.40 20.45
C ARG L 355 -9.00 -0.43 19.80
N ILE L 356 -8.75 -0.99 18.62
CA ILE L 356 -9.75 -1.82 17.97
C ILE L 356 -10.00 -3.10 18.75
N ALA L 357 -8.94 -3.72 19.27
CA ALA L 357 -9.06 -4.99 19.97
C ALA L 357 -9.47 -4.85 21.43
N ALA L 358 -9.60 -3.62 21.93
CA ALA L 358 -9.72 -3.41 23.37
C ALA L 358 -10.96 -4.11 23.91
N PRO L 359 -10.82 -4.93 24.95
CA PRO L 359 -11.98 -5.57 25.55
C PRO L 359 -12.79 -4.57 26.36
N GLN L 360 -14.03 -4.96 26.65
CA GLN L 360 -14.96 -4.04 27.30
C GLN L 360 -14.46 -3.62 28.69
N TRP L 361 -13.90 -4.55 29.45
CA TRP L 361 -13.46 -4.22 30.79
C TRP L 361 -12.37 -3.15 30.78
N SER L 362 -11.57 -3.09 29.72
CA SER L 362 -10.53 -2.07 29.64
C SER L 362 -11.12 -0.68 29.47
N LYS L 363 -12.39 -0.58 29.14
CA LYS L 363 -13.07 0.70 28.98
C LYS L 363 -13.91 1.07 30.19
N GLU L 364 -13.82 0.30 31.27
CA GLU L 364 -14.65 0.52 32.43
C GLU L 364 -13.79 0.68 33.68
N ASP L 365 -14.42 1.20 34.74
CA ASP L 365 -13.75 1.32 36.02
C ASP L 365 -13.27 -0.05 36.46
N MET L 366 -12.06 -0.10 36.96
CA MET L 366 -11.53 -1.32 37.54
C MET L 366 -11.08 -1.16 38.97
N PHE L 367 -10.57 0.00 39.34
CA PHE L 367 -10.19 0.29 40.71
C PHE L 367 -11.41 0.87 41.43
N VAL L 368 -12.38 -0.02 41.61
CA VAL L 368 -13.68 0.35 42.13
C VAL L 368 -13.62 0.33 43.64
N VAL L 369 -14.58 1.02 44.24
CA VAL L 369 -14.67 1.08 45.70
C VAL L 369 -14.78 -0.33 46.26
N LEU M 3 -12.90 -43.96 83.54
CA LEU M 3 -13.74 -42.96 82.89
C LEU M 3 -13.40 -42.82 81.42
N ASP M 4 -14.34 -43.17 80.54
CA ASP M 4 -14.16 -42.93 79.12
C ASP M 4 -14.51 -41.49 78.82
N LEU M 5 -13.52 -40.73 78.36
CA LEU M 5 -13.70 -39.32 78.04
C LEU M 5 -13.46 -39.13 76.55
N PHE M 6 -14.45 -38.59 75.85
CA PHE M 6 -14.35 -38.28 74.44
C PHE M 6 -14.29 -36.77 74.31
N VAL M 7 -13.15 -36.25 73.87
CA VAL M 7 -12.94 -34.82 73.69
C VAL M 7 -13.08 -34.50 72.22
N SER M 8 -14.07 -33.69 71.91
CA SER M 8 -14.36 -33.29 70.54
C SER M 8 -14.97 -31.90 70.56
N PRO M 9 -14.37 -30.92 69.87
CA PRO M 9 -13.09 -31.07 69.17
C PRO M 9 -11.92 -30.83 70.10
N LEU M 10 -10.76 -31.37 69.74
CA LEU M 10 -9.49 -30.94 70.33
C LEU M 10 -8.85 -30.04 69.29
N GLY M 11 -9.15 -28.74 69.39
CA GLY M 11 -8.71 -27.79 68.39
C GLY M 11 -7.24 -27.43 68.54
N ARG M 12 -6.85 -26.42 67.77
CA ARG M 12 -5.46 -25.97 67.72
C ARG M 12 -4.53 -27.13 67.37
N VAL M 13 -5.00 -27.98 66.45
CA VAL M 13 -4.17 -29.02 65.87
C VAL M 13 -4.32 -28.98 64.35
N GLU M 14 -4.63 -27.79 63.82
CA GLU M 14 -4.71 -27.58 62.39
C GLU M 14 -5.57 -28.64 61.72
N GLY M 15 -6.78 -28.79 62.20
CA GLY M 15 -7.70 -29.71 61.61
C GLY M 15 -8.58 -30.34 62.67
N ASP M 16 -9.21 -31.44 62.27
CA ASP M 16 -10.30 -32.03 63.00
C ASP M 16 -9.77 -33.24 63.76
N LEU M 17 -9.71 -33.11 65.08
CA LEU M 17 -9.20 -34.16 65.93
C LEU M 17 -10.18 -34.39 67.06
N ASP M 18 -10.51 -35.64 67.30
CA ASP M 18 -11.17 -36.05 68.52
C ASP M 18 -10.23 -36.99 69.26
N VAL M 19 -10.27 -36.93 70.58
CA VAL M 19 -9.41 -37.78 71.39
C VAL M 19 -10.28 -38.53 72.38
N ARG M 20 -10.26 -39.85 72.30
CA ARG M 20 -10.91 -40.68 73.29
C ARG M 20 -9.85 -41.18 74.24
N VAL M 21 -10.10 -41.11 75.53
CA VAL M 21 -9.15 -41.58 76.52
C VAL M 21 -9.90 -42.39 77.56
N THR M 22 -9.26 -43.46 78.01
CA THR M 22 -9.67 -44.13 79.24
C THR M 22 -8.84 -43.55 80.37
N ILE M 23 -9.53 -43.10 81.41
CA ILE M 23 -8.88 -42.47 82.56
C ILE M 23 -9.13 -43.36 83.77
N ASN M 24 -8.05 -43.70 84.47
CA ASN M 24 -8.15 -44.40 85.75
C ASN M 24 -7.31 -43.66 86.78
N ASP M 25 -7.93 -43.31 87.90
CA ASP M 25 -7.27 -42.58 88.97
C ASP M 25 -6.63 -41.28 88.46
N GLY M 26 -7.35 -40.59 87.58
CA GLY M 26 -6.87 -39.32 87.07
C GLY M 26 -5.73 -39.41 86.09
N VAL M 27 -5.47 -40.58 85.53
CA VAL M 27 -4.38 -40.79 84.58
C VAL M 27 -4.96 -41.47 83.35
N VAL M 28 -4.58 -40.98 82.16
CA VAL M 28 -4.96 -41.66 80.94
C VAL M 28 -4.27 -43.02 80.88
N THR M 29 -5.07 -44.07 80.72
CA THR M 29 -4.53 -45.42 80.61
C THR M 29 -4.57 -45.97 79.19
N SER M 30 -5.48 -45.46 78.36
CA SER M 30 -5.46 -45.77 76.95
C SER M 30 -5.97 -44.56 76.19
N ALA M 31 -5.55 -44.43 74.94
CA ALA M 31 -5.95 -43.30 74.14
C ALA M 31 -6.17 -43.72 72.71
N TRP M 32 -7.14 -43.08 72.08
CA TRP M 32 -7.42 -43.19 70.67
C TRP M 32 -7.44 -41.79 70.09
N THR M 33 -6.65 -41.58 69.05
CA THR M 33 -6.71 -40.35 68.29
C THR M 33 -7.59 -40.61 67.07
N GLU M 34 -8.57 -39.75 66.86
CA GLU M 34 -9.52 -39.89 65.77
C GLU M 34 -9.37 -38.67 64.87
N ALA M 35 -8.66 -38.84 63.77
CA ALA M 35 -8.67 -37.86 62.70
C ALA M 35 -10.03 -37.92 62.01
N ALA M 36 -10.74 -36.79 61.99
CA ALA M 36 -12.16 -36.82 61.67
C ALA M 36 -12.52 -36.23 60.31
N MET M 37 -11.56 -35.69 59.57
CA MET M 37 -11.87 -35.01 58.32
C MET M 37 -10.99 -35.56 57.21
N PHE M 38 -11.60 -35.92 56.10
CA PHE M 38 -10.93 -36.56 54.97
C PHE M 38 -11.20 -35.78 53.70
N ARG M 39 -10.14 -35.48 52.96
CA ARG M 39 -10.27 -34.84 51.66
C ARG M 39 -9.83 -35.73 50.50
N GLY M 40 -8.93 -36.66 50.75
CA GLY M 40 -8.55 -37.62 49.73
C GLY M 40 -7.72 -37.07 48.59
N PHE M 41 -6.72 -36.26 48.91
CA PHE M 41 -5.90 -35.67 47.86
C PHE M 41 -5.12 -36.73 47.09
N GLU M 42 -4.76 -37.83 47.74
CA GLU M 42 -4.08 -38.90 47.03
C GLU M 42 -4.99 -39.49 45.97
N ILE M 43 -6.27 -39.64 46.29
CA ILE M 43 -7.23 -40.10 45.31
C ILE M 43 -7.33 -39.11 44.16
N ILE M 44 -7.41 -37.82 44.50
CA ILE M 44 -7.57 -36.79 43.47
C ILE M 44 -6.37 -36.77 42.54
N LEU M 45 -5.17 -36.93 43.09
CA LEU M 45 -3.95 -36.80 42.28
C LEU M 45 -3.83 -37.91 41.24
N ARG M 46 -4.45 -39.04 41.46
CA ARG M 46 -4.34 -40.14 40.52
C ARG M 46 -4.85 -39.70 39.15
N GLY M 47 -4.05 -39.97 38.11
CA GLY M 47 -4.41 -39.63 36.76
C GLY M 47 -4.19 -38.18 36.39
N LYS M 48 -3.76 -37.34 37.33
CA LYS M 48 -3.53 -35.95 37.04
C LYS M 48 -2.15 -35.76 36.42
N ASP M 49 -1.87 -34.52 36.04
CA ASP M 49 -0.57 -34.20 35.48
C ASP M 49 0.53 -34.58 36.46
N PRO M 50 1.66 -35.09 36.00
CA PRO M 50 2.72 -35.50 36.93
C PRO M 50 3.14 -34.42 37.89
N GLN M 51 3.02 -33.15 37.50
CA GLN M 51 3.36 -32.05 38.38
C GLN M 51 2.17 -31.54 39.17
N ALA M 52 1.01 -32.20 39.06
CA ALA M 52 -0.16 -31.75 39.82
C ALA M 52 0.12 -31.75 41.31
N GLY M 53 1.05 -32.59 41.77
CA GLY M 53 1.39 -32.59 43.17
C GLY M 53 1.90 -31.24 43.63
N LEU M 54 2.64 -30.54 42.79
CA LEU M 54 3.15 -29.23 43.17
C LEU M 54 2.04 -28.24 43.48
N ILE M 55 0.86 -28.45 42.91
CA ILE M 55 -0.28 -27.60 43.18
C ILE M 55 -1.13 -28.16 44.31
N VAL M 56 -1.34 -29.48 44.30
CA VAL M 56 -2.29 -30.10 45.22
C VAL M 56 -1.67 -30.28 46.59
N CYS M 57 -0.47 -30.84 46.66
CA CYS M 57 0.13 -31.17 47.94
C CYS M 57 0.30 -29.97 48.86
N PRO M 58 0.66 -28.76 48.40
CA PRO M 58 0.72 -27.64 49.33
C PRO M 58 -0.67 -27.49 49.97
N ARG M 59 -1.72 -27.78 49.21
CA ARG M 59 -3.09 -27.60 49.76
C ARG M 59 -3.43 -28.70 50.77
N ILE M 60 -2.52 -29.60 51.01
CA ILE M 60 -2.78 -30.56 52.10
C ILE M 60 -2.81 -29.72 53.38
N CYS M 61 -2.01 -28.66 53.38
CA CYS M 61 -1.93 -27.94 54.66
C CYS M 61 -1.46 -26.50 54.51
N GLY M 62 -2.10 -25.65 55.26
CA GLY M 62 -1.81 -24.24 55.13
C GLY M 62 -0.52 -23.85 55.77
N ILE M 63 -0.26 -24.47 56.91
CA ILE M 63 0.91 -24.05 57.69
C ILE M 63 2.14 -24.76 57.15
N CYS M 64 1.96 -25.94 56.58
CA CYS M 64 3.19 -26.62 56.13
C CYS M 64 3.09 -26.98 54.65
N GLY M 65 2.27 -26.25 53.91
CA GLY M 65 2.20 -26.51 52.47
C GLY M 65 3.53 -26.29 51.79
N GLY M 66 4.31 -25.30 52.25
CA GLY M 66 5.61 -25.13 51.64
C GLY M 66 6.47 -26.37 51.77
N SER M 67 6.33 -27.05 52.90
CA SER M 67 7.06 -28.32 53.09
C SER M 67 6.54 -29.34 52.09
N HIS M 68 5.22 -29.39 51.95
CA HIS M 68 4.64 -30.32 50.96
C HIS M 68 5.22 -30.00 49.59
N LEU M 69 5.29 -28.74 49.29
CA LEU M 69 5.80 -28.34 47.96
C LEU M 69 7.22 -28.84 47.83
N TYR M 70 8.04 -28.58 48.85
CA TYR M 70 9.44 -28.99 48.84
C TYR M 70 9.57 -30.47 48.53
N LYS M 71 8.85 -31.30 49.28
CA LYS M 71 9.02 -32.73 49.09
C LYS M 71 8.35 -33.21 47.79
N SER M 72 7.26 -32.57 47.36
CA SER M 72 6.67 -32.95 46.08
C SER M 72 7.61 -32.61 44.93
N ALA M 73 8.24 -31.45 45.01
CA ALA M 73 9.22 -31.07 44.01
C ALA M 73 10.34 -32.08 43.97
N TYR M 74 10.84 -32.47 45.15
CA TYR M 74 11.93 -33.44 45.15
C TYR M 74 11.46 -34.82 44.71
N ALA M 75 10.21 -35.16 44.98
CA ALA M 75 9.67 -36.41 44.44
C ALA M 75 9.74 -36.39 42.92
N LEU M 76 9.37 -35.27 42.31
CA LEU M 76 9.47 -35.16 40.87
C LEU M 76 10.94 -35.14 40.42
N ASP M 77 11.80 -34.46 41.18
CA ASP M 77 13.22 -34.39 40.82
C ASP M 77 13.83 -35.77 40.78
N THR M 78 13.49 -36.61 41.77
CA THR M 78 14.00 -37.98 41.78
C THR M 78 13.32 -38.81 40.70
N ALA M 79 12.01 -38.66 40.54
CA ALA M 79 11.28 -39.43 39.54
C ALA M 79 11.80 -39.14 38.15
N TRP M 80 12.12 -37.87 37.88
CA TRP M 80 12.55 -37.44 36.57
C TRP M 80 14.06 -37.30 36.47
N ARG M 81 14.79 -37.69 37.51
CA ARG M 81 16.25 -37.68 37.49
C ARG M 81 16.75 -36.31 37.07
N THR M 82 16.19 -35.28 37.68
CA THR M 82 16.48 -33.92 37.27
C THR M 82 17.84 -33.47 37.78
N HIS M 83 18.27 -32.32 37.30
CA HIS M 83 19.41 -31.62 37.83
C HIS M 83 18.93 -30.45 38.65
N MET M 84 19.45 -30.31 39.86
CA MET M 84 19.10 -29.20 40.74
C MET M 84 20.28 -28.25 40.81
N PRO M 85 20.21 -27.07 40.22
CA PRO M 85 21.27 -26.09 40.41
C PRO M 85 21.41 -25.76 41.88
N PRO M 86 22.63 -25.52 42.36
CA PRO M 86 22.81 -25.22 43.79
C PRO M 86 21.94 -24.09 44.28
N ASN M 87 21.75 -23.05 43.47
CA ASN M 87 20.89 -21.95 43.91
C ASN M 87 19.47 -22.43 44.15
N ALA M 88 18.98 -23.32 43.30
CA ALA M 88 17.64 -23.85 43.50
C ALA M 88 17.55 -24.62 44.81
N THR M 89 18.57 -25.44 45.09
CA THR M 89 18.60 -26.15 46.35
C THR M 89 18.62 -25.19 47.51
N LEU M 90 19.40 -24.12 47.40
CA LEU M 90 19.46 -23.12 48.45
C LEU M 90 18.11 -22.46 48.66
N ILE M 91 17.45 -22.09 47.57
CA ILE M 91 16.16 -21.43 47.69
C ILE M 91 15.15 -22.37 48.32
N ARG M 92 15.16 -23.63 47.90
CA ARG M 92 14.26 -24.62 48.49
C ARG M 92 14.53 -24.77 49.97
N ASN M 93 15.80 -24.88 50.36
CA ASN M 93 16.17 -24.95 51.76
C ASN M 93 15.69 -23.73 52.51
N ILE M 94 15.95 -22.55 51.95
CA ILE M 94 15.59 -21.31 52.61
C ILE M 94 14.09 -21.26 52.84
N CYS M 95 13.33 -21.61 51.81
CA CYS M 95 11.88 -21.49 51.92
C CYS M 95 11.30 -22.54 52.87
N GLN M 96 11.82 -23.76 52.82
CA GLN M 96 11.39 -24.78 53.77
C GLN M 96 11.67 -24.33 55.19
N ALA M 97 12.89 -23.85 55.42
CA ALA M 97 13.27 -23.44 56.76
C ALA M 97 12.50 -22.20 57.18
N CYS M 98 12.22 -21.29 56.26
CA CYS M 98 11.45 -20.10 56.60
C CYS M 98 10.03 -20.45 56.96
N GLU M 99 9.44 -21.40 56.24
CA GLU M 99 8.12 -21.86 56.65
C GLU M 99 8.17 -22.43 58.05
N THR M 100 9.20 -23.23 58.34
CA THR M 100 9.34 -23.79 59.68
C THR M 100 9.53 -22.70 60.73
N LEU M 101 10.32 -21.68 60.39
CA LEU M 101 10.57 -20.57 61.31
C LEU M 101 9.30 -19.78 61.55
N GLN M 102 8.42 -19.71 60.56
CA GLN M 102 7.10 -19.14 60.79
C GLN M 102 6.29 -20.03 61.70
N SER M 103 6.35 -21.34 61.46
CA SER M 103 5.52 -22.29 62.20
C SER M 103 5.87 -22.28 63.67
N ILE M 104 7.15 -22.17 63.99
CA ILE M 104 7.63 -22.33 65.36
C ILE M 104 6.92 -21.34 66.30
N PRO M 105 7.04 -20.03 66.10
CA PRO M 105 6.30 -19.11 66.99
C PRO M 105 4.81 -19.15 66.77
N ARG M 106 4.37 -19.24 65.53
CA ARG M 106 2.92 -19.24 65.29
C ARG M 106 2.27 -20.39 66.04
N TYR M 107 2.84 -21.58 65.91
CA TYR M 107 2.30 -22.71 66.64
C TYR M 107 2.48 -22.51 68.14
N PHE M 108 3.65 -22.06 68.57
CA PHE M 108 3.93 -22.02 70.00
C PHE M 108 2.96 -21.10 70.71
N TYR M 109 2.79 -19.89 70.21
CA TYR M 109 1.92 -18.93 70.88
C TYR M 109 0.46 -19.19 70.58
N ALA M 110 0.11 -19.33 69.30
CA ALA M 110 -1.29 -19.39 68.92
C ALA M 110 -1.90 -20.74 69.23
N LEU M 111 -1.14 -21.81 69.12
CA LEU M 111 -1.71 -23.14 69.22
C LEU M 111 -1.39 -23.82 70.55
N PHE M 112 -0.19 -23.60 71.09
CA PHE M 112 0.25 -24.36 72.25
C PHE M 112 0.21 -23.56 73.54
N ALA M 113 0.88 -22.41 73.57
CA ALA M 113 1.18 -21.77 74.85
C ALA M 113 -0.06 -21.19 75.53
N ILE M 114 -1.14 -20.96 74.79
CA ILE M 114 -2.32 -20.40 75.45
C ILE M 114 -2.87 -21.38 76.48
N ASP M 115 -2.68 -22.68 76.24
CA ASP M 115 -3.08 -23.68 77.23
C ASP M 115 -2.30 -23.56 78.52
N LEU M 116 -1.13 -22.91 78.50
CA LEU M 116 -0.40 -22.64 79.73
C LEU M 116 -1.17 -21.73 80.66
N THR M 117 -2.19 -21.03 80.15
CA THR M 117 -3.04 -20.18 80.97
C THR M 117 -4.19 -20.95 81.59
N ASN M 118 -4.23 -22.26 81.40
CA ASN M 118 -5.34 -23.05 81.93
C ASN M 118 -5.43 -22.90 83.44
N LYS M 119 -6.67 -22.94 83.94
CA LYS M 119 -6.93 -22.78 85.37
C LYS M 119 -6.29 -23.87 86.20
N ASN M 120 -5.94 -25.00 85.58
CA ASN M 120 -5.25 -26.06 86.30
C ASN M 120 -3.93 -25.59 86.88
N TYR M 121 -3.36 -24.52 86.34
CA TYR M 121 -2.09 -23.99 86.77
C TYR M 121 -2.23 -22.76 87.64
N ALA M 122 -3.45 -22.43 88.06
CA ALA M 122 -3.67 -21.20 88.83
C ALA M 122 -2.86 -21.17 90.11
N LYS M 123 -2.56 -22.34 90.67
CA LYS M 123 -1.77 -22.41 91.90
C LYS M 123 -0.28 -22.18 91.65
N SER M 124 0.18 -22.26 90.40
CA SER M 124 1.59 -22.04 90.14
C SER M 124 1.96 -20.60 90.44
N LYS M 125 3.15 -20.41 91.01
CA LYS M 125 3.62 -19.05 91.25
C LYS M 125 3.87 -18.30 89.95
N LEU M 126 4.08 -19.01 88.85
CA LEU M 126 4.30 -18.39 87.55
C LEU M 126 3.01 -18.19 86.76
N TYR M 127 1.87 -18.55 87.34
CA TYR M 127 0.62 -18.55 86.58
C TYR M 127 0.24 -17.15 86.10
N ASP M 128 0.36 -16.16 86.97
CA ASP M 128 0.01 -14.80 86.57
C ASP M 128 0.87 -14.35 85.39
N GLU M 129 2.17 -14.63 85.46
CA GLU M 129 3.04 -14.28 84.34
C GLU M 129 2.68 -15.09 83.10
N ALA M 130 2.35 -16.37 83.28
CA ALA M 130 1.95 -17.18 82.12
C ALA M 130 0.72 -16.58 81.46
N VAL M 131 -0.24 -16.13 82.25
CA VAL M 131 -1.44 -15.51 81.71
C VAL M 131 -1.10 -14.20 81.02
N ARG M 132 -0.25 -13.39 81.64
CA ARG M 132 0.13 -12.12 81.05
C ARG M 132 0.77 -12.33 79.68
N ARG M 133 1.61 -13.37 79.57
CA ARG M 133 2.39 -13.58 78.37
C ARG M 133 1.61 -14.31 77.28
N PHE M 134 0.89 -15.36 77.65
CA PHE M 134 0.41 -16.35 76.70
C PHE M 134 -1.09 -16.40 76.55
N ALA M 135 -1.82 -15.52 77.22
CA ALA M 135 -3.26 -15.51 77.04
C ALA M 135 -3.58 -15.29 75.56
N PRO M 136 -4.58 -15.96 75.01
CA PRO M 136 -4.89 -15.79 73.59
C PRO M 136 -5.21 -14.34 73.26
N TYR M 137 -4.57 -13.84 72.21
CA TYR M 137 -4.84 -12.57 71.55
C TYR M 137 -4.42 -11.34 72.35
N VAL M 138 -4.13 -11.49 73.63
CA VAL M 138 -3.82 -10.33 74.46
C VAL M 138 -2.53 -10.58 75.20
N GLY M 139 -2.06 -11.82 75.18
CA GLY M 139 -0.83 -12.15 75.85
C GLY M 139 0.32 -11.29 75.33
N THR M 140 1.13 -10.79 76.26
CA THR M 140 2.23 -9.91 75.87
C THR M 140 3.31 -10.65 75.11
N SER M 141 3.38 -11.97 75.23
CA SER M 141 4.22 -12.75 74.35
C SER M 141 3.44 -13.26 73.15
N TYR M 142 2.15 -13.52 73.33
CA TYR M 142 1.32 -14.02 72.25
C TYR M 142 1.31 -13.05 71.08
N GLN M 143 0.98 -11.78 71.35
CA GLN M 143 0.80 -10.83 70.25
C GLN M 143 2.06 -10.67 69.41
N PRO M 144 3.21 -10.27 69.96
CA PRO M 144 4.39 -10.15 69.10
C PRO M 144 4.82 -11.46 68.49
N GLY M 145 4.70 -12.57 69.22
CA GLY M 145 5.11 -13.85 68.65
C GLY M 145 4.29 -14.19 67.42
N VAL M 146 2.98 -14.10 67.54
CA VAL M 146 2.11 -14.42 66.42
C VAL M 146 2.31 -13.43 65.29
N VAL M 147 2.37 -12.14 65.61
CA VAL M 147 2.50 -11.13 64.57
C VAL M 147 3.80 -11.32 63.80
N LEU M 148 4.90 -11.52 64.52
CA LEU M 148 6.19 -11.65 63.86
C LEU M 148 6.36 -13.00 63.18
N SER M 149 5.50 -13.97 63.50
CA SER M 149 5.57 -15.25 62.81
C SER M 149 5.37 -15.10 61.31
N ALA M 150 4.74 -14.02 60.87
CA ALA M 150 4.53 -13.81 59.43
C ALA M 150 5.80 -13.40 58.68
N LYS M 151 6.84 -12.97 59.39
CA LYS M 151 8.03 -12.48 58.69
C LYS M 151 8.77 -13.56 57.91
N PRO M 152 9.10 -14.72 58.49
CA PRO M 152 9.85 -15.71 57.72
C PRO M 152 9.13 -16.12 56.44
N VAL M 153 7.81 -16.16 56.47
CA VAL M 153 7.10 -16.48 55.23
C VAL M 153 7.02 -15.30 54.30
N GLU M 154 7.33 -14.09 54.78
CA GLU M 154 7.62 -13.01 53.83
C GLU M 154 8.84 -13.35 53.02
N VAL M 155 9.86 -13.93 53.66
CA VAL M 155 11.01 -14.39 52.89
C VAL M 155 10.57 -15.46 51.88
N TYR M 156 9.77 -16.40 52.35
CA TYR M 156 9.22 -17.41 51.46
C TYR M 156 8.54 -16.77 50.27
N ALA M 157 7.74 -15.73 50.50
CA ALA M 157 7.02 -15.07 49.43
C ALA M 157 7.97 -14.35 48.49
N ILE M 158 9.04 -13.78 49.03
CA ILE M 158 10.02 -13.13 48.17
C ILE M 158 10.51 -14.09 47.12
N PHE M 159 10.78 -15.32 47.52
CA PHE M 159 11.28 -16.28 46.55
C PHE M 159 10.20 -17.05 45.82
N GLY M 160 9.00 -17.17 46.38
CA GLY M 160 8.00 -18.05 45.84
C GLY M 160 6.77 -17.30 45.40
N GLY M 161 6.76 -16.00 45.61
CA GLY M 161 5.62 -15.23 45.14
C GLY M 161 4.63 -15.01 46.25
N GLN M 162 4.43 -16.06 47.03
CA GLN M 162 3.48 -15.92 48.13
C GLN M 162 3.61 -17.05 49.11
N TRP M 163 3.01 -16.82 50.24
CA TRP M 163 2.92 -17.91 51.21
C TRP M 163 1.61 -17.66 52.00
N PRO M 164 0.74 -18.67 52.26
CA PRO M 164 0.83 -20.02 51.70
C PRO M 164 0.43 -20.08 50.22
N DHI M 165 0.73 -21.20 49.60
CA DHI M 165 0.20 -21.53 48.27
C DHI M 165 0.95 -21.13 47.04
O DHI M 165 0.34 -20.93 46.02
CB DHI M 165 -0.34 -22.92 48.20
CG DHI M 165 -1.17 -23.34 49.35
ND1 DHI M 165 -0.66 -23.97 50.46
CD2 DHI M 165 -2.50 -23.28 49.55
CE1 DHI M 165 -1.62 -24.24 51.30
NE2 DHI M 165 -2.75 -23.85 50.77
N SER M 166 2.24 -21.16 47.21
CA SER M 166 3.03 -21.05 45.99
C SER M 166 3.30 -22.50 45.57
N SER M 167 3.62 -22.70 44.31
CA SER M 167 4.09 -24.01 43.77
C SER M 167 5.43 -23.79 43.05
N PHE M 168 6.21 -22.81 43.50
CA PHE M 168 7.35 -22.37 42.73
C PHE M 168 8.52 -23.36 42.76
N MET M 169 8.45 -24.40 43.57
CA MET M 169 9.48 -25.43 43.56
C MET M 169 9.07 -26.47 42.53
N VAL M 170 9.86 -26.58 41.46
CA VAL M 170 9.51 -27.43 40.33
C VAL M 170 10.68 -28.36 40.06
N PRO M 171 10.42 -29.50 39.44
CA PRO M 171 11.52 -30.37 39.02
C PRO M 171 12.54 -29.56 38.22
N GLY M 172 13.79 -29.69 38.60
CA GLY M 172 14.85 -28.93 37.96
C GLY M 172 15.18 -27.62 38.66
N GLY M 173 14.43 -27.24 39.68
CA GLY M 173 14.83 -26.09 40.44
C GLY M 173 13.69 -25.33 41.07
N VAL M 174 13.68 -24.02 40.85
CA VAL M 174 12.58 -23.17 41.29
C VAL M 174 12.16 -22.30 40.12
N MET M 175 10.92 -21.87 40.15
CA MET M 175 10.43 -21.00 39.08
C MET M 175 11.08 -19.63 39.13
N SER M 176 11.45 -19.18 40.32
CA SER M 176 11.81 -17.80 40.52
C SER M 176 13.27 -17.55 40.19
N ALA M 177 13.59 -16.28 40.03
CA ALA M 177 14.95 -15.83 39.74
C ALA M 177 15.22 -14.68 40.69
N PRO M 178 15.65 -14.98 41.90
CA PRO M 178 15.86 -13.92 42.88
C PRO M 178 16.77 -12.83 42.35
N THR M 179 16.44 -11.59 42.69
CA THR M 179 17.29 -10.46 42.41
C THR M 179 18.10 -10.12 43.65
N LEU M 180 19.02 -9.16 43.48
CA LEU M 180 19.83 -8.73 44.61
C LEU M 180 18.94 -8.21 45.73
N SER M 181 17.98 -7.34 45.40
CA SER M 181 17.10 -6.79 46.41
C SER M 181 16.25 -7.88 47.06
N ASP M 182 15.91 -8.93 46.32
CA ASP M 182 15.22 -10.06 46.93
C ASP M 182 16.04 -10.63 48.07
N VAL M 183 17.32 -10.90 47.81
CA VAL M 183 18.16 -11.52 48.82
C VAL M 183 18.43 -10.57 49.97
N THR M 184 18.73 -9.30 49.67
CA THR M 184 19.00 -8.35 50.73
C THR M 184 17.77 -8.14 51.59
N ARG M 185 16.59 -8.07 50.97
CA ARG M 185 15.37 -7.93 51.75
C ARG M 185 15.09 -9.18 52.56
N ALA M 186 15.33 -10.36 51.99
CA ALA M 186 15.14 -11.59 52.75
C ALA M 186 16.06 -11.62 53.96
N ILE M 187 17.31 -11.20 53.78
CA ILE M 187 18.25 -11.13 54.89
C ILE M 187 17.74 -10.13 55.92
N ALA M 188 17.29 -8.96 55.47
CA ALA M 188 16.80 -7.95 56.40
C ALA M 188 15.59 -8.46 57.17
N ILE M 189 14.67 -9.11 56.49
CA ILE M 189 13.48 -9.65 57.15
C ILE M 189 13.90 -10.68 58.18
N LEU M 190 14.80 -11.58 57.79
CA LEU M 190 15.22 -12.64 58.69
C LEU M 190 15.94 -12.07 59.91
N GLU M 191 16.85 -11.13 59.69
CA GLU M 191 17.56 -10.51 60.81
C GLU M 191 16.61 -9.76 61.72
N HIS M 192 15.63 -9.06 61.14
CA HIS M 192 14.68 -8.34 61.96
C HIS M 192 13.85 -9.32 62.79
N TRP M 193 13.37 -10.39 62.17
CA TRP M 193 12.60 -11.38 62.90
C TRP M 193 13.43 -12.03 63.98
N ASN M 194 14.67 -12.37 63.67
CA ASN M 194 15.55 -12.98 64.64
C ASN M 194 15.79 -12.05 65.82
N ASP M 195 16.06 -10.77 65.53
CA ASP M 195 16.35 -9.83 66.60
C ASP M 195 15.11 -9.57 67.43
N ASN M 196 13.95 -9.44 66.79
CA ASN M 196 12.76 -8.95 67.47
C ASN M 196 11.95 -10.05 68.11
N TRP M 197 11.88 -11.23 67.51
CA TRP M 197 11.20 -12.33 68.19
C TRP M 197 12.19 -13.35 68.74
N LEU M 198 13.03 -13.93 67.90
CA LEU M 198 13.82 -15.09 68.31
C LEU M 198 14.75 -14.73 69.45
N GLU M 199 15.52 -13.66 69.28
CA GLU M 199 16.51 -13.32 70.29
C GLU M 199 15.93 -12.47 71.40
N LYS M 200 15.19 -11.42 71.05
CA LYS M 200 14.66 -10.52 72.07
C LYS M 200 13.60 -11.20 72.91
N GLN M 201 12.62 -11.83 72.26
CA GLN M 201 11.47 -12.36 72.98
C GLN M 201 11.64 -13.82 73.36
N TRP M 202 11.99 -14.67 72.40
CA TRP M 202 12.08 -16.08 72.72
C TRP M 202 13.28 -16.37 73.62
N LEU M 203 14.47 -15.96 73.19
CA LEU M 203 15.68 -16.36 73.88
C LEU M 203 16.10 -15.37 74.96
N GLY M 204 15.89 -14.07 74.76
CA GLY M 204 16.55 -13.12 75.64
C GLY M 204 18.05 -13.16 75.54
N CYS M 205 18.58 -13.74 74.47
CA CYS M 205 20.01 -13.83 74.22
C CYS M 205 20.20 -14.05 72.72
N SER M 206 21.45 -14.09 72.30
CA SER M 206 21.72 -14.35 70.89
C SER M 206 21.42 -15.81 70.56
N VAL M 207 21.19 -16.07 69.27
CA VAL M 207 21.04 -17.45 68.82
C VAL M 207 22.30 -18.23 69.13
N ASP M 208 23.46 -17.58 68.98
CA ASP M 208 24.72 -18.26 69.26
C ASP M 208 24.79 -18.71 70.71
N ARG M 209 24.36 -17.86 71.64
CA ARG M 209 24.40 -18.24 73.05
C ARG M 209 23.52 -19.45 73.30
N TRP M 210 22.33 -19.48 72.69
CA TRP M 210 21.45 -20.62 72.87
C TRP M 210 22.06 -21.88 72.29
N LEU M 211 22.64 -21.79 71.11
CA LEU M 211 23.21 -22.95 70.45
C LEU M 211 24.45 -23.48 71.16
N GLU M 212 24.98 -22.72 72.12
CA GLU M 212 26.06 -23.22 72.97
C GLU M 212 25.56 -24.25 73.98
N ASN M 213 24.26 -24.34 74.18
CA ASN M 213 23.70 -25.33 75.10
C ASN M 213 23.82 -26.71 74.49
N LYS M 214 24.67 -27.56 75.09
CA LYS M 214 24.90 -28.90 74.59
C LYS M 214 24.34 -29.99 75.50
N THR M 215 23.94 -29.64 76.71
CA THR M 215 23.39 -30.60 77.65
C THR M 215 22.15 -30.01 78.29
N TRP M 216 21.37 -30.87 78.93
CA TRP M 216 20.23 -30.38 79.68
C TRP M 216 20.68 -29.44 80.81
N ASN M 217 21.77 -29.80 81.48
CA ASN M 217 22.34 -28.92 82.49
C ASN M 217 22.76 -27.59 81.89
N ASP M 218 23.25 -27.61 80.65
CA ASP M 218 23.54 -26.37 79.95
C ASP M 218 22.28 -25.53 79.81
N VAL M 219 21.16 -26.16 79.48
CA VAL M 219 19.91 -25.41 79.30
C VAL M 219 19.47 -24.82 80.63
N LEU M 220 19.55 -25.59 81.71
CA LEU M 220 19.16 -25.05 83.02
C LEU M 220 20.07 -23.90 83.44
N ALA M 221 21.38 -24.06 83.24
CA ALA M 221 22.31 -22.97 83.52
C ALA M 221 22.00 -21.75 82.65
N TRP M 222 21.60 -21.98 81.40
CA TRP M 222 21.24 -20.89 80.52
C TRP M 222 20.02 -20.15 81.06
N VAL M 223 19.03 -20.89 81.57
CA VAL M 223 17.84 -20.26 82.14
C VAL M 223 18.24 -19.37 83.31
N ASP M 224 19.14 -19.87 84.16
CA ASP M 224 19.51 -19.13 85.36
C ASP M 224 20.64 -18.13 85.13
N GLU M 225 21.22 -18.08 83.93
CA GLU M 225 22.46 -17.34 83.72
C GLU M 225 22.27 -15.86 83.97
N ASN M 226 21.19 -15.28 83.47
CA ASN M 226 20.93 -13.86 83.64
C ASN M 226 19.44 -13.64 83.53
N GLU M 227 19.01 -12.44 83.89
CA GLU M 227 17.60 -12.12 83.92
C GLU M 227 17.00 -12.12 82.52
N SER M 228 17.77 -11.75 81.51
CA SER M 228 17.21 -11.72 80.15
C SER M 228 16.81 -13.12 79.71
N GLN M 229 17.69 -14.10 79.92
CA GLN M 229 17.36 -15.47 79.55
C GLN M 229 16.33 -16.05 80.50
N TYR M 230 16.44 -15.70 81.78
CA TYR M 230 15.49 -16.19 82.78
C TYR M 230 14.06 -15.77 82.44
N ASN M 231 13.88 -14.53 82.03
CA ASN M 231 12.57 -13.97 81.75
C ASN M 231 12.22 -13.99 80.27
N SER M 232 13.07 -14.59 79.45
CA SER M 232 12.71 -14.81 78.07
C SER M 232 11.53 -15.76 77.99
N ASP M 233 10.88 -15.78 76.83
CA ASP M 233 9.81 -16.75 76.65
C ASP M 233 10.34 -18.17 76.80
N CYS M 234 11.57 -18.41 76.33
CA CYS M 234 12.15 -19.74 76.46
C CYS M 234 12.45 -20.07 77.92
N GLY M 235 13.12 -19.16 78.62
CA GLY M 235 13.41 -19.40 80.02
C GLY M 235 12.15 -19.52 80.85
N PHE M 236 11.18 -18.64 80.60
CA PHE M 236 9.94 -18.74 81.33
C PHE M 236 9.23 -20.04 81.01
N PHE M 237 9.25 -20.45 79.74
CA PHE M 237 8.57 -21.67 79.36
C PHE M 237 9.19 -22.88 80.04
N ILE M 238 10.53 -22.93 80.09
CA ILE M 238 11.19 -24.03 80.77
C ILE M 238 10.84 -24.04 82.24
N ARG M 239 10.93 -22.87 82.88
CA ARG M 239 10.61 -22.80 84.30
C ARG M 239 9.15 -23.16 84.55
N TYR M 240 8.25 -22.71 83.69
CA TYR M 240 6.84 -23.03 83.82
C TYR M 240 6.61 -24.52 83.68
N CYS M 241 7.26 -25.15 82.70
CA CYS M 241 7.12 -26.58 82.49
C CYS M 241 7.61 -27.35 83.71
N LEU M 242 8.76 -26.95 84.25
CA LEU M 242 9.29 -27.64 85.42
C LEU M 242 8.41 -27.40 86.63
N ASP M 243 7.78 -26.24 86.72
CA ASP M 243 6.94 -25.94 87.87
C ASP M 243 5.61 -26.69 87.80
N VAL M 244 4.98 -26.71 86.63
CA VAL M 244 3.64 -27.25 86.48
C VAL M 244 3.63 -28.70 86.02
N GLY M 245 4.79 -29.27 85.73
CA GLY M 245 4.88 -30.69 85.42
C GLY M 245 4.74 -31.06 83.96
N LEU M 246 5.01 -30.14 83.04
CA LEU M 246 4.99 -30.51 81.63
C LEU M 246 6.17 -31.39 81.26
N ASP M 247 7.16 -31.51 82.13
CA ASP M 247 8.27 -32.42 81.92
C ASP M 247 7.98 -33.83 82.40
N LYS M 248 6.78 -34.08 82.92
CA LYS M 248 6.48 -35.33 83.60
C LYS M 248 5.56 -36.25 82.82
N TYR M 249 5.01 -35.80 81.70
CA TYR M 249 4.15 -36.66 80.90
C TYR M 249 4.27 -36.25 79.43
N GLY M 250 3.57 -36.98 78.58
CA GLY M 250 3.75 -36.83 77.15
C GLY M 250 5.01 -37.47 76.63
N GLN M 251 5.55 -38.46 77.34
CA GLN M 251 6.78 -39.10 76.91
C GLN M 251 6.66 -39.70 75.52
N GLY M 252 5.63 -40.50 75.31
CA GLY M 252 5.42 -41.10 74.02
C GLY M 252 6.29 -42.34 73.79
N VAL M 253 6.47 -42.65 72.51
CA VAL M 253 7.15 -43.88 72.11
C VAL M 253 8.61 -43.87 72.54
N GLY M 254 9.26 -42.70 72.52
CA GLY M 254 10.68 -42.65 72.73
C GLY M 254 11.48 -43.12 71.55
N ASN M 255 10.82 -43.44 70.44
CA ASN M 255 11.44 -43.80 69.18
C ASN M 255 11.04 -42.76 68.15
N TYR M 256 11.98 -42.41 67.29
CA TYR M 256 11.87 -41.21 66.48
C TYR M 256 12.23 -41.49 65.04
N LEU M 257 11.54 -40.80 64.16
CA LEU M 257 11.83 -40.84 62.74
C LEU M 257 12.09 -39.43 62.26
N ALA M 258 13.25 -39.22 61.65
CA ALA M 258 13.53 -38.01 60.90
C ALA M 258 13.90 -38.44 59.50
N THR M 259 13.16 -37.93 58.52
CA THR M 259 13.60 -38.13 57.14
C THR M 259 14.64 -37.10 56.74
N GLY M 260 14.81 -36.05 57.54
CA GLY M 260 15.79 -35.04 57.23
C GLY M 260 15.29 -34.12 56.14
N THR M 261 15.96 -32.97 56.00
CA THR M 261 15.71 -32.07 54.88
C THR M 261 16.92 -31.14 54.79
N TYR M 262 16.81 -30.12 53.94
CA TYR M 262 17.91 -29.19 53.71
C TYR M 262 19.12 -29.85 53.08
N PHE M 263 19.05 -30.08 51.79
CA PHE M 263 20.19 -30.65 51.08
C PHE M 263 21.36 -29.68 50.97
N GLU M 264 22.55 -30.20 51.16
CA GLU M 264 23.74 -29.48 50.80
C GLU M 264 23.74 -29.35 49.28
N PRO M 265 23.77 -28.13 48.74
CA PRO M 265 23.52 -27.97 47.30
C PRO M 265 24.44 -28.78 46.41
N SER M 266 25.72 -28.88 46.77
CA SER M 266 26.65 -29.62 45.93
C SER M 266 26.41 -31.13 45.99
N LEU M 267 25.72 -31.62 47.02
CA LEU M 267 25.55 -33.05 47.21
C LEU M 267 24.23 -33.58 46.66
N TYR M 268 23.31 -32.71 46.27
CA TYR M 268 22.03 -33.15 45.74
C TYR M 268 21.69 -32.43 44.45
N GLU M 269 22.71 -32.15 43.64
CA GLU M 269 22.47 -31.54 42.34
C GLU M 269 21.71 -32.46 41.41
N ASN M 270 21.79 -33.76 41.62
CA ASN M 270 21.06 -34.73 40.82
C ASN M 270 20.30 -35.63 41.78
N PRO M 271 19.13 -35.18 42.22
CA PRO M 271 18.41 -35.90 43.28
C PRO M 271 18.14 -37.34 42.92
N THR M 272 18.51 -38.22 43.84
CA THR M 272 18.16 -39.62 43.78
C THR M 272 17.64 -40.03 45.14
N ILE M 273 16.86 -41.11 45.15
CA ILE M 273 16.44 -41.67 46.43
C ILE M 273 17.64 -42.15 47.23
N GLU M 274 18.57 -42.84 46.56
CA GLU M 274 19.68 -43.46 47.27
C GLU M 274 20.65 -42.42 47.82
N GLY M 275 20.88 -41.35 47.08
CA GLY M 275 21.82 -40.34 47.53
C GLY M 275 21.24 -39.32 48.47
N ARG M 276 19.97 -39.48 48.86
CA ARG M 276 19.28 -38.45 49.62
C ARG M 276 19.91 -38.25 50.99
N ASN M 277 20.12 -39.35 51.73
CA ASN M 277 20.53 -39.24 53.12
C ASN M 277 21.87 -38.53 53.25
N ALA M 278 22.83 -38.87 52.40
CA ALA M 278 24.15 -38.28 52.51
C ALA M 278 24.11 -36.78 52.25
N ALA M 279 23.20 -36.33 51.39
CA ALA M 279 23.15 -34.92 51.01
C ALA M 279 22.47 -34.04 52.06
N LEU M 280 21.77 -34.65 53.01
CA LEU M 280 21.00 -33.88 53.97
C LEU M 280 21.91 -33.08 54.90
N ILE M 281 21.50 -31.85 55.18
CA ILE M 281 22.07 -31.07 56.27
C ILE M 281 21.37 -31.37 57.58
N GLY M 282 20.05 -31.22 57.60
CA GLY M 282 19.29 -31.66 58.74
C GLY M 282 19.14 -33.15 58.58
N ARG M 283 19.94 -33.90 59.33
CA ARG M 283 20.12 -35.31 59.03
C ARG M 283 18.87 -36.11 59.25
N SER M 284 18.65 -37.08 58.37
CA SER M 284 17.71 -38.13 58.65
C SER M 284 18.25 -39.02 59.75
N GLY M 285 17.40 -39.91 60.23
CA GLY M 285 17.82 -40.84 61.25
C GLY M 285 16.62 -41.38 61.97
N VAL M 286 16.67 -42.67 62.27
CA VAL M 286 15.69 -43.31 63.10
C VAL M 286 16.35 -43.59 64.44
N PHE M 287 15.70 -43.21 65.51
CA PHE M 287 16.22 -43.46 66.86
C PHE M 287 15.25 -44.41 67.55
N ALA M 288 15.60 -45.69 67.60
CA ALA M 288 14.69 -46.70 68.12
C ALA M 288 15.44 -47.58 69.10
N ASP M 289 14.79 -47.89 70.22
CA ASP M 289 15.39 -48.73 71.25
C ASP M 289 16.73 -48.17 71.70
N GLY M 290 16.83 -46.84 71.76
CA GLY M 290 18.05 -46.20 72.19
C GLY M 290 19.19 -46.29 71.21
N ARG M 291 18.92 -46.64 69.96
CA ARG M 291 19.95 -46.84 68.96
C ARG M 291 19.64 -46.06 67.70
N TYR M 292 20.70 -45.67 67.00
CA TYR M 292 20.58 -44.92 65.76
C TYR M 292 20.57 -45.86 64.56
N PHE M 293 19.68 -45.58 63.63
CA PHE M 293 19.54 -46.30 62.38
C PHE M 293 19.46 -45.29 61.25
N GLU M 294 19.96 -45.69 60.09
CA GLU M 294 19.78 -44.88 58.90
C GLU M 294 18.34 -44.96 58.44
N PHE M 295 17.76 -43.81 58.09
CA PHE M 295 16.42 -43.83 57.51
C PHE M 295 16.47 -44.45 56.13
N ASP M 296 15.49 -45.31 55.85
CA ASP M 296 15.32 -45.89 54.53
C ASP M 296 13.84 -45.90 54.21
N GLN M 297 13.45 -45.17 53.17
CA GLN M 297 12.04 -45.08 52.81
C GLN M 297 11.44 -46.44 52.50
N ALA M 298 12.26 -47.41 52.10
CA ALA M 298 11.76 -48.74 51.84
C ALA M 298 11.16 -49.39 53.07
N ASN M 299 11.56 -48.93 54.27
CA ASN M 299 11.06 -49.49 55.51
C ASN M 299 9.72 -48.89 55.93
N VAL M 300 9.20 -47.98 55.11
CA VAL M 300 7.96 -47.28 55.53
C VAL M 300 6.74 -48.05 55.06
N THR M 301 5.86 -48.44 55.98
CA THR M 301 4.60 -49.02 55.61
C THR M 301 3.49 -48.16 56.18
N GLU M 302 2.31 -48.27 55.60
CA GLU M 302 1.13 -47.64 56.17
C GLU M 302 0.09 -48.72 56.41
N ASP M 303 -0.38 -48.79 57.65
CA ASP M 303 -1.38 -49.72 58.10
C ASP M 303 -2.72 -48.99 58.16
N VAL M 304 -3.78 -49.64 57.70
CA VAL M 304 -5.10 -49.03 57.78
C VAL M 304 -6.05 -49.89 58.61
N THR M 305 -5.50 -50.75 59.47
CA THR M 305 -6.32 -51.66 60.25
C THR M 305 -7.36 -50.90 61.08
N HIS M 306 -6.92 -49.83 61.74
CA HIS M 306 -7.82 -49.00 62.53
C HIS M 306 -8.11 -47.69 61.83
N SER M 307 -7.78 -47.58 60.55
CA SER M 307 -8.05 -46.40 59.76
C SER M 307 -9.24 -46.63 58.85
N PHE M 308 -9.90 -45.54 58.48
CA PHE M 308 -11.10 -45.65 57.66
C PHE M 308 -10.73 -45.89 56.20
N TYR M 309 -9.93 -46.92 55.94
CA TYR M 309 -9.56 -47.27 54.59
C TYR M 309 -9.62 -48.78 54.44
N GLU M 310 -9.92 -49.20 53.22
CA GLU M 310 -9.84 -50.61 52.88
C GLU M 310 -8.38 -51.04 52.86
N GLY M 311 -8.13 -52.26 53.30
CA GLY M 311 -6.79 -52.79 53.28
C GLY M 311 -6.60 -53.87 54.32
N ASN M 312 -5.75 -54.84 54.03
CA ASN M 312 -5.52 -55.94 54.95
C ASN M 312 -4.06 -56.13 55.33
N ARG M 313 -3.14 -55.39 54.71
CA ARG M 313 -1.74 -55.50 55.05
C ARG M 313 -1.10 -54.11 54.96
N PRO M 314 -0.07 -53.87 55.76
CA PRO M 314 0.67 -52.62 55.61
C PRO M 314 1.27 -52.52 54.22
N LEU M 315 1.20 -51.33 53.64
CA LEU M 315 1.63 -51.10 52.27
C LEU M 315 2.76 -50.09 52.28
N HIS M 316 3.84 -50.43 51.60
CA HIS M 316 4.81 -49.40 51.28
C HIS M 316 4.15 -48.38 50.37
N PRO M 317 4.37 -47.08 50.59
CA PRO M 317 3.57 -46.08 49.87
C PRO M 317 3.72 -46.13 48.36
N PHE M 318 4.81 -46.69 47.84
CA PHE M 318 4.89 -46.87 46.39
C PHE M 318 3.76 -47.75 45.88
N GLU M 319 3.32 -48.71 46.70
CA GLU M 319 2.12 -49.49 46.42
C GLU M 319 0.95 -49.07 47.29
N GLY M 320 1.02 -47.86 47.84
CA GLY M 320 -0.04 -47.41 48.72
C GLY M 320 -1.36 -47.26 48.01
N GLU M 321 -2.42 -47.32 48.81
CA GLU M 321 -3.78 -47.18 48.33
C GLU M 321 -4.54 -46.33 49.35
N THR M 322 -5.45 -45.52 48.86
CA THR M 322 -6.29 -44.71 49.74
C THR M 322 -7.71 -44.96 49.29
N ILE M 323 -8.30 -46.03 49.82
CA ILE M 323 -9.67 -46.39 49.48
C ILE M 323 -10.51 -46.23 50.74
N PRO M 324 -11.21 -45.11 50.87
CA PRO M 324 -11.96 -44.86 52.10
C PRO M 324 -13.05 -45.89 52.31
N VAL M 325 -13.32 -46.17 53.58
CA VAL M 325 -14.50 -46.92 53.96
C VAL M 325 -15.38 -45.97 54.75
N ASN M 326 -16.68 -46.22 54.71
CA ASN M 326 -17.61 -45.35 55.40
C ASN M 326 -17.34 -45.44 56.90
N PRO M 327 -17.18 -44.30 57.58
CA PRO M 327 -16.81 -44.34 59.00
C PRO M 327 -17.77 -45.13 59.85
N GLU M 328 -19.04 -45.21 59.48
CA GLU M 328 -19.96 -46.07 60.22
C GLU M 328 -19.53 -47.53 60.14
N ASP M 329 -19.29 -48.01 58.91
CA ASP M 329 -18.81 -49.38 58.73
C ASP M 329 -17.46 -49.59 59.39
N GLY M 330 -16.55 -48.64 59.20
CA GLY M 330 -15.22 -48.77 59.78
C GLY M 330 -15.26 -48.87 61.29
N ARG M 331 -16.10 -48.04 61.91
CA ARG M 331 -16.26 -48.12 63.36
C ARG M 331 -16.85 -49.45 63.77
N ARG M 332 -17.74 -50.02 62.94
CA ARG M 332 -18.16 -51.39 63.19
C ARG M 332 -17.00 -52.36 63.12
N GLN M 333 -15.96 -52.04 62.34
CA GLN M 333 -14.78 -52.89 62.25
C GLN M 333 -13.65 -52.46 63.20
N GLY M 334 -13.93 -51.56 64.13
CA GLY M 334 -12.89 -51.11 65.04
C GLY M 334 -12.01 -50.01 64.50
N LYS M 335 -12.26 -49.54 63.28
CA LYS M 335 -11.53 -48.40 62.76
C LYS M 335 -12.06 -47.11 63.38
N TYR M 336 -11.15 -46.18 63.65
CA TYR M 336 -11.58 -44.99 64.36
C TYR M 336 -10.92 -43.71 63.88
N SER M 337 -10.14 -43.74 62.82
CA SER M 337 -9.44 -42.54 62.42
C SER M 337 -9.25 -42.51 60.92
N TRP M 338 -9.33 -41.31 60.35
CA TRP M 338 -8.94 -41.12 58.97
C TRP M 338 -7.44 -41.11 58.79
N ALA M 339 -6.68 -41.08 59.88
CA ALA M 339 -5.24 -41.21 59.78
C ALA M 339 -4.88 -42.64 59.43
N LYS M 340 -4.00 -42.80 58.45
CA LYS M 340 -3.31 -44.06 58.32
C LYS M 340 -2.31 -44.20 59.48
N SER M 341 -1.83 -45.43 59.67
CA SER M 341 -0.88 -45.75 60.73
C SER M 341 0.47 -46.01 60.07
N PRO M 342 1.30 -44.99 59.88
CA PRO M 342 2.63 -45.23 59.32
C PRO M 342 3.46 -45.97 60.36
N ARG M 343 4.14 -47.00 59.91
CA ARG M 343 5.05 -47.77 60.73
C ARG M 343 6.36 -47.90 59.98
N TYR M 344 7.42 -48.08 60.73
CA TYR M 344 8.75 -48.19 60.17
C TYR M 344 9.36 -49.51 60.59
N ALA M 345 9.89 -50.25 59.64
CA ALA M 345 10.53 -51.52 59.93
C ALA M 345 11.91 -51.26 60.52
N VAL M 346 12.03 -51.42 61.82
CA VAL M 346 13.32 -51.35 62.51
C VAL M 346 13.78 -52.77 62.79
N PRO M 347 14.99 -53.16 62.37
CA PRO M 347 15.46 -54.53 62.62
C PRO M 347 15.45 -54.84 64.11
N GLY M 348 15.02 -56.05 64.44
CA GLY M 348 14.90 -56.45 65.82
C GLY M 348 13.70 -55.89 66.54
N LEU M 349 12.93 -55.00 65.90
CA LEU M 349 11.75 -54.42 66.51
C LEU M 349 10.50 -54.58 65.67
N GLY M 350 10.61 -54.93 64.39
CA GLY M 350 9.43 -55.04 63.56
C GLY M 350 8.99 -53.67 63.07
N ASN M 351 7.72 -53.60 62.66
CA ASN M 351 7.14 -52.36 62.15
C ASN M 351 6.62 -51.56 63.33
N VAL M 352 7.39 -50.57 63.77
CA VAL M 352 7.09 -49.85 65.00
C VAL M 352 6.57 -48.46 64.67
N PRO M 353 5.79 -47.84 65.57
CA PRO M 353 5.51 -46.42 65.41
C PRO M 353 6.74 -45.60 65.79
N LEU M 354 6.95 -44.53 65.06
CA LEU M 354 8.05 -43.63 65.31
C LEU M 354 7.48 -42.24 65.46
N GLU M 355 7.89 -41.55 66.52
CA GLU M 355 7.50 -40.16 66.67
C GLU M 355 8.29 -39.31 65.69
N THR M 356 7.60 -38.44 64.97
CA THR M 356 8.25 -37.50 64.09
C THR M 356 8.15 -36.11 64.68
N GLY M 357 9.04 -35.25 64.21
CA GLY M 357 8.98 -33.88 64.64
C GLY M 357 10.32 -33.35 65.01
N PRO M 358 10.34 -32.13 65.55
CA PRO M 358 11.62 -31.54 65.94
C PRO M 358 12.41 -32.42 66.88
N LEU M 359 11.75 -33.08 67.84
CA LEU M 359 12.48 -33.96 68.73
C LEU M 359 13.14 -35.10 67.97
N ALA M 360 12.42 -35.67 67.01
CA ALA M 360 13.01 -36.70 66.17
C ALA M 360 14.22 -36.16 65.43
N ARG M 361 14.10 -34.93 64.91
CA ARG M 361 15.21 -34.32 64.19
C ARG M 361 16.41 -34.10 65.10
N ARG M 362 16.17 -33.61 66.32
CA ARG M 362 17.28 -33.36 67.24
C ARG M 362 17.96 -34.66 67.62
N MET M 363 17.18 -35.73 67.84
CA MET M 363 17.77 -37.02 68.11
C MET M 363 18.61 -37.48 66.92
N ALA M 364 18.09 -37.31 65.71
CA ALA M 364 18.85 -37.67 64.51
C ALA M 364 20.12 -36.84 64.42
N ALA M 365 20.04 -35.57 64.76
CA ALA M 365 21.20 -34.70 64.75
C ALA M 365 22.22 -35.11 65.80
N SER M 366 21.81 -35.88 66.80
CA SER M 366 22.74 -36.40 67.78
C SER M 366 23.40 -37.71 67.33
N ALA M 367 23.07 -38.21 66.16
CA ALA M 367 23.69 -39.44 65.68
C ALA M 367 25.18 -39.22 65.43
N PRO M 368 25.98 -40.27 65.57
CA PRO M 368 27.41 -40.14 65.26
C PRO M 368 27.63 -39.96 63.76
N ASP M 369 28.89 -39.70 63.41
CA ASP M 369 29.34 -39.73 62.02
C ASP M 369 28.60 -38.70 61.17
N ALA M 370 28.40 -37.51 61.72
CA ALA M 370 27.87 -36.42 60.92
C ALA M 370 28.94 -35.92 59.96
N GLU M 371 28.56 -35.72 58.71
CA GLU M 371 29.47 -35.06 57.77
C GLU M 371 29.51 -33.57 58.06
N THR M 372 30.46 -32.88 57.42
CA THR M 372 30.73 -31.49 57.76
C THR M 372 29.51 -30.61 57.52
N HIS M 373 28.76 -30.89 56.44
CA HIS M 373 27.58 -30.11 56.11
C HIS M 373 26.39 -30.42 57.00
N GLN M 374 26.49 -31.43 57.85
CA GLN M 374 25.33 -31.98 58.53
C GLN M 374 25.19 -31.47 59.95
N ASP M 375 23.93 -31.36 60.39
CA ASP M 375 23.60 -30.99 61.74
C ASP M 375 24.16 -32.00 62.72
N ASP M 376 25.15 -31.60 63.51
CA ASP M 376 25.73 -32.43 64.55
C ASP M 376 25.49 -31.72 65.87
N ASP M 377 24.50 -32.20 66.61
CA ASP M 377 24.04 -31.54 67.83
C ASP M 377 23.76 -32.58 68.90
N PRO M 378 24.58 -32.65 69.96
CA PRO M 378 24.34 -33.66 71.00
C PRO M 378 23.33 -33.23 72.04
N LEU M 379 22.74 -32.04 71.91
CA LEU M 379 21.93 -31.49 72.98
C LEU M 379 20.79 -32.42 73.35
N PHE M 380 20.06 -32.91 72.35
CA PHE M 380 18.88 -33.67 72.69
C PHE M 380 19.13 -35.14 72.90
N ALA M 381 20.27 -35.67 72.45
CA ALA M 381 20.70 -36.95 73.01
C ALA M 381 20.87 -36.83 74.52
N ASP M 382 21.53 -35.76 74.95
CA ASP M 382 21.73 -35.55 76.37
C ASP M 382 20.42 -35.33 77.11
N ILE M 383 19.52 -34.51 76.55
CA ILE M 383 18.25 -34.26 77.19
C ILE M 383 17.44 -35.55 77.28
N TYR M 384 17.42 -36.33 76.20
CA TYR M 384 16.71 -37.60 76.20
C TYR M 384 17.26 -38.54 77.26
N ASN M 385 18.58 -38.58 77.41
CA ASN M 385 19.15 -39.46 78.41
C ASN M 385 18.97 -38.92 79.82
N ALA M 386 18.85 -37.60 79.97
CA ALA M 386 18.79 -37.01 81.29
C ALA M 386 17.38 -37.00 81.84
N ILE M 387 16.43 -36.47 81.08
CA ILE M 387 15.05 -36.36 81.53
C ILE M 387 14.06 -37.07 80.61
N GLY M 388 14.51 -37.57 79.46
CA GLY M 388 13.62 -38.29 78.58
C GLY M 388 12.65 -37.38 77.88
N PRO M 389 11.87 -37.93 76.96
CA PRO M 389 10.88 -37.14 76.25
C PRO M 389 9.76 -36.72 77.18
N SER M 390 9.12 -35.62 76.80
CA SER M 390 7.96 -35.10 77.53
C SER M 390 7.38 -33.98 76.68
N VAL M 391 6.26 -33.44 77.14
CA VAL M 391 5.70 -32.26 76.49
C VAL M 391 6.75 -31.16 76.45
N MET M 392 7.42 -30.94 77.58
CA MET M 392 8.43 -29.89 77.66
C MET M 392 9.58 -30.15 76.71
N VAL M 393 10.09 -31.39 76.69
CA VAL M 393 11.25 -31.69 75.87
C VAL M 393 10.90 -31.65 74.39
N ARG M 394 9.72 -32.15 74.03
CA ARG M 394 9.26 -32.05 72.66
C ARG M 394 9.17 -30.58 72.22
N GLN M 395 8.58 -29.76 73.08
CA GLN M 395 8.47 -28.33 72.75
C GLN M 395 9.85 -27.69 72.66
N LEU M 396 10.75 -28.06 73.57
CA LEU M 396 12.07 -27.48 73.55
C LEU M 396 12.82 -27.85 72.29
N ALA M 397 12.61 -29.07 71.79
CA ALA M 397 13.21 -29.44 70.51
C ALA M 397 12.70 -28.54 69.40
N ARG M 398 11.38 -28.34 69.38
CA ARG M 398 10.80 -27.45 68.37
C ARG M 398 11.42 -26.07 68.43
N MET M 399 11.48 -25.50 69.63
CA MET M 399 11.98 -24.16 69.83
C MET M 399 13.48 -24.07 69.55
N HIS M 400 14.22 -25.14 69.87
CA HIS M 400 15.65 -25.21 69.62
C HIS M 400 15.93 -25.08 68.13
N GLU M 401 15.03 -25.60 67.30
CA GLU M 401 15.23 -25.47 65.86
C GLU M 401 15.21 -24.02 65.37
N GLY M 402 14.57 -23.11 66.10
CA GLY M 402 14.50 -21.72 65.72
C GLY M 402 15.86 -21.10 65.49
N PRO M 403 16.70 -21.05 66.53
CA PRO M 403 18.05 -20.50 66.34
C PRO M 403 18.86 -21.25 65.29
N LYS M 404 18.76 -22.58 65.29
CA LYS M 404 19.55 -23.39 64.38
C LYS M 404 19.15 -23.13 62.93
N TYR M 405 17.84 -23.17 62.66
CA TYR M 405 17.36 -22.94 61.30
C TYR M 405 17.57 -21.50 60.88
N TYR M 406 17.45 -20.55 61.82
CA TYR M 406 17.73 -19.17 61.46
C TYR M 406 19.16 -19.05 60.97
N LYS M 407 20.11 -19.63 61.70
CA LYS M 407 21.51 -19.56 61.26
C LYS M 407 21.69 -20.21 59.90
N TRP M 408 21.07 -21.37 59.70
CA TRP M 408 21.19 -22.03 58.41
C TRP M 408 20.64 -21.17 57.29
N VAL M 409 19.48 -20.56 57.50
CA VAL M 409 18.87 -19.74 56.46
C VAL M 409 19.74 -18.53 56.16
N ARG M 410 20.25 -17.89 57.20
CA ARG M 410 21.12 -16.74 57.00
C ARG M 410 22.32 -17.14 56.16
N GLN M 411 22.94 -18.27 56.48
CA GLN M 411 24.07 -18.72 55.70
C GLN M 411 23.67 -19.06 54.27
N TRP M 412 22.51 -19.71 54.08
CA TRP M 412 22.09 -20.05 52.73
C TRP M 412 21.86 -18.81 51.90
N LEU M 413 21.25 -17.79 52.49
CA LEU M 413 21.06 -16.53 51.80
C LEU M 413 22.40 -15.96 51.38
N ASP M 414 23.40 -16.06 52.26
CA ASP M 414 24.75 -15.68 51.86
C ASP M 414 25.30 -16.56 50.75
N ASP M 415 24.88 -17.82 50.71
CA ASP M 415 25.41 -18.79 49.76
C ASP M 415 24.86 -18.58 48.36
N LEU M 416 23.74 -17.88 48.22
CA LEU M 416 23.15 -17.69 46.91
C LEU M 416 24.14 -17.01 45.99
N GLU M 417 24.31 -17.58 44.81
CA GLU M 417 25.18 -17.01 43.78
C GLU M 417 24.22 -16.49 42.71
N LEU M 418 23.91 -15.19 42.80
CA LEU M 418 22.75 -14.67 42.09
C LEU M 418 22.91 -14.74 40.58
N LYS M 419 24.14 -14.75 40.09
CA LYS M 419 24.37 -14.86 38.65
C LYS M 419 24.15 -16.28 38.14
N GLU M 420 24.04 -17.25 39.03
CA GLU M 420 23.98 -18.64 38.62
C GLU M 420 22.55 -19.12 38.47
N SER M 421 22.43 -20.30 37.87
CA SER M 421 21.14 -20.83 37.49
C SER M 421 20.29 -21.17 38.71
N PHE M 422 18.99 -21.00 38.55
CA PHE M 422 18.01 -21.41 39.54
C PHE M 422 17.14 -22.54 39.04
N TYR M 423 17.37 -23.01 37.82
CA TYR M 423 16.47 -23.96 37.20
C TYR M 423 17.19 -24.62 36.05
N THR M 424 17.16 -25.94 36.03
CA THR M 424 17.60 -26.71 34.89
C THR M 424 16.36 -27.38 34.34
N LYS M 425 15.99 -27.03 33.13
CA LYS M 425 14.78 -27.59 32.54
C LYS M 425 14.90 -29.10 32.51
N PRO M 426 14.01 -29.83 33.17
CA PRO M 426 14.10 -31.28 33.19
C PRO M 426 13.41 -31.89 31.97
N VAL M 427 13.70 -33.15 31.74
CA VAL M 427 12.90 -33.96 30.83
C VAL M 427 11.71 -34.49 31.61
N GLU M 428 10.50 -34.18 31.15
CA GLU M 428 9.29 -34.65 31.82
C GLU M 428 9.02 -36.07 31.32
N TYR M 429 9.69 -37.03 31.96
CA TYR M 429 9.57 -38.42 31.54
C TYR M 429 8.15 -38.94 31.74
N ALA M 430 7.70 -39.76 30.81
CA ALA M 430 6.38 -40.36 30.89
C ALA M 430 6.27 -41.35 32.04
N GLU M 431 7.40 -41.90 32.48
CA GLU M 431 7.44 -42.88 33.55
C GLU M 431 8.42 -42.38 34.60
N GLY M 432 8.22 -42.82 35.84
CA GLY M 432 9.18 -42.49 36.87
C GLY M 432 8.67 -42.86 38.24
N LYS M 433 9.59 -43.15 39.15
CA LYS M 433 9.25 -43.36 40.55
C LYS M 433 10.05 -42.38 41.37
N GLY M 434 9.36 -41.54 42.10
CA GLY M 434 9.98 -40.47 42.84
C GLY M 434 9.70 -40.62 44.32
N PHE M 435 10.70 -40.29 45.13
CA PHE M 435 10.53 -40.18 46.56
C PHE M 435 11.03 -38.80 46.95
N GLY M 436 10.15 -37.99 47.50
CA GLY M 436 10.56 -36.70 47.98
C GLY M 436 10.32 -36.69 49.46
N SER M 437 11.27 -36.23 50.24
CA SER M 437 11.01 -36.12 51.66
C SER M 437 11.62 -34.84 52.19
N THR M 438 11.03 -34.37 53.26
CA THR M 438 11.50 -33.18 53.93
C THR M 438 11.13 -33.29 55.40
N GLU M 439 11.61 -32.34 56.15
CA GLU M 439 11.16 -32.29 57.54
C GLU M 439 10.33 -31.04 57.56
N ALA M 440 9.04 -31.24 57.52
CA ALA M 440 8.17 -30.09 57.70
C ALA M 440 8.35 -29.69 59.16
N ALA M 441 7.76 -28.57 59.55
CA ALA M 441 7.88 -28.15 60.96
C ALA M 441 7.57 -29.32 61.89
N ARG M 442 6.59 -30.13 61.56
CA ARG M 442 6.11 -31.17 62.49
C ARG M 442 6.81 -32.50 62.26
N GLY M 443 7.67 -32.57 61.26
CA GLY M 443 8.43 -33.81 61.13
C GLY M 443 8.50 -34.37 59.73
N ALA M 444 8.84 -35.64 59.67
CA ALA M 444 9.05 -36.34 58.39
C ALA M 444 7.83 -36.23 57.49
N LEU M 445 8.01 -35.57 56.38
CA LEU M 445 6.91 -35.47 55.41
C LEU M 445 7.44 -36.12 54.15
N SER M 446 6.68 -37.04 53.59
CA SER M 446 7.24 -37.81 52.46
C SER M 446 6.19 -38.05 51.38
N ASP M 447 6.62 -37.96 50.12
CA ASP M 447 5.82 -38.25 48.95
C ASP M 447 6.45 -39.43 48.25
N TRP M 448 5.66 -40.45 47.97
CA TRP M 448 6.04 -41.51 47.05
C TRP M 448 5.15 -41.35 45.84
N ILE M 449 5.74 -41.05 44.69
CA ILE M 449 4.98 -40.81 43.49
C ILE M 449 5.40 -41.83 42.44
N VAL M 450 4.42 -42.32 41.70
CA VAL M 450 4.64 -43.19 40.57
C VAL M 450 3.98 -42.50 39.39
N ILE M 451 4.79 -42.09 38.43
CA ILE M 451 4.34 -41.50 37.19
C ILE M 451 4.35 -42.59 36.13
N GLU M 452 3.23 -42.74 35.45
CA GLU M 452 3.10 -43.70 34.36
C GLU M 452 2.30 -43.05 33.26
N ASP M 453 2.75 -43.23 32.03
CA ASP M 453 2.03 -42.73 30.86
C ASP M 453 1.79 -41.22 31.01
N SER M 454 2.82 -40.53 31.50
CA SER M 454 2.79 -39.07 31.66
C SER M 454 1.64 -38.63 32.56
N LYS M 455 1.26 -39.49 33.49
CA LYS M 455 0.19 -39.21 34.44
C LYS M 455 0.62 -39.71 35.79
N ILE M 456 -0.04 -39.20 36.83
CA ILE M 456 0.21 -39.72 38.17
C ILE M 456 -0.46 -41.08 38.28
N LYS M 457 0.35 -42.13 38.36
CA LYS M 457 -0.21 -43.47 38.57
C LYS M 457 -0.51 -43.70 40.04
N ASN M 458 0.42 -43.33 40.92
CA ASN M 458 0.18 -43.38 42.34
C ASN M 458 0.79 -42.17 43.00
N TYR M 459 0.18 -41.75 44.08
CA TYR M 459 0.67 -40.60 44.82
C TYR M 459 0.31 -40.85 46.28
N GLN M 460 1.30 -41.13 47.09
CA GLN M 460 1.08 -41.44 48.49
C GLN M 460 1.86 -40.45 49.32
N VAL M 461 1.15 -39.71 50.16
CA VAL M 461 1.75 -38.75 51.08
C VAL M 461 1.69 -39.34 52.46
N VAL M 462 2.83 -39.29 53.12
CA VAL M 462 2.87 -39.69 54.55
C VAL M 462 3.37 -38.46 55.29
N THR M 463 2.50 -37.91 56.09
CA THR M 463 2.82 -36.66 56.79
C THR M 463 3.30 -36.98 58.19
N PRO M 464 4.04 -36.07 58.83
CA PRO M 464 4.57 -36.29 60.15
C PRO M 464 3.45 -36.54 61.16
N THR M 465 2.36 -35.78 61.06
CA THR M 465 1.32 -36.02 62.08
C THR M 465 0.67 -37.37 61.80
N ALA M 466 0.69 -37.82 60.56
CA ALA M 466 0.19 -39.19 60.34
C ALA M 466 1.09 -40.14 61.13
N TRP M 467 2.39 -39.93 61.07
CA TRP M 467 3.27 -40.77 61.88
C TRP M 467 2.89 -40.69 63.35
N ASN M 468 2.71 -39.47 63.86
CA ASN M 468 2.51 -39.25 65.29
C ASN M 468 1.12 -39.64 65.75
N ILE M 469 0.10 -39.25 65.01
CA ILE M 469 -1.29 -39.35 65.45
C ILE M 469 -2.02 -40.51 64.82
N GLY M 470 -1.40 -41.21 63.87
CA GLY M 470 -1.99 -42.36 63.26
C GLY M 470 -2.39 -43.38 64.30
N PRO M 471 -3.47 -44.10 64.03
CA PRO M 471 -4.04 -44.98 65.06
C PRO M 471 -3.24 -46.25 65.28
N ARG M 472 -3.78 -47.15 66.11
CA ARG M 472 -3.13 -48.43 66.33
C ARG M 472 -2.97 -49.18 65.01
N ASP M 473 -1.87 -49.88 64.89
CA ASP M 473 -1.61 -50.69 63.70
C ASP M 473 -2.29 -52.04 63.87
N ALA M 474 -1.97 -52.99 62.99
CA ALA M 474 -2.54 -54.32 63.07
C ALA M 474 -2.16 -55.03 64.38
N SER M 475 -1.01 -54.69 64.93
CA SER M 475 -0.57 -55.26 66.21
C SER M 475 -1.14 -54.51 67.41
N GLU M 476 -2.09 -53.61 67.18
CA GLU M 476 -2.71 -52.81 68.23
C GLU M 476 -1.70 -51.92 68.95
N VAL M 477 -0.55 -51.68 68.34
CA VAL M 477 0.46 -50.82 68.92
C VAL M 477 0.02 -49.37 68.73
N LEU M 478 -0.10 -48.64 69.83
CA LEU M 478 -0.59 -47.27 69.78
C LEU M 478 0.38 -46.39 69.00
N GLY M 479 -0.17 -45.40 68.31
CA GLY M 479 0.65 -44.43 67.62
C GLY M 479 1.36 -43.55 68.62
N PRO M 480 2.39 -42.83 68.17
CA PRO M 480 3.19 -42.03 69.11
C PRO M 480 2.37 -41.08 69.96
N ILE M 481 1.41 -40.38 69.37
CA ILE M 481 0.61 -39.45 70.16
C ILE M 481 -0.30 -40.22 71.09
N GLU M 482 -0.83 -41.36 70.64
CA GLU M 482 -1.66 -42.17 71.52
C GLU M 482 -0.88 -42.64 72.73
N GLN M 483 0.36 -43.10 72.54
CA GLN M 483 1.13 -43.52 73.71
C GLN M 483 1.57 -42.33 74.55
N ALA M 484 1.81 -41.18 73.92
CA ALA M 484 2.14 -39.99 74.70
C ALA M 484 0.98 -39.55 75.57
N LEU M 485 -0.25 -39.70 75.07
CA LEU M 485 -1.42 -39.40 75.86
C LEU M 485 -1.54 -40.33 77.05
N VAL M 486 -1.19 -41.60 76.85
CA VAL M 486 -1.23 -42.57 77.94
C VAL M 486 -0.23 -42.17 79.00
N GLY M 487 -0.68 -42.15 80.26
CA GLY M 487 0.12 -41.63 81.34
C GLY M 487 -0.10 -40.17 81.65
N SER M 488 -0.85 -39.45 80.82
CA SER M 488 -1.09 -38.04 81.07
C SER M 488 -2.05 -37.88 82.23
N PRO M 489 -1.76 -37.01 83.19
CA PRO M 489 -2.72 -36.73 84.26
C PRO M 489 -3.92 -36.00 83.69
N ILE M 490 -5.07 -36.18 84.33
CA ILE M 490 -6.29 -35.48 83.95
C ILE M 490 -6.84 -34.87 85.24
N VAL M 491 -6.50 -33.60 85.49
CA VAL M 491 -7.01 -32.90 86.65
C VAL M 491 -8.50 -32.62 86.50
N ASP M 492 -8.92 -32.22 85.30
CA ASP M 492 -10.29 -31.82 85.06
C ASP M 492 -10.76 -32.46 83.76
N ALA M 493 -11.65 -33.46 83.87
CA ALA M 493 -12.20 -34.08 82.69
C ALA M 493 -13.07 -33.12 81.88
N GLU M 494 -13.62 -32.09 82.52
CA GLU M 494 -14.39 -31.09 81.78
C GLU M 494 -13.53 -30.23 80.89
N ASP M 495 -12.30 -29.97 81.30
CA ASP M 495 -11.30 -29.27 80.47
C ASP M 495 -10.01 -30.07 80.52
N PRO M 496 -9.96 -31.21 79.82
CA PRO M 496 -8.77 -32.07 79.89
C PRO M 496 -7.61 -31.46 79.13
N VAL M 497 -7.08 -30.36 79.67
CA VAL M 497 -6.07 -29.59 78.96
C VAL M 497 -4.80 -30.40 78.74
N GLU M 498 -4.54 -31.41 79.55
CA GLU M 498 -3.32 -32.19 79.37
C GLU M 498 -3.34 -32.98 78.07
N LEU M 499 -4.52 -33.45 77.65
CA LEU M 499 -4.64 -34.05 76.34
C LEU M 499 -4.24 -33.06 75.26
N GLY M 500 -4.70 -31.82 75.39
CA GLY M 500 -4.28 -30.79 74.46
C GLY M 500 -2.79 -30.54 74.52
N HIS M 501 -2.22 -30.53 75.72
CA HIS M 501 -0.79 -30.33 75.86
C HIS M 501 -0.03 -31.40 75.10
N VAL M 502 -0.43 -32.66 75.26
CA VAL M 502 0.29 -33.75 74.63
C VAL M 502 0.11 -33.71 73.12
N ALA M 503 -1.14 -33.60 72.66
CA ALA M 503 -1.39 -33.60 71.22
C ALA M 503 -0.72 -32.40 70.55
N ARG M 504 -0.82 -31.23 71.17
CA ARG M 504 -0.25 -30.03 70.59
C ARG M 504 1.26 -29.95 70.77
N SER M 505 1.84 -30.68 71.74
CA SER M 505 3.28 -30.71 71.86
C SER M 505 3.92 -31.36 70.63
N PHE M 506 3.17 -32.22 69.97
CA PHE M 506 3.56 -32.73 68.67
C PHE M 506 3.30 -31.74 67.55
N ASP M 507 2.71 -30.59 67.87
CA ASP M 507 2.33 -29.61 66.86
C ASP M 507 1.41 -30.27 65.85
N SER M 508 0.55 -31.16 66.35
CA SER M 508 -0.31 -31.97 65.45
C SER M 508 -0.97 -31.16 64.34
N CYS M 509 -0.90 -31.69 63.14
CA CYS M 509 -1.62 -31.02 62.05
C CYS M 509 -2.55 -32.07 61.45
N LEU M 510 -3.82 -31.93 61.72
CA LEU M 510 -4.76 -32.99 61.28
C LEU M 510 -5.08 -32.89 59.79
N VAL M 511 -5.01 -31.70 59.23
CA VAL M 511 -5.24 -31.64 57.77
C VAL M 511 -4.11 -32.39 57.07
N CYS M 512 -2.92 -32.29 57.63
CA CYS M 512 -1.82 -33.06 57.05
C CYS M 512 -2.02 -34.53 57.35
N THR M 513 -2.47 -34.80 58.56
CA THR M 513 -2.56 -36.22 58.95
C THR M 513 -3.37 -37.01 57.91
N VAL M 514 -4.48 -36.46 57.47
CA VAL M 514 -5.39 -37.21 56.61
C VAL M 514 -5.14 -36.91 55.13
N HIS M 515 -4.90 -35.66 54.80
CA HIS M 515 -4.90 -35.19 53.41
C HIS M 515 -6.02 -35.86 52.62
N ALA N 48 -18.83 -7.41 67.18
CA ALA N 48 -19.23 -8.32 66.12
C ALA N 48 -18.63 -9.71 66.32
N SER N 49 -19.46 -10.64 66.76
CA SER N 49 -19.00 -12.00 67.02
C SER N 49 -18.65 -12.70 65.72
N VAL N 50 -17.55 -13.43 65.73
CA VAL N 50 -17.10 -14.19 64.56
C VAL N 50 -16.88 -15.62 64.97
N LEU N 51 -17.50 -16.54 64.26
CA LEU N 51 -17.25 -17.97 64.42
C LEU N 51 -16.62 -18.47 63.14
N TRP N 52 -15.40 -18.95 63.24
CA TRP N 52 -14.65 -19.42 62.08
C TRP N 52 -14.55 -20.93 62.17
N PHE N 53 -15.19 -21.62 61.25
CA PHE N 53 -15.19 -23.07 61.17
C PHE N 53 -14.39 -23.52 59.98
N GLN N 54 -13.85 -24.72 60.05
CA GLN N 54 -13.09 -25.32 58.97
C GLN N 54 -13.75 -26.64 58.60
N GLY N 55 -14.11 -26.78 57.33
CA GLY N 55 -14.59 -28.05 56.83
C GLY N 55 -13.49 -28.80 56.15
N GLY N 56 -13.61 -29.03 54.85
CA GLY N 56 -12.55 -29.71 54.09
C GLY N 56 -11.49 -28.67 53.79
N ALA N 57 -10.82 -28.23 54.83
CA ALA N 57 -9.86 -27.14 54.69
C ALA N 57 -8.45 -27.63 54.89
N CYS N 58 -7.51 -26.85 54.40
CA CYS N 58 -6.11 -27.17 54.72
C CYS N 58 -5.63 -26.13 55.72
N SER N 59 -6.50 -25.20 56.09
CA SER N 59 -6.14 -24.12 57.04
C SER N 59 -5.26 -23.06 56.38
N GLY N 60 -5.01 -23.18 55.07
CA GLY N 60 -4.24 -22.14 54.37
C GLY N 60 -4.89 -20.79 54.46
N ASN N 61 -6.22 -20.76 54.48
CA ASN N 61 -6.84 -19.41 54.53
C ASN N 61 -6.60 -18.84 55.91
N THR N 62 -6.70 -19.70 56.91
CA THR N 62 -6.37 -19.22 58.28
C THR N 62 -4.90 -18.76 58.31
N MET N 63 -3.98 -19.57 57.80
CA MET N 63 -2.57 -19.16 57.87
C MET N 63 -2.32 -17.87 57.11
N SER N 64 -2.90 -17.75 55.92
CA SER N 64 -2.80 -16.51 55.17
C SER N 64 -3.38 -15.37 55.98
N PHE N 65 -4.56 -15.58 56.57
CA PHE N 65 -5.20 -14.61 57.44
C PHE N 65 -4.28 -14.20 58.57
N LEU N 66 -3.59 -15.17 59.18
CA LEU N 66 -2.65 -14.86 60.24
C LEU N 66 -1.48 -14.03 59.74
N ASN N 67 -1.20 -14.06 58.44
CA ASN N 67 -0.19 -13.16 57.89
C ASN N 67 -0.71 -11.73 57.75
N ALA N 68 -1.92 -11.44 58.19
CA ALA N 68 -2.51 -10.13 57.96
C ALA N 68 -1.60 -9.04 58.51
N ASP N 69 -1.52 -7.96 57.76
CA ASP N 69 -0.88 -6.74 58.21
C ASP N 69 -1.80 -5.59 57.87
N GLU N 70 -1.90 -4.62 58.77
CA GLU N 70 -2.72 -3.44 58.57
C GLU N 70 -4.14 -3.82 58.15
N PRO N 71 -4.94 -4.40 59.07
CA PRO N 71 -4.53 -4.74 60.43
C PRO N 71 -3.84 -6.09 60.51
N ASN N 72 -2.99 -6.29 61.51
CA ASN N 72 -2.56 -7.66 61.73
C ASN N 72 -3.68 -8.40 62.45
N VAL N 73 -3.55 -9.72 62.53
CA VAL N 73 -4.64 -10.55 62.99
C VAL N 73 -5.00 -10.24 64.43
N VAL N 74 -3.99 -10.01 65.27
CA VAL N 74 -4.26 -9.74 66.67
C VAL N 74 -5.01 -8.43 66.82
N ASP N 75 -4.57 -7.38 66.12
CA ASP N 75 -5.28 -6.11 66.18
C ASP N 75 -6.67 -6.22 65.59
N LEU N 76 -6.85 -7.04 64.56
CA LEU N 76 -8.19 -7.26 64.03
C LEU N 76 -9.08 -7.92 65.06
N ILE N 77 -8.56 -8.94 65.75
CA ILE N 77 -9.38 -9.70 66.69
C ILE N 77 -9.69 -8.87 67.92
N VAL N 78 -8.74 -8.04 68.36
CA VAL N 78 -8.89 -7.31 69.62
C VAL N 78 -9.43 -5.92 69.38
N ASP N 79 -8.71 -5.11 68.60
CA ASP N 79 -8.91 -3.68 68.53
C ASP N 79 -9.98 -3.23 67.54
N PHE N 80 -10.56 -4.13 66.75
CA PHE N 80 -11.62 -3.73 65.81
C PHE N 80 -12.99 -4.22 66.25
N GLY N 81 -13.13 -4.64 67.49
CA GLY N 81 -14.44 -5.03 67.98
C GLY N 81 -14.99 -6.30 67.37
N LEU N 82 -14.12 -7.16 66.84
CA LEU N 82 -14.52 -8.43 66.25
C LEU N 82 -14.23 -9.52 67.27
N ASP N 83 -15.27 -10.01 67.92
CA ASP N 83 -15.13 -11.00 68.97
C ASP N 83 -15.04 -12.38 68.32
N LEU N 84 -13.83 -12.90 68.17
CA LEU N 84 -13.62 -14.23 67.58
C LEU N 84 -14.06 -15.27 68.59
N LEU N 85 -15.29 -15.75 68.44
CA LEU N 85 -15.85 -16.70 69.40
C LEU N 85 -15.01 -17.96 69.46
N TRP N 86 -14.65 -18.48 68.29
CA TRP N 86 -13.85 -19.68 68.22
C TRP N 86 -13.31 -19.81 66.82
N HIS N 87 -12.21 -20.49 66.73
CA HIS N 87 -11.52 -20.82 65.50
C HIS N 87 -10.74 -22.09 65.78
N PRO N 88 -10.86 -23.13 64.94
CA PRO N 88 -10.20 -24.40 65.27
C PRO N 88 -8.71 -24.28 65.44
N SER N 89 -8.09 -23.31 64.77
CA SER N 89 -6.65 -23.11 64.88
C SER N 89 -6.28 -22.16 66.01
N LEU N 90 -7.23 -21.40 66.54
CA LEU N 90 -6.91 -20.35 67.50
C LEU N 90 -7.78 -20.36 68.74
N GLY N 91 -8.94 -21.00 68.71
CA GLY N 91 -9.83 -20.97 69.85
C GLY N 91 -9.23 -21.70 71.04
N LEU N 92 -9.45 -21.13 72.22
CA LEU N 92 -8.93 -21.74 73.43
C LEU N 92 -9.76 -22.96 73.82
N GLU N 93 -11.08 -22.87 73.64
CA GLU N 93 -11.98 -23.92 74.10
C GLU N 93 -11.77 -25.20 73.32
N LEU N 94 -11.86 -26.33 74.02
CA LEU N 94 -11.89 -27.64 73.39
C LEU N 94 -13.11 -28.39 73.89
N GLY N 95 -13.40 -29.48 73.20
CA GLY N 95 -14.39 -30.42 73.69
C GLY N 95 -15.72 -29.75 73.97
N ASN N 96 -16.26 -30.03 75.14
CA ASN N 96 -17.62 -29.61 75.44
C ASN N 96 -17.76 -28.10 75.59
N ASN N 97 -16.72 -27.40 76.05
CA ASN N 97 -16.78 -25.95 76.12
C ASN N 97 -16.88 -25.34 74.72
N ALA N 98 -16.06 -25.84 73.80
CA ALA N 98 -16.15 -25.40 72.41
C ALA N 98 -17.52 -25.72 71.84
N GLN N 99 -18.02 -26.93 72.08
CA GLN N 99 -19.33 -27.32 71.57
C GLN N 99 -20.42 -26.44 72.16
N LYS N 100 -20.27 -26.03 73.41
CA LYS N 100 -21.21 -25.10 74.00
C LYS N 100 -21.23 -23.80 73.23
N VAL N 101 -20.06 -23.28 72.88
CA VAL N 101 -20.01 -22.08 72.05
C VAL N 101 -20.74 -22.32 70.72
N PHE N 102 -20.45 -23.44 70.08
CA PHE N 102 -21.03 -23.71 68.76
C PHE N 102 -22.55 -23.83 68.85
N TRP N 103 -23.02 -24.56 69.84
CA TRP N 103 -24.46 -24.78 69.98
C TRP N 103 -25.18 -23.49 70.34
N ASP N 104 -24.56 -22.65 71.17
CA ASP N 104 -25.16 -21.36 71.47
C ASP N 104 -25.28 -20.51 70.21
N CYS N 105 -24.25 -20.54 69.36
CA CYS N 105 -24.37 -19.83 68.08
C CYS N 105 -25.45 -20.44 67.19
N ALA N 106 -25.51 -21.76 67.12
CA ALA N 106 -26.41 -22.42 66.18
C ALA N 106 -27.87 -22.23 66.58
N LYS N 107 -28.16 -22.31 67.87
CA LYS N 107 -29.53 -22.21 68.36
C LYS N 107 -29.97 -20.77 68.63
N GLY N 108 -29.10 -19.80 68.42
CA GLY N 108 -29.47 -18.42 68.66
C GLY N 108 -29.36 -17.96 70.10
N GLU N 109 -28.78 -18.78 70.98
CA GLU N 109 -28.62 -18.39 72.38
C GLU N 109 -27.71 -17.17 72.50
N ARG N 110 -26.69 -17.09 71.66
CA ARG N 110 -25.83 -15.93 71.56
C ARG N 110 -25.77 -15.49 70.10
N PRO N 111 -25.64 -14.18 69.87
CA PRO N 111 -25.61 -13.69 68.49
C PRO N 111 -24.39 -14.19 67.73
N LEU N 112 -24.59 -14.42 66.43
CA LEU N 112 -23.52 -14.79 65.53
C LEU N 112 -23.54 -13.79 64.38
N ASP N 113 -22.59 -12.85 64.41
CA ASP N 113 -22.59 -11.80 63.39
C ASP N 113 -21.93 -12.26 62.11
N ILE N 114 -20.77 -12.90 62.21
CA ILE N 114 -20.05 -13.36 61.04
C ILE N 114 -19.69 -14.82 61.26
N PHE N 115 -20.18 -15.67 60.37
CA PHE N 115 -19.77 -17.05 60.31
C PHE N 115 -18.79 -17.17 59.15
N VAL N 116 -17.53 -17.36 59.46
CA VAL N 116 -16.52 -17.62 58.44
C VAL N 116 -16.40 -19.11 58.30
N PHE N 117 -16.43 -19.55 57.06
CA PHE N 117 -16.27 -20.98 56.81
C PHE N 117 -15.11 -21.14 55.85
N GLU N 118 -14.23 -22.04 56.23
CA GLU N 118 -13.04 -22.29 55.42
C GLU N 118 -13.07 -23.77 55.08
N GLY N 119 -12.58 -24.14 53.91
CA GLY N 119 -12.68 -25.55 53.58
C GLY N 119 -14.00 -25.88 52.95
N THR N 120 -14.05 -27.06 52.40
CA THR N 120 -15.28 -27.42 51.70
C THR N 120 -16.34 -27.94 52.63
N VAL N 121 -17.56 -27.85 52.18
CA VAL N 121 -18.63 -28.57 52.85
C VAL N 121 -18.55 -30.00 52.37
N ILE N 122 -18.13 -30.89 53.24
CA ILE N 122 -17.95 -32.29 52.89
C ILE N 122 -19.28 -33.01 53.09
N GLU N 123 -19.78 -33.62 52.02
CA GLU N 123 -21.04 -34.32 52.09
C GLU N 123 -20.90 -35.84 52.04
N ALA N 124 -19.78 -36.35 51.56
CA ALA N 124 -19.58 -37.78 51.54
C ALA N 124 -19.37 -38.31 52.95
N PRO N 125 -19.68 -39.59 53.20
CA PRO N 125 -20.23 -40.54 52.23
C PRO N 125 -21.73 -40.43 52.09
N ASN N 126 -22.24 -40.61 50.86
CA ASN N 126 -23.67 -40.74 50.61
C ASN N 126 -24.46 -39.57 51.20
N GLY N 127 -23.90 -38.37 51.10
CA GLY N 127 -24.58 -37.20 51.61
C GLY N 127 -24.66 -37.11 53.11
N THR N 128 -24.03 -38.02 53.84
CA THR N 128 -24.04 -37.96 55.30
C THR N 128 -23.04 -36.96 55.86
N GLY N 129 -22.00 -36.61 55.11
CA GLY N 129 -21.01 -35.69 55.60
C GLY N 129 -20.09 -36.24 56.65
N GLN N 130 -20.06 -37.56 56.83
CA GLN N 130 -19.27 -38.14 57.90
C GLN N 130 -17.79 -38.23 57.58
N MET N 131 -17.39 -37.88 56.37
CA MET N 131 -15.98 -37.66 56.10
C MET N 131 -15.49 -36.35 56.69
N ASP N 132 -16.38 -35.58 57.30
CA ASP N 132 -16.01 -34.38 58.06
C ASP N 132 -16.89 -34.33 59.29
N MET N 133 -16.46 -35.02 60.34
CA MET N 133 -17.17 -35.02 61.62
C MET N 133 -16.51 -33.98 62.50
N PHE N 134 -17.30 -33.03 62.98
CA PHE N 134 -16.78 -31.96 63.81
C PHE N 134 -17.69 -31.75 65.00
N ALA N 135 -17.12 -31.85 66.20
CA ALA N 135 -17.82 -31.55 67.44
C ALA N 135 -19.13 -32.33 67.54
N GLY N 136 -19.07 -33.60 67.15
CA GLY N 136 -20.18 -34.51 67.31
C GLY N 136 -21.21 -34.49 66.21
N ARG N 137 -20.99 -33.72 65.14
CA ARG N 137 -21.92 -33.67 64.02
C ARG N 137 -21.12 -33.70 62.73
N PRO N 138 -21.74 -34.12 61.62
CA PRO N 138 -21.15 -33.82 60.31
C PRO N 138 -20.99 -32.32 60.20
N MET N 139 -19.84 -31.89 59.67
CA MET N 139 -19.59 -30.46 59.58
C MET N 139 -20.68 -29.76 58.79
N LYS N 140 -21.24 -30.44 57.77
CA LYS N 140 -22.27 -29.83 56.95
C LYS N 140 -23.49 -29.44 57.79
N ASP N 141 -23.80 -30.22 58.82
CA ASP N 141 -24.90 -29.85 59.71
C ASP N 141 -24.58 -28.57 60.49
N TRP N 142 -23.35 -28.48 61.00
CA TRP N 142 -22.91 -27.23 61.61
C TRP N 142 -23.05 -26.09 60.63
N VAL N 143 -22.66 -26.32 59.38
CA VAL N 143 -22.73 -25.27 58.38
C VAL N 143 -24.18 -24.82 58.21
N THR N 144 -25.09 -25.78 58.07
CA THR N 144 -26.49 -25.46 57.94
C THR N 144 -26.95 -24.55 59.09
N ASP N 145 -26.69 -25.00 60.32
CA ASP N 145 -27.18 -24.26 61.48
C ASP N 145 -26.55 -22.88 61.57
N LEU N 146 -25.22 -22.81 61.42
CA LEU N 146 -24.53 -21.55 61.67
C LEU N 146 -24.74 -20.57 60.54
N ALA N 147 -24.76 -21.04 59.30
CA ALA N 147 -25.08 -20.17 58.18
C ALA N 147 -26.50 -19.64 58.32
N GLY N 148 -27.43 -20.47 58.84
CA GLY N 148 -28.75 -19.97 59.12
C GLY N 148 -28.81 -19.02 60.29
N ALA N 149 -27.83 -19.06 61.18
CA ALA N 149 -27.81 -18.19 62.35
C ALA N 149 -27.05 -16.90 62.13
N ALA N 150 -26.07 -16.89 61.23
CA ALA N 150 -25.16 -15.75 61.13
C ALA N 150 -25.84 -14.55 60.47
N GLN N 151 -25.42 -13.36 60.88
CA GLN N 151 -25.80 -12.15 60.16
C GLN N 151 -25.15 -12.10 58.80
N ILE N 152 -23.89 -12.49 58.73
CA ILE N 152 -23.11 -12.54 57.50
C ILE N 152 -22.41 -13.88 57.47
N VAL N 153 -22.41 -14.51 56.31
CA VAL N 153 -21.65 -15.73 56.10
C VAL N 153 -20.55 -15.41 55.10
N VAL N 154 -19.32 -15.72 55.46
CA VAL N 154 -18.17 -15.49 54.60
C VAL N 154 -17.53 -16.84 54.33
N ALA N 155 -17.48 -17.23 53.07
CA ALA N 155 -16.70 -18.38 52.66
C ALA N 155 -15.31 -17.87 52.30
N ILE N 156 -14.32 -18.37 53.02
CA ILE N 156 -12.94 -17.90 52.74
C ILE N 156 -12.20 -19.04 52.06
N GLY N 157 -11.66 -18.73 50.90
CA GLY N 157 -10.90 -19.74 50.15
C GLY N 157 -11.80 -20.51 49.19
N ASP N 158 -11.22 -20.96 48.09
CA ASP N 158 -12.01 -21.63 47.04
C ASP N 158 -12.77 -22.83 47.61
N CYS N 159 -12.13 -23.54 48.52
CA CYS N 159 -12.82 -24.74 49.03
C CYS N 159 -14.19 -24.32 49.51
N ALA N 160 -14.21 -23.30 50.34
CA ALA N 160 -15.51 -22.89 50.93
C ALA N 160 -16.37 -22.17 49.88
N CYS N 161 -15.74 -21.37 49.04
CA CYS N 161 -16.50 -20.60 48.06
C CYS N 161 -17.10 -21.49 46.99
N PHE N 162 -16.30 -22.38 46.42
CA PHE N 162 -16.65 -23.10 45.21
C PHE N 162 -16.34 -24.58 45.25
N GLY N 163 -15.70 -25.09 46.30
CA GLY N 163 -15.37 -26.49 46.33
C GLY N 163 -13.89 -26.72 46.16
N GLY N 164 -13.25 -25.93 45.33
CA GLY N 164 -11.81 -25.87 45.23
C GLY N 164 -11.18 -27.22 44.94
N ILE N 165 -9.96 -27.40 45.47
CA ILE N 165 -9.19 -28.60 45.19
C ILE N 165 -9.90 -29.86 45.65
N PRO N 166 -10.49 -29.93 46.85
CA PRO N 166 -11.16 -31.19 47.23
C PRO N 166 -12.29 -31.57 46.30
N ALA N 167 -12.92 -30.60 45.65
CA ALA N 167 -13.99 -30.86 44.71
C ALA N 167 -13.48 -31.33 43.35
N MET N 168 -12.17 -31.32 43.12
CA MET N 168 -11.59 -31.95 41.93
C MET N 168 -12.09 -33.37 41.80
N GLU N 169 -12.38 -33.78 40.57
CA GLU N 169 -12.77 -35.16 40.35
C GLU N 169 -11.64 -36.07 40.82
N PRO N 170 -11.96 -37.22 41.45
CA PRO N 170 -13.32 -37.74 41.62
C PRO N 170 -14.08 -37.22 42.84
N ASN N 171 -13.58 -36.19 43.50
CA ASN N 171 -14.25 -35.58 44.65
C ASN N 171 -14.62 -36.64 45.70
N PRO N 172 -13.64 -37.34 46.26
CA PRO N 172 -13.96 -38.42 47.21
C PRO N 172 -14.76 -37.94 48.41
N SER N 173 -14.53 -36.71 48.86
CA SER N 173 -15.20 -36.20 50.04
C SER N 173 -16.57 -35.61 49.74
N GLY N 174 -17.02 -35.68 48.49
CA GLY N 174 -18.29 -35.03 48.17
C GLY N 174 -18.24 -33.57 48.51
N SER N 175 -17.11 -32.93 48.27
CA SER N 175 -16.91 -31.56 48.67
C SER N 175 -17.70 -30.61 47.77
N THR N 176 -18.17 -29.54 48.36
CA THR N 176 -18.80 -28.46 47.61
C THR N 176 -18.57 -27.16 48.35
N GLY N 177 -18.80 -26.06 47.66
CA GLY N 177 -18.73 -24.78 48.32
C GLY N 177 -20.01 -24.46 49.04
N LEU N 178 -19.98 -23.35 49.79
CA LEU N 178 -21.15 -22.93 50.54
C LEU N 178 -22.31 -22.61 49.62
N GLN N 179 -22.08 -21.74 48.65
CA GLN N 179 -23.13 -21.32 47.73
C GLN N 179 -22.77 -21.57 46.27
N PHE N 180 -21.64 -22.20 46.01
CA PHE N 180 -21.24 -22.55 44.66
C PHE N 180 -20.67 -23.95 44.67
N HIS N 181 -20.85 -24.65 43.56
CA HIS N 181 -19.99 -25.77 43.24
C HIS N 181 -19.28 -25.39 41.95
N LYS N 182 -17.99 -25.09 42.06
CA LYS N 182 -17.27 -24.45 40.97
C LYS N 182 -18.07 -23.24 40.52
N ARG N 183 -18.22 -23.04 39.21
CA ARG N 183 -18.93 -21.84 38.77
C ARG N 183 -20.42 -21.91 39.02
N GLU N 184 -20.96 -23.11 39.19
CA GLU N 184 -22.40 -23.28 39.29
C GLU N 184 -22.89 -22.78 40.64
N LYS N 185 -23.75 -21.76 40.63
CA LYS N 185 -24.28 -21.21 41.86
C LYS N 185 -25.19 -22.22 42.56
N GLY N 186 -25.12 -22.22 43.88
CA GLY N 186 -25.98 -23.02 44.73
C GLY N 186 -25.22 -23.76 45.80
N GLY N 187 -24.13 -24.41 45.43
CA GLY N 187 -23.31 -25.14 46.37
C GLY N 187 -24.07 -25.90 47.43
N PHE N 188 -23.63 -25.79 48.67
CA PHE N 188 -24.31 -26.53 49.75
C PHE N 188 -25.56 -25.82 50.22
N LEU N 189 -25.52 -24.49 50.34
CA LEU N 189 -26.61 -23.76 50.95
C LEU N 189 -27.73 -23.42 49.97
N GLY N 190 -27.53 -23.62 48.68
CA GLY N 190 -28.53 -23.29 47.71
C GLY N 190 -28.32 -21.90 47.15
N PRO N 191 -28.75 -21.68 45.91
CA PRO N 191 -28.56 -20.36 45.29
C PRO N 191 -29.29 -19.26 46.01
N ASP N 192 -30.37 -19.57 46.71
CA ASP N 192 -31.22 -18.56 47.32
C ASP N 192 -30.89 -18.29 48.78
N PHE N 193 -29.85 -18.92 49.31
CA PHE N 193 -29.47 -18.66 50.69
C PHE N 193 -29.11 -17.19 50.86
N ARG N 194 -29.62 -16.59 51.92
CA ARG N 194 -29.22 -15.27 52.34
C ARG N 194 -28.99 -15.29 53.84
N SER N 195 -27.94 -14.61 54.28
CA SER N 195 -27.73 -14.48 55.70
C SER N 195 -28.76 -13.51 56.28
N LYS N 196 -28.71 -13.32 57.59
CA LYS N 196 -29.70 -12.47 58.25
C LYS N 196 -29.57 -11.00 57.85
N MET N 197 -28.39 -10.56 57.42
CA MET N 197 -28.24 -9.21 56.89
C MET N 197 -28.65 -9.13 55.42
N GLY N 198 -29.22 -10.20 54.86
CA GLY N 198 -29.70 -10.22 53.51
C GLY N 198 -28.66 -10.54 52.46
N LEU N 199 -27.41 -10.70 52.85
CA LEU N 199 -26.36 -10.94 51.89
C LEU N 199 -26.29 -12.42 51.53
N PRO N 200 -25.84 -12.74 50.33
CA PRO N 200 -25.50 -14.14 50.06
C PRO N 200 -24.21 -14.45 50.80
N VAL N 201 -23.71 -15.67 50.68
CA VAL N 201 -22.38 -15.95 51.18
C VAL N 201 -21.40 -15.01 50.49
N ILE N 202 -20.63 -14.28 51.27
CA ILE N 202 -19.55 -13.47 50.74
C ILE N 202 -18.40 -14.40 50.41
N ASN N 203 -18.09 -14.53 49.13
CA ASN N 203 -17.03 -15.42 48.70
C ASN N 203 -15.72 -14.66 48.64
N VAL N 204 -14.81 -14.98 49.54
CA VAL N 204 -13.45 -14.46 49.50
C VAL N 204 -12.60 -15.60 48.94
N PRO N 205 -12.45 -15.70 47.61
CA PRO N 205 -11.82 -16.87 47.05
C PRO N 205 -10.31 -16.81 47.17
N GLY N 206 -9.67 -17.67 46.40
CA GLY N 206 -8.24 -17.77 46.55
C GLY N 206 -7.92 -19.09 47.19
N CYS N 207 -6.70 -19.51 47.00
CA CYS N 207 -6.35 -20.83 47.56
C CYS N 207 -4.90 -20.72 47.99
N PRO N 208 -4.61 -19.99 49.07
CA PRO N 208 -5.66 -19.44 49.93
C PRO N 208 -5.99 -17.99 49.57
N ALA N 209 -7.03 -17.50 50.24
CA ALA N 209 -7.29 -16.06 50.12
C ALA N 209 -6.13 -15.29 50.71
N HIS N 210 -5.83 -14.17 50.11
CA HIS N 210 -4.89 -13.22 50.69
C HIS N 210 -5.47 -12.66 51.99
N PRO N 211 -4.64 -12.42 53.01
CA PRO N 211 -5.20 -11.93 54.27
C PRO N 211 -6.03 -10.68 54.09
N ASP N 212 -5.64 -9.78 53.20
CA ASP N 212 -6.39 -8.50 53.08
C ASP N 212 -7.78 -8.78 52.53
N TRP N 213 -7.92 -9.82 51.73
CA TRP N 213 -9.23 -10.06 51.06
C TRP N 213 -10.30 -10.28 52.13
N ILE N 214 -9.88 -10.79 53.28
CA ILE N 214 -10.85 -11.01 54.38
C ILE N 214 -10.71 -9.89 55.41
N THR N 215 -9.48 -9.53 55.76
CA THR N 215 -9.31 -8.57 56.85
C THR N 215 -9.89 -7.22 56.49
N GLN N 216 -9.71 -6.76 55.24
CA GLN N 216 -10.27 -5.47 54.88
C GLN N 216 -11.78 -5.52 54.83
N ILE N 217 -12.35 -6.66 54.44
CA ILE N 217 -13.80 -6.83 54.53
C ILE N 217 -14.24 -6.76 55.99
N LEU N 218 -13.51 -7.44 56.87
CA LEU N 218 -13.84 -7.43 58.29
C LEU N 218 -13.71 -6.03 58.88
N VAL N 219 -12.67 -5.31 58.47
CA VAL N 219 -12.51 -3.93 58.92
C VAL N 219 -13.66 -3.07 58.41
N ALA N 220 -14.04 -3.25 57.14
CA ALA N 220 -15.15 -2.50 56.57
C ALA N 220 -16.42 -2.76 57.36
N LEU N 221 -16.68 -4.03 57.68
CA LEU N 221 -17.84 -4.37 58.50
C LEU N 221 -17.74 -3.74 59.88
N ALA N 222 -16.53 -3.73 60.45
CA ALA N 222 -16.32 -3.21 61.79
C ALA N 222 -16.30 -1.69 61.85
N THR N 223 -16.03 -1.02 60.73
CA THR N 223 -15.93 0.43 60.71
C THR N 223 -17.15 1.08 60.09
N GLY N 224 -18.26 0.35 59.95
CA GLY N 224 -19.47 0.93 59.41
C GLY N 224 -19.50 1.07 57.91
N ARG N 225 -18.61 0.37 57.20
CA ARG N 225 -18.54 0.45 55.75
C ARG N 225 -19.04 -0.82 55.08
N ALA N 226 -19.90 -1.57 55.75
CA ALA N 226 -20.51 -2.74 55.11
C ALA N 226 -21.21 -2.34 53.83
N GLY N 227 -21.88 -1.19 53.84
CA GLY N 227 -22.57 -0.71 52.65
C GLY N 227 -21.64 -0.38 51.49
N ASP N 228 -20.35 -0.18 51.78
CA ASP N 228 -19.38 0.02 50.70
C ASP N 228 -19.01 -1.28 50.00
N ILE N 229 -19.34 -2.42 50.59
CA ILE N 229 -18.94 -3.71 50.03
C ILE N 229 -19.91 -4.08 48.91
N THR N 230 -19.41 -4.13 47.69
CA THR N 230 -20.17 -4.63 46.57
C THR N 230 -19.59 -5.98 46.16
N LEU N 231 -20.47 -6.91 45.80
CA LEU N 231 -20.10 -8.26 45.43
C LEU N 231 -20.32 -8.47 43.95
N ASP N 232 -19.44 -9.22 43.30
CA ASP N 232 -19.62 -9.52 41.89
C ASP N 232 -20.58 -10.71 41.76
N ASP N 233 -20.70 -11.25 40.55
CA ASP N 233 -21.63 -12.35 40.31
C ASP N 233 -21.23 -13.62 41.06
N LEU N 234 -19.96 -13.75 41.43
CA LEU N 234 -19.51 -14.87 42.23
C LEU N 234 -19.52 -14.54 43.73
N HIS N 235 -20.18 -13.45 44.11
CA HIS N 235 -20.24 -12.98 45.49
C HIS N 235 -18.86 -12.60 46.02
N ARG N 236 -17.94 -12.26 45.13
CA ARG N 236 -16.64 -11.81 45.59
C ARG N 236 -16.62 -10.29 45.76
N PRO N 237 -15.91 -9.79 46.76
CA PRO N 237 -15.81 -8.33 46.93
C PRO N 237 -15.17 -7.68 45.72
N GLU N 238 -15.95 -6.82 45.05
CA GLU N 238 -15.45 -6.15 43.87
C GLU N 238 -14.30 -5.23 44.16
N THR N 239 -14.14 -4.79 45.40
CA THR N 239 -12.99 -3.97 45.75
C THR N 239 -11.68 -4.73 45.53
N PHE N 240 -11.74 -6.05 45.50
CA PHE N 240 -10.57 -6.87 45.22
C PHE N 240 -10.62 -7.60 43.91
N PHE N 241 -11.82 -7.86 43.37
CA PHE N 241 -11.97 -8.81 42.29
C PHE N 241 -12.53 -8.19 41.01
N LYS N 242 -12.49 -6.87 40.89
CA LYS N 242 -12.67 -6.27 39.58
C LYS N 242 -11.38 -6.27 38.79
N THR N 243 -10.25 -6.10 39.47
CA THR N 243 -8.96 -6.19 38.81
C THR N 243 -8.69 -7.63 38.42
N PHE N 244 -7.64 -7.80 37.62
CA PHE N 244 -7.21 -9.16 37.25
C PHE N 244 -5.92 -9.44 37.99
N THR N 245 -5.52 -10.69 38.03
CA THR N 245 -4.19 -10.94 38.60
C THR N 245 -3.20 -10.13 37.77
N GLN N 246 -3.46 -10.06 36.48
CA GLN N 246 -2.50 -9.37 35.59
C GLN N 246 -2.37 -7.90 35.98
N THR N 247 -3.39 -7.38 36.62
CA THR N 247 -3.40 -5.94 36.94
C THR N 247 -2.27 -5.68 37.94
N GLY N 248 -1.20 -5.07 37.47
CA GLY N 248 -0.08 -4.77 38.37
C GLY N 248 0.99 -5.83 38.24
N CYS N 249 0.73 -6.79 37.37
CA CYS N 249 1.78 -7.81 37.15
C CYS N 249 3.00 -7.11 36.58
N THR N 250 4.18 -7.48 37.05
CA THR N 250 5.42 -6.86 36.54
C THR N 250 5.70 -7.32 35.11
N ARG N 251 4.91 -8.24 34.59
CA ARG N 251 5.24 -8.77 33.23
C ARG N 251 4.24 -8.32 32.17
N VAL N 252 3.34 -7.41 32.54
CA VAL N 252 2.31 -7.01 31.55
C VAL N 252 2.97 -6.35 30.33
N GLN N 253 4.06 -5.63 30.53
CA GLN N 253 4.66 -5.03 29.32
C GLN N 253 5.12 -6.15 28.37
N PHE N 254 5.66 -7.22 28.94
CA PHE N 254 6.05 -8.35 28.09
C PHE N 254 4.78 -8.95 27.46
N PHE N 255 3.72 -9.01 28.24
CA PHE N 255 2.44 -9.53 27.71
C PHE N 255 2.02 -8.63 26.53
N GLU N 256 2.08 -7.34 26.74
CA GLU N 256 1.63 -6.39 25.71
C GLU N 256 2.39 -6.66 24.42
N TYR N 257 3.66 -6.89 24.52
CA TYR N 257 4.51 -7.13 23.36
C TYR N 257 4.68 -8.60 23.06
N LYS N 258 3.90 -9.45 23.72
CA LYS N 258 3.86 -10.87 23.41
C LYS N 258 5.24 -11.49 23.51
N GLN N 259 5.98 -11.09 24.53
CA GLN N 259 7.30 -11.65 24.82
C GLN N 259 7.13 -12.69 25.92
N SER N 260 7.44 -13.93 25.60
CA SER N 260 7.12 -15.03 26.49
C SER N 260 8.31 -15.37 27.35
N THR N 261 8.07 -15.54 28.64
CA THR N 261 9.01 -16.29 29.45
C THR N 261 9.15 -17.67 28.84
N LEU N 262 10.38 -18.10 28.64
CA LEU N 262 10.64 -19.38 28.00
C LEU N 262 10.95 -20.49 28.98
N SER N 263 11.44 -20.17 30.16
CA SER N 263 11.85 -21.19 31.11
C SER N 263 11.77 -20.63 32.51
N PHE N 264 11.73 -21.54 33.47
CA PHE N 264 11.67 -21.15 34.87
C PHE N 264 13.05 -20.72 35.34
N GLY N 265 13.14 -20.37 36.62
CA GLY N 265 14.39 -19.88 37.15
C GLY N 265 14.77 -18.57 36.49
N GLU N 266 16.03 -18.49 36.06
CA GLU N 266 16.52 -17.26 35.44
C GLU N 266 15.74 -16.90 34.18
N GLY N 267 15.09 -17.87 33.53
CA GLY N 267 14.25 -17.56 32.41
C GLY N 267 13.14 -16.58 32.74
N THR N 268 12.74 -16.53 34.01
CA THR N 268 11.69 -15.61 34.43
C THR N 268 12.21 -14.21 34.71
N ARG N 269 13.49 -13.94 34.46
CA ARG N 269 13.97 -12.56 34.51
C ARG N 269 13.39 -11.73 33.38
N THR N 270 12.67 -12.35 32.46
CA THR N 270 12.06 -11.63 31.36
C THR N 270 10.75 -12.31 31.00
N GLY N 271 9.95 -11.62 30.20
CA GLY N 271 8.82 -12.30 29.63
C GLY N 271 7.59 -12.40 30.48
N CYS N 272 6.50 -12.74 29.82
CA CYS N 272 5.25 -12.97 30.53
C CYS N 272 4.98 -14.48 30.51
N LEU N 273 4.31 -14.98 31.53
CA LEU N 273 4.15 -16.45 31.67
C LEU N 273 2.92 -16.96 30.94
N PHE N 274 2.24 -16.08 30.25
CA PHE N 274 0.94 -16.49 29.67
C PHE N 274 1.12 -17.51 28.57
N TYR N 275 2.15 -17.31 27.79
CA TYR N 275 2.25 -18.11 26.56
C TYR N 275 2.81 -19.50 26.73
N GLU N 276 3.75 -19.68 27.64
CA GLU N 276 4.38 -20.98 27.80
C GLU N 276 4.05 -21.65 29.11
N PHE N 277 3.59 -20.90 30.12
CA PHE N 277 3.36 -21.48 31.43
C PHE N 277 1.91 -21.42 31.86
N GLY N 278 1.02 -21.11 30.96
CA GLY N 278 -0.40 -21.22 31.32
C GLY N 278 -0.82 -20.18 32.34
N CYS N 279 -0.09 -19.09 32.41
CA CYS N 279 -0.53 -18.02 33.33
C CYS N 279 -2.00 -17.67 33.07
N ARG N 280 -2.81 -17.76 34.11
CA ARG N 280 -4.24 -17.37 33.96
C ARG N 280 -4.45 -15.92 34.40
N GLY N 281 -3.37 -15.19 34.60
CA GLY N 281 -3.48 -13.79 35.05
C GLY N 281 -4.55 -13.00 34.32
N PRO N 282 -4.55 -12.98 32.99
CA PRO N 282 -5.48 -12.15 32.24
C PRO N 282 -6.90 -12.71 32.23
N MET N 283 -7.09 -13.88 32.80
CA MET N 283 -8.45 -14.48 32.85
C MET N 283 -8.88 -14.62 34.30
N THR N 284 -8.13 -14.01 35.22
CA THR N 284 -8.40 -14.26 36.64
C THR N 284 -8.59 -12.95 37.38
N HIS N 285 -9.70 -12.87 38.06
CA HIS N 285 -9.99 -11.63 38.81
C HIS N 285 -9.35 -11.77 40.16
N SER N 286 -8.55 -10.80 40.52
CA SER N 286 -7.84 -10.84 41.80
C SER N 286 -7.08 -9.54 41.91
N PRO N 287 -6.65 -9.13 43.11
CA PRO N 287 -5.77 -7.99 43.21
C PRO N 287 -4.37 -8.51 43.59
N CYS N 288 -4.01 -9.70 43.11
CA CYS N 288 -2.71 -10.28 43.56
C CYS N 288 -1.51 -9.43 43.22
N ASN N 289 -1.64 -8.67 42.15
CA ASN N 289 -0.52 -7.79 41.77
C ASN N 289 -0.80 -6.36 42.19
N ARG N 290 -1.99 -6.11 42.69
CA ARG N 290 -2.27 -4.80 43.25
C ARG N 290 -1.90 -4.81 44.73
N ILE N 291 -2.47 -5.75 45.47
CA ILE N 291 -2.15 -5.97 46.86
C ILE N 291 -1.23 -7.18 46.91
N LEU N 292 0.03 -6.94 47.14
CA LEU N 292 0.99 -8.05 47.00
C LEU N 292 0.86 -9.05 48.14
N TRP N 293 1.23 -10.27 47.81
CA TRP N 293 1.19 -11.34 48.81
C TRP N 293 2.32 -11.12 49.81
N ASN N 294 2.01 -11.31 51.10
CA ASN N 294 3.04 -11.19 52.15
C ASN N 294 3.72 -9.83 52.04
N ARG N 295 2.99 -8.86 51.48
CA ARG N 295 3.55 -7.54 51.26
C ARG N 295 4.84 -7.57 50.46
N GLN N 296 5.07 -8.63 49.71
CA GLN N 296 6.32 -8.79 48.98
C GLN N 296 6.13 -8.96 47.49
N SER N 297 5.26 -9.87 47.08
CA SER N 297 5.35 -10.36 45.72
C SER N 297 4.01 -10.92 45.31
N SER N 298 4.06 -11.66 44.22
CA SER N 298 2.88 -12.40 43.77
C SER N 298 3.45 -13.59 43.00
N LYS N 299 2.61 -14.56 42.74
CA LYS N 299 3.15 -15.66 41.91
C LYS N 299 3.75 -15.11 40.63
N THR N 300 2.99 -14.29 39.95
CA THR N 300 3.44 -13.90 38.59
C THR N 300 4.71 -13.08 38.65
N ARG N 301 4.76 -12.17 39.59
CA ARG N 301 6.03 -11.43 39.75
C ARG N 301 7.17 -12.41 39.95
N ALA N 302 6.98 -13.39 40.82
CA ALA N 302 8.05 -14.31 41.15
C ALA N 302 8.40 -15.24 40.00
N GLY N 303 7.60 -15.28 38.95
CA GLY N 303 7.83 -16.21 37.87
C GLY N 303 6.92 -17.41 37.87
N MET N 304 5.98 -17.47 38.78
CA MET N 304 5.03 -18.57 38.77
C MET N 304 3.76 -18.16 38.07
N PRO N 305 3.23 -18.97 37.15
CA PRO N 305 1.98 -18.62 36.53
C PRO N 305 0.84 -18.53 37.53
N CYS N 306 -0.01 -17.57 37.28
CA CYS N 306 -1.24 -17.53 38.08
C CYS N 306 -2.03 -18.78 37.70
N LEU N 307 -2.48 -19.48 38.72
CA LEU N 307 -3.27 -20.70 38.47
C LEU N 307 -4.76 -20.36 38.46
N GLY N 308 -5.08 -19.08 38.46
CA GLY N 308 -6.48 -18.67 38.41
C GLY N 308 -7.23 -19.12 39.65
N CYS N 309 -6.55 -19.12 40.78
CA CYS N 309 -7.18 -19.70 41.99
C CYS N 309 -8.35 -18.86 42.51
N THR N 310 -8.53 -17.65 42.07
CA THR N 310 -9.66 -16.89 42.65
C THR N 310 -10.89 -17.17 41.79
N GLU N 311 -10.67 -17.94 40.74
CA GLU N 311 -11.77 -18.25 39.83
C GLU N 311 -12.44 -19.55 40.28
N PRO N 312 -13.78 -19.70 40.13
CA PRO N 312 -14.46 -20.86 40.71
C PRO N 312 -14.07 -22.19 40.10
N GLU N 313 -13.51 -22.20 38.89
CA GLU N 313 -13.09 -23.44 38.26
C GLU N 313 -11.80 -23.98 38.84
N PHE N 314 -11.13 -23.23 39.69
CA PHE N 314 -9.84 -23.67 40.19
C PHE N 314 -9.98 -24.98 40.95
N PRO N 315 -9.07 -25.94 40.74
CA PRO N 315 -7.97 -25.89 39.78
C PRO N 315 -8.47 -26.10 38.37
N HIS N 316 -8.05 -25.23 37.47
CA HIS N 316 -8.58 -25.27 36.13
C HIS N 316 -8.18 -26.56 35.43
N PHE N 317 -9.10 -27.06 34.61
CA PHE N 317 -8.90 -28.31 33.89
C PHE N 317 -8.61 -29.48 34.83
N ASP N 318 -8.90 -29.31 36.12
CA ASP N 318 -8.66 -30.32 37.12
C ASP N 318 -7.23 -30.84 37.06
N LEU N 319 -6.30 -29.96 36.69
CA LEU N 319 -4.88 -30.35 36.65
C LEU N 319 -4.69 -31.60 35.79
N ALA N 320 -5.48 -31.73 34.74
CA ALA N 320 -5.35 -32.86 33.83
C ALA N 320 -3.97 -32.84 33.20
N PRO N 321 -3.48 -33.99 32.75
CA PRO N 321 -2.14 -34.05 32.18
C PRO N 321 -1.96 -33.04 31.06
N GLY N 322 -0.81 -32.37 31.06
CA GLY N 322 -0.49 -31.37 30.07
C GLY N 322 -1.02 -29.98 30.35
N THR N 323 -1.73 -29.77 31.45
CA THR N 323 -2.31 -28.48 31.75
C THR N 323 -1.62 -27.74 32.88
N VAL N 324 -0.59 -28.33 33.49
CA VAL N 324 0.04 -27.75 34.67
C VAL N 324 1.28 -27.00 34.22
N PHE N 325 1.29 -25.69 34.47
CA PHE N 325 2.39 -24.81 34.06
C PHE N 325 2.64 -24.90 32.56
N LYS N 326 1.56 -25.07 31.80
CA LYS N 326 1.62 -25.11 30.36
C LYS N 326 0.44 -24.34 29.79
N THR N 327 0.67 -23.66 28.67
CA THR N 327 -0.41 -23.00 27.95
C THR N 327 -0.93 -23.96 26.90
N GLN N 328 -2.17 -24.39 27.03
CA GLN N 328 -2.79 -25.18 25.98
C GLN N 328 -2.97 -24.31 24.75
N LYS N 329 -2.51 -24.81 23.62
CA LYS N 329 -2.51 -24.03 22.40
C LYS N 329 -3.16 -24.83 21.28
N VAL N 330 -3.79 -24.10 20.37
CA VAL N 330 -4.35 -24.66 19.14
C VAL N 330 -3.33 -24.45 18.04
N SER N 331 -3.00 -25.51 17.33
CA SER N 331 -2.02 -25.47 16.23
C SER N 331 -0.66 -24.98 16.72
N GLY N 332 -0.38 -25.13 18.01
CA GLY N 332 0.91 -24.79 18.58
C GLY N 332 1.20 -23.32 18.71
N MET N 333 0.29 -22.44 18.30
CA MET N 333 0.58 -21.02 18.31
C MET N 333 -0.51 -20.24 19.02
N ILE N 334 -1.76 -20.66 18.89
CA ILE N 334 -2.91 -19.91 19.38
C ILE N 334 -3.28 -20.44 20.75
N PRO N 335 -3.25 -19.63 21.80
CA PRO N 335 -3.70 -20.10 23.11
C PRO N 335 -5.17 -20.50 23.02
N LYS N 336 -5.51 -21.61 23.67
CA LYS N 336 -6.90 -22.04 23.72
C LYS N 336 -7.75 -21.00 24.42
N GLU N 337 -7.25 -20.45 25.52
CA GLU N 337 -7.94 -19.41 26.26
C GLU N 337 -7.20 -18.09 26.06
N VAL N 338 -7.93 -17.07 25.65
CA VAL N 338 -7.36 -15.74 25.46
C VAL N 338 -7.75 -14.90 26.67
N PRO N 339 -7.20 -13.71 26.84
CA PRO N 339 -7.56 -12.90 28.01
C PRO N 339 -9.05 -12.62 28.04
N GLU N 340 -9.53 -12.33 29.24
CA GLU N 340 -10.95 -12.06 29.44
C GLU N 340 -11.43 -10.95 28.54
N GLY N 341 -12.58 -11.15 27.92
CA GLY N 341 -13.20 -10.13 27.11
C GLY N 341 -12.60 -9.97 25.73
N THR N 342 -11.59 -10.75 25.39
CA THR N 342 -11.01 -10.74 24.06
C THR N 342 -11.51 -11.94 23.27
N ASP N 343 -11.25 -11.82 21.95
CA ASP N 343 -11.59 -12.90 21.00
C ASP N 343 -10.34 -13.40 20.29
N HIS N 344 -10.26 -14.68 19.98
CA HIS N 344 -9.04 -15.22 19.43
C HIS N 344 -8.58 -14.43 18.21
N LEU N 345 -9.47 -13.93 17.38
CA LEU N 345 -8.99 -13.27 16.14
C LEU N 345 -8.43 -11.89 16.43
N THR N 346 -9.13 -11.10 17.23
CA THR N 346 -8.53 -9.81 17.55
C THR N 346 -7.32 -9.99 18.46
N TYR N 347 -7.38 -10.93 19.37
CA TYR N 347 -6.18 -11.14 20.21
C TYR N 347 -5.01 -11.47 19.32
N MET N 348 -5.17 -12.49 18.49
CA MET N 348 -4.04 -12.95 17.69
C MET N 348 -3.56 -11.86 16.73
N GLY N 349 -4.48 -11.09 16.14
CA GLY N 349 -4.05 -10.01 15.28
C GLY N 349 -3.24 -8.98 16.05
N LEU N 350 -3.74 -8.56 17.21
CA LEU N 350 -3.01 -7.63 18.04
C LEU N 350 -1.70 -8.23 18.51
N ALA N 351 -1.69 -9.54 18.77
CA ALA N 351 -0.47 -10.19 19.21
C ALA N 351 0.60 -10.16 18.12
N ALA N 352 0.21 -10.42 16.88
CA ALA N 352 1.16 -10.32 15.78
C ALA N 352 1.67 -8.90 15.64
N ALA N 353 0.76 -7.91 15.71
CA ALA N 353 1.18 -6.52 15.62
C ALA N 353 2.14 -6.16 16.74
N ALA N 354 1.84 -6.60 17.96
CA ALA N 354 2.70 -6.32 19.10
C ALA N 354 4.06 -6.98 18.95
N ARG N 355 4.08 -8.23 18.49
CA ARG N 355 5.35 -8.90 18.24
C ARG N 355 6.19 -8.11 17.27
N ILE N 356 5.60 -7.64 16.16
CA ILE N 356 6.43 -6.96 15.12
C ILE N 356 6.94 -5.63 15.65
N ALA N 357 6.17 -4.95 16.48
CA ALA N 357 6.53 -3.61 16.97
C ALA N 357 7.25 -3.71 18.30
N ALA N 358 7.60 -4.91 18.72
CA ALA N 358 8.15 -5.07 20.07
C ALA N 358 9.44 -4.28 20.23
N PRO N 359 9.61 -3.55 21.35
CA PRO N 359 10.86 -2.88 21.62
C PRO N 359 11.93 -3.91 21.98
N GLN N 360 13.18 -3.50 22.00
CA GLN N 360 14.27 -4.42 22.31
C GLN N 360 14.28 -4.81 23.78
N TRP N 361 14.00 -3.86 24.68
CA TRP N 361 14.02 -4.18 26.10
C TRP N 361 13.00 -5.25 26.46
N SER N 362 11.89 -5.31 25.73
CA SER N 362 10.89 -6.34 26.02
C SER N 362 11.38 -7.73 25.68
N LYS N 363 12.49 -7.79 24.99
CA LYS N 363 13.07 -9.07 24.54
C LYS N 363 14.34 -9.33 25.34
N GLU N 364 14.54 -8.70 26.49
CA GLU N 364 15.71 -8.90 27.31
C GLU N 364 15.31 -9.05 28.77
N ASP N 365 16.25 -9.55 29.56
CA ASP N 365 16.04 -9.64 31.00
C ASP N 365 15.73 -8.27 31.57
N MET N 366 14.76 -8.21 32.44
CA MET N 366 14.45 -6.98 33.13
C MET N 366 14.50 -7.12 34.64
N PHE N 367 14.14 -8.28 35.17
CA PHE N 367 14.25 -8.55 36.60
C PHE N 367 15.63 -9.12 36.87
N VAL N 368 16.60 -8.24 36.71
CA VAL N 368 18.00 -8.59 36.78
C VAL N 368 18.45 -8.56 38.23
N VAL N 369 19.56 -9.24 38.49
CA VAL N 369 20.13 -9.28 39.83
C VAL N 369 20.41 -7.87 40.31
N LEU O 3 64.03 -69.65 -10.53
CA LEU O 3 63.55 -69.02 -9.30
C LEU O 3 62.25 -68.25 -9.54
N ASP O 4 61.17 -68.70 -8.91
CA ASP O 4 59.92 -67.94 -8.96
C ASP O 4 59.98 -66.83 -7.93
N LEU O 5 59.94 -65.59 -8.40
CA LEU O 5 60.00 -64.42 -7.53
C LEU O 5 58.69 -63.66 -7.65
N PHE O 6 58.02 -63.46 -6.52
CA PHE O 6 56.79 -62.69 -6.47
C PHE O 6 57.10 -61.39 -5.75
N VAL O 7 57.03 -60.27 -6.47
CA VAL O 7 57.30 -58.96 -5.94
C VAL O 7 55.98 -58.27 -5.66
N SER O 8 55.74 -57.97 -4.40
CA SER O 8 54.51 -57.34 -3.96
C SER O 8 54.81 -56.50 -2.72
N PRO O 9 54.55 -55.20 -2.76
CA PRO O 9 54.08 -54.48 -3.94
C PRO O 9 55.22 -54.02 -4.82
N LEU O 10 54.94 -53.79 -6.09
CA LEU O 10 55.84 -53.04 -6.96
C LEU O 10 55.23 -51.64 -7.05
N GLY O 11 55.63 -50.77 -6.15
CA GLY O 11 55.04 -49.46 -6.05
C GLY O 11 55.53 -48.52 -7.12
N ARG O 12 55.16 -47.25 -6.96
CA ARG O 12 55.48 -46.20 -7.93
C ARG O 12 54.99 -46.58 -9.31
N VAL O 13 53.81 -47.19 -9.36
CA VAL O 13 53.11 -47.45 -10.62
C VAL O 13 51.68 -46.98 -10.47
N GLU O 14 51.45 -45.99 -9.60
CA GLU O 14 50.14 -45.37 -9.45
C GLU O 14 49.06 -46.43 -9.26
N GLY O 15 49.27 -47.29 -8.27
CA GLY O 15 48.28 -48.28 -7.96
C GLY O 15 48.93 -49.57 -7.51
N ASP O 16 48.14 -50.63 -7.53
CA ASP O 16 48.48 -51.88 -6.88
C ASP O 16 48.95 -52.85 -7.95
N LEU O 17 50.24 -53.16 -7.93
CA LEU O 17 50.83 -54.06 -8.89
C LEU O 17 51.66 -55.08 -8.15
N ASP O 18 51.47 -56.34 -8.51
CA ASP O 18 52.40 -57.39 -8.12
C ASP O 18 52.99 -57.95 -9.40
N VAL O 19 54.25 -58.36 -9.32
CA VAL O 19 54.92 -58.91 -10.50
C VAL O 19 55.49 -60.27 -10.13
N ARG O 20 55.05 -61.30 -10.81
CA ARG O 20 55.64 -62.62 -10.66
C ARG O 20 56.58 -62.84 -11.84
N VAL O 21 57.78 -63.32 -11.55
CA VAL O 21 58.74 -63.59 -12.60
C VAL O 21 59.36 -64.95 -12.37
N THR O 22 59.60 -65.66 -13.45
CA THR O 22 60.48 -66.81 -13.44
C THR O 22 61.87 -66.33 -13.83
N ILE O 23 62.85 -66.62 -13.00
CA ILE O 23 64.23 -66.19 -13.23
C ILE O 23 65.07 -67.44 -13.46
N ASN O 24 65.84 -67.43 -14.56
CA ASN O 24 66.83 -68.47 -14.82
C ASN O 24 68.15 -67.81 -15.15
N ASP O 25 69.20 -68.19 -14.42
CA ASP O 25 70.54 -67.64 -14.61
C ASP O 25 70.53 -66.12 -14.51
N GLY O 26 69.76 -65.59 -13.55
CA GLY O 26 69.73 -64.17 -13.31
C GLY O 26 68.99 -63.37 -14.36
N VAL O 27 68.16 -64.02 -15.18
CA VAL O 27 67.40 -63.34 -16.22
C VAL O 27 65.95 -63.76 -16.10
N VAL O 28 65.04 -62.79 -16.20
CA VAL O 28 63.62 -63.12 -16.22
C VAL O 28 63.31 -63.87 -17.49
N THR O 29 62.73 -65.06 -17.35
CA THR O 29 62.32 -65.87 -18.49
C THR O 29 60.84 -65.86 -18.75
N SER O 30 60.03 -65.60 -17.72
CA SER O 30 58.61 -65.37 -17.92
C SER O 30 58.15 -64.38 -16.87
N ALA O 31 57.08 -63.67 -17.17
CA ALA O 31 56.59 -62.66 -16.26
C ALA O 31 55.07 -62.63 -16.30
N TRP O 32 54.49 -62.37 -15.14
CA TRP O 32 53.07 -62.12 -14.98
C TRP O 32 52.91 -60.80 -14.25
N THR O 33 52.14 -59.91 -14.83
CA THR O 33 51.75 -58.68 -14.15
C THR O 33 50.38 -58.90 -13.55
N GLU O 34 50.25 -58.61 -12.26
CA GLU O 34 49.01 -58.81 -11.54
C GLU O 34 48.53 -57.45 -11.05
N ALA O 35 47.57 -56.88 -11.76
CA ALA O 35 46.84 -55.73 -11.26
C ALA O 35 45.94 -56.19 -10.12
N ALA O 36 46.10 -55.61 -8.94
CA ALA O 36 45.54 -56.21 -7.74
C ALA O 36 44.37 -55.44 -7.14
N MET O 37 44.00 -54.30 -7.70
CA MET O 37 42.94 -53.49 -7.10
C MET O 37 41.90 -53.14 -8.15
N PHE O 38 40.64 -53.36 -7.81
CA PHE O 38 39.52 -53.19 -8.73
C PHE O 38 38.50 -52.25 -8.11
N ARG O 39 38.06 -51.26 -8.88
CA ARG O 39 37.00 -50.37 -8.45
C ARG O 39 35.74 -50.49 -9.29
N GLY O 40 35.85 -50.92 -10.54
CA GLY O 40 34.69 -51.17 -11.36
C GLY O 40 33.92 -49.96 -11.81
N PHE O 41 34.63 -48.92 -12.26
CA PHE O 41 33.96 -47.70 -12.67
C PHE O 41 33.07 -47.93 -13.88
N GLU O 42 33.44 -48.87 -14.75
CA GLU O 42 32.58 -49.18 -15.89
C GLU O 42 31.25 -49.75 -15.43
N ILE O 43 31.28 -50.58 -14.39
CA ILE O 43 30.06 -51.08 -13.80
C ILE O 43 29.24 -49.94 -13.22
N ILE O 44 29.91 -49.04 -12.50
CA ILE O 44 29.20 -47.95 -11.85
C ILE O 44 28.54 -47.04 -12.88
N LEU O 45 29.23 -46.79 -13.99
CA LEU O 45 28.72 -45.84 -14.97
C LEU O 45 27.45 -46.32 -15.66
N ARG O 46 27.23 -47.63 -15.69
CA ARG O 46 26.04 -48.15 -16.36
C ARG O 46 24.78 -47.58 -15.71
N GLY O 47 23.88 -47.07 -16.54
CA GLY O 47 22.64 -46.51 -16.07
C GLY O 47 22.74 -45.11 -15.54
N LYS O 48 23.93 -44.54 -15.46
CA LYS O 48 24.10 -43.20 -14.95
C LYS O 48 23.80 -42.18 -16.05
N ASP O 49 23.83 -40.91 -15.67
CA ASP O 49 23.63 -39.84 -16.63
C ASP O 49 24.65 -39.96 -17.75
N PRO O 50 24.26 -39.67 -19.00
CA PRO O 50 25.22 -39.82 -20.10
C PRO O 50 26.50 -39.04 -19.91
N GLN O 51 26.46 -37.94 -19.16
CA GLN O 51 27.67 -37.18 -18.88
C GLN O 51 28.35 -37.59 -17.59
N ALA O 52 27.86 -38.65 -16.94
CA ALA O 52 28.49 -39.09 -15.71
C ALA O 52 29.95 -39.45 -15.92
N GLY O 53 30.30 -39.85 -17.14
CA GLY O 53 31.69 -40.15 -17.43
C GLY O 53 32.60 -38.97 -17.17
N LEU O 54 32.12 -37.76 -17.46
CA LEU O 54 32.94 -36.58 -17.23
C LEU O 54 33.31 -36.41 -15.76
N ILE O 55 32.50 -36.95 -14.87
CA ILE O 55 32.81 -36.89 -13.45
C ILE O 55 33.57 -38.14 -12.99
N VAL O 56 33.14 -39.30 -13.47
CA VAL O 56 33.67 -40.56 -12.97
C VAL O 56 35.03 -40.87 -13.58
N CYS O 57 35.13 -40.78 -14.90
CA CYS O 57 36.36 -41.18 -15.58
C CYS O 57 37.60 -40.44 -15.10
N PRO O 58 37.57 -39.12 -14.79
CA PRO O 58 38.77 -38.49 -14.26
C PRO O 58 39.17 -39.25 -12.99
N ARG O 59 38.18 -39.74 -12.24
CA ARG O 59 38.51 -40.42 -10.96
C ARG O 59 39.09 -41.80 -11.22
N ILE O 60 39.23 -42.19 -12.46
CA ILE O 60 39.94 -43.46 -12.72
C ILE O 60 41.37 -43.22 -12.25
N CYS O 61 41.83 -41.98 -12.40
CA CYS O 61 43.24 -41.78 -12.09
C CYS O 61 43.59 -40.34 -11.77
N GLY O 62 44.42 -40.19 -10.77
CA GLY O 62 44.75 -38.86 -10.31
C GLY O 62 45.69 -38.15 -11.21
N ILE O 63 46.63 -38.91 -11.74
CA ILE O 63 47.70 -38.26 -12.52
C ILE O 63 47.21 -38.07 -13.95
N CYS O 64 46.31 -38.94 -14.40
CA CYS O 64 45.91 -38.75 -15.81
C CYS O 64 44.39 -38.59 -15.93
N GLY O 65 43.76 -38.15 -14.86
CA GLY O 65 42.31 -37.93 -14.94
C GLY O 65 41.97 -36.87 -15.98
N GLY O 66 42.82 -35.85 -16.15
CA GLY O 66 42.53 -34.89 -17.18
C GLY O 66 42.45 -35.53 -18.55
N SER O 67 43.29 -36.52 -18.76
CA SER O 67 43.25 -37.28 -20.03
C SER O 67 41.92 -38.03 -20.11
N HIS O 68 41.55 -38.64 -19.01
CA HIS O 68 40.24 -39.35 -18.99
C HIS O 68 39.15 -38.36 -19.34
N LEU O 69 39.23 -37.19 -18.76
CA LEU O 69 38.18 -36.18 -19.00
C LEU O 69 38.17 -35.87 -20.50
N TYR O 70 39.35 -35.60 -21.05
CA TYR O 70 39.47 -35.27 -22.46
C TYR O 70 38.79 -36.31 -23.33
N LYS O 71 39.13 -37.58 -23.13
CA LYS O 71 38.57 -38.60 -24.01
C LYS O 71 37.10 -38.88 -23.69
N SER O 72 36.69 -38.74 -22.43
CA SER O 72 35.27 -38.90 -22.12
C SER O 72 34.45 -37.79 -22.77
N ALA O 73 34.96 -36.56 -22.71
CA ALA O 73 34.29 -35.46 -23.37
C ALA O 73 34.17 -35.73 -24.86
N TYR O 74 35.26 -36.20 -25.48
CA TYR O 74 35.18 -36.47 -26.91
C TYR O 74 34.29 -37.68 -27.21
N ALA O 75 34.22 -38.64 -26.30
CA ALA O 75 33.27 -39.73 -26.47
C ALA O 75 31.86 -39.18 -26.54
N LEU O 76 31.54 -38.24 -25.67
CA LEU O 76 30.22 -37.62 -25.71
C LEU O 76 30.07 -36.76 -26.97
N ASP O 77 31.12 -36.05 -27.36
CA ASP O 77 31.05 -35.20 -28.54
C ASP O 77 30.74 -36.02 -29.78
N THR O 78 31.37 -37.18 -29.91
CA THR O 78 31.09 -38.05 -31.03
C THR O 78 29.72 -38.70 -30.88
N ALA O 79 29.38 -39.15 -29.68
CA ALA O 79 28.09 -39.79 -29.45
C ALA O 79 26.94 -38.84 -29.76
N TRP O 80 27.11 -37.58 -29.40
CA TRP O 80 26.07 -36.58 -29.57
C TRP O 80 26.28 -35.71 -30.79
N ARG O 81 27.28 -36.03 -31.62
CA ARG O 81 27.52 -35.31 -32.87
C ARG O 81 27.61 -33.81 -32.60
N THR O 82 28.37 -33.46 -31.58
CA THR O 82 28.41 -32.08 -31.15
C THR O 82 29.26 -31.24 -32.08
N HIS O 83 29.22 -29.93 -31.87
CA HIS O 83 30.12 -28.99 -32.50
C HIS O 83 31.13 -28.54 -31.47
N MET O 84 32.41 -28.58 -31.83
CA MET O 84 33.48 -28.14 -30.97
C MET O 84 34.04 -26.83 -31.51
N PRO O 85 33.79 -25.70 -30.85
CA PRO O 85 34.43 -24.46 -31.26
C PRO O 85 35.94 -24.62 -31.20
N PRO O 86 36.67 -23.99 -32.12
CA PRO O 86 38.13 -24.15 -32.11
C PRO O 86 38.77 -23.80 -30.77
N ASN O 87 38.26 -22.78 -30.08
CA ASN O 87 38.83 -22.43 -28.78
C ASN O 87 38.67 -23.58 -27.81
N ALA O 88 37.53 -24.27 -27.84
CA ALA O 88 37.34 -25.40 -26.96
C ALA O 88 38.34 -26.50 -27.27
N THR O 89 38.55 -26.79 -28.55
CA THR O 89 39.54 -27.77 -28.94
C THR O 89 40.92 -27.36 -28.45
N LEU O 90 41.25 -26.08 -28.58
CA LEU O 90 42.54 -25.59 -28.11
C LEU O 90 42.67 -25.76 -26.61
N ILE O 91 41.64 -25.41 -25.86
CA ILE O 91 41.70 -25.53 -24.41
C ILE O 91 41.85 -26.99 -24.01
N ARG O 92 41.10 -27.87 -24.67
CA ARG O 92 41.22 -29.29 -24.40
C ARG O 92 42.63 -29.78 -24.69
N ASN O 93 43.18 -29.39 -25.84
CA ASN O 93 44.55 -29.74 -26.18
C ASN O 93 45.52 -29.23 -25.13
N ILE O 94 45.37 -27.97 -24.76
CA ILE O 94 46.28 -27.33 -23.82
C ILE O 94 46.24 -28.09 -22.50
N CYS O 95 45.04 -28.41 -22.03
CA CYS O 95 44.92 -29.03 -20.72
C CYS O 95 45.42 -30.47 -20.75
N GLN O 96 45.11 -31.20 -21.82
CA GLN O 96 45.64 -32.55 -21.95
C GLN O 96 47.16 -32.53 -21.96
N ALA O 97 47.73 -31.63 -22.75
CA ALA O 97 49.18 -31.56 -22.86
C ALA O 97 49.80 -31.06 -21.56
N CYS O 98 49.12 -30.14 -20.88
CA CYS O 98 49.65 -29.66 -19.60
C CYS O 98 49.64 -30.75 -18.56
N GLU O 99 48.59 -31.55 -18.53
CA GLU O 99 48.61 -32.69 -17.63
C GLU O 99 49.78 -33.61 -17.95
N THR O 100 50.01 -33.86 -19.24
CA THR O 100 51.14 -34.69 -19.62
C THR O 100 52.47 -34.06 -19.23
N LEU O 101 52.58 -32.74 -19.40
CA LEU O 101 53.80 -32.03 -19.03
C LEU O 101 54.03 -32.07 -17.53
N GLN O 102 52.96 -32.10 -16.75
CA GLN O 102 53.10 -32.34 -15.32
C GLN O 102 53.56 -33.76 -15.07
N SER O 103 52.97 -34.72 -15.79
CA SER O 103 53.26 -36.12 -15.55
C SER O 103 54.72 -36.45 -15.83
N ILE O 104 55.28 -35.85 -16.88
CA ILE O 104 56.61 -36.21 -17.36
C ILE O 104 57.63 -36.05 -16.25
N PRO O 105 57.85 -34.86 -15.67
CA PRO O 105 58.82 -34.76 -14.57
C PRO O 105 58.34 -35.43 -13.31
N ARG O 106 57.05 -35.31 -12.97
CA ARG O 106 56.58 -35.91 -11.73
C ARG O 106 56.85 -37.40 -11.76
N TYR O 107 56.49 -38.06 -12.85
CA TYR O 107 56.76 -39.48 -12.96
C TYR O 107 58.26 -39.74 -12.99
N PHE O 108 59.01 -38.95 -13.77
CA PHE O 108 60.41 -39.27 -13.97
C PHE O 108 61.18 -39.22 -12.66
N TYR O 109 61.01 -38.14 -11.91
CA TYR O 109 61.76 -38.00 -10.67
C TYR O 109 61.14 -38.80 -9.54
N ALA O 110 59.83 -38.66 -9.34
CA ALA O 110 59.21 -39.25 -8.16
C ALA O 110 59.01 -40.75 -8.31
N LEU O 111 58.74 -41.22 -9.52
CA LEU O 111 58.37 -42.61 -9.71
C LEU O 111 59.47 -43.45 -10.31
N PHE O 112 60.26 -42.88 -11.22
CA PHE O 112 61.22 -43.67 -11.98
C PHE O 112 62.66 -43.47 -11.51
N ALA O 113 63.13 -42.23 -11.51
CA ALA O 113 64.56 -41.99 -11.43
C ALA O 113 65.15 -42.33 -10.06
N ILE O 114 64.34 -42.42 -9.02
CA ILE O 114 64.91 -42.74 -7.72
C ILE O 114 65.50 -44.15 -7.73
N ASP O 115 64.95 -45.03 -8.56
CA ASP O 115 65.53 -46.36 -8.72
C ASP O 115 66.91 -46.32 -9.32
N LEU O 116 67.28 -45.22 -9.99
CA LEU O 116 68.64 -45.07 -10.47
C LEU O 116 69.65 -45.00 -9.34
N THR O 117 69.19 -44.75 -8.11
CA THR O 117 70.05 -44.74 -6.94
C THR O 117 70.21 -46.13 -6.33
N ASN O 118 69.65 -47.15 -6.97
CA ASN O 118 69.73 -48.49 -6.41
C ASN O 118 71.19 -48.92 -6.24
N LYS O 119 71.42 -49.70 -5.18
CA LYS O 119 72.77 -50.16 -4.87
C LYS O 119 73.36 -51.04 -5.96
N ASN O 120 72.52 -51.58 -6.85
CA ASN O 120 73.03 -52.35 -7.98
C ASN O 120 73.94 -51.53 -8.87
N TYR O 121 73.83 -50.21 -8.81
CA TYR O 121 74.60 -49.31 -9.63
C TYR O 121 75.76 -48.68 -8.88
N ALA O 122 76.03 -49.12 -7.65
CA ALA O 122 77.04 -48.48 -6.84
C ALA O 122 78.41 -48.51 -7.50
N LYS O 123 78.66 -49.49 -8.36
CA LYS O 123 79.94 -49.57 -9.06
C LYS O 123 80.04 -48.61 -10.23
N SER O 124 78.92 -48.04 -10.68
CA SER O 124 78.98 -47.10 -11.78
C SER O 124 79.74 -45.85 -11.37
N LYS O 125 80.56 -45.32 -12.28
CA LYS O 125 81.24 -44.06 -12.01
C LYS O 125 80.27 -42.90 -11.84
N LEU O 126 79.06 -43.02 -12.39
CA LEU O 126 78.05 -41.97 -12.27
C LEU O 126 77.14 -42.16 -11.08
N TYR O 127 77.38 -43.18 -10.26
CA TYR O 127 76.44 -43.52 -9.20
C TYR O 127 76.32 -42.42 -8.17
N ASP O 128 77.44 -41.84 -7.76
CA ASP O 128 77.38 -40.77 -6.77
C ASP O 128 76.55 -39.61 -7.29
N GLU O 129 76.76 -39.23 -8.55
CA GLU O 129 75.96 -38.17 -9.13
C GLU O 129 74.50 -38.57 -9.24
N ALA O 130 74.24 -39.83 -9.61
CA ALA O 130 72.86 -40.30 -9.69
C ALA O 130 72.19 -40.18 -8.33
N VAL O 131 72.89 -40.54 -7.27
CA VAL O 131 72.33 -40.43 -5.93
C VAL O 131 72.11 -38.96 -5.56
N ARG O 132 73.09 -38.12 -5.87
CA ARG O 132 72.95 -36.69 -5.56
C ARG O 132 71.72 -36.10 -6.23
N ARG O 133 71.47 -36.51 -7.48
CA ARG O 133 70.42 -35.91 -8.27
C ARG O 133 69.04 -36.52 -7.98
N PHE O 134 68.97 -37.84 -7.90
CA PHE O 134 67.71 -38.55 -8.00
C PHE O 134 67.29 -39.26 -6.73
N ALA O 135 68.03 -39.12 -5.64
CA ALA O 135 67.61 -39.74 -4.40
C ALA O 135 66.22 -39.22 -4.04
N PRO O 136 65.34 -40.06 -3.51
CA PRO O 136 63.99 -39.59 -3.18
C PRO O 136 64.04 -38.47 -2.17
N TYR O 137 63.30 -37.40 -2.48
CA TYR O 137 62.99 -36.28 -1.60
C TYR O 137 64.16 -35.35 -1.33
N VAL O 138 65.38 -35.76 -1.65
CA VAL O 138 66.53 -34.93 -1.31
C VAL O 138 67.40 -34.77 -2.54
N GLY O 139 67.11 -35.56 -3.58
CA GLY O 139 67.88 -35.45 -4.81
C GLY O 139 67.83 -34.03 -5.36
N THR O 140 68.99 -33.55 -5.78
CA THR O 140 69.06 -32.18 -6.29
C THR O 140 68.32 -32.01 -7.61
N SER O 141 68.08 -33.09 -8.34
CA SER O 141 67.17 -33.03 -9.47
C SER O 141 65.77 -33.41 -9.07
N TYR O 142 65.64 -34.30 -8.09
CA TYR O 142 64.33 -34.74 -7.63
C TYR O 142 63.49 -33.57 -7.14
N GLN O 143 64.05 -32.78 -6.22
CA GLN O 143 63.24 -31.75 -5.59
C GLN O 143 62.72 -30.73 -6.59
N PRO O 144 63.56 -30.03 -7.38
CA PRO O 144 62.99 -29.08 -8.33
C PRO O 144 62.12 -29.75 -9.39
N GLY O 145 62.48 -30.95 -9.85
CA GLY O 145 61.65 -31.60 -10.84
C GLY O 145 60.25 -31.87 -10.33
N VAL O 146 60.16 -32.46 -9.14
CA VAL O 146 58.85 -32.77 -8.58
C VAL O 146 58.10 -31.49 -8.25
N VAL O 147 58.78 -30.51 -7.65
CA VAL O 147 58.11 -29.29 -7.25
C VAL O 147 57.56 -28.56 -8.48
N LEU O 148 58.38 -28.43 -9.52
CA LEU O 148 57.94 -27.71 -10.70
C LEU O 148 56.95 -28.51 -11.53
N SER O 149 56.83 -29.81 -11.30
CA SER O 149 55.83 -30.58 -12.01
C SER O 149 54.41 -30.06 -11.77
N ALA O 150 54.20 -29.32 -10.69
CA ALA O 150 52.86 -28.79 -10.42
C ALA O 150 52.50 -27.61 -11.31
N LYS O 151 53.47 -26.98 -11.98
CA LYS O 151 53.17 -25.78 -12.77
C LYS O 151 52.26 -26.06 -13.96
N PRO O 152 52.54 -27.04 -14.83
CA PRO O 152 51.65 -27.22 -15.98
C PRO O 152 50.21 -27.47 -15.58
N VAL O 153 49.98 -28.15 -14.46
CA VAL O 153 48.60 -28.33 -14.04
C VAL O 153 48.05 -27.10 -13.36
N GLU O 154 48.89 -26.12 -13.00
CA GLU O 154 48.36 -24.81 -12.72
C GLU O 154 47.71 -24.23 -13.95
N VAL O 155 48.33 -24.42 -15.12
CA VAL O 155 47.67 -23.99 -16.35
C VAL O 155 46.35 -24.72 -16.53
N TYR O 156 46.39 -26.04 -16.31
CA TYR O 156 45.16 -26.83 -16.35
C TYR O 156 44.10 -26.23 -15.46
N ALA O 157 44.47 -25.84 -14.25
CA ALA O 157 43.51 -25.30 -13.30
C ALA O 157 43.00 -23.93 -13.75
N ILE O 158 43.86 -23.15 -14.38
CA ILE O 158 43.41 -21.86 -14.90
C ILE O 158 42.23 -22.06 -15.82
N PHE O 159 42.31 -23.08 -16.68
CA PHE O 159 41.21 -23.28 -17.61
C PHE O 159 40.11 -24.19 -17.07
N GLY O 160 40.41 -25.04 -16.10
CA GLY O 160 39.46 -26.06 -15.69
C GLY O 160 39.04 -25.89 -14.25
N GLY O 161 39.62 -24.90 -13.58
CA GLY O 161 39.17 -24.67 -12.20
C GLY O 161 40.12 -25.33 -11.24
N GLN O 162 40.52 -26.55 -11.59
CA GLN O 162 41.43 -27.24 -10.68
C GLN O 162 42.05 -28.43 -11.38
N TRP O 163 43.09 -28.91 -10.72
CA TRP O 163 43.68 -30.15 -11.19
C TRP O 163 44.26 -30.85 -9.93
N PRO O 164 44.07 -32.16 -9.69
CA PRO O 164 43.17 -33.03 -10.46
C PRO O 164 41.69 -32.78 -10.16
N DHI O 165 40.84 -33.34 -11.00
CA DHI O 165 39.40 -33.42 -10.73
C DHI O 165 38.49 -32.34 -11.17
O DHI O 165 37.48 -32.11 -10.55
CB DHI O 165 38.85 -34.79 -10.97
CG DHI O 165 39.67 -35.91 -10.45
ND1 DHI O 165 40.63 -36.54 -11.21
CD2 DHI O 165 39.64 -36.56 -9.28
CE1 DHI O 165 41.18 -37.50 -10.52
NE2 DHI O 165 40.58 -37.55 -9.34
N SER O 166 38.86 -31.78 -12.30
CA SER O 166 37.89 -30.92 -12.93
C SER O 166 37.13 -31.82 -13.91
N SER O 167 35.95 -31.43 -14.31
CA SER O 167 35.15 -32.09 -15.38
C SER O 167 34.78 -31.02 -16.43
N PHE O 168 35.61 -30.01 -16.59
CA PHE O 168 35.20 -28.85 -17.37
C PHE O 168 35.16 -29.10 -18.86
N MET O 169 35.62 -30.25 -19.33
CA MET O 169 35.50 -30.59 -20.74
C MET O 169 34.16 -31.30 -20.93
N VAL O 170 33.27 -30.65 -21.67
CA VAL O 170 31.91 -31.14 -21.81
C VAL O 170 31.59 -31.26 -23.29
N PRO O 171 30.62 -32.09 -23.66
CA PRO O 171 30.19 -32.12 -25.06
C PRO O 171 29.84 -30.72 -25.53
N GLY O 172 30.38 -30.35 -26.67
CA GLY O 172 30.19 -29.02 -27.20
C GLY O 172 31.26 -28.03 -26.81
N GLY O 173 32.21 -28.42 -25.95
CA GLY O 173 33.33 -27.55 -25.71
C GLY O 173 33.92 -27.67 -24.33
N VAL O 174 34.09 -26.54 -23.66
CA VAL O 174 34.55 -26.52 -22.29
C VAL O 174 33.62 -25.62 -21.49
N MET O 175 33.54 -25.88 -20.20
CA MET O 175 32.70 -25.05 -19.35
C MET O 175 33.25 -23.65 -19.20
N SER O 176 34.55 -23.50 -19.29
CA SER O 176 35.19 -22.27 -18.89
C SER O 176 35.21 -21.26 -20.03
N ALA O 177 35.49 -20.01 -19.66
CA ALA O 177 35.56 -18.91 -20.59
C ALA O 177 36.84 -18.16 -20.23
N PRO O 178 37.97 -18.60 -20.75
CA PRO O 178 39.25 -17.97 -20.38
C PRO O 178 39.21 -16.47 -20.62
N THR O 179 39.82 -15.73 -19.70
CA THR O 179 40.01 -14.31 -19.86
C THR O 179 41.42 -14.05 -20.37
N LEU O 180 41.70 -12.78 -20.68
CA LEU O 180 43.02 -12.43 -21.14
C LEU O 180 44.08 -12.80 -20.10
N SER O 181 43.83 -12.44 -18.84
CA SER O 181 44.79 -12.75 -17.79
C SER O 181 44.94 -14.25 -17.61
N ASP O 182 43.88 -15.02 -17.85
CA ASP O 182 44.02 -16.48 -17.83
C ASP O 182 45.08 -16.93 -18.81
N VAL O 183 44.99 -16.45 -20.05
CA VAL O 183 45.91 -16.90 -21.09
C VAL O 183 47.32 -16.36 -20.82
N THR O 184 47.44 -15.09 -20.44
CA THR O 184 48.76 -14.54 -20.18
C THR O 184 49.41 -15.25 -19.00
N ARG O 185 48.64 -15.55 -17.96
CA ARG O 185 49.20 -16.27 -16.83
C ARG O 185 49.56 -17.70 -17.22
N ALA O 186 48.73 -18.35 -18.03
CA ALA O 186 49.07 -19.69 -18.49
C ALA O 186 50.37 -19.67 -19.28
N ILE O 187 50.53 -18.68 -20.14
CA ILE O 187 51.77 -18.55 -20.90
C ILE O 187 52.93 -18.32 -19.95
N ALA O 188 52.75 -17.44 -18.97
CA ALA O 188 53.83 -17.16 -18.03
C ALA O 188 54.20 -18.40 -17.24
N ILE O 189 53.21 -19.15 -16.78
CA ILE O 189 53.48 -20.37 -16.03
C ILE O 189 54.23 -21.36 -16.90
N LEU O 190 53.75 -21.53 -18.13
CA LEU O 190 54.39 -22.49 -19.03
C LEU O 190 55.82 -22.09 -19.35
N GLU O 191 56.05 -20.81 -19.65
CA GLU O 191 57.40 -20.34 -19.94
C GLU O 191 58.29 -20.48 -18.73
N HIS O 192 57.78 -20.19 -17.54
CA HIS O 192 58.59 -20.35 -16.34
C HIS O 192 58.95 -21.80 -16.11
N TRP O 193 57.97 -22.69 -16.26
CA TRP O 193 58.24 -24.11 -16.09
C TRP O 193 59.24 -24.61 -17.13
N ASN O 194 59.06 -24.18 -18.37
CA ASN O 194 59.97 -24.59 -19.43
C ASN O 194 61.38 -24.10 -19.15
N ASP O 195 61.51 -22.84 -18.74
CA ASP O 195 62.83 -22.29 -18.49
C ASP O 195 63.48 -22.95 -17.28
N ASN O 196 62.71 -23.18 -16.23
CA ASN O 196 63.27 -23.58 -14.96
C ASN O 196 63.42 -25.08 -14.81
N TRP O 197 62.52 -25.88 -15.35
CA TRP O 197 62.72 -27.31 -15.33
C TRP O 197 63.14 -27.85 -16.69
N LEU O 198 62.32 -27.64 -17.71
CA LEU O 198 62.52 -28.34 -18.97
C LEU O 198 63.87 -27.99 -19.58
N GLU O 199 64.14 -26.70 -19.71
CA GLU O 199 65.37 -26.28 -20.37
C GLU O 199 66.55 -26.22 -19.43
N LYS O 200 66.37 -25.62 -18.26
CA LYS O 200 67.50 -25.48 -17.34
C LYS O 200 67.91 -26.82 -16.76
N GLN O 201 66.95 -27.58 -16.25
CA GLN O 201 67.28 -28.79 -15.53
C GLN O 201 67.26 -30.02 -16.41
N TRP O 202 66.17 -30.24 -17.15
CA TRP O 202 66.10 -31.45 -17.95
C TRP O 202 67.07 -31.41 -19.10
N LEU O 203 66.99 -30.36 -19.93
CA LEU O 203 67.75 -30.33 -21.17
C LEU O 203 69.12 -29.70 -21.03
N GLY O 204 69.26 -28.68 -20.19
CA GLY O 204 70.47 -27.88 -20.25
C GLY O 204 70.63 -27.15 -21.57
N CYS O 205 69.55 -27.03 -22.33
CA CYS O 205 69.55 -26.33 -23.61
C CYS O 205 68.10 -25.92 -23.89
N SER O 206 67.91 -25.22 -25.00
CA SER O 206 66.57 -24.84 -25.38
C SER O 206 65.79 -26.05 -25.87
N VAL O 207 64.46 -25.95 -25.81
CA VAL O 207 63.62 -26.99 -26.39
C VAL O 207 63.92 -27.13 -27.87
N ASP O 208 64.16 -26.00 -28.54
CA ASP O 208 64.46 -26.03 -29.97
C ASP O 208 65.70 -26.86 -30.24
N ARG O 209 66.75 -26.67 -29.44
CA ARG O 209 67.97 -27.44 -29.64
C ARG O 209 67.71 -28.93 -29.50
N TRP O 210 66.92 -29.31 -28.49
CA TRP O 210 66.62 -30.73 -28.31
C TRP O 210 65.83 -31.27 -29.49
N LEU O 211 64.84 -30.51 -29.96
CA LEU O 211 63.99 -30.97 -31.05
C LEU O 211 64.73 -31.04 -32.37
N GLU O 212 65.94 -30.49 -32.44
CA GLU O 212 66.79 -30.67 -33.61
C GLU O 212 67.37 -32.07 -33.69
N ASN O 213 67.30 -32.85 -32.62
CA ASN O 213 67.79 -34.21 -32.64
C ASN O 213 66.85 -35.08 -33.45
N LYS O 214 67.32 -35.56 -34.59
CA LYS O 214 66.52 -36.38 -35.48
C LYS O 214 66.96 -37.83 -35.54
N THR O 215 68.13 -38.14 -35.02
CA THR O 215 68.66 -39.50 -35.02
C THR O 215 69.20 -39.82 -33.64
N TRP O 216 69.43 -41.10 -33.41
CA TRP O 216 70.08 -41.51 -32.16
C TRP O 216 71.47 -40.90 -32.07
N ASN O 217 72.20 -40.90 -33.18
CA ASN O 217 73.51 -40.25 -33.22
C ASN O 217 73.39 -38.77 -32.90
N ASP O 218 72.30 -38.13 -33.34
CA ASP O 218 72.04 -36.75 -32.97
C ASP O 218 71.92 -36.62 -31.45
N VAL O 219 71.23 -37.56 -30.82
CA VAL O 219 71.07 -37.49 -29.37
C VAL O 219 72.40 -37.67 -28.67
N LEU O 220 73.23 -38.60 -29.13
CA LEU O 220 74.54 -38.80 -28.51
C LEU O 220 75.41 -37.56 -28.70
N ALA O 221 75.41 -37.00 -29.91
CA ALA O 221 76.15 -35.76 -30.14
C ALA O 221 75.61 -34.64 -29.27
N TRP O 222 74.30 -34.60 -29.06
CA TRP O 222 73.71 -33.58 -28.19
C TRP O 222 74.22 -33.75 -26.76
N VAL O 223 74.31 -34.99 -26.29
CA VAL O 223 74.82 -35.23 -24.94
C VAL O 223 76.24 -34.71 -24.83
N ASP O 224 77.07 -34.97 -25.84
CA ASP O 224 78.47 -34.58 -25.78
C ASP O 224 78.74 -33.16 -26.24
N GLU O 225 77.72 -32.44 -26.71
CA GLU O 225 77.95 -31.18 -27.41
C GLU O 225 78.58 -30.14 -26.50
N ASN O 226 78.08 -30.03 -25.27
CA ASN O 226 78.59 -29.05 -24.34
C ASN O 226 78.27 -29.55 -22.93
N GLU O 227 78.89 -28.89 -21.96
CA GLU O 227 78.75 -29.31 -20.57
C GLU O 227 77.32 -29.14 -20.06
N SER O 228 76.61 -28.12 -20.55
CA SER O 228 75.24 -27.92 -20.08
C SER O 228 74.36 -29.11 -20.44
N GLN O 229 74.43 -29.56 -21.69
CA GLN O 229 73.64 -30.70 -22.11
C GLN O 229 74.19 -31.98 -21.52
N TYR O 230 75.51 -32.07 -21.40
CA TYR O 230 76.15 -33.25 -20.83
C TYR O 230 75.69 -33.48 -19.40
N ASN O 231 75.62 -32.42 -18.60
CA ASN O 231 75.29 -32.50 -17.20
C ASN O 231 73.83 -32.20 -16.93
N SER O 232 73.03 -31.99 -17.97
CA SER O 232 71.61 -31.89 -17.80
C SER O 232 71.05 -33.20 -17.26
N ASP O 233 69.85 -33.15 -16.71
CA ASP O 233 69.22 -34.38 -16.29
C ASP O 233 69.05 -35.33 -17.47
N CYS O 234 68.75 -34.78 -18.66
CA CYS O 234 68.60 -35.64 -19.84
C CYS O 234 69.94 -36.24 -20.23
N GLY O 235 70.98 -35.42 -20.35
CA GLY O 235 72.28 -35.94 -20.71
C GLY O 235 72.80 -36.91 -19.68
N PHE O 236 72.65 -36.58 -18.40
CA PHE O 236 73.08 -37.49 -17.37
C PHE O 236 72.29 -38.78 -17.43
N PHE O 237 70.99 -38.69 -17.66
CA PHE O 237 70.16 -39.88 -17.70
C PHE O 237 70.58 -40.79 -18.85
N ILE O 238 70.85 -40.21 -20.02
CA ILE O 238 71.28 -41.02 -21.15
C ILE O 238 72.62 -41.68 -20.83
N ARG O 239 73.55 -40.91 -20.31
CA ARG O 239 74.86 -41.47 -19.99
C ARG O 239 74.74 -42.55 -18.92
N TYR O 240 73.90 -42.31 -17.91
CA TYR O 240 73.68 -43.30 -16.87
C TYR O 240 73.08 -44.57 -17.43
N CYS O 241 72.10 -44.43 -18.32
CA CYS O 241 71.47 -45.60 -18.93
C CYS O 241 72.49 -46.40 -19.72
N LEU O 242 73.31 -45.71 -20.51
CA LEU O 242 74.31 -46.40 -21.31
C LEU O 242 75.37 -47.03 -20.41
N ASP O 243 75.67 -46.41 -19.28
CA ASP O 243 76.69 -46.96 -18.39
C ASP O 243 76.18 -48.18 -17.62
N VAL O 244 74.95 -48.11 -17.11
CA VAL O 244 74.43 -49.14 -16.23
C VAL O 244 73.59 -50.18 -16.97
N GLY O 245 73.36 -49.98 -18.26
CA GLY O 245 72.69 -50.99 -19.06
C GLY O 245 71.18 -50.88 -19.14
N LEU O 246 70.61 -49.69 -18.90
CA LEU O 246 69.18 -49.52 -19.10
C LEU O 246 68.79 -49.56 -20.56
N ASP O 247 69.75 -49.48 -21.48
CA ASP O 247 69.49 -49.61 -22.90
C ASP O 247 69.50 -51.06 -23.35
N LYS O 248 69.72 -52.01 -22.45
CA LYS O 248 69.94 -53.39 -22.82
C LYS O 248 68.78 -54.31 -22.50
N TYR O 249 67.75 -53.85 -21.81
CA TYR O 249 66.61 -54.69 -21.51
C TYR O 249 65.36 -53.81 -21.42
N GLY O 250 64.23 -54.47 -21.19
CA GLY O 250 62.96 -53.78 -21.28
C GLY O 250 62.51 -53.52 -22.70
N GLN O 251 62.98 -54.32 -23.66
CA GLN O 251 62.63 -54.09 -25.06
C GLN O 251 61.13 -54.19 -25.26
N GLY O 252 60.52 -55.26 -24.79
CA GLY O 252 59.08 -55.41 -24.94
C GLY O 252 58.68 -55.93 -26.30
N VAL O 253 57.42 -55.67 -26.64
CA VAL O 253 56.82 -56.21 -27.85
C VAL O 253 57.49 -55.65 -29.10
N GLY O 254 57.92 -54.39 -29.06
CA GLY O 254 58.37 -53.74 -30.26
C GLY O 254 57.26 -53.34 -31.20
N ASN O 255 56.02 -53.55 -30.80
CA ASN O 255 54.83 -53.13 -31.53
C ASN O 255 54.08 -52.13 -30.67
N TYR O 256 53.54 -51.11 -31.31
CA TYR O 256 53.09 -49.93 -30.61
C TYR O 256 51.72 -49.50 -31.07
N LEU O 257 50.96 -48.97 -30.14
CA LEU O 257 49.66 -48.39 -30.42
C LEU O 257 49.66 -46.95 -29.94
N ALA O 258 49.34 -46.03 -30.83
CA ALA O 258 49.04 -44.67 -30.47
C ALA O 258 47.64 -44.37 -31.01
N THR O 259 46.73 -43.99 -30.13
CA THR O 259 45.46 -43.48 -30.61
C THR O 259 45.55 -42.01 -30.99
N GLY O 260 46.64 -41.35 -30.60
CA GLY O 260 46.80 -39.95 -30.93
C GLY O 260 45.95 -39.08 -30.05
N THR O 261 46.26 -37.78 -30.02
CA THR O 261 45.41 -36.79 -29.38
C THR O 261 45.79 -35.43 -29.94
N TYR O 262 45.26 -34.36 -29.34
CA TYR O 262 45.50 -33.01 -29.81
C TYR O 262 44.94 -32.75 -31.19
N PHE O 263 43.64 -32.55 -31.27
CA PHE O 263 43.02 -32.23 -32.54
C PHE O 263 43.40 -30.86 -33.05
N GLU O 264 43.63 -30.77 -34.35
CA GLU O 264 43.70 -29.49 -35.01
C GLU O 264 42.31 -28.88 -34.96
N PRO O 265 42.15 -27.70 -34.37
CA PRO O 265 40.79 -27.20 -34.07
C PRO O 265 39.90 -27.13 -35.30
N SER O 266 40.43 -26.72 -36.45
CA SER O 266 39.59 -26.60 -37.63
C SER O 266 39.19 -27.96 -38.19
N LEU O 267 39.90 -29.03 -37.85
CA LEU O 267 39.64 -30.34 -38.42
C LEU O 267 38.74 -31.21 -37.56
N TYR O 268 38.45 -30.82 -36.33
CA TYR O 268 37.61 -31.62 -35.46
C TYR O 268 36.53 -30.77 -34.81
N GLU O 269 36.02 -29.78 -35.54
CA GLU O 269 34.94 -28.96 -35.04
C GLU O 269 33.66 -29.76 -34.86
N ASN O 270 33.51 -30.86 -35.60
CA ASN O 270 32.35 -31.74 -35.47
C ASN O 270 32.87 -33.13 -35.26
N PRO O 271 33.20 -33.48 -34.02
CA PRO O 271 33.87 -34.76 -33.76
C PRO O 271 33.07 -35.94 -34.27
N THR O 272 33.75 -36.79 -35.02
CA THR O 272 33.24 -38.08 -35.43
C THR O 272 34.31 -39.11 -35.18
N ILE O 273 33.89 -40.36 -35.06
CA ILE O 273 34.86 -41.45 -34.96
C ILE O 273 35.69 -41.52 -36.24
N GLU O 274 35.03 -41.42 -37.39
CA GLU O 274 35.73 -41.63 -38.66
C GLU O 274 36.71 -40.51 -38.97
N GLY O 275 36.35 -39.28 -38.62
CA GLY O 275 37.23 -38.16 -38.91
C GLY O 275 38.30 -37.92 -37.87
N ARG O 276 38.39 -38.79 -36.87
CA ARG O 276 39.28 -38.52 -35.75
C ARG O 276 40.74 -38.53 -36.17
N ASN O 277 41.16 -39.57 -36.90
CA ASN O 277 42.58 -39.74 -37.20
C ASN O 277 43.15 -38.56 -37.98
N ALA O 278 42.41 -38.10 -38.99
CA ALA O 278 42.92 -37.01 -39.82
C ALA O 278 43.09 -35.74 -39.02
N ALA O 279 42.24 -35.52 -38.02
CA ALA O 279 42.27 -34.27 -37.27
C ALA O 279 43.38 -34.23 -36.22
N LEU O 280 43.99 -35.37 -35.93
CA LEU O 280 44.98 -35.43 -34.86
C LEU O 280 46.25 -34.66 -35.22
N ILE O 281 46.78 -33.95 -34.24
CA ILE O 281 48.13 -33.40 -34.33
C ILE O 281 49.15 -34.42 -33.87
N GLY O 282 48.98 -34.93 -32.66
CA GLY O 282 49.79 -36.04 -32.21
C GLY O 282 49.21 -37.26 -32.84
N ARG O 283 49.83 -37.73 -33.91
CA ARG O 283 49.19 -38.69 -34.78
C ARG O 283 48.94 -40.03 -34.10
N SER O 284 47.82 -40.63 -34.42
CA SER O 284 47.61 -42.02 -34.14
C SER O 284 48.50 -42.86 -35.06
N GLY O 285 48.54 -44.14 -34.77
CA GLY O 285 49.32 -45.03 -35.59
C GLY O 285 49.63 -46.29 -34.83
N VAL O 286 49.55 -47.41 -35.52
CA VAL O 286 49.99 -48.68 -34.99
C VAL O 286 51.28 -49.04 -35.70
N PHE O 287 52.29 -49.40 -34.93
CA PHE O 287 53.58 -49.80 -35.49
C PHE O 287 53.79 -51.26 -35.13
N ALA O 288 53.55 -52.14 -36.08
CA ALA O 288 53.60 -53.57 -35.81
C ALA O 288 54.41 -54.26 -36.90
N ASP O 289 55.26 -55.20 -36.49
CA ASP O 289 56.10 -55.95 -37.42
C ASP O 289 56.92 -54.99 -38.29
N GLY O 290 57.37 -53.89 -37.69
CA GLY O 290 58.17 -52.93 -38.41
C GLY O 290 57.42 -52.13 -39.45
N ARG O 291 56.09 -52.12 -39.39
CA ARG O 291 55.28 -51.46 -40.41
C ARG O 291 54.26 -50.56 -39.75
N TYR O 292 53.88 -49.51 -40.48
CA TYR O 292 52.91 -48.54 -40.00
C TYR O 292 51.52 -48.90 -40.48
N PHE O 293 50.56 -48.79 -39.58
CA PHE O 293 49.15 -49.04 -39.84
C PHE O 293 48.36 -47.88 -39.27
N GLU O 294 47.24 -47.57 -39.92
CA GLU O 294 46.31 -46.60 -39.36
C GLU O 294 45.59 -47.21 -38.16
N PHE O 295 45.49 -46.43 -37.08
CA PHE O 295 44.71 -46.90 -35.94
C PHE O 295 43.23 -46.92 -36.31
N ASP O 296 42.55 -47.99 -35.91
CA ASP O 296 41.11 -48.10 -36.08
C ASP O 296 40.55 -48.71 -34.81
N GLN O 297 39.71 -47.96 -34.12
CA GLN O 297 39.15 -48.44 -32.85
C GLN O 297 38.36 -49.73 -33.03
N ALA O 298 37.85 -49.98 -34.24
CA ALA O 298 37.14 -51.23 -34.49
C ALA O 298 38.02 -52.45 -34.29
N ASN O 299 39.34 -52.29 -34.39
CA ASN O 299 40.27 -53.39 -34.22
C ASN O 299 40.60 -53.68 -32.77
N VAL O 300 40.00 -52.91 -31.86
CA VAL O 300 40.37 -53.08 -30.43
C VAL O 300 39.49 -54.13 -29.78
N THR O 301 40.09 -55.17 -29.22
CA THR O 301 39.36 -56.13 -28.43
C THR O 301 39.94 -56.14 -27.03
N GLU O 302 39.15 -56.61 -26.08
CA GLU O 302 39.66 -56.84 -24.74
C GLU O 302 39.39 -58.30 -24.38
N ASP O 303 40.47 -58.99 -24.01
CA ASP O 303 40.45 -60.38 -23.60
C ASP O 303 40.48 -60.45 -22.09
N VAL O 304 39.66 -61.32 -21.51
CA VAL O 304 39.68 -61.49 -20.06
C VAL O 304 40.05 -62.91 -19.68
N THR O 305 40.72 -63.63 -20.58
CA THR O 305 41.06 -65.03 -20.32
C THR O 305 41.86 -65.17 -19.04
N HIS O 306 42.87 -64.32 -18.87
CA HIS O 306 43.68 -64.33 -17.66
C HIS O 306 43.35 -63.18 -16.75
N SER O 307 42.23 -62.51 -16.99
CA SER O 307 41.77 -61.41 -16.16
C SER O 307 40.64 -61.87 -15.27
N PHE O 308 40.47 -61.17 -14.14
CA PHE O 308 39.46 -61.55 -13.18
C PHE O 308 38.08 -61.10 -13.63
N TYR O 309 37.69 -61.45 -14.84
CA TYR O 309 36.37 -61.12 -15.36
C TYR O 309 35.80 -62.32 -16.07
N GLU O 310 34.48 -62.40 -16.05
CA GLU O 310 33.78 -63.40 -16.84
C GLU O 310 33.89 -63.05 -18.31
N GLY O 311 34.01 -64.07 -19.14
CA GLY O 311 34.07 -63.85 -20.57
C GLY O 311 34.79 -64.98 -21.27
N ASN O 312 34.40 -65.27 -22.50
CA ASN O 312 35.00 -66.36 -23.25
C ASN O 312 35.56 -65.94 -24.59
N ARG O 313 35.35 -64.70 -25.02
CA ARG O 313 35.88 -64.23 -26.28
C ARG O 313 36.30 -62.78 -26.13
N PRO O 314 37.30 -62.34 -26.88
CA PRO O 314 37.65 -60.92 -26.88
C PRO O 314 36.47 -60.10 -27.35
N LEU O 315 36.25 -58.98 -26.69
CA LEU O 315 35.10 -58.12 -26.97
C LEU O 315 35.58 -56.77 -27.42
N HIS O 316 35.04 -56.29 -28.53
CA HIS O 316 35.21 -54.89 -28.85
C HIS O 316 34.52 -54.07 -27.76
N PRO O 317 35.12 -52.98 -27.29
CA PRO O 317 34.59 -52.31 -26.10
C PRO O 317 33.18 -51.78 -26.27
N PHE O 318 32.72 -51.54 -27.50
CA PHE O 318 31.31 -51.17 -27.67
C PHE O 318 30.38 -52.26 -27.16
N GLU O 319 30.81 -53.52 -27.25
CA GLU O 319 30.12 -54.64 -26.63
C GLU O 319 30.85 -55.13 -25.39
N GLY O 320 31.72 -54.31 -24.82
CA GLY O 320 32.50 -54.73 -23.68
C GLY O 320 31.63 -55.01 -22.47
N GLU O 321 32.18 -55.83 -21.58
CA GLU O 321 31.53 -56.20 -20.34
C GLU O 321 32.59 -56.22 -19.26
N THR O 322 32.21 -55.84 -18.06
CA THR O 322 33.11 -55.87 -16.92
C THR O 322 32.36 -56.59 -15.83
N ILE O 323 32.46 -57.91 -15.86
CA ILE O 323 31.80 -58.76 -14.87
C ILE O 323 32.87 -59.44 -14.05
N PRO O 324 33.18 -58.92 -12.88
CA PRO O 324 34.29 -59.47 -12.09
C PRO O 324 34.00 -60.90 -11.68
N VAL O 325 35.07 -61.68 -11.58
CA VAL O 325 35.02 -62.98 -10.94
C VAL O 325 35.86 -62.88 -9.68
N ASN O 326 35.53 -63.69 -8.70
CA ASN O 326 36.26 -63.67 -7.45
C ASN O 326 37.70 -64.10 -7.71
N PRO O 327 38.69 -63.33 -7.25
CA PRO O 327 40.09 -63.66 -7.59
C PRO O 327 40.50 -65.04 -7.17
N GLU O 328 39.90 -65.59 -6.10
CA GLU O 328 40.19 -66.98 -5.74
C GLU O 328 39.77 -67.93 -6.86
N ASP O 329 38.53 -67.81 -7.32
CA ASP O 329 38.05 -68.62 -8.43
C ASP O 329 38.85 -68.37 -9.69
N GLY O 330 39.10 -67.10 -10.00
CA GLY O 330 39.85 -66.77 -11.20
C GLY O 330 41.23 -67.37 -11.20
N ARG O 331 41.92 -67.31 -10.06
CA ARG O 331 43.23 -67.93 -9.94
C ARG O 331 43.13 -69.43 -10.10
N ARG O 332 42.04 -70.04 -9.64
CA ARG O 332 41.82 -71.44 -9.96
C ARG O 332 41.68 -71.64 -11.47
N GLN O 333 41.22 -70.63 -12.21
CA GLN O 333 41.10 -70.72 -13.65
C GLN O 333 42.31 -70.16 -14.39
N GLY O 334 43.41 -69.87 -13.69
CA GLY O 334 44.57 -69.30 -14.35
C GLY O 334 44.52 -67.81 -14.56
N LYS O 335 43.46 -67.14 -14.11
CA LYS O 335 43.41 -65.69 -14.16
C LYS O 335 44.28 -65.11 -13.05
N TYR O 336 44.95 -64.00 -13.35
CA TYR O 336 45.88 -63.48 -12.37
C TYR O 336 45.91 -61.96 -12.29
N SER O 337 45.03 -61.26 -12.98
CA SER O 337 45.12 -59.81 -12.98
C SER O 337 43.74 -59.20 -13.14
N TRP O 338 43.53 -58.07 -12.46
CA TRP O 338 42.35 -57.28 -12.72
C TRP O 338 42.45 -56.48 -14.01
N ALA O 339 43.62 -56.48 -14.64
CA ALA O 339 43.76 -55.85 -15.94
C ALA O 339 43.08 -56.72 -17.00
N LYS O 340 42.27 -56.11 -17.84
CA LYS O 340 41.91 -56.77 -19.07
C LYS O 340 43.13 -56.79 -19.99
N SER O 341 43.06 -57.63 -21.02
CA SER O 341 44.13 -57.77 -22.00
C SER O 341 43.68 -57.13 -23.30
N PRO O 342 43.93 -55.84 -23.50
CA PRO O 342 43.57 -55.23 -24.77
C PRO O 342 44.49 -55.77 -25.86
N ARG O 343 43.90 -56.13 -26.97
CA ARG O 343 44.62 -56.59 -28.12
C ARG O 343 44.10 -55.81 -29.33
N TYR O 344 44.95 -55.72 -30.34
CA TYR O 344 44.62 -54.97 -31.54
C TYR O 344 44.76 -55.91 -32.73
N ALA O 345 43.74 -55.95 -33.57
CA ALA O 345 43.77 -56.77 -34.76
C ALA O 345 44.65 -56.08 -35.81
N VAL O 346 45.85 -56.60 -35.99
CA VAL O 346 46.74 -56.15 -37.05
C VAL O 346 46.70 -57.18 -38.17
N PRO O 347 46.40 -56.78 -39.41
CA PRO O 347 46.34 -57.76 -40.50
C PRO O 347 47.66 -58.50 -40.65
N GLY O 348 47.55 -59.80 -40.90
CA GLY O 348 48.71 -60.65 -40.98
C GLY O 348 49.34 -61.01 -39.65
N LEU O 349 48.84 -60.43 -38.55
CA LEU O 349 49.38 -60.73 -37.23
C LEU O 349 48.31 -61.18 -36.23
N GLY O 350 47.04 -60.99 -36.53
CA GLY O 350 46.02 -61.36 -35.58
C GLY O 350 45.86 -60.29 -34.50
N ASN O 351 45.28 -60.70 -33.37
CA ASN O 351 45.03 -59.80 -32.25
C ASN O 351 46.28 -59.79 -31.38
N VAL O 352 47.11 -58.77 -31.54
CA VAL O 352 48.42 -58.73 -30.90
C VAL O 352 48.41 -57.73 -29.75
N PRO O 353 49.28 -57.90 -28.77
CA PRO O 353 49.49 -56.83 -27.79
C PRO O 353 50.29 -55.71 -28.43
N LEU O 354 49.94 -54.49 -28.07
CA LEU O 354 50.63 -53.31 -28.56
C LEU O 354 51.08 -52.50 -27.37
N GLU O 355 52.33 -52.10 -27.35
CA GLU O 355 52.80 -51.21 -26.32
C GLU O 355 52.25 -49.82 -26.57
N THR O 356 51.69 -49.21 -25.53
CA THR O 356 51.24 -47.84 -25.63
C THR O 356 52.17 -46.94 -24.83
N GLY O 357 52.14 -45.66 -25.16
CA GLY O 357 52.91 -44.72 -24.41
C GLY O 357 53.65 -43.77 -25.29
N PRO O 358 54.50 -42.96 -24.69
CA PRO O 358 55.27 -41.99 -25.48
C PRO O 358 56.04 -42.64 -26.59
N LEU O 359 56.64 -43.80 -26.35
CA LEU O 359 57.37 -44.48 -27.43
C LEU O 359 56.45 -44.83 -28.57
N ALA O 360 55.25 -45.32 -28.26
CA ALA O 360 54.27 -45.60 -29.30
C ALA O 360 53.93 -44.33 -30.07
N ARG O 361 53.78 -43.22 -29.35
CA ARG O 361 53.47 -41.95 -30.00
C ARG O 361 54.60 -41.50 -30.92
N ARG O 362 55.84 -41.62 -30.45
CA ARG O 362 56.98 -41.21 -31.26
C ARG O 362 57.09 -42.06 -32.51
N MET O 363 56.86 -43.37 -32.37
CA MET O 363 56.85 -44.23 -33.55
C MET O 363 55.76 -43.80 -34.52
N ALA O 364 54.57 -43.52 -33.99
CA ALA O 364 53.47 -43.05 -34.84
C ALA O 364 53.84 -41.74 -35.52
N ALA O 365 54.51 -40.86 -34.79
CA ALA O 365 54.95 -39.59 -35.35
C ALA O 365 56.00 -39.79 -36.42
N SER O 366 56.65 -40.94 -36.45
CA SER O 366 57.59 -41.25 -37.51
C SER O 366 56.93 -41.85 -38.74
N ALA O 367 55.61 -42.02 -38.73
CA ALA O 367 54.93 -42.57 -39.89
C ALA O 367 55.01 -41.60 -41.06
N PRO O 368 55.00 -42.11 -42.29
CA PRO O 368 54.99 -41.22 -43.46
C PRO O 368 53.68 -40.47 -43.56
N ASP O 369 53.64 -39.55 -44.52
CA ASP O 369 52.40 -38.89 -44.93
C ASP O 369 51.75 -38.13 -43.78
N ALA O 370 52.57 -37.44 -43.00
CA ALA O 370 52.03 -36.54 -42.00
C ALA O 370 51.47 -35.29 -42.66
N GLU O 371 50.27 -34.89 -42.25
CA GLU O 371 49.73 -33.63 -42.71
C GLU O 371 50.43 -32.48 -41.99
N THR O 372 50.18 -31.26 -42.46
CA THR O 372 50.94 -30.10 -41.98
C THR O 372 50.75 -29.90 -40.48
N HIS O 373 49.52 -30.11 -39.99
CA HIS O 373 49.22 -29.94 -38.58
C HIS O 373 49.76 -31.06 -37.70
N GLN O 374 50.30 -32.12 -38.29
CA GLN O 374 50.57 -33.35 -37.58
C GLN O 374 52.04 -33.46 -37.17
N ASP O 375 52.25 -34.12 -36.05
CA ASP O 375 53.58 -34.43 -35.54
C ASP O 375 54.32 -35.32 -36.53
N ASP O 376 55.34 -34.78 -37.18
CA ASP O 376 56.20 -35.52 -38.10
C ASP O 376 57.60 -35.50 -37.50
N ASP O 377 57.99 -36.60 -36.89
CA ASP O 377 59.25 -36.68 -36.15
C ASP O 377 59.91 -38.03 -36.43
N PRO O 378 61.02 -38.05 -37.16
CA PRO O 378 61.69 -39.33 -37.46
C PRO O 378 62.61 -39.81 -36.36
N LEU O 379 62.71 -39.07 -35.25
CA LEU O 379 63.75 -39.37 -34.26
C LEU O 379 63.62 -40.79 -33.75
N PHE O 380 62.42 -41.21 -33.38
CA PHE O 380 62.31 -42.51 -32.74
C PHE O 380 62.14 -43.66 -33.72
N ALA O 381 61.78 -43.40 -34.97
CA ALA O 381 62.01 -44.41 -35.98
C ALA O 381 63.49 -44.73 -36.05
N ASP O 382 64.33 -43.69 -36.07
CA ASP O 382 65.76 -43.90 -36.12
C ASP O 382 66.29 -44.58 -34.87
N ILE O 383 65.82 -44.16 -33.69
CA ILE O 383 66.28 -44.78 -32.46
C ILE O 383 65.86 -46.25 -32.41
N TYR O 384 64.62 -46.53 -32.81
CA TYR O 384 64.13 -47.91 -32.85
C TYR O 384 64.96 -48.75 -33.79
N ASN O 385 65.33 -48.21 -34.94
CA ASN O 385 66.13 -48.99 -35.88
C ASN O 385 67.57 -49.11 -35.43
N ALA O 386 68.06 -48.14 -34.66
CA ALA O 386 69.47 -48.11 -34.29
C ALA O 386 69.75 -48.97 -33.06
N ILE O 387 68.99 -48.74 -31.98
CA ILE O 387 69.21 -49.46 -30.73
C ILE O 387 67.97 -50.20 -30.25
N GLY O 388 66.83 -50.01 -30.89
CA GLY O 388 65.63 -50.73 -30.52
C GLY O 388 65.06 -50.22 -29.22
N PRO O 389 63.90 -50.74 -28.85
CA PRO O 389 63.27 -50.33 -27.59
C PRO O 389 64.08 -50.83 -26.40
N SER O 390 63.92 -50.12 -25.29
CA SER O 390 64.54 -50.49 -24.03
C SER O 390 63.96 -49.56 -22.97
N VAL O 391 64.34 -49.81 -21.72
CA VAL O 391 63.95 -48.90 -20.66
C VAL O 391 64.42 -47.50 -20.99
N MET O 392 65.67 -47.37 -21.45
CA MET O 392 66.21 -46.06 -21.77
C MET O 392 65.46 -45.41 -22.92
N VAL O 393 65.18 -46.17 -23.98
CA VAL O 393 64.52 -45.59 -25.14
C VAL O 393 63.08 -45.23 -24.83
N ARG O 394 62.38 -46.08 -24.08
CA ARG O 394 61.03 -45.76 -23.64
C ARG O 394 61.03 -44.47 -22.83
N GLN O 395 61.96 -44.36 -21.88
CA GLN O 395 62.04 -43.15 -21.07
C GLN O 395 62.38 -41.95 -21.92
N LEU O 396 63.28 -42.11 -22.88
CA LEU O 396 63.66 -40.99 -23.73
C LEU O 396 62.50 -40.52 -24.57
N ALA O 397 61.65 -41.45 -25.02
CA ALA O 397 60.45 -41.05 -25.74
C ALA O 397 59.57 -40.18 -24.85
N ARG O 398 59.36 -40.63 -23.61
CA ARG O 398 58.56 -39.87 -22.68
C ARG O 398 59.12 -38.46 -22.50
N MET O 399 60.42 -38.38 -22.24
CA MET O 399 61.08 -37.10 -22.00
C MET O 399 61.10 -36.23 -23.25
N HIS O 400 61.23 -36.85 -24.42
CA HIS O 400 61.22 -36.14 -25.68
C HIS O 400 59.91 -35.41 -25.88
N GLU O 401 58.82 -35.98 -25.37
CA GLU O 401 57.54 -35.30 -25.50
C GLU O 401 57.48 -33.96 -24.75
N GLY O 402 58.32 -33.79 -23.72
CA GLY O 402 58.34 -32.55 -22.97
C GLY O 402 58.53 -31.32 -23.82
N PRO O 403 59.67 -31.22 -24.50
CA PRO O 403 59.89 -30.08 -25.40
C PRO O 403 58.83 -29.96 -26.48
N LYS O 404 58.44 -31.08 -27.07
CA LYS O 404 57.48 -31.06 -28.17
C LYS O 404 56.13 -30.56 -27.71
N TYR O 405 55.63 -31.13 -26.61
CA TYR O 405 54.33 -30.71 -26.09
C TYR O 405 54.38 -29.30 -25.54
N TYR O 406 55.51 -28.90 -24.96
CA TYR O 406 55.61 -27.52 -24.49
C TYR O 406 55.42 -26.57 -25.66
N LYS O 407 56.12 -26.83 -26.77
CA LYS O 407 55.98 -25.97 -27.94
C LYS O 407 54.55 -25.96 -28.44
N TRP O 408 53.91 -27.13 -28.49
CA TRP O 408 52.53 -27.18 -28.95
C TRP O 408 51.62 -26.36 -28.05
N VAL O 409 51.79 -26.50 -26.74
CA VAL O 409 50.94 -25.78 -25.79
C VAL O 409 51.15 -24.29 -25.94
N ARG O 410 52.40 -23.86 -26.05
CA ARG O 410 52.68 -22.44 -26.21
C ARG O 410 51.99 -21.91 -27.45
N GLN O 411 52.09 -22.65 -28.55
CA GLN O 411 51.42 -22.21 -29.77
C GLN O 411 49.91 -22.20 -29.61
N TRP O 412 49.34 -23.21 -28.95
CA TRP O 412 47.89 -23.26 -28.78
C TRP O 412 47.41 -22.08 -27.95
N LEU O 413 48.16 -21.74 -26.90
CA LEU O 413 47.83 -20.57 -26.10
C LEU O 413 47.83 -19.33 -26.97
N ASP O 414 48.81 -19.24 -27.87
CA ASP O 414 48.77 -18.13 -28.84
C ASP O 414 47.58 -18.23 -29.79
N ASP O 415 47.11 -19.45 -30.06
CA ASP O 415 46.04 -19.65 -31.02
C ASP O 415 44.68 -19.28 -30.45
N LEU O 416 44.55 -19.20 -29.13
CA LEU O 416 43.26 -18.89 -28.54
C LEU O 416 42.75 -17.56 -29.05
N GLU O 417 41.52 -17.54 -29.50
CA GLU O 417 40.85 -16.33 -29.97
C GLU O 417 39.83 -16.00 -28.90
N LEU O 418 40.22 -15.14 -27.96
CA LEU O 418 39.50 -15.02 -26.70
C LEU O 418 38.08 -14.50 -26.89
N LYS O 419 37.83 -13.75 -27.96
CA LYS O 419 36.49 -13.26 -28.22
C LYS O 419 35.57 -14.35 -28.76
N GLU O 420 36.11 -15.49 -29.15
CA GLU O 420 35.32 -16.51 -29.82
C GLU O 420 34.79 -17.54 -28.83
N SER O 421 33.87 -18.35 -29.33
CA SER O 421 33.13 -19.28 -28.49
C SER O 421 34.03 -20.36 -27.93
N PHE O 422 33.70 -20.79 -26.71
CA PHE O 422 34.35 -21.92 -26.07
C PHE O 422 33.41 -23.09 -25.91
N TYR O 423 32.17 -22.95 -26.36
CA TYR O 423 31.16 -23.95 -26.07
C TYR O 423 30.01 -23.76 -27.03
N THR O 424 29.62 -24.84 -27.68
CA THR O 424 28.40 -24.88 -28.47
C THR O 424 27.47 -25.84 -27.74
N LYS O 425 26.36 -25.33 -27.26
CA LYS O 425 25.44 -26.16 -26.51
C LYS O 425 25.00 -27.33 -27.38
N PRO O 426 25.26 -28.56 -26.98
CA PRO O 426 24.89 -29.71 -27.80
C PRO O 426 23.45 -30.12 -27.52
N VAL O 427 22.92 -30.94 -28.42
CA VAL O 427 21.70 -31.67 -28.15
C VAL O 427 22.08 -32.93 -27.39
N GLU O 428 21.52 -33.11 -26.20
CA GLU O 428 21.80 -34.29 -25.39
C GLU O 428 20.88 -35.40 -25.87
N TYR O 429 21.33 -36.08 -26.93
CA TYR O 429 20.52 -37.13 -27.54
C TYR O 429 20.32 -38.29 -26.58
N ALA O 430 19.12 -38.86 -26.62
CA ALA O 430 18.80 -40.02 -25.79
C ALA O 430 19.59 -41.25 -26.19
N GLU O 431 20.05 -41.31 -27.44
CA GLU O 431 20.78 -42.43 -27.96
C GLU O 431 22.10 -41.91 -28.54
N GLY O 432 23.09 -42.78 -28.58
CA GLY O 432 24.33 -42.40 -29.22
C GLY O 432 25.43 -43.40 -28.97
N LYS O 433 26.37 -43.49 -29.89
CA LYS O 433 27.56 -44.30 -29.69
C LYS O 433 28.75 -43.39 -29.88
N GLY O 434 29.57 -43.28 -28.85
CA GLY O 434 30.69 -42.35 -28.84
C GLY O 434 31.99 -43.10 -28.65
N PHE O 435 33.01 -42.63 -29.34
CA PHE O 435 34.36 -43.09 -29.11
C PHE O 435 35.20 -41.86 -28.85
N GLY O 436 35.78 -41.80 -27.67
CA GLY O 436 36.68 -40.73 -27.36
C GLY O 436 38.05 -41.32 -27.13
N SER O 437 39.08 -40.75 -27.72
CA SER O 437 40.40 -41.25 -27.42
C SER O 437 41.36 -40.10 -27.29
N THR O 438 42.42 -40.35 -26.53
CA THR O 438 43.45 -39.39 -26.32
C THR O 438 44.73 -40.15 -26.05
N GLU O 439 45.80 -39.39 -25.97
CA GLU O 439 47.05 -40.03 -25.54
C GLU O 439 47.26 -39.41 -24.19
N ALA O 440 46.96 -40.17 -23.19
CA ALA O 440 47.29 -39.72 -21.85
C ALA O 440 48.82 -39.80 -21.78
N ALA O 441 49.39 -39.29 -20.71
CA ALA O 441 50.86 -39.37 -20.58
C ALA O 441 51.35 -40.77 -20.91
N ARG O 442 50.64 -41.78 -20.47
CA ARG O 442 51.14 -43.18 -20.59
C ARG O 442 50.68 -43.84 -21.86
N GLY O 443 49.86 -43.15 -22.64
CA GLY O 443 49.52 -43.75 -23.94
C GLY O 443 48.06 -43.71 -24.29
N ALA O 444 47.70 -44.58 -25.23
CA ALA O 444 46.33 -44.61 -25.78
C ALA O 444 45.31 -44.81 -24.69
N LEU O 445 44.47 -43.81 -24.51
CA LEU O 445 43.40 -43.94 -23.52
C LEU O 445 42.11 -43.79 -24.33
N SER O 446 41.19 -44.72 -24.15
CA SER O 446 40.01 -44.69 -25.03
C SER O 446 38.74 -45.03 -24.26
N ASP O 447 37.66 -44.35 -24.59
CA ASP O 447 36.33 -44.58 -24.06
C ASP O 447 35.44 -44.99 -25.22
N TRP O 448 34.76 -46.11 -25.06
CA TRP O 448 33.66 -46.48 -25.93
C TRP O 448 32.39 -46.37 -25.09
N ILE O 449 31.51 -45.46 -25.46
CA ILE O 449 30.31 -45.23 -24.70
C ILE O 449 29.11 -45.51 -25.59
N VAL O 450 28.10 -46.13 -25.00
CA VAL O 450 26.82 -46.36 -25.65
C VAL O 450 25.78 -45.72 -24.73
N ILE O 451 25.14 -44.68 -25.23
CA ILE O 451 24.06 -44.00 -24.55
C ILE O 451 22.76 -44.54 -25.12
N GLU O 452 21.88 -44.96 -24.24
CA GLU O 452 20.56 -45.44 -24.63
C GLU O 452 19.56 -44.92 -23.62
N ASP O 453 18.42 -44.45 -24.11
CA ASP O 453 17.33 -44.01 -23.25
C ASP O 453 17.85 -42.94 -22.28
N SER O 454 18.69 -42.04 -22.81
CA SER O 454 19.25 -40.93 -22.03
C SER O 454 20.02 -41.42 -20.81
N LYS O 455 20.59 -42.62 -20.91
CA LYS O 455 21.38 -43.20 -19.84
C LYS O 455 22.59 -43.86 -20.46
N ILE O 456 23.59 -44.10 -19.62
CA ILE O 456 24.76 -44.85 -20.09
C ILE O 456 24.36 -46.31 -20.20
N LYS O 457 24.29 -46.82 -21.43
CA LYS O 457 24.00 -48.23 -21.62
C LYS O 457 25.27 -49.05 -21.48
N ASN O 458 26.35 -48.60 -22.08
CA ASN O 458 27.64 -49.24 -21.88
C ASN O 458 28.71 -48.17 -21.78
N TYR O 459 29.75 -48.48 -21.04
CA TYR O 459 30.86 -47.56 -20.87
C TYR O 459 32.10 -48.41 -20.67
N GLN O 460 32.96 -48.45 -21.67
CA GLN O 460 34.15 -49.27 -21.61
C GLN O 460 35.36 -48.36 -21.76
N VAL O 461 36.23 -48.39 -20.78
CA VAL O 461 37.47 -47.62 -20.79
C VAL O 461 38.60 -48.60 -21.03
N VAL O 462 39.44 -48.23 -21.98
CA VAL O 462 40.67 -49.01 -22.21
C VAL O 462 41.81 -48.02 -22.00
N THR O 463 42.57 -48.25 -20.96
CA THR O 463 43.63 -47.31 -20.59
C THR O 463 44.95 -47.82 -21.16
N PRO O 464 45.94 -46.93 -21.32
CA PRO O 464 47.22 -47.29 -21.89
C PRO O 464 47.90 -48.36 -21.03
N THR O 465 47.82 -48.23 -19.72
CA THR O 465 48.54 -49.26 -18.93
C THR O 465 47.78 -50.58 -19.07
N ALA O 466 46.48 -50.53 -19.31
CA ALA O 466 45.80 -51.81 -19.58
C ALA O 466 46.43 -52.41 -20.83
N TRP O 467 46.68 -51.61 -21.85
CA TRP O 467 47.36 -52.14 -23.03
C TRP O 467 48.70 -52.73 -22.64
N ASN O 468 49.49 -51.99 -21.86
CA ASN O 468 50.86 -52.39 -21.57
C ASN O 468 50.94 -53.53 -20.57
N ILE O 469 50.17 -53.45 -19.50
CA ILE O 469 50.32 -54.33 -18.34
C ILE O 469 49.27 -55.42 -18.31
N GLY O 470 48.29 -55.38 -19.21
CA GLY O 470 47.27 -56.39 -19.30
C GLY O 470 47.91 -57.76 -19.46
N PRO O 471 47.26 -58.78 -18.90
CA PRO O 471 47.87 -60.10 -18.84
C PRO O 471 47.86 -60.83 -20.18
N ARG O 472 48.30 -62.09 -20.16
CA ARG O 472 48.26 -62.90 -21.37
C ARG O 472 46.84 -62.99 -21.89
N ASP O 473 46.72 -63.00 -23.22
CA ASP O 473 45.42 -63.14 -23.85
C ASP O 473 45.07 -64.62 -23.95
N ALA O 474 44.03 -64.93 -24.72
CA ALA O 474 43.64 -66.33 -24.91
C ALA O 474 44.73 -67.15 -25.58
N SER O 475 45.56 -66.51 -26.40
CA SER O 475 46.67 -67.20 -27.05
C SER O 475 47.92 -67.25 -26.17
N GLU O 476 47.79 -66.89 -24.89
CA GLU O 476 48.90 -66.89 -23.94
C GLU O 476 50.01 -65.93 -24.36
N VAL O 477 49.69 -64.98 -25.23
CA VAL O 477 50.68 -63.99 -25.65
C VAL O 477 50.82 -62.95 -24.55
N LEU O 478 52.04 -62.78 -24.05
CA LEU O 478 52.29 -61.88 -22.94
C LEU O 478 51.97 -60.45 -23.34
N GLY O 479 51.51 -59.67 -22.37
CA GLY O 479 51.28 -58.28 -22.58
C GLY O 479 52.60 -57.55 -22.74
N PRO O 480 52.55 -56.32 -23.26
CA PRO O 480 53.80 -55.59 -23.53
C PRO O 480 54.73 -55.49 -22.33
N ILE O 481 54.20 -55.19 -21.15
CA ILE O 481 55.07 -55.08 -19.98
C ILE O 481 55.58 -56.45 -19.59
N GLU O 482 54.73 -57.47 -19.71
CA GLU O 482 55.18 -58.83 -19.40
C GLU O 482 56.33 -59.24 -20.30
N GLN O 483 56.24 -58.96 -21.60
CA GLN O 483 57.36 -59.32 -22.47
C GLN O 483 58.57 -58.43 -22.24
N ALA O 484 58.34 -57.17 -21.86
CA ALA O 484 59.46 -56.30 -21.54
C ALA O 484 60.21 -56.79 -20.30
N LEU O 485 59.46 -57.33 -19.33
CA LEU O 485 60.10 -57.90 -18.15
C LEU O 485 60.93 -59.12 -18.52
N VAL O 486 60.45 -59.91 -19.47
CA VAL O 486 61.19 -61.09 -19.91
C VAL O 486 62.49 -60.63 -20.57
N GLY O 487 63.60 -61.24 -20.15
CA GLY O 487 64.91 -60.80 -20.56
C GLY O 487 65.57 -59.82 -19.62
N SER O 488 64.86 -59.32 -18.63
CA SER O 488 65.45 -58.38 -17.70
C SER O 488 66.43 -59.09 -16.78
N PRO O 489 67.62 -58.56 -16.58
CA PRO O 489 68.54 -59.15 -15.60
C PRO O 489 68.00 -58.94 -14.20
N ILE O 490 68.34 -59.85 -13.30
CA ILE O 490 67.98 -59.73 -11.90
C ILE O 490 69.26 -59.92 -11.09
N VAL O 491 69.91 -58.81 -10.75
CA VAL O 491 71.12 -58.87 -9.94
C VAL O 491 70.79 -59.31 -8.51
N ASP O 492 69.71 -58.79 -7.96
CA ASP O 492 69.34 -59.03 -6.57
C ASP O 492 67.85 -59.34 -6.51
N ALA O 493 67.53 -60.61 -6.25
CA ALA O 493 66.12 -61.00 -6.11
C ALA O 493 65.48 -60.36 -4.88
N GLU O 494 66.28 -59.99 -3.88
CA GLU O 494 65.73 -59.31 -2.70
C GLU O 494 65.28 -57.90 -3.03
N ASP O 495 65.96 -57.23 -3.95
CA ASP O 495 65.55 -55.92 -4.45
C ASP O 495 65.60 -55.97 -5.98
N PRO O 496 64.62 -56.63 -6.60
CA PRO O 496 64.67 -56.79 -8.06
C PRO O 496 64.33 -55.48 -8.76
N VAL O 497 65.24 -54.51 -8.65
CA VAL O 497 64.96 -53.18 -9.13
C VAL O 497 64.74 -53.14 -10.64
N GLU O 498 65.28 -54.12 -11.37
CA GLU O 498 65.11 -54.12 -12.83
C GLU O 498 63.66 -54.34 -13.21
N LEU O 499 62.92 -55.14 -12.44
CA LEU O 499 61.48 -55.25 -12.65
C LEU O 499 60.81 -53.90 -12.51
N GLY O 500 61.21 -53.15 -11.48
CA GLY O 500 60.70 -51.80 -11.32
C GLY O 500 61.08 -50.91 -12.48
N HIS O 501 62.32 -51.03 -12.96
CA HIS O 501 62.76 -50.22 -14.09
C HIS O 501 61.89 -50.47 -15.30
N VAL O 502 61.61 -51.75 -15.58
CA VAL O 502 60.83 -52.08 -16.76
C VAL O 502 59.39 -51.64 -16.61
N ALA O 503 58.76 -51.98 -15.48
CA ALA O 503 57.36 -51.63 -15.28
C ALA O 503 57.19 -50.11 -15.24
N ARG O 504 58.08 -49.41 -14.56
CA ARG O 504 57.98 -47.97 -14.45
C ARG O 504 58.44 -47.25 -15.71
N SER O 505 59.24 -47.89 -16.56
CA SER O 505 59.60 -47.25 -17.83
C SER O 505 58.38 -47.08 -18.70
N PHE O 506 57.38 -47.91 -18.52
CA PHE O 506 56.07 -47.71 -19.13
C PHE O 506 55.26 -46.66 -18.40
N ASP O 507 55.78 -46.11 -17.30
CA ASP O 507 55.03 -45.15 -16.50
C ASP O 507 53.72 -45.80 -16.04
N SER O 508 53.79 -47.09 -15.75
CA SER O 508 52.56 -47.87 -15.44
C SER O 508 51.64 -47.16 -14.46
N CYS O 509 50.37 -47.16 -14.80
CA CYS O 509 49.39 -46.60 -13.85
C CYS O 509 48.38 -47.69 -13.59
N LEU O 510 48.43 -48.27 -12.43
CA LEU O 510 47.56 -49.43 -12.16
C LEU O 510 46.13 -49.00 -11.85
N VAL O 511 45.96 -47.81 -11.31
CA VAL O 511 44.55 -47.40 -11.10
C VAL O 511 43.88 -47.24 -12.46
N CYS O 512 44.64 -46.77 -13.43
CA CYS O 512 44.07 -46.68 -14.78
C CYS O 512 43.91 -48.07 -15.34
N THR O 513 44.89 -48.92 -15.07
CA THR O 513 44.84 -50.24 -15.71
C THR O 513 43.50 -50.91 -15.44
N VAL O 514 43.04 -50.87 -14.21
CA VAL O 514 41.86 -51.61 -13.82
C VAL O 514 40.59 -50.76 -13.89
N HIS O 515 40.67 -49.51 -13.46
CA HIS O 515 39.50 -48.67 -13.24
C HIS O 515 38.36 -49.49 -12.63
N ALA P 48 57.84 -37.30 13.02
CA ALA P 48 56.51 -37.88 12.90
C ALA P 48 56.43 -38.79 11.67
N SER P 49 56.43 -40.11 11.92
CA SER P 49 56.37 -41.07 10.83
C SER P 49 55.00 -41.04 10.16
N VAL P 50 55.00 -41.11 8.84
CA VAL P 50 53.77 -41.12 8.07
C VAL P 50 53.80 -42.31 7.14
N LEU P 51 52.74 -43.12 7.20
CA LEU P 51 52.56 -44.22 6.27
C LEU P 51 51.30 -43.90 5.46
N TRP P 52 51.48 -43.74 4.16
CA TRP P 52 50.39 -43.38 3.27
C TRP P 52 50.07 -44.59 2.41
N PHE P 53 48.88 -45.15 2.61
CA PHE P 53 48.42 -46.30 1.87
C PHE P 53 47.29 -45.88 0.93
N GLN P 54 47.12 -46.65 -0.14
CA GLN P 54 46.06 -46.40 -1.10
C GLN P 54 45.23 -47.66 -1.22
N GLY P 55 43.93 -47.53 -0.99
CA GLY P 55 43.02 -48.62 -1.22
C GLY P 55 42.36 -48.49 -2.57
N GLY P 56 41.05 -48.30 -2.58
CA GLY P 56 40.33 -48.09 -3.85
C GLY P 56 40.52 -46.64 -4.24
N ALA P 57 41.75 -46.31 -4.58
CA ALA P 57 42.09 -44.91 -4.86
C ALA P 57 42.39 -44.71 -6.32
N CYS P 58 42.32 -43.46 -6.74
CA CYS P 58 42.78 -43.17 -8.10
C CYS P 58 44.10 -42.42 -7.98
N SER P 59 44.56 -42.19 -6.75
CA SER P 59 45.82 -41.47 -6.50
C SER P 59 45.65 -39.96 -6.73
N GLY P 60 44.42 -39.50 -7.01
CA GLY P 60 44.19 -38.07 -7.16
C GLY P 60 44.55 -37.30 -5.90
N ASN P 61 44.34 -37.93 -4.75
CA ASN P 61 44.66 -37.14 -3.53
C ASN P 61 46.16 -37.02 -3.43
N THR P 62 46.85 -38.10 -3.76
CA THR P 62 48.32 -38.01 -3.80
C THR P 62 48.75 -36.94 -4.83
N MET P 63 48.19 -36.98 -6.03
CA MET P 63 48.63 -36.01 -7.04
C MET P 63 48.32 -34.59 -6.60
N SER P 64 47.13 -34.37 -6.06
CA SER P 64 46.79 -33.07 -5.52
C SER P 64 47.77 -32.68 -4.43
N PHE P 65 48.06 -33.62 -3.52
CA PHE P 65 49.03 -33.41 -2.47
C PHE P 65 50.39 -33.02 -3.04
N LEU P 66 50.81 -33.68 -4.12
CA LEU P 66 52.07 -33.33 -4.76
C LEU P 66 52.03 -31.93 -5.35
N ASN P 67 50.85 -31.40 -5.63
CA ASN P 67 50.76 -30.00 -6.03
C ASN P 67 50.93 -29.04 -4.87
N ALA P 68 51.22 -29.53 -3.67
CA ALA P 68 51.26 -28.66 -2.50
C ALA P 68 52.25 -27.53 -2.72
N ASP P 69 51.87 -26.35 -2.26
CA ASP P 69 52.75 -25.21 -2.18
C ASP P 69 52.59 -24.59 -0.80
N GLU P 70 53.69 -24.16 -0.22
CA GLU P 70 53.68 -23.52 1.09
C GLU P 70 52.94 -24.37 2.13
N PRO P 71 53.49 -25.52 2.51
CA PRO P 71 54.76 -26.07 2.02
C PRO P 71 54.57 -26.86 0.73
N ASN P 72 55.61 -26.95 -0.10
CA ASN P 72 55.51 -27.93 -1.15
C ASN P 72 55.79 -29.31 -0.56
N VAL P 73 55.51 -30.34 -1.36
CA VAL P 73 55.51 -31.69 -0.83
C VAL P 73 56.91 -32.09 -0.35
N VAL P 74 57.93 -31.70 -1.09
CA VAL P 74 59.29 -32.07 -0.71
C VAL P 74 59.66 -31.42 0.61
N ASP P 75 59.37 -30.13 0.75
CA ASP P 75 59.67 -29.45 2.01
C ASP P 75 58.82 -30.00 3.15
N LEU P 76 57.60 -30.42 2.88
CA LEU P 76 56.80 -31.06 3.91
C LEU P 76 57.43 -32.37 4.36
N ILE P 77 57.88 -33.18 3.40
CA ILE P 77 58.41 -34.49 3.71
C ILE P 77 59.75 -34.37 4.41
N VAL P 78 60.56 -33.40 4.03
CA VAL P 78 61.93 -33.30 4.53
C VAL P 78 62.00 -32.34 5.71
N ASP P 79 61.62 -31.08 5.49
CA ASP P 79 61.93 -29.98 6.40
C ASP P 79 60.92 -29.80 7.54
N PHE P 80 59.82 -30.54 7.57
CA PHE P 80 58.86 -30.42 8.67
C PHE P 80 58.89 -31.61 9.61
N GLY P 81 59.92 -32.43 9.53
CA GLY P 81 60.04 -33.54 10.46
C GLY P 81 59.01 -34.62 10.28
N LEU P 82 58.43 -34.74 9.10
CA LEU P 82 57.45 -35.76 8.79
C LEU P 82 58.14 -36.86 7.99
N ASP P 83 58.44 -37.97 8.64
CA ASP P 83 59.17 -39.06 8.01
C ASP P 83 58.19 -39.92 7.24
N LEU P 84 58.11 -39.71 5.93
CA LEU P 84 57.21 -40.50 5.08
C LEU P 84 57.80 -41.89 4.93
N LEU P 85 57.30 -42.81 5.75
CA LEU P 85 57.85 -44.17 5.75
C LEU P 85 57.68 -44.82 4.39
N TRP P 86 56.51 -44.68 3.81
CA TRP P 86 56.25 -45.26 2.50
C TRP P 86 54.99 -44.63 1.95
N HIS P 87 54.90 -44.64 0.66
CA HIS P 87 53.77 -44.17 -0.11
C HIS P 87 53.81 -44.93 -1.43
N PRO P 88 52.71 -45.54 -1.85
CA PRO P 88 52.77 -46.38 -3.07
C PRO P 88 53.24 -45.61 -4.28
N SER P 89 52.99 -44.32 -4.33
CA SER P 89 53.41 -43.50 -5.46
C SER P 89 54.80 -42.93 -5.30
N LEU P 90 55.35 -42.93 -4.09
CA LEU P 90 56.61 -42.25 -3.82
C LEU P 90 57.62 -43.09 -3.07
N GLY P 91 57.19 -44.15 -2.39
CA GLY P 91 58.12 -44.92 -1.60
C GLY P 91 59.15 -45.63 -2.47
N LEU P 92 60.39 -45.66 -1.99
CA LEU P 92 61.45 -46.31 -2.73
C LEU P 92 61.33 -47.83 -2.62
N GLU P 93 60.95 -48.33 -1.46
CA GLU P 93 60.93 -49.77 -1.21
C GLU P 93 59.86 -50.45 -2.04
N LEU P 94 60.19 -51.63 -2.54
CA LEU P 94 59.23 -52.50 -3.19
C LEU P 94 59.27 -53.87 -2.52
N GLY P 95 58.26 -54.67 -2.83
CA GLY P 95 58.29 -56.06 -2.45
C GLY P 95 58.49 -56.25 -0.96
N ASN P 96 59.43 -57.13 -0.63
CA ASN P 96 59.59 -57.53 0.77
C ASN P 96 60.13 -56.41 1.64
N ASN P 97 60.95 -55.51 1.11
CA ASN P 97 61.41 -54.38 1.92
C ASN P 97 60.25 -53.46 2.29
N ALA P 98 59.37 -53.18 1.32
CA ALA P 98 58.18 -52.40 1.62
C ALA P 98 57.30 -53.12 2.63
N GLN P 99 57.10 -54.43 2.44
CA GLN P 99 56.29 -55.20 3.37
C GLN P 99 56.90 -55.19 4.76
N LYS P 100 58.22 -55.20 4.84
CA LYS P 100 58.88 -55.10 6.14
C LYS P 100 58.50 -53.79 6.81
N VAL P 101 58.53 -52.69 6.06
CA VAL P 101 58.09 -51.41 6.62
C VAL P 101 56.65 -51.52 7.11
N PHE P 102 55.77 -52.09 6.28
CA PHE P 102 54.36 -52.13 6.64
C PHE P 102 54.14 -52.98 7.88
N TRP P 103 54.77 -54.14 7.94
CA TRP P 103 54.59 -55.05 9.05
C TRP P 103 55.16 -54.46 10.34
N ASP P 104 56.29 -53.76 10.24
CA ASP P 104 56.84 -53.10 11.42
C ASP P 104 55.87 -52.04 11.94
N CYS P 105 55.24 -51.29 11.04
CA CYS P 105 54.21 -50.35 11.48
C CYS P 105 53.01 -51.06 12.09
N ALA P 106 52.56 -52.15 11.46
CA ALA P 106 51.33 -52.80 11.90
C ALA P 106 51.50 -53.47 13.25
N LYS P 107 52.65 -54.11 13.48
CA LYS P 107 52.89 -54.84 14.71
C LYS P 107 53.47 -53.97 15.83
N GLY P 108 53.70 -52.69 15.57
CA GLY P 108 54.25 -51.82 16.59
C GLY P 108 55.76 -51.89 16.74
N GLU P 109 56.46 -52.57 15.84
CA GLU P 109 57.91 -52.64 15.91
C GLU P 109 58.54 -51.26 15.76
N ARG P 110 57.95 -50.43 14.91
CA ARG P 110 58.33 -49.03 14.77
C ARG P 110 57.10 -48.16 14.92
N PRO P 111 57.26 -46.96 15.46
CA PRO P 111 56.10 -46.08 15.67
C PRO P 111 55.46 -45.65 14.37
N LEU P 112 54.14 -45.50 14.41
CA LEU P 112 53.37 -44.99 13.28
C LEU P 112 52.58 -43.80 13.80
N ASP P 113 53.03 -42.60 13.47
CA ASP P 113 52.37 -41.41 13.99
C ASP P 113 51.14 -41.05 13.17
N ILE P 114 51.27 -41.04 11.86
CA ILE P 114 50.16 -40.68 10.98
C ILE P 114 50.01 -41.77 9.95
N PHE P 115 48.85 -42.40 9.91
CA PHE P 115 48.47 -43.31 8.85
C PHE P 115 47.52 -42.55 7.95
N VAL P 116 47.99 -42.21 6.77
CA VAL P 116 47.14 -41.61 5.77
C VAL P 116 46.60 -42.71 4.89
N PHE P 117 45.30 -42.66 4.69
CA PHE P 117 44.68 -43.67 3.82
C PHE P 117 43.95 -42.94 2.72
N GLU P 118 44.21 -43.36 1.51
CA GLU P 118 43.59 -42.74 0.35
C GLU P 118 42.84 -43.84 -0.38
N GLY P 119 41.72 -43.51 -1.00
CA GLY P 119 40.99 -44.60 -1.63
C GLY P 119 40.07 -45.29 -0.67
N THR P 120 39.21 -46.10 -1.24
CA THR P 120 38.23 -46.73 -0.36
C THR P 120 38.78 -47.98 0.29
N VAL P 121 38.16 -48.34 1.39
CA VAL P 121 38.40 -49.65 1.95
C VAL P 121 37.56 -50.62 1.14
N ILE P 122 38.21 -51.44 0.34
CA ILE P 122 37.51 -52.37 -0.53
C ILE P 122 37.27 -53.65 0.24
N GLU P 123 36.00 -54.03 0.36
CA GLU P 123 35.63 -55.24 1.10
C GLU P 123 35.19 -56.38 0.19
N ALA P 124 34.79 -56.10 -1.03
CA ALA P 124 34.41 -57.17 -1.94
C ALA P 124 35.63 -57.96 -2.37
N PRO P 125 35.44 -59.23 -2.76
CA PRO P 125 34.17 -59.95 -2.77
C PRO P 125 33.79 -60.54 -1.43
N ASN P 126 32.50 -60.51 -1.09
CA ASN P 126 31.97 -61.21 0.07
C ASN P 126 32.71 -60.84 1.36
N GLY P 127 33.06 -59.56 1.48
CA GLY P 127 33.75 -59.11 2.67
C GLY P 127 35.18 -59.58 2.80
N THR P 128 35.73 -60.25 1.79
CA THR P 128 37.11 -60.69 1.85
C THR P 128 38.10 -59.58 1.51
N GLY P 129 37.67 -58.56 0.78
CA GLY P 129 38.57 -57.49 0.40
C GLY P 129 39.56 -57.85 -0.66
N GLN P 130 39.37 -58.97 -1.36
CA GLN P 130 40.36 -59.43 -2.32
C GLN P 130 40.30 -58.68 -3.64
N MET P 131 39.31 -57.81 -3.82
CA MET P 131 39.38 -56.86 -4.92
C MET P 131 40.39 -55.76 -4.68
N ASP P 132 41.03 -55.76 -3.52
CA ASP P 132 42.14 -54.86 -3.22
C ASP P 132 43.16 -55.66 -2.42
N MET P 133 44.03 -56.36 -3.12
CA MET P 133 45.11 -57.12 -2.51
C MET P 133 46.36 -56.25 -2.54
N PHE P 134 46.93 -56.02 -1.37
CA PHE P 134 48.11 -55.17 -1.27
C PHE P 134 49.14 -55.85 -0.36
N ALA P 135 50.34 -56.04 -0.89
CA ALA P 135 51.47 -56.55 -0.13
C ALA P 135 51.11 -57.84 0.60
N GLY P 136 50.40 -58.72 -0.10
CA GLY P 136 50.09 -60.04 0.41
C GLY P 136 48.88 -60.15 1.29
N ARG P 137 48.12 -59.07 1.48
CA ARG P 137 46.91 -59.09 2.28
C ARG P 137 45.83 -58.30 1.58
N PRO P 138 44.56 -58.57 1.88
CA PRO P 138 43.52 -57.61 1.52
C PRO P 138 43.86 -56.27 2.15
N MET P 139 43.68 -55.21 1.37
CA MET P 139 44.05 -53.89 1.88
C MET P 139 43.29 -53.58 3.16
N LYS P 140 42.06 -54.05 3.28
CA LYS P 140 41.28 -53.78 4.48
C LYS P 140 41.95 -54.32 5.73
N ASP P 141 42.66 -55.45 5.61
CA ASP P 141 43.40 -55.97 6.76
C ASP P 141 44.55 -55.04 7.13
N TRP P 142 45.28 -54.54 6.13
CA TRP P 142 46.29 -53.52 6.40
C TRP P 142 45.66 -52.34 7.09
N VAL P 143 44.48 -51.92 6.62
CA VAL P 143 43.81 -50.76 7.21
C VAL P 143 43.53 -51.03 8.68
N THR P 144 42.97 -52.20 8.97
CA THR P 144 42.69 -52.57 10.36
C THR P 144 43.94 -52.43 11.21
N ASP P 145 45.03 -53.08 10.78
CA ASP P 145 46.24 -53.10 11.58
C ASP P 145 46.83 -51.70 11.74
N LEU P 146 46.94 -50.97 10.64
CA LEU P 146 47.66 -49.70 10.68
C LEU P 146 46.82 -48.62 11.35
N ALA P 147 45.51 -48.60 11.11
CA ALA P 147 44.65 -47.67 11.83
C ALA P 147 44.69 -47.98 13.32
N GLY P 148 44.77 -49.25 13.69
CA GLY P 148 44.94 -49.58 15.10
C GLY P 148 46.31 -49.21 15.64
N ALA P 149 47.32 -49.07 14.78
CA ALA P 149 48.66 -48.75 15.23
C ALA P 149 48.96 -47.26 15.23
N ALA P 150 48.29 -46.49 14.38
CA ALA P 150 48.66 -45.09 14.18
C ALA P 150 48.26 -44.23 15.36
N GLN P 151 49.06 -43.19 15.61
CA GLN P 151 48.65 -42.15 16.55
C GLN P 151 47.50 -41.35 16.00
N ILE P 152 47.55 -41.04 14.72
CA ILE P 152 46.51 -40.30 14.02
C ILE P 152 46.23 -41.04 12.72
N VAL P 153 44.96 -41.17 12.38
CA VAL P 153 44.55 -41.73 11.11
C VAL P 153 43.89 -40.62 10.31
N VAL P 154 44.36 -40.39 9.11
CA VAL P 154 43.82 -39.38 8.22
C VAL P 154 43.30 -40.09 6.98
N ALA P 155 42.01 -39.96 6.73
CA ALA P 155 41.43 -40.38 5.47
C ALA P 155 41.48 -39.19 4.53
N ILE P 156 42.20 -39.36 3.43
CA ILE P 156 42.32 -38.23 2.48
C ILE P 156 41.47 -38.57 1.26
N GLY P 157 40.57 -37.68 0.93
CA GLY P 157 39.71 -37.88 -0.24
C GLY P 157 38.44 -38.62 0.14
N ASP P 158 37.37 -38.35 -0.61
CA ASP P 158 36.05 -38.93 -0.28
C ASP P 158 36.11 -40.45 -0.22
N CYS P 159 36.88 -41.03 -1.12
CA CYS P 159 36.91 -42.50 -1.15
C CYS P 159 37.23 -42.97 0.26
N ALA P 160 38.30 -42.43 0.80
CA ALA P 160 38.75 -42.91 2.13
C ALA P 160 37.80 -42.39 3.22
N CYS P 161 37.34 -41.15 3.09
CA CYS P 161 36.50 -40.56 4.13
C CYS P 161 35.14 -41.22 4.18
N PHE P 162 34.49 -41.37 3.03
CA PHE P 162 33.10 -41.71 2.95
C PHE P 162 32.77 -42.80 1.93
N GLY P 163 33.73 -43.24 1.14
CA GLY P 163 33.42 -44.24 0.14
C GLY P 163 33.46 -43.68 -1.26
N GLY P 164 33.00 -42.44 -1.41
CA GLY P 164 33.18 -41.67 -2.63
C GLY P 164 32.63 -42.36 -3.86
N ILE P 165 33.31 -42.11 -4.98
CA ILE P 165 32.84 -42.63 -6.27
C ILE P 165 32.80 -44.15 -6.29
N PRO P 166 33.80 -44.88 -5.81
CA PRO P 166 33.69 -46.36 -5.88
C PRO P 166 32.51 -46.89 -5.10
N ALA P 167 32.05 -46.19 -4.07
CA ALA P 167 30.89 -46.60 -3.29
C ALA P 167 29.57 -46.27 -3.98
N MET P 168 29.60 -45.57 -5.12
CA MET P 168 28.41 -45.41 -5.92
C MET P 168 27.79 -46.77 -6.23
N GLU P 169 26.46 -46.82 -6.21
CA GLU P 169 25.80 -48.06 -6.58
C GLU P 169 26.18 -48.42 -8.01
N PRO P 170 26.39 -49.71 -8.31
CA PRO P 170 26.17 -50.84 -7.40
C PRO P 170 27.32 -51.19 -6.46
N ASN P 171 28.34 -50.33 -6.37
CA ASN P 171 29.47 -50.54 -5.47
C ASN P 171 30.09 -51.92 -5.67
N PRO P 172 30.61 -52.21 -6.87
CA PRO P 172 31.13 -53.56 -7.14
C PRO P 172 32.26 -53.95 -6.19
N SER P 173 33.06 -53.00 -5.76
CA SER P 173 34.21 -53.28 -4.91
C SER P 173 33.85 -53.37 -3.44
N GLY P 174 32.58 -53.21 -3.09
CA GLY P 174 32.22 -53.19 -1.68
C GLY P 174 32.98 -52.10 -0.97
N SER P 175 33.12 -50.96 -1.63
CA SER P 175 33.92 -49.87 -1.09
C SER P 175 33.20 -49.18 0.06
N THR P 176 33.98 -48.73 1.02
CA THR P 176 33.46 -47.91 2.10
C THR P 176 34.57 -46.99 2.57
N GLY P 177 34.19 -45.97 3.32
CA GLY P 177 35.19 -45.11 3.92
C GLY P 177 35.73 -45.70 5.20
N LEU P 178 36.75 -45.04 5.74
CA LEU P 178 37.37 -45.51 6.96
C LEU P 178 36.38 -45.49 8.12
N GLN P 179 35.75 -44.34 8.35
CA GLN P 179 34.82 -44.19 9.46
C GLN P 179 33.44 -43.75 9.01
N PHE P 180 33.21 -43.64 7.71
CA PHE P 180 31.91 -43.28 7.18
C PHE P 180 31.62 -44.14 5.97
N HIS P 181 30.36 -44.44 5.76
CA HIS P 181 29.88 -44.83 4.44
C HIS P 181 28.90 -43.76 4.02
N LYS P 182 29.32 -42.93 3.07
CA LYS P 182 28.60 -41.71 2.75
C LYS P 182 28.37 -40.95 4.06
N ARG P 183 27.18 -40.41 4.28
CA ARG P 183 26.97 -39.63 5.49
C ARG P 183 26.92 -40.49 6.74
N GLU P 184 26.64 -41.78 6.60
CA GLU P 184 26.44 -42.64 7.77
C GLU P 184 27.77 -42.92 8.44
N LYS P 185 27.89 -42.50 9.70
CA LYS P 185 29.12 -42.71 10.45
C LYS P 185 29.33 -44.19 10.73
N GLY P 186 30.58 -44.61 10.68
CA GLY P 186 31.00 -45.95 11.03
C GLY P 186 31.94 -46.55 10.01
N GLY P 187 31.60 -46.44 8.72
CA GLY P 187 32.44 -46.94 7.65
C GLY P 187 33.08 -48.28 7.94
N PHE P 188 34.36 -48.40 7.63
CA PHE P 188 35.04 -49.68 7.84
C PHE P 188 35.47 -49.85 9.29
N LEU P 189 35.97 -48.79 9.92
CA LEU P 189 36.55 -48.91 11.25
C LEU P 189 35.54 -48.85 12.37
N GLY P 190 34.29 -48.49 12.08
CA GLY P 190 33.28 -48.37 13.11
C GLY P 190 33.19 -46.96 13.63
N PRO P 191 32.01 -46.58 14.10
CA PRO P 191 31.83 -45.20 14.60
C PRO P 191 32.69 -44.89 15.80
N ASP P 192 33.07 -45.90 16.57
CA ASP P 192 33.78 -45.69 17.83
C ASP P 192 35.29 -45.79 17.69
N PHE P 193 35.80 -45.99 16.48
CA PHE P 193 37.24 -46.04 16.30
C PHE P 193 37.87 -44.74 16.74
N ARG P 194 38.96 -44.85 17.50
CA ARG P 194 39.80 -43.72 17.83
C ARG P 194 41.24 -44.12 17.63
N SER P 195 42.03 -43.21 17.08
CA SER P 195 43.46 -43.48 16.98
C SER P 195 44.09 -43.37 18.36
N LYS P 196 45.39 -43.63 18.43
CA LYS P 196 46.07 -43.63 19.72
C LYS P 196 46.14 -42.24 20.35
N MET P 197 46.05 -41.18 19.55
CA MET P 197 45.96 -39.83 20.11
C MET P 197 44.53 -39.48 20.50
N GLY P 198 43.60 -40.44 20.43
CA GLY P 198 42.23 -40.22 20.83
C GLY P 198 41.34 -39.65 19.75
N LEU P 199 41.89 -39.31 18.60
CA LEU P 199 41.09 -38.68 17.57
C LEU P 199 40.35 -39.74 16.74
N PRO P 200 39.21 -39.39 16.19
CA PRO P 200 38.61 -40.26 15.18
C PRO P 200 39.45 -40.14 13.92
N VAL P 201 39.09 -40.86 12.87
CA VAL P 201 39.72 -40.61 11.59
C VAL P 201 39.50 -39.16 11.21
N ILE P 202 40.59 -38.46 10.92
CA ILE P 202 40.51 -37.10 10.41
C ILE P 202 40.14 -37.21 8.94
N ASN P 203 38.95 -36.74 8.59
CA ASN P 203 38.48 -36.83 7.22
C ASN P 203 38.87 -35.55 6.49
N VAL P 204 39.79 -35.68 5.54
CA VAL P 204 40.14 -34.60 4.64
C VAL P 204 39.44 -34.92 3.33
N PRO P 205 38.18 -34.49 3.12
CA PRO P 205 37.44 -34.95 1.99
C PRO P 205 37.83 -34.23 0.72
N GLY P 206 36.99 -34.36 -0.28
CA GLY P 206 37.34 -33.80 -1.56
C GLY P 206 37.63 -34.95 -2.51
N CYS P 207 37.55 -34.65 -3.77
CA CYS P 207 37.77 -35.74 -4.74
C CYS P 207 38.46 -35.09 -5.92
N PRO P 208 39.74 -34.73 -5.79
CA PRO P 208 40.51 -35.07 -4.60
C PRO P 208 40.53 -33.94 -3.57
N ALA P 209 41.12 -34.24 -2.43
CA ALA P 209 41.35 -33.17 -1.47
C ALA P 209 42.33 -32.18 -2.08
N HIS P 210 42.14 -30.92 -1.78
CA HIS P 210 43.13 -29.90 -2.09
C HIS P 210 44.41 -30.15 -1.30
N PRO P 211 45.58 -29.89 -1.88
CA PRO P 211 46.81 -30.18 -1.13
C PRO P 211 46.85 -29.50 0.22
N ASP P 212 46.32 -28.29 0.32
CA ASP P 212 46.44 -27.57 1.63
C ASP P 212 45.59 -28.28 2.68
N TRP P 213 44.52 -28.92 2.26
CA TRP P 213 43.60 -29.51 3.25
C TRP P 213 44.36 -30.56 4.08
N ILE P 214 45.36 -31.16 3.47
CA ILE P 214 46.17 -32.17 4.20
C ILE P 214 47.48 -31.52 4.66
N THR P 215 48.13 -30.77 3.79
CA THR P 215 49.46 -30.27 4.13
C THR P 215 49.39 -29.32 5.32
N GLN P 216 48.38 -28.46 5.39
CA GLN P 216 48.30 -27.54 6.52
C GLN P 216 47.97 -28.30 7.80
N ILE P 217 47.18 -29.37 7.70
CA ILE P 217 46.98 -30.22 8.86
C ILE P 217 48.28 -30.87 9.30
N LEU P 218 49.06 -31.36 8.32
CA LEU P 218 50.33 -31.99 8.64
C LEU P 218 51.30 -30.98 9.24
N VAL P 219 51.32 -29.76 8.72
CA VAL P 219 52.15 -28.71 9.28
C VAL P 219 51.71 -28.40 10.70
N ALA P 220 50.39 -28.29 10.91
CA ALA P 220 49.88 -28.03 12.25
C ALA P 220 50.32 -29.11 13.22
N LEU P 221 50.21 -30.37 12.80
CA LEU P 221 50.69 -31.46 13.63
C LEU P 221 52.19 -31.36 13.87
N ALA P 222 52.93 -30.97 12.85
CA ALA P 222 54.38 -30.90 12.94
C ALA P 222 54.87 -29.67 13.70
N THR P 223 54.05 -28.62 13.79
CA THR P 223 54.45 -27.39 14.45
C THR P 223 53.84 -27.24 15.84
N GLY P 224 53.31 -28.31 16.42
CA GLY P 224 52.76 -28.24 17.75
C GLY P 224 51.37 -27.65 17.83
N ARG P 225 50.66 -27.55 16.70
CA ARG P 225 49.33 -26.97 16.66
C ARG P 225 48.25 -28.01 16.44
N ALA P 226 48.52 -29.26 16.81
CA ALA P 226 47.48 -30.29 16.73
C ALA P 226 46.25 -29.88 17.53
N GLY P 227 46.46 -29.26 18.69
CA GLY P 227 45.36 -28.80 19.51
C GLY P 227 44.53 -27.71 18.87
N ASP P 228 45.08 -27.03 17.86
CA ASP P 228 44.29 -26.05 17.12
C ASP P 228 43.34 -26.69 16.13
N ILE P 229 43.50 -27.98 15.85
CA ILE P 229 42.69 -28.63 14.84
C ILE P 229 41.37 -29.03 15.48
N THR P 230 40.28 -28.43 15.01
CA THR P 230 38.94 -28.83 15.39
C THR P 230 38.29 -29.52 14.21
N LEU P 231 37.53 -30.57 14.49
CA LEU P 231 36.87 -31.36 13.47
C LEU P 231 35.37 -31.15 13.55
N ASP P 232 34.71 -31.12 12.40
CA ASP P 232 33.26 -30.98 12.39
C ASP P 232 32.63 -32.37 12.60
N ASP P 233 31.32 -32.46 12.43
CA ASP P 233 30.62 -33.73 12.66
C ASP P 233 31.04 -34.81 11.68
N LEU P 234 31.57 -34.42 10.52
CA LEU P 234 32.10 -35.40 9.58
C LEU P 234 33.58 -35.64 9.77
N HIS P 235 34.14 -35.18 10.89
CA HIS P 235 35.56 -35.29 11.19
C HIS P 235 36.42 -34.50 10.21
N ARG P 236 35.83 -33.49 9.57
CA ARG P 236 36.63 -32.66 8.69
C ARG P 236 37.21 -31.48 9.46
N PRO P 237 38.43 -31.06 9.10
CA PRO P 237 39.02 -29.89 9.77
C PRO P 237 38.17 -28.65 9.54
N GLU P 238 37.66 -28.10 10.64
CA GLU P 238 36.81 -26.92 10.53
C GLU P 238 37.55 -25.71 10.01
N THR P 239 38.88 -25.70 10.12
CA THR P 239 39.63 -24.58 9.54
C THR P 239 39.45 -24.51 8.04
N PHE P 240 39.04 -25.60 7.41
CA PHE P 240 38.75 -25.62 5.98
C PHE P 240 37.29 -25.81 5.64
N PHE P 241 36.50 -26.41 6.53
CA PHE P 241 35.18 -26.89 6.17
C PHE P 241 34.06 -26.23 6.96
N LYS P 242 34.32 -25.09 7.59
CA LYS P 242 33.22 -24.26 8.04
C LYS P 242 32.71 -23.38 6.92
N THR P 243 33.60 -22.93 6.04
CA THR P 243 33.17 -22.18 4.88
C THR P 243 32.44 -23.08 3.90
N PHE P 244 31.84 -22.45 2.91
CA PHE P 244 31.19 -23.22 1.84
C PHE P 244 32.03 -23.09 0.60
N THR P 245 31.79 -23.93 -0.39
CA THR P 245 32.48 -23.68 -1.65
C THR P 245 32.10 -22.28 -2.10
N GLN P 246 30.86 -21.92 -1.84
CA GLN P 246 30.38 -20.59 -2.34
C GLN P 246 31.20 -19.47 -1.69
N THR P 247 31.76 -19.75 -0.55
CA THR P 247 32.47 -18.69 0.20
C THR P 247 33.69 -18.27 -0.63
N GLY P 248 33.60 -17.11 -1.25
CA GLY P 248 34.73 -16.63 -2.05
C GLY P 248 34.50 -16.93 -3.51
N CYS P 249 33.37 -17.55 -3.79
CA CYS P 249 33.06 -17.81 -5.20
C CYS P 249 32.94 -16.46 -5.91
N THR P 250 33.48 -16.37 -7.11
CA THR P 250 33.40 -15.10 -7.87
C THR P 250 31.97 -14.86 -8.35
N ARG P 251 31.07 -15.81 -8.14
CA ARG P 251 29.71 -15.64 -8.71
C ARG P 251 28.65 -15.39 -7.63
N VAL P 252 29.10 -15.21 -6.39
CA VAL P 252 28.09 -15.05 -5.31
C VAL P 252 27.24 -13.79 -5.56
N GLN P 253 27.82 -12.75 -6.13
CA GLN P 253 26.96 -11.57 -6.35
C GLN P 253 25.84 -11.94 -7.32
N PHE P 254 26.17 -12.75 -8.32
CA PHE P 254 25.11 -13.20 -9.24
C PHE P 254 24.13 -14.08 -8.46
N PHE P 255 24.67 -14.89 -7.57
CA PHE P 255 23.79 -15.74 -6.74
C PHE P 255 22.86 -14.83 -5.94
N GLU P 256 23.42 -13.82 -5.33
CA GLU P 256 22.63 -12.92 -4.46
C GLU P 256 21.47 -12.34 -5.27
N TYR P 257 21.73 -11.96 -6.49
CA TYR P 257 20.72 -11.37 -7.34
C TYR P 257 20.06 -12.38 -8.24
N LYS P 258 20.31 -13.67 -8.00
CA LYS P 258 19.60 -14.74 -8.68
C LYS P 258 19.76 -14.61 -10.19
N GLN P 259 20.97 -14.27 -10.62
CA GLN P 259 21.32 -14.20 -12.03
C GLN P 259 22.04 -15.49 -12.40
N SER P 260 21.44 -16.24 -13.30
CA SER P 260 21.92 -17.59 -13.58
C SER P 260 22.85 -17.57 -14.77
N THR P 261 23.97 -18.27 -14.64
CA THR P 261 24.68 -18.69 -15.82
C THR P 261 23.75 -19.54 -16.65
N LEU P 262 23.66 -19.24 -17.94
CA LEU P 262 22.74 -19.95 -18.81
C LEU P 262 23.40 -21.03 -19.64
N SER P 263 24.70 -20.92 -19.88
CA SER P 263 25.37 -21.88 -20.75
C SER P 263 26.84 -21.93 -20.38
N PHE P 264 27.48 -23.01 -20.79
CA PHE P 264 28.89 -23.19 -20.54
C PHE P 264 29.70 -22.32 -21.50
N GLY P 265 31.03 -22.43 -21.38
CA GLY P 265 31.89 -21.61 -22.21
C GLY P 265 31.70 -20.14 -21.88
N GLU P 266 31.54 -19.33 -22.93
CA GLU P 266 31.38 -17.89 -22.72
C GLU P 266 30.17 -17.55 -21.88
N GLY P 267 29.17 -18.43 -21.82
CA GLY P 267 28.04 -18.21 -20.94
C GLY P 267 28.44 -18.07 -19.49
N THR P 268 29.59 -18.62 -19.11
CA THR P 268 30.05 -18.52 -17.74
C THR P 268 30.80 -17.22 -17.46
N ARG P 269 30.87 -16.31 -18.43
CA ARG P 269 31.38 -14.98 -18.14
C ARG P 269 30.45 -14.20 -17.23
N THR P 270 29.28 -14.74 -16.94
CA THR P 270 28.35 -14.08 -16.05
C THR P 270 27.58 -15.14 -15.28
N GLY P 271 26.88 -14.68 -14.24
CA GLY P 271 25.94 -15.60 -13.62
C GLY P 271 26.50 -16.55 -12.61
N CYS P 272 25.59 -17.12 -11.85
CA CYS P 272 25.97 -18.15 -10.88
C CYS P 272 25.48 -19.50 -11.42
N LEU P 273 26.19 -20.57 -11.08
CA LEU P 273 25.88 -21.88 -11.70
C LEU P 273 24.83 -22.64 -10.90
N PHE P 274 24.30 -22.03 -9.88
CA PHE P 274 23.41 -22.78 -8.98
C PHE P 274 22.12 -23.16 -9.66
N TYR P 275 21.62 -22.25 -10.46
CA TYR P 275 20.25 -22.44 -10.95
C TYR P 275 20.12 -23.36 -12.15
N GLU P 276 21.09 -23.35 -13.03
CA GLU P 276 20.99 -24.17 -14.23
C GLU P 276 21.98 -25.31 -14.28
N PHE P 277 23.05 -25.26 -13.50
CA PHE P 277 24.10 -26.27 -13.59
C PHE P 277 24.26 -27.06 -12.29
N GLY P 278 23.34 -26.93 -11.38
CA GLY P 278 23.40 -27.82 -10.21
C GLY P 278 24.58 -27.52 -9.31
N CYS P 279 25.07 -26.30 -9.39
CA CYS P 279 26.16 -25.94 -8.45
C CYS P 279 25.76 -26.27 -7.01
N ARG P 280 26.58 -27.08 -6.35
CA ARG P 280 26.29 -27.39 -4.92
C ARG P 280 27.07 -26.47 -3.99
N GLY P 281 27.66 -25.42 -4.55
CA GLY P 281 28.46 -24.48 -3.75
C GLY P 281 27.81 -24.10 -2.44
N PRO P 282 26.56 -23.65 -2.43
CA PRO P 282 25.92 -23.17 -1.21
C PRO P 282 25.50 -24.30 -0.27
N MET P 283 25.68 -25.53 -0.70
CA MET P 283 25.32 -26.69 0.17
C MET P 283 26.57 -27.49 0.47
N THR P 284 27.74 -26.94 0.15
CA THR P 284 28.95 -27.75 0.27
C THR P 284 29.99 -27.01 1.09
N HIS P 285 30.45 -27.70 2.12
CA HIS P 285 31.46 -27.09 2.99
C HIS P 285 32.81 -27.34 2.39
N SER P 286 33.57 -26.29 2.19
CA SER P 286 34.88 -26.41 1.57
C SER P 286 35.49 -25.02 1.59
N PRO P 287 36.81 -24.89 1.44
CA PRO P 287 37.39 -23.58 1.25
C PRO P 287 37.84 -23.46 -0.21
N CYS P 288 37.12 -24.08 -1.14
CA CYS P 288 37.61 -24.10 -2.53
C CYS P 288 37.75 -22.72 -3.14
N ASN P 289 36.92 -21.80 -2.65
CA ASN P 289 37.01 -20.42 -3.18
C ASN P 289 37.76 -19.53 -2.20
N ARG P 290 38.08 -20.06 -1.05
CA ARG P 290 38.94 -19.32 -0.14
C ARG P 290 40.40 -19.65 -0.44
N ILE P 291 40.73 -20.92 -0.43
CA ILE P 291 42.05 -21.41 -0.81
C ILE P 291 41.90 -21.98 -2.20
N LEU P 292 42.42 -21.25 -3.17
CA LEU P 292 42.14 -21.66 -4.55
C LEU P 292 42.90 -22.91 -4.95
N TRP P 293 42.33 -23.61 -5.88
CA TRP P 293 42.96 -24.84 -6.39
C TRP P 293 44.16 -24.46 -7.24
N ASN P 294 45.26 -25.18 -7.05
CA ASN P 294 46.47 -24.94 -7.87
C ASN P 294 46.87 -23.48 -7.75
N ARG P 295 46.49 -22.85 -6.66
CA ARG P 295 46.76 -21.43 -6.46
C ARG P 295 46.22 -20.57 -7.59
N GLN P 296 45.25 -21.08 -8.34
CA GLN P 296 44.75 -20.37 -9.50
C GLN P 296 43.26 -20.11 -9.44
N SER P 297 42.46 -21.12 -9.15
CA SER P 297 41.06 -21.02 -9.50
C SER P 297 40.27 -21.99 -8.63
N SER P 298 39.04 -22.20 -9.06
CA SER P 298 38.19 -23.22 -8.42
C SER P 298 37.24 -23.65 -9.52
N LYS P 299 36.57 -24.76 -9.31
CA LYS P 299 35.58 -25.13 -10.34
C LYS P 299 34.64 -23.96 -10.58
N THR P 300 34.08 -23.45 -9.52
CA THR P 300 32.99 -22.45 -9.72
C THR P 300 33.50 -21.20 -10.40
N ARG P 301 34.66 -20.74 -9.98
CA ARG P 301 35.24 -19.59 -10.68
C ARG P 301 35.36 -19.91 -12.16
N ALA P 302 35.87 -21.08 -12.49
CA ALA P 302 36.11 -21.44 -13.87
C ALA P 302 34.83 -21.63 -14.66
N GLY P 303 33.68 -21.71 -14.00
CA GLY P 303 32.43 -21.99 -14.68
C GLY P 303 31.94 -23.41 -14.51
N MET P 304 32.62 -24.21 -13.72
CA MET P 304 32.13 -25.55 -13.47
C MET P 304 31.37 -25.58 -12.16
N PRO P 305 30.18 -26.19 -12.13
CA PRO P 305 29.47 -26.29 -10.89
C PRO P 305 30.24 -27.10 -9.84
N CYS P 306 30.11 -26.65 -8.63
CA CYS P 306 30.66 -27.47 -7.56
C CYS P 306 29.81 -28.73 -7.51
N LEU P 307 30.50 -29.86 -7.47
CA LEU P 307 29.78 -31.15 -7.41
C LEU P 307 29.60 -31.57 -5.95
N GLY P 308 29.91 -30.68 -5.02
CA GLY P 308 29.73 -31.01 -3.61
C GLY P 308 30.63 -32.14 -3.19
N CYS P 309 31.82 -32.20 -3.75
CA CYS P 309 32.69 -33.36 -3.49
C CYS P 309 33.20 -33.42 -2.06
N THR P 310 33.10 -32.38 -1.29
CA THR P 310 33.66 -32.48 0.08
C THR P 310 32.56 -33.01 0.98
N GLU P 311 31.40 -33.18 0.39
CA GLU P 311 30.25 -33.65 1.17
C GLU P 311 30.19 -35.18 1.09
N PRO P 312 29.77 -35.90 2.16
CA PRO P 312 29.86 -37.36 2.16
C PRO P 312 28.98 -38.05 1.14
N GLU P 313 27.94 -37.39 0.66
CA GLU P 313 27.07 -37.98 -0.35
C GLU P 313 27.69 -38.00 -1.73
N PHE P 314 28.83 -37.35 -1.92
CA PHE P 314 29.39 -37.26 -3.25
C PHE P 314 29.72 -38.65 -3.78
N PRO P 315 29.42 -38.92 -5.06
CA PRO P 315 28.71 -38.04 -5.99
C PRO P 315 27.24 -37.98 -5.67
N HIS P 316 26.71 -36.77 -5.62
CA HIS P 316 25.34 -36.61 -5.18
C HIS P 316 24.40 -37.25 -6.19
N PHE P 317 23.32 -37.81 -5.68
CA PHE P 317 22.32 -38.50 -6.48
C PHE P 317 22.92 -39.62 -7.31
N ASP P 318 24.13 -40.05 -6.96
CA ASP P 318 24.84 -41.10 -7.67
C ASP P 318 24.88 -40.81 -9.17
N LEU P 319 24.96 -39.52 -9.53
CA LEU P 319 25.05 -39.16 -10.95
C LEU P 319 23.92 -39.79 -11.76
N ALA P 320 22.76 -39.92 -11.16
CA ALA P 320 21.62 -40.48 -11.84
C ALA P 320 21.27 -39.59 -13.03
N PRO P 321 20.60 -40.15 -14.04
CA PRO P 321 20.29 -39.37 -15.24
C PRO P 321 19.55 -38.09 -14.88
N GLY P 322 19.94 -37.00 -15.53
CA GLY P 322 19.34 -35.71 -15.31
C GLY P 322 19.90 -34.92 -14.15
N THR P 323 20.87 -35.45 -13.41
CA THR P 323 21.41 -34.77 -12.25
C THR P 323 22.82 -34.22 -12.47
N VAL P 324 23.41 -34.42 -13.64
CA VAL P 324 24.79 -34.03 -13.89
C VAL P 324 24.80 -32.68 -14.57
N PHE P 325 25.40 -31.70 -13.91
CA PHE P 325 25.47 -30.33 -14.41
C PHE P 325 24.07 -29.77 -14.68
N LYS P 326 23.12 -30.18 -13.86
CA LYS P 326 21.75 -29.69 -13.94
C LYS P 326 21.23 -29.44 -12.54
N THR P 327 20.41 -28.42 -12.40
CA THR P 327 19.73 -28.15 -11.14
C THR P 327 18.37 -28.83 -11.20
N GLN P 328 18.15 -29.82 -10.34
CA GLN P 328 16.83 -30.40 -10.23
C GLN P 328 15.88 -29.37 -9.63
N LYS P 329 14.75 -29.18 -10.30
CA LYS P 329 13.81 -28.15 -9.90
C LYS P 329 12.42 -28.73 -9.76
N VAL P 330 11.65 -28.14 -8.86
CA VAL P 330 10.24 -28.45 -8.68
C VAL P 330 9.44 -27.42 -9.45
N SER P 331 8.53 -27.89 -10.30
CA SER P 331 7.69 -27.03 -11.12
C SER P 331 8.51 -26.15 -12.05
N GLY P 332 9.75 -26.56 -12.34
CA GLY P 332 10.60 -25.87 -13.28
C GLY P 332 11.20 -24.57 -12.78
N MET P 333 10.90 -24.16 -11.55
CA MET P 333 11.35 -22.86 -11.07
C MET P 333 12.05 -22.98 -9.73
N ILE P 334 11.58 -23.88 -8.88
CA ILE P 334 12.05 -23.98 -7.49
C ILE P 334 13.14 -25.05 -7.43
N PRO P 335 14.36 -24.71 -7.04
CA PRO P 335 15.37 -25.75 -6.87
C PRO P 335 14.93 -26.75 -5.82
N LYS P 336 15.17 -28.03 -6.08
CA LYS P 336 14.85 -29.06 -5.11
C LYS P 336 15.65 -28.86 -3.83
N GLU P 337 16.93 -28.53 -3.98
CA GLU P 337 17.80 -28.26 -2.86
C GLU P 337 18.12 -26.77 -2.82
N VAL P 338 17.89 -26.15 -1.67
CA VAL P 338 18.18 -24.74 -1.49
C VAL P 338 19.48 -24.64 -0.72
N PRO P 339 20.08 -23.46 -0.58
CA PRO P 339 21.34 -23.37 0.15
C PRO P 339 21.20 -23.86 1.58
N GLU P 340 22.33 -24.26 2.16
CA GLU P 340 22.34 -24.78 3.51
C GLU P 340 21.71 -23.80 4.48
N GLY P 341 20.87 -24.32 5.37
CA GLY P 341 20.29 -23.51 6.41
C GLY P 341 19.14 -22.63 5.96
N THR P 342 18.77 -22.67 4.68
CA THR P 342 17.62 -21.94 4.19
C THR P 342 16.46 -22.89 3.99
N ASP P 343 15.29 -22.24 3.81
CA ASP P 343 14.03 -22.96 3.55
C ASP P 343 13.44 -22.53 2.22
N HIS P 344 12.80 -23.43 1.50
CA HIS P 344 12.34 -23.10 0.16
C HIS P 344 11.49 -21.84 0.16
N LEU P 345 10.70 -21.58 1.17
CA LEU P 345 9.80 -20.41 1.09
C LEU P 345 10.57 -19.10 1.31
N THR P 346 11.41 -19.06 2.32
CA THR P 346 12.18 -17.84 2.46
C THR P 346 13.21 -17.70 1.34
N TYR P 347 13.79 -18.81 0.92
CA TYR P 347 14.73 -18.68 -0.20
C TYR P 347 14.01 -18.11 -1.40
N MET P 348 12.91 -18.73 -1.78
CA MET P 348 12.23 -18.29 -3.00
C MET P 348 11.72 -16.86 -2.87
N GLY P 349 11.21 -16.49 -1.70
CA GLY P 349 10.79 -15.11 -1.52
C GLY P 349 11.94 -14.13 -1.69
N LEU P 350 13.06 -14.43 -1.03
CA LEU P 350 14.24 -13.59 -1.17
C LEU P 350 14.75 -13.61 -2.60
N ALA P 351 14.62 -14.75 -3.28
CA ALA P 351 15.07 -14.85 -4.66
C ALA P 351 14.24 -13.96 -5.57
N ALA P 352 12.93 -13.94 -5.37
CA ALA P 352 12.08 -13.04 -6.15
C ALA P 352 12.45 -11.59 -5.88
N ALA P 353 12.63 -11.26 -4.59
CA ALA P 353 13.01 -9.89 -4.24
C ALA P 353 14.33 -9.51 -4.88
N ALA P 354 15.30 -10.41 -4.83
CA ALA P 354 16.62 -10.15 -5.41
C ALA P 354 16.53 -10.00 -6.93
N ARG P 355 15.75 -10.85 -7.58
CA ARG P 355 15.55 -10.71 -9.02
C ARG P 355 15.01 -9.33 -9.34
N ILE P 356 13.99 -8.87 -8.61
CA ILE P 356 13.34 -7.57 -9.00
C ILE P 356 14.31 -6.42 -8.75
N ALA P 357 15.15 -6.52 -7.73
CA ALA P 357 16.05 -5.41 -7.35
C ALA P 357 17.41 -5.59 -8.01
N ALA P 358 17.53 -6.55 -8.91
CA ALA P 358 18.86 -6.85 -9.46
C ALA P 358 19.46 -5.65 -10.17
N PRO P 359 20.75 -5.35 -9.94
CA PRO P 359 21.40 -4.30 -10.67
C PRO P 359 21.65 -4.76 -12.10
N GLN P 360 22.00 -3.82 -12.98
CA GLN P 360 22.23 -4.15 -14.37
C GLN P 360 23.51 -4.97 -14.57
N TRP P 361 24.57 -4.63 -13.83
CA TRP P 361 25.83 -5.34 -14.01
C TRP P 361 25.68 -6.81 -13.67
N SER P 362 24.78 -7.16 -12.75
CA SER P 362 24.59 -8.56 -12.40
C SER P 362 23.96 -9.35 -13.54
N LYS P 363 23.49 -8.63 -14.54
CA LYS P 363 22.82 -9.25 -15.69
C LYS P 363 23.72 -9.14 -16.91
N GLU P 364 25.00 -8.89 -16.75
CA GLU P 364 25.94 -8.78 -17.85
C GLU P 364 27.20 -9.57 -17.57
N ASP P 365 27.98 -9.79 -18.63
CA ASP P 365 29.27 -10.45 -18.47
C ASP P 365 30.13 -9.67 -17.50
N MET P 366 30.80 -10.38 -16.63
CA MET P 366 31.74 -9.74 -15.73
C MET P 366 33.14 -10.35 -15.83
N PHE P 367 33.24 -11.64 -16.11
CA PHE P 367 34.54 -12.27 -16.32
C PHE P 367 34.88 -12.17 -17.80
N VAL P 368 35.14 -10.94 -18.19
CA VAL P 368 35.36 -10.57 -19.57
C VAL P 368 36.81 -10.82 -19.94
N VAL P 369 37.06 -10.94 -21.23
CA VAL P 369 38.41 -11.13 -21.72
C VAL P 369 39.31 -10.02 -21.24
N SER Q 19 17.76 32.95 18.74
CA SER Q 19 16.44 33.27 18.13
C SER Q 19 15.90 32.05 17.40
N PRO Q 20 14.58 31.80 17.37
CA PRO Q 20 14.01 30.69 16.59
C PRO Q 20 14.42 30.72 15.11
N VAL Q 21 14.18 31.83 14.41
CA VAL Q 21 14.49 31.91 12.95
C VAL Q 21 16.01 31.85 12.74
N ASP Q 22 16.79 32.50 13.61
CA ASP Q 22 18.27 32.44 13.50
C ASP Q 22 18.74 31.05 13.91
N GLY Q 23 17.95 30.34 14.73
CA GLY Q 23 18.30 28.97 15.13
C GLY Q 23 18.18 28.04 13.94
N ILE Q 24 17.19 28.28 13.07
CA ILE Q 24 17.11 27.45 11.84
C ILE Q 24 18.18 27.96 10.86
N ARG Q 25 18.50 29.26 10.90
CA ARG Q 25 19.53 29.84 10.00
C ARG Q 25 20.88 29.21 10.37
N ARG Q 26 20.99 28.74 11.61
CA ARG Q 26 22.25 28.08 12.06
C ARG Q 26 22.31 26.68 11.44
N ARG Q 27 21.18 25.98 11.40
CA ARG Q 27 21.16 24.64 10.75
C ARG Q 27 21.49 24.83 9.26
N LEU Q 28 21.12 25.97 8.68
CA LEU Q 28 21.44 26.23 7.25
C LEU Q 28 22.95 26.19 7.05
N ASP Q 29 23.73 26.69 8.02
CA ASP Q 29 25.22 26.61 7.90
C ASP Q 29 25.76 25.35 8.59
N ASP Q 30 24.91 24.45 9.09
CA ASP Q 30 25.41 23.18 9.66
C ASP Q 30 25.76 22.23 8.51
N PRO Q 31 27.00 21.73 8.39
CA PRO Q 31 27.42 20.89 7.25
C PRO Q 31 26.48 19.74 6.87
N GLN Q 32 26.22 18.81 7.79
CA GLN Q 32 25.36 17.64 7.50
C GLN Q 32 23.96 18.11 7.08
N VAL Q 33 23.38 19.06 7.81
CA VAL Q 33 22.05 19.62 7.42
C VAL Q 33 22.18 20.22 6.02
N ALA Q 34 23.23 21.01 5.78
CA ALA Q 34 23.42 21.66 4.47
C ALA Q 34 23.51 20.59 3.39
N GLU Q 35 24.31 19.55 3.62
CA GLU Q 35 24.51 18.47 2.64
C GLU Q 35 23.15 17.87 2.26
N ALA Q 36 22.32 17.53 3.26
CA ALA Q 36 21.01 16.92 3.02
C ALA Q 36 20.09 17.89 2.25
N LEU Q 37 20.08 19.17 2.65
CA LEU Q 37 19.23 20.18 1.99
C LEU Q 37 19.68 20.34 0.53
N ASN Q 38 21.00 20.34 0.31
CA ASN Q 38 21.55 20.51 -1.06
C ASN Q 38 21.19 19.26 -1.87
N SER Q 39 21.12 18.11 -1.22
CA SER Q 39 20.70 16.86 -1.92
C SER Q 39 19.20 16.93 -2.21
N LEU Q 40 18.44 17.59 -1.35
CA LEU Q 40 16.99 17.78 -1.63
C LEU Q 40 16.88 18.72 -2.82
N LEU Q 41 17.75 19.74 -2.89
CA LEU Q 41 17.74 20.69 -4.03
C LEU Q 41 18.28 19.98 -5.28
N ASP Q 42 19.04 18.90 -5.10
CA ASP Q 42 19.53 18.11 -6.27
C ASP Q 42 18.32 17.45 -6.95
N HIS Q 43 17.56 16.64 -6.21
CA HIS Q 43 16.41 15.92 -6.81
C HIS Q 43 15.12 16.71 -6.57
N ALA Q 44 15.21 18.04 -6.58
CA ALA Q 44 14.01 18.90 -6.41
C ALA Q 44 13.07 18.66 -7.59
N ASP Q 45 13.63 18.52 -8.80
CA ASP Q 45 12.80 18.29 -10.01
C ASP Q 45 11.88 17.08 -9.76
N LEU Q 46 12.42 15.99 -9.25
CA LEU Q 46 11.63 14.75 -9.02
C LEU Q 46 10.49 15.04 -8.05
N LEU Q 47 10.79 15.74 -6.96
CA LEU Q 47 9.70 16.13 -6.01
C LEU Q 47 8.66 16.95 -6.78
N ALA Q 48 9.10 17.98 -7.52
CA ALA Q 48 8.20 18.84 -8.29
C ALA Q 48 7.34 17.96 -9.21
N VAL Q 49 7.96 17.06 -9.96
CA VAL Q 49 7.20 16.20 -10.92
C VAL Q 49 6.25 15.27 -10.17
N LEU Q 50 6.62 14.79 -8.99
CA LEU Q 50 5.70 13.84 -8.31
C LEU Q 50 4.48 14.63 -7.82
N VAL Q 51 4.69 15.84 -7.28
CA VAL Q 51 3.58 16.72 -6.82
C VAL Q 51 2.76 17.15 -8.03
N LYS Q 52 3.41 17.48 -9.16
CA LYS Q 52 2.66 17.82 -10.40
C LYS Q 52 1.85 16.59 -10.84
N GLY Q 53 2.45 15.41 -10.83
CA GLY Q 53 1.72 14.16 -11.13
C GLY Q 53 0.53 13.98 -10.22
N LEU Q 54 0.69 14.26 -8.93
CA LEU Q 54 -0.41 14.15 -7.93
C LEU Q 54 -1.48 15.20 -8.26
N ASP Q 55 -1.08 16.43 -8.51
CA ASP Q 55 -2.01 17.49 -8.92
C ASP Q 55 -2.77 17.03 -10.15
N GLY Q 56 -2.06 16.55 -11.17
CA GLY Q 56 -2.69 16.03 -12.39
C GLY Q 56 -3.70 14.96 -12.04
N PHE Q 57 -3.26 13.95 -11.29
CA PHE Q 57 -4.14 12.83 -10.90
C PHE Q 57 -5.38 13.37 -10.16
N VAL Q 58 -5.19 14.40 -9.33
CA VAL Q 58 -6.31 14.99 -8.55
C VAL Q 58 -7.27 15.68 -9.52
N ARG Q 59 -6.74 16.46 -10.46
CA ARG Q 59 -7.63 17.21 -11.38
C ARG Q 59 -8.22 16.27 -12.42
N ARG Q 60 -7.79 15.01 -12.44
CA ARG Q 60 -8.39 14.01 -13.35
C ARG Q 60 -9.03 12.93 -12.49
N GLY Q 61 -9.21 13.19 -11.20
CA GLY Q 61 -9.81 12.21 -10.27
C GLY Q 61 -11.25 11.91 -10.64
N ASP Q 62 -11.95 12.92 -11.15
CA ASP Q 62 -13.35 12.71 -11.65
C ASP Q 62 -13.29 11.79 -12.87
N ASP Q 63 -12.33 12.03 -13.78
CA ASP Q 63 -12.18 11.20 -15.00
C ASP Q 63 -11.78 9.78 -14.63
N ILE Q 64 -10.93 9.61 -13.63
CA ILE Q 64 -10.47 8.25 -13.19
C ILE Q 64 -11.64 7.54 -12.51
N ALA Q 65 -12.47 8.29 -11.78
CA ALA Q 65 -13.65 7.72 -11.10
C ALA Q 65 -14.64 7.26 -12.16
N ASN Q 66 -14.81 8.04 -13.23
CA ASN Q 66 -15.70 7.64 -14.35
C ASN Q 66 -15.13 6.40 -15.04
N ASN Q 67 -13.80 6.28 -15.10
CA ASN Q 67 -13.14 5.11 -15.74
C ASN Q 67 -13.39 3.87 -14.88
N LEU Q 68 -13.38 4.03 -13.56
CA LEU Q 68 -13.60 2.88 -12.63
C LEU Q 68 -15.08 2.54 -12.64
N THR Q 69 -15.92 3.52 -12.90
CA THR Q 69 -17.39 3.32 -12.93
C THR Q 69 -17.72 2.52 -14.19
N SER Q 70 -17.14 2.90 -15.33
CA SER Q 70 -17.39 2.19 -16.60
C SER Q 70 -16.78 0.78 -16.52
N ALA Q 71 -15.65 0.63 -15.84
CA ALA Q 71 -15.01 -0.70 -15.68
C ALA Q 71 -15.89 -1.61 -14.82
N ILE Q 72 -16.34 -1.13 -13.66
CA ILE Q 72 -17.22 -1.92 -12.76
C ILE Q 72 -18.54 -2.18 -13.50
N GLY Q 73 -19.05 -1.18 -14.23
CA GLY Q 73 -20.31 -1.31 -14.97
C GLY Q 73 -20.22 -2.37 -16.06
N GLU Q 74 -19.01 -2.61 -16.57
CA GLU Q 74 -18.84 -3.70 -17.56
C GLU Q 74 -18.93 -5.03 -16.79
N LEU Q 75 -18.27 -5.12 -15.64
CA LEU Q 75 -18.21 -6.41 -14.90
C LEU Q 75 -19.60 -6.95 -14.57
N LYS Q 76 -20.54 -6.08 -14.19
CA LYS Q 76 -21.88 -6.55 -13.74
C LYS Q 76 -22.63 -7.27 -14.87
N ALA Q 77 -22.50 -6.78 -16.12
CA ALA Q 77 -23.27 -7.34 -17.25
C ALA Q 77 -22.96 -8.82 -17.45
N LEU Q 78 -21.69 -9.23 -17.25
CA LEU Q 78 -21.31 -10.64 -17.55
C LEU Q 78 -22.17 -11.59 -16.72
N ASN Q 79 -22.71 -12.64 -17.35
CA ASN Q 79 -23.63 -13.58 -16.64
C ASN Q 79 -23.12 -15.01 -16.75
N ALA Q 80 -23.00 -15.72 -15.62
CA ALA Q 80 -22.62 -17.15 -15.64
C ALA Q 80 -23.56 -17.91 -14.69
N ALA Q 81 -23.87 -19.16 -14.99
CA ALA Q 81 -24.85 -19.93 -14.17
C ALA Q 81 -24.39 -19.95 -12.71
N ASP Q 82 -25.30 -19.62 -11.78
CA ASP Q 82 -24.95 -19.68 -10.32
C ASP Q 82 -26.02 -20.47 -9.57
N THR Q 83 -25.62 -21.43 -8.73
CA THR Q 83 -26.60 -22.20 -7.91
C THR Q 83 -26.13 -22.25 -6.45
N PRO Q 84 -26.97 -21.92 -5.45
CA PRO Q 84 -26.57 -22.04 -4.03
C PRO Q 84 -27.16 -23.26 -3.30
N ILE Q 85 -26.30 -24.20 -2.89
CA ILE Q 85 -26.76 -25.40 -2.11
C ILE Q 85 -25.79 -25.67 -0.96
N PRO Q 86 -25.76 -24.86 0.13
CA PRO Q 86 -24.79 -25.04 1.22
C PRO Q 86 -25.21 -26.01 2.34
N ALA Q 87 -25.14 -27.32 2.09
CA ALA Q 87 -25.47 -28.32 3.14
C ALA Q 87 -24.40 -29.41 3.20
N LEU Q 88 -23.20 -29.09 3.69
CA LEU Q 88 -22.10 -30.08 3.78
C LEU Q 88 -21.93 -30.54 5.23
N ALA Q 89 -22.83 -30.15 6.12
CA ALA Q 89 -22.68 -30.46 7.57
C ALA Q 89 -22.54 -31.96 7.82
N ALA Q 90 -23.30 -32.81 7.12
CA ALA Q 90 -23.30 -34.25 7.43
C ALA Q 90 -21.98 -34.90 7.01
N LEU Q 91 -21.08 -34.17 6.35
CA LEU Q 91 -19.76 -34.72 6.01
C LEU Q 91 -19.01 -35.07 7.30
N LYS Q 92 -19.16 -34.25 8.34
CA LYS Q 92 -18.54 -34.56 9.64
C LYS Q 92 -19.15 -35.87 10.15
N ASP Q 93 -20.46 -36.03 9.99
CA ASP Q 93 -21.15 -37.27 10.42
C ASP Q 93 -20.57 -38.42 9.58
N VAL Q 94 -20.32 -38.16 8.29
CA VAL Q 94 -19.74 -39.19 7.40
C VAL Q 94 -18.35 -39.56 7.92
N ASP Q 95 -17.98 -40.84 7.89
CA ASP Q 95 -16.61 -41.24 8.28
C ASP Q 95 -15.77 -40.99 7.04
N LEU Q 96 -15.46 -39.72 6.76
CA LEU Q 96 -14.74 -39.38 5.50
C LEU Q 96 -13.37 -40.09 5.51
N ALA Q 97 -12.67 -40.07 6.64
CA ALA Q 97 -11.32 -40.66 6.68
C ALA Q 97 -11.42 -42.16 6.41
N GLY Q 98 -12.37 -42.84 7.06
CA GLY Q 98 -12.54 -44.29 6.84
C GLY Q 98 -12.98 -44.59 5.42
N LEU Q 99 -13.92 -43.80 4.90
CA LEU Q 99 -14.46 -44.05 3.55
C LEU Q 99 -13.34 -43.89 2.51
N ALA Q 100 -12.46 -42.90 2.70
CA ALA Q 100 -11.36 -42.67 1.74
C ALA Q 100 -10.50 -43.94 1.71
N ASN Q 101 -10.27 -44.55 2.87
CA ASN Q 101 -9.50 -45.82 2.91
C ASN Q 101 -10.24 -46.89 2.11
N SER Q 102 -11.57 -46.98 2.27
CA SER Q 102 -12.36 -48.01 1.55
C SER Q 102 -12.24 -47.78 0.05
N LEU Q 103 -12.39 -46.52 -0.39
CA LEU Q 103 -12.34 -46.19 -1.84
C LEU Q 103 -10.93 -46.49 -2.37
N ALA Q 104 -9.90 -46.11 -1.62
CA ALA Q 104 -8.50 -46.30 -2.08
C ALA Q 104 -8.22 -47.80 -2.23
N THR Q 105 -8.68 -48.60 -1.26
CA THR Q 105 -8.44 -50.06 -1.31
C THR Q 105 -9.12 -50.62 -2.56
N LEU Q 106 -10.31 -50.12 -2.87
CA LEU Q 106 -11.06 -50.69 -4.01
C LEU Q 106 -10.70 -50.03 -5.34
N SER Q 107 -9.91 -48.94 -5.35
CA SER Q 107 -9.70 -48.26 -6.64
C SER Q 107 -8.99 -49.13 -7.67
N GLY Q 108 -7.95 -49.86 -7.26
CA GLY Q 108 -7.23 -50.78 -8.14
C GLY Q 108 -8.11 -51.94 -8.62
N GLY Q 109 -9.08 -52.37 -7.80
CA GLY Q 109 -10.10 -53.35 -8.16
C GLY Q 109 -11.16 -52.77 -9.10
N LEU Q 110 -11.70 -51.58 -8.78
CA LEU Q 110 -12.70 -50.86 -9.57
C LEU Q 110 -12.21 -50.57 -10.99
N VAL Q 111 -11.00 -50.02 -11.13
CA VAL Q 111 -10.40 -49.70 -12.44
C VAL Q 111 -10.28 -50.95 -13.31
N LYS Q 112 -9.78 -52.06 -12.75
CA LYS Q 112 -9.68 -53.36 -13.44
C LYS Q 112 -11.05 -53.98 -13.73
N ALA Q 113 -12.03 -53.80 -12.85
CA ALA Q 113 -13.38 -54.33 -13.00
C ALA Q 113 -14.25 -53.52 -13.98
N THR Q 114 -13.80 -52.34 -14.45
CA THR Q 114 -14.53 -51.49 -15.40
C THR Q 114 -15.16 -52.24 -16.59
N PRO Q 115 -14.49 -53.21 -17.27
CA PRO Q 115 -15.12 -53.97 -18.36
C PRO Q 115 -16.27 -54.86 -17.88
N ALA Q 116 -16.14 -55.49 -16.71
CA ALA Q 116 -17.20 -56.30 -16.10
C ALA Q 116 -18.38 -55.45 -15.64
N LEU Q 117 -18.09 -54.29 -15.02
CA LEU Q 117 -19.10 -53.32 -14.60
C LEU Q 117 -19.86 -52.75 -15.81
N ASN Q 118 -19.16 -52.47 -16.93
CA ASN Q 118 -19.81 -52.02 -18.16
C ASN Q 118 -20.71 -53.11 -18.74
N ALA Q 119 -20.24 -54.37 -18.81
CA ALA Q 119 -21.04 -55.48 -19.29
C ALA Q 119 -22.30 -55.74 -18.44
N VAL Q 120 -22.22 -55.53 -17.11
CA VAL Q 120 -23.42 -55.53 -16.25
C VAL Q 120 -24.33 -54.36 -16.62
N LEU Q 121 -23.81 -53.12 -16.67
CA LEU Q 121 -24.61 -51.93 -17.01
C LEU Q 121 -25.29 -52.05 -18.37
N ASP Q 122 -24.60 -52.55 -19.41
CA ASP Q 122 -25.15 -52.76 -20.74
C ASP Q 122 -26.41 -53.65 -20.69
N SER Q 123 -26.38 -54.72 -19.89
CA SER Q 123 -27.56 -55.59 -19.67
C SER Q 123 -28.70 -54.91 -18.89
N LEU Q 124 -28.42 -53.84 -18.15
CA LEU Q 124 -29.41 -52.97 -17.50
C LEU Q 124 -29.93 -51.84 -18.41
N THR Q 125 -29.21 -51.49 -19.48
CA THR Q 125 -29.66 -50.46 -20.45
C THR Q 125 -30.78 -50.96 -21.36
N ASP Q 126 -30.94 -52.27 -21.51
CA ASP Q 126 -32.11 -52.85 -22.16
C ASP Q 126 -33.32 -52.78 -21.23
N GLN Q 127 -34.43 -52.20 -21.73
CA GLN Q 127 -35.68 -52.09 -20.97
C GLN Q 127 -36.15 -53.44 -20.41
N ARG Q 128 -35.89 -54.55 -21.12
CA ARG Q 128 -36.23 -55.91 -20.67
C ARG Q 128 -35.44 -56.31 -19.42
N GLY Q 129 -34.22 -55.81 -19.24
CA GLY Q 129 -33.41 -56.01 -18.04
C GLY Q 129 -34.01 -55.27 -16.84
N ALA Q 130 -34.43 -54.01 -17.02
CA ALA Q 130 -35.15 -53.24 -16.01
C ALA Q 130 -36.47 -53.92 -15.59
N GLU Q 131 -37.28 -54.37 -16.56
CA GLU Q 131 -38.52 -55.11 -16.31
C GLU Q 131 -38.29 -56.42 -15.54
N VAL Q 132 -37.25 -57.18 -15.88
CA VAL Q 132 -36.90 -58.44 -15.19
C VAL Q 132 -36.47 -58.18 -13.75
N LEU Q 133 -35.68 -57.15 -13.48
CA LEU Q 133 -35.26 -56.81 -12.12
C LEU Q 133 -36.42 -56.28 -11.27
N SER Q 134 -37.28 -55.43 -11.83
CA SER Q 134 -38.54 -55.02 -11.20
C SER Q 134 -39.40 -56.23 -10.83
N ALA Q 135 -39.59 -57.16 -11.77
CA ALA Q 135 -40.38 -58.37 -11.54
C ALA Q 135 -39.77 -59.31 -10.48
N LEU Q 136 -38.44 -59.38 -10.36
CA LEU Q 136 -37.75 -60.15 -9.31
C LEU Q 136 -37.87 -59.49 -7.93
N GLY Q 137 -37.68 -58.17 -7.85
CA GLY Q 137 -37.82 -57.41 -6.62
C GLY Q 137 -39.25 -57.50 -6.05
N ASP Q 138 -40.25 -57.25 -6.88
CA ASP Q 138 -41.66 -57.42 -6.53
C ASP Q 138 -41.99 -58.86 -6.08
N ALA Q 139 -41.38 -59.87 -6.72
CA ALA Q 139 -41.62 -61.26 -6.38
C ALA Q 139 -41.05 -61.63 -5.00
N LEU Q 140 -39.88 -61.10 -4.62
CA LEU Q 140 -39.29 -61.26 -3.30
C LEU Q 140 -40.14 -60.55 -2.22
N VAL Q 141 -40.52 -59.29 -2.47
CA VAL Q 141 -41.33 -58.45 -1.56
C VAL Q 141 -42.72 -59.05 -1.35
N ALA Q 142 -43.40 -59.49 -2.42
CA ALA Q 142 -44.70 -60.14 -2.32
C ALA Q 142 -44.61 -61.47 -1.56
N ALA Q 143 -43.61 -62.30 -1.87
CA ALA Q 143 -43.46 -63.64 -1.28
C ALA Q 143 -43.33 -63.63 0.24
N ARG Q 144 -42.86 -62.53 0.84
CA ARG Q 144 -42.78 -62.41 2.33
C ARG Q 144 -44.19 -62.42 2.94
N THR Q 145 -45.23 -62.11 2.16
CA THR Q 145 -46.63 -62.01 2.59
C THR Q 145 -47.57 -63.05 1.98
N SER Q 146 -47.29 -63.56 0.77
CA SER Q 146 -48.19 -64.46 0.04
C SER Q 146 -47.77 -65.95 0.05
N ALA Q 147 -46.62 -66.29 0.62
CA ALA Q 147 -46.10 -67.66 0.59
C ALA Q 147 -47.00 -68.69 1.30
N PRO Q 148 -47.24 -69.88 0.71
CA PRO Q 148 -48.12 -70.88 1.30
C PRO Q 148 -47.52 -71.54 2.55
N PRO Q 149 -48.34 -71.96 3.54
CA PRO Q 149 -47.85 -72.60 4.76
C PRO Q 149 -46.90 -73.79 4.52
N ALA Q 150 -45.88 -73.89 5.38
CA ALA Q 150 -44.76 -74.81 5.19
C ALA Q 150 -45.17 -76.27 4.95
N PRO Q 151 -44.66 -76.96 3.90
CA PRO Q 151 -44.88 -78.38 3.68
C PRO Q 151 -44.37 -79.25 4.85
N ARG Q 152 -45.30 -79.78 5.65
CA ARG Q 152 -44.98 -80.70 6.75
C ARG Q 152 -44.58 -82.09 6.22
N GLY Q 153 -43.28 -82.38 6.25
CA GLY Q 153 -42.72 -83.68 5.91
C GLY Q 153 -42.73 -84.02 4.42
N VAL Q 154 -42.08 -85.13 4.05
CA VAL Q 154 -41.87 -85.54 2.64
C VAL Q 154 -43.18 -85.66 1.84
N ARG Q 155 -44.28 -86.07 2.50
CA ARG Q 155 -45.62 -86.11 1.88
C ARG Q 155 -46.20 -84.70 1.65
N GLY Q 156 -46.01 -83.78 2.59
CA GLY Q 156 -46.35 -82.36 2.43
C GLY Q 156 -45.54 -81.73 1.30
N MET Q 157 -44.22 -81.93 1.29
CA MET Q 157 -43.31 -81.42 0.27
C MET Q 157 -43.72 -81.87 -1.14
N TRP Q 158 -44.02 -83.15 -1.32
CA TRP Q 158 -44.54 -83.65 -2.60
C TRP Q 158 -45.92 -83.09 -2.96
N LYS Q 159 -46.81 -82.85 -1.98
CA LYS Q 159 -48.11 -82.20 -2.22
C LYS Q 159 -47.91 -80.75 -2.71
N THR Q 160 -47.04 -79.97 -2.06
CA THR Q 160 -46.74 -78.58 -2.44
C THR Q 160 -46.09 -78.51 -3.82
N LEU Q 161 -45.05 -79.32 -4.09
CA LEU Q 161 -44.43 -79.40 -5.43
C LEU Q 161 -45.43 -79.83 -6.51
N ARG Q 162 -46.37 -80.74 -6.22
CA ARG Q 162 -47.43 -81.16 -7.15
C ARG Q 162 -48.54 -80.12 -7.31
N ALA Q 163 -48.71 -79.19 -6.37
CA ALA Q 163 -49.58 -78.03 -6.52
C ALA Q 163 -48.90 -76.96 -7.39
N ALA Q 164 -47.65 -76.60 -7.08
CA ALA Q 164 -46.83 -75.69 -7.87
C ALA Q 164 -46.71 -76.15 -9.34
N ALA Q 165 -46.47 -77.43 -9.60
CA ALA Q 165 -46.43 -77.99 -10.95
C ALA Q 165 -47.81 -78.10 -11.66
N LYS Q 166 -48.88 -77.55 -11.09
CA LYS Q 166 -50.17 -77.30 -11.77
C LYS Q 166 -50.42 -75.82 -12.06
N ASP Q 167 -49.73 -74.94 -11.36
CA ASP Q 167 -49.94 -73.51 -11.38
C ASP Q 167 -49.39 -72.91 -12.69
N PRO Q 168 -50.18 -72.12 -13.43
CA PRO Q 168 -49.75 -71.58 -14.74
C PRO Q 168 -48.70 -70.47 -14.62
N ASP Q 169 -48.60 -69.81 -13.47
CA ASP Q 169 -47.70 -68.70 -13.21
C ASP Q 169 -46.34 -69.24 -12.75
N VAL Q 170 -46.32 -70.23 -11.84
CA VAL Q 170 -45.12 -71.07 -11.62
C VAL Q 170 -44.68 -71.73 -12.93
N GLY Q 171 -45.63 -72.09 -13.80
CA GLY Q 171 -45.36 -72.57 -15.15
C GLY Q 171 -44.53 -71.57 -15.97
N ARG Q 172 -44.93 -70.29 -16.04
CA ARG Q 172 -44.18 -69.23 -16.72
C ARG Q 172 -42.81 -69.02 -16.11
N GLY Q 173 -42.71 -68.94 -14.78
CA GLY Q 173 -41.42 -68.83 -14.07
C GLY Q 173 -40.44 -69.97 -14.40
N VAL Q 174 -40.92 -71.23 -14.44
CA VAL Q 174 -40.08 -72.37 -14.82
C VAL Q 174 -39.72 -72.39 -16.30
N SER Q 175 -40.63 -71.97 -17.20
CA SER Q 175 -40.28 -71.76 -18.62
C SER Q 175 -39.16 -70.74 -18.79
N TYR Q 176 -39.24 -69.61 -18.09
CA TYR Q 176 -38.22 -68.55 -18.12
C TYR Q 176 -36.88 -69.03 -17.55
N LEU Q 177 -36.86 -69.74 -16.41
CA LEU Q 177 -35.60 -70.26 -15.85
C LEU Q 177 -34.93 -71.32 -16.74
N ILE Q 178 -35.72 -72.13 -17.46
CA ILE Q 178 -35.20 -73.05 -18.50
C ILE Q 178 -34.65 -72.27 -19.70
N GLU Q 179 -35.27 -71.14 -20.05
CA GLU Q 179 -34.81 -70.26 -21.12
C GLU Q 179 -33.47 -69.60 -20.79
N VAL Q 180 -33.35 -68.98 -19.61
CA VAL Q 180 -32.09 -68.40 -19.10
C VAL Q 180 -30.99 -69.45 -19.09
N ALA Q 181 -31.27 -70.66 -18.59
CA ALA Q 181 -30.31 -71.76 -18.59
C ALA Q 181 -29.90 -72.21 -20.00
N ARG Q 182 -30.76 -72.05 -21.02
CA ARG Q 182 -30.42 -72.30 -22.43
C ARG Q 182 -29.56 -71.19 -23.01
N VAL Q 183 -29.97 -69.92 -22.86
CA VAL Q 183 -29.24 -68.80 -23.47
C VAL Q 183 -27.87 -68.60 -22.82
N PHE Q 184 -27.78 -68.69 -21.49
CA PHE Q 184 -26.49 -68.70 -20.78
C PHE Q 184 -25.64 -69.89 -21.25
N GLY Q 185 -26.23 -71.08 -21.29
CA GLY Q 185 -25.60 -72.29 -21.82
C GLY Q 185 -25.28 -72.26 -23.32
N SER Q 186 -25.79 -71.30 -24.09
CA SER Q 186 -25.37 -71.08 -25.47
C SER Q 186 -24.10 -70.23 -25.59
N LYS Q 187 -23.79 -69.43 -24.55
CA LYS Q 187 -22.68 -68.49 -24.46
C LYS Q 187 -21.47 -69.03 -23.69
N VAL Q 188 -21.65 -69.98 -22.78
CA VAL Q 188 -20.55 -70.69 -22.08
C VAL Q 188 -20.12 -71.99 -22.77
N SER R 19 4.10 42.10 4.11
CA SER R 19 4.67 41.17 3.10
C SER R 19 4.41 39.73 3.52
N PRO R 20 3.81 38.88 2.67
CA PRO R 20 3.61 37.46 3.00
C PRO R 20 4.90 36.68 3.30
N VAL R 21 6.04 37.06 2.71
CA VAL R 21 7.32 36.37 3.07
C VAL R 21 7.70 36.74 4.51
N ASP R 22 7.35 37.95 4.95
CA ASP R 22 7.62 38.34 6.37
C ASP R 22 6.51 37.75 7.24
N GLY R 23 5.34 37.48 6.66
CA GLY R 23 4.30 36.80 7.44
C GLY R 23 4.86 35.47 7.91
N ILE R 24 5.56 34.75 7.02
CA ILE R 24 6.11 33.41 7.37
C ILE R 24 7.45 33.58 8.10
N ARG R 25 8.09 34.74 8.00
CA ARG R 25 9.33 34.96 8.79
C ARG R 25 8.90 35.15 10.24
N ARG R 26 7.72 35.74 10.45
CA ARG R 26 7.18 35.89 11.84
C ARG R 26 6.66 34.52 12.29
N ARG R 27 6.14 33.72 11.36
CA ARG R 27 5.71 32.35 11.73
C ARG R 27 6.96 31.50 12.02
N LEU R 28 8.12 31.92 11.48
CA LEU R 28 9.39 31.21 11.77
C LEU R 28 9.88 31.63 13.16
N ASP R 29 9.26 32.65 13.74
CA ASP R 29 9.62 33.06 15.13
C ASP R 29 8.69 32.36 16.12
N ASP R 30 7.84 31.44 15.65
CA ASP R 30 6.94 30.70 16.56
C ASP R 30 7.70 29.56 17.29
N PRO R 31 7.84 29.49 18.65
CA PRO R 31 8.54 28.36 19.27
C PRO R 31 8.15 26.97 18.74
N GLN R 32 6.86 26.66 18.65
CA GLN R 32 6.40 25.32 18.22
C GLN R 32 6.73 25.10 16.74
N VAL R 33 6.48 26.09 15.89
CA VAL R 33 6.82 25.95 14.45
C VAL R 33 8.34 25.79 14.33
N ALA R 34 9.10 26.59 15.07
CA ALA R 34 10.58 26.51 15.03
C ALA R 34 11.02 25.11 15.46
N GLU R 35 10.46 24.62 16.57
CA GLU R 35 10.83 23.28 17.10
C GLU R 35 10.62 22.22 16.01
N ALA R 36 9.45 22.23 15.36
CA ALA R 36 9.13 21.23 14.31
C ALA R 36 10.10 21.38 13.13
N LEU R 37 10.36 22.61 12.69
CA LEU R 37 11.27 22.85 11.54
C LEU R 37 12.68 22.38 11.91
N ASN R 38 13.09 22.57 13.16
CA ASN R 38 14.41 22.11 13.62
C ASN R 38 14.45 20.58 13.62
N SER R 39 13.37 19.93 14.02
CA SER R 39 13.31 18.45 14.03
C SER R 39 13.30 17.93 12.59
N LEU R 40 12.71 18.70 11.68
CA LEU R 40 12.73 18.30 10.25
C LEU R 40 14.17 18.39 9.77
N LEU R 41 14.88 19.45 10.14
CA LEU R 41 16.28 19.64 9.68
C LEU R 41 17.18 18.62 10.37
N ASP R 42 16.76 18.09 11.52
CA ASP R 42 17.54 17.04 12.22
C ASP R 42 17.50 15.77 11.39
N HIS R 43 16.37 15.49 10.75
CA HIS R 43 16.19 14.23 9.98
C HIS R 43 16.22 14.53 8.48
N ALA R 44 16.70 15.71 8.10
CA ALA R 44 16.79 16.08 6.67
C ALA R 44 17.66 15.06 5.93
N ASP R 45 18.69 14.53 6.59
CA ASP R 45 19.52 13.46 5.98
C ASP R 45 18.64 12.28 5.54
N LEU R 46 17.73 11.81 6.41
CA LEU R 46 16.81 10.70 6.09
C LEU R 46 15.91 11.11 4.92
N LEU R 47 15.35 12.32 4.97
CA LEU R 47 14.54 12.80 3.83
C LEU R 47 15.41 12.80 2.57
N ALA R 48 16.60 13.38 2.64
CA ALA R 48 17.52 13.42 1.48
C ALA R 48 17.74 12.01 0.96
N VAL R 49 18.07 11.06 1.84
CA VAL R 49 18.35 9.67 1.41
C VAL R 49 17.10 9.02 0.82
N LEU R 50 15.91 9.33 1.34
CA LEU R 50 14.72 8.65 0.78
C LEU R 50 14.44 9.20 -0.62
N VAL R 51 14.60 10.52 -0.81
CA VAL R 51 14.42 11.15 -2.14
C VAL R 51 15.53 10.64 -3.07
N LYS R 52 16.77 10.54 -2.59
CA LYS R 52 17.87 9.96 -3.41
C LYS R 52 17.52 8.52 -3.78
N GLY R 53 17.05 7.72 -2.82
CA GLY R 53 16.60 6.35 -3.08
C GLY R 53 15.51 6.34 -4.15
N LEU R 54 14.55 7.27 -4.07
CA LEU R 54 13.45 7.38 -5.07
C LEU R 54 14.05 7.75 -6.43
N ASP R 55 14.92 8.76 -6.46
CA ASP R 55 15.62 9.14 -7.70
C ASP R 55 16.32 7.92 -8.27
N GLY R 56 17.09 7.20 -7.45
CA GLY R 56 17.78 5.98 -7.88
C GLY R 56 16.80 5.01 -8.47
N PHE R 57 15.74 4.70 -7.72
CA PHE R 57 14.71 3.74 -8.17
C PHE R 57 14.12 4.21 -9.51
N VAL R 58 13.94 5.51 -9.67
CA VAL R 58 13.34 6.08 -10.92
C VAL R 58 14.33 5.87 -12.05
N ARG R 59 15.60 6.17 -11.83
CA ARG R 59 16.60 6.07 -12.93
C ARG R 59 16.95 4.60 -13.18
N ARG R 60 16.43 3.71 -12.35
CA ARG R 60 16.64 2.26 -12.59
C ARG R 60 15.27 1.63 -12.84
N GLY R 61 14.24 2.45 -13.07
CA GLY R 61 12.88 1.96 -13.31
C GLY R 61 12.80 1.12 -14.57
N ASP R 62 13.59 1.48 -15.57
CA ASP R 62 13.67 0.66 -16.82
C ASP R 62 14.30 -0.68 -16.48
N ASP R 63 15.36 -0.69 -15.67
CA ASP R 63 16.05 -1.94 -15.26
C ASP R 63 15.11 -2.80 -14.40
N ILE R 64 14.32 -2.18 -13.53
CA ILE R 64 13.40 -2.94 -12.65
C ILE R 64 12.25 -3.50 -13.51
N ALA R 65 11.83 -2.75 -14.53
CA ALA R 65 10.77 -3.20 -15.44
C ALA R 65 11.28 -4.40 -16.23
N ASN R 66 12.55 -4.35 -16.67
CA ASN R 66 13.15 -5.49 -17.38
C ASN R 66 13.27 -6.69 -16.43
N ASN R 67 13.50 -6.45 -15.14
CA ASN R 67 13.60 -7.54 -14.13
C ASN R 67 12.23 -8.18 -13.96
N LEU R 68 11.17 -7.38 -13.98
CA LEU R 68 9.79 -7.90 -13.80
C LEU R 68 9.36 -8.60 -15.09
N THR R 69 9.92 -8.17 -16.21
CA THR R 69 9.58 -8.77 -17.52
C THR R 69 10.23 -10.15 -17.58
N SER R 70 11.49 -10.25 -17.18
CA SER R 70 12.20 -11.55 -17.18
C SER R 70 11.58 -12.48 -16.14
N ALA R 71 11.11 -11.93 -15.02
CA ALA R 71 10.46 -12.76 -13.97
C ALA R 71 9.12 -13.31 -14.48
N ILE R 72 8.28 -12.46 -15.06
CA ILE R 72 6.97 -12.89 -15.62
C ILE R 72 7.25 -13.84 -16.78
N GLY R 73 8.26 -13.55 -17.61
CA GLY R 73 8.61 -14.39 -18.75
C GLY R 73 9.07 -15.77 -18.33
N GLU R 74 9.60 -15.90 -17.12
CA GLU R 74 9.95 -17.24 -16.61
C GLU R 74 8.65 -17.95 -16.23
N LEU R 75 7.78 -17.28 -15.49
CA LEU R 75 6.48 -17.89 -15.09
C LEU R 75 5.64 -18.17 -16.34
N LYS R 76 5.98 -17.54 -17.46
CA LYS R 76 5.26 -17.84 -18.72
C LYS R 76 5.52 -19.29 -19.11
N ALA R 77 6.72 -19.81 -18.85
CA ALA R 77 6.98 -21.25 -19.10
C ALA R 77 6.27 -22.08 -18.03
N LEU R 78 5.22 -22.82 -18.40
CA LEU R 78 4.45 -23.65 -17.43
C LEU R 78 4.19 -25.04 -18.03
N ASN R 79 4.08 -26.07 -17.19
CA ASN R 79 3.90 -27.47 -17.68
C ASN R 79 3.03 -28.30 -16.72
N ALA R 80 2.47 -29.44 -17.20
CA ALA R 80 1.71 -30.39 -16.35
C ALA R 80 0.53 -29.78 -15.58
N ALA R 81 -0.35 -29.03 -16.24
CA ALA R 81 -1.56 -28.53 -15.56
C ALA R 81 -2.77 -28.57 -16.52
N ASP R 82 -3.83 -29.29 -16.17
CA ASP R 82 -5.00 -29.42 -17.08
C ASP R 82 -6.24 -28.82 -16.41
N THR R 83 -6.85 -27.81 -17.05
CA THR R 83 -8.10 -27.19 -16.52
C THR R 83 -9.11 -27.01 -17.64
N PRO R 84 -9.77 -28.07 -18.17
CA PRO R 84 -10.65 -27.92 -19.33
C PRO R 84 -12.18 -27.95 -19.13
N ILE R 85 -12.87 -26.84 -19.45
CA ILE R 85 -14.37 -26.80 -19.44
C ILE R 85 -14.96 -27.40 -18.16
N PRO R 86 -14.58 -26.98 -16.92
CA PRO R 86 -15.24 -27.51 -15.71
C PRO R 86 -16.67 -26.95 -15.57
N ALA R 87 -17.64 -27.81 -15.22
CA ALA R 87 -19.05 -27.38 -15.08
C ALA R 87 -19.72 -28.13 -13.92
N LEU R 88 -20.79 -27.55 -13.34
CA LEU R 88 -21.50 -28.19 -12.20
C LEU R 88 -22.89 -27.56 -12.04
N ALA R 89 -23.94 -28.39 -11.90
CA ALA R 89 -25.32 -27.91 -11.68
C ALA R 89 -26.20 -29.12 -11.36
N ALA R 90 -27.40 -28.89 -10.78
CA ALA R 90 -28.38 -29.98 -10.52
C ALA R 90 -28.03 -30.79 -9.27
N LEU R 91 -26.99 -30.41 -8.54
CA LEU R 91 -26.71 -31.09 -7.25
C LEU R 91 -27.87 -30.75 -6.30
N LYS R 92 -28.51 -29.59 -6.52
CA LYS R 92 -29.68 -29.18 -5.70
C LYS R 92 -30.80 -30.20 -5.89
N ASP R 93 -31.02 -30.64 -7.12
CA ASP R 93 -32.08 -31.65 -7.41
C ASP R 93 -31.73 -32.92 -6.64
N VAL R 94 -30.44 -33.27 -6.60
CA VAL R 94 -29.99 -34.45 -5.80
C VAL R 94 -30.32 -34.17 -4.34
N ASP R 95 -30.77 -35.18 -3.59
CA ASP R 95 -31.00 -34.98 -2.14
C ASP R 95 -29.63 -35.10 -1.48
N LEU R 96 -28.78 -34.08 -1.61
CA LEU R 96 -27.40 -34.17 -1.09
C LEU R 96 -27.45 -34.36 0.43
N ALA R 97 -28.33 -33.61 1.11
CA ALA R 97 -28.40 -33.70 2.58
C ALA R 97 -28.85 -35.12 2.95
N GLY R 98 -29.86 -35.64 2.26
CA GLY R 98 -30.32 -37.01 2.52
C GLY R 98 -29.25 -38.03 2.16
N LEU R 99 -28.58 -37.83 1.02
CA LEU R 99 -27.53 -38.77 0.58
C LEU R 99 -26.38 -38.76 1.59
N ALA R 100 -26.03 -37.58 2.11
CA ALA R 100 -24.97 -37.48 3.14
C ALA R 100 -25.42 -38.23 4.40
N ASN R 101 -26.70 -38.10 4.78
CA ASN R 101 -27.22 -38.86 5.95
C ASN R 101 -27.15 -40.35 5.63
N SER R 102 -27.54 -40.72 4.41
CA SER R 102 -27.50 -42.14 3.99
C SER R 102 -26.05 -42.62 4.03
N LEU R 103 -25.14 -41.80 3.50
CA LEU R 103 -23.72 -42.19 3.42
C LEU R 103 -23.17 -42.38 4.83
N ALA R 104 -23.54 -41.49 5.76
CA ALA R 104 -23.05 -41.60 7.16
C ALA R 104 -23.57 -42.89 7.77
N THR R 105 -24.84 -43.22 7.52
CA THR R 105 -25.42 -44.48 8.04
C THR R 105 -24.68 -45.64 7.40
N LEU R 106 -24.23 -45.47 6.16
CA LEU R 106 -23.58 -46.56 5.44
C LEU R 106 -22.05 -46.56 5.59
N SER R 107 -21.40 -45.45 5.97
CA SER R 107 -19.93 -45.34 5.98
C SER R 107 -19.26 -46.38 6.88
N GLY R 108 -19.75 -46.55 8.10
CA GLY R 108 -19.25 -47.57 9.03
C GLY R 108 -19.45 -49.00 8.52
N GLY R 109 -20.48 -49.24 7.69
CA GLY R 109 -20.71 -50.50 7.00
C GLY R 109 -19.74 -50.70 5.83
N LEU R 110 -19.58 -49.69 4.97
CA LEU R 110 -18.69 -49.69 3.80
C LEU R 110 -17.22 -49.91 4.18
N VAL R 111 -16.74 -49.23 5.24
CA VAL R 111 -15.36 -49.37 5.73
C VAL R 111 -15.11 -50.81 6.22
N LYS R 112 -16.04 -51.39 6.99
CA LYS R 112 -15.95 -52.78 7.45
C LYS R 112 -16.11 -53.80 6.32
N ALA R 113 -16.97 -53.53 5.33
CA ALA R 113 -17.23 -54.38 4.18
C ALA R 113 -16.13 -54.32 3.10
N THR R 114 -15.14 -53.42 3.23
CA THR R 114 -14.07 -53.24 2.24
C THR R 114 -13.36 -54.54 1.83
N PRO R 115 -13.04 -55.49 2.73
CA PRO R 115 -12.46 -56.78 2.33
C PRO R 115 -13.41 -57.64 1.47
N ALA R 116 -14.72 -57.63 1.79
CA ALA R 116 -15.73 -58.35 1.01
C ALA R 116 -15.95 -57.71 -0.37
N LEU R 117 -15.98 -56.37 -0.42
CA LEU R 117 -16.08 -55.61 -1.66
C LEU R 117 -14.84 -55.84 -2.54
N ASN R 118 -13.63 -55.92 -1.97
CA ASN R 118 -12.43 -56.24 -2.72
C ASN R 118 -12.49 -57.68 -3.28
N ALA R 119 -12.90 -58.65 -2.48
CA ALA R 119 -13.06 -60.04 -2.93
C ALA R 119 -14.08 -60.19 -4.08
N VAL R 120 -15.16 -59.39 -4.07
CA VAL R 120 -16.08 -59.31 -5.22
C VAL R 120 -15.36 -58.69 -6.43
N LEU R 121 -14.72 -57.52 -6.27
CA LEU R 121 -14.00 -56.85 -7.36
C LEU R 121 -12.92 -57.73 -7.99
N ASP R 122 -12.11 -58.44 -7.19
CA ASP R 122 -11.07 -59.36 -7.65
C ASP R 122 -11.66 -60.41 -8.62
N SER R 123 -12.83 -60.98 -8.30
CA SER R 123 -13.54 -61.91 -9.19
C SER R 123 -14.09 -61.27 -10.48
N LEU R 124 -14.27 -59.94 -10.50
CA LEU R 124 -14.61 -59.16 -11.69
C LEU R 124 -13.38 -58.74 -12.51
N THR R 125 -12.18 -58.71 -11.91
CA THR R 125 -10.94 -58.38 -12.63
C THR R 125 -10.45 -59.50 -13.55
N ASP R 126 -10.90 -60.73 -13.32
CA ASP R 126 -10.70 -61.83 -14.27
C ASP R 126 -11.67 -61.67 -15.45
N GLN R 127 -11.13 -61.65 -16.67
CA GLN R 127 -11.92 -61.55 -17.91
C GLN R 127 -13.05 -62.60 -17.97
N ARG R 128 -12.82 -63.81 -17.42
CA ARG R 128 -13.83 -64.88 -17.37
C ARG R 128 -15.03 -64.50 -16.48
N GLY R 129 -14.82 -63.70 -15.44
CA GLY R 129 -15.89 -63.15 -14.61
C GLY R 129 -16.75 -62.14 -15.37
N ALA R 130 -16.10 -61.24 -16.12
CA ALA R 130 -16.78 -60.29 -17.02
C ALA R 130 -17.62 -61.02 -18.09
N GLU R 131 -17.04 -62.03 -18.75
CA GLU R 131 -17.73 -62.88 -19.74
C GLU R 131 -18.94 -63.62 -19.15
N VAL R 132 -18.81 -64.16 -17.94
CA VAL R 132 -19.91 -64.87 -17.25
C VAL R 132 -21.05 -63.92 -16.89
N LEU R 133 -20.77 -62.70 -16.42
CA LEU R 133 -21.81 -61.71 -16.10
C LEU R 133 -22.49 -61.18 -17.36
N SER R 134 -21.75 -60.90 -18.42
CA SER R 134 -22.31 -60.58 -19.74
C SER R 134 -23.26 -61.68 -20.22
N ALA R 135 -22.83 -62.94 -20.15
CA ALA R 135 -23.63 -64.09 -20.56
C ALA R 135 -24.89 -64.28 -19.71
N LEU R 136 -24.86 -63.96 -18.41
CA LEU R 136 -26.03 -64.00 -17.53
C LEU R 136 -27.01 -62.85 -17.82
N GLY R 137 -26.52 -61.63 -18.00
CA GLY R 137 -27.33 -60.46 -18.36
C GLY R 137 -28.07 -60.66 -19.68
N ASP R 138 -27.33 -61.06 -20.73
CA ASP R 138 -27.92 -61.40 -22.03
C ASP R 138 -28.94 -62.54 -21.93
N ALA R 139 -28.71 -63.54 -21.06
CA ALA R 139 -29.63 -64.66 -20.89
C ALA R 139 -30.94 -64.25 -20.23
N LEU R 140 -30.92 -63.32 -19.28
CA LEU R 140 -32.11 -62.72 -18.68
C LEU R 140 -32.89 -61.87 -19.70
N VAL R 141 -32.20 -60.95 -20.37
CA VAL R 141 -32.77 -60.04 -21.39
C VAL R 141 -33.38 -60.81 -22.57
N ALA R 142 -32.70 -61.83 -23.08
CA ALA R 142 -33.24 -62.68 -24.15
C ALA R 142 -34.45 -63.49 -23.68
N ALA R 143 -34.38 -64.08 -22.47
CA ALA R 143 -35.43 -64.96 -21.95
C ALA R 143 -36.80 -64.27 -21.82
N ARG R 144 -36.83 -62.95 -21.64
CA ARG R 144 -38.13 -62.20 -21.61
C ARG R 144 -38.85 -62.34 -22.96
N THR R 145 -38.14 -62.60 -24.06
CA THR R 145 -38.66 -62.68 -25.43
C THR R 145 -38.66 -64.09 -26.03
N SER R 146 -37.75 -64.98 -25.62
CA SER R 146 -37.58 -66.31 -26.24
C SER R 146 -38.15 -67.48 -25.43
N ALA R 147 -38.66 -67.25 -24.22
CA ALA R 147 -39.14 -68.31 -23.32
C ALA R 147 -40.32 -69.12 -23.91
N PRO R 148 -40.31 -70.47 -23.79
CA PRO R 148 -41.35 -71.32 -24.35
C PRO R 148 -42.68 -71.19 -23.58
N PRO R 149 -43.85 -71.33 -24.23
CA PRO R 149 -45.15 -71.23 -23.58
C PRO R 149 -45.31 -72.11 -22.33
N ALA R 150 -46.00 -71.57 -21.32
CA ALA R 150 -46.07 -72.15 -19.99
C ALA R 150 -46.52 -73.63 -19.97
N PRO R 151 -45.79 -74.54 -19.28
CA PRO R 151 -46.22 -75.93 -19.08
C PRO R 151 -47.57 -76.03 -18.35
N ARG R 152 -48.61 -76.41 -19.09
CA ARG R 152 -49.95 -76.64 -18.51
C ARG R 152 -50.00 -77.96 -17.73
N GLY R 153 -50.00 -77.86 -16.40
CA GLY R 153 -50.15 -78.99 -15.49
C GLY R 153 -48.95 -79.93 -15.40
N VAL R 154 -48.99 -80.89 -14.47
CA VAL R 154 -47.87 -81.80 -14.15
C VAL R 154 -47.37 -82.59 -15.38
N ARG R 155 -48.27 -82.93 -16.32
CA ARG R 155 -47.90 -83.58 -17.60
C ARG R 155 -47.18 -82.61 -18.55
N GLY R 156 -47.62 -81.35 -18.63
CA GLY R 156 -46.94 -80.29 -19.36
C GLY R 156 -45.55 -80.01 -18.78
N MET R 157 -45.47 -79.87 -17.45
CA MET R 157 -44.21 -79.62 -16.73
C MET R 157 -43.19 -80.73 -17.01
N TRP R 158 -43.59 -82.00 -16.94
CA TRP R 158 -42.71 -83.11 -17.30
C TRP R 158 -42.33 -83.14 -18.79
N LYS R 159 -43.21 -82.72 -19.70
CA LYS R 159 -42.89 -82.59 -21.13
C LYS R 159 -41.83 -81.50 -21.36
N THR R 160 -41.98 -80.33 -20.73
CA THR R 160 -41.03 -79.21 -20.85
C THR R 160 -39.67 -79.58 -20.24
N LEU R 161 -39.63 -80.14 -19.03
CA LEU R 161 -38.38 -80.62 -18.41
C LEU R 161 -37.70 -81.73 -19.25
N ARG R 162 -38.48 -82.62 -19.89
CA ARG R 162 -37.94 -83.66 -20.80
C ARG R 162 -37.51 -83.11 -22.16
N ALA R 163 -37.99 -81.94 -22.58
CA ALA R 163 -37.49 -81.22 -23.74
C ALA R 163 -36.17 -80.51 -23.41
N ALA R 164 -36.13 -79.74 -22.31
CA ALA R 164 -34.94 -79.09 -21.78
C ALA R 164 -33.79 -80.09 -21.54
N ALA R 165 -34.07 -81.26 -20.95
CA ALA R 165 -33.08 -82.32 -20.76
C ALA R 165 -32.65 -83.08 -22.06
N LYS R 166 -33.08 -82.62 -23.24
CA LYS R 166 -32.51 -83.03 -24.55
C LYS R 166 -31.68 -81.94 -25.21
N ASP R 167 -31.87 -80.70 -24.79
CA ASP R 167 -31.27 -79.52 -25.42
C ASP R 167 -29.78 -79.44 -25.06
N PRO R 168 -28.87 -79.28 -26.04
CA PRO R 168 -27.42 -79.28 -25.80
C PRO R 168 -26.94 -78.01 -25.11
N ASP R 169 -27.69 -76.91 -25.19
CA ASP R 169 -27.33 -75.61 -24.65
C ASP R 169 -27.81 -75.53 -23.19
N VAL R 170 -29.03 -75.98 -22.89
CA VAL R 170 -29.42 -76.31 -21.49
C VAL R 170 -28.46 -77.33 -20.89
N GLY R 171 -27.94 -78.27 -21.71
CA GLY R 171 -26.89 -79.19 -21.32
C GLY R 171 -25.63 -78.48 -20.82
N ARG R 172 -25.10 -77.51 -21.58
CA ARG R 172 -23.93 -76.70 -21.17
C ARG R 172 -24.21 -75.90 -19.90
N GLY R 173 -25.37 -75.23 -19.82
CA GLY R 173 -25.79 -74.50 -18.62
C GLY R 173 -25.84 -75.38 -17.36
N VAL R 174 -26.39 -76.60 -17.45
CA VAL R 174 -26.42 -77.55 -16.31
C VAL R 174 -25.03 -78.10 -15.98
N SER R 175 -24.17 -78.36 -16.97
CA SER R 175 -22.76 -78.71 -16.72
C SER R 175 -22.04 -77.61 -15.94
N TYR R 176 -22.20 -76.35 -16.34
CA TYR R 176 -21.61 -75.19 -15.67
C TYR R 176 -22.15 -75.02 -14.24
N LEU R 177 -23.46 -75.12 -14.00
CA LEU R 177 -24.02 -75.00 -12.65
C LEU R 177 -23.57 -76.14 -11.70
N ILE R 178 -23.36 -77.35 -12.24
CA ILE R 178 -22.76 -78.47 -11.48
C ILE R 178 -21.27 -78.19 -11.18
N GLU R 179 -20.57 -77.52 -12.08
CA GLU R 179 -19.18 -77.11 -11.91
C GLU R 179 -19.01 -76.05 -10.82
N VAL R 180 -19.81 -74.97 -10.88
CA VAL R 180 -19.86 -73.93 -9.83
C VAL R 180 -20.17 -74.56 -8.47
N ALA R 181 -21.16 -75.44 -8.39
CA ALA R 181 -21.49 -76.16 -7.16
C ALA R 181 -20.35 -77.06 -6.65
N ARG R 182 -19.47 -77.56 -7.52
CA ARG R 182 -18.26 -78.31 -7.13
C ARG R 182 -17.16 -77.38 -6.63
N VAL R 183 -16.83 -76.31 -7.35
CA VAL R 183 -15.71 -75.42 -6.98
C VAL R 183 -16.06 -74.58 -5.74
N PHE R 184 -17.30 -74.09 -5.62
CA PHE R 184 -17.77 -73.48 -4.39
C PHE R 184 -17.72 -74.49 -3.23
N GLY R 185 -18.25 -75.70 -3.47
CA GLY R 185 -18.20 -76.81 -2.53
C GLY R 185 -16.80 -77.37 -2.24
N SER R 186 -15.75 -76.99 -2.96
CA SER R 186 -14.37 -77.34 -2.60
C SER R 186 -13.73 -76.29 -1.66
N LYS R 187 -14.29 -75.08 -1.62
CA LYS R 187 -13.84 -73.93 -0.81
C LYS R 187 -14.62 -73.76 0.50
N VAL R 188 -15.86 -74.24 0.59
CA VAL R 188 -16.64 -74.27 1.86
C VAL R 188 -16.51 -75.59 2.63
N SER S 19 30.48 29.53 2.98
CA SER S 19 29.37 29.29 3.95
C SER S 19 28.42 28.24 3.39
N PRO S 20 27.99 27.18 4.15
CA PRO S 20 26.99 26.23 3.65
C PRO S 20 25.63 26.87 3.34
N VAL S 21 25.10 27.70 4.24
CA VAL S 21 23.80 28.39 3.95
C VAL S 21 23.91 29.11 2.61
N ASP S 22 25.06 29.75 2.35
CA ASP S 22 25.16 30.57 1.10
C ASP S 22 25.19 29.63 -0.10
N GLY S 23 25.67 28.39 0.10
CA GLY S 23 25.66 27.39 -0.98
C GLY S 23 24.24 26.91 -1.29
N ILE S 24 23.35 26.88 -0.28
CA ILE S 24 21.94 26.52 -0.57
C ILE S 24 21.27 27.69 -1.29
N ARG S 25 21.71 28.92 -1.00
CA ARG S 25 21.13 30.14 -1.63
C ARG S 25 21.62 30.22 -3.07
N ARG S 26 22.73 29.52 -3.37
CA ARG S 26 23.22 29.48 -4.77
C ARG S 26 22.27 28.60 -5.58
N ARG S 27 21.80 27.50 -4.98
CA ARG S 27 20.80 26.65 -5.69
C ARG S 27 19.51 27.45 -5.85
N LEU S 28 19.26 28.40 -4.95
CA LEU S 28 18.04 29.25 -5.09
C LEU S 28 18.12 30.04 -6.40
N ASP S 29 19.33 30.48 -6.81
CA ASP S 29 19.45 31.16 -8.12
C ASP S 29 19.83 30.16 -9.23
N ASP S 30 19.82 28.86 -8.94
CA ASP S 30 20.07 27.84 -10.01
C ASP S 30 18.77 27.61 -10.77
N PRO S 31 18.72 27.84 -12.11
CA PRO S 31 17.49 27.72 -12.89
C PRO S 31 16.63 26.45 -12.69
N GLN S 32 17.19 25.28 -12.98
CA GLN S 32 16.43 24.01 -12.84
C GLN S 32 15.93 23.85 -11.40
N VAL S 33 16.78 24.11 -10.41
CA VAL S 33 16.34 24.06 -8.99
C VAL S 33 15.21 25.08 -8.80
N ALA S 34 15.39 26.30 -9.30
CA ALA S 34 14.37 27.36 -9.15
C ALA S 34 13.06 26.90 -9.79
N GLU S 35 13.14 26.35 -11.00
CA GLU S 35 11.94 25.88 -11.73
C GLU S 35 11.18 24.87 -10.87
N ALA S 36 11.88 23.88 -10.32
CA ALA S 36 11.24 22.84 -9.49
C ALA S 36 10.64 23.44 -8.23
N LEU S 37 11.36 24.33 -7.57
CA LEU S 37 10.87 24.98 -6.32
C LEU S 37 9.62 25.81 -6.64
N ASN S 38 9.65 26.51 -7.78
CA ASN S 38 8.50 27.34 -8.20
C ASN S 38 7.32 26.43 -8.52
N SER S 39 7.59 25.24 -9.06
CA SER S 39 6.51 24.25 -9.33
C SER S 39 6.01 23.70 -8.01
N LEU S 40 6.89 23.62 -7.00
CA LEU S 40 6.44 23.17 -5.66
C LEU S 40 5.57 24.27 -5.05
N LEU S 41 5.87 25.54 -5.35
CA LEU S 41 5.03 26.67 -4.86
C LEU S 41 3.76 26.73 -5.70
N ASP S 42 3.76 26.15 -6.90
CA ASP S 42 2.54 26.11 -7.75
C ASP S 42 1.49 25.22 -7.06
N HIS S 43 1.84 23.96 -6.79
CA HIS S 43 0.87 23.02 -6.17
C HIS S 43 1.11 22.96 -4.65
N ALA S 44 1.49 24.09 -4.05
CA ALA S 44 1.68 24.15 -2.58
C ALA S 44 0.32 23.93 -1.89
N ASP S 45 -0.73 24.51 -2.46
CA ASP S 45 -2.10 24.36 -1.88
C ASP S 45 -2.39 22.88 -1.68
N LEU S 46 -2.12 22.06 -2.71
CA LEU S 46 -2.38 20.60 -2.65
C LEU S 46 -1.59 19.97 -1.51
N LEU S 47 -0.31 20.32 -1.39
CA LEU S 47 0.50 19.80 -0.25
C LEU S 47 -0.17 20.23 1.05
N ALA S 48 -0.51 21.52 1.18
CA ALA S 48 -1.16 22.03 2.40
C ALA S 48 -2.42 21.22 2.68
N VAL S 49 -3.27 21.03 1.68
CA VAL S 49 -4.55 20.30 1.88
C VAL S 49 -4.27 18.84 2.24
N LEU S 50 -3.23 18.23 1.69
CA LEU S 50 -3.02 16.80 2.02
C LEU S 50 -2.55 16.68 3.46
N VAL S 51 -1.67 17.59 3.90
CA VAL S 51 -1.18 17.62 5.30
C VAL S 51 -2.36 17.98 6.21
N LYS S 52 -3.20 18.94 5.82
CA LYS S 52 -4.42 19.27 6.62
C LYS S 52 -5.32 18.03 6.69
N GLY S 53 -5.53 17.35 5.57
CA GLY S 53 -6.31 16.10 5.56
C GLY S 53 -5.69 15.08 6.51
N LEU S 54 -4.37 14.94 6.52
CA LEU S 54 -3.66 14.01 7.42
C LEU S 54 -3.86 14.45 8.87
N ASP S 55 -3.68 15.73 9.15
CA ASP S 55 -3.93 16.29 10.50
C ASP S 55 -5.36 15.95 10.89
N GLY S 56 -6.33 16.25 10.03
CA GLY S 56 -7.74 15.92 10.30
C GLY S 56 -7.89 14.45 10.62
N PHE S 57 -7.38 13.59 9.75
CA PHE S 57 -7.49 12.13 9.94
C PHE S 57 -6.87 11.74 11.27
N VAL S 58 -5.76 12.39 11.64
CA VAL S 58 -5.05 12.07 12.92
C VAL S 58 -5.94 12.50 14.09
N ARG S 59 -6.51 13.70 14.02
CA ARG S 59 -7.32 14.19 15.15
C ARG S 59 -8.69 13.49 15.18
N ARG S 60 -8.97 12.67 14.17
CA ARG S 60 -10.22 11.88 14.17
C ARG S 60 -9.83 10.41 14.18
N GLY S 61 -8.57 10.11 14.48
CA GLY S 61 -8.08 8.71 14.51
C GLY S 61 -8.77 7.91 15.59
N ASP S 62 -9.10 8.56 16.71
CA ASP S 62 -9.85 7.89 17.78
C ASP S 62 -11.26 7.58 17.26
N ASP S 63 -11.87 8.53 16.55
CA ASP S 63 -13.24 8.34 15.99
C ASP S 63 -13.22 7.24 14.93
N ILE S 64 -12.16 7.18 14.11
CA ILE S 64 -12.07 6.15 13.03
C ILE S 64 -11.83 4.79 13.69
N ALA S 65 -11.07 4.75 14.78
CA ALA S 65 -10.80 3.50 15.52
C ALA S 65 -12.11 3.01 16.12
N ASN S 66 -12.92 3.92 16.66
CA ASN S 66 -14.24 3.54 17.21
C ASN S 66 -15.15 3.04 16.08
N ASN S 67 -15.01 3.60 14.87
CA ASN S 67 -15.82 3.17 13.70
C ASN S 67 -15.41 1.76 13.30
N LEU S 68 -14.11 1.44 13.37
CA LEU S 68 -13.60 0.10 12.99
C LEU S 68 -13.97 -0.88 14.09
N THR S 69 -14.09 -0.39 15.32
CA THR S 69 -14.43 -1.26 16.47
C THR S 69 -15.91 -1.64 16.34
N SER S 70 -16.76 -0.67 16.03
CA SER S 70 -18.21 -0.94 15.87
C SER S 70 -18.42 -1.82 14.63
N ALA S 71 -17.62 -1.64 13.58
CA ALA S 71 -17.74 -2.47 12.36
C ALA S 71 -17.33 -3.92 12.66
N ILE S 72 -16.19 -4.12 13.31
CA ILE S 72 -15.71 -5.48 13.67
C ILE S 72 -16.71 -6.08 14.67
N GLY S 73 -17.21 -5.27 15.60
CA GLY S 73 -18.17 -5.73 16.62
C GLY S 73 -19.48 -6.19 15.99
N GLU S 74 -19.77 -5.66 14.81
CA GLU S 74 -20.97 -6.13 14.09
C GLU S 74 -20.58 -7.38 13.32
N LEU S 75 -19.34 -7.44 12.83
CA LEU S 75 -18.88 -8.68 12.16
C LEU S 75 -18.88 -9.81 13.18
N LYS S 76 -18.47 -9.52 14.41
CA LYS S 76 -18.35 -10.57 15.44
C LYS S 76 -19.74 -11.16 15.73
N ALA S 77 -20.77 -10.33 15.80
CA ALA S 77 -22.14 -10.87 15.99
C ALA S 77 -22.67 -11.43 14.66
N LEU S 78 -21.92 -12.35 14.04
CA LEU S 78 -22.31 -12.88 12.69
C LEU S 78 -23.64 -13.66 12.68
N ASN S 79 -23.90 -14.54 13.66
CA ASN S 79 -25.19 -15.26 13.80
C ASN S 79 -25.61 -15.97 12.50
N ALA S 80 -24.67 -16.67 11.83
CA ALA S 80 -24.96 -17.39 10.57
C ALA S 80 -24.38 -18.80 10.62
N ALA S 81 -24.86 -19.71 9.77
CA ALA S 81 -24.41 -21.13 9.79
C ALA S 81 -22.89 -21.28 9.92
N ASP S 82 -22.44 -22.29 10.68
CA ASP S 82 -20.98 -22.51 10.90
C ASP S 82 -20.76 -23.99 11.22
N THR S 83 -19.81 -24.65 10.54
CA THR S 83 -19.61 -26.11 10.75
C THR S 83 -18.13 -26.43 11.01
N PRO S 84 -17.79 -27.22 12.06
CA PRO S 84 -16.39 -27.63 12.27
C PRO S 84 -16.12 -29.06 11.76
N ILE S 85 -15.55 -29.20 10.57
CA ILE S 85 -15.17 -30.55 10.05
C ILE S 85 -13.69 -30.49 9.64
N PRO S 86 -12.78 -31.30 10.24
CA PRO S 86 -11.35 -31.22 9.93
C PRO S 86 -10.61 -32.37 9.25
N ALA S 87 -11.27 -33.48 8.90
CA ALA S 87 -10.49 -34.64 8.38
C ALA S 87 -10.90 -35.04 6.96
N LEU S 88 -9.96 -35.02 6.02
CA LEU S 88 -10.23 -35.49 4.63
C LEU S 88 -8.97 -36.20 4.10
N ALA S 89 -8.24 -36.91 4.96
CA ALA S 89 -6.95 -37.52 4.55
C ALA S 89 -7.14 -38.75 3.65
N ALA S 90 -6.07 -39.18 2.95
CA ALA S 90 -6.08 -40.41 2.10
C ALA S 90 -6.74 -40.17 0.75
N LEU S 91 -6.28 -39.15 0.01
CA LEU S 91 -6.83 -38.81 -1.33
C LEU S 91 -5.76 -39.20 -2.35
N LYS S 92 -4.49 -38.95 -2.02
CA LYS S 92 -3.37 -39.36 -2.92
C LYS S 92 -3.41 -40.88 -3.05
N ASP S 93 -3.66 -41.58 -1.94
CA ASP S 93 -3.72 -43.06 -1.95
C ASP S 93 -4.87 -43.46 -2.88
N VAL S 94 -5.98 -42.74 -2.82
CA VAL S 94 -7.13 -43.04 -3.72
C VAL S 94 -6.66 -42.85 -5.16
N ASP S 95 -7.02 -43.79 -6.05
CA ASP S 95 -6.68 -43.59 -7.49
C ASP S 95 -7.82 -42.73 -8.05
N LEU S 96 -7.85 -41.44 -7.69
CA LEU S 96 -9.00 -40.59 -8.09
C LEU S 96 -9.06 -40.53 -9.62
N ALA S 97 -7.91 -40.39 -10.28
CA ALA S 97 -7.88 -40.39 -11.75
C ALA S 97 -8.37 -41.73 -12.27
N GLY S 98 -7.95 -42.83 -11.64
CA GLY S 98 -8.35 -44.18 -12.10
C GLY S 98 -9.85 -44.38 -11.96
N LEU S 99 -10.43 -43.96 -10.84
CA LEU S 99 -11.89 -44.08 -10.64
C LEU S 99 -12.59 -43.20 -11.67
N ALA S 100 -12.02 -42.04 -11.96
CA ALA S 100 -12.60 -41.15 -13.00
C ALA S 100 -12.59 -41.89 -14.33
N ASN S 101 -11.50 -42.61 -14.62
CA ASN S 101 -11.42 -43.43 -15.87
C ASN S 101 -12.51 -44.49 -15.83
N SER S 102 -12.68 -45.15 -14.67
CA SER S 102 -13.77 -46.15 -14.56
C SER S 102 -15.09 -45.43 -14.78
N LEU S 103 -15.27 -44.28 -14.12
CA LEU S 103 -16.57 -43.55 -14.21
C LEU S 103 -16.83 -43.12 -15.65
N ALA S 104 -15.81 -42.64 -16.37
CA ALA S 104 -16.02 -42.12 -17.74
C ALA S 104 -16.53 -43.23 -18.66
N THR S 105 -15.94 -44.42 -18.58
CA THR S 105 -16.38 -45.55 -19.44
C THR S 105 -17.75 -46.01 -18.96
N LEU S 106 -18.01 -45.85 -17.67
CA LEU S 106 -19.28 -46.31 -17.08
C LEU S 106 -20.40 -45.26 -17.15
N SER S 107 -20.11 -43.96 -17.33
CA SER S 107 -21.11 -42.89 -17.23
C SER S 107 -22.25 -43.06 -18.22
N GLY S 108 -21.95 -43.35 -19.49
CA GLY S 108 -22.96 -43.62 -20.52
C GLY S 108 -23.80 -44.87 -20.22
N GLY S 109 -23.24 -45.87 -19.53
CA GLY S 109 -23.96 -47.05 -19.05
C GLY S 109 -24.85 -46.72 -17.84
N LEU S 110 -24.32 -46.01 -16.85
CA LEU S 110 -25.02 -45.57 -15.63
C LEU S 110 -26.25 -44.71 -15.96
N VAL S 111 -26.08 -43.70 -16.82
CA VAL S 111 -27.17 -42.80 -17.24
C VAL S 111 -28.31 -43.58 -17.89
N LYS S 112 -27.99 -44.49 -18.82
CA LYS S 112 -28.97 -45.37 -19.47
C LYS S 112 -29.60 -46.40 -18.51
N ALA S 113 -28.83 -46.90 -17.54
CA ALA S 113 -29.28 -47.87 -16.55
C ALA S 113 -30.13 -47.25 -15.42
N THR S 114 -30.23 -45.91 -15.33
CA THR S 114 -31.02 -45.20 -14.31
C THR S 114 -32.43 -45.78 -14.08
N PRO S 115 -33.23 -46.14 -15.09
CA PRO S 115 -34.55 -46.75 -14.87
C PRO S 115 -34.47 -48.14 -14.21
N ALA S 116 -33.48 -48.97 -14.59
CA ALA S 116 -33.25 -50.27 -13.98
C ALA S 116 -32.74 -50.14 -12.53
N LEU S 117 -31.82 -49.20 -12.29
CA LEU S 117 -31.31 -48.89 -10.97
C LEU S 117 -32.42 -48.36 -10.06
N ASN S 118 -33.32 -47.51 -10.57
CA ASN S 118 -34.48 -47.05 -9.80
C ASN S 118 -35.43 -48.21 -9.46
N ALA S 119 -35.74 -49.08 -10.43
CA ALA S 119 -36.60 -50.24 -10.20
C ALA S 119 -36.01 -51.23 -9.16
N VAL S 120 -34.67 -51.38 -9.11
CA VAL S 120 -34.00 -52.10 -8.03
C VAL S 120 -34.18 -51.36 -6.70
N LEU S 121 -33.85 -50.06 -6.64
CA LEU S 121 -33.97 -49.27 -5.42
C LEU S 121 -35.40 -49.26 -4.87
N ASP S 122 -36.42 -49.12 -5.71
CA ASP S 122 -37.83 -49.15 -5.33
C ASP S 122 -38.17 -50.45 -4.57
N SER S 123 -37.68 -51.60 -5.05
CA SER S 123 -37.83 -52.90 -4.37
C SER S 123 -37.07 -53.01 -3.03
N LEU S 124 -36.05 -52.17 -2.82
CA LEU S 124 -35.33 -52.01 -1.56
C LEU S 124 -35.97 -50.98 -0.60
N THR S 125 -36.83 -50.09 -1.10
CA THR S 125 -37.55 -49.12 -0.26
C THR S 125 -38.69 -49.75 0.53
N ASP S 126 -39.18 -50.92 0.11
CA ASP S 126 -40.11 -51.71 0.91
C ASP S 126 -39.35 -52.41 2.05
N GLN S 127 -39.81 -52.22 3.29
CA GLN S 127 -39.23 -52.86 4.47
C GLN S 127 -39.09 -54.39 4.32
N ARG S 128 -40.04 -55.03 3.61
CA ARG S 128 -39.99 -56.48 3.34
C ARG S 128 -38.81 -56.87 2.45
N GLY S 129 -38.37 -55.98 1.56
CA GLY S 129 -37.16 -56.17 0.76
C GLY S 129 -35.89 -56.13 1.62
N ALA S 130 -35.80 -55.16 2.52
CA ALA S 130 -34.71 -55.07 3.51
C ALA S 130 -34.64 -56.32 4.41
N GLU S 131 -35.79 -56.76 4.94
CA GLU S 131 -35.91 -57.99 5.75
C GLU S 131 -35.48 -59.25 4.99
N VAL S 132 -35.87 -59.38 3.72
CA VAL S 132 -35.49 -60.52 2.86
C VAL S 132 -33.99 -60.54 2.59
N LEU S 133 -33.36 -59.39 2.30
CA LEU S 133 -31.91 -59.32 2.08
C LEU S 133 -31.12 -59.59 3.36
N SER S 134 -31.55 -59.04 4.49
CA SER S 134 -30.99 -59.38 5.82
C SER S 134 -31.05 -60.90 6.07
N ALA S 135 -32.21 -61.51 5.83
CA ALA S 135 -32.40 -62.94 6.03
C ALA S 135 -31.56 -63.81 5.08
N LEU S 136 -31.29 -63.36 3.85
CA LEU S 136 -30.40 -64.03 2.91
C LEU S 136 -28.92 -63.91 3.31
N GLY S 137 -28.47 -62.71 3.69
CA GLY S 137 -27.11 -62.46 4.16
C GLY S 137 -26.79 -63.28 5.41
N ASP S 138 -27.65 -63.24 6.43
CA ASP S 138 -27.52 -64.07 7.63
C ASP S 138 -27.51 -65.57 7.31
N ALA S 139 -28.29 -66.02 6.33
CA ALA S 139 -28.34 -67.43 5.94
C ALA S 139 -27.04 -67.89 5.27
N LEU S 140 -26.42 -67.05 4.43
CA LEU S 140 -25.12 -67.32 3.82
C LEU S 140 -23.99 -67.37 4.87
N VAL S 141 -23.98 -66.40 5.79
CA VAL S 141 -23.00 -66.28 6.88
C VAL S 141 -23.13 -67.44 7.87
N ALA S 142 -24.35 -67.76 8.32
CA ALA S 142 -24.59 -68.87 9.24
C ALA S 142 -24.22 -70.23 8.61
N ALA S 143 -24.58 -70.43 7.34
CA ALA S 143 -24.34 -71.69 6.64
C ALA S 143 -22.86 -72.08 6.54
N ARG S 144 -21.94 -71.12 6.57
CA ARG S 144 -20.48 -71.46 6.59
C ARG S 144 -20.15 -72.27 7.86
N THR S 145 -20.89 -72.07 8.96
CA THR S 145 -20.64 -72.69 10.27
C THR S 145 -21.63 -73.80 10.67
N SER S 146 -22.86 -73.81 10.12
CA SER S 146 -23.91 -74.75 10.52
C SER S 146 -24.20 -75.88 9.51
N ALA S 147 -23.60 -75.85 8.31
CA ALA S 147 -23.91 -76.81 7.25
C ALA S 147 -23.60 -78.27 7.64
N PRO S 148 -24.50 -79.24 7.33
CA PRO S 148 -24.32 -80.63 7.71
C PRO S 148 -23.21 -81.32 6.88
N PRO S 149 -22.48 -82.30 7.45
CA PRO S 149 -21.41 -83.01 6.76
C PRO S 149 -21.82 -83.58 5.38
N ALA S 150 -20.90 -83.50 4.42
CA ALA S 150 -21.16 -83.77 3.01
C ALA S 150 -21.83 -85.15 2.75
N PRO S 151 -22.93 -85.22 1.98
CA PRO S 151 -23.54 -86.48 1.56
C PRO S 151 -22.58 -87.34 0.73
N ARG S 152 -22.09 -88.43 1.34
CA ARG S 152 -21.23 -89.40 0.66
C ARG S 152 -22.03 -90.29 -0.31
N GLY S 153 -21.91 -90.03 -1.60
CA GLY S 153 -22.49 -90.83 -2.68
C GLY S 153 -24.01 -90.68 -2.83
N VAL S 154 -24.57 -91.27 -3.90
CA VAL S 154 -25.99 -91.13 -4.27
C VAL S 154 -26.95 -91.54 -3.15
N ARG S 155 -26.59 -92.53 -2.33
CA ARG S 155 -27.37 -92.95 -1.14
C ARG S 155 -27.30 -91.91 -0.01
N GLY S 156 -26.13 -91.30 0.22
CA GLY S 156 -25.96 -90.18 1.15
C GLY S 156 -26.76 -88.96 0.69
N MET S 157 -26.66 -88.60 -0.60
CA MET S 157 -27.38 -87.47 -1.20
C MET S 157 -28.90 -87.62 -1.03
N TRP S 158 -29.44 -88.81 -1.31
CA TRP S 158 -30.88 -89.09 -1.08
C TRP S 158 -31.25 -89.06 0.42
N LYS S 159 -30.37 -89.51 1.32
CA LYS S 159 -30.60 -89.41 2.78
C LYS S 159 -30.66 -87.93 3.23
N THR S 160 -29.74 -87.09 2.78
CA THR S 160 -29.70 -85.65 3.11
C THR S 160 -30.91 -84.92 2.54
N LEU S 161 -31.26 -85.12 1.26
CA LEU S 161 -32.47 -84.55 0.65
C LEU S 161 -33.76 -85.02 1.36
N ARG S 162 -33.82 -86.28 1.82
CA ARG S 162 -34.95 -86.81 2.60
C ARG S 162 -34.99 -86.32 4.05
N ALA S 163 -33.86 -85.85 4.60
CA ALA S 163 -33.83 -85.16 5.89
C ALA S 163 -34.30 -83.71 5.72
N ALA S 164 -33.74 -82.97 4.75
CA ALA S 164 -34.17 -81.62 4.40
C ALA S 164 -35.67 -81.54 4.09
N ALA S 165 -36.22 -82.48 3.31
CA ALA S 165 -37.66 -82.57 3.04
C ALA S 165 -38.54 -83.03 4.23
N LYS S 166 -37.98 -83.15 5.44
CA LYS S 166 -38.73 -83.26 6.72
C LYS S 166 -38.67 -82.01 7.57
N ASP S 167 -37.68 -81.17 7.33
CA ASP S 167 -37.36 -80.01 8.14
C ASP S 167 -38.41 -78.89 7.89
N PRO S 168 -39.03 -78.32 8.94
CA PRO S 168 -40.08 -77.32 8.78
C PRO S 168 -39.56 -75.96 8.30
N ASP S 169 -38.28 -75.67 8.51
CA ASP S 169 -37.64 -74.40 8.18
C ASP S 169 -37.16 -74.44 6.73
N VAL S 170 -36.53 -75.56 6.29
CA VAL S 170 -36.38 -75.85 4.85
C VAL S 170 -37.74 -75.87 4.15
N GLY S 171 -38.79 -76.32 4.85
CA GLY S 171 -40.18 -76.23 4.39
C GLY S 171 -40.60 -74.79 4.07
N ARG S 172 -40.39 -73.84 4.99
CA ARG S 172 -40.69 -72.41 4.76
C ARG S 172 -39.86 -71.84 3.61
N GLY S 173 -38.55 -72.12 3.56
CA GLY S 173 -37.68 -71.70 2.46
C GLY S 173 -38.16 -72.20 1.08
N VAL S 174 -38.58 -73.46 0.96
CA VAL S 174 -39.12 -74.00 -0.29
C VAL S 174 -40.50 -73.43 -0.63
N SER S 175 -41.37 -73.19 0.36
CA SER S 175 -42.64 -72.46 0.14
C SER S 175 -42.39 -71.06 -0.44
N TYR S 176 -41.44 -70.31 0.14
CA TYR S 176 -41.06 -68.98 -0.33
C TYR S 176 -40.47 -69.00 -1.74
N LEU S 177 -39.55 -69.92 -2.05
CA LEU S 177 -38.99 -70.01 -3.42
C LEU S 177 -40.03 -70.40 -4.49
N ILE S 178 -41.02 -71.21 -4.13
CA ILE S 178 -42.18 -71.50 -5.00
C ILE S 178 -43.07 -70.25 -5.17
N GLU S 179 -43.19 -69.44 -4.13
CA GLU S 179 -43.94 -68.18 -4.16
C GLU S 179 -43.28 -67.15 -5.07
N VAL S 180 -41.97 -66.90 -4.91
CA VAL S 180 -41.18 -66.03 -5.79
C VAL S 180 -41.29 -66.49 -7.24
N ALA S 181 -41.16 -67.79 -7.51
CA ALA S 181 -41.32 -68.35 -8.85
C ALA S 181 -42.75 -68.15 -9.41
N ARG S 182 -43.79 -68.06 -8.57
CA ARG S 182 -45.15 -67.74 -9.00
C ARG S 182 -45.31 -66.25 -9.30
N VAL S 183 -44.88 -65.36 -8.40
CA VAL S 183 -45.08 -63.91 -8.58
C VAL S 183 -44.19 -63.35 -9.69
N PHE S 184 -42.94 -63.82 -9.81
CA PHE S 184 -42.11 -63.49 -10.96
C PHE S 184 -42.77 -64.01 -12.25
N GLY S 185 -43.20 -65.29 -12.24
CA GLY S 185 -43.93 -65.91 -13.33
C GLY S 185 -45.31 -65.33 -13.61
N SER S 186 -45.88 -64.48 -12.75
CA SER S 186 -47.11 -63.74 -13.07
C SER S 186 -46.83 -62.43 -13.82
N LYS S 187 -45.61 -61.90 -13.70
CA LYS S 187 -45.13 -60.65 -14.31
C LYS S 187 -44.36 -60.84 -15.63
N VAL S 188 -43.76 -62.01 -15.89
CA VAL S 188 -43.13 -62.35 -17.18
C VAL S 188 -44.07 -63.07 -18.15
N SER T 19 16.44 37.62 -11.24
CA SER T 19 17.08 36.58 -10.40
C SER T 19 16.09 35.45 -10.11
N PRO T 20 16.44 34.14 -10.27
CA PRO T 20 15.52 33.05 -9.89
C PRO T 20 15.16 33.09 -8.40
N VAL T 21 16.15 33.23 -7.51
CA VAL T 21 15.85 33.21 -6.04
C VAL T 21 14.82 34.29 -5.77
N ASP T 22 14.93 35.43 -6.47
CA ASP T 22 14.01 36.55 -6.15
C ASP T 22 12.62 36.20 -6.66
N GLY T 23 12.54 35.36 -7.70
CA GLY T 23 11.23 34.90 -8.21
C GLY T 23 10.56 33.94 -7.24
N ILE T 24 11.34 33.16 -6.48
CA ILE T 24 10.72 32.28 -5.45
C ILE T 24 10.26 33.15 -4.29
N ARG T 25 10.95 34.27 -4.03
CA ARG T 25 10.52 35.21 -2.97
C ARG T 25 9.26 35.94 -3.46
N ARG T 26 9.13 36.10 -4.78
CA ARG T 26 7.91 36.71 -5.36
C ARG T 26 6.73 35.76 -5.18
N ARG T 27 6.93 34.46 -5.45
CA ARG T 27 5.84 33.47 -5.22
C ARG T 27 5.47 33.53 -3.75
N LEU T 28 6.47 33.68 -2.87
CA LEU T 28 6.22 33.72 -1.40
C LEU T 28 5.49 35.02 -1.02
N ASP T 29 5.28 35.92 -1.99
CA ASP T 29 4.51 37.17 -1.71
C ASP T 29 3.12 37.02 -2.32
N ASP T 30 2.80 35.86 -2.88
CA ASP T 30 1.46 35.56 -3.44
C ASP T 30 0.52 35.07 -2.34
N PRO T 31 -0.65 35.70 -2.14
CA PRO T 31 -1.61 35.30 -1.09
C PRO T 31 -1.88 33.78 -0.99
N GLN T 32 -2.17 33.13 -2.12
CA GLN T 32 -2.53 31.69 -2.11
C GLN T 32 -1.30 30.84 -1.74
N VAL T 33 -0.14 31.13 -2.33
CA VAL T 33 1.10 30.41 -1.96
C VAL T 33 1.36 30.63 -0.47
N ALA T 34 1.27 31.88 -0.01
CA ALA T 34 1.53 32.20 1.41
C ALA T 34 0.56 31.41 2.29
N GLU T 35 -0.72 31.41 1.93
CA GLU T 35 -1.76 30.70 2.73
C GLU T 35 -1.35 29.23 2.88
N ALA T 36 -1.00 28.57 1.77
CA ALA T 36 -0.62 27.14 1.79
C ALA T 36 0.63 26.92 2.64
N LEU T 37 1.64 27.78 2.48
CA LEU T 37 2.91 27.65 3.24
C LEU T 37 2.62 27.85 4.73
N ASN T 38 1.71 28.77 5.06
CA ASN T 38 1.32 28.99 6.47
C ASN T 38 0.63 27.74 7.01
N SER T 39 -0.26 27.13 6.21
CA SER T 39 -0.98 25.91 6.65
C SER T 39 0.02 24.76 6.81
N LEU T 40 1.07 24.75 5.99
CA LEU T 40 2.10 23.71 6.12
C LEU T 40 2.82 23.93 7.45
N LEU T 41 3.14 25.19 7.76
CA LEU T 41 3.88 25.53 9.00
C LEU T 41 2.99 25.20 10.20
N ASP T 42 1.67 25.31 10.03
CA ASP T 42 0.74 25.02 11.14
C ASP T 42 0.86 23.55 11.50
N HIS T 43 0.97 22.69 10.49
CA HIS T 43 1.01 21.23 10.74
C HIS T 43 2.45 20.71 10.64
N ALA T 44 3.42 21.63 10.71
CA ALA T 44 4.85 21.22 10.65
C ALA T 44 5.14 20.26 11.81
N ASP T 45 4.52 20.45 12.96
CA ASP T 45 4.67 19.50 14.09
C ASP T 45 4.33 18.07 13.65
N LEU T 46 3.19 17.88 12.96
CA LEU T 46 2.78 16.55 12.46
C LEU T 46 3.83 16.04 11.46
N LEU T 47 4.26 16.89 10.53
CA LEU T 47 5.33 16.47 9.59
C LEU T 47 6.56 16.08 10.39
N ALA T 48 6.99 16.91 11.34
CA ALA T 48 8.17 16.63 12.17
C ALA T 48 7.99 15.27 12.85
N VAL T 49 6.83 15.04 13.48
CA VAL T 49 6.60 13.77 14.22
C VAL T 49 6.57 12.59 13.23
N LEU T 50 6.06 12.77 12.01
CA LEU T 50 6.00 11.60 11.11
C LEU T 50 7.42 11.25 10.66
N VAL T 51 8.24 12.26 10.37
CA VAL T 51 9.66 12.06 9.97
C VAL T 51 10.42 11.49 11.18
N LYS T 52 10.16 11.99 12.39
CA LYS T 52 10.80 11.42 13.61
C LYS T 52 10.36 9.96 13.76
N GLY T 53 9.07 9.67 13.58
CA GLY T 53 8.57 8.29 13.61
C GLY T 53 9.28 7.43 12.58
N LEU T 54 9.50 7.95 11.37
CA LEU T 54 10.20 7.22 10.29
C LEU T 54 11.67 7.01 10.71
N ASP T 55 12.32 8.05 11.20
CA ASP T 55 13.69 7.93 11.71
C ASP T 55 13.73 6.84 12.78
N GLY T 56 12.82 6.90 13.76
CA GLY T 56 12.74 5.89 14.80
C GLY T 56 12.59 4.52 14.20
N PHE T 57 11.61 4.35 13.31
CA PHE T 57 11.36 3.04 12.65
C PHE T 57 12.64 2.58 11.94
N VAL T 58 13.37 3.51 11.32
CA VAL T 58 14.60 3.17 10.55
C VAL T 58 15.67 2.70 11.54
N ARG T 59 15.83 3.41 12.65
CA ARG T 59 16.90 3.05 13.61
C ARG T 59 16.48 1.84 14.43
N ARG T 60 15.26 1.37 14.25
CA ARG T 60 14.80 0.13 14.92
C ARG T 60 14.47 -0.89 13.84
N GLY T 61 14.89 -0.63 12.60
CA GLY T 61 14.61 -1.54 11.46
C GLY T 61 15.28 -2.88 11.67
N ASP T 62 16.46 -2.88 12.28
CA ASP T 62 17.15 -4.15 12.61
C ASP T 62 16.33 -4.89 13.66
N ASP T 63 15.81 -4.19 14.67
CA ASP T 63 15.00 -4.80 15.74
C ASP T 63 13.67 -5.32 15.15
N ILE T 64 13.09 -4.60 14.20
CA ILE T 64 11.80 -5.03 13.58
C ILE T 64 12.07 -6.25 12.69
N ALA T 65 13.22 -6.28 12.03
CA ALA T 65 13.62 -7.41 11.17
C ALA T 65 13.82 -8.64 12.05
N ASN T 66 14.44 -8.46 13.22
CA ASN T 66 14.62 -9.59 14.17
C ASN T 66 13.24 -10.05 14.69
N ASN T 67 12.29 -9.13 14.84
CA ASN T 67 10.92 -9.48 15.30
C ASN T 67 10.22 -10.30 14.22
N LEU T 68 10.43 -9.96 12.95
CA LEU T 68 9.78 -10.68 11.83
C LEU T 68 10.48 -12.02 11.65
N THR T 69 11.75 -12.09 12.01
CA THR T 69 12.54 -13.34 11.89
C THR T 69 12.05 -14.31 12.96
N SER T 70 11.87 -13.83 14.18
CA SER T 70 11.38 -14.69 15.28
C SER T 70 9.93 -15.09 15.02
N ALA T 71 9.14 -14.21 14.40
CA ALA T 71 7.73 -14.52 14.07
C ALA T 71 7.67 -15.62 12.99
N ILE T 72 8.43 -15.45 11.90
CA ILE T 72 8.46 -16.46 10.81
C ILE T 72 9.07 -17.75 11.38
N GLY T 73 10.09 -17.64 12.22
CA GLY T 73 10.75 -18.81 12.83
C GLY T 73 9.80 -19.60 13.72
N GLU T 74 8.74 -18.91 14.16
CA GLU T 74 7.72 -19.59 14.98
C GLU T 74 6.62 -20.08 14.04
N LEU T 75 6.56 -19.54 12.82
CA LEU T 75 5.56 -20.07 11.85
C LEU T 75 5.93 -21.52 11.60
N LYS T 76 7.17 -21.89 11.93
CA LYS T 76 7.55 -23.31 11.81
C LYS T 76 6.73 -24.09 12.85
N ALA T 77 6.13 -25.22 12.45
CA ALA T 77 5.26 -25.98 13.36
C ALA T 77 5.49 -27.48 13.20
N LEU T 78 5.25 -28.26 14.26
CA LEU T 78 5.39 -29.73 14.17
C LEU T 78 4.37 -30.27 13.17
N ASN T 79 3.16 -29.71 13.14
CA ASN T 79 2.09 -30.23 12.24
C ASN T 79 2.50 -30.05 10.78
N ALA T 80 2.26 -31.07 9.93
CA ALA T 80 2.59 -30.98 8.49
C ALA T 80 1.77 -31.99 7.68
N ALA T 81 1.65 -31.80 6.35
CA ALA T 81 0.94 -32.74 5.47
C ALA T 81 1.19 -32.34 4.00
N ASP T 82 1.85 -33.21 3.22
CA ASP T 82 2.17 -32.88 1.80
C ASP T 82 1.72 -34.02 0.88
N THR T 83 0.89 -33.74 -0.12
CA THR T 83 0.34 -34.82 -0.99
C THR T 83 -0.06 -34.32 -2.38
N PRO T 84 0.33 -35.01 -3.48
CA PRO T 84 -0.12 -34.63 -4.83
C PRO T 84 -1.29 -35.48 -5.37
N ILE T 85 -2.34 -34.82 -5.88
CA ILE T 85 -3.56 -35.55 -6.36
C ILE T 85 -3.87 -35.16 -7.81
N PRO T 86 -4.18 -36.14 -8.71
CA PRO T 86 -4.53 -35.84 -10.11
C PRO T 86 -6.02 -35.83 -10.50
N ALA T 87 -6.95 -35.98 -9.56
CA ALA T 87 -8.39 -35.88 -9.90
C ALA T 87 -8.67 -34.49 -10.47
N LEU T 88 -7.95 -33.48 -9.97
CA LEU T 88 -8.10 -32.10 -10.47
C LEU T 88 -7.74 -32.07 -11.95
N ALA T 89 -6.66 -32.77 -12.33
CA ALA T 89 -6.28 -32.86 -13.75
C ALA T 89 -7.39 -33.61 -14.51
N ALA T 90 -8.00 -34.60 -13.87
CA ALA T 90 -9.03 -35.44 -14.53
C ALA T 90 -10.43 -34.97 -14.16
N LEU T 91 -10.58 -33.72 -13.71
CA LEU T 91 -11.92 -33.24 -13.24
C LEU T 91 -12.92 -33.30 -14.41
N LYS T 92 -12.50 -32.89 -15.61
CA LYS T 92 -13.40 -33.03 -16.78
C LYS T 92 -13.66 -34.52 -17.02
N ASP T 93 -12.63 -35.34 -16.84
CA ASP T 93 -12.77 -36.81 -17.04
C ASP T 93 -13.80 -37.33 -16.02
N VAL T 94 -13.76 -36.82 -14.78
CA VAL T 94 -14.81 -37.22 -13.79
C VAL T 94 -16.13 -36.70 -14.38
N ASP T 95 -17.13 -37.58 -14.50
CA ASP T 95 -18.45 -37.09 -14.98
C ASP T 95 -19.25 -36.62 -13.76
N LEU T 96 -18.92 -35.44 -13.23
CA LEU T 96 -19.70 -34.89 -12.10
C LEU T 96 -21.13 -34.66 -12.59
N ALA T 97 -21.29 -34.13 -13.80
CA ALA T 97 -22.63 -33.94 -14.38
C ALA T 97 -23.31 -35.29 -14.60
N GLY T 98 -22.57 -36.28 -15.11
CA GLY T 98 -23.15 -37.62 -15.32
C GLY T 98 -23.55 -38.23 -13.98
N LEU T 99 -22.70 -38.05 -12.96
CA LEU T 99 -23.03 -38.54 -11.60
C LEU T 99 -24.28 -37.79 -11.13
N ALA T 100 -24.36 -36.49 -11.42
CA ALA T 100 -25.50 -35.68 -10.96
C ALA T 100 -26.79 -36.24 -11.56
N ASN T 101 -26.73 -36.60 -12.85
CA ASN T 101 -27.95 -37.11 -13.53
C ASN T 101 -28.38 -38.40 -12.83
N SER T 102 -27.42 -39.30 -12.59
CA SER T 102 -27.74 -40.56 -11.88
C SER T 102 -28.18 -40.23 -10.45
N LEU T 103 -27.48 -39.31 -9.78
CA LEU T 103 -27.77 -39.04 -8.35
C LEU T 103 -29.19 -38.53 -8.12
N ALA T 104 -29.68 -37.59 -8.93
CA ALA T 104 -31.01 -36.97 -8.65
C ALA T 104 -32.11 -38.03 -8.66
N THR T 105 -32.53 -38.46 -9.84
CA THR T 105 -33.55 -39.51 -10.00
C THR T 105 -33.41 -40.58 -8.91
N LEU T 106 -32.19 -41.08 -8.71
CA LEU T 106 -31.90 -42.17 -7.77
C LEU T 106 -31.83 -41.70 -6.30
N SER T 107 -31.66 -40.41 -6.00
CA SER T 107 -31.39 -39.95 -4.62
C SER T 107 -32.53 -40.27 -3.66
N GLY T 108 -33.78 -40.04 -4.08
CA GLY T 108 -34.95 -40.40 -3.28
C GLY T 108 -35.09 -41.91 -3.06
N GLY T 109 -34.62 -42.73 -4.01
CA GLY T 109 -34.54 -44.18 -3.87
C GLY T 109 -33.42 -44.61 -2.91
N LEU T 110 -32.22 -44.06 -3.06
CA LEU T 110 -31.04 -44.35 -2.21
C LEU T 110 -31.29 -43.99 -0.74
N VAL T 111 -31.91 -42.84 -0.47
CA VAL T 111 -32.25 -42.40 0.90
C VAL T 111 -33.25 -43.37 1.53
N LYS T 112 -34.32 -43.74 0.83
CA LYS T 112 -35.30 -44.72 1.31
C LYS T 112 -34.73 -46.14 1.45
N ALA T 113 -33.84 -46.55 0.54
CA ALA T 113 -33.20 -47.87 0.54
C ALA T 113 -32.04 -47.98 1.56
N THR T 114 -31.67 -46.90 2.24
CA THR T 114 -30.54 -46.89 3.19
C THR T 114 -30.61 -48.01 4.26
N PRO T 115 -31.77 -48.35 4.86
CA PRO T 115 -31.87 -49.49 5.79
C PRO T 115 -31.59 -50.85 5.12
N ALA T 116 -32.04 -51.04 3.87
CA ALA T 116 -31.78 -52.26 3.10
C ALA T 116 -30.30 -52.37 2.70
N LEU T 117 -29.70 -51.25 2.27
CA LEU T 117 -28.27 -51.16 1.95
C LEU T 117 -27.41 -51.43 3.20
N ASN T 118 -27.81 -50.92 4.37
CA ASN T 118 -27.10 -51.22 5.62
C ASN T 118 -27.21 -52.70 5.97
N ALA T 119 -28.40 -53.31 5.88
CA ALA T 119 -28.58 -54.74 6.14
C ALA T 119 -27.76 -55.65 5.19
N VAL T 120 -27.57 -55.24 3.93
CA VAL T 120 -26.63 -55.91 3.02
C VAL T 120 -25.19 -55.72 3.52
N LEU T 121 -24.76 -54.48 3.78
CA LEU T 121 -23.40 -54.19 4.26
C LEU T 121 -23.06 -54.94 5.55
N ASP T 122 -23.98 -54.99 6.53
CA ASP T 122 -23.80 -55.71 7.79
C ASP T 122 -23.45 -57.18 7.53
N SER T 123 -24.13 -57.84 6.59
CA SER T 123 -23.82 -59.23 6.19
C SER T 123 -22.47 -59.38 5.46
N LEU T 124 -21.92 -58.29 4.91
CA LEU T 124 -20.57 -58.23 4.33
C LEU T 124 -19.48 -57.89 5.37
N THR T 125 -19.86 -57.33 6.54
CA THR T 125 -18.89 -57.03 7.61
C THR T 125 -18.44 -58.28 8.38
N ASP T 126 -19.19 -59.38 8.30
CA ASP T 126 -18.75 -60.67 8.80
C ASP T 126 -17.73 -61.28 7.82
N GLN T 127 -16.56 -61.68 8.33
CA GLN T 127 -15.50 -62.31 7.53
C GLN T 127 -16.03 -63.53 6.74
N ARG T 128 -16.99 -64.27 7.29
CA ARG T 128 -17.62 -65.43 6.63
C ARG T 128 -18.40 -65.02 5.38
N GLY T 129 -18.97 -63.81 5.36
CA GLY T 129 -19.62 -63.24 4.18
C GLY T 129 -18.62 -62.94 3.07
N ALA T 130 -17.48 -62.32 3.42
CA ALA T 130 -16.37 -62.09 2.48
C ALA T 130 -15.82 -63.41 1.89
N GLU T 131 -15.60 -64.42 2.74
CA GLU T 131 -15.16 -65.76 2.33
C GLU T 131 -16.15 -66.44 1.37
N VAL T 132 -17.45 -66.35 1.66
CA VAL T 132 -18.51 -66.92 0.81
C VAL T 132 -18.56 -66.25 -0.56
N LEU T 133 -18.44 -64.91 -0.62
CA LEU T 133 -18.43 -64.18 -1.90
C LEU T 133 -17.18 -64.47 -2.72
N SER T 134 -15.99 -64.50 -2.08
CA SER T 134 -14.74 -64.96 -2.72
C SER T 134 -14.91 -66.36 -3.31
N ALA T 135 -15.45 -67.30 -2.53
CA ALA T 135 -15.67 -68.68 -2.98
C ALA T 135 -16.68 -68.79 -4.14
N LEU T 136 -17.70 -67.94 -4.19
CA LEU T 136 -18.66 -67.87 -5.31
C LEU T 136 -18.04 -67.28 -6.57
N GLY T 137 -17.30 -66.18 -6.44
CA GLY T 137 -16.59 -65.54 -7.56
C GLY T 137 -15.58 -66.48 -8.21
N ASP T 138 -14.72 -67.10 -7.40
CA ASP T 138 -13.77 -68.11 -7.84
C ASP T 138 -14.46 -69.30 -8.52
N ALA T 139 -15.62 -69.73 -8.02
CA ALA T 139 -16.36 -70.85 -8.59
C ALA T 139 -16.95 -70.53 -9.96
N LEU T 140 -17.44 -69.31 -10.17
CA LEU T 140 -17.92 -68.82 -11.48
C LEU T 140 -16.76 -68.72 -12.49
N VAL T 141 -15.65 -68.11 -12.08
CA VAL T 141 -14.43 -67.92 -12.90
C VAL T 141 -13.78 -69.26 -13.28
N ALA T 142 -13.64 -70.18 -12.32
CA ALA T 142 -13.10 -71.51 -12.58
C ALA T 142 -14.01 -72.32 -13.52
N ALA T 143 -15.33 -72.28 -13.29
CA ALA T 143 -16.30 -73.07 -14.05
C ALA T 143 -16.31 -72.75 -15.55
N ARG T 144 -15.87 -71.55 -15.95
CA ARG T 144 -15.78 -71.24 -17.42
C ARG T 144 -14.64 -72.03 -18.09
N THR T 145 -13.75 -72.65 -17.31
CA THR T 145 -12.62 -73.47 -17.80
C THR T 145 -12.67 -74.94 -17.41
N SER T 146 -13.30 -75.30 -16.28
CA SER T 146 -13.30 -76.66 -15.73
C SER T 146 -14.59 -77.46 -15.94
N ALA T 147 -15.65 -76.85 -16.50
CA ALA T 147 -16.96 -77.49 -16.64
C ALA T 147 -16.93 -78.75 -17.54
N PRO T 148 -17.61 -79.84 -17.15
CA PRO T 148 -17.60 -81.09 -17.92
C PRO T 148 -18.40 -80.98 -19.22
N PRO T 149 -18.01 -81.70 -20.30
CA PRO T 149 -18.72 -81.66 -21.58
C PRO T 149 -20.23 -81.91 -21.47
N ALA T 150 -21.01 -81.18 -22.28
CA ALA T 150 -22.46 -81.11 -22.19
C ALA T 150 -23.15 -82.50 -22.18
N PRO T 151 -24.05 -82.80 -21.22
CA PRO T 151 -24.86 -84.01 -21.22
C PRO T 151 -25.74 -84.14 -22.47
N ARG T 152 -25.38 -85.06 -23.37
CA ARG T 152 -26.18 -85.33 -24.58
C ARG T 152 -27.43 -86.16 -24.25
N GLY T 153 -28.58 -85.49 -24.26
CA GLY T 153 -29.89 -86.13 -24.09
C GLY T 153 -30.20 -86.58 -22.66
N VAL T 154 -31.45 -87.01 -22.43
CA VAL T 154 -31.97 -87.37 -21.08
C VAL T 154 -31.11 -88.44 -20.38
N ARG T 155 -30.54 -89.39 -21.14
CA ARG T 155 -29.61 -90.41 -20.61
C ARG T 155 -28.26 -89.80 -20.21
N GLY T 156 -27.72 -88.87 -21.00
CA GLY T 156 -26.53 -88.10 -20.65
C GLY T 156 -26.76 -87.24 -19.41
N MET T 157 -27.87 -86.51 -19.35
CA MET T 157 -28.26 -85.67 -18.22
C MET T 157 -28.34 -86.48 -16.93
N TRP T 158 -28.99 -87.65 -16.94
CA TRP T 158 -29.02 -88.54 -15.78
C TRP T 158 -27.64 -89.11 -15.41
N LYS T 159 -26.77 -89.39 -16.39
CA LYS T 159 -25.38 -89.82 -16.13
C LYS T 159 -24.58 -88.71 -15.43
N THR T 160 -24.67 -87.46 -15.90
CA THR T 160 -23.98 -86.30 -15.31
C THR T 160 -24.49 -86.01 -13.90
N LEU T 161 -25.82 -85.96 -13.69
CA LEU T 161 -26.40 -85.79 -12.36
C LEU T 161 -26.02 -86.93 -11.39
N ARG T 162 -25.92 -88.18 -11.88
CA ARG T 162 -25.47 -89.33 -11.08
C ARG T 162 -23.96 -89.34 -10.83
N ALA T 163 -23.16 -88.64 -11.62
CA ALA T 163 -21.74 -88.40 -11.36
C ALA T 163 -21.58 -87.30 -10.30
N ALA T 164 -22.24 -86.16 -10.49
CA ALA T 164 -22.28 -85.05 -9.52
C ALA T 164 -22.75 -85.52 -8.13
N ALA T 165 -23.82 -86.34 -8.05
CA ALA T 165 -24.30 -86.93 -6.80
C ALA T 165 -23.40 -88.03 -6.19
N LYS T 166 -22.19 -88.26 -6.73
CA LYS T 166 -21.12 -89.04 -6.09
C LYS T 166 -19.96 -88.17 -5.59
N ASP T 167 -19.84 -86.98 -6.13
CA ASP T 167 -18.72 -86.08 -5.90
C ASP T 167 -18.81 -85.47 -4.48
N PRO T 168 -17.75 -85.53 -3.66
CA PRO T 168 -17.78 -85.05 -2.28
C PRO T 168 -17.81 -83.52 -2.17
N ASP T 169 -17.37 -82.81 -3.21
CA ASP T 169 -17.27 -81.36 -3.24
C ASP T 169 -18.61 -80.77 -3.70
N VAL T 170 -19.23 -81.35 -4.76
CA VAL T 170 -20.67 -81.12 -5.04
C VAL T 170 -21.52 -81.49 -3.81
N GLY T 171 -21.12 -82.52 -3.06
CA GLY T 171 -21.72 -82.88 -1.77
C GLY T 171 -21.71 -81.73 -0.77
N ARG T 172 -20.56 -81.08 -0.54
CA ARG T 172 -20.44 -79.91 0.34
C ARG T 172 -21.28 -78.73 -0.16
N GLY T 173 -21.22 -78.41 -1.45
CA GLY T 173 -22.05 -77.37 -2.06
C GLY T 173 -23.56 -77.59 -1.85
N VAL T 174 -24.05 -78.82 -2.02
CA VAL T 174 -25.47 -79.16 -1.77
C VAL T 174 -25.83 -79.13 -0.28
N SER T 175 -24.92 -79.56 0.61
CA SER T 175 -25.11 -79.40 2.07
C SER T 175 -25.27 -77.92 2.45
N TYR T 176 -24.40 -77.05 1.92
CA TYR T 176 -24.45 -75.61 2.17
C TYR T 176 -25.73 -74.97 1.61
N LEU T 177 -26.15 -75.30 0.38
CA LEU T 177 -27.40 -74.75 -0.18
C LEU T 177 -28.66 -75.21 0.59
N ILE T 178 -28.66 -76.43 1.14
CA ILE T 178 -29.72 -76.91 2.05
C ILE T 178 -29.69 -76.16 3.39
N GLU T 179 -28.50 -75.78 3.85
CA GLU T 179 -28.31 -74.99 5.06
C GLU T 179 -28.83 -73.56 4.91
N VAL T 180 -28.44 -72.86 3.84
CA VAL T 180 -28.96 -71.53 3.48
C VAL T 180 -30.48 -71.56 3.38
N ALA T 181 -31.05 -72.56 2.70
CA ALA T 181 -32.51 -72.72 2.60
C ALA T 181 -33.19 -72.98 3.96
N ARG T 182 -32.48 -73.57 4.94
CA ARG T 182 -32.99 -73.72 6.31
C ARG T 182 -32.91 -72.42 7.11
N VAL T 183 -31.78 -71.72 7.11
CA VAL T 183 -31.59 -70.50 7.91
C VAL T 183 -32.41 -69.33 7.35
N PHE T 184 -32.49 -69.19 6.02
CA PHE T 184 -33.41 -68.24 5.40
C PHE T 184 -34.85 -68.61 5.76
N GLY T 185 -35.22 -69.89 5.60
CA GLY T 185 -36.52 -70.43 5.99
C GLY T 185 -36.82 -70.42 7.49
N SER T 186 -35.85 -70.14 8.37
CA SER T 186 -36.13 -69.93 9.79
C SER T 186 -36.46 -68.46 10.11
N LYS T 187 -36.07 -67.53 9.22
CA LYS T 187 -36.27 -66.07 9.33
C LYS T 187 -37.49 -65.55 8.55
N VAL T 188 -37.94 -66.24 7.49
CA VAL T 188 -39.19 -65.91 6.78
C VAL T 188 -40.41 -66.66 7.29
NI 3NI U . 13.99 31.09 -50.54
FE FCO V . 16.60 30.52 -50.85
C1 FCO V . 17.38 31.98 -51.67
N1 FCO V . 17.86 32.92 -52.05
C2 FCO V . 16.98 29.55 -52.40
N2 FCO V . 17.09 28.87 -53.30
C3 FCO V . 18.19 30.04 -50.03
O3 FCO V . 19.19 29.61 -49.80
MG MG W . 22.39 36.71 -43.01
C5 MQ9 X . 8.74 5.99 -20.45
C5M MQ9 X . 8.41 6.51 -19.04
C4 MQ9 X . 8.06 6.65 -21.63
O4 MQ9 X . 7.22 7.72 -21.41
C3 MQ9 X . 8.31 6.21 -23.08
C2 MQ9 X . 9.13 5.22 -23.30
C1 MQ9 X . 9.84 4.53 -22.13
O1 MQ9 X . 10.72 3.48 -22.38
C6 MQ9 X . 9.59 4.99 -20.68
C3A MQ9 X . 7.61 6.91 -24.23
C3B MQ9 X . 7.84 6.51 -25.53
C3C MQ9 X . 8.71 5.46 -25.80
C3D MQ9 X . 9.37 4.81 -24.76
C7 MQ9 X . 10.32 4.24 -19.52
C8 MQ9 X . 9.35 3.05 -19.21
C9 MQ9 X . 9.24 2.52 -17.77
C10 MQ9 X . 10.61 2.10 -17.27
C11 MQ9 X . 8.52 3.50 -16.83
C12 MQ9 X . 8.25 2.87 -15.42
C13 MQ9 X . 9.16 3.46 -14.28
C14 MQ9 X . 8.68 3.19 -12.81
C15 MQ9 X . 8.60 1.68 -12.44
C16 MQ9 X . 7.39 4.03 -12.41
C17 MQ9 X . 6.79 3.79 -11.01
C18 MQ9 X . 5.62 4.81 -10.84
C19 MQ9 X . 4.39 4.19 -10.18
C20 MQ9 X . 3.74 3.12 -11.08
C21 MQ9 X . 3.37 5.30 -9.92
FE1 F3S Y . 5.66 31.01 -40.76
FE3 F3S Y . 6.92 29.86 -42.76
FE4 F3S Y . 6.23 28.42 -40.67
S1 F3S Y . 5.31 31.48 -42.98
S2 F3S Y . 4.21 29.32 -40.22
S3 F3S Y . 7.77 30.13 -40.63
S4 F3S Y . 6.16 27.73 -42.83
FE1 F3S Z . 3.80 20.01 -37.16
FE3 F3S Z . 4.12 17.82 -35.72
FE4 F3S Z . 2.60 17.75 -37.91
S1 F3S Z . 5.72 19.41 -36.09
S2 F3S Z . 3.55 19.28 -39.31
S3 F3S Z . 2.14 18.92 -35.98
S4 F3S Z . 4.14 16.20 -37.31
FE1 F3S AA . 4.28 8.82 -33.08
FE3 F3S AA . 5.44 8.30 -30.74
FE4 F3S AA . 5.47 10.76 -31.71
S1 F3S AA . 3.53 7.35 -31.50
S2 F3S AA . 3.49 10.94 -32.83
S3 F3S AA . 6.54 8.96 -32.65
S4 F3S AA . 5.04 10.18 -29.54
NI 3NI BA . -17.66 -7.86 -62.31
FE FCO CA . -20.27 -7.26 -62.12
C1 FCO CA . -21.12 -7.98 -63.61
N1 FCO CA . -21.61 -8.54 -64.44
C2 FCO CA . -20.70 -5.56 -62.80
N2 FCO CA . -20.84 -4.50 -63.13
C3 FCO CA . -21.83 -7.38 -61.10
O3 FCO CA . -22.80 -7.17 -60.61
MG MG DA . -25.81 -16.94 -59.11
C5 MQ9 EA . -10.53 -4.94 -23.72
C5M MQ9 EA . -10.11 -6.25 -23.00
C4 MQ9 EA . -9.80 -4.63 -25.01
O4 MQ9 EA . -8.83 -5.49 -25.49
C3 MQ9 EA . -10.08 -3.40 -25.85
C2 MQ9 EA . -11.00 -2.57 -25.44
C1 MQ9 EA . -11.76 -2.84 -24.14
O1 MQ9 EA . -12.74 -1.93 -23.73
C6 MQ9 EA . -11.46 -4.09 -23.28
C3A MQ9 EA . -9.32 -3.15 -27.13
C3B MQ9 EA . -9.60 -2.02 -27.88
C3C MQ9 EA . -10.57 -1.12 -27.47
C3D MQ9 EA . -11.29 -1.35 -26.29
C7 MQ9 EA . -12.30 -4.31 -21.98
C8 MQ9 EA . -11.52 -3.91 -20.68
C9 MQ9 EA . -11.00 -5.07 -19.82
C10 MQ9 EA . -12.07 -6.09 -19.46
C11 MQ9 EA . -10.16 -4.59 -18.61
C12 MQ9 EA . -10.71 -3.43 -17.73
C13 MQ9 EA . -12.14 -3.53 -17.11
C14 MQ9 EA . -12.16 -4.20 -15.68
C15 MQ9 EA . -13.33 -3.78 -14.76
C16 MQ9 EA . -11.87 -5.75 -15.61
C17 MQ9 EA . -10.83 -6.03 -14.49
C18 MQ9 EA . -9.41 -6.31 -15.06
C19 MQ9 EA . -9.16 -7.79 -15.45
C20 MQ9 EA . -9.39 -8.05 -16.94
C21 MQ9 EA . -7.71 -8.15 -15.17
FE1 F3S FA . -10.25 -11.30 -55.59
FE3 F3S FA . -9.45 -11.34 -53.07
FE4 F3S FA . -8.92 -13.38 -54.68
S1 F3S FA . -9.46 -9.51 -54.43
S2 F3S FA . -8.67 -12.47 -56.77
S3 F3S FA . -11.01 -12.77 -53.98
S4 F3S FA . -7.41 -12.30 -53.32
FE1 F3S GA . -5.56 -4.23 -44.78
FE3 F3S GA . -6.75 -6.51 -45.43
FE4 F3S GA . -6.99 -5.57 -42.98
S1 F3S GA . -6.59 -4.67 -46.77
S2 F3S GA . -7.05 -3.33 -43.33
S3 F3S GA . -5.03 -6.28 -43.90
S4 F3S GA . -8.62 -6.67 -44.13
FE1 F3S HA . -6.90 0.21 -35.58
FE3 F3S HA . -7.96 -0.76 -33.33
FE4 F3S HA . -8.06 -2.19 -35.55
S1 F3S HA . -6.07 0.49 -33.47
S2 F3S HA . -6.13 -1.65 -36.65
S3 F3S HA . -9.14 -0.19 -35.22
S4 F3S HA . -7.52 -2.98 -33.47
NI 3NI IA . -36.52 48.81 3.23
FE FCO JA . -36.51 49.71 0.70
C1 FCO JA . -36.73 51.54 0.75
N1 FCO JA . -36.73 52.66 0.83
C2 FCO JA . -38.19 49.61 -0.14
N2 FCO JA . -39.20 49.41 -0.59
C3 FCO JA . -35.59 49.80 -0.91
O3 FCO JA . -35.32 49.84 -1.98
MG MG KA . -26.35 54.90 -1.07
C5 MQ9 LA . -16.14 15.89 -4.73
C5M MQ9 LA . -14.72 15.70 -4.17
C4 MQ9 LA . -17.20 16.50 -3.81
O4 MQ9 LA . -16.82 16.89 -2.55
C3 MQ9 LA . -18.64 16.74 -4.27
C2 MQ9 LA . -18.99 16.41 -5.48
C1 MQ9 LA . -17.93 15.79 -6.43
O1 MQ9 LA . -18.31 15.44 -7.72
C6 MQ9 LA . -16.48 15.56 -5.97
C3A MQ9 LA . -19.65 17.36 -3.32
C3B MQ9 LA . -20.96 17.57 -3.74
C3C MQ9 LA . -21.34 17.22 -5.03
C3D MQ9 LA . -20.42 16.66 -5.91
C7 MQ9 LA . -15.48 14.90 -6.96
C8 MQ9 LA . -15.69 13.38 -6.72
C9 MQ9 LA . -14.51 12.42 -6.90
C10 MQ9 LA . -13.90 12.57 -8.29
C11 MQ9 LA . -13.47 12.56 -5.77
C12 MQ9 LA . -12.36 11.45 -5.85
C13 MQ9 LA . -10.97 11.99 -6.32
C14 MQ9 LA . -9.74 11.04 -6.03
C15 MQ9 LA . -9.83 9.66 -6.72
C16 MQ9 LA . -9.35 10.98 -4.49
C17 MQ9 LA . -8.21 10.02 -4.07
C18 MQ9 LA . -7.97 10.25 -2.54
C19 MQ9 LA . -7.73 8.93 -1.80
C20 MQ9 LA . -8.99 8.06 -1.80
C21 MQ9 LA . -7.35 9.27 -0.35
FE1 F3S MA . -28.80 41.53 10.46
FE3 F3S MA . -30.78 41.87 8.77
FE4 F3S MA . -29.34 39.66 8.65
S1 F3S MA . -30.82 42.49 10.98
S2 F3S MA . -29.02 39.27 10.86
S3 F3S MA . -28.54 41.78 8.20
S4 F3S MA . -31.59 39.79 8.34
FE1 F3S NA . -28.82 30.49 6.50
FE3 F3S NA . -28.02 28.39 5.13
FE4 F3S NA . -30.38 28.34 6.37
S1 F3S NA . -27.65 30.57 4.56
S2 F3S NA . -31.11 30.50 6.32
S3 F3S NA . -28.31 28.43 7.38
S4 F3S NA . -29.98 27.60 4.26
FE1 F3S OA . -28.04 20.25 0.43
FE3 F3S OA . -25.78 19.62 -0.82
FE4 F3S OA . -26.00 21.96 0.41
S1 F3S OA . -27.11 18.18 0.34
S2 F3S OA . -27.36 21.53 2.19
S3 F3S OA . -27.21 21.31 -1.43
S4 F3S OA . -24.19 20.56 0.51
NI 3NI PA . -64.19 5.94 10.55
FE FCO QA . -64.31 5.13 13.11
C1 FCO QA . -66.07 4.63 13.45
N1 FCO QA . -67.09 4.21 13.58
C2 FCO QA . -64.55 6.53 14.33
N2 FCO QA . -64.58 7.44 14.99
C3 FCO QA . -63.66 3.96 14.39
O3 FCO QA . -63.31 3.50 15.33
MG MG RA . -65.17 -6.39 12.98
C5 MQ9 SA . -25.71 -1.11 6.27
C5M MQ9 SA . -25.34 -2.21 5.25
C4 MQ9 SA . -26.72 -0.07 5.78
O4 MQ9 SA . -27.24 -0.15 4.50
C3 MQ9 SA . -27.21 1.07 6.65
C2 MQ9 SA . -26.76 1.17 7.86
C1 MQ9 SA . -25.73 0.15 8.39
O1 MQ9 SA . -25.27 0.29 9.70
C6 MQ9 SA . -25.24 -1.00 7.51
C3A MQ9 SA . -28.22 2.06 6.09
C3B MQ9 SA . -28.65 3.09 6.90
C3C MQ9 SA . -28.18 3.23 8.21
C3D MQ9 SA . -27.26 2.32 8.72
C7 MQ9 SA . -24.21 -2.02 8.13
C8 MQ9 SA . -22.74 -1.75 7.68
C9 MQ9 SA . -22.16 -2.74 6.63
C10 MQ9 SA . -22.29 -4.20 7.05
C11 MQ9 SA . -20.74 -2.36 6.18
C12 MQ9 SA . -19.67 -1.95 7.25
C13 MQ9 SA . -19.36 -2.93 8.43
C14 MQ9 SA . -18.22 -3.96 8.12
C15 MQ9 SA . -17.43 -4.48 9.35
C16 MQ9 SA . -18.53 -5.10 7.09
C17 MQ9 SA . -17.37 -5.20 6.07
C18 MQ9 SA . -17.74 -4.57 4.69
C19 MQ9 SA . -18.48 -5.53 3.72
C20 MQ9 SA . -20.00 -5.35 3.76
C21 MQ9 SA . -18.06 -5.22 2.28
FE1 F3S TA . -57.51 4.45 2.49
FE3 F3S TA . -55.01 3.97 1.80
FE4 F3S TA . -57.01 3.09 0.29
S1 F3S TA . -55.77 5.90 2.72
S2 F3S TA . -58.68 4.64 0.52
S3 F3S TA . -56.54 2.35 2.40
S4 F3S TA . -55.15 4.24 -0.44
FE1 F3S UA . -44.50 8.85 2.16
FE3 F3S UA . -45.97 6.64 2.01
FE4 F3S UA . -43.43 6.47 2.70
S1 F3S UA . -46.68 8.66 2.80
S2 F3S UA . -43.13 8.38 3.90
S3 F3S UA . -44.17 7.13 0.66
S4 F3S UA . -45.12 5.18 3.55
FE1 F3S VA . -34.81 8.75 5.65
FE3 F3S VA . -33.15 6.72 6.09
FE4 F3S VA . -35.67 6.24 5.42
S1 F3S VA . -32.60 8.68 5.10
S2 F3S VA . -36.21 7.97 4.03
S3 F3S VA . -34.98 7.25 7.38
S4 F3S VA . -33.83 5.16 4.59
NI 3NI WA . 60.76 3.53 2.48
FE FCO XA . 61.22 3.64 5.12
C1 FCO XA . 62.76 4.64 5.37
N1 FCO XA . 63.62 5.35 5.50
C2 FCO XA . 62.16 2.17 5.79
N2 FCO XA . 62.63 1.19 6.11
C3 FCO XA . 60.56 4.12 6.79
O3 FCO XA . 60.33 4.16 7.87
MG MG YA . 58.44 14.30 8.60
C5 MQ9 ZA . 21.95 -3.06 6.16
C5M MQ9 ZA . 20.94 -2.00 5.70
C4 MQ9 ZA . 23.18 -3.31 5.29
O4 MQ9 ZA . 23.33 -2.56 4.14
C3 MQ9 ZA . 24.24 -4.34 5.66
C2 MQ9 ZA . 24.12 -5.02 6.75
C1 MQ9 ZA . 22.89 -4.79 7.66
O1 MQ9 ZA . 22.77 -5.52 8.84
C6 MQ9 ZA . 21.82 -3.75 7.30
C3A MQ9 ZA . 25.45 -4.55 4.76
C3B MQ9 ZA . 26.41 -5.48 5.09
C3C MQ9 ZA . 26.30 -6.22 6.25
C3D MQ9 ZA . 25.21 -6.03 7.10
C7 MQ9 ZA . 20.59 -3.57 8.23
C8 MQ9 ZA . 19.60 -4.64 7.71
C9 MQ9 ZA . 18.08 -4.37 7.80
C10 MQ9 ZA . 17.69 -4.08 9.25
C11 MQ9 ZA . 17.61 -3.30 6.81
C12 MQ9 ZA . 16.05 -3.17 6.78
C13 MQ9 ZA . 15.52 -1.86 7.46
C14 MQ9 ZA . 14.03 -1.45 7.10
C15 MQ9 ZA . 12.97 -2.52 7.54
C16 MQ9 ZA . 13.86 -0.94 5.61
C17 MQ9 ZA . 12.42 -0.60 5.13
C18 MQ9 ZA . 12.56 0.00 3.70
C19 MQ9 ZA . 11.48 -0.52 2.75
C20 MQ9 ZA . 11.62 -2.02 2.49
C21 MQ9 ZA . 11.61 0.24 1.43
FE1 F3S AB . 50.83 6.09 -5.26
FE3 F3S AB . 52.23 4.50 -3.70
FE4 F3S AB . 49.61 4.19 -3.85
S1 F3S AB . 52.90 5.25 -5.76
S2 F3S AB . 49.29 4.58 -6.07
S3 F3S AB . 50.68 6.04 -2.99
S4 F3S AB . 51.13 2.51 -3.72
FE1 F3S BB . 42.15 -1.55 -3.32
FE3 F3S BB . 39.93 -2.50 -2.28
FE4 F3S BB . 41.51 -4.11 -3.71
S1 F3S BB . 41.28 -0.95 -1.30
S2 F3S BB . 43.62 -3.30 -3.33
S3 F3S BB . 40.31 -2.30 -4.51
S4 F3S BB . 40.52 -4.63 -1.75
FE1 F3S CB . 33.37 -8.44 0.89
FE3 F3S CB . 31.33 -7.34 2.18
FE4 F3S CB . 33.34 -5.83 1.38
S1 F3S CB . 31.19 -9.05 0.69
S2 F3S CB . 34.04 -6.82 -0.56
S3 F3S CB . 33.48 -7.47 2.97
S4 F3S CB . 31.12 -5.32 1.19
NI 3NI DB . 10.24 21.26 56.24
FE FCO EB . 8.10 22.82 56.68
C1 FCO EB . 8.64 24.19 57.80
N1 FCO EB . 9.02 25.09 58.38
C2 FCO EB . 6.99 22.23 58.06
N2 FCO EB . 6.34 21.73 58.83
C3 FCO EB . 6.78 23.89 55.91
O3 FCO EB . 5.84 24.40 55.68
MG MG FB . 9.70 32.49 50.54
C5 MQ9 GB . -2.93 6.85 21.89
C5M MQ9 GB . -2.21 7.18 20.56
C4 MQ9 GB . -2.08 6.53 23.11
O4 MQ9 GB . -0.71 6.60 23.00
C3 MQ9 GB . -2.70 6.20 24.46
C2 MQ9 GB . -4.00 6.16 24.58
C1 MQ9 GB . -4.88 6.47 23.35
O1 MQ9 GB . -6.27 6.43 23.49
C6 MQ9 GB . -4.26 6.83 22.00
C3A MQ9 GB . -1.82 5.90 25.66
C3B MQ9 GB . -2.38 5.58 26.88
C3C MQ9 GB . -3.76 5.54 27.03
C3D MQ9 GB . -4.58 5.83 25.95
C7 MQ9 GB . -5.20 7.11 20.79
C8 MQ9 GB . -5.44 5.68 20.20
C9 MQ9 GB . -5.67 5.52 18.68
C10 MQ9 GB . -6.82 6.39 18.23
C11 MQ9 GB . -4.38 5.76 17.87
C12 MQ9 GB . -4.57 5.41 16.35
C13 MQ9 GB . -4.62 6.67 15.43
C14 MQ9 GB . -4.38 6.39 13.88
C15 MQ9 GB . -5.46 5.45 13.25
C16 MQ9 GB . -2.88 6.02 13.54
C17 MQ9 GB . -2.57 5.65 12.07
C18 MQ9 GB . -1.01 5.43 11.99
C19 MQ9 GB . -0.64 4.22 11.13
C20 MQ9 GB . -1.11 2.91 11.77
C21 MQ9 GB . 0.88 4.20 10.99
FE1 F3S HB . 16.37 16.61 45.97
FE3 F3S HB . 14.53 16.50 47.83
FE4 F3S HB . 14.04 15.44 45.46
S1 F3S HB . 16.77 16.26 48.20
S2 F3S HB . 16.08 14.54 45.02
S3 F3S HB . 14.37 17.69 45.86
S4 F3S HB . 13.39 14.57 47.46
FE1 F3S IB . 9.53 8.93 40.33
FE3 F3S IB . 7.77 8.07 38.57
FE4 F3S IB . 8.53 6.48 40.58
S1 F3S IB . 7.92 10.21 39.34
S2 F3S IB . 8.95 7.91 42.30
S3 F3S IB . 9.87 7.21 38.85
S4 F3S IB . 6.40 6.78 39.84
FE1 F3S JB . 1.06 3.00 34.40
FE3 F3S JB . 0.11 3.98 32.11
FE4 F3S JB . 1.88 5.37 33.50
S1 F3S JB . 0.55 1.80 32.53
S2 F3S JB . 3.20 3.77 34.47
S3 F3S JB . -0.25 4.88 34.19
S4 F3S JB . 1.90 5.06 31.23
NI 3NI KB . 0.17 -29.26 58.32
FE FCO LB . 2.33 -30.82 58.04
C1 FCO LB . 2.20 -32.18 59.29
N1 FCO LB . 2.04 -33.05 59.97
C2 FCO LB . 3.84 -30.21 58.96
N2 FCO LB . 4.71 -29.70 59.46
C3 FCO LB . 3.33 -31.89 56.89
O3 FCO LB . 4.15 -32.41 56.37
MG MG MB . -1.19 -40.57 52.92
C5 MQ9 NB . 0.96 -15.21 21.57
C5M MQ9 NB . -0.25 -15.58 20.68
C4 MQ9 NB . 0.61 -14.69 22.96
O4 MQ9 NB . -0.70 -14.57 23.35
C3 MQ9 NB . 1.67 -14.28 23.97
C2 MQ9 NB . 2.91 -14.38 23.64
C1 MQ9 NB . 3.31 -14.89 22.25
O1 MQ9 NB . 4.67 -15.00 21.94
C6 MQ9 NB . 2.24 -15.31 21.23
C3A MQ9 NB . 1.25 -13.76 25.34
C3B MQ9 NB . 2.23 -13.40 26.25
C3C MQ9 NB . 3.57 -13.50 25.92
C3D MQ9 NB . 3.96 -13.97 24.67
C7 MQ9 NB . 2.72 -15.84 19.83
C8 MQ9 NB . 2.64 -14.78 18.70
C9 MQ9 NB . 1.47 -14.96 17.69
C10 MQ9 NB . 1.43 -16.35 17.07
C11 MQ9 NB . 1.39 -13.81 16.66
C12 MQ9 NB . 2.71 -13.34 15.95
C13 MQ9 NB . 3.60 -14.37 15.20
C14 MQ9 NB . 3.22 -14.56 13.68
C15 MQ9 NB . 4.38 -15.02 12.76
C16 MQ9 NB . 1.88 -15.30 13.37
C17 MQ9 NB . 1.09 -14.49 12.31
C18 MQ9 NB . -0.09 -13.69 12.94
C19 MQ9 NB . -1.41 -14.50 13.08
C20 MQ9 NB . -1.58 -15.10 14.47
C21 MQ9 NB . -2.60 -13.57 12.86
FE1 F3S OB . -6.67 -24.60 51.74
FE3 F3S OB . -7.01 -23.57 49.33
FE4 F3S OB . -9.03 -24.74 50.60
S1 F3S OB . -5.74 -22.67 50.99
S2 F3S OB . -8.67 -24.35 52.82
S3 F3S OB . -7.17 -25.81 49.84
S4 F3S OB . -9.07 -22.68 49.57
FE1 F3S PB . -3.45 -14.70 42.78
FE3 F3S PB . -4.47 -17.15 42.90
FE4 F3S PB . -3.40 -16.31 40.65
S1 F3S PB . -3.28 -16.10 44.56
S2 F3S PB . -1.69 -15.01 41.37
S3 F3S PB . -5.28 -15.44 41.59
S4 F3S PB . -3.27 -18.44 41.45
FE1 F3S QB . 1.54 -11.32 34.42
FE3 F3S QB . 1.68 -12.33 31.96
FE4 F3S QB . 0.48 -13.70 33.88
S1 F3S QB . 1.40 -10.14 32.47
S2 F3S QB . -0.45 -12.09 35.20
S3 F3S QB . 2.72 -13.20 33.81
S4 F3S QB . -0.30 -13.42 31.74
NI 3NI RB . 46.70 -43.07 -14.53
FE FCO SB . 46.37 -43.21 -17.20
C1 FCO SB . 47.14 -44.79 -17.76
N1 FCO SB . 47.51 -45.81 -18.06
C2 FCO SB . 47.68 -42.30 -18.17
N2 FCO SB . 48.45 -41.64 -18.66
C3 FCO SB . 45.16 -43.22 -18.61
O3 FCO SB . 44.67 -43.09 -19.58
MG MG TB . 38.18 -51.11 -19.17
C5 MQ9 UB . 16.13 -19.04 -8.42
C5M MQ9 UB . 14.97 -19.62 -7.58
C4 MQ9 UB . 17.53 -19.25 -7.84
O4 MQ9 UB . 17.70 -19.91 -6.63
C3 MQ9 UB . 18.79 -18.74 -8.53
C2 MQ9 UB . 18.67 -18.12 -9.65
C1 MQ9 UB . 17.28 -17.89 -10.28
O1 MQ9 UB . 17.20 -17.23 -11.49
C6 MQ9 UB . 16.01 -18.39 -9.58
C3A MQ9 UB . 20.14 -18.98 -7.89
C3B MQ9 UB . 21.28 -18.52 -8.54
C3C MQ9 UB . 21.18 -17.84 -9.76
C3D MQ9 UB . 19.94 -17.63 -10.34
C7 MQ9 UB . 14.63 -18.13 -10.27
C8 MQ9 UB . 13.84 -16.93 -9.67
C9 MQ9 UB . 12.64 -17.30 -8.77
C10 MQ9 UB . 11.65 -18.24 -9.44
C11 MQ9 UB . 11.98 -16.06 -8.13
C12 MQ9 UB . 11.68 -14.81 -9.02
C13 MQ9 UB . 10.83 -14.98 -10.34
C14 MQ9 UB . 9.28 -14.82 -10.12
C15 MQ9 UB . 8.48 -14.32 -11.36
C16 MQ9 UB . 8.54 -15.94 -9.33
C17 MQ9 UB . 7.62 -15.31 -8.25
C18 MQ9 UB . 8.23 -15.44 -6.82
C19 MQ9 UB . 7.91 -16.77 -6.10
C20 MQ9 UB . 9.02 -17.79 -6.23
C21 MQ9 UB . 7.75 -16.51 -4.60
FE1 F3S VB . 40.58 -40.35 -6.34
FE3 F3S VB . 38.55 -38.87 -5.54
FE4 F3S VB . 39.06 -41.21 -4.38
S1 F3S VB . 40.58 -38.09 -6.17
S2 F3S VB . 41.32 -41.47 -4.47
S3 F3S VB . 38.36 -40.94 -6.54
S4 F3S VB . 38.66 -39.21 -3.31
FE1 F3S WB . 35.50 -27.78 -4.16
FE3 F3S WB . 34.75 -30.30 -4.53
FE4 F3S WB . 33.04 -28.35 -5.04
S1 F3S WB . 36.81 -29.44 -5.01
S2 F3S WB . 34.40 -26.72 -5.85
S3 F3S WB . 33.85 -28.86 -2.98
S4 F3S WB . 33.22 -30.30 -6.23
FE1 F3S XB . 29.45 -19.87 -6.81
FE3 F3S XB . 26.86 -19.81 -7.47
FE4 F3S XB . 28.07 -22.13 -7.11
S1 F3S XB . 27.92 -18.33 -6.12
S2 F3S XB . 29.62 -21.71 -5.48
S3 F3S XB . 28.55 -20.64 -8.79
S4 F3S XB . 26.00 -21.56 -6.33
#